data_3J3U
#
_entry.id   3J3U
#
_cell.length_a   1
_cell.length_b   1
_cell.length_c   1
_cell.angle_alpha   90
_cell.angle_beta   90
_cell.angle_gamma   90
#
_symmetry.space_group_name_H-M   'P 1'
#
loop_
_entity.id
_entity.type
_entity.pdbx_description
1 polymer 'Adapter protein MecA 1'
2 polymer 'Negative regulator of genetic competence ClpC/MecB'
#
loop_
_entity_poly.entity_id
_entity_poly.type
_entity_poly.pdbx_seq_one_letter_code
_entity_poly.pdbx_strand_id
1 'polypeptide(L)'
;MEIERINEHTVKFYMSYGDIEDRGFDREEIWYNRERSEELFWEVMDEVHEEEEFAVEGPLWIQVQALDKGLEIIVTKAQL
SKDGQKLELPIPEDKKQEPASEDLDALLDDFQKEEQAVNQEEKEQKLQFVLRFGDFEDVISLSKLNVNGSKTTLYSFENR
YYLYVDFCNMTDEEVENQLSILLEYATESSISIHRLEEYGKLIISEHALETIKKHFAS
;
1,2,3,4,5,6
2 'polypeptide(L)'
;MMFGRFTERAQKVLALAQEEALRLGHNNIGTEHILLGLVREGEGIAAKALQALGLGSEKIQKEVESLIGRGQEMSQTIHY
TPRAKKVIELSMDEARKLGHSYVGTEHILLGLIREGEGVAARVLNNLGVSLNKARQQVLQLLGSNETGSSAAGTNSNANT
PTLDSLARDLTAIAKEDSLDPVIGRSKEIQRVIEVLSRRTKNNPVLIGEPGVGKTAIAEGLAQQIINNEVPEILRDKRVM
TLDMGTVVAGTKYRGEFEDRLKKVMDEIRQAGNIILFIDALHTLIGAGGAEGAIDASNILKPSLARGELQCIGATTLDEY
RKYIEKDAALERRFQPIQVDQPSVDESIQILQGLRDRYEAHHRVSITDDAIEAAVKLSDRYISDRFLPDKAIDLIDEAGS
KVRLRSFTTPPNLKELEQKLDEVRKEKDAAVQSQEFEKAASLRDTEQRLREQVEDTKKSWKEKQGQENSEVTVDDIAMVV
SSWTGVPVSKIAQTETDKLLNMENILHSRVIGQDEAVVAVAKAVRRARAGLKDPKRPIGSFIFLGPTGVGKTELARALAE
SIFGDEESMIRIDMSEYMEKHSTSRLVGSPPGYVGYDEGGQLTEKVRRKPYSVVLLDAIEKAHPDVFNILLQVLEDGRLT
DSKGRTVDFRNTILIMTSNVGASELKRNKYVGFNVQDETQNHKDMKDKVMGELKRAFRPEFINRIDEIIVFHSLEKKHLT
EIVSLMSDQLTKRLKEQDLSIELTDAAKAKVAEEGVDLEYGARPLRRAIQKHVEDRLSEELLRGNIHKGQHIVLDVEDGE
FVVKTTAKTN
;
A,B,C,D,E,F
#
# COMPACT_ATOMS: atom_id res chain seq x y z
N GLN A 125 51.20 42.32 27.68
CA GLN A 125 49.99 41.92 28.44
C GLN A 125 49.20 43.15 28.77
N LYS A 126 47.85 43.06 28.67
CA LYS A 126 46.96 44.18 28.78
C LYS A 126 46.92 44.78 30.16
N LEU A 127 46.72 46.11 30.19
CA LEU A 127 46.77 46.90 31.39
C LEU A 127 45.42 47.52 31.52
N GLN A 128 44.39 46.96 30.86
CA GLN A 128 43.06 47.47 31.02
C GLN A 128 42.13 46.33 30.81
N PHE A 129 41.17 46.15 31.73
CA PHE A 129 40.36 44.97 31.79
C PHE A 129 38.98 45.47 31.96
N VAL A 130 38.03 44.62 31.55
CA VAL A 130 36.64 44.88 31.58
C VAL A 130 36.16 43.72 32.37
N LEU A 131 35.56 43.98 33.54
CA LEU A 131 35.22 43.02 34.55
C LEU A 131 33.73 43.09 34.67
N ARG A 132 33.06 41.95 34.96
CA ARG A 132 31.64 41.94 35.19
C ARG A 132 31.39 41.62 36.64
N PHE A 133 30.48 42.43 37.26
CA PHE A 133 29.93 42.30 38.58
C PHE A 133 28.49 41.94 38.37
N GLY A 134 27.90 41.11 39.25
CA GLY A 134 26.51 40.71 39.12
C GLY A 134 25.70 41.78 39.78
N ASP A 135 25.22 41.50 41.01
CA ASP A 135 24.54 42.44 41.88
C ASP A 135 25.43 43.62 42.13
N PHE A 136 24.84 44.77 42.53
CA PHE A 136 25.58 45.95 42.88
C PHE A 136 26.57 45.63 43.96
N GLU A 137 26.20 44.79 44.95
CA GLU A 137 27.04 44.49 46.09
C GLU A 137 28.41 43.99 45.80
N ASP A 138 28.57 43.30 44.67
CA ASP A 138 29.81 42.83 44.11
C ASP A 138 30.74 43.96 43.78
N VAL A 139 30.14 45.11 43.36
CA VAL A 139 30.88 46.23 42.88
C VAL A 139 31.51 46.90 44.05
N ILE A 140 30.71 47.07 45.11
CA ILE A 140 31.08 47.55 46.40
C ILE A 140 32.22 46.82 46.95
N SER A 141 32.14 45.48 46.96
CA SER A 141 33.18 44.63 47.48
C SER A 141 34.53 44.90 46.85
N LEU A 142 34.62 44.89 45.49
CA LEU A 142 35.80 45.35 44.77
C LEU A 142 36.29 46.73 45.09
N SER A 143 35.34 47.68 45.21
CA SER A 143 35.63 49.06 45.52
C SER A 143 36.24 49.22 46.87
N LYS A 144 35.73 48.44 47.86
CA LYS A 144 36.05 48.48 49.27
C LYS A 144 37.46 48.06 49.65
N LEU A 145 38.43 48.07 48.71
CA LEU A 145 39.80 47.83 49.03
C LEU A 145 40.65 48.13 47.84
N ASN A 146 40.05 48.55 46.70
CA ASN A 146 40.87 48.96 45.61
C ASN A 146 40.16 49.88 44.66
N VAL A 147 41.01 50.72 44.03
CA VAL A 147 40.78 51.57 42.90
C VAL A 147 42.12 51.53 42.22
N ASN A 148 43.18 51.34 43.05
CA ASN A 148 44.51 50.89 42.74
C ASN A 148 45.27 51.69 41.71
N GLY A 149 45.16 53.05 41.75
CA GLY A 149 45.95 53.97 40.94
C GLY A 149 45.58 53.90 39.48
N SER A 150 44.43 53.27 39.25
CA SER A 150 43.94 52.77 38.01
C SER A 150 42.63 53.43 37.88
N LYS A 151 42.51 54.37 36.91
CA LYS A 151 41.24 54.99 36.68
C LYS A 151 40.33 53.92 36.16
N THR A 152 39.06 54.04 36.55
CA THR A 152 38.20 52.91 36.53
C THR A 152 36.80 53.42 36.42
N THR A 153 35.95 52.70 35.66
CA THR A 153 34.68 53.23 35.24
C THR A 153 33.67 52.13 35.40
N LEU A 154 32.46 52.47 35.91
CA LEU A 154 31.47 51.51 36.30
C LEU A 154 30.25 51.80 35.51
N TYR A 155 29.82 50.80 34.73
CA TYR A 155 28.71 50.81 33.86
C TYR A 155 27.69 49.95 34.52
N SER A 156 26.42 50.08 34.10
CA SER A 156 25.36 49.16 34.40
C SER A 156 24.80 48.77 33.07
N PHE A 157 24.61 47.48 32.80
CA PHE A 157 24.17 47.01 31.51
C PHE A 157 23.71 45.61 31.81
N GLU A 158 22.45 45.31 31.38
CA GLU A 158 21.68 44.11 31.67
C GLU A 158 21.40 43.94 33.15
N ASN A 159 21.32 45.09 33.90
CA ASN A 159 21.06 45.20 35.33
C ASN A 159 22.31 44.86 36.14
N ARG A 160 23.32 44.23 35.50
CA ARG A 160 24.61 43.85 36.03
C ARG A 160 25.53 45.02 35.92
N TYR A 161 26.52 45.15 36.82
CA TYR A 161 27.44 46.27 36.77
C TYR A 161 28.73 45.83 36.15
N TYR A 162 29.20 46.48 35.06
CA TYR A 162 30.48 46.20 34.46
C TYR A 162 31.45 47.19 35.03
N LEU A 163 32.73 46.82 35.19
CA LEU A 163 33.75 47.68 35.72
C LEU A 163 34.94 47.59 34.83
N TYR A 164 35.41 48.74 34.36
CA TYR A 164 36.50 48.85 33.46
C TYR A 164 37.63 49.43 34.24
N VAL A 165 38.67 48.63 34.51
CA VAL A 165 39.81 49.07 35.25
C VAL A 165 40.78 49.36 34.16
N ASP A 166 41.56 50.43 34.34
CA ASP A 166 42.46 50.89 33.32
C ASP A 166 43.61 51.26 34.17
N PHE A 167 44.62 50.38 34.13
CA PHE A 167 45.82 50.47 34.87
C PHE A 167 46.69 51.36 34.06
N CYS A 168 47.08 52.44 34.74
CA CYS A 168 47.93 53.48 34.25
C CYS A 168 48.99 53.59 35.29
N ASN A 169 50.24 53.26 34.88
CA ASN A 169 51.47 53.32 35.64
C ASN A 169 51.57 52.04 36.44
N MET A 170 51.40 50.88 35.78
CA MET A 170 51.61 49.58 36.38
C MET A 170 52.28 48.69 35.36
N THR A 171 52.95 47.61 35.84
CA THR A 171 53.62 46.60 35.04
C THR A 171 52.72 45.40 34.94
N ASP A 172 52.98 44.50 33.96
CA ASP A 172 52.14 43.35 33.68
C ASP A 172 51.89 42.39 34.82
N GLU A 173 52.93 41.94 35.57
CA GLU A 173 52.81 41.14 36.78
C GLU A 173 52.02 41.79 37.87
N GLU A 174 52.19 43.12 38.04
CA GLU A 174 51.62 43.97 39.06
C GLU A 174 50.13 44.04 38.86
N VAL A 175 49.72 43.89 37.59
CA VAL A 175 48.36 43.92 37.15
C VAL A 175 47.80 42.53 37.38
N GLU A 176 48.49 41.42 36.98
CA GLU A 176 48.10 40.05 37.30
C GLU A 176 47.87 39.77 38.78
N ASN A 177 48.73 40.35 39.65
CA ASN A 177 48.69 40.44 41.10
C ASN A 177 47.37 41.01 41.47
N GLN A 178 47.18 42.35 41.32
CA GLN A 178 45.96 43.09 41.56
C GLN A 178 44.73 42.35 41.06
N LEU A 179 44.78 41.86 39.80
CA LEU A 179 43.72 41.18 39.10
C LEU A 179 43.23 39.97 39.85
N SER A 180 44.08 39.28 40.65
CA SER A 180 43.68 38.31 41.64
C SER A 180 42.62 38.85 42.55
N ILE A 181 42.98 39.93 43.31
CA ILE A 181 42.15 40.70 44.22
C ILE A 181 40.85 41.11 43.61
N LEU A 182 40.87 41.85 42.46
CA LEU A 182 39.70 42.32 41.74
C LEU A 182 38.67 41.25 41.51
N LEU A 183 39.18 40.12 40.99
CA LEU A 183 38.46 38.97 40.60
C LEU A 183 38.14 38.05 41.74
N GLU A 184 38.44 38.48 42.99
CA GLU A 184 37.85 37.87 44.14
C GLU A 184 36.40 38.27 44.25
N TYR A 185 36.05 39.49 43.76
CA TYR A 185 34.71 40.01 43.86
C TYR A 185 34.02 40.02 42.52
N ALA A 186 34.82 39.91 41.44
CA ALA A 186 34.37 39.96 40.08
C ALA A 186 34.80 38.73 39.36
N THR A 187 34.44 38.68 38.05
CA THR A 187 34.98 37.77 37.08
C THR A 187 35.34 38.68 35.92
N GLU A 188 36.13 38.17 34.95
CA GLU A 188 36.70 38.97 33.90
C GLU A 188 35.90 38.84 32.64
N SER A 189 35.21 39.93 32.21
CA SER A 189 34.34 39.93 31.05
C SER A 189 35.13 39.88 29.76
N SER A 190 34.51 39.26 28.73
CA SER A 190 35.14 39.01 27.45
C SER A 190 34.77 40.07 26.46
N ILE A 191 34.03 41.12 26.89
CA ILE A 191 33.44 42.06 25.98
C ILE A 191 34.44 43.16 25.75
N SER A 192 34.65 43.48 24.44
CA SER A 192 35.54 44.50 23.94
C SER A 192 35.14 45.82 24.53
N ILE A 193 36.14 46.55 25.05
CA ILE A 193 35.93 47.80 25.73
C ILE A 193 35.31 48.90 24.90
N HIS A 194 35.49 48.97 23.54
CA HIS A 194 34.89 50.09 22.82
C HIS A 194 33.42 49.91 22.58
N ARG A 195 32.94 48.65 22.66
CA ARG A 195 31.54 48.31 22.73
C ARG A 195 30.87 48.89 23.94
N LEU A 196 31.50 48.73 25.15
CA LEU A 196 31.03 49.32 26.40
C LEU A 196 30.96 50.82 26.29
N GLU A 197 32.11 51.47 25.97
CA GLU A 197 32.29 52.90 25.83
C GLU A 197 31.28 53.58 24.92
N GLU A 198 30.88 52.90 23.82
CA GLU A 198 29.81 53.33 22.94
C GLU A 198 28.46 52.86 23.44
N TYR A 199 28.07 51.61 23.10
CA TYR A 199 26.72 51.06 23.24
C TYR A 199 26.37 50.56 24.66
N GLY A 200 27.11 50.99 25.72
CA GLY A 200 26.86 50.59 27.11
C GLY A 200 26.11 51.64 27.88
N LYS A 201 26.19 51.61 29.24
CA LYS A 201 25.61 52.65 30.08
C LYS A 201 26.52 52.88 31.26
N LEU A 202 27.36 53.92 31.12
CA LEU A 202 28.29 54.49 32.09
C LEU A 202 27.54 55.06 33.26
N ILE A 203 28.09 54.97 34.50
CA ILE A 203 27.43 55.52 35.67
C ILE A 203 28.38 56.46 36.38
N ILE A 204 29.64 56.07 36.60
CA ILE A 204 30.65 56.85 37.27
C ILE A 204 31.94 56.51 36.60
N SER A 205 32.73 57.55 36.21
CA SER A 205 33.92 57.38 35.40
C SER A 205 35.10 57.90 36.15
N GLU A 206 36.25 57.16 36.02
CA GLU A 206 37.60 57.50 36.44
C GLU A 206 37.76 57.11 37.87
N HIS A 207 36.82 57.63 38.68
CA HIS A 207 36.74 57.49 40.07
C HIS A 207 35.69 56.48 40.37
N ALA A 208 35.39 55.52 39.47
CA ALA A 208 34.19 54.72 39.63
C ALA A 208 34.17 53.90 40.87
N LEU A 209 35.29 53.24 41.17
CA LEU A 209 35.50 52.50 42.37
C LEU A 209 35.43 53.46 43.53
N GLU A 210 36.25 54.55 43.52
CA GLU A 210 36.24 55.61 44.52
C GLU A 210 34.85 56.10 44.93
N THR A 211 34.00 56.36 43.92
CA THR A 211 32.63 56.79 44.01
C THR A 211 31.75 55.74 44.57
N ILE A 212 31.97 54.46 44.25
CA ILE A 212 31.18 53.36 44.75
C ILE A 212 31.42 53.28 46.24
N LYS A 213 32.63 53.58 46.73
CA LYS A 213 32.87 53.60 48.16
C LYS A 213 32.01 54.65 48.86
N LYS A 214 31.87 55.87 48.27
CA LYS A 214 30.97 56.89 48.76
C LYS A 214 29.53 56.43 48.82
N HIS A 215 29.03 56.20 47.61
CA HIS A 215 27.72 55.91 47.12
C HIS A 215 27.29 54.51 47.26
N PHE A 216 28.04 53.65 47.99
CA PHE A 216 27.66 52.27 47.99
C PHE A 216 28.35 51.47 49.01
N ALA A 217 29.41 51.96 49.70
CA ALA A 217 29.88 51.26 50.89
C ALA A 217 28.79 51.36 51.92
N SER A 218 28.18 52.57 51.97
CA SER A 218 27.01 52.87 52.74
C SER A 218 25.77 52.30 52.01
N GLN B 125 40.45 57.27 -17.39
CA GLN B 125 39.10 56.69 -17.59
C GLN B 125 38.39 57.35 -18.74
N LYS B 126 37.08 57.06 -18.84
CA LYS B 126 36.18 57.50 -19.87
C LYS B 126 35.71 58.89 -19.54
N LEU B 127 35.27 59.61 -20.59
CA LEU B 127 34.90 60.98 -20.51
C LEU B 127 33.55 61.04 -21.14
N GLN B 128 32.76 59.97 -21.03
CA GLN B 128 31.42 59.95 -21.52
C GLN B 128 30.74 59.02 -20.61
N PHE B 129 29.59 59.43 -20.04
CA PHE B 129 28.89 58.64 -19.08
C PHE B 129 27.47 58.69 -19.53
N VAL B 130 26.71 57.66 -19.14
CA VAL B 130 25.36 57.46 -19.55
C VAL B 130 24.62 57.38 -18.25
N LEU B 131 23.71 58.35 -18.03
CA LEU B 131 23.09 58.55 -16.75
C LEU B 131 21.62 58.41 -16.92
N ARG B 132 20.92 57.89 -15.90
CA ARG B 132 19.49 57.84 -15.93
C ARG B 132 19.03 58.81 -14.87
N PHE B 133 18.05 59.65 -15.22
CA PHE B 133 17.34 60.55 -14.35
C PHE B 133 15.98 59.91 -14.28
N GLY B 134 15.29 59.96 -13.13
CA GLY B 134 14.07 59.21 -12.93
C GLY B 134 12.93 59.85 -13.68
N ASP B 135 11.99 60.45 -12.92
CA ASP B 135 10.93 61.27 -13.44
C ASP B 135 11.59 62.47 -14.08
N PHE B 136 10.89 63.18 -15.00
CA PHE B 136 11.46 64.25 -15.77
C PHE B 136 12.05 65.30 -14.92
N GLU B 137 11.36 65.56 -13.81
CA GLU B 137 11.62 66.59 -12.87
C GLU B 137 13.00 66.59 -12.38
N ASP B 138 13.61 65.41 -12.32
CA ASP B 138 15.00 65.24 -12.02
C ASP B 138 15.95 65.83 -13.03
N VAL B 139 15.62 65.80 -14.35
CA VAL B 139 16.52 66.29 -15.38
C VAL B 139 16.50 67.77 -15.36
N ILE B 140 15.29 68.34 -15.30
CA ILE B 140 15.00 69.72 -15.12
C ILE B 140 15.65 70.32 -13.94
N SER B 141 15.46 69.69 -12.76
CA SER B 141 15.96 70.16 -11.50
C SER B 141 17.44 70.37 -11.58
N LEU B 142 18.15 69.29 -12.00
CA LEU B 142 19.51 69.26 -12.42
C LEU B 142 19.95 70.22 -13.51
N SER B 143 19.12 70.43 -14.56
CA SER B 143 19.53 71.16 -15.74
C SER B 143 19.88 72.55 -15.38
N LYS B 144 19.07 73.12 -14.45
CA LYS B 144 19.15 74.44 -13.90
C LYS B 144 20.38 74.69 -13.04
N LEU B 145 21.46 73.89 -13.18
CA LEU B 145 22.68 74.05 -12.43
C LEU B 145 23.73 73.14 -13.03
N ASN B 146 23.45 72.48 -14.18
CA ASN B 146 24.43 71.60 -14.76
C ASN B 146 24.25 71.51 -16.25
N VAL B 147 25.42 71.38 -16.93
CA VAL B 147 25.62 71.03 -18.30
C VAL B 147 27.11 71.04 -18.43
N ASN B 148 27.74 72.16 -18.03
CA ASN B 148 29.14 72.35 -17.74
C ASN B 148 30.09 72.03 -18.87
N GLY B 149 29.83 72.57 -20.10
CA GLY B 149 30.70 72.44 -21.25
C GLY B 149 30.85 71.03 -21.74
N SER B 150 29.80 70.23 -21.48
CA SER B 150 29.75 68.81 -21.66
C SER B 150 28.58 68.72 -22.55
N LYS B 151 28.80 68.37 -23.84
CA LYS B 151 27.66 68.19 -24.71
C LYS B 151 26.92 66.98 -24.21
N THR B 152 25.59 67.05 -24.33
CA THR B 152 24.77 66.20 -23.53
C THR B 152 23.46 66.04 -24.24
N THR B 153 22.86 64.85 -24.15
CA THR B 153 21.76 64.47 -24.98
C THR B 153 20.77 63.78 -24.08
N LEU B 154 19.48 64.08 -24.28
CA LEU B 154 18.40 63.78 -23.37
C LEU B 154 17.41 62.97 -24.08
N TYR B 155 17.13 61.78 -23.55
CA TYR B 155 16.21 60.85 -24.08
C TYR B 155 15.04 60.83 -23.14
N SER B 156 13.90 60.32 -23.63
CA SER B 156 12.79 59.92 -22.81
C SER B 156 12.67 58.50 -23.25
N PHE B 157 12.60 57.54 -22.30
CA PHE B 157 12.60 56.15 -22.66
C PHE B 157 12.12 55.49 -21.39
N GLU B 158 11.07 54.66 -21.52
CA GLU B 158 10.34 54.00 -20.45
C GLU B 158 9.64 55.03 -19.56
N ASN B 159 9.54 56.28 -20.08
CA ASN B 159 8.99 57.50 -19.53
C ASN B 159 9.89 58.06 -18.46
N ARG B 160 11.06 57.41 -18.26
CA ARG B 160 12.16 57.86 -17.45
C ARG B 160 12.97 58.73 -18.37
N TYR B 161 13.68 59.75 -17.86
CA TYR B 161 14.43 60.60 -18.73
C TYR B 161 15.87 60.20 -18.63
N TYR B 162 16.52 59.81 -19.74
CA TYR B 162 17.92 59.44 -19.71
C TYR B 162 18.70 60.64 -20.09
N LEU B 163 19.92 60.81 -19.53
CA LEU B 163 20.74 61.91 -19.92
C LEU B 163 22.12 61.36 -20.16
N TYR B 164 22.68 61.64 -21.34
CA TYR B 164 23.92 61.11 -21.83
C TYR B 164 24.86 62.26 -21.83
N VAL B 165 25.85 62.24 -20.92
CA VAL B 165 26.79 63.31 -20.80
C VAL B 165 27.98 62.83 -21.55
N ASP B 166 28.62 63.75 -22.25
CA ASP B 166 29.71 63.45 -23.11
C ASP B 166 30.55 64.62 -22.76
N PHE B 167 31.57 64.31 -21.95
CA PHE B 167 32.49 65.27 -21.43
C PHE B 167 33.50 65.42 -22.51
N CYS B 168 33.61 66.67 -22.97
CA CYS B 168 34.50 67.10 -23.99
C CYS B 168 35.26 68.22 -23.40
N ASN B 169 36.59 68.01 -23.28
CA ASN B 169 37.58 68.95 -22.80
C ASN B 169 37.59 68.94 -21.29
N MET B 170 37.66 67.73 -20.69
CA MET B 170 37.81 67.56 -19.26
C MET B 170 38.84 66.50 -19.03
N THR B 171 39.38 66.47 -17.77
CA THR B 171 40.29 65.46 -17.29
C THR B 171 39.47 64.51 -16.46
N ASP B 172 40.02 63.30 -16.19
CA ASP B 172 39.33 62.24 -15.49
C ASP B 172 38.76 62.57 -14.11
N GLU B 173 39.59 63.20 -13.23
CA GLU B 173 39.18 63.70 -11.92
C GLU B 173 38.09 64.71 -12.00
N GLU B 174 38.18 65.57 -13.04
CA GLU B 174 37.34 66.69 -13.37
C GLU B 174 35.99 66.21 -13.78
N VAL B 175 35.90 64.98 -14.34
CA VAL B 175 34.66 64.39 -14.77
C VAL B 175 34.06 63.78 -13.54
N GLU B 176 34.79 63.00 -12.71
CA GLU B 176 34.25 62.50 -11.43
C GLU B 176 33.68 63.58 -10.54
N ASN B 177 34.34 64.76 -10.49
CA ASN B 177 33.93 66.02 -9.89
C ASN B 177 32.59 66.41 -10.39
N GLN B 178 32.51 66.97 -11.63
CA GLN B 178 31.36 67.43 -12.38
C GLN B 178 30.18 66.50 -12.24
N LEU B 179 30.45 65.19 -12.48
CA LEU B 179 29.54 64.09 -12.50
C LEU B 179 28.77 63.95 -11.22
N SER B 180 29.35 64.36 -10.06
CA SER B 180 28.70 64.52 -8.77
C SER B 180 27.41 65.28 -8.89
N ILE B 181 27.48 66.55 -9.40
CA ILE B 181 26.36 67.45 -9.59
C ILE B 181 25.19 66.79 -10.30
N LEU B 182 25.41 66.20 -11.52
CA LEU B 182 24.40 65.45 -12.27
C LEU B 182 23.67 64.44 -11.44
N LEU B 183 24.49 63.67 -10.70
CA LEU B 183 24.13 62.57 -9.87
C LEU B 183 23.64 62.97 -8.53
N GLU B 184 23.45 64.29 -8.29
CA GLU B 184 22.65 64.67 -7.16
C GLU B 184 21.19 64.40 -7.46
N TYR B 185 20.79 64.46 -8.76
CA TYR B 185 19.44 64.13 -9.17
C TYR B 185 19.39 62.80 -9.91
N ALA B 186 20.55 62.29 -10.40
CA ALA B 186 20.63 61.05 -11.16
C ALA B 186 21.42 59.97 -10.46
N THR B 187 21.50 58.80 -11.15
CA THR B 187 22.37 57.68 -10.85
C THR B 187 23.04 57.34 -12.18
N GLU B 188 24.12 56.51 -12.14
CA GLU B 188 24.95 56.15 -13.27
C GLU B 188 24.52 54.80 -13.77
N SER B 189 23.93 54.76 -14.98
CA SER B 189 23.41 53.55 -15.59
C SER B 189 24.49 52.97 -16.47
N SER B 190 24.36 51.65 -16.73
CA SER B 190 25.40 50.85 -17.34
C SER B 190 25.07 50.48 -18.77
N ILE B 191 23.99 51.06 -19.35
CA ILE B 191 23.44 50.63 -20.62
C ILE B 191 24.45 50.85 -21.74
N SER B 192 24.56 49.83 -22.64
CA SER B 192 25.43 49.78 -23.81
C SER B 192 25.16 50.97 -24.68
N ILE B 193 26.14 51.89 -24.72
CA ILE B 193 26.00 53.18 -25.34
C ILE B 193 25.73 53.15 -26.84
N HIS B 194 26.21 52.15 -27.65
CA HIS B 194 25.89 52.20 -29.07
C HIS B 194 24.49 51.69 -29.38
N ARG B 195 23.95 50.87 -28.46
CA ARG B 195 22.58 50.46 -28.39
C ARG B 195 21.67 51.64 -28.17
N LEU B 196 22.04 52.54 -27.22
CA LEU B 196 21.35 53.79 -26.91
C LEU B 196 21.24 54.62 -28.17
N GLU B 197 22.40 54.95 -28.81
CA GLU B 197 22.53 55.68 -30.06
C GLU B 197 21.62 55.16 -31.16
N GLU B 198 21.39 53.82 -31.20
CA GLU B 198 20.48 53.20 -32.12
C GLU B 198 19.05 53.24 -31.57
N TYR B 199 18.63 52.31 -30.69
CA TYR B 199 17.24 52.08 -30.32
C TYR B 199 16.65 53.05 -29.28
N GLY B 200 17.24 54.26 -29.03
CA GLY B 200 16.74 55.24 -28.05
C GLY B 200 15.65 56.18 -28.57
N LYS B 201 15.17 57.14 -27.73
CA LYS B 201 14.29 58.22 -28.17
C LYS B 201 14.74 59.52 -27.57
N LEU B 202 15.23 60.42 -28.45
CA LEU B 202 15.67 61.78 -28.29
C LEU B 202 14.61 62.76 -27.86
N ILE B 203 14.98 63.79 -27.06
CA ILE B 203 14.08 64.90 -26.82
C ILE B 203 14.87 66.12 -27.18
N ILE B 204 16.13 66.27 -26.69
CA ILE B 204 17.00 67.35 -27.06
C ILE B 204 18.40 66.89 -27.04
N SER B 205 19.18 67.17 -28.10
CA SER B 205 20.55 66.74 -28.22
C SER B 205 21.46 67.92 -28.09
N GLU B 206 22.77 67.62 -27.88
CA GLU B 206 23.94 68.48 -27.98
C GLU B 206 24.14 69.27 -26.74
N HIS B 207 23.06 69.85 -26.22
CA HIS B 207 23.14 70.66 -25.05
C HIS B 207 21.78 70.50 -24.50
N ALA B 208 21.46 69.24 -24.17
CA ALA B 208 20.18 68.77 -23.75
C ALA B 208 19.75 69.40 -22.48
N LEU B 209 20.68 69.49 -21.50
CA LEU B 209 20.45 70.14 -20.25
C LEU B 209 20.16 71.60 -20.52
N GLU B 210 21.05 72.36 -21.22
CA GLU B 210 20.81 73.75 -21.62
C GLU B 210 19.45 74.04 -22.19
N THR B 211 19.00 73.19 -23.14
CA THR B 211 17.73 73.26 -23.80
C THR B 211 16.61 73.00 -22.84
N ILE B 212 16.78 72.05 -21.89
CA ILE B 212 15.78 71.74 -20.88
C ILE B 212 15.60 72.90 -19.95
N LYS B 213 16.66 73.71 -19.64
CA LYS B 213 16.55 74.85 -18.77
C LYS B 213 15.59 75.86 -19.34
N LYS B 214 15.64 76.07 -20.68
CA LYS B 214 14.73 76.88 -21.45
C LYS B 214 13.32 76.40 -21.22
N HIS B 215 13.12 75.15 -21.67
CA HIS B 215 11.89 74.47 -21.86
C HIS B 215 11.31 73.91 -20.62
N PHE B 216 11.89 74.24 -19.46
CA PHE B 216 11.58 73.62 -18.21
C PHE B 216 12.44 74.27 -17.19
N ALA B 217 11.84 75.25 -16.52
CA ALA B 217 12.40 75.81 -15.33
C ALA B 217 11.27 76.59 -14.72
N SER B 218 10.17 76.74 -15.49
CA SER B 218 8.97 77.40 -15.07
C SER B 218 8.04 76.28 -14.62
N GLN C 125 39.83 24.16 -55.18
CA GLN C 125 38.37 24.16 -54.89
C GLN C 125 37.66 23.28 -55.87
N LYS C 126 36.45 22.86 -55.47
CA LYS C 126 35.52 22.03 -56.19
C LYS C 126 35.08 22.74 -57.45
N LEU C 127 34.82 21.93 -58.49
CA LEU C 127 34.54 22.41 -59.82
C LEU C 127 33.38 21.57 -60.30
N GLN C 128 32.65 20.93 -59.37
CA GLN C 128 31.52 20.11 -59.72
C GLN C 128 30.61 20.26 -58.55
N PHE C 129 29.32 20.56 -58.82
CA PHE C 129 28.39 20.94 -57.79
C PHE C 129 27.14 20.18 -58.08
N VAL C 130 26.33 19.98 -57.02
CA VAL C 130 25.07 19.29 -57.11
C VAL C 130 24.14 20.30 -56.54
N LEU C 131 23.17 20.76 -57.34
CA LEU C 131 22.30 21.87 -57.04
C LEU C 131 20.89 21.36 -57.05
N ARG C 132 20.02 21.94 -56.20
CA ARG C 132 18.61 21.61 -56.17
C ARG C 132 17.87 22.85 -56.66
N PHE C 133 16.90 22.65 -57.58
CA PHE C 133 15.97 23.66 -58.06
C PHE C 133 14.67 23.25 -57.45
N GLY C 134 13.81 24.21 -57.05
CA GLY C 134 12.58 23.91 -56.34
C GLY C 134 11.57 23.19 -57.19
N ASP C 135 11.52 23.54 -58.49
CA ASP C 135 10.67 22.86 -59.43
C ASP C 135 11.26 23.26 -60.74
N PHE C 136 10.68 22.75 -61.86
CA PHE C 136 11.23 22.96 -63.18
C PHE C 136 11.36 24.38 -63.49
N GLU C 137 10.39 25.19 -63.10
CA GLU C 137 10.30 26.59 -63.41
C GLU C 137 11.48 27.42 -62.99
N ASP C 138 12.08 26.99 -61.87
CA ASP C 138 13.33 27.42 -61.32
C ASP C 138 14.49 27.10 -62.20
N VAL C 139 14.40 25.96 -62.93
CA VAL C 139 15.45 25.42 -63.74
C VAL C 139 15.57 26.29 -64.94
N ILE C 140 14.42 26.64 -65.54
CA ILE C 140 14.22 27.59 -66.60
C ILE C 140 14.83 28.88 -66.30
N SER C 141 14.50 29.41 -65.11
CA SER C 141 14.98 30.70 -64.72
C SER C 141 16.49 30.76 -64.81
N LEU C 142 17.22 29.80 -64.17
CA LEU C 142 18.62 29.51 -64.46
C LEU C 142 18.98 29.20 -65.90
N SER C 143 18.16 28.42 -66.63
CA SER C 143 18.52 27.92 -67.94
C SER C 143 18.72 29.07 -68.87
N LYS C 144 17.83 30.09 -68.74
CA LYS C 144 17.86 31.38 -69.37
C LYS C 144 19.03 32.25 -68.92
N LEU C 145 20.10 31.67 -68.35
CA LEU C 145 21.28 32.31 -67.85
C LEU C 145 22.39 31.30 -67.98
N ASN C 146 23.61 31.86 -68.00
CA ASN C 146 24.92 31.24 -67.98
C ASN C 146 25.07 29.96 -67.19
N VAL C 147 25.88 29.04 -67.76
CA VAL C 147 26.25 27.72 -67.29
C VAL C 147 26.81 27.03 -68.52
N ASN C 148 27.20 27.81 -69.55
CA ASN C 148 27.89 27.32 -70.71
C ASN C 148 29.35 27.15 -70.42
N GLY C 149 29.99 26.19 -71.14
CA GLY C 149 31.38 25.82 -70.97
C GLY C 149 31.51 24.89 -69.78
N SER C 150 30.36 24.59 -69.16
CA SER C 150 30.15 23.85 -67.97
C SER C 150 29.21 22.81 -68.43
N LYS C 151 29.66 21.54 -68.52
CA LYS C 151 28.72 20.47 -68.78
C LYS C 151 27.85 20.34 -67.58
N THR C 152 26.58 20.01 -67.82
CA THR C 152 25.62 20.18 -66.78
C THR C 152 24.52 19.23 -67.10
N THR C 153 23.90 18.62 -66.07
CA THR C 153 23.00 17.51 -66.28
C THR C 153 21.87 17.75 -65.33
N LEU C 154 20.63 17.50 -65.79
CA LEU C 154 19.44 17.91 -65.07
C LEU C 154 18.62 16.71 -64.82
N TYR C 155 18.36 16.45 -63.54
CA TYR C 155 17.64 15.35 -63.02
C TYR C 155 16.32 15.88 -62.51
N SER C 156 15.38 14.94 -62.32
CA SER C 156 14.10 15.09 -61.69
C SER C 156 14.15 14.07 -60.59
N PHE C 157 13.78 14.43 -59.35
CA PHE C 157 13.86 13.50 -58.25
C PHE C 157 13.01 14.13 -57.19
N GLU C 158 12.03 13.34 -56.68
CA GLU C 158 11.00 13.72 -55.74
C GLU C 158 10.24 14.96 -56.17
N ASN C 159 10.03 15.10 -57.50
CA ASN C 159 9.29 16.13 -58.19
C ASN C 159 10.12 17.38 -58.43
N ARG C 160 11.11 17.69 -57.57
CA ARG C 160 12.00 18.82 -57.75
C ARG C 160 13.13 18.45 -58.65
N TYR C 161 13.68 19.44 -59.39
CA TYR C 161 14.67 19.19 -60.41
C TYR C 161 16.03 19.51 -59.89
N TYR C 162 16.97 18.55 -59.97
CA TYR C 162 18.34 18.70 -59.54
C TYR C 162 19.13 19.10 -60.75
N LEU C 163 20.22 19.88 -60.54
CA LEU C 163 21.09 20.28 -61.61
C LEU C 163 22.48 20.02 -61.14
N TYR C 164 23.23 19.27 -61.94
CA TYR C 164 24.52 18.76 -61.65
C TYR C 164 25.43 19.53 -62.53
N VAL C 165 26.25 20.39 -61.92
CA VAL C 165 27.10 21.29 -62.61
C VAL C 165 28.42 20.59 -62.63
N ASP C 166 29.14 20.71 -63.75
CA ASP C 166 30.41 20.09 -63.93
C ASP C 166 31.08 21.22 -64.63
N PHE C 167 31.91 21.96 -63.88
CA PHE C 167 32.69 23.03 -64.40
C PHE C 167 33.92 22.40 -64.92
N CYS C 168 34.12 22.64 -66.23
CA CYS C 168 35.25 22.21 -66.97
C CYS C 168 35.74 23.47 -67.61
N ASN C 169 37.09 23.64 -67.63
CA ASN C 169 37.77 24.77 -68.21
C ASN C 169 37.42 26.03 -67.43
N MET C 170 37.46 25.92 -66.08
CA MET C 170 37.25 27.04 -65.20
C MET C 170 38.26 26.98 -64.09
N THR C 171 38.43 28.12 -63.37
CA THR C 171 39.27 28.27 -62.20
C THR C 171 38.37 28.39 -61.01
N ASP C 172 38.91 28.22 -59.79
CA ASP C 172 38.17 28.25 -58.55
C ASP C 172 37.34 29.50 -58.29
N GLU C 173 37.92 30.72 -58.44
CA GLU C 173 37.22 32.00 -58.38
C GLU C 173 36.13 32.12 -59.39
N GLU C 174 36.38 31.61 -60.61
CA GLU C 174 35.55 31.66 -61.80
C GLU C 174 34.33 30.82 -61.57
N VAL C 175 34.49 29.80 -60.69
CA VAL C 175 33.45 28.87 -60.35
C VAL C 175 32.65 29.56 -59.29
N GLU C 176 33.23 30.16 -58.22
CA GLU C 176 32.48 30.99 -57.29
C GLU C 176 31.64 32.09 -57.91
N ASN C 177 32.17 32.77 -58.94
CA ASN C 177 31.54 33.76 -59.80
C ASN C 177 30.29 33.21 -60.37
N GLN C 178 30.44 32.35 -61.42
CA GLN C 178 29.40 31.65 -62.15
C GLN C 178 28.35 31.09 -61.23
N LEU C 179 28.81 30.33 -60.21
CA LEU C 179 28.02 29.66 -59.21
C LEU C 179 27.13 30.59 -58.42
N SER C 180 27.53 31.85 -58.14
CA SER C 180 26.67 32.90 -57.60
C SER C 180 25.40 33.05 -58.40
N ILE C 181 25.57 33.39 -59.70
CA ILE C 181 24.58 33.51 -60.75
C ILE C 181 23.66 32.33 -60.82
N LEU C 182 24.21 31.08 -60.95
CA LEU C 182 23.47 29.83 -60.97
C LEU C 182 22.44 29.75 -59.86
N LEU C 183 22.95 30.09 -58.67
CA LEU C 183 22.33 30.05 -57.39
C LEU C 183 21.46 31.25 -57.13
N GLU C 184 21.24 32.11 -58.16
CA GLU C 184 20.18 33.05 -58.09
C GLU C 184 18.87 32.32 -58.24
N TYR C 185 18.87 31.20 -59.01
CA TYR C 185 17.68 30.41 -59.21
C TYR C 185 17.75 29.07 -58.54
N ALA C 186 18.98 28.62 -58.17
CA ALA C 186 19.23 27.36 -57.53
C ALA C 186 19.75 27.60 -56.13
N THR C 187 19.92 26.48 -55.38
CA THR C 187 20.63 26.42 -54.12
C THR C 187 21.61 25.26 -54.22
N GLU C 188 22.57 25.16 -53.28
CA GLU C 188 23.61 24.14 -53.28
C GLU C 188 23.23 23.06 -52.30
N SER C 189 22.93 21.86 -52.84
CA SER C 189 22.51 20.72 -52.06
C SER C 189 23.74 19.96 -51.65
N SER C 190 23.60 19.16 -50.56
CA SER C 190 24.70 18.47 -49.93
C SER C 190 24.85 17.08 -50.49
N ILE C 191 24.09 16.77 -51.56
CA ILE C 191 24.00 15.45 -52.11
C ILE C 191 25.21 15.24 -52.96
N SER C 192 25.95 14.14 -52.69
CA SER C 192 27.14 13.77 -53.40
C SER C 192 26.82 13.45 -54.83
N ILE C 193 27.80 13.72 -55.71
CA ILE C 193 27.75 13.47 -57.13
C ILE C 193 27.59 11.99 -57.41
N HIS C 194 28.10 11.11 -56.51
CA HIS C 194 28.05 9.68 -56.70
C HIS C 194 26.70 9.09 -56.38
N ARG C 195 25.89 9.81 -55.57
CA ARG C 195 24.50 9.54 -55.33
C ARG C 195 23.70 9.63 -56.59
N LEU C 196 23.97 10.70 -57.38
CA LEU C 196 23.45 10.93 -58.71
C LEU C 196 23.80 9.76 -59.59
N GLU C 197 25.12 9.43 -59.69
CA GLU C 197 25.70 8.36 -60.48
C GLU C 197 25.02 7.02 -60.30
N GLU C 198 24.54 6.68 -59.07
CA GLU C 198 23.65 5.55 -58.92
C GLU C 198 22.20 5.94 -59.13
N TYR C 199 21.52 6.42 -58.05
CA TYR C 199 20.08 6.53 -57.93
C TYR C 199 19.35 7.74 -58.54
N GLY C 200 19.94 8.50 -59.51
CA GLY C 200 19.31 9.65 -60.14
C GLY C 200 18.17 9.35 -61.11
N LYS C 201 17.57 10.40 -61.74
CA LYS C 201 16.61 10.28 -62.82
C LYS C 201 16.69 11.51 -63.68
N LEU C 202 17.22 11.35 -64.90
CA LEU C 202 17.47 12.30 -65.96
C LEU C 202 16.28 12.98 -66.60
N ILE C 203 16.44 14.26 -67.03
CA ILE C 203 15.44 14.89 -67.86
C ILE C 203 16.21 15.35 -69.08
N ILE C 204 17.36 16.04 -68.94
CA ILE C 204 18.27 16.31 -70.04
C ILE C 204 19.66 16.32 -69.50
N SER C 205 20.64 15.64 -70.15
CA SER C 205 22.03 15.61 -69.76
C SER C 205 22.87 16.50 -70.65
N GLU C 206 24.17 16.67 -70.26
CA GLU C 206 25.29 17.17 -71.03
C GLU C 206 25.38 18.65 -71.10
N HIS C 207 24.32 19.27 -71.62
CA HIS C 207 24.21 20.68 -71.76
C HIS C 207 22.78 20.85 -71.35
N ALA C 208 22.47 20.34 -70.14
CA ALA C 208 21.12 20.14 -69.68
C ALA C 208 20.31 21.35 -69.59
N LEU C 209 20.89 22.42 -68.99
CA LEU C 209 20.32 23.73 -68.84
C LEU C 209 20.09 24.27 -70.19
N GLU C 210 21.11 24.29 -71.08
CA GLU C 210 21.01 24.66 -72.47
C GLU C 210 19.80 24.03 -73.19
N THR C 211 19.58 22.72 -72.95
CA THR C 211 18.46 21.96 -73.44
C THR C 211 17.16 22.35 -72.82
N ILE C 212 17.14 22.69 -71.50
CA ILE C 212 15.98 23.08 -70.75
C ILE C 212 15.48 24.37 -71.35
N LYS C 213 16.38 25.27 -71.85
CA LYS C 213 16.01 26.50 -72.51
C LYS C 213 15.18 26.22 -73.74
N LYS C 214 15.57 25.18 -74.52
CA LYS C 214 14.83 24.69 -75.66
C LYS C 214 13.42 24.32 -75.28
N HIS C 215 13.29 23.29 -74.42
CA HIS C 215 12.10 22.63 -73.99
C HIS C 215 11.35 23.33 -72.93
N PHE C 216 11.73 24.59 -72.64
CA PHE C 216 11.18 25.36 -71.57
C PHE C 216 11.79 26.71 -71.57
N ALA C 217 10.96 27.68 -71.92
CA ALA C 217 11.22 29.08 -71.84
C ALA C 217 9.93 29.60 -72.34
N SER C 218 9.44 29.00 -73.46
CA SER C 218 8.18 29.29 -74.08
C SER C 218 7.49 27.92 -74.21
N GLN D 125 50.79 -24.67 -46.57
CA GLN D 125 49.59 -25.11 -45.82
C GLN D 125 49.37 -26.59 -45.98
N LYS D 126 48.16 -27.09 -45.59
CA LYS D 126 47.89 -28.51 -45.53
C LYS D 126 47.40 -29.02 -46.84
N LEU D 127 47.41 -30.36 -46.99
CA LEU D 127 47.14 -31.03 -48.23
C LEU D 127 46.05 -32.01 -47.95
N GLN D 128 45.20 -31.72 -46.95
CA GLN D 128 44.11 -32.57 -46.62
C GLN D 128 43.02 -31.72 -46.07
N PHE D 129 41.77 -31.87 -46.58
CA PHE D 129 40.69 -30.96 -46.26
C PHE D 129 39.52 -31.82 -45.99
N VAL D 130 38.58 -31.26 -45.21
CA VAL D 130 37.36 -31.89 -44.80
C VAL D 130 36.33 -30.93 -45.28
N LEU D 131 35.44 -31.39 -46.17
CA LEU D 131 34.49 -30.58 -46.87
C LEU D 131 33.15 -31.11 -46.46
N ARG D 132 32.10 -30.27 -46.35
CA ARG D 132 30.77 -30.73 -46.01
C ARG D 132 29.83 -30.55 -47.18
N PHE D 133 29.03 -31.61 -47.45
CA PHE D 133 27.99 -31.69 -48.45
C PHE D 133 26.70 -31.72 -47.71
N GLY D 134 25.65 -31.08 -48.27
CA GLY D 134 24.37 -31.00 -47.62
C GLY D 134 23.47 -32.16 -47.97
N ASP D 135 23.75 -32.85 -49.09
CA ASP D 135 22.95 -33.97 -49.50
C ASP D 135 23.82 -34.77 -50.41
N PHE D 136 23.42 -36.03 -50.68
CA PHE D 136 24.13 -36.99 -51.48
C PHE D 136 24.40 -36.50 -52.85
N GLU D 137 23.41 -35.80 -53.44
CA GLU D 137 23.45 -35.23 -54.76
C GLU D 137 24.59 -34.26 -54.96
N ASP D 138 24.97 -33.60 -53.87
CA ASP D 138 26.15 -32.78 -53.76
C ASP D 138 27.42 -33.57 -53.92
N VAL D 139 27.41 -34.85 -53.49
CA VAL D 139 28.58 -35.70 -53.49
C VAL D 139 28.86 -36.10 -54.90
N ILE D 140 27.82 -36.50 -55.69
CA ILE D 140 27.98 -36.68 -57.12
C ILE D 140 28.58 -35.49 -57.75
N SER D 141 28.02 -34.29 -57.48
CA SER D 141 28.46 -33.08 -58.11
C SER D 141 29.95 -32.87 -57.98
N LEU D 142 30.53 -32.92 -56.74
CA LEU D 142 31.97 -32.98 -56.56
C LEU D 142 32.69 -34.08 -57.28
N SER D 143 32.13 -35.31 -57.27
CA SER D 143 32.75 -36.46 -57.87
C SER D 143 32.92 -36.33 -59.35
N LYS D 144 31.90 -35.74 -60.03
CA LYS D 144 31.73 -35.63 -61.45
C LYS D 144 32.75 -34.80 -62.19
N LEU D 145 33.94 -34.54 -61.59
CA LEU D 145 35.03 -33.87 -62.24
C LEU D 145 36.19 -33.82 -61.29
N ASN D 146 36.05 -34.35 -60.05
CA ASN D 146 37.13 -34.34 -59.10
C ASN D 146 37.34 -35.69 -58.48
N VAL D 147 38.64 -36.05 -58.41
CA VAL D 147 39.23 -37.21 -57.79
C VAL D 147 40.45 -36.56 -57.23
N ASN D 148 41.26 -36.01 -58.17
CA ASN D 148 42.31 -35.02 -58.01
C ASN D 148 43.64 -35.63 -57.69
N GLY D 149 43.81 -36.97 -57.90
CA GLY D 149 45.03 -37.67 -57.57
C GLY D 149 45.12 -37.81 -56.07
N SER D 150 43.96 -37.57 -55.44
CA SER D 150 43.75 -37.34 -54.06
C SER D 150 42.74 -38.38 -53.74
N LYS D 151 43.19 -39.41 -53.01
CA LYS D 151 42.32 -40.38 -52.42
C LYS D 151 41.55 -39.64 -51.33
N THR D 152 40.28 -40.05 -51.19
CA THR D 152 39.29 -39.17 -50.64
C THR D 152 38.19 -40.00 -50.03
N THR D 153 37.54 -39.58 -48.93
CA THR D 153 36.71 -40.48 -48.15
C THR D 153 35.47 -39.77 -47.76
N LEU D 154 34.31 -40.47 -47.82
CA LEU D 154 33.00 -39.88 -47.75
C LEU D 154 32.29 -40.48 -46.59
N TYR D 155 31.84 -39.63 -45.66
CA TYR D 155 31.23 -39.98 -44.41
C TYR D 155 29.79 -39.59 -44.51
N SER D 156 28.95 -40.16 -43.61
CA SER D 156 27.58 -39.79 -43.39
C SER D 156 27.55 -39.44 -41.94
N PHE D 157 26.97 -38.26 -41.59
CA PHE D 157 26.89 -37.85 -40.21
C PHE D 157 25.88 -36.74 -40.23
N GLU D 158 24.84 -36.87 -39.37
CA GLU D 158 23.70 -35.97 -39.22
C GLU D 158 23.03 -35.66 -40.55
N ASN D 159 23.03 -36.69 -41.44
CA ASN D 159 22.48 -36.73 -42.78
C ASN D 159 23.24 -35.86 -43.77
N ARG D 160 24.29 -35.13 -43.32
CA ARG D 160 25.22 -34.43 -44.19
C ARG D 160 26.31 -35.39 -44.57
N TYR D 161 26.90 -35.27 -45.78
CA TYR D 161 28.01 -36.10 -46.18
C TYR D 161 29.27 -35.32 -46.07
N TYR D 162 30.29 -35.77 -45.30
CA TYR D 162 31.56 -35.07 -45.26
C TYR D 162 32.44 -35.73 -46.26
N LEU D 163 33.34 -34.98 -46.91
CA LEU D 163 34.22 -35.56 -47.87
C LEU D 163 35.58 -35.06 -47.52
N TYR D 164 36.49 -36.02 -47.34
CA TYR D 164 37.81 -35.78 -46.84
C TYR D 164 38.71 -36.02 -47.99
N VAL D 165 39.34 -34.96 -48.53
CA VAL D 165 40.22 -35.10 -49.66
C VAL D 165 41.56 -35.11 -49.03
N ASP D 166 42.48 -35.95 -49.55
CA ASP D 166 43.77 -36.08 -48.97
C ASP D 166 44.64 -36.18 -50.17
N PHE D 167 45.31 -35.06 -50.44
CA PHE D 167 46.18 -34.82 -51.54
C PHE D 167 47.52 -35.36 -51.21
N CYS D 168 47.98 -36.29 -52.07
CA CYS D 168 49.28 -36.91 -52.00
C CYS D 168 49.96 -36.59 -53.29
N ASN D 169 51.15 -35.94 -53.19
CA ASN D 169 52.02 -35.61 -54.29
C ASN D 169 51.46 -34.42 -55.02
N MET D 170 51.07 -33.38 -54.25
CA MET D 170 50.69 -32.10 -54.78
C MET D 170 51.34 -31.06 -53.93
N THR D 171 51.50 -29.84 -54.51
CA THR D 171 52.04 -28.67 -53.83
C THR D 171 50.88 -27.85 -53.34
N ASP D 172 51.16 -26.88 -52.43
CA ASP D 172 50.14 -26.05 -51.82
C ASP D 172 49.25 -25.30 -52.78
N GLU D 173 49.81 -24.61 -53.81
CA GLU D 173 49.04 -23.99 -54.88
C GLU D 173 48.15 -24.92 -55.64
N GLU D 174 48.61 -26.16 -55.94
CA GLU D 174 47.88 -27.13 -56.74
C GLU D 174 46.66 -27.59 -56.00
N VAL D 175 46.76 -27.57 -54.66
CA VAL D 175 45.73 -27.99 -53.77
C VAL D 175 44.76 -26.85 -53.56
N GLU D 176 45.22 -25.61 -53.26
CA GLU D 176 44.42 -24.39 -53.20
C GLU D 176 43.60 -24.10 -54.44
N ASN D 177 44.20 -24.35 -55.64
CA ASN D 177 43.68 -24.36 -56.99
C ASN D 177 42.50 -25.25 -56.92
N GLN D 178 42.73 -26.58 -56.90
CA GLN D 178 41.75 -27.62 -56.79
C GLN D 178 40.63 -27.30 -55.82
N LEU D 179 40.99 -26.90 -54.58
CA LEU D 179 40.12 -26.62 -53.47
C LEU D 179 39.10 -25.58 -53.80
N SER D 180 39.43 -24.59 -54.67
CA SER D 180 38.48 -23.70 -55.31
C SER D 180 37.34 -24.41 -55.96
N ILE D 181 37.69 -25.27 -56.97
CA ILE D 181 36.82 -26.15 -57.73
C ILE D 181 35.93 -26.95 -56.82
N LEU D 182 36.53 -27.70 -55.85
CA LEU D 182 35.84 -28.53 -54.86
C LEU D 182 34.69 -27.82 -54.20
N LEU D 183 34.95 -26.54 -53.79
CA LEU D 183 34.07 -25.71 -53.03
C LEU D 183 33.06 -25.04 -53.92
N GLU D 184 33.02 -25.36 -55.23
CA GLU D 184 31.87 -25.09 -56.05
C GLU D 184 30.75 -26.05 -55.72
N TYR D 185 31.09 -27.28 -55.27
CA TYR D 185 30.12 -28.33 -55.01
C TYR D 185 29.97 -28.58 -53.54
N ALA D 186 30.96 -28.11 -52.76
CA ALA D 186 31.03 -28.31 -51.34
C ALA D 186 31.26 -26.98 -50.69
N THR D 187 31.37 -27.01 -49.35
CA THR D 187 31.81 -25.90 -48.52
C THR D 187 32.88 -26.47 -47.62
N GLU D 188 33.63 -25.60 -46.92
CA GLU D 188 34.83 -25.96 -46.19
C GLU D 188 34.44 -26.13 -44.75
N SER D 189 34.49 -27.39 -44.25
CA SER D 189 33.99 -27.73 -42.94
C SER D 189 34.98 -27.39 -41.87
N SER D 190 34.47 -27.28 -40.62
CA SER D 190 35.22 -26.86 -39.45
C SER D 190 35.64 -28.08 -38.67
N ILE D 191 35.65 -29.26 -39.32
CA ILE D 191 35.81 -30.52 -38.67
C ILE D 191 37.27 -30.80 -38.45
N SER D 192 37.62 -31.01 -37.15
CA SER D 192 38.91 -31.45 -36.67
C SER D 192 39.06 -32.86 -37.13
N ILE D 193 40.13 -33.15 -37.88
CA ILE D 193 40.29 -34.41 -38.54
C ILE D 193 40.36 -35.65 -37.66
N HIS D 194 40.86 -35.62 -36.39
CA HIS D 194 40.85 -36.85 -35.60
C HIS D 194 39.51 -37.15 -34.99
N ARG D 195 38.65 -36.11 -34.86
CA ARG D 195 37.25 -36.22 -34.56
C ARG D 195 36.49 -36.96 -35.63
N LEU D 196 36.74 -36.61 -36.91
CA LEU D 196 36.15 -37.27 -38.07
C LEU D 196 36.49 -38.74 -38.07
N GLU D 197 37.80 -39.05 -38.08
CA GLU D 197 38.41 -40.36 -38.05
C GLU D 197 37.90 -41.28 -36.97
N GLU D 198 37.60 -40.71 -35.76
CA GLU D 198 37.02 -41.42 -34.65
C GLU D 198 35.51 -41.47 -34.77
N TYR D 199 34.82 -40.40 -34.30
CA TYR D 199 33.39 -40.33 -34.04
C TYR D 199 32.54 -40.09 -35.29
N GLY D 200 33.06 -40.35 -36.53
CA GLY D 200 32.35 -40.21 -37.80
C GLY D 200 31.53 -41.41 -38.20
N LYS D 201 31.35 -41.65 -39.53
CA LYS D 201 30.70 -42.84 -40.06
C LYS D 201 30.95 -42.89 -41.54
N LEU D 202 31.74 -43.90 -41.98
CA LEU D 202 32.17 -44.20 -43.32
C LEU D 202 31.07 -44.57 -44.29
N ILE D 203 31.22 -44.18 -45.57
CA ILE D 203 30.33 -44.59 -46.63
C ILE D 203 31.23 -45.17 -47.68
N ILE D 204 32.34 -44.48 -48.02
CA ILE D 204 33.29 -45.01 -48.95
C ILE D 204 34.59 -44.52 -48.47
N SER D 205 35.55 -45.46 -48.38
CA SER D 205 36.95 -45.31 -48.07
C SER D 205 37.64 -44.34 -49.00
N GLU D 206 38.98 -44.18 -48.82
CA GLU D 206 39.91 -43.53 -49.74
C GLU D 206 39.74 -44.07 -51.14
N HIS D 207 39.20 -43.19 -52.04
CA HIS D 207 38.79 -43.35 -53.42
C HIS D 207 37.29 -43.12 -53.53
N ALA D 208 36.72 -42.36 -52.57
CA ALA D 208 35.31 -42.13 -52.35
C ALA D 208 34.65 -41.45 -53.48
N LEU D 209 35.27 -40.40 -54.07
CA LEU D 209 34.74 -39.66 -55.19
C LEU D 209 34.60 -40.61 -56.34
N GLU D 210 35.68 -41.32 -56.76
CA GLU D 210 35.66 -42.35 -57.80
C GLU D 210 34.47 -43.32 -57.70
N THR D 211 34.28 -43.80 -56.45
CA THR D 211 33.25 -44.72 -56.03
C THR D 211 31.91 -44.10 -56.11
N ILE D 212 31.76 -42.82 -55.77
CA ILE D 212 30.54 -42.07 -55.79
C ILE D 212 30.05 -41.88 -57.19
N LYS D 213 30.94 -41.73 -58.20
CA LYS D 213 30.50 -41.52 -59.57
C LYS D 213 29.70 -42.69 -60.06
N LYS D 214 30.16 -43.94 -59.74
CA LYS D 214 29.34 -45.11 -59.88
C LYS D 214 28.05 -45.02 -59.07
N HIS D 215 28.21 -44.89 -57.75
CA HIS D 215 27.26 -45.04 -56.68
C HIS D 215 26.35 -43.87 -56.54
N PHE D 216 26.32 -42.87 -57.45
CA PHE D 216 25.45 -41.72 -57.29
C PHE D 216 25.27 -41.03 -58.58
N ALA D 217 25.93 -41.44 -59.68
CA ALA D 217 25.59 -40.85 -60.95
C ALA D 217 24.70 -41.80 -61.68
N SER D 218 24.74 -43.11 -61.34
CA SER D 218 23.92 -44.09 -62.01
C SER D 218 22.53 -44.14 -61.34
N GLN E 125 61.58 -39.12 -0.27
CA GLN E 125 60.13 -38.91 -0.46
C GLN E 125 59.42 -39.32 0.80
N LYS E 126 58.91 -40.58 0.83
CA LYS E 126 58.10 -41.09 1.88
C LYS E 126 58.45 -42.53 2.00
N LEU E 127 58.38 -43.02 3.26
CA LEU E 127 58.77 -44.34 3.64
C LEU E 127 57.79 -44.74 4.69
N GLN E 128 56.63 -44.07 4.75
CA GLN E 128 55.56 -44.48 5.59
C GLN E 128 54.31 -44.02 4.94
N PHE E 129 53.30 -44.90 4.79
CA PHE E 129 52.11 -44.55 4.07
C PHE E 129 50.98 -45.02 4.91
N VAL E 130 49.82 -44.38 4.69
CA VAL E 130 48.65 -44.55 5.47
C VAL E 130 47.60 -44.93 4.48
N LEU E 131 47.03 -46.14 4.64
CA LEU E 131 46.12 -46.70 3.69
C LEU E 131 44.84 -46.91 4.43
N ARG E 132 43.68 -46.74 3.76
CA ARG E 132 42.41 -47.08 4.32
C ARG E 132 41.87 -48.23 3.52
N PHE E 133 41.35 -49.28 4.19
CA PHE E 133 40.67 -50.40 3.55
C PHE E 133 39.23 -50.21 3.92
N GLY E 134 38.31 -50.54 2.99
CA GLY E 134 36.89 -50.22 3.11
C GLY E 134 36.21 -50.94 4.22
N ASP E 135 36.67 -52.16 4.53
CA ASP E 135 36.20 -52.91 5.64
C ASP E 135 37.33 -53.86 5.83
N PHE E 136 37.33 -54.63 6.95
CA PHE E 136 38.46 -55.44 7.28
C PHE E 136 38.78 -56.38 6.20
N GLU E 137 37.74 -57.00 5.63
CA GLU E 137 37.80 -58.06 4.70
C GLU E 137 38.61 -57.80 3.48
N ASP E 138 38.65 -56.52 3.09
CA ASP E 138 39.51 -55.97 2.09
C ASP E 138 40.97 -56.05 2.45
N VAL E 139 41.31 -55.91 3.76
CA VAL E 139 42.66 -55.91 4.26
C VAL E 139 43.14 -57.31 4.24
N ILE E 140 42.30 -58.28 4.68
CA ILE E 140 42.56 -59.69 4.63
C ILE E 140 42.92 -60.11 3.27
N SER E 141 42.08 -59.73 2.25
CA SER E 141 42.31 -60.11 0.88
C SER E 141 43.69 -59.73 0.46
N LEU E 142 44.03 -58.44 0.66
CA LEU E 142 45.33 -57.83 0.56
C LEU E 142 46.50 -58.40 1.34
N SER E 143 46.27 -58.78 2.62
CA SER E 143 47.30 -59.19 3.55
C SER E 143 47.96 -60.42 3.03
N LYS E 144 47.10 -61.30 2.45
CA LYS E 144 47.43 -62.55 1.85
C LYS E 144 48.26 -62.46 0.57
N LEU E 145 48.96 -61.33 0.31
CA LEU E 145 49.86 -61.21 -0.81
C LEU E 145 50.74 -60.00 -0.62
N ASN E 146 50.57 -59.25 0.50
CA ASN E 146 51.49 -58.20 0.89
C ASN E 146 51.51 -58.18 2.38
N VAL E 147 52.71 -58.27 2.97
CA VAL E 147 52.87 -58.14 4.40
C VAL E 147 54.10 -57.33 4.67
N ASN E 148 55.06 -57.39 3.71
CA ASN E 148 56.19 -56.52 3.59
C ASN E 148 57.22 -56.69 4.69
N GLY E 149 58.37 -55.98 4.53
CA GLY E 149 59.45 -55.90 5.49
C GLY E 149 59.32 -54.55 6.15
N SER E 150 58.04 -54.15 6.26
CA SER E 150 57.52 -52.87 6.60
C SER E 150 56.69 -53.20 7.76
N LYS E 151 57.11 -52.76 8.97
CA LYS E 151 56.28 -52.93 10.14
C LYS E 151 55.08 -52.05 9.90
N THR E 152 53.93 -52.54 10.37
CA THR E 152 52.69 -52.05 9.86
C THR E 152 51.69 -52.31 10.93
N THR E 153 50.71 -51.39 11.09
CA THR E 153 49.82 -51.41 12.22
C THR E 153 48.46 -51.10 11.67
N LEU E 154 47.43 -51.81 12.15
CA LEU E 154 46.11 -51.81 11.61
C LEU E 154 45.12 -51.44 12.65
N TYR E 155 44.36 -50.37 12.37
CA TYR E 155 43.39 -49.78 13.24
C TYR E 155 42.05 -50.11 12.67
N SER E 156 40.99 -49.98 13.50
CA SER E 156 39.61 -50.05 13.09
C SER E 156 39.05 -48.75 13.55
N PHE E 157 38.35 -48.02 12.67
CA PHE E 157 37.81 -46.72 13.00
C PHE E 157 36.80 -46.45 11.94
N GLU E 158 35.57 -46.10 12.38
CA GLU E 158 34.38 -45.85 11.59
C GLU E 158 33.88 -47.15 10.99
N ASN E 159 34.30 -48.31 11.59
CA ASN E 159 33.99 -49.68 11.25
C ASN E 159 34.82 -50.15 10.08
N ARG E 160 35.52 -49.21 9.39
CA ARG E 160 36.44 -49.46 8.30
C ARG E 160 37.78 -49.74 8.92
N TYR E 161 38.65 -50.58 8.30
CA TYR E 161 39.94 -50.88 8.86
C TYR E 161 41.00 -50.11 8.13
N TYR E 162 41.79 -49.31 8.85
CA TYR E 162 42.88 -48.51 8.33
C TYR E 162 44.13 -49.33 8.49
N LEU E 163 45.11 -49.22 7.58
CA LEU E 163 46.35 -49.93 7.69
C LEU E 163 47.42 -48.91 7.48
N TYR E 164 48.35 -48.82 8.44
CA TYR E 164 49.41 -47.86 8.45
C TYR E 164 50.63 -48.67 8.19
N VAL E 165 51.22 -48.51 7.00
CA VAL E 165 52.37 -49.26 6.62
C VAL E 165 53.52 -48.33 6.85
N ASP E 166 54.65 -48.85 7.35
CA ASP E 166 55.75 -48.03 7.77
C ASP E 166 56.88 -48.83 7.26
N PHE E 167 57.44 -48.34 6.15
CA PHE E 167 58.48 -48.98 5.42
C PHE E 167 59.76 -48.64 6.09
N CYS E 168 60.44 -49.72 6.51
CA CYS E 168 61.72 -49.68 7.16
C CYS E 168 62.58 -50.55 6.33
N ASN E 169 63.63 -49.92 5.73
CA ASN E 169 64.66 -50.51 4.93
C ASN E 169 64.12 -50.69 3.53
N MET E 170 63.57 -49.58 2.97
CA MET E 170 63.12 -49.50 1.60
C MET E 170 63.58 -48.18 1.06
N THR E 171 63.53 -48.03 -0.30
CA THR E 171 63.82 -46.82 -1.03
C THR E 171 62.50 -46.29 -1.53
N ASP E 172 62.42 -44.99 -1.88
CA ASP E 172 61.18 -44.36 -2.29
C ASP E 172 60.41 -44.98 -3.44
N GLU E 173 61.06 -45.31 -4.60
CA GLU E 173 60.47 -46.06 -5.71
C GLU E 173 59.97 -47.41 -5.29
N GLU E 174 60.72 -48.08 -4.39
CA GLU E 174 60.50 -49.41 -3.87
C GLU E 174 59.25 -49.38 -3.02
N VAL E 175 58.95 -48.21 -2.42
CA VAL E 175 57.79 -48.04 -1.59
C VAL E 175 56.65 -47.76 -2.53
N GLU E 176 56.73 -46.84 -3.52
CA GLU E 176 55.70 -46.64 -4.54
C GLU E 176 55.26 -47.89 -5.25
N ASN E 177 56.25 -48.77 -5.55
CA ASN E 177 56.17 -50.11 -6.09
C ASN E 177 55.25 -50.90 -5.22
N GLN E 178 55.73 -51.37 -4.04
CA GLN E 178 54.99 -52.11 -3.03
C GLN E 178 53.61 -51.57 -2.81
N LEU E 179 53.54 -50.24 -2.59
CA LEU E 179 52.37 -49.47 -2.30
C LEU E 179 51.31 -49.58 -3.36
N SER E 180 51.67 -49.76 -4.66
CA SER E 180 50.78 -50.15 -5.72
C SER E 180 49.97 -51.37 -5.36
N ILE E 181 50.69 -52.49 -5.10
CA ILE E 181 50.17 -53.77 -4.68
C ILE E 181 49.18 -53.66 -3.54
N LEU E 182 49.58 -53.02 -2.40
CA LEU E 182 48.74 -52.77 -1.24
C LEU E 182 47.38 -52.20 -1.61
N LEU E 183 47.47 -51.19 -2.48
CA LEU E 183 46.43 -50.38 -3.03
C LEU E 183 45.71 -51.02 -4.18
N GLU E 184 46.00 -52.32 -4.45
CA GLU E 184 45.17 -53.10 -5.31
C GLU E 184 43.89 -53.41 -4.58
N TYR E 185 43.92 -53.49 -3.21
CA TYR E 185 42.71 -53.66 -2.44
C TYR E 185 42.36 -52.39 -1.65
N ALA E 186 43.33 -51.45 -1.48
CA ALA E 186 43.13 -50.22 -0.72
C ALA E 186 43.24 -48.97 -1.56
N THR E 187 43.05 -47.80 -0.89
CA THR E 187 43.29 -46.46 -1.36
C THR E 187 44.13 -45.75 -0.31
N GLU E 188 44.72 -44.57 -0.65
CA GLU E 188 45.62 -43.82 0.21
C GLU E 188 44.88 -42.71 0.89
N SER E 189 44.73 -42.83 2.24
CA SER E 189 44.02 -41.88 3.09
C SER E 189 44.79 -40.58 3.20
N SER E 190 44.04 -39.47 3.42
CA SER E 190 44.60 -38.14 3.57
C SER E 190 44.74 -37.83 5.04
N ILE E 191 44.44 -38.84 5.90
CA ILE E 191 44.38 -38.67 7.33
C ILE E 191 45.78 -38.76 7.83
N SER E 192 46.20 -37.72 8.58
CA SER E 192 47.51 -37.61 9.17
C SER E 192 47.77 -38.75 10.09
N ILE E 193 48.99 -39.30 10.04
CA ILE E 193 49.41 -40.39 10.87
C ILE E 193 49.39 -40.04 12.35
N HIS E 194 49.58 -38.76 12.77
CA HIS E 194 49.61 -38.42 14.19
C HIS E 194 48.21 -38.36 14.77
N ARG E 195 47.18 -38.19 13.93
CA ARG E 195 45.79 -38.37 14.31
C ARG E 195 45.52 -39.79 14.76
N LEU E 196 45.99 -40.79 13.98
CA LEU E 196 45.92 -42.20 14.32
C LEU E 196 46.63 -42.48 15.61
N GLU E 197 47.94 -42.14 15.69
CA GLU E 197 48.82 -42.29 16.83
C GLU E 197 48.25 -41.80 18.14
N GLU E 198 47.46 -40.68 18.11
CA GLU E 198 46.72 -40.25 19.28
C GLU E 198 45.38 -41.00 19.33
N TYR E 199 44.33 -40.51 18.63
CA TYR E 199 42.93 -40.92 18.75
C TYR E 199 42.49 -42.20 18.02
N GLY E 200 43.39 -43.11 17.60
CA GLY E 200 43.06 -44.34 16.87
C GLY E 200 42.49 -45.46 17.72
N LYS E 201 42.20 -46.64 17.08
CA LYS E 201 41.83 -47.86 17.77
C LYS E 201 42.50 -49.01 17.07
N LEU E 202 43.52 -49.56 17.73
CA LEU E 202 44.36 -50.68 17.35
C LEU E 202 43.62 -51.99 17.23
N ILE E 203 44.04 -52.86 16.27
CA ILE E 203 43.52 -54.21 16.24
C ILE E 203 44.73 -55.11 16.24
N ILE E 204 45.74 -54.87 15.39
CA ILE E 204 46.96 -55.64 15.37
C ILE E 204 48.07 -54.73 14.98
N SER E 205 49.18 -54.77 15.75
CA SER E 205 50.29 -53.88 15.55
C SER E 205 51.48 -54.67 15.10
N GLU E 206 52.49 -53.92 14.57
CA GLU E 206 53.87 -54.28 14.32
C GLU E 206 54.02 -55.01 13.04
N HIS E 207 53.21 -56.05 12.85
CA HIS E 207 53.26 -56.86 11.70
C HIS E 207 51.84 -57.12 11.46
N ALA E 208 51.07 -56.03 11.25
CA ALA E 208 49.64 -55.99 11.15
C ALA E 208 49.12 -56.78 10.01
N LEU E 209 49.73 -56.65 8.81
CA LEU E 209 49.35 -57.41 7.64
C LEU E 209 49.58 -58.87 7.93
N GLU E 210 50.83 -59.26 8.34
CA GLU E 210 51.21 -60.59 8.75
C GLU E 210 50.21 -61.27 9.70
N THR E 211 49.79 -60.52 10.75
CA THR E 211 48.84 -60.92 11.76
C THR E 211 47.47 -61.10 11.22
N ILE E 212 47.03 -60.26 10.26
CA ILE E 212 45.69 -60.28 9.69
C ILE E 212 45.54 -61.55 8.93
N LYS E 213 46.61 -62.07 8.28
CA LYS E 213 46.60 -63.37 7.65
C LYS E 213 46.36 -64.50 8.61
N LYS E 214 46.99 -64.45 9.82
CA LYS E 214 46.78 -65.40 10.90
C LYS E 214 45.32 -65.47 11.26
N HIS E 215 44.85 -64.31 11.73
CA HIS E 215 43.62 -63.97 12.32
C HIS E 215 42.52 -63.79 11.34
N PHE E 216 42.76 -64.19 10.06
CA PHE E 216 41.85 -64.08 8.96
C PHE E 216 42.51 -64.53 7.70
N ALA E 217 41.95 -65.60 7.14
CA ALA E 217 42.31 -66.08 5.85
C ALA E 217 41.33 -67.20 5.67
N SER E 218 41.19 -68.02 6.74
CA SER E 218 40.28 -69.13 6.79
C SER E 218 38.95 -68.59 7.33
N GLN F 125 61.64 -6.38 37.13
CA GLN F 125 60.27 -6.60 37.66
C GLN F 125 60.05 -5.71 38.85
N LYS F 126 58.77 -5.58 39.26
CA LYS F 126 58.36 -4.76 40.36
C LYS F 126 58.46 -5.61 41.58
N LEU F 127 58.53 -4.95 42.75
CA LEU F 127 58.77 -5.58 44.02
C LEU F 127 57.60 -5.27 44.87
N GLN F 128 56.43 -5.04 44.27
CA GLN F 128 55.22 -4.85 45.01
C GLN F 128 54.10 -5.32 44.15
N PHE F 129 53.19 -6.17 44.69
CA PHE F 129 52.14 -6.79 43.90
C PHE F 129 50.91 -6.62 44.73
N VAL F 130 49.75 -6.67 44.04
CA VAL F 130 48.46 -6.40 44.61
C VAL F 130 47.70 -7.64 44.27
N LEU F 131 47.24 -8.35 45.32
CA LEU F 131 46.67 -9.67 45.23
C LEU F 131 45.26 -9.58 45.74
N ARG F 132 44.34 -10.40 45.18
CA ARG F 132 42.98 -10.47 45.64
C ARG F 132 42.80 -11.85 46.25
N PHE F 133 42.18 -11.89 47.45
CA PHE F 133 41.75 -13.06 48.17
C PHE F 133 40.26 -13.01 48.09
N GLY F 134 39.59 -14.18 48.00
CA GLY F 134 38.15 -14.26 47.88
C GLY F 134 37.57 -14.02 49.24
N ASP F 135 36.98 -15.06 49.87
CA ASP F 135 36.56 -15.02 51.24
C ASP F 135 37.78 -14.87 52.10
N PHE F 136 37.55 -14.76 53.40
CA PHE F 136 38.53 -14.73 54.42
C PHE F 136 39.39 -15.94 54.36
N GLU F 137 38.83 -17.14 54.05
CA GLU F 137 39.62 -18.36 54.11
C GLU F 137 40.86 -18.38 53.31
N ASP F 138 40.85 -17.64 52.19
CA ASP F 138 41.96 -17.36 51.33
C ASP F 138 43.05 -16.58 51.97
N VAL F 139 42.67 -15.67 52.91
CA VAL F 139 43.59 -14.74 53.49
C VAL F 139 44.46 -15.44 54.46
N ILE F 140 43.79 -16.24 55.30
CA ILE F 140 44.29 -17.20 56.20
C ILE F 140 45.21 -18.14 55.53
N SER F 141 44.77 -18.75 54.41
CA SER F 141 45.56 -19.71 53.69
C SER F 141 46.92 -19.20 53.31
N LEU F 142 47.02 -18.02 52.63
CA LEU F 142 48.28 -17.35 52.41
C LEU F 142 49.09 -17.08 53.64
N SER F 143 48.44 -16.62 54.75
CA SER F 143 49.15 -16.31 55.97
C SER F 143 49.80 -17.53 56.53
N LYS F 144 49.05 -18.68 56.45
CA LYS F 144 49.45 -20.00 56.86
C LYS F 144 50.57 -20.62 56.04
N LEU F 145 51.39 -19.84 55.28
CA LEU F 145 52.47 -20.45 54.55
C LEU F 145 53.57 -19.46 54.24
N ASN F 146 53.27 -18.17 53.96
CA ASN F 146 54.34 -17.23 53.73
C ASN F 146 53.88 -15.79 53.78
N VAL F 147 54.90 -14.88 53.61
CA VAL F 147 54.89 -13.44 53.54
C VAL F 147 55.38 -12.94 54.86
N ASN F 148 56.71 -12.77 54.95
CA ASN F 148 57.40 -12.13 56.04
C ASN F 148 58.59 -11.48 55.40
N GLY F 149 59.01 -10.31 55.94
CA GLY F 149 60.11 -9.50 55.44
C GLY F 149 59.65 -8.69 54.26
N SER F 150 58.36 -8.87 53.92
CA SER F 150 57.63 -8.35 52.83
C SER F 150 56.54 -7.71 53.59
N LYS F 151 56.52 -6.36 53.64
CA LYS F 151 55.46 -5.65 54.28
C LYS F 151 54.22 -5.89 53.47
N THR F 152 53.05 -5.99 54.13
CA THR F 152 51.89 -6.50 53.48
C THR F 152 50.69 -5.98 54.22
N THR F 153 49.59 -5.65 53.49
CA THR F 153 48.45 -4.97 54.08
C THR F 153 47.22 -5.60 53.50
N LEU F 154 46.17 -5.81 54.35
CA LEU F 154 45.01 -6.58 54.00
C LEU F 154 43.84 -5.69 54.16
N TYR F 155 43.09 -5.51 53.07
CA TYR F 155 41.94 -4.70 52.96
C TYR F 155 40.80 -5.66 52.84
N SER F 156 39.57 -5.18 53.09
CA SER F 156 38.35 -5.86 52.74
C SER F 156 37.70 -4.82 51.90
N PHE F 157 37.24 -5.19 50.68
CA PHE F 157 36.70 -4.23 49.75
C PHE F 157 35.99 -5.11 48.77
N GLU F 158 34.70 -4.81 48.49
CA GLU F 158 33.80 -5.61 47.66
C GLU F 158 33.53 -6.97 48.28
N ASN F 159 33.56 -7.05 49.64
CA ASN F 159 33.28 -8.21 50.48
C ASN F 159 34.49 -9.13 50.59
N ARG F 160 35.29 -9.19 49.49
CA ARG F 160 36.48 -9.95 49.29
C ARG F 160 37.66 -9.21 49.86
N TYR F 161 38.72 -9.93 50.29
CA TYR F 161 39.84 -9.33 50.98
C TYR F 161 40.97 -9.15 50.02
N TYR F 162 41.52 -7.92 49.86
CA TYR F 162 42.68 -7.70 49.03
C TYR F 162 43.87 -7.77 49.92
N LEU F 163 45.01 -8.22 49.37
CA LEU F 163 46.24 -8.28 50.11
C LEU F 163 47.23 -7.65 49.22
N TYR F 164 47.94 -6.64 49.74
CA TYR F 164 48.87 -5.86 49.00
C TYR F 164 50.18 -6.29 49.58
N VAL F 165 50.96 -7.03 48.78
CA VAL F 165 52.21 -7.56 49.23
C VAL F 165 53.22 -6.60 48.67
N ASP F 166 54.26 -6.31 49.44
CA ASP F 166 55.20 -5.30 49.13
C ASP F 166 56.42 -6.00 49.55
N PHE F 167 57.17 -6.46 48.55
CA PHE F 167 58.36 -7.24 48.75
C PHE F 167 59.40 -6.21 48.99
N CYS F 168 60.02 -6.32 50.17
CA CYS F 168 61.02 -5.40 50.63
C CYS F 168 62.23 -6.23 50.87
N ASN F 169 63.30 -5.97 50.09
CA ASN F 169 64.59 -6.62 50.18
C ASN F 169 64.48 -8.00 49.55
N MET F 170 63.95 -8.04 48.30
CA MET F 170 63.92 -9.23 47.49
C MET F 170 64.32 -8.79 46.10
N THR F 171 64.81 -9.76 45.28
CA THR F 171 65.16 -9.57 43.89
C THR F 171 63.99 -10.00 43.05
N ASP F 172 64.00 -9.66 41.74
CA ASP F 172 62.93 -9.99 40.81
C ASP F 172 62.60 -11.46 40.73
N GLU F 173 63.61 -12.35 40.59
CA GLU F 173 63.45 -13.79 40.62
C GLU F 173 62.83 -14.30 41.89
N GLU F 174 63.22 -13.70 43.05
CA GLU F 174 62.78 -14.02 44.39
C GLU F 174 61.33 -13.66 44.55
N VAL F 175 60.87 -12.66 43.77
CA VAL F 175 59.51 -12.17 43.85
C VAL F 175 58.72 -13.11 42.98
N GLU F 176 59.13 -13.44 41.73
CA GLU F 176 58.48 -14.47 40.93
C GLU F 176 58.30 -15.81 41.63
N ASN F 177 59.33 -16.27 42.39
CA ASN F 177 59.35 -17.41 43.31
C ASN F 177 58.22 -17.29 44.26
N GLN F 178 58.39 -16.44 45.31
CA GLN F 178 57.44 -16.13 46.36
C GLN F 178 56.04 -15.99 45.85
N LEU F 179 55.85 -15.16 44.79
CA LEU F 179 54.62 -14.83 44.13
C LEU F 179 53.91 -16.04 43.59
N SER F 180 54.62 -17.10 43.14
CA SER F 180 54.07 -18.40 42.86
C SER F 180 53.25 -18.92 44.02
N ILE F 181 53.94 -19.09 45.17
CA ILE F 181 53.43 -19.48 46.46
C ILE F 181 52.21 -18.69 46.86
N LEU F 182 52.32 -17.32 46.89
CA LEU F 182 51.25 -16.40 47.24
C LEU F 182 49.95 -16.70 46.56
N LEU F 183 50.07 -16.89 45.23
CA LEU F 183 48.99 -17.07 44.31
C LEU F 183 48.52 -18.48 44.27
N GLU F 184 49.07 -19.37 45.14
CA GLU F 184 48.43 -20.62 45.39
C GLU F 184 47.21 -20.40 46.26
N TYR F 185 47.27 -19.35 47.10
CA TYR F 185 46.24 -19.02 48.06
C TYR F 185 45.48 -17.80 47.66
N ALA F 186 46.08 -17.02 46.73
CA ALA F 186 45.52 -15.79 46.21
C ALA F 186 45.40 -15.93 44.72
N THR F 187 44.99 -14.82 44.07
CA THR F 187 45.07 -14.58 42.65
C THR F 187 45.71 -13.21 42.56
N GLU F 188 46.19 -12.81 41.34
CA GLU F 188 46.95 -11.60 41.16
C GLU F 188 46.03 -10.55 40.61
N SER F 189 45.72 -9.49 41.40
CA SER F 189 44.78 -8.49 41.01
C SER F 189 45.44 -7.44 40.16
N SER F 190 44.65 -6.87 39.22
CA SER F 190 45.12 -5.91 38.25
C SER F 190 44.84 -4.51 38.73
N ILE F 191 44.41 -4.38 40.00
CA ILE F 191 43.93 -3.13 40.54
C ILE F 191 45.15 -2.30 40.85
N SER F 192 45.18 -1.07 40.27
CA SER F 192 46.23 -0.10 40.44
C SER F 192 46.33 0.26 41.90
N ILE F 193 47.56 0.17 42.42
CA ILE F 193 47.85 0.28 43.82
C ILE F 193 47.48 1.61 44.47
N HIS F 194 47.49 2.78 43.76
CA HIS F 194 47.16 4.03 44.42
C HIS F 194 45.68 4.20 44.63
N ARG F 195 44.87 3.45 43.87
CA ARG F 195 43.46 3.29 44.06
C ARG F 195 43.15 2.67 45.39
N LEU F 196 43.87 1.58 45.76
CA LEU F 196 43.80 0.95 47.08
C LEU F 196 44.17 1.94 48.15
N GLU F 197 45.37 2.55 48.07
CA GLU F 197 45.94 3.51 48.99
C GLU F 197 44.99 4.64 49.36
N GLU F 198 44.20 5.11 48.37
CA GLU F 198 43.16 6.09 48.54
C GLU F 198 41.86 5.44 48.97
N TYR F 199 41.06 4.93 48.00
CA TYR F 199 39.68 4.52 48.14
C TYR F 199 39.47 3.12 48.75
N GLY F 200 40.46 2.51 49.45
CA GLY F 200 40.42 1.17 50.05
C GLY F 200 39.67 1.04 51.36
N LYS F 201 39.88 -0.10 52.08
CA LYS F 201 39.36 -0.32 53.42
C LYS F 201 40.19 -1.39 54.08
N LEU F 202 41.19 -0.93 54.86
CA LEU F 202 42.18 -1.63 55.64
C LEU F 202 41.63 -2.47 56.76
N ILE F 203 42.28 -3.62 57.07
CA ILE F 203 41.86 -4.48 58.14
C ILE F 203 43.08 -4.67 59.03
N ILE F 204 44.27 -4.98 58.48
CA ILE F 204 45.52 -5.01 59.21
C ILE F 204 46.61 -4.60 58.28
N SER F 205 47.49 -3.69 58.72
CA SER F 205 48.55 -3.13 57.91
C SER F 205 49.87 -3.72 58.33
N GLU F 206 50.88 -3.54 57.43
CA GLU F 206 52.32 -3.64 57.63
C GLU F 206 52.79 -5.06 57.59
N HIS F 207 52.12 -5.94 58.31
CA HIS F 207 52.49 -7.30 58.39
C HIS F 207 51.17 -7.96 58.54
N ALA F 208 50.30 -7.73 57.53
CA ALA F 208 48.93 -8.13 57.49
C ALA F 208 48.74 -9.60 57.55
N LEU F 209 49.52 -10.36 56.75
CA LEU F 209 49.48 -11.80 56.76
C LEU F 209 49.93 -12.26 58.11
N GLU F 210 51.10 -11.84 58.60
CA GLU F 210 51.61 -12.10 59.92
C GLU F 210 50.59 -11.92 61.07
N THR F 211 49.85 -10.79 61.05
CA THR F 211 48.78 -10.43 61.97
C THR F 211 47.60 -11.33 61.81
N ILE F 212 47.26 -11.74 60.56
CA ILE F 212 46.17 -12.62 60.21
C ILE F 212 46.46 -13.97 60.78
N LYS F 213 47.72 -14.42 60.89
CA LYS F 213 48.02 -15.69 61.51
C LYS F 213 47.60 -15.67 62.97
N LYS F 214 47.85 -14.56 63.70
CA LYS F 214 47.36 -14.38 65.05
C LYS F 214 45.84 -14.45 65.20
N HIS F 215 45.13 -13.44 64.65
CA HIS F 215 43.71 -13.23 64.70
C HIS F 215 42.86 -13.99 63.72
N PHE F 216 43.41 -14.96 62.96
CA PHE F 216 42.67 -15.49 61.84
C PHE F 216 43.26 -16.76 61.31
N ALA F 217 44.37 -17.31 61.85
CA ALA F 217 44.80 -18.66 61.49
C ALA F 217 43.74 -19.62 61.93
N SER F 218 43.23 -19.32 63.15
CA SER F 218 42.13 -19.96 63.78
C SER F 218 40.84 -19.50 63.08
N PHE G 3 27.13 19.32 45.20
CA PHE G 3 26.05 18.37 45.57
C PHE G 3 26.23 18.09 47.04
N GLY G 4 26.76 16.90 47.35
CA GLY G 4 27.00 16.46 48.69
C GLY G 4 27.68 15.14 48.56
N ARG G 5 27.68 14.60 47.32
CA ARG G 5 28.28 13.36 46.98
C ARG G 5 29.69 13.67 46.62
N PHE G 6 30.59 13.64 47.62
CA PHE G 6 31.96 14.06 47.47
C PHE G 6 32.76 13.15 48.34
N THR G 7 34.04 12.91 47.94
CA THR G 7 35.03 12.22 48.74
C THR G 7 35.71 13.33 49.49
N GLU G 8 36.37 12.96 50.60
CA GLU G 8 37.21 13.76 51.44
C GLU G 8 38.25 14.57 50.69
N ARG G 9 39.18 13.93 49.95
CA ARG G 9 40.32 14.55 49.31
C ARG G 9 40.06 15.86 48.58
N ALA G 10 38.96 15.89 47.79
CA ALA G 10 38.39 17.05 47.13
C ALA G 10 38.08 18.11 48.16
N GLN G 11 37.04 17.84 48.99
CA GLN G 11 36.56 18.68 50.06
C GLN G 11 37.68 19.25 50.91
N LYS G 12 38.74 18.44 51.22
CA LYS G 12 39.89 18.83 52.00
C LYS G 12 40.76 19.87 51.35
N VAL G 13 41.15 19.69 50.06
CA VAL G 13 41.90 20.67 49.30
C VAL G 13 41.17 21.99 49.20
N LEU G 14 39.82 21.91 49.12
CA LEU G 14 38.92 23.04 49.02
C LEU G 14 38.92 23.80 50.32
N ALA G 15 38.70 23.11 51.46
CA ALA G 15 38.67 23.63 52.81
C ALA G 15 39.97 24.30 53.23
N LEU G 16 41.08 23.81 52.69
CA LEU G 16 42.42 24.32 52.87
C LEU G 16 42.50 25.69 52.26
N ALA G 17 41.69 25.95 51.22
CA ALA G 17 41.53 27.28 50.70
C ALA G 17 41.09 28.27 51.75
N GLN G 18 40.04 27.94 52.52
CA GLN G 18 39.53 28.74 53.62
C GLN G 18 40.61 28.98 54.65
N GLU G 19 41.42 27.95 55.00
CA GLU G 19 42.60 28.11 55.85
C GLU G 19 43.49 29.23 55.39
N GLU G 20 43.76 29.31 54.07
CA GLU G 20 44.56 30.34 53.48
C GLU G 20 43.83 31.63 53.46
N ALA G 21 42.47 31.61 53.38
CA ALA G 21 41.61 32.77 53.44
C ALA G 21 42.02 33.65 54.52
N LEU G 22 42.08 33.12 55.76
CA LEU G 22 42.48 34.02 56.80
C LEU G 22 43.98 34.09 56.94
N ARG G 23 44.71 32.96 56.85
CA ARG G 23 46.16 32.92 56.96
C ARG G 23 46.98 33.77 56.03
N LEU G 24 46.40 34.18 54.89
CA LEU G 24 47.03 35.07 53.96
C LEU G 24 46.16 36.24 53.84
N GLY G 25 44.95 36.17 54.37
CA GLY G 25 44.08 37.28 54.40
C GLY G 25 43.51 37.57 53.04
N HIS G 26 42.41 36.89 52.71
CA HIS G 26 41.74 37.01 51.47
C HIS G 26 40.32 37.01 51.88
N ASN G 27 39.69 38.18 51.69
CA ASN G 27 38.37 38.56 52.12
C ASN G 27 37.34 37.65 51.52
N ASN G 28 37.55 37.32 50.24
CA ASN G 28 36.89 36.20 49.65
C ASN G 28 38.12 35.49 49.25
N ILE G 29 38.14 34.19 49.57
CA ILE G 29 39.26 33.35 49.46
C ILE G 29 39.32 32.86 48.08
N GLY G 30 40.36 33.32 47.39
CA GLY G 30 40.50 33.10 45.99
C GLY G 30 40.81 31.68 45.71
N THR G 31 40.89 31.37 44.41
CA THR G 31 41.23 30.07 43.88
C THR G 31 42.64 29.69 44.25
N GLU G 32 43.51 30.70 44.51
CA GLU G 32 44.92 30.62 44.81
C GLU G 32 45.13 29.85 46.07
N HIS G 33 44.09 29.85 46.91
CA HIS G 33 44.07 29.22 48.19
C HIS G 33 43.65 27.78 48.04
N ILE G 34 42.75 27.45 47.09
CA ILE G 34 42.39 26.07 46.75
C ILE G 34 43.60 25.33 46.25
N LEU G 35 44.44 26.02 45.44
CA LEU G 35 45.66 25.54 44.86
C LEU G 35 46.68 25.21 45.91
N LEU G 36 46.87 26.13 46.87
CA LEU G 36 47.68 25.96 48.06
C LEU G 36 47.18 24.78 48.84
N GLY G 37 45.84 24.65 48.89
CA GLY G 37 45.14 23.55 49.48
C GLY G 37 45.53 22.24 48.88
N LEU G 38 45.73 22.18 47.53
CA LEU G 38 46.03 20.96 46.87
C LEU G 38 47.38 20.47 47.27
N VAL G 39 48.42 21.32 47.14
CA VAL G 39 49.80 20.94 47.34
C VAL G 39 50.22 20.73 48.79
N ARG G 40 49.40 21.20 49.75
CA ARG G 40 49.69 21.13 51.17
C ARG G 40 48.93 19.97 51.75
N GLU G 41 48.05 19.40 50.93
CA GLU G 41 47.36 18.17 51.18
C GLU G 41 48.20 17.05 50.63
N GLY G 42 49.38 17.39 50.05
CA GLY G 42 50.51 16.50 49.96
C GLY G 42 50.44 15.52 48.84
N GLU G 43 49.65 14.43 49.01
CA GLU G 43 49.69 13.33 48.09
C GLU G 43 48.33 12.83 47.69
N GLY G 44 47.30 13.72 47.75
CA GLY G 44 46.04 13.47 47.07
C GLY G 44 46.36 13.67 45.62
N ILE G 45 45.58 13.15 44.65
CA ILE G 45 46.01 13.16 43.27
C ILE G 45 46.28 14.54 42.70
N ALA G 46 45.52 15.58 43.10
CA ALA G 46 45.80 16.96 42.78
C ALA G 46 47.11 17.38 43.34
N ALA G 47 47.31 17.13 44.65
CA ALA G 47 48.52 17.48 45.33
C ALA G 47 49.74 16.88 44.73
N LYS G 48 49.63 15.57 44.46
CA LYS G 48 50.58 14.63 43.95
C LYS G 48 51.03 15.04 42.61
N ALA G 49 50.05 15.40 41.76
CA ALA G 49 50.26 15.92 40.44
C ALA G 49 51.17 17.08 40.44
N LEU G 50 50.86 18.12 41.24
CA LEU G 50 51.66 19.31 41.37
C LEU G 50 53.08 19.01 41.74
N GLN G 51 53.32 18.03 42.64
CA GLN G 51 54.65 17.61 43.01
C GLN G 51 55.44 17.01 41.88
N ALA G 52 54.76 16.56 40.81
CA ALA G 52 55.36 15.96 39.65
C ALA G 52 55.84 17.08 38.78
N LEU G 53 54.96 18.08 38.49
CA LEU G 53 55.25 19.24 37.67
C LEU G 53 56.35 20.09 38.25
N GLY G 54 56.71 19.86 39.53
CA GLY G 54 57.77 20.55 40.22
C GLY G 54 57.18 21.55 41.15
N LEU G 55 55.84 21.75 41.06
CA LEU G 55 55.07 22.69 41.83
C LEU G 55 54.88 22.16 43.20
N GLY G 56 55.90 22.39 44.06
CA GLY G 56 55.81 22.09 45.46
C GLY G 56 55.07 23.24 46.06
N SER G 57 54.85 23.16 47.38
CA SER G 57 54.28 24.21 48.20
C SER G 57 55.06 25.49 48.06
N GLU G 58 56.41 25.36 47.92
CA GLU G 58 57.37 26.42 47.76
C GLU G 58 57.05 27.31 46.59
N LYS G 59 56.94 26.76 45.36
CA LYS G 59 56.64 27.51 44.16
C LYS G 59 55.31 28.18 44.23
N ILE G 60 54.28 27.51 44.78
CA ILE G 60 52.94 28.02 44.77
C ILE G 60 52.84 29.20 45.69
N GLN G 61 53.11 29.04 47.00
CA GLN G 61 53.00 30.09 48.00
C GLN G 61 53.81 31.33 47.73
N LYS G 62 54.97 31.25 47.01
CA LYS G 62 55.74 32.43 46.70
C LYS G 62 55.01 33.34 45.73
N GLU G 63 54.39 32.76 44.68
CA GLU G 63 53.51 33.45 43.76
C GLU G 63 52.29 34.00 44.44
N VAL G 64 51.62 33.17 45.25
CA VAL G 64 50.39 33.47 45.96
C VAL G 64 50.57 34.67 46.87
N GLU G 65 51.60 34.64 47.75
CA GLU G 65 51.90 35.71 48.68
C GLU G 65 52.16 37.04 47.97
N SER G 66 52.65 36.98 46.70
CA SER G 66 52.84 38.15 45.86
C SER G 66 51.59 38.62 45.16
N LEU G 67 50.40 38.01 45.42
CA LEU G 67 49.17 38.42 44.78
C LEU G 67 48.42 39.28 45.73
N ILE G 68 48.05 38.66 46.87
CA ILE G 68 47.34 39.24 47.94
C ILE G 68 48.29 38.94 49.06
N GLY G 69 48.20 37.74 49.68
CA GLY G 69 49.20 37.25 50.60
C GLY G 69 49.06 37.79 51.98
N ARG G 70 48.49 39.00 52.09
CA ARG G 70 48.21 39.73 53.28
C ARG G 70 46.99 40.50 52.86
N GLY G 71 46.06 40.89 53.77
CA GLY G 71 46.11 40.68 55.18
C GLY G 71 44.71 40.86 55.66
N GLN G 72 43.71 40.45 54.84
CA GLN G 72 42.32 40.41 55.18
C GLN G 72 42.08 39.17 56.01
N GLU G 73 42.68 39.12 57.23
CA GLU G 73 42.74 37.97 58.11
C GLU G 73 41.38 37.57 58.60
N MET G 74 40.44 38.53 58.65
CA MET G 74 39.05 38.31 58.95
C MET G 74 38.43 37.45 57.88
N SER G 75 38.93 37.63 56.65
CA SER G 75 38.63 36.99 55.41
C SER G 75 37.18 37.02 55.08
N GLN G 76 36.57 38.23 55.17
CA GLN G 76 35.21 38.67 54.90
C GLN G 76 34.17 37.63 54.67
N THR G 77 33.38 37.40 55.74
CA THR G 77 32.30 36.43 55.91
C THR G 77 32.69 35.07 55.40
N ILE G 78 33.99 34.73 55.58
CA ILE G 78 34.76 33.64 54.99
C ILE G 78 34.01 32.76 54.08
N HIS G 79 33.93 33.19 52.82
CA HIS G 79 33.46 32.31 51.82
C HIS G 79 34.46 32.53 50.76
N TYR G 80 34.26 31.81 49.67
CA TYR G 80 35.09 31.75 48.52
C TYR G 80 34.89 32.95 47.67
N THR G 81 35.73 33.06 46.62
CA THR G 81 35.50 33.91 45.49
C THR G 81 34.60 33.17 44.55
N PRO G 82 33.97 33.79 43.56
CA PRO G 82 33.16 33.09 42.57
C PRO G 82 34.01 32.16 41.75
N ARG G 83 35.30 32.50 41.53
CA ARG G 83 36.29 31.72 40.83
C ARG G 83 36.50 30.40 41.55
N ALA G 84 36.92 30.52 42.81
CA ALA G 84 37.11 29.44 43.73
C ALA G 84 35.88 28.57 43.91
N LYS G 85 34.66 29.17 43.93
CA LYS G 85 33.38 28.47 43.99
C LYS G 85 33.13 27.65 42.75
N LYS G 86 33.55 28.18 41.58
CA LYS G 86 33.43 27.56 40.29
C LYS G 86 34.20 26.30 40.28
N VAL G 87 35.45 26.30 40.82
CA VAL G 87 36.26 25.09 40.92
C VAL G 87 35.54 23.98 41.69
N ILE G 88 34.75 24.30 42.74
CA ILE G 88 34.05 23.29 43.51
C ILE G 88 32.91 22.68 42.71
N GLU G 89 32.07 23.54 42.11
CA GLU G 89 31.01 23.16 41.21
C GLU G 89 31.47 22.30 40.06
N LEU G 90 32.71 22.58 39.59
CA LEU G 90 33.23 22.02 38.39
C LEU G 90 33.70 20.65 38.62
N SER G 91 34.57 20.49 39.65
CA SER G 91 35.12 19.25 40.14
C SER G 91 34.15 18.16 40.41
N MET G 92 32.97 18.49 40.99
CA MET G 92 31.93 17.51 41.26
C MET G 92 31.54 16.75 40.03
N ASP G 93 31.43 17.50 38.94
CA ASP G 93 31.10 17.06 37.65
C ASP G 93 32.30 16.56 36.91
N GLU G 94 33.49 17.15 37.13
CA GLU G 94 34.76 16.71 36.61
C GLU G 94 35.16 15.41 37.24
N ALA G 95 34.30 14.82 38.10
CA ALA G 95 34.54 13.58 38.74
C ALA G 95 33.46 12.64 38.34
N ARG G 96 32.21 13.12 38.17
CA ARG G 96 31.15 12.46 37.43
C ARG G 96 31.58 12.02 36.05
N LYS G 97 32.33 12.93 35.38
CA LYS G 97 32.84 12.85 34.03
C LYS G 97 33.84 11.74 33.93
N LEU G 98 34.69 11.61 34.98
CA LEU G 98 35.72 10.62 35.03
C LEU G 98 35.26 9.47 35.88
N GLY G 99 33.93 9.33 36.05
CA GLY G 99 33.30 8.23 36.74
C GLY G 99 32.66 8.70 38.00
N HIS G 100 33.48 8.72 39.08
CA HIS G 100 33.23 9.09 40.46
C HIS G 100 31.99 9.88 40.76
N SER G 101 31.18 9.39 41.73
CA SER G 101 30.01 10.10 42.18
C SER G 101 30.43 10.82 43.44
N TYR G 102 31.68 10.57 43.89
CA TYR G 102 32.24 11.13 45.08
C TYR G 102 33.58 11.63 44.64
N VAL G 103 33.71 12.96 44.64
CA VAL G 103 34.77 13.77 44.11
C VAL G 103 36.09 13.60 44.83
N GLY G 104 37.17 13.29 44.08
CA GLY G 104 38.48 13.09 44.63
C GLY G 104 39.28 14.34 44.35
N THR G 105 40.54 14.37 44.87
CA THR G 105 41.45 15.49 44.86
C THR G 105 41.68 16.06 43.51
N GLU G 106 41.82 15.09 42.57
CA GLU G 106 42.29 15.19 41.22
C GLU G 106 41.43 16.15 40.54
N HIS G 107 40.11 15.92 40.60
CA HIS G 107 39.04 16.67 40.02
C HIS G 107 39.12 18.11 40.39
N ILE G 108 39.60 18.45 41.62
CA ILE G 108 39.79 19.82 41.99
C ILE G 108 40.92 20.48 41.23
N LEU G 109 42.11 19.84 41.08
CA LEU G 109 43.18 20.30 40.17
C LEU G 109 42.79 20.30 38.74
N LEU G 110 42.05 19.27 38.29
CA LEU G 110 41.58 19.13 36.95
C LEU G 110 40.67 20.28 36.67
N GLY G 111 39.73 20.53 37.61
CA GLY G 111 38.82 21.64 37.71
C GLY G 111 39.46 23.00 37.76
N LEU G 112 40.66 23.16 38.38
CA LEU G 112 41.41 24.39 38.40
C LEU G 112 41.77 24.80 37.01
N ILE G 113 42.38 23.87 36.24
CA ILE G 113 42.72 24.03 34.85
C ILE G 113 41.55 24.46 34.00
N ARG G 114 40.41 23.75 34.15
CA ARG G 114 39.11 24.01 33.56
C ARG G 114 38.70 25.45 33.81
N GLU G 115 38.87 25.89 35.07
CA GLU G 115 38.54 27.17 35.66
C GLU G 115 39.77 28.06 35.52
N GLY G 116 40.29 28.12 34.27
CA GLY G 116 41.62 28.57 33.94
C GLY G 116 41.89 30.05 34.00
N GLU G 117 40.87 30.92 34.15
CA GLU G 117 41.09 32.34 34.34
C GLU G 117 41.50 32.55 35.78
N GLY G 118 40.94 31.68 36.67
CA GLY G 118 41.08 31.58 38.10
C GLY G 118 42.43 31.88 38.67
N VAL G 119 42.44 32.18 39.99
CA VAL G 119 43.61 32.73 40.63
C VAL G 119 44.68 31.67 40.69
N ALA G 120 44.28 30.42 41.06
CA ALA G 120 45.07 29.21 41.04
C ALA G 120 45.74 28.98 39.73
N ALA G 121 44.92 28.77 38.68
CA ALA G 121 45.34 28.57 37.31
C ALA G 121 46.44 29.49 36.86
N ARG G 122 46.28 30.79 37.22
CA ARG G 122 47.18 31.86 36.87
C ARG G 122 48.46 31.80 37.68
N VAL G 123 48.40 31.40 38.98
CA VAL G 123 49.51 31.09 39.87
C VAL G 123 50.44 30.11 39.24
N LEU G 124 49.88 29.09 38.54
CA LEU G 124 50.64 27.95 38.06
C LEU G 124 51.23 28.30 36.75
N ASN G 125 50.45 29.00 35.90
CA ASN G 125 50.91 29.61 34.67
C ASN G 125 51.91 30.74 34.88
N ASN G 126 52.16 31.16 36.15
CA ASN G 126 53.15 32.16 36.47
C ASN G 126 54.36 31.39 36.88
N LEU G 127 54.17 30.24 37.55
CA LEU G 127 55.25 29.34 37.94
C LEU G 127 55.65 28.35 36.89
N GLY G 128 55.56 28.74 35.59
CA GLY G 128 56.20 28.04 34.50
C GLY G 128 55.55 26.76 34.08
N VAL G 129 54.40 26.40 34.67
CA VAL G 129 53.75 25.15 34.40
C VAL G 129 52.56 25.48 33.58
N SER G 130 52.56 24.95 32.32
CA SER G 130 51.49 25.11 31.38
C SER G 130 50.28 24.41 31.91
N LEU G 131 49.09 24.95 31.57
CA LEU G 131 47.85 24.56 32.17
C LEU G 131 47.48 23.15 31.84
N ASN G 132 47.85 22.66 30.64
CA ASN G 132 47.48 21.34 30.22
C ASN G 132 48.43 20.33 30.80
N LYS G 133 49.71 20.71 31.02
CA LYS G 133 50.68 19.88 31.72
C LYS G 133 50.23 19.55 33.13
N ALA G 134 49.45 20.44 33.77
CA ALA G 134 48.94 20.22 35.10
C ALA G 134 47.73 19.34 35.13
N ARG G 135 46.73 19.57 34.23
CA ARG G 135 45.51 18.79 34.16
C ARG G 135 45.79 17.39 33.72
N GLN G 136 46.83 17.24 32.89
CA GLN G 136 47.36 15.98 32.47
C GLN G 136 47.78 15.23 33.66
N GLN G 137 48.76 15.78 34.39
CA GLN G 137 49.37 15.23 35.56
C GLN G 137 48.44 14.62 36.56
N VAL G 138 47.31 15.30 36.88
CA VAL G 138 46.29 14.75 37.73
C VAL G 138 45.64 13.53 37.14
N LEU G 139 45.24 13.62 35.85
CA LEU G 139 44.68 12.56 35.07
C LEU G 139 45.54 11.31 35.05
N GLN G 140 46.85 11.43 34.69
CA GLN G 140 47.84 10.37 34.68
C GLN G 140 48.28 9.91 36.07
N LEU G 141 47.55 10.28 37.14
CA LEU G 141 47.83 9.84 38.49
C LEU G 141 46.50 9.53 39.09
N LEU G 142 45.45 9.51 38.25
CA LEU G 142 44.12 9.11 38.52
C LEU G 142 43.97 7.91 37.66
N GLY G 143 43.91 6.72 38.29
CA GLY G 143 43.67 5.49 37.58
C GLY G 143 42.20 5.26 37.39
N SER G 144 41.36 6.13 38.03
CA SER G 144 39.92 6.07 38.05
C SER G 144 39.39 4.85 38.75
N ASN G 145 38.10 4.91 39.15
CA ASN G 145 37.38 3.87 39.88
C ASN G 145 37.37 2.53 39.18
N GLU G 146 37.28 1.44 39.99
CA GLU G 146 37.32 0.07 39.52
C GLU G 146 36.40 -0.74 40.43
N THR G 147 35.62 -0.05 41.31
CA THR G 147 34.70 -0.64 42.25
C THR G 147 33.42 -1.03 41.54
N GLY G 148 32.68 -2.02 42.13
CA GLY G 148 31.43 -2.50 41.58
C GLY G 148 31.66 -3.46 40.47
N SER G 149 32.93 -3.89 40.29
CA SER G 149 33.32 -4.71 39.17
C SER G 149 34.37 -5.62 39.71
N SER G 150 34.74 -6.62 38.89
CA SER G 150 35.73 -7.60 39.23
C SER G 150 36.72 -7.58 38.12
N ALA G 151 38.00 -7.32 38.45
CA ALA G 151 39.09 -7.25 37.51
C ALA G 151 40.29 -7.83 38.22
N ALA G 152 40.88 -8.89 37.63
CA ALA G 152 42.04 -9.52 38.18
C ALA G 152 42.61 -10.47 37.15
N GLY G 153 42.00 -10.54 35.95
CA GLY G 153 42.43 -11.44 34.90
C GLY G 153 41.21 -12.08 34.30
N THR G 154 41.42 -12.88 33.22
CA THR G 154 40.35 -13.53 32.48
C THR G 154 40.76 -14.97 32.23
N ASN G 155 39.78 -15.78 31.75
CA ASN G 155 39.96 -17.18 31.46
C ASN G 155 39.04 -17.45 30.30
N SER G 156 39.08 -18.71 29.80
CA SER G 156 38.12 -19.33 28.93
C SER G 156 38.31 -18.92 27.50
N ASN G 157 37.90 -19.83 26.59
CA ASN G 157 38.20 -19.73 25.19
C ASN G 157 36.87 -19.71 24.50
N ALA G 158 36.23 -20.88 24.26
CA ALA G 158 34.98 -21.01 23.53
C ALA G 158 33.83 -20.15 24.01
N ASN G 159 33.77 -19.84 25.34
CA ASN G 159 32.83 -18.93 25.95
C ASN G 159 32.81 -17.53 25.35
N THR G 160 33.95 -17.11 24.74
CA THR G 160 34.17 -15.81 24.13
C THR G 160 33.12 -15.46 23.11
N PRO G 161 33.04 -15.99 21.87
CA PRO G 161 32.05 -15.62 20.87
C PRO G 161 30.61 -15.60 21.36
N THR G 162 30.14 -16.63 22.12
CA THR G 162 28.78 -16.71 22.61
C THR G 162 28.47 -15.57 23.57
N LEU G 163 28.83 -15.70 24.88
CA LEU G 163 28.62 -14.74 25.95
C LEU G 163 28.96 -13.28 25.73
N ASP G 164 29.77 -12.95 24.68
CA ASP G 164 30.15 -11.59 24.31
C ASP G 164 28.96 -10.80 23.84
N SER G 165 28.39 -11.25 22.70
CA SER G 165 27.52 -10.57 21.76
C SER G 165 26.69 -9.40 22.26
N LEU G 166 25.51 -9.45 22.97
CA LEU G 166 24.62 -10.45 23.51
C LEU G 166 25.20 -11.11 24.73
N ALA G 167 24.94 -10.61 25.97
CA ALA G 167 24.17 -9.43 26.30
C ALA G 167 24.61 -8.95 27.66
N ARG G 168 23.67 -8.38 28.43
CA ARG G 168 23.84 -7.86 29.77
C ARG G 168 24.28 -8.91 30.77
N ASP G 169 23.50 -10.01 30.85
CA ASP G 169 23.66 -11.10 31.79
C ASP G 169 23.20 -10.68 33.17
N LEU G 170 21.90 -10.90 33.44
CA LEU G 170 21.21 -10.66 34.70
C LEU G 170 21.90 -11.35 35.85
N THR G 171 22.41 -12.59 35.59
CA THR G 171 23.14 -13.42 36.50
C THR G 171 24.35 -12.71 37.08
N ALA G 172 25.08 -11.91 36.26
CA ALA G 172 26.23 -11.14 36.70
C ALA G 172 25.84 -10.16 37.77
N ILE G 173 24.89 -9.24 37.45
CA ILE G 173 24.29 -8.31 38.40
C ILE G 173 23.55 -8.94 39.55
N ALA G 174 23.28 -10.27 39.53
CA ALA G 174 22.54 -10.94 40.56
C ALA G 174 23.51 -11.67 41.46
N LYS G 175 24.82 -11.65 41.13
CA LYS G 175 25.88 -12.22 41.94
C LYS G 175 26.52 -11.04 42.62
N GLU G 176 27.08 -10.11 41.81
CA GLU G 176 27.64 -8.86 42.27
C GLU G 176 26.45 -7.94 42.15
N ASP G 177 25.68 -7.83 43.26
CA ASP G 177 24.39 -7.22 43.28
C ASP G 177 24.33 -5.80 42.78
N SER G 178 23.31 -5.58 41.95
CA SER G 178 22.88 -4.32 41.42
C SER G 178 21.48 -4.59 40.92
N LEU G 179 21.04 -5.86 40.98
CA LEU G 179 19.79 -6.32 40.45
C LEU G 179 18.77 -6.25 41.55
N ASP G 180 17.49 -6.10 41.13
CA ASP G 180 16.32 -6.04 41.97
C ASP G 180 15.92 -7.47 42.30
N PRO G 181 14.96 -7.75 43.16
CA PRO G 181 14.66 -9.13 43.49
C PRO G 181 14.04 -9.88 42.32
N VAL G 182 12.90 -9.53 41.68
CA VAL G 182 11.82 -8.63 42.04
C VAL G 182 10.80 -9.54 42.72
N ILE G 183 9.68 -8.99 43.25
CA ILE G 183 8.70 -9.68 44.06
C ILE G 183 8.03 -10.80 43.32
N GLY G 184 7.69 -10.60 42.03
CA GLY G 184 7.14 -11.62 41.18
C GLY G 184 5.72 -12.00 41.50
N ARG G 185 5.12 -13.03 40.81
CA ARG G 185 5.62 -13.86 39.74
C ARG G 185 6.73 -14.80 40.19
N SER G 186 6.57 -15.39 41.39
CA SER G 186 7.45 -16.39 41.98
C SER G 186 7.07 -17.80 41.57
N LYS G 187 5.73 -18.11 41.55
CA LYS G 187 5.11 -19.39 41.27
C LYS G 187 5.28 -19.84 39.84
N GLU G 188 5.60 -18.90 38.93
CA GLU G 188 5.91 -19.17 37.55
C GLU G 188 7.24 -19.91 37.44
N ILE G 189 8.22 -19.50 38.27
CA ILE G 189 9.60 -19.93 38.22
C ILE G 189 9.76 -21.43 38.39
N GLN G 190 9.01 -22.13 39.29
CA GLN G 190 9.16 -23.56 39.41
C GLN G 190 8.85 -24.28 38.12
N ARG G 191 7.68 -23.99 37.50
CA ARG G 191 7.30 -24.54 36.20
C ARG G 191 8.22 -24.16 35.07
N VAL G 192 9.04 -23.08 35.20
CA VAL G 192 9.98 -22.65 34.20
C VAL G 192 11.22 -23.49 34.26
N ILE G 193 11.68 -23.82 35.49
CA ILE G 193 12.90 -24.53 35.79
C ILE G 193 12.71 -25.98 35.50
N GLU G 194 11.42 -26.36 35.50
CA GLU G 194 10.93 -27.62 35.07
C GLU G 194 11.30 -27.71 33.62
N VAL G 195 10.90 -26.77 32.73
CA VAL G 195 11.32 -26.79 31.35
C VAL G 195 12.80 -26.73 30.98
N LEU G 196 13.72 -26.57 31.95
CA LEU G 196 15.14 -26.53 31.65
C LEU G 196 15.77 -27.73 32.28
N SER G 197 14.92 -28.65 32.77
CA SER G 197 15.25 -29.90 33.38
C SER G 197 14.74 -30.94 32.41
N ARG G 198 14.73 -30.62 31.10
CA ARG G 198 14.06 -31.40 30.10
C ARG G 198 14.92 -31.55 28.89
N ARG G 199 14.46 -32.33 27.86
CA ARG G 199 15.12 -32.41 26.57
C ARG G 199 14.19 -32.49 25.36
N THR G 200 12.90 -32.92 25.44
CA THR G 200 12.02 -32.84 24.26
C THR G 200 11.34 -31.53 24.34
N LYS G 201 10.83 -31.24 25.55
CA LYS G 201 10.45 -29.93 25.96
C LYS G 201 11.77 -29.35 26.32
N ASN G 202 11.96 -28.06 26.12
CA ASN G 202 13.24 -27.47 26.40
C ASN G 202 12.95 -26.08 26.78
N ASN G 203 11.80 -25.59 26.29
CA ASN G 203 11.55 -24.19 26.32
C ASN G 203 10.37 -23.93 27.17
N PRO G 204 10.50 -23.06 28.19
CA PRO G 204 9.33 -22.60 28.90
C PRO G 204 8.87 -21.54 27.96
N VAL G 205 7.59 -21.20 27.92
CA VAL G 205 7.17 -20.23 26.96
C VAL G 205 6.04 -19.64 27.70
N LEU G 206 6.20 -18.35 28.06
CA LEU G 206 5.32 -17.68 28.97
C LEU G 206 4.32 -17.00 28.12
N ILE G 207 3.03 -17.28 28.39
CA ILE G 207 1.97 -16.76 27.58
C ILE G 207 1.12 -16.00 28.54
N GLY G 208 0.83 -14.72 28.18
CA GLY G 208 0.09 -13.83 29.03
C GLY G 208 0.49 -12.44 28.64
N GLU G 209 -0.14 -11.44 29.31
CA GLU G 209 0.12 -10.03 29.15
C GLU G 209 1.56 -9.68 29.48
N PRO G 210 2.21 -8.71 28.84
CA PRO G 210 3.66 -8.69 28.80
C PRO G 210 4.33 -7.76 29.81
N GLY G 211 3.76 -6.68 30.42
CA GLY G 211 2.42 -6.42 30.90
C GLY G 211 2.19 -7.03 32.25
N VAL G 212 3.21 -7.72 32.79
CA VAL G 212 3.25 -8.16 34.16
C VAL G 212 4.62 -7.77 34.65
N GLY G 213 5.47 -7.20 33.77
CA GLY G 213 6.85 -6.95 34.07
C GLY G 213 7.53 -8.28 33.97
N LYS G 214 7.34 -8.96 32.81
CA LYS G 214 7.82 -10.31 32.51
C LYS G 214 9.27 -10.49 32.86
N THR G 215 10.12 -9.51 32.49
CA THR G 215 11.55 -9.44 32.74
C THR G 215 12.00 -9.69 34.18
N ALA G 216 11.08 -9.58 35.17
CA ALA G 216 11.29 -9.81 36.57
C ALA G 216 11.49 -11.27 36.83
N ILE G 217 10.67 -12.10 36.13
CA ILE G 217 10.63 -13.54 36.12
C ILE G 217 11.95 -14.08 35.64
N ALA G 218 12.56 -13.38 34.64
CA ALA G 218 13.84 -13.72 34.07
C ALA G 218 14.95 -13.73 35.09
N GLU G 219 14.98 -12.71 35.99
CA GLU G 219 15.90 -12.66 37.12
C GLU G 219 15.72 -13.83 38.06
N GLY G 220 14.48 -14.38 38.07
CA GLY G 220 14.03 -15.53 38.78
C GLY G 220 14.86 -16.76 38.60
N LEU G 221 15.12 -17.19 37.35
CA LEU G 221 15.89 -18.38 37.06
C LEU G 221 17.26 -18.39 37.68
N ALA G 222 18.10 -17.37 37.34
CA ALA G 222 19.44 -17.12 37.85
C ALA G 222 19.59 -17.48 39.31
N GLN G 223 18.74 -16.78 40.09
CA GLN G 223 18.60 -16.80 41.52
C GLN G 223 18.19 -18.15 42.06
N GLN G 224 17.21 -18.83 41.40
CA GLN G 224 16.61 -20.07 41.86
C GLN G 224 17.47 -21.26 41.53
N ILE G 225 18.27 -21.18 40.45
CA ILE G 225 19.21 -22.20 40.05
C ILE G 225 20.33 -22.23 41.06
N ILE G 226 20.68 -21.06 41.65
CA ILE G 226 21.58 -20.96 42.80
C ILE G 226 20.90 -21.58 44.02
N ASN G 227 19.96 -20.88 44.68
CA ASN G 227 19.37 -21.32 45.93
C ASN G 227 17.92 -21.67 45.66
N ASN G 228 17.36 -22.82 46.12
CA ASN G 228 18.01 -23.96 46.75
C ASN G 228 17.58 -25.21 46.03
N GLU G 229 16.84 -25.07 44.90
CA GLU G 229 16.44 -26.19 44.08
C GLU G 229 17.53 -26.28 43.06
N VAL G 230 18.22 -27.43 43.00
CA VAL G 230 19.31 -27.62 42.08
C VAL G 230 19.19 -28.93 41.34
N PRO G 231 18.57 -28.94 40.14
CA PRO G 231 18.43 -30.13 39.30
C PRO G 231 19.77 -30.59 38.77
N GLU G 232 19.89 -31.83 38.25
CA GLU G 232 21.10 -32.39 37.68
C GLU G 232 21.74 -31.66 36.53
N ILE G 233 21.00 -31.26 35.47
CA ILE G 233 21.61 -30.47 34.43
C ILE G 233 21.65 -29.04 34.84
N LEU G 234 20.81 -28.63 35.82
CA LEU G 234 20.82 -27.26 36.32
C LEU G 234 21.66 -27.29 37.57
N ARG G 235 22.87 -27.88 37.40
CA ARG G 235 23.99 -27.92 38.30
C ARG G 235 25.17 -27.87 37.35
N ASP G 236 24.92 -27.47 36.08
CA ASP G 236 25.94 -27.26 35.09
C ASP G 236 25.36 -26.37 34.02
N LYS G 237 24.11 -25.86 34.22
CA LYS G 237 23.53 -24.86 33.36
C LYS G 237 24.09 -23.50 33.65
N ARG G 238 24.11 -22.65 32.60
CA ARG G 238 24.46 -21.25 32.61
C ARG G 238 23.28 -20.58 32.00
N VAL G 239 22.93 -19.36 32.47
CA VAL G 239 21.79 -18.61 31.99
C VAL G 239 22.35 -17.39 31.31
N MET G 240 22.04 -17.27 30.00
CA MET G 240 22.54 -16.25 29.10
C MET G 240 21.32 -15.57 28.52
N THR G 241 21.35 -14.22 28.48
CA THR G 241 20.28 -13.39 27.99
C THR G 241 20.56 -12.96 26.57
N LEU G 242 19.51 -13.00 25.71
CA LEU G 242 19.58 -12.58 24.33
C LEU G 242 18.57 -11.47 24.22
N ASP G 243 19.04 -10.28 23.79
CA ASP G 243 18.28 -9.05 23.75
C ASP G 243 18.29 -8.54 22.34
N MET G 244 17.11 -8.11 21.84
CA MET G 244 16.87 -7.64 20.49
C MET G 244 17.57 -6.34 20.17
N GLY G 245 17.68 -5.44 21.17
CA GLY G 245 18.17 -4.08 21.01
C GLY G 245 19.59 -3.97 20.52
N THR G 246 20.53 -4.82 21.02
CA THR G 246 21.91 -4.81 20.58
C THR G 246 22.01 -5.32 19.15
N VAL G 247 21.17 -6.33 18.77
CA VAL G 247 21.13 -6.94 17.46
C VAL G 247 20.76 -5.94 16.40
N VAL G 248 19.72 -5.09 16.61
CA VAL G 248 19.28 -4.13 15.61
C VAL G 248 20.27 -3.00 15.44
N ALA G 249 20.97 -2.57 16.52
CA ALA G 249 21.86 -1.43 16.50
C ALA G 249 23.14 -1.76 15.78
N GLY G 250 23.54 -0.90 14.81
CA GLY G 250 24.79 -1.00 14.09
C GLY G 250 24.77 -2.06 13.01
N THR G 251 23.58 -2.64 12.73
CA THR G 251 23.39 -3.75 11.83
C THR G 251 22.58 -3.18 10.70
N LYS G 252 21.25 -3.02 10.90
CA LYS G 252 20.32 -2.36 10.03
C LYS G 252 20.03 -3.14 8.76
N TYR G 253 20.20 -4.49 8.80
CA TYR G 253 19.96 -5.35 7.67
C TYR G 253 19.49 -6.65 8.24
N ARG G 254 18.45 -7.26 7.60
CA ARG G 254 17.88 -8.54 7.94
C ARG G 254 18.84 -9.66 7.67
N GLY G 255 19.62 -9.58 6.57
CA GLY G 255 20.57 -10.59 6.20
C GLY G 255 21.66 -10.71 7.23
N GLU G 256 22.16 -9.53 7.68
CA GLU G 256 23.17 -9.38 8.70
C GLU G 256 22.67 -9.87 10.04
N PHE G 257 21.37 -9.59 10.36
CA PHE G 257 20.70 -9.97 11.57
C PHE G 257 20.66 -11.48 11.69
N GLU G 258 20.35 -12.17 10.57
CA GLU G 258 20.30 -13.62 10.47
C GLU G 258 21.66 -14.24 10.70
N ASP G 259 22.72 -13.61 10.13
CA ASP G 259 24.10 -14.04 10.23
C ASP G 259 24.57 -14.00 11.66
N ARG G 260 24.22 -12.91 12.37
CA ARG G 260 24.65 -12.72 13.73
C ARG G 260 24.02 -13.77 14.60
N LEU G 261 22.71 -14.04 14.39
CA LEU G 261 22.02 -15.08 15.11
C LEU G 261 22.53 -16.47 14.81
N LYS G 262 22.89 -16.79 13.54
CA LYS G 262 23.37 -18.09 13.15
C LYS G 262 24.63 -18.41 13.87
N LYS G 263 25.54 -17.41 13.98
CA LYS G 263 26.81 -17.53 14.63
C LYS G 263 26.64 -17.83 16.09
N VAL G 264 25.68 -17.12 16.76
CA VAL G 264 25.39 -17.29 18.17
C VAL G 264 24.90 -18.67 18.47
N MET G 265 23.95 -19.17 17.65
CA MET G 265 23.31 -20.46 17.75
C MET G 265 24.30 -21.57 17.57
N ASP G 266 25.29 -21.37 16.68
CA ASP G 266 26.37 -22.28 16.44
C ASP G 266 27.21 -22.42 17.70
N GLU G 267 27.50 -21.29 18.40
CA GLU G 267 28.36 -21.28 19.58
C GLU G 267 27.75 -21.98 20.76
N ILE G 268 26.41 -22.20 20.75
CA ILE G 268 25.63 -22.95 21.71
C ILE G 268 26.08 -24.41 21.79
N ARG G 269 27.09 -24.82 20.98
CA ARG G 269 27.82 -26.08 20.94
C ARG G 269 28.42 -26.50 22.26
N GLN G 270 28.47 -25.57 23.25
CA GLN G 270 28.72 -25.85 24.65
C GLN G 270 27.60 -26.65 25.33
N ALA G 271 26.59 -27.05 24.52
CA ALA G 271 25.38 -27.83 24.70
C ALA G 271 25.27 -28.71 25.91
N GLY G 272 24.05 -28.71 26.48
CA GLY G 272 23.68 -29.51 27.63
C GLY G 272 24.17 -28.82 28.87
N ASN G 273 24.66 -27.57 28.71
CA ASN G 273 25.18 -26.78 29.77
C ASN G 273 24.72 -25.35 29.61
N ILE G 274 23.95 -24.99 28.54
CA ILE G 274 23.57 -23.59 28.36
C ILE G 274 22.05 -23.45 28.24
N ILE G 275 21.47 -22.35 28.83
CA ILE G 275 20.10 -21.84 28.75
C ILE G 275 20.06 -20.46 28.12
N LEU G 276 19.28 -20.23 27.04
CA LEU G 276 19.16 -18.95 26.37
C LEU G 276 17.86 -18.27 26.72
N PHE G 277 17.82 -16.96 27.05
CA PHE G 277 16.56 -16.27 27.29
C PHE G 277 16.27 -15.49 26.05
N ILE G 278 15.13 -15.80 25.37
CA ILE G 278 14.70 -15.15 24.18
C ILE G 278 13.40 -14.42 24.45
N ASP G 279 13.43 -13.07 24.49
CA ASP G 279 12.20 -12.31 24.62
C ASP G 279 11.64 -12.27 23.22
N ALA G 280 10.28 -12.20 23.10
CA ALA G 280 9.57 -12.20 21.85
C ALA G 280 9.95 -13.38 20.97
N LEU G 281 9.89 -14.62 21.53
CA LEU G 281 10.37 -15.85 20.89
C LEU G 281 9.64 -16.11 19.60
N HIS G 282 8.33 -15.75 19.58
CA HIS G 282 7.44 -15.88 18.45
C HIS G 282 7.91 -15.14 17.23
N THR G 283 8.47 -13.91 17.40
CA THR G 283 8.84 -13.05 16.29
C THR G 283 9.84 -13.70 15.37
N LEU G 284 10.77 -14.48 15.95
CA LEU G 284 11.82 -15.16 15.26
C LEU G 284 11.35 -16.30 14.43
N ILE G 285 10.28 -16.99 14.88
CA ILE G 285 9.70 -18.14 14.27
C ILE G 285 8.96 -17.79 12.99
N GLY G 286 8.29 -16.61 12.97
CA GLY G 286 7.68 -16.05 11.80
C GLY G 286 6.40 -15.50 12.30
N ALA G 287 5.81 -16.19 13.30
CA ALA G 287 4.56 -15.89 13.95
C ALA G 287 3.42 -15.58 13.03
N GLY G 288 3.17 -16.49 12.05
CA GLY G 288 2.05 -16.45 11.14
C GLY G 288 1.85 -15.09 10.53
N GLY G 289 0.58 -14.61 10.54
CA GLY G 289 0.23 -13.29 10.07
C GLY G 289 0.27 -13.20 8.58
N ALA G 290 -0.02 -11.99 8.05
CA ALA G 290 0.01 -11.69 6.64
C ALA G 290 1.43 -11.47 6.19
N GLU G 291 2.35 -11.22 7.14
CA GLU G 291 3.75 -10.99 6.90
C GLU G 291 4.46 -11.64 8.04
N GLY G 292 5.74 -12.04 7.80
CA GLY G 292 6.61 -12.62 8.79
C GLY G 292 6.96 -11.58 9.81
N ALA G 293 7.35 -12.03 11.01
CA ALA G 293 7.73 -11.15 12.08
C ALA G 293 9.22 -11.18 12.24
N ILE G 294 9.90 -12.02 11.42
CA ILE G 294 11.33 -12.28 11.32
C ILE G 294 11.36 -13.78 11.21
N ASP G 295 12.32 -14.32 10.44
CA ASP G 295 12.33 -15.69 10.04
C ASP G 295 13.74 -16.12 10.29
N ALA G 296 14.07 -16.02 11.59
CA ALA G 296 15.25 -16.49 12.28
C ALA G 296 15.09 -17.97 12.46
N SER G 297 13.84 -18.46 12.29
CA SER G 297 13.28 -19.76 12.58
C SER G 297 14.13 -20.89 12.09
N ASN G 298 14.85 -20.70 10.96
CA ASN G 298 15.65 -21.70 10.31
C ASN G 298 16.73 -22.26 11.21
N ILE G 299 17.51 -21.37 11.86
CA ILE G 299 18.46 -21.70 12.89
C ILE G 299 17.79 -22.01 14.19
N LEU G 300 16.74 -21.24 14.55
CA LEU G 300 16.18 -21.29 15.88
C LEU G 300 15.49 -22.57 16.19
N LYS G 301 14.73 -23.16 15.25
CA LYS G 301 14.00 -24.39 15.46
C LYS G 301 14.87 -25.57 15.84
N PRO G 302 15.97 -25.96 15.18
CA PRO G 302 16.76 -27.12 15.59
C PRO G 302 17.44 -26.86 16.91
N SER G 303 17.75 -25.57 17.16
CA SER G 303 18.35 -25.08 18.37
C SER G 303 17.39 -25.34 19.51
N LEU G 304 16.08 -25.07 19.30
CA LEU G 304 15.05 -25.33 20.29
C LEU G 304 14.89 -26.82 20.55
N ALA G 305 14.88 -27.65 19.48
CA ALA G 305 14.63 -29.07 19.57
C ALA G 305 15.63 -29.90 20.32
N ARG G 306 16.95 -29.65 20.15
CA ARG G 306 17.95 -30.49 20.80
C ARG G 306 18.00 -30.27 22.28
N GLY G 307 17.72 -29.04 22.71
CA GLY G 307 17.86 -28.68 24.10
C GLY G 307 19.27 -28.26 24.31
N GLU G 308 19.97 -27.89 23.21
CA GLU G 308 21.28 -27.29 23.26
C GLU G 308 21.02 -25.85 23.55
N LEU G 309 20.07 -25.25 22.80
CA LEU G 309 19.49 -23.98 23.06
C LEU G 309 18.17 -24.35 23.64
N GLN G 310 18.17 -24.61 24.97
CA GLN G 310 16.95 -24.72 25.71
C GLN G 310 16.70 -23.28 25.97
N CYS G 311 15.52 -22.74 25.62
CA CYS G 311 15.42 -21.31 25.68
C CYS G 311 14.10 -20.94 26.17
N ILE G 312 13.96 -19.68 26.57
CA ILE G 312 12.84 -19.22 27.32
C ILE G 312 12.13 -18.22 26.49
N GLY G 313 10.83 -18.45 26.27
CA GLY G 313 10.07 -17.73 25.32
C GLY G 313 9.16 -16.84 26.08
N ALA G 314 9.08 -15.58 25.60
CA ALA G 314 8.15 -14.61 26.12
C ALA G 314 7.33 -14.33 24.91
N THR G 315 6.08 -14.82 24.94
CA THR G 315 5.19 -14.77 23.81
C THR G 315 3.89 -14.17 24.25
N THR G 316 3.09 -13.78 23.24
CA THR G 316 1.94 -12.94 23.39
C THR G 316 0.78 -13.85 23.09
N LEU G 317 -0.44 -13.42 23.48
CA LEU G 317 -1.72 -14.07 23.31
C LEU G 317 -1.96 -14.79 22.00
N ASP G 318 -1.67 -14.17 20.81
CA ASP G 318 -2.02 -14.77 19.53
C ASP G 318 -0.78 -15.43 19.04
N GLU G 319 0.34 -14.70 19.13
CA GLU G 319 1.68 -15.08 18.78
C GLU G 319 2.14 -16.45 19.21
N TYR G 320 1.75 -16.94 20.43
CA TYR G 320 2.14 -18.25 20.94
C TYR G 320 1.52 -19.34 20.12
N ARG G 321 0.21 -19.23 19.80
CA ARG G 321 -0.52 -20.04 18.85
C ARG G 321 0.22 -20.21 17.56
N LYS G 322 0.84 -19.08 17.12
CA LYS G 322 1.60 -18.95 15.93
C LYS G 322 3.06 -19.26 16.19
N TYR G 323 3.36 -20.38 16.88
CA TYR G 323 4.71 -20.76 17.16
C TYR G 323 4.67 -22.22 17.47
N ILE G 324 3.66 -22.65 18.27
CA ILE G 324 3.32 -24.04 18.51
C ILE G 324 2.71 -24.65 17.27
N GLU G 325 2.19 -23.80 16.35
CA GLU G 325 1.75 -24.20 15.04
C GLU G 325 2.88 -24.65 14.12
N LYS G 326 4.08 -24.04 14.28
CA LYS G 326 5.22 -24.37 13.43
C LYS G 326 5.67 -25.80 13.55
N ASP G 327 5.99 -26.26 14.78
CA ASP G 327 6.25 -27.64 15.14
C ASP G 327 7.31 -28.38 14.35
N ALA G 328 7.88 -29.52 14.85
CA ALA G 328 7.76 -30.08 16.17
C ALA G 328 9.10 -29.81 16.77
N ALA G 329 9.43 -28.51 16.91
CA ALA G 329 10.61 -28.08 17.60
C ALA G 329 10.32 -26.77 18.22
N LEU G 330 9.35 -26.04 17.63
CA LEU G 330 8.79 -24.83 18.16
C LEU G 330 7.50 -25.18 18.83
N GLU G 331 7.25 -26.50 19.00
CA GLU G 331 6.06 -27.00 19.60
C GLU G 331 6.47 -28.16 20.44
N ARG G 332 7.61 -28.83 20.10
CA ARG G 332 8.16 -29.92 20.87
C ARG G 332 8.78 -29.37 22.11
N ARG G 333 9.59 -28.31 21.89
CA ARG G 333 10.33 -27.61 22.90
C ARG G 333 9.38 -26.79 23.73
N PHE G 334 8.39 -26.17 23.05
CA PHE G 334 7.38 -25.29 23.61
C PHE G 334 6.67 -25.88 24.78
N GLN G 335 6.06 -25.01 25.62
CA GLN G 335 5.36 -25.45 26.78
C GLN G 335 4.69 -24.24 27.29
N PRO G 336 3.43 -24.27 27.71
CA PRO G 336 2.81 -23.00 27.94
C PRO G 336 2.94 -22.92 29.42
N ILE G 337 2.83 -21.73 30.00
CA ILE G 337 2.89 -21.61 31.42
C ILE G 337 2.08 -20.44 31.80
N GLN G 338 1.50 -20.62 33.00
CA GLN G 338 0.60 -19.79 33.72
C GLN G 338 1.43 -18.80 34.49
N VAL G 339 1.26 -17.49 34.17
CA VAL G 339 2.00 -16.35 34.72
C VAL G 339 1.09 -15.53 35.62
N ASP G 340 1.68 -14.62 36.43
CA ASP G 340 1.03 -13.80 37.43
C ASP G 340 1.11 -12.36 36.98
N GLN G 341 0.00 -11.60 37.21
CA GLN G 341 -0.01 -10.16 37.20
C GLN G 341 -0.47 -9.85 38.60
N PRO G 342 0.26 -9.10 39.45
CA PRO G 342 0.06 -9.04 40.89
C PRO G 342 -1.34 -8.90 41.42
N SER G 343 -1.68 -9.65 42.49
CA SER G 343 -2.85 -9.48 43.30
C SER G 343 -2.53 -8.40 44.31
N VAL G 344 -3.57 -7.85 44.98
CA VAL G 344 -3.46 -6.76 45.92
C VAL G 344 -2.36 -6.87 46.94
N ASP G 345 -2.13 -8.05 47.55
CA ASP G 345 -1.08 -8.23 48.55
C ASP G 345 0.31 -8.09 47.99
N GLU G 346 0.56 -8.69 46.80
CA GLU G 346 1.78 -8.62 46.05
C GLU G 346 2.18 -7.21 45.71
N SER G 347 1.17 -6.39 45.30
CA SER G 347 1.27 -4.98 44.98
C SER G 347 1.97 -4.22 46.06
N ILE G 348 1.37 -4.21 47.28
CA ILE G 348 1.85 -3.63 48.52
C ILE G 348 3.32 -3.88 48.75
N GLN G 349 3.76 -5.14 48.55
CA GLN G 349 5.12 -5.57 48.81
C GLN G 349 6.14 -4.93 47.88
N ILE G 350 5.78 -4.72 46.59
CA ILE G 350 6.63 -4.08 45.61
C ILE G 350 6.92 -2.64 45.98
N LEU G 351 5.83 -1.90 46.30
CA LEU G 351 5.79 -0.52 46.69
C LEU G 351 6.76 -0.15 47.77
N GLN G 352 6.61 -0.85 48.93
CA GLN G 352 7.45 -0.79 50.12
C GLN G 352 8.90 -1.02 49.78
N GLY G 353 9.19 -2.03 48.92
CA GLY G 353 10.52 -2.40 48.49
C GLY G 353 11.26 -1.26 47.83
N LEU G 354 10.50 -0.38 47.17
CA LEU G 354 10.99 0.75 46.44
C LEU G 354 10.65 2.04 47.12
N ARG G 355 10.17 2.02 48.39
CA ARG G 355 9.94 3.16 49.25
C ARG G 355 11.18 3.94 49.49
N ASP G 356 12.22 3.24 49.98
CA ASP G 356 13.51 3.72 50.40
C ASP G 356 14.24 4.62 49.42
N ARG G 357 13.85 4.64 48.11
CA ARG G 357 14.53 5.43 47.12
C ARG G 357 13.75 6.68 46.82
N TYR G 358 12.46 6.76 47.26
CA TYR G 358 11.74 8.01 47.29
C TYR G 358 11.67 8.55 48.68
N GLU G 359 12.70 8.16 49.48
CA GLU G 359 13.24 8.90 50.61
C GLU G 359 13.68 10.22 50.08
N ALA G 360 14.29 10.14 48.87
CA ALA G 360 14.79 11.19 48.03
C ALA G 360 13.75 12.15 47.55
N HIS G 361 12.45 11.89 47.86
CA HIS G 361 11.38 12.72 47.40
C HIS G 361 10.57 13.25 48.50
N HIS G 362 11.08 13.04 49.72
CA HIS G 362 10.92 13.94 50.82
C HIS G 362 9.51 14.35 51.08
N ARG G 363 8.72 13.31 51.34
CA ARG G 363 7.29 13.22 51.54
C ARG G 363 7.06 11.73 51.44
N VAL G 364 8.16 10.98 51.47
CA VAL G 364 8.24 9.59 51.33
C VAL G 364 9.68 9.46 51.77
N SER G 365 10.14 8.32 52.30
CA SER G 365 9.52 7.02 52.45
C SER G 365 8.42 7.05 53.46
N ILE G 366 7.74 5.89 53.66
CA ILE G 366 6.68 5.66 54.63
C ILE G 366 5.43 6.42 54.20
N THR G 367 4.19 6.10 54.67
CA THR G 367 3.77 5.08 55.60
C THR G 367 3.29 3.84 54.93
N ASP G 368 3.33 2.70 55.65
CA ASP G 368 2.75 1.43 55.29
C ASP G 368 1.30 1.59 54.89
N ASP G 369 0.48 2.16 55.79
CA ASP G 369 -0.93 2.44 55.62
C ASP G 369 -1.26 3.16 54.32
N ALA G 370 -0.29 3.98 53.84
CA ALA G 370 -0.37 4.75 52.65
C ALA G 370 -0.20 3.86 51.48
N ILE G 371 0.78 2.93 51.50
CA ILE G 371 0.97 1.90 50.48
C ILE G 371 -0.33 1.23 50.21
N GLU G 372 -0.91 0.61 51.26
CA GLU G 372 -2.20 -0.02 51.33
C GLU G 372 -3.31 0.77 50.70
N ALA G 373 -3.32 2.10 50.93
CA ALA G 373 -4.32 2.98 50.38
C ALA G 373 -4.23 3.06 48.91
N ALA G 374 -3.03 3.38 48.40
CA ALA G 374 -2.66 3.33 47.02
C ALA G 374 -3.13 2.13 46.29
N VAL G 375 -2.65 0.96 46.74
CA VAL G 375 -2.97 -0.35 46.26
C VAL G 375 -4.44 -0.58 46.27
N LYS G 376 -5.00 -0.85 47.48
CA LYS G 376 -6.35 -1.31 47.65
C LYS G 376 -7.37 -0.51 46.90
N LEU G 377 -7.28 0.86 46.97
CA LEU G 377 -8.23 1.71 46.31
C LEU G 377 -8.18 1.67 44.81
N SER G 378 -6.98 1.58 44.21
CA SER G 378 -6.83 1.50 42.79
C SER G 378 -7.22 0.19 42.20
N ASP G 379 -6.85 -0.86 42.92
CA ASP G 379 -6.98 -2.24 42.53
C ASP G 379 -8.42 -2.62 42.36
N ARG G 380 -9.29 -2.11 43.27
CA ARG G 380 -10.69 -2.42 43.31
C ARG G 380 -11.48 -1.35 42.61
N TYR G 381 -11.16 -0.04 42.79
CA TYR G 381 -11.86 1.05 42.15
C TYR G 381 -10.94 1.60 41.13
N ILE G 382 -11.44 1.87 39.89
CA ILE G 382 -10.79 2.50 38.74
C ILE G 382 -9.38 2.99 39.01
N SER G 383 -8.28 2.24 38.71
CA SER G 383 -8.08 1.07 37.89
C SER G 383 -7.96 1.54 36.49
N ASP G 384 -6.71 1.69 36.02
CA ASP G 384 -6.41 2.24 34.73
C ASP G 384 -5.07 1.69 34.30
N ARG G 385 -4.46 0.80 35.11
CA ARG G 385 -3.20 0.18 34.79
C ARG G 385 -3.27 -1.24 35.30
N PHE G 386 -2.12 -1.79 35.77
CA PHE G 386 -2.03 -3.03 36.46
C PHE G 386 -2.00 -2.72 37.93
N LEU G 387 -2.40 -3.69 38.79
CA LEU G 387 -2.59 -3.56 40.22
C LEU G 387 -1.44 -2.94 41.01
N PRO G 388 -0.17 -2.93 40.63
CA PRO G 388 0.83 -2.21 41.39
C PRO G 388 1.17 -0.89 40.74
N ASP G 389 1.11 -0.73 39.38
CA ASP G 389 1.46 0.53 38.74
C ASP G 389 0.55 1.64 39.16
N LYS G 390 -0.79 1.42 39.14
CA LYS G 390 -1.81 2.35 39.57
C LYS G 390 -1.44 2.98 40.90
N ALA G 391 -1.34 2.07 41.90
CA ALA G 391 -0.91 2.25 43.25
C ALA G 391 0.21 3.21 43.48
N ILE G 392 1.50 2.86 43.23
CA ILE G 392 2.64 3.74 43.35
C ILE G 392 2.51 5.16 42.83
N ASP G 393 1.66 5.41 41.80
CA ASP G 393 1.52 6.75 41.26
C ASP G 393 0.78 7.58 42.24
N LEU G 394 -0.23 6.99 42.88
CA LEU G 394 -0.93 7.54 43.99
C LEU G 394 -0.06 7.77 45.18
N ILE G 395 0.72 6.75 45.61
CA ILE G 395 1.64 6.92 46.71
C ILE G 395 2.49 8.11 46.54
N ASP G 396 3.16 8.12 45.39
CA ASP G 396 4.10 9.07 44.98
C ASP G 396 3.50 10.42 44.74
N GLU G 397 2.30 10.52 44.12
CA GLU G 397 1.48 11.73 43.98
C GLU G 397 1.41 12.45 45.26
N ALA G 398 1.02 11.70 46.30
CA ALA G 398 0.89 12.19 47.63
C ALA G 398 2.22 12.37 48.28
N GLY G 399 3.21 11.57 47.78
CA GLY G 399 4.61 11.44 48.11
C GLY G 399 5.39 12.51 47.50
N SER G 400 4.71 13.64 47.37
CA SER G 400 5.23 14.83 46.86
C SER G 400 4.23 15.86 47.23
N LYS G 401 2.91 15.61 46.99
CA LYS G 401 1.81 16.51 47.27
C LYS G 401 1.90 17.33 48.52
N VAL G 402 2.27 16.70 49.66
CA VAL G 402 2.35 17.40 50.94
C VAL G 402 3.62 18.18 50.97
N ARG G 403 4.72 17.67 50.39
CA ARG G 403 5.96 18.37 50.15
C ARG G 403 5.80 19.62 49.31
N LEU G 404 4.63 19.80 48.68
CA LEU G 404 4.31 20.95 47.87
C LEU G 404 3.63 21.89 48.81
N ARG G 405 2.62 21.40 49.58
CA ARG G 405 1.99 22.11 50.69
C ARG G 405 2.94 22.65 51.76
N SER G 406 4.19 22.11 51.83
CA SER G 406 5.29 22.48 52.70
C SER G 406 5.73 23.87 52.41
N PHE G 407 5.90 24.19 51.13
CA PHE G 407 6.57 25.37 50.69
C PHE G 407 5.59 26.31 50.03
N THR G 408 4.30 25.90 49.95
CA THR G 408 3.24 26.76 49.48
C THR G 408 2.43 27.11 50.69
N THR G 409 2.76 26.47 51.85
CA THR G 409 2.28 26.84 53.14
C THR G 409 3.32 26.37 54.13
N PRO G 410 4.43 27.07 54.32
CA PRO G 410 4.89 27.47 55.63
C PRO G 410 4.08 28.70 56.03
N PRO G 411 4.56 29.60 56.88
CA PRO G 411 3.86 30.86 57.09
C PRO G 411 3.83 31.76 55.87
N ASN G 412 4.50 31.35 54.75
CA ASN G 412 4.50 31.97 53.45
C ASN G 412 5.39 33.15 53.41
N LEU G 413 6.67 32.89 53.78
CA LEU G 413 7.81 33.74 53.56
C LEU G 413 8.18 33.93 52.11
N LYS G 414 7.24 33.63 51.18
CA LYS G 414 7.25 33.98 49.78
C LYS G 414 7.27 35.48 49.61
N GLU G 415 6.75 36.19 50.64
CA GLU G 415 6.52 37.61 50.72
C GLU G 415 7.85 38.32 50.77
N LEU G 416 8.85 37.71 51.43
CA LEU G 416 10.22 38.15 51.53
C LEU G 416 10.74 38.48 50.17
N GLU G 417 10.80 37.48 49.26
CA GLU G 417 11.15 37.63 47.87
C GLU G 417 10.48 38.82 47.20
N GLN G 418 9.14 38.99 47.42
CA GLN G 418 8.35 40.14 46.99
C GLN G 418 8.93 41.46 47.43
N LYS G 419 9.35 41.55 48.72
CA LYS G 419 9.97 42.72 49.32
C LYS G 419 11.24 43.02 48.55
N LEU G 420 12.18 42.04 48.51
CA LEU G 420 13.48 42.10 47.84
C LEU G 420 13.43 42.66 46.44
N ASP G 421 12.30 42.45 45.71
CA ASP G 421 12.09 42.91 44.36
C ASP G 421 12.22 44.39 44.31
N GLU G 422 11.25 45.10 44.94
CA GLU G 422 11.22 46.53 45.13
C GLU G 422 12.55 47.15 45.44
N VAL G 423 13.38 46.45 46.25
CA VAL G 423 14.68 46.92 46.62
C VAL G 423 15.59 47.00 45.44
N ARG G 424 16.05 45.82 44.93
CA ARG G 424 16.91 45.63 43.78
C ARG G 424 16.71 46.63 42.68
N LYS G 425 15.48 46.66 42.11
CA LYS G 425 14.97 47.66 41.22
C LYS G 425 15.30 49.06 41.58
N GLU G 426 14.69 49.55 42.68
CA GLU G 426 14.89 50.86 43.29
C GLU G 426 16.35 51.19 43.30
N LYS G 427 17.19 50.35 43.94
CA LYS G 427 18.64 50.37 43.93
C LYS G 427 19.20 50.53 42.58
N ASP G 428 18.95 49.54 41.69
CA ASP G 428 19.49 49.34 40.38
C ASP G 428 19.29 50.63 39.63
N ALA G 429 18.02 50.96 39.33
CA ALA G 429 17.58 52.19 38.73
C ALA G 429 18.14 53.41 39.43
N ALA G 430 18.23 53.40 40.78
CA ALA G 430 18.86 54.43 41.58
C ALA G 430 20.31 54.61 41.24
N VAL G 431 21.10 53.51 41.07
CA VAL G 431 22.49 53.60 40.72
C VAL G 431 22.62 54.20 39.35
N GLN G 432 21.61 53.97 38.48
CA GLN G 432 21.59 54.50 37.15
C GLN G 432 21.20 55.94 37.07
N SER G 433 20.46 56.46 38.09
CA SER G 433 19.98 57.82 38.07
C SER G 433 20.89 58.69 38.88
N GLN G 434 21.29 58.22 40.08
CA GLN G 434 22.20 58.80 41.03
C GLN G 434 21.59 60.05 41.63
N GLU G 435 21.03 60.07 42.87
CA GLU G 435 20.79 59.03 43.84
C GLU G 435 22.05 58.34 44.25
N PHE G 436 23.13 59.08 44.62
CA PHE G 436 24.37 58.45 45.02
C PHE G 436 24.17 57.64 46.28
N GLU G 437 24.05 58.32 47.44
CA GLU G 437 23.71 57.72 48.70
C GLU G 437 22.33 57.13 48.76
N LYS G 438 21.43 57.59 47.88
CA LYS G 438 20.12 57.05 47.59
C LYS G 438 20.17 55.80 46.77
N ALA G 439 21.38 55.34 46.36
CA ALA G 439 21.56 54.12 45.62
C ALA G 439 22.23 53.25 46.61
N ALA G 440 23.33 53.74 47.23
CA ALA G 440 24.05 53.17 48.34
C ALA G 440 23.31 52.28 49.28
N SER G 441 22.33 52.93 49.94
CA SER G 441 21.49 52.40 50.97
C SER G 441 20.59 51.37 50.42
N LEU G 442 20.26 51.51 49.13
CA LEU G 442 19.50 50.59 48.37
C LEU G 442 20.21 49.29 48.14
N ARG G 443 21.56 49.23 47.81
CA ARG G 443 22.28 47.95 47.79
C ARG G 443 22.20 47.37 49.09
N ASP G 444 22.66 48.13 50.10
CA ASP G 444 22.71 47.63 51.44
C ASP G 444 21.39 47.03 51.88
N THR G 445 20.24 47.72 51.67
CA THR G 445 18.93 47.11 51.82
C THR G 445 18.68 45.90 50.95
N GLU G 446 19.13 45.89 49.69
CA GLU G 446 19.02 44.77 48.79
C GLU G 446 19.69 43.53 49.28
N GLN G 447 21.05 43.47 49.29
CA GLN G 447 21.77 42.30 49.74
C GLN G 447 21.52 41.87 51.18
N ARG G 448 21.27 42.81 52.13
CA ARG G 448 20.76 42.48 53.46
C ARG G 448 19.55 41.60 53.47
N LEU G 449 18.49 42.09 52.79
CA LEU G 449 17.18 41.50 52.56
C LEU G 449 17.38 40.16 51.95
N ARG G 450 18.12 40.10 50.82
CA ARG G 450 18.38 38.94 50.00
C ARG G 450 18.82 37.78 50.85
N GLU G 451 19.93 37.95 51.59
CA GLU G 451 20.47 37.00 52.53
C GLU G 451 19.50 36.53 53.59
N GLN G 452 18.63 37.42 54.14
CA GLN G 452 17.54 37.17 55.05
C GLN G 452 16.51 36.26 54.45
N VAL G 453 16.11 36.52 53.18
CA VAL G 453 15.18 35.74 52.40
C VAL G 453 15.72 34.34 52.37
N GLU G 454 16.89 34.15 51.72
CA GLU G 454 17.57 32.88 51.56
C GLU G 454 17.79 32.12 52.85
N ASP G 455 18.04 32.85 53.97
CA ASP G 455 18.22 32.30 55.30
C ASP G 455 16.98 31.69 55.85
N THR G 456 15.82 32.30 55.52
CA THR G 456 14.54 31.87 56.00
C THR G 456 13.82 30.97 55.01
N LYS G 457 14.39 30.80 53.79
CA LYS G 457 13.90 29.84 52.84
C LYS G 457 14.51 28.52 53.14
N LYS G 458 15.69 28.56 53.81
CA LYS G 458 16.35 27.38 54.29
C LYS G 458 16.13 27.29 55.78
N SER G 459 15.34 28.24 56.36
CA SER G 459 14.66 28.01 57.62
C SER G 459 13.50 27.11 57.35
N TRP G 460 13.05 27.00 56.08
CA TRP G 460 12.09 25.99 55.70
C TRP G 460 12.83 24.80 55.17
N LYS G 461 13.99 24.50 55.78
CA LYS G 461 14.53 23.17 55.88
C LYS G 461 14.07 22.59 57.17
N GLU G 462 13.49 23.44 58.06
CA GLU G 462 12.79 23.02 59.24
C GLU G 462 11.42 22.60 58.78
N LYS G 463 10.85 23.30 57.76
CA LYS G 463 9.62 22.89 57.11
C LYS G 463 9.81 21.65 56.28
N GLN G 464 11.07 21.23 56.09
CA GLN G 464 11.44 20.00 55.45
C GLN G 464 11.55 18.95 56.50
N GLY G 465 12.29 19.20 57.59
CA GLY G 465 12.50 18.28 58.70
C GLY G 465 11.22 17.96 59.42
N GLN G 466 10.19 18.80 59.20
CA GLN G 466 8.83 18.68 59.63
C GLN G 466 8.09 17.70 58.72
N GLU G 467 8.23 17.86 57.38
CA GLU G 467 7.35 17.23 56.43
C GLU G 467 7.92 16.00 55.77
N ASN G 468 9.17 16.05 55.25
CA ASN G 468 9.91 15.12 54.40
C ASN G 468 9.96 13.61 54.68
N SER G 469 9.01 12.98 55.38
CA SER G 469 8.59 11.64 55.00
C SER G 469 7.10 11.62 55.10
N GLU G 470 6.49 10.43 55.43
CA GLU G 470 5.07 10.22 55.65
C GLU G 470 4.39 10.25 54.33
N VAL G 471 3.35 9.43 54.08
CA VAL G 471 2.67 9.60 52.84
C VAL G 471 1.28 9.11 52.99
N THR G 472 0.77 9.10 54.25
CA THR G 472 -0.47 8.54 54.77
C THR G 472 -1.57 8.13 53.84
N VAL G 473 -2.31 7.07 54.23
CA VAL G 473 -3.66 6.72 53.83
C VAL G 473 -4.40 7.77 53.06
N ASP G 474 -4.96 8.76 53.78
CA ASP G 474 -5.68 9.92 53.30
C ASP G 474 -5.03 10.70 52.20
N ASP G 475 -3.70 10.91 52.31
CA ASP G 475 -2.84 11.60 51.38
C ASP G 475 -2.96 10.90 50.07
N ILE G 476 -2.86 9.56 50.12
CA ILE G 476 -2.94 8.73 48.98
C ILE G 476 -4.31 8.77 48.43
N ALA G 477 -5.33 8.65 49.28
CA ALA G 477 -6.69 8.52 48.88
C ALA G 477 -7.22 9.71 48.11
N MET G 478 -6.86 10.94 48.56
CA MET G 478 -7.21 12.19 47.93
C MET G 478 -6.56 12.27 46.59
N VAL G 479 -5.26 11.90 46.50
CA VAL G 479 -4.52 11.81 45.27
C VAL G 479 -5.07 10.76 44.35
N VAL G 480 -5.59 9.61 44.86
CA VAL G 480 -6.17 8.56 44.03
C VAL G 480 -7.39 9.19 43.42
N SER G 481 -8.16 10.02 44.18
CA SER G 481 -9.25 10.73 43.56
C SER G 481 -8.81 11.75 42.52
N SER G 482 -7.64 12.40 42.72
CA SER G 482 -6.99 13.33 41.81
C SER G 482 -6.61 12.72 40.49
N TRP G 483 -6.09 11.48 40.57
CA TRP G 483 -5.59 10.68 39.50
C TRP G 483 -6.73 10.20 38.66
N THR G 484 -7.64 9.43 39.28
CA THR G 484 -8.73 8.75 38.64
C THR G 484 -9.72 9.79 38.10
N ALA G 492 -7.43 3.24 54.10
CA ALA G 492 -7.19 4.04 52.86
C ALA G 492 -7.97 5.31 52.91
N GLN G 493 -7.80 6.00 54.06
CA GLN G 493 -8.62 7.03 54.64
C GLN G 493 -9.51 7.85 53.78
N THR G 494 -9.11 8.94 53.07
CA THR G 494 -10.15 9.74 52.44
C THR G 494 -10.63 9.23 51.11
N GLU G 495 -10.66 7.90 50.93
CA GLU G 495 -11.49 7.20 50.00
C GLU G 495 -12.35 6.19 50.69
N THR G 496 -11.89 5.68 51.86
CA THR G 496 -12.67 4.74 52.64
C THR G 496 -13.54 5.47 53.61
N ASP G 497 -13.26 6.78 53.82
CA ASP G 497 -14.08 7.67 54.59
C ASP G 497 -15.19 8.06 53.66
N LYS G 498 -14.91 8.11 52.35
CA LYS G 498 -15.89 8.20 51.29
C LYS G 498 -16.85 7.04 51.29
N LEU G 499 -16.38 5.82 51.67
CA LEU G 499 -17.20 4.64 51.72
C LEU G 499 -18.03 4.66 52.97
N LEU G 500 -17.41 4.77 54.16
CA LEU G 500 -18.07 4.82 55.44
C LEU G 500 -19.08 5.94 55.56
N ASN G 501 -18.77 7.11 54.97
CA ASN G 501 -19.58 8.30 54.98
C ASN G 501 -20.29 8.46 53.67
N MET G 502 -20.37 7.38 52.86
CA MET G 502 -21.02 7.33 51.57
C MET G 502 -22.40 7.90 51.56
N GLU G 503 -23.23 7.62 52.59
CA GLU G 503 -24.61 8.06 52.67
C GLU G 503 -24.69 9.55 52.54
N ASN G 504 -23.86 10.29 53.32
CA ASN G 504 -23.69 11.73 53.23
C ASN G 504 -23.34 12.23 51.84
N ILE G 505 -22.51 11.46 51.10
CA ILE G 505 -21.93 11.84 49.83
C ILE G 505 -22.93 11.59 48.75
N LEU G 506 -23.58 10.41 48.76
CA LEU G 506 -24.61 10.08 47.80
C LEU G 506 -25.86 10.90 47.97
N HIS G 507 -26.18 11.33 49.21
CA HIS G 507 -27.33 12.16 49.51
C HIS G 507 -27.18 13.58 49.04
N SER G 508 -25.92 14.08 48.93
CA SER G 508 -25.66 15.48 48.68
C SER G 508 -25.88 15.85 47.24
N ARG G 509 -26.25 14.86 46.40
CA ARG G 509 -26.59 15.08 45.03
C ARG G 509 -27.92 14.39 44.84
N VAL G 510 -28.25 13.37 45.65
CA VAL G 510 -29.53 12.73 45.61
C VAL G 510 -30.20 13.11 46.86
N ILE G 511 -30.66 14.37 46.82
CA ILE G 511 -31.14 15.04 47.97
C ILE G 511 -32.61 14.87 47.80
N GLY G 512 -33.17 13.95 48.59
CA GLY G 512 -34.45 13.34 48.29
C GLY G 512 -34.15 11.89 48.41
N GLN G 513 -35.20 11.09 48.70
CA GLN G 513 -35.18 9.65 48.85
C GLN G 513 -34.02 9.18 49.69
N ASP G 514 -34.00 9.61 50.97
CA ASP G 514 -32.96 9.23 51.91
C ASP G 514 -32.99 7.76 52.14
N GLU G 515 -34.21 7.17 52.11
CA GLU G 515 -34.49 5.76 52.12
C GLU G 515 -33.65 5.02 51.10
N ALA G 516 -33.72 5.47 49.83
CA ALA G 516 -33.02 4.88 48.71
C ALA G 516 -31.52 4.98 48.78
N VAL G 517 -31.04 6.21 48.99
CA VAL G 517 -29.66 6.62 49.09
C VAL G 517 -28.85 5.83 50.06
N VAL G 518 -29.38 5.66 51.29
CA VAL G 518 -28.72 5.02 52.39
C VAL G 518 -28.51 3.55 52.13
N ALA G 519 -29.46 2.92 51.39
CA ALA G 519 -29.38 1.53 51.03
C ALA G 519 -28.23 1.31 50.07
N VAL G 520 -28.14 2.17 49.03
CA VAL G 520 -27.08 2.13 48.05
C VAL G 520 -25.73 2.41 48.63
N ALA G 521 -25.59 3.54 49.37
CA ALA G 521 -24.43 3.95 50.11
C ALA G 521 -23.76 2.85 50.85
N LYS G 522 -24.59 2.16 51.65
CA LYS G 522 -24.17 1.07 52.48
C LYS G 522 -23.83 -0.12 51.65
N ALA G 523 -24.50 -0.36 50.51
CA ALA G 523 -24.34 -1.54 49.69
C ALA G 523 -23.02 -1.56 48.94
N VAL G 524 -22.61 -0.40 48.41
CA VAL G 524 -21.29 -0.24 47.84
C VAL G 524 -20.21 -0.32 48.91
N ARG G 525 -20.41 0.40 50.05
CA ARG G 525 -19.51 0.46 51.20
C ARG G 525 -19.28 -0.89 51.83
N ARG G 526 -20.31 -1.76 51.73
CA ARG G 526 -20.35 -3.12 52.16
C ARG G 526 -19.35 -3.89 51.33
N ALA G 527 -19.54 -3.91 49.99
CA ALA G 527 -18.64 -4.57 49.05
C ALA G 527 -17.22 -4.10 49.07
N ARG G 528 -16.99 -2.77 49.09
CA ARG G 528 -15.68 -2.16 49.05
C ARG G 528 -14.88 -2.35 50.32
N ALA G 529 -15.47 -3.03 51.33
CA ALA G 529 -14.86 -3.28 52.61
C ALA G 529 -14.63 -4.77 52.71
N GLY G 530 -14.83 -5.50 51.59
CA GLY G 530 -14.39 -6.85 51.42
C GLY G 530 -15.26 -7.94 51.98
N LEU G 531 -16.57 -7.72 52.24
CA LEU G 531 -17.38 -8.72 52.90
C LEU G 531 -18.62 -9.04 52.12
N LYS G 532 -18.90 -8.31 51.01
CA LYS G 532 -20.11 -8.47 50.23
C LYS G 532 -19.83 -9.24 48.97
N ASP G 533 -20.06 -8.65 47.77
CA ASP G 533 -19.79 -9.31 46.52
C ASP G 533 -19.10 -8.35 45.58
N PRO G 534 -17.83 -8.60 45.24
CA PRO G 534 -17.09 -7.72 44.37
C PRO G 534 -16.74 -8.53 43.15
N LYS G 535 -17.27 -9.78 43.03
CA LYS G 535 -17.11 -10.64 41.87
C LYS G 535 -18.15 -10.14 40.93
N ARG G 536 -19.36 -9.97 41.52
CA ARG G 536 -20.48 -9.27 40.98
C ARG G 536 -20.12 -7.83 41.16
N PRO G 537 -20.68 -6.84 40.48
CA PRO G 537 -20.49 -5.42 40.75
C PRO G 537 -20.57 -5.11 42.23
N ILE G 538 -19.78 -4.13 42.74
CA ILE G 538 -19.77 -3.72 44.15
C ILE G 538 -21.15 -3.42 44.68
N GLY G 539 -22.02 -3.01 43.75
CA GLY G 539 -23.39 -2.92 44.03
C GLY G 539 -23.88 -2.99 42.63
N SER G 540 -24.86 -3.87 42.42
CA SER G 540 -25.70 -3.85 41.29
C SER G 540 -26.96 -3.38 41.90
N PHE G 541 -27.73 -2.65 41.13
CA PHE G 541 -28.89 -2.02 41.66
C PHE G 541 -29.82 -1.83 40.55
N ILE G 542 -31.10 -1.69 40.95
CA ILE G 542 -32.02 -1.03 40.11
C ILE G 542 -32.40 0.09 41.02
N PHE G 543 -32.50 1.30 40.45
CA PHE G 543 -32.86 2.51 41.10
C PHE G 543 -34.13 2.80 40.41
N LEU G 544 -35.24 2.72 41.13
CA LEU G 544 -36.52 2.84 40.51
C LEU G 544 -36.99 4.19 40.86
N GLY G 545 -37.91 4.77 40.10
CA GLY G 545 -38.24 6.15 40.32
C GLY G 545 -38.69 6.69 39.03
N PRO G 546 -39.19 7.90 39.04
CA PRO G 546 -39.56 8.64 37.85
C PRO G 546 -38.29 9.34 37.44
N THR G 547 -38.06 9.70 36.16
CA THR G 547 -36.83 10.34 35.76
C THR G 547 -36.66 11.70 36.40
N GLY G 548 -35.42 12.08 36.77
CA GLY G 548 -35.13 13.40 37.30
C GLY G 548 -35.57 13.49 38.73
N VAL G 549 -35.21 12.47 39.55
CA VAL G 549 -35.73 12.33 40.88
C VAL G 549 -34.61 12.02 41.84
N GLY G 550 -33.49 11.45 41.35
CA GLY G 550 -32.43 11.06 42.21
C GLY G 550 -31.72 9.88 41.65
N LYS G 551 -32.35 9.15 40.69
CA LYS G 551 -31.84 7.90 40.15
C LYS G 551 -30.47 8.08 39.49
N THR G 552 -30.45 8.76 38.30
CA THR G 552 -29.29 9.16 37.52
C THR G 552 -28.25 9.88 38.34
N GLU G 553 -28.75 10.84 39.14
CA GLU G 553 -28.01 11.69 40.03
C GLU G 553 -27.20 10.90 41.04
N LEU G 554 -27.65 9.67 41.37
CA LEU G 554 -27.00 8.78 42.29
C LEU G 554 -25.91 8.05 41.59
N ALA G 555 -26.15 7.46 40.40
CA ALA G 555 -25.15 6.95 39.49
C ALA G 555 -23.91 7.79 39.38
N ARG G 556 -24.12 9.13 39.26
CA ARG G 556 -23.07 10.12 39.31
C ARG G 556 -22.41 10.20 40.67
N ALA G 557 -23.21 10.45 41.74
CA ALA G 557 -22.73 10.61 43.10
C ALA G 557 -21.95 9.44 43.69
N LEU G 558 -22.17 8.22 43.15
CA LEU G 558 -21.53 6.99 43.54
C LEU G 558 -20.20 6.94 42.91
N ALA G 559 -20.17 7.14 41.57
CA ALA G 559 -18.95 7.38 40.81
C ALA G 559 -17.99 8.32 41.52
N GLU G 560 -18.49 9.51 41.91
CA GLU G 560 -17.78 10.51 42.69
C GLU G 560 -17.19 9.97 43.96
N SER G 561 -17.96 9.18 44.73
CA SER G 561 -17.59 8.79 46.06
C SER G 561 -16.61 7.65 45.99
N ILE G 562 -16.83 6.69 45.08
CA ILE G 562 -16.01 5.52 44.95
C ILE G 562 -14.74 5.79 44.19
N PHE G 563 -14.76 6.66 43.16
CA PHE G 563 -13.68 6.70 42.19
C PHE G 563 -13.05 8.03 42.29
N GLY G 564 -13.76 9.01 42.88
CA GLY G 564 -13.24 10.33 43.08
C GLY G 564 -13.61 11.20 41.92
N ASP G 565 -14.40 10.66 40.98
CA ASP G 565 -14.80 11.38 39.80
C ASP G 565 -16.14 10.87 39.37
N GLU G 566 -17.05 11.82 39.02
CA GLU G 566 -18.42 11.57 38.62
C GLU G 566 -18.53 10.89 37.29
N GLU G 567 -17.63 11.26 36.34
CA GLU G 567 -17.84 11.03 34.92
C GLU G 567 -17.28 9.72 34.46
N SER G 568 -16.85 8.85 35.41
CA SER G 568 -16.50 7.48 35.14
C SER G 568 -17.76 6.67 35.22
N MET G 569 -18.68 6.92 34.26
CA MET G 569 -20.00 6.41 34.25
C MET G 569 -20.35 6.24 32.81
N ILE G 570 -20.54 4.97 32.39
CA ILE G 570 -21.09 4.53 31.13
C ILE G 570 -22.58 4.74 31.20
N ARG G 571 -23.30 4.58 30.06
CA ARG G 571 -24.70 4.91 30.00
C ARG G 571 -25.19 4.46 28.65
N ILE G 572 -26.00 3.41 28.74
CA ILE G 572 -26.45 2.56 27.67
C ILE G 572 -27.95 2.65 27.83
N ASP G 573 -28.76 2.75 26.73
CA ASP G 573 -30.19 2.62 26.90
C ASP G 573 -30.43 1.24 26.42
N MET G 574 -30.94 0.36 27.32
CA MET G 574 -31.27 -0.98 26.95
C MET G 574 -32.48 -1.09 26.07
N SER G 575 -33.41 -0.12 26.15
CA SER G 575 -34.56 -0.07 25.27
C SER G 575 -34.19 0.21 23.83
N GLU G 576 -33.00 0.81 23.57
CA GLU G 576 -32.53 0.97 22.22
C GLU G 576 -31.92 -0.32 21.72
N TYR G 577 -31.37 -1.14 22.65
CA TYR G 577 -30.84 -2.45 22.34
C TYR G 577 -31.88 -3.44 22.72
N MET G 578 -33.07 -3.30 22.10
CA MET G 578 -34.21 -4.14 22.33
C MET G 578 -34.44 -4.96 21.10
N GLU G 579 -33.72 -4.65 19.99
CA GLU G 579 -33.90 -5.12 18.62
C GLU G 579 -35.31 -5.23 18.11
N LYS G 580 -36.23 -4.35 18.56
CA LYS G 580 -37.61 -4.38 18.13
C LYS G 580 -38.32 -3.14 18.60
N HIS G 581 -37.61 -2.21 19.29
CA HIS G 581 -38.17 -0.94 19.72
C HIS G 581 -37.52 0.19 18.97
N SER G 582 -36.38 -0.06 18.32
CA SER G 582 -35.59 1.05 17.82
C SER G 582 -34.73 0.55 16.72
N THR G 583 -34.85 -0.74 16.33
CA THR G 583 -34.22 -1.23 15.13
C THR G 583 -34.87 -0.73 13.85
N SER G 584 -36.13 -0.24 13.90
CA SER G 584 -36.91 0.02 12.71
C SER G 584 -37.60 1.35 12.83
N ARG G 585 -37.22 2.20 13.81
CA ARG G 585 -37.85 3.49 14.00
C ARG G 585 -36.80 4.42 14.51
N LEU G 586 -35.50 4.10 14.31
CA LEU G 586 -34.45 4.93 14.77
C LEU G 586 -33.32 4.75 13.80
N VAL G 587 -32.82 3.49 13.71
CA VAL G 587 -31.61 3.15 13.03
C VAL G 587 -32.03 2.27 11.90
N GLY G 588 -31.09 1.99 10.98
CA GLY G 588 -31.29 1.06 9.92
C GLY G 588 -31.08 -0.33 10.43
N SER G 589 -29.94 -0.95 10.06
CA SER G 589 -29.60 -2.30 10.41
C SER G 589 -28.45 -2.10 11.37
N PRO G 590 -28.60 -2.39 12.65
CA PRO G 590 -27.53 -2.24 13.62
C PRO G 590 -27.12 -3.64 13.98
N PRO G 591 -26.72 -4.49 13.03
CA PRO G 591 -26.59 -5.93 13.18
C PRO G 591 -27.51 -6.60 14.17
N GLY G 592 -28.81 -6.22 14.12
CA GLY G 592 -29.90 -6.74 14.92
C GLY G 592 -29.65 -6.40 16.35
N TYR G 593 -30.32 -5.36 16.90
CA TYR G 593 -29.81 -4.32 17.79
C TYR G 593 -29.06 -4.82 19.01
N VAL G 594 -29.47 -5.93 19.66
CA VAL G 594 -28.81 -6.48 20.84
C VAL G 594 -27.43 -6.98 20.44
N GLY G 595 -27.27 -7.41 19.17
CA GLY G 595 -26.06 -7.79 18.49
C GLY G 595 -25.10 -6.63 18.38
N TYR G 596 -25.61 -5.40 18.22
CA TYR G 596 -24.84 -4.17 18.21
C TYR G 596 -24.26 -3.92 19.58
N ASP G 597 -25.10 -4.13 20.62
CA ASP G 597 -24.77 -3.91 22.01
C ASP G 597 -23.71 -4.86 22.46
N GLU G 598 -23.86 -6.18 22.18
CA GLU G 598 -22.87 -7.13 22.57
C GLU G 598 -21.63 -6.98 21.74
N GLY G 599 -21.81 -7.02 20.39
CA GLY G 599 -20.78 -6.99 19.38
C GLY G 599 -19.92 -5.77 19.40
N GLY G 600 -20.40 -4.68 20.03
CA GLY G 600 -19.67 -3.46 20.14
C GLY G 600 -19.97 -2.78 21.43
N GLN G 601 -21.17 -2.17 21.56
CA GLN G 601 -21.38 -1.07 22.48
C GLN G 601 -21.08 -1.31 23.96
N LEU G 602 -21.77 -2.28 24.60
CA LEU G 602 -21.72 -2.56 26.03
C LEU G 602 -20.34 -2.94 26.46
N THR G 603 -19.72 -3.86 25.69
CA THR G 603 -18.42 -4.41 25.97
C THR G 603 -17.32 -3.41 25.81
N GLU G 604 -17.33 -2.59 24.74
CA GLU G 604 -16.33 -1.57 24.53
C GLU G 604 -16.30 -0.52 25.61
N LYS G 605 -17.51 -0.06 26.02
CA LYS G 605 -17.66 1.05 26.92
C LYS G 605 -17.18 0.82 28.33
N VAL G 606 -17.69 -0.25 28.98
CA VAL G 606 -17.25 -0.71 30.27
C VAL G 606 -15.85 -1.27 30.33
N ARG G 607 -15.32 -1.78 29.20
CA ARG G 607 -13.94 -2.23 29.10
C ARG G 607 -12.98 -1.06 29.09
N ARG G 608 -13.45 0.12 28.62
CA ARG G 608 -12.64 1.31 28.51
C ARG G 608 -12.35 1.89 29.86
N LYS G 609 -13.41 2.22 30.64
CA LYS G 609 -13.27 2.62 32.02
C LYS G 609 -13.70 1.39 32.78
N PRO G 610 -12.80 0.60 33.36
CA PRO G 610 -13.09 -0.72 33.89
C PRO G 610 -14.22 -0.83 34.87
N TYR G 611 -14.16 -0.03 35.96
CA TYR G 611 -15.11 -0.16 37.03
C TYR G 611 -16.05 0.98 37.04
N SER G 612 -16.39 1.47 35.82
CA SER G 612 -17.35 2.51 35.56
C SER G 612 -18.72 2.17 36.07
N VAL G 613 -19.51 3.19 36.45
CA VAL G 613 -20.90 3.02 36.74
C VAL G 613 -21.61 2.77 35.45
N VAL G 614 -22.03 1.51 35.21
CA VAL G 614 -22.79 1.18 34.04
C VAL G 614 -24.21 1.52 34.35
N LEU G 615 -24.77 2.48 33.58
CA LEU G 615 -26.07 3.01 33.89
C LEU G 615 -26.93 2.56 32.75
N LEU G 616 -27.74 1.53 33.02
CA LEU G 616 -28.62 0.88 32.08
C LEU G 616 -30.01 1.42 32.11
N ASP G 617 -30.37 2.31 31.16
CA ASP G 617 -31.69 2.91 31.18
C ASP G 617 -32.74 1.91 30.76
N ALA G 618 -33.92 2.05 31.42
CA ALA G 618 -35.19 1.38 31.22
C ALA G 618 -35.13 -0.07 30.82
N ILE G 619 -34.95 -0.94 31.83
CA ILE G 619 -34.84 -2.36 31.65
C ILE G 619 -36.19 -3.00 31.88
N GLU G 620 -37.29 -2.18 31.96
CA GLU G 620 -38.69 -2.57 31.98
C GLU G 620 -38.93 -3.45 30.80
N LYS G 621 -38.54 -2.97 29.62
CA LYS G 621 -38.66 -3.73 28.43
C LYS G 621 -37.47 -3.31 27.66
N ALA G 622 -36.76 -4.32 27.16
CA ALA G 622 -35.49 -4.17 26.52
C ALA G 622 -35.25 -5.46 25.81
N HIS G 623 -36.29 -6.34 25.77
CA HIS G 623 -36.30 -7.64 25.17
C HIS G 623 -35.82 -8.56 26.25
N PRO G 624 -36.38 -9.74 26.44
CA PRO G 624 -35.86 -10.72 27.37
C PRO G 624 -34.40 -11.10 27.17
N ASP G 625 -33.81 -10.82 25.98
CA ASP G 625 -32.44 -11.13 25.67
C ASP G 625 -31.48 -10.28 26.47
N VAL G 626 -31.78 -8.98 26.65
CA VAL G 626 -31.04 -8.07 27.49
C VAL G 626 -30.88 -8.52 28.91
N PHE G 627 -31.88 -9.24 29.45
CA PHE G 627 -31.91 -9.54 30.86
C PHE G 627 -30.93 -10.62 31.21
N ASN G 628 -30.73 -11.60 30.29
CA ASN G 628 -29.70 -12.62 30.36
C ASN G 628 -28.29 -12.05 30.37
N ILE G 629 -28.09 -10.91 29.67
CA ILE G 629 -26.79 -10.31 29.46
C ILE G 629 -26.46 -9.58 30.70
N LEU G 630 -27.42 -8.78 31.18
CA LEU G 630 -27.34 -8.09 32.43
C LEU G 630 -27.18 -9.02 33.59
N LEU G 631 -27.85 -10.19 33.61
CA LEU G 631 -27.68 -11.20 34.64
C LEU G 631 -26.27 -11.70 34.71
N GLN G 632 -25.56 -11.73 33.56
CA GLN G 632 -24.25 -12.33 33.47
C GLN G 632 -23.23 -11.33 33.92
N VAL G 633 -23.52 -10.04 33.61
CA VAL G 633 -22.76 -8.89 34.04
C VAL G 633 -22.82 -8.83 35.55
N LEU G 634 -24.05 -9.02 36.09
CA LEU G 634 -24.33 -9.01 37.49
C LEU G 634 -23.76 -10.15 38.25
N GLU G 635 -23.74 -11.36 37.65
CA GLU G 635 -23.24 -12.52 38.33
C GLU G 635 -21.76 -12.63 38.28
N ASP G 636 -21.23 -12.68 37.04
CA ASP G 636 -19.86 -13.04 36.84
C ASP G 636 -19.00 -11.87 37.12
N GLY G 637 -19.47 -10.69 36.68
CA GLY G 637 -18.70 -9.50 36.74
C GLY G 637 -17.97 -9.44 35.44
N ARG G 638 -18.45 -10.18 34.42
CA ARG G 638 -17.87 -10.12 33.13
C ARG G 638 -18.96 -10.39 32.14
N LEU G 639 -18.71 -9.95 30.90
CA LEU G 639 -19.48 -10.37 29.77
C LEU G 639 -18.40 -10.64 28.77
N THR G 640 -18.60 -11.63 27.88
CA THR G 640 -17.66 -11.92 26.83
C THR G 640 -18.42 -11.72 25.57
N ASP G 641 -18.00 -10.72 24.76
CA ASP G 641 -18.60 -10.42 23.49
C ASP G 641 -17.51 -9.76 22.69
N SER G 642 -17.88 -9.24 21.49
CA SER G 642 -17.04 -8.48 20.59
C SER G 642 -15.91 -9.33 20.10
N LYS G 643 -16.21 -10.62 19.80
CA LYS G 643 -15.30 -11.64 19.34
C LYS G 643 -14.15 -11.86 20.29
N GLY G 644 -14.47 -12.14 21.58
CA GLY G 644 -13.51 -12.66 22.53
C GLY G 644 -12.89 -11.61 23.41
N ARG G 645 -13.55 -10.44 23.58
CA ARG G 645 -13.09 -9.44 24.51
C ARG G 645 -13.78 -9.73 25.81
N THR G 646 -13.10 -9.46 26.94
CA THR G 646 -13.70 -9.64 28.25
C THR G 646 -13.77 -8.25 28.81
N VAL G 647 -15.00 -7.88 29.19
CA VAL G 647 -15.35 -6.60 29.74
C VAL G 647 -15.62 -6.81 31.20
N ASP G 648 -14.89 -6.07 32.06
CA ASP G 648 -14.88 -6.27 33.48
C ASP G 648 -15.90 -5.39 34.14
N PHE G 649 -16.93 -6.05 34.67
CA PHE G 649 -18.01 -5.50 35.44
C PHE G 649 -17.83 -5.91 36.88
N ARG G 650 -16.58 -6.18 37.32
CA ARG G 650 -16.33 -6.72 38.64
C ARG G 650 -16.68 -5.76 39.73
N ASN G 651 -16.24 -4.50 39.59
CA ASN G 651 -16.47 -3.49 40.59
C ASN G 651 -16.98 -2.26 39.95
N THR G 652 -17.54 -2.40 38.73
CA THR G 652 -18.55 -1.51 38.21
C THR G 652 -19.67 -1.30 39.19
N ILE G 653 -20.47 -0.24 38.96
CA ILE G 653 -21.66 -0.07 39.72
C ILE G 653 -22.77 -0.12 38.75
N LEU G 654 -23.48 -1.28 38.72
CA LEU G 654 -24.59 -1.43 37.83
C LEU G 654 -25.72 -0.74 38.48
N ILE G 655 -26.32 0.19 37.75
CA ILE G 655 -27.38 1.00 38.23
C ILE G 655 -28.29 0.99 37.08
N MET G 656 -29.48 0.44 37.26
CA MET G 656 -30.39 0.23 36.19
C MET G 656 -31.55 1.07 36.55
N THR G 657 -32.06 1.89 35.63
CA THR G 657 -33.16 2.75 35.99
C THR G 657 -34.36 2.14 35.36
N SER G 658 -35.55 2.61 35.78
CA SER G 658 -36.78 2.00 35.38
C SER G 658 -37.87 2.85 35.94
N ASN G 659 -38.96 2.91 35.15
CA ASN G 659 -40.21 3.55 35.48
C ASN G 659 -41.19 2.41 35.48
N VAL G 660 -40.69 1.19 35.82
CA VAL G 660 -41.34 -0.08 35.66
C VAL G 660 -42.63 -0.21 36.46
N GLY G 661 -42.62 0.27 37.73
CA GLY G 661 -43.78 0.33 38.59
C GLY G 661 -44.32 1.71 38.69
N ALA G 662 -44.22 2.49 37.58
CA ALA G 662 -44.54 3.89 37.36
C ALA G 662 -45.50 4.56 38.32
N SER G 663 -46.67 3.92 38.57
CA SER G 663 -47.73 4.44 39.41
C SER G 663 -47.32 4.82 40.82
N GLU G 664 -46.46 3.97 41.44
CA GLU G 664 -45.95 4.18 42.75
C GLU G 664 -44.76 5.07 42.65
N LEU G 665 -44.07 5.02 41.50
CA LEU G 665 -42.92 5.82 41.20
C LEU G 665 -43.38 7.17 40.73
N LYS G 666 -44.59 7.61 41.13
CA LYS G 666 -45.12 8.91 40.88
C LYS G 666 -46.08 9.18 42.01
N ARG G 667 -46.40 8.15 42.86
CA ARG G 667 -47.09 8.35 44.10
C ARG G 667 -45.98 8.69 45.01
N ASN G 668 -45.83 10.00 45.21
CA ASN G 668 -44.71 10.59 45.85
C ASN G 668 -44.60 10.31 47.29
N LYS G 669 -45.15 11.24 48.07
CA LYS G 669 -45.05 11.35 49.48
C LYS G 669 -45.97 12.52 49.73
N TYR G 670 -46.95 12.71 48.81
CA TYR G 670 -47.81 13.84 48.69
C TYR G 670 -48.88 14.02 49.72
N VAL G 671 -49.07 15.32 50.07
CA VAL G 671 -50.05 15.84 50.98
C VAL G 671 -51.44 15.85 50.39
N GLY G 672 -51.54 15.73 49.04
CA GLY G 672 -52.75 15.86 48.26
C GLY G 672 -53.91 15.05 48.75
N PHE G 673 -53.75 13.70 48.85
CA PHE G 673 -54.82 12.81 49.23
C PHE G 673 -55.02 12.95 50.72
N ASN G 674 -53.90 12.86 51.47
CA ASN G 674 -53.89 12.92 52.90
C ASN G 674 -52.48 13.25 53.22
N VAL G 675 -52.22 13.58 54.50
CA VAL G 675 -50.88 13.72 55.01
C VAL G 675 -50.46 12.42 55.64
N GLN G 676 -51.36 11.41 55.64
CA GLN G 676 -51.15 10.11 56.23
C GLN G 676 -50.89 9.15 55.09
N ASP G 677 -50.91 9.72 53.87
CA ASP G 677 -50.71 9.11 52.60
C ASP G 677 -49.27 9.21 52.23
N GLU G 678 -48.48 10.09 52.87
CA GLU G 678 -47.21 10.46 52.33
C GLU G 678 -46.12 9.45 52.57
N THR G 679 -45.90 9.07 53.84
CA THR G 679 -44.98 8.00 54.19
C THR G 679 -45.60 6.65 53.84
N GLN G 680 -46.72 6.67 53.09
CA GLN G 680 -47.48 5.54 52.69
C GLN G 680 -47.50 5.57 51.21
N ASN G 681 -47.05 6.65 50.55
CA ASN G 681 -46.68 6.52 49.18
C ASN G 681 -45.27 6.05 49.13
N HIS G 682 -44.43 6.56 50.04
CA HIS G 682 -43.06 6.15 50.12
C HIS G 682 -42.79 4.71 50.39
N LYS G 683 -43.04 4.23 51.64
CA LYS G 683 -42.92 2.84 52.02
C LYS G 683 -43.54 1.83 51.08
N ASP G 684 -44.61 2.27 50.37
CA ASP G 684 -45.41 1.52 49.44
C ASP G 684 -44.68 1.42 48.17
N MET G 685 -43.89 2.43 47.83
CA MET G 685 -43.20 2.49 46.59
C MET G 685 -42.00 1.65 46.67
N LYS G 686 -41.31 1.64 47.83
CA LYS G 686 -40.21 0.72 47.97
C LYS G 686 -40.61 -0.76 48.09
N ASP G 687 -41.85 -1.18 47.70
CA ASP G 687 -42.18 -2.60 47.68
C ASP G 687 -42.89 -3.02 46.39
N LYS G 688 -43.95 -2.25 46.04
CA LYS G 688 -44.86 -2.38 44.92
C LYS G 688 -44.26 -2.19 43.56
N VAL G 689 -43.14 -1.48 43.48
CA VAL G 689 -42.44 -1.16 42.27
C VAL G 689 -41.66 -2.38 41.89
N MET G 690 -40.83 -2.86 42.83
CA MET G 690 -40.00 -4.03 42.75
C MET G 690 -40.70 -5.35 42.41
N GLY G 691 -42.04 -5.38 42.18
CA GLY G 691 -42.81 -6.53 41.77
C GLY G 691 -43.39 -6.37 40.37
N GLU G 692 -43.40 -5.13 39.84
CA GLU G 692 -43.70 -4.76 38.47
C GLU G 692 -42.42 -4.88 37.70
N LEU G 693 -41.32 -4.84 38.46
CA LEU G 693 -39.95 -5.05 38.08
C LEU G 693 -39.82 -6.48 37.66
N LYS G 694 -40.16 -7.41 38.57
CA LYS G 694 -40.30 -8.84 38.35
C LYS G 694 -41.23 -9.24 37.22
N ARG G 695 -42.29 -8.44 36.96
CA ARG G 695 -43.29 -8.72 35.96
C ARG G 695 -42.84 -8.27 34.60
N ALA G 696 -41.88 -7.34 34.57
CA ALA G 696 -41.43 -6.72 33.35
C ALA G 696 -40.17 -7.38 32.87
N PHE G 697 -39.41 -7.98 33.81
CA PHE G 697 -38.19 -8.64 33.48
C PHE G 697 -37.89 -9.65 34.55
N ARG G 698 -37.27 -10.77 34.11
CA ARG G 698 -36.86 -11.97 34.82
C ARG G 698 -36.43 -11.82 36.27
N PRO G 699 -36.81 -12.71 37.19
CA PRO G 699 -36.39 -12.67 38.58
C PRO G 699 -34.95 -13.10 38.71
N GLU G 700 -34.48 -14.03 37.86
CA GLU G 700 -33.16 -14.60 37.79
C GLU G 700 -32.11 -13.53 37.64
N PHE G 701 -32.43 -12.49 36.86
CA PHE G 701 -31.65 -11.33 36.55
C PHE G 701 -31.54 -10.56 37.84
N ILE G 702 -32.70 -10.19 38.41
CA ILE G 702 -32.91 -9.45 39.63
C ILE G 702 -32.25 -10.10 40.85
N ASN G 703 -31.97 -11.43 40.80
CA ASN G 703 -31.45 -12.16 41.94
C ASN G 703 -29.98 -11.98 42.06
N ARG G 704 -29.30 -11.58 40.96
CA ARG G 704 -27.88 -11.39 40.94
C ARG G 704 -27.59 -9.93 41.12
N ILE G 705 -28.66 -9.10 41.22
CA ILE G 705 -28.56 -7.70 41.56
C ILE G 705 -28.30 -7.68 43.02
N ASP G 706 -27.46 -6.73 43.49
CA ASP G 706 -26.95 -6.71 44.84
C ASP G 706 -27.97 -6.15 45.79
N GLU G 707 -29.02 -5.47 45.29
CA GLU G 707 -30.01 -4.79 46.10
C GLU G 707 -30.89 -4.03 45.17
N ILE G 708 -32.22 -4.04 45.41
CA ILE G 708 -33.19 -3.35 44.58
C ILE G 708 -33.71 -2.17 45.34
N ILE G 709 -33.26 -1.00 44.88
CA ILE G 709 -33.51 0.32 45.36
C ILE G 709 -34.67 0.98 44.71
N VAL G 710 -35.56 1.61 45.49
CA VAL G 710 -36.51 2.50 44.86
C VAL G 710 -35.96 3.77 45.36
N PHE G 711 -35.74 4.66 44.37
CA PHE G 711 -35.26 6.00 44.43
C PHE G 711 -36.52 6.72 44.21
N HIS G 712 -37.30 6.71 45.29
CA HIS G 712 -38.62 7.24 45.43
C HIS G 712 -38.96 8.45 44.63
N SER G 713 -40.26 8.57 44.35
CA SER G 713 -40.87 9.73 43.80
C SER G 713 -41.23 10.52 45.00
N LEU G 714 -41.13 11.86 44.88
CA LEU G 714 -40.76 12.61 46.03
C LEU G 714 -41.73 13.68 46.23
N GLU G 715 -41.97 13.99 47.51
CA GLU G 715 -42.78 15.11 47.86
C GLU G 715 -42.11 15.70 49.03
N LYS G 716 -42.01 17.05 49.02
CA LYS G 716 -41.40 17.93 49.98
C LYS G 716 -41.43 17.48 51.41
N LYS G 717 -40.36 17.87 52.15
CA LYS G 717 -39.24 17.01 52.47
C LYS G 717 -38.26 16.79 51.34
N HIS G 718 -38.58 15.86 50.43
CA HIS G 718 -37.70 15.34 49.41
C HIS G 718 -37.68 16.17 48.15
N LEU G 719 -38.83 16.72 47.71
CA LEU G 719 -38.92 17.68 46.61
C LEU G 719 -38.03 18.85 46.82
N THR G 720 -38.19 19.64 47.90
CA THR G 720 -37.43 20.86 48.10
C THR G 720 -35.93 20.63 48.18
N GLU G 721 -35.47 19.35 48.23
CA GLU G 721 -34.09 18.98 48.18
C GLU G 721 -33.65 18.68 46.76
N ILE G 722 -34.58 18.22 45.88
CA ILE G 722 -34.38 18.02 44.45
C ILE G 722 -34.41 19.35 43.78
N VAL G 723 -35.38 20.22 44.15
CA VAL G 723 -35.46 21.60 43.74
C VAL G 723 -34.17 22.31 44.06
N SER G 724 -33.52 21.93 45.18
CA SER G 724 -32.31 22.57 45.63
C SER G 724 -31.10 21.97 44.94
N LEU G 725 -31.26 20.89 44.15
CA LEU G 725 -30.17 20.36 43.37
C LEU G 725 -30.22 21.00 42.03
N MET G 726 -31.44 21.09 41.46
CA MET G 726 -31.70 21.65 40.17
C MET G 726 -31.41 23.11 40.15
N SER G 727 -31.87 23.85 41.18
CA SER G 727 -31.58 25.25 41.35
C SER G 727 -30.12 25.53 41.59
N ASP G 728 -29.37 24.59 42.22
CA ASP G 728 -27.95 24.79 42.47
C ASP G 728 -27.13 24.52 41.23
N GLN G 729 -27.67 23.73 40.28
CA GLN G 729 -27.04 23.42 39.02
C GLN G 729 -27.25 24.59 38.11
N LEU G 730 -28.45 25.21 38.22
CA LEU G 730 -28.86 26.37 37.49
C LEU G 730 -28.00 27.57 37.77
N THR G 731 -27.99 28.04 39.04
CA THR G 731 -27.28 29.21 39.51
C THR G 731 -25.77 29.21 39.31
N LYS G 732 -25.17 27.99 39.19
CA LYS G 732 -23.75 27.72 39.10
C LYS G 732 -23.16 27.81 37.70
N ARG G 733 -23.97 27.49 36.67
CA ARG G 733 -23.57 27.51 35.27
C ARG G 733 -23.61 28.92 34.73
N LEU G 734 -24.15 29.85 35.54
CA LEU G 734 -24.30 31.23 35.23
C LEU G 734 -23.15 31.97 35.87
N LYS G 735 -22.50 31.42 36.93
CA LYS G 735 -21.32 31.99 37.57
C LYS G 735 -20.12 32.08 36.66
N GLU G 736 -19.95 31.13 35.70
CA GLU G 736 -18.84 31.10 34.77
C GLU G 736 -18.81 32.32 33.88
N GLN G 737 -20.01 32.84 33.51
CA GLN G 737 -20.17 34.01 32.69
C GLN G 737 -20.52 35.19 33.56
N ASP G 738 -20.32 35.02 34.89
CA ASP G 738 -20.39 36.03 35.92
C ASP G 738 -21.79 36.59 36.10
N LEU G 739 -22.71 35.70 36.54
CA LEU G 739 -24.06 36.01 36.92
C LEU G 739 -24.29 35.17 38.16
N SER G 740 -24.47 35.85 39.31
CA SER G 740 -24.59 35.24 40.62
C SER G 740 -26.01 35.18 41.08
N ILE G 741 -26.61 33.98 41.23
CA ILE G 741 -27.96 33.82 41.72
C ILE G 741 -27.84 32.94 42.94
N GLU G 742 -28.75 33.18 43.90
CA GLU G 742 -28.99 32.43 45.08
C GLU G 742 -30.47 32.45 45.20
N LEU G 743 -31.02 31.30 45.61
CA LEU G 743 -32.40 31.13 45.95
C LEU G 743 -32.43 31.02 47.44
N THR G 744 -33.33 31.78 48.10
CA THR G 744 -33.63 31.60 49.50
C THR G 744 -34.39 30.31 49.67
N ASP G 745 -34.40 29.72 50.89
CA ASP G 745 -35.12 28.50 51.22
C ASP G 745 -36.61 28.61 50.96
N ALA G 746 -37.16 29.83 51.15
CA ALA G 746 -38.54 30.22 50.89
C ALA G 746 -38.94 30.04 49.44
N ALA G 747 -37.96 30.18 48.51
CA ALA G 747 -38.20 30.15 47.08
C ALA G 747 -38.10 28.74 46.59
N LYS G 748 -37.15 27.92 47.14
CA LYS G 748 -37.08 26.49 46.93
C LYS G 748 -38.32 25.73 47.36
N ALA G 749 -39.08 26.31 48.33
CA ALA G 749 -40.31 25.77 48.84
C ALA G 749 -41.41 25.96 47.83
N LYS G 750 -41.52 27.18 47.26
CA LYS G 750 -42.54 27.54 46.30
C LYS G 750 -42.48 26.72 45.02
N VAL G 751 -41.28 26.22 44.63
CA VAL G 751 -41.10 25.38 43.46
C VAL G 751 -41.51 23.97 43.76
N ALA G 752 -41.15 23.44 44.95
CA ALA G 752 -41.52 22.12 45.40
C ALA G 752 -42.99 21.78 45.43
N GLU G 753 -43.89 22.77 45.68
CA GLU G 753 -45.34 22.57 45.62
C GLU G 753 -45.85 22.02 44.31
N GLU G 754 -45.04 22.15 43.23
CA GLU G 754 -45.38 21.78 41.87
C GLU G 754 -45.08 20.31 41.69
N GLY G 755 -44.01 19.82 42.33
CA GLY G 755 -43.57 18.46 42.18
C GLY G 755 -44.39 17.50 42.98
N VAL G 756 -45.37 17.99 43.79
CA VAL G 756 -46.30 17.23 44.57
C VAL G 756 -47.14 16.37 43.65
N ASP G 757 -47.50 15.16 44.11
CA ASP G 757 -48.83 14.60 43.97
C ASP G 757 -48.63 13.15 43.61
N LEU G 758 -49.74 12.42 43.35
CA LEU G 758 -49.68 11.08 42.83
C LEU G 758 -49.34 11.06 41.38
N GLU G 759 -49.45 12.21 40.68
CA GLU G 759 -49.54 12.21 39.24
C GLU G 759 -48.18 12.34 38.61
N TYR G 760 -47.13 12.70 39.40
CA TYR G 760 -45.84 12.94 38.82
C TYR G 760 -44.87 12.84 39.94
N GLY G 761 -43.58 12.64 39.59
CA GLY G 761 -42.50 12.58 40.52
C GLY G 761 -41.96 13.91 40.86
N ALA G 762 -40.61 13.97 40.97
CA ALA G 762 -39.85 15.19 41.08
C ALA G 762 -39.40 15.59 39.69
N ARG G 763 -40.02 14.95 38.66
CA ARG G 763 -39.92 15.30 37.26
C ARG G 763 -40.24 16.73 36.89
N PRO G 764 -41.43 17.33 37.16
CA PRO G 764 -41.84 18.64 36.66
C PRO G 764 -40.97 19.78 37.11
N LEU G 765 -40.00 19.49 38.01
CA LEU G 765 -39.22 20.41 38.75
C LEU G 765 -38.25 21.06 37.80
N ARG G 766 -37.58 20.32 36.90
CA ARG G 766 -36.67 20.90 35.91
C ARG G 766 -37.28 22.06 35.17
N ARG G 767 -38.43 21.91 34.48
CA ARG G 767 -39.10 23.04 33.83
C ARG G 767 -39.35 24.20 34.77
N ALA G 768 -39.69 23.94 36.06
CA ALA G 768 -40.04 24.98 36.98
C ALA G 768 -38.84 25.66 37.61
N ILE G 769 -37.67 25.01 37.75
CA ILE G 769 -36.39 25.62 38.04
C ILE G 769 -35.98 26.47 36.88
N GLN G 770 -36.11 25.96 35.64
CA GLN G 770 -35.85 26.70 34.44
C GLN G 770 -36.65 27.99 34.40
N LYS G 771 -37.99 27.89 34.57
CA LYS G 771 -38.88 29.00 34.61
C LYS G 771 -38.63 29.99 35.72
N HIS G 772 -38.36 29.49 36.95
CA HIS G 772 -38.33 30.31 38.14
C HIS G 772 -36.97 30.79 38.49
N VAL G 773 -35.90 30.16 37.96
CA VAL G 773 -34.58 30.64 38.26
C VAL G 773 -33.98 31.24 37.01
N GLU G 774 -33.55 30.44 36.00
CA GLU G 774 -32.93 31.01 34.82
C GLU G 774 -33.78 32.04 34.15
N ASP G 775 -34.94 31.62 33.60
CA ASP G 775 -35.94 32.45 32.97
C ASP G 775 -36.45 33.62 33.78
N ARG G 776 -36.68 33.47 35.11
CA ARG G 776 -37.28 34.52 35.92
C ARG G 776 -36.28 35.54 36.30
N LEU G 777 -35.06 35.09 36.68
CA LEU G 777 -33.98 35.97 37.04
C LEU G 777 -33.56 36.67 35.81
N SER G 778 -33.50 35.98 34.66
CA SER G 778 -33.15 36.59 33.40
C SER G 778 -34.14 37.59 32.91
N GLU G 779 -35.45 37.40 33.17
CA GLU G 779 -36.47 38.36 32.82
C GLU G 779 -36.48 39.50 33.82
N GLU G 780 -35.57 39.51 34.81
CA GLU G 780 -35.54 40.43 35.92
C GLU G 780 -34.26 41.15 35.78
N LEU G 781 -33.25 40.48 35.20
CA LEU G 781 -31.99 41.02 34.82
C LEU G 781 -32.22 41.93 33.64
N LEU G 782 -33.14 41.52 32.73
CA LEU G 782 -33.63 42.31 31.62
C LEU G 782 -34.53 43.43 32.09
N ARG G 783 -35.27 43.24 33.22
CA ARG G 783 -36.16 44.28 33.73
C ARG G 783 -35.42 45.23 34.63
N GLY G 784 -34.12 44.96 34.95
CA GLY G 784 -33.28 45.86 35.70
C GLY G 784 -33.51 45.83 37.19
N ASN G 785 -34.30 44.85 37.69
CA ASN G 785 -34.47 44.54 39.09
C ASN G 785 -33.15 44.11 39.67
N ILE G 786 -32.40 43.32 38.88
CA ILE G 786 -31.10 42.80 39.22
C ILE G 786 -30.29 43.04 37.98
N HIS G 787 -28.96 42.86 38.10
CA HIS G 787 -28.04 42.97 37.01
C HIS G 787 -27.08 41.84 37.14
N LYS G 788 -26.32 41.60 36.04
CA LYS G 788 -25.27 40.63 35.98
C LYS G 788 -24.17 40.86 36.95
N GLY G 789 -23.76 39.76 37.61
CA GLY G 789 -22.65 39.70 38.52
C GLY G 789 -23.02 40.26 39.86
N GLN G 790 -24.28 40.75 40.01
CA GLN G 790 -24.90 40.97 41.29
C GLN G 790 -25.25 39.64 41.84
N HIS G 791 -25.33 39.56 43.19
CA HIS G 791 -25.86 38.38 43.80
C HIS G 791 -27.32 38.68 43.82
N ILE G 792 -28.07 37.72 43.31
CA ILE G 792 -29.38 37.89 42.82
C ILE G 792 -30.11 36.97 43.67
N VAL G 793 -31.06 37.50 44.45
CA VAL G 793 -31.74 36.67 45.36
C VAL G 793 -33.07 36.57 44.74
N LEU G 794 -33.54 35.31 44.67
CA LEU G 794 -34.86 35.00 44.21
C LEU G 794 -35.53 34.73 45.50
N ASP G 795 -36.57 35.53 45.82
CA ASP G 795 -37.16 35.52 47.12
C ASP G 795 -38.61 35.41 46.87
N VAL G 796 -39.36 35.17 47.96
CA VAL G 796 -40.79 35.17 47.96
C VAL G 796 -41.15 36.37 48.78
N GLU G 797 -42.14 37.15 48.28
CA GLU G 797 -42.61 38.37 48.87
C GLU G 797 -43.72 38.03 49.83
N ASP G 798 -44.97 37.96 49.32
CA ASP G 798 -46.14 37.63 50.08
C ASP G 798 -46.74 36.35 49.57
N GLY G 799 -45.97 35.56 48.78
CA GLY G 799 -46.45 34.34 48.20
C GLY G 799 -46.13 34.25 46.74
N GLU G 800 -45.46 35.30 46.18
CA GLU G 800 -45.11 35.36 44.78
C GLU G 800 -43.69 35.84 44.75
N PHE G 801 -42.94 35.60 43.65
CA PHE G 801 -41.55 35.93 43.57
C PHE G 801 -41.33 37.41 43.46
N VAL G 802 -40.18 37.80 44.02
CA VAL G 802 -39.71 39.13 44.12
C VAL G 802 -38.26 38.85 44.10
N VAL G 803 -37.54 39.64 43.32
CA VAL G 803 -36.15 39.44 43.11
C VAL G 803 -35.54 40.59 43.80
N LYS G 804 -34.61 40.26 44.69
CA LYS G 804 -33.97 41.17 45.57
C LYS G 804 -32.54 41.01 45.22
N THR G 805 -31.73 41.98 45.68
CA THR G 805 -30.36 42.10 45.34
C THR G 805 -29.71 42.19 46.68
N THR G 806 -28.46 41.68 46.78
CA THR G 806 -27.74 41.56 48.01
C THR G 806 -26.28 41.78 47.67
N ALA G 807 -26.03 42.43 46.51
CA ALA G 807 -24.70 42.77 46.05
C ALA G 807 -24.19 44.03 46.76
N PHE H 3 15.60 52.11 8.26
CA PHE H 3 14.65 51.56 9.26
C PHE H 3 13.95 52.70 9.98
N GLY H 4 14.73 53.63 10.57
CA GLY H 4 14.21 54.75 11.32
C GLY H 4 14.24 54.39 12.77
N ARG H 5 14.53 53.11 13.05
CA ARG H 5 14.84 52.61 14.34
C ARG H 5 16.27 52.28 14.10
N PHE H 6 17.15 53.10 14.67
CA PHE H 6 18.56 53.06 14.46
C PHE H 6 19.10 53.67 15.71
N THR H 7 20.44 53.61 15.87
CA THR H 7 21.12 54.24 16.95
C THR H 7 21.37 55.64 16.48
N GLU H 8 21.77 56.49 17.43
CA GLU H 8 22.27 57.83 17.29
C GLU H 8 23.35 57.87 16.25
N ARG H 9 24.44 57.10 16.45
CA ARG H 9 25.65 57.09 15.65
C ARG H 9 25.46 57.10 14.12
N ALA H 10 24.54 56.25 13.60
CA ALA H 10 24.08 56.22 12.22
C ALA H 10 23.55 57.56 11.85
N GLN H 11 22.39 57.88 12.44
CA GLN H 11 21.62 59.08 12.32
C GLN H 11 22.50 60.33 12.36
N LYS H 12 23.56 60.35 13.22
CA LYS H 12 24.53 61.43 13.34
C LYS H 12 25.39 61.64 12.11
N VAL H 13 26.02 60.59 11.50
CA VAL H 13 26.75 60.79 10.24
C VAL H 13 25.83 61.36 9.17
N LEU H 14 24.57 60.88 9.20
CA LEU H 14 23.58 61.20 8.22
C LEU H 14 23.17 62.63 8.29
N ALA H 15 22.80 63.16 9.48
CA ALA H 15 22.45 64.55 9.66
C ALA H 15 23.58 65.51 9.30
N LEU H 16 24.85 65.06 9.53
CA LEU H 16 26.05 65.75 9.15
C LEU H 16 26.19 65.84 7.65
N ALA H 17 25.64 64.85 6.92
CA ALA H 17 25.47 64.95 5.50
C ALA H 17 24.65 66.14 5.06
N GLN H 18 23.46 66.35 5.67
CA GLN H 18 22.59 67.49 5.38
C GLN H 18 23.33 68.78 5.63
N GLU H 19 24.09 68.84 6.75
CA GLU H 19 24.98 69.94 7.09
C GLU H 19 25.89 70.26 5.96
N GLU H 20 26.50 69.26 5.31
CA GLU H 20 27.42 69.50 4.26
C GLU H 20 26.72 69.93 3.01
N ALA H 21 25.48 69.41 2.81
CA ALA H 21 24.59 69.83 1.76
C ALA H 21 24.51 71.29 1.67
N LEU H 22 24.18 71.98 2.78
CA LEU H 22 24.01 73.39 2.68
C LEU H 22 25.33 74.10 2.80
N ARG H 23 26.24 73.63 3.68
CA ARG H 23 27.56 74.19 3.90
C ARG H 23 28.44 74.34 2.70
N LEU H 24 28.15 73.58 1.62
CA LEU H 24 28.80 73.75 0.37
C LEU H 24 27.77 74.05 -0.64
N GLY H 25 26.49 73.87 -0.30
CA GLY H 25 25.42 74.12 -1.21
C GLY H 25 25.28 72.89 -2.06
N HIS H 26 24.12 72.22 -1.96
CA HIS H 26 23.90 70.99 -2.63
C HIS H 26 22.45 70.78 -2.51
N ASN H 27 21.80 70.68 -3.69
CA ASN H 27 20.38 70.64 -3.89
C ASN H 27 19.76 69.48 -3.20
N ASN H 28 20.44 68.34 -3.39
CA ASN H 28 20.19 67.04 -2.88
C ASN H 28 21.47 66.75 -2.18
N ILE H 29 21.39 66.16 -0.98
CA ILE H 29 22.48 66.05 -0.08
C ILE H 29 23.26 64.86 -0.55
N GLY H 30 24.43 65.18 -1.11
CA GLY H 30 25.39 64.30 -1.69
C GLY H 30 25.83 63.23 -0.78
N THR H 31 26.32 62.12 -1.38
CA THR H 31 26.99 61.02 -0.74
C THR H 31 28.28 61.51 -0.16
N GLU H 32 28.83 62.58 -0.79
CA GLU H 32 30.03 63.32 -0.49
C GLU H 32 29.93 63.92 0.88
N HIS H 33 28.67 64.16 1.31
CA HIS H 33 28.35 64.74 2.55
C HIS H 33 28.22 63.71 3.60
N ILE H 34 27.74 62.49 3.25
CA ILE H 34 27.65 61.36 4.15
C ILE H 34 29.04 61.01 4.61
N LEU H 35 30.02 61.07 3.68
CA LEU H 35 31.42 60.86 3.95
C LEU H 35 31.98 61.88 4.88
N LEU H 36 31.69 63.18 4.60
CA LEU H 36 32.03 64.28 5.46
C LEU H 36 31.44 64.14 6.82
N GLY H 37 30.19 63.62 6.92
CA GLY H 37 29.50 63.34 8.12
C GLY H 37 30.24 62.43 9.04
N LEU H 38 30.88 61.39 8.45
CA LEU H 38 31.63 60.43 9.21
C LEU H 38 32.86 61.06 9.77
N VAL H 39 33.68 61.76 8.95
CA VAL H 39 34.93 62.30 9.38
C VAL H 39 34.79 63.54 10.26
N ARG H 40 33.58 64.14 10.29
CA ARG H 40 33.24 65.36 10.98
C ARG H 40 32.58 65.06 12.27
N GLU H 41 32.25 63.77 12.51
CA GLU H 41 31.82 63.32 13.80
C GLU H 41 33.05 62.87 14.55
N GLY H 42 34.25 62.98 13.93
CA GLY H 42 35.51 63.01 14.61
C GLY H 42 36.05 61.66 14.90
N GLU H 43 35.45 60.94 15.88
CA GLU H 43 36.04 59.73 16.38
C GLU H 43 35.03 58.65 16.60
N GLY H 44 33.92 58.64 15.83
CA GLY H 44 33.03 57.50 15.71
C GLY H 44 33.84 56.44 15.02
N ILE H 45 33.48 55.14 15.03
CA ILE H 45 34.34 54.11 14.45
C ILE H 45 34.61 54.29 12.99
N ALA H 46 33.60 54.77 12.24
CA ALA H 46 33.78 55.20 10.89
C ALA H 46 34.72 56.35 10.79
N ALA H 47 34.45 57.41 11.58
CA ALA H 47 35.22 58.63 11.56
C ALA H 47 36.67 58.41 11.80
N LYS H 48 36.92 57.61 12.84
CA LYS H 48 38.15 57.16 13.40
C LYS H 48 38.89 56.39 12.39
N ALA H 49 38.18 55.46 11.70
CA ALA H 49 38.72 54.68 10.63
C ALA H 49 39.37 55.53 9.59
N LEU H 50 38.64 56.52 9.03
CA LEU H 50 39.14 57.42 8.03
C LEU H 50 40.38 58.16 8.48
N GLN H 51 40.45 58.57 9.76
CA GLN H 51 41.62 59.19 10.34
C GLN H 51 42.84 58.31 10.37
N ALA H 52 42.67 56.97 10.26
CA ALA H 52 43.76 56.03 10.34
C ALA H 52 44.41 56.01 9.01
N LEU H 53 43.60 55.83 7.93
CA LEU H 53 44.05 55.78 6.56
C LEU H 53 44.72 57.06 6.11
N GLY H 54 44.57 58.16 6.89
CA GLY H 54 45.18 59.44 6.63
C GLY H 54 44.17 60.41 6.12
N LEU H 55 42.92 59.93 5.91
CA LEU H 55 41.82 60.69 5.38
C LEU H 55 41.25 61.51 6.51
N GLY H 56 41.87 62.67 6.78
CA GLY H 56 41.36 63.63 7.74
C GLY H 56 40.23 64.36 7.09
N SER H 57 39.52 65.20 7.87
CA SER H 57 38.48 66.11 7.41
C SER H 57 38.99 67.02 6.33
N GLU H 58 40.29 67.40 6.45
CA GLU H 58 41.04 68.23 5.55
C GLU H 58 41.00 67.67 4.15
N LYS H 59 41.44 66.41 3.98
CA LYS H 59 41.45 65.73 2.72
C LYS H 59 40.08 65.57 2.14
N ILE H 60 39.04 65.27 2.97
CA ILE H 60 37.73 65.00 2.44
C ILE H 60 37.13 66.26 1.88
N GLN H 61 36.93 67.31 2.70
CA GLN H 61 36.31 68.55 2.29
C GLN H 61 36.97 69.28 1.14
N LYS H 62 38.31 69.15 0.92
CA LYS H 62 38.94 69.78 -0.22
C LYS H 62 38.51 69.15 -1.52
N GLU H 63 38.45 67.80 -1.57
CA GLU H 63 37.92 67.01 -2.65
C GLU H 63 36.46 67.28 -2.88
N VAL H 64 35.64 67.26 -1.80
CA VAL H 64 34.21 67.47 -1.80
C VAL H 64 33.88 68.82 -2.39
N GLU H 65 34.51 69.91 -1.89
CA GLU H 65 34.36 71.23 -2.46
C GLU H 65 34.82 71.31 -3.91
N SER H 66 35.78 70.43 -4.32
CA SER H 66 36.20 70.30 -5.70
C SER H 66 35.28 69.41 -6.50
N LEU H 67 34.16 68.89 -5.94
CA LEU H 67 33.20 68.09 -6.66
C LEU H 67 32.08 68.97 -7.09
N ILE H 68 31.57 69.76 -6.13
CA ILE H 68 30.42 70.61 -6.31
C ILE H 68 30.80 71.92 -5.73
N GLY H 69 30.99 71.98 -4.38
CA GLY H 69 31.44 73.19 -3.72
C GLY H 69 30.40 74.25 -3.72
N ARG H 70 30.72 75.43 -3.13
CA ARG H 70 29.82 76.56 -3.10
C ARG H 70 29.67 77.10 -4.49
N GLY H 71 28.47 77.55 -4.92
CA GLY H 71 27.23 77.64 -4.20
C GLY H 71 26.41 76.37 -4.29
N GLN H 72 25.11 76.58 -4.55
CA GLN H 72 24.02 75.62 -4.62
C GLN H 72 23.44 75.60 -3.23
N GLU H 73 23.60 76.73 -2.50
CA GLU H 73 23.18 77.00 -1.14
C GLU H 73 21.68 76.98 -1.03
N MET H 74 20.99 76.87 -2.19
CA MET H 74 19.57 76.73 -2.31
C MET H 74 19.12 75.48 -1.62
N SER H 75 19.85 74.35 -1.81
CA SER H 75 19.53 73.06 -1.25
C SER H 75 18.14 72.67 -1.73
N GLN H 76 17.93 72.80 -3.07
CA GLN H 76 16.70 72.68 -3.81
C GLN H 76 15.99 71.38 -3.59
N THR H 77 14.87 71.50 -2.82
CA THR H 77 14.05 70.46 -2.29
C THR H 77 14.89 69.40 -1.65
N ILE H 78 15.63 69.77 -0.57
CA ILE H 78 16.62 68.89 0.00
C ILE H 78 15.95 67.68 0.56
N HIS H 79 16.31 66.60 -0.12
CA HIS H 79 16.11 65.25 0.28
C HIS H 79 17.50 64.82 -0.07
N TYR H 80 17.82 63.52 0.07
CA TYR H 80 19.16 63.09 -0.19
C TYR H 80 19.38 62.98 -1.66
N THR H 81 20.64 62.73 -2.06
CA THR H 81 20.94 62.15 -3.35
C THR H 81 20.50 60.72 -3.24
N PRO H 82 20.09 60.03 -4.29
CA PRO H 82 19.58 58.67 -4.17
C PRO H 82 20.66 57.75 -3.67
N ARG H 83 21.93 58.06 -4.02
CA ARG H 83 23.13 57.40 -3.59
C ARG H 83 23.25 57.50 -2.08
N ALA H 84 23.28 58.73 -1.55
CA ALA H 84 23.35 59.00 -0.12
C ALA H 84 22.27 58.32 0.69
N LYS H 85 21.03 58.23 0.14
CA LYS H 85 19.90 57.54 0.72
C LYS H 85 20.09 56.04 0.78
N LYS H 86 20.76 55.49 -0.25
CA LYS H 86 21.17 54.11 -0.33
C LYS H 86 22.11 53.77 0.76
N VAL H 87 23.10 54.64 1.07
CA VAL H 87 24.08 54.41 2.14
C VAL H 87 23.37 54.11 3.46
N ILE H 88 22.20 54.75 3.71
CA ILE H 88 21.41 54.56 4.91
C ILE H 88 20.77 53.19 4.91
N GLU H 89 20.12 52.81 3.79
CA GLU H 89 19.62 51.45 3.60
C GLU H 89 20.67 50.37 3.76
N LEU H 90 21.92 50.72 3.39
CA LEU H 90 23.03 49.82 3.24
C LEU H 90 23.59 49.49 4.56
N SER H 91 23.86 50.53 5.36
CA SER H 91 24.28 50.52 6.72
C SER H 91 23.42 49.67 7.60
N MET H 92 22.09 49.70 7.37
CA MET H 92 21.16 48.81 8.02
C MET H 92 21.51 47.37 7.83
N ASP H 93 21.98 46.98 6.63
CA ASP H 93 22.43 45.63 6.37
C ASP H 93 23.83 45.42 6.83
N GLU H 94 24.71 46.45 6.72
CA GLU H 94 26.07 46.40 7.21
C GLU H 94 26.12 46.38 8.71
N ALA H 95 24.94 46.32 9.36
CA ALA H 95 24.82 46.24 10.78
C ALA H 95 24.07 44.99 11.09
N ARG H 96 23.07 44.57 10.27
CA ARG H 96 22.48 43.24 10.27
C ARG H 96 23.46 42.11 10.19
N LYS H 97 24.43 42.29 9.28
CA LYS H 97 25.41 41.33 8.88
C LYS H 97 26.53 41.29 9.87
N LEU H 98 26.64 42.36 10.68
CA LEU H 98 27.67 42.49 11.66
C LEU H 98 26.97 42.82 12.94
N GLY H 99 26.09 41.87 13.38
CA GLY H 99 25.36 41.95 14.63
C GLY H 99 24.33 43.02 14.65
N HIS H 100 24.70 44.17 15.28
CA HIS H 100 24.02 45.44 15.45
C HIS H 100 22.61 45.57 14.88
N SER H 101 21.61 45.62 15.79
CA SER H 101 20.21 45.78 15.47
C SER H 101 20.00 47.15 14.88
N TYR H 102 20.68 48.11 15.54
CA TYR H 102 20.55 49.49 15.27
C TYR H 102 21.92 50.00 14.96
N VAL H 103 21.98 50.63 13.77
CA VAL H 103 23.09 51.05 13.00
C VAL H 103 23.92 52.11 13.68
N GLY H 104 25.26 52.08 13.45
CA GLY H 104 26.20 53.00 14.03
C GLY H 104 26.97 53.61 12.90
N THR H 105 27.91 54.55 13.24
CA THR H 105 28.70 55.36 12.33
C THR H 105 29.41 54.50 11.34
N GLU H 106 29.92 53.38 11.87
CA GLU H 106 30.80 52.41 11.32
C GLU H 106 30.18 51.81 10.09
N HIS H 107 28.96 51.26 10.24
CA HIS H 107 28.14 50.66 9.23
C HIS H 107 27.87 51.57 8.07
N ILE H 108 27.75 52.88 8.33
CA ILE H 108 27.52 53.90 7.33
C ILE H 108 28.72 54.05 6.46
N LEU H 109 29.95 54.10 7.03
CA LEU H 109 31.20 54.02 6.31
C LEU H 109 31.37 52.73 5.59
N LEU H 110 30.93 51.60 6.19
CA LEU H 110 30.99 50.31 5.54
C LEU H 110 30.15 50.39 4.30
N GLY H 111 28.91 50.93 4.44
CA GLY H 111 27.99 51.20 3.36
C GLY H 111 28.49 52.11 2.28
N LEU H 112 29.32 53.13 2.59
CA LEU H 112 29.94 53.98 1.59
C LEU H 112 30.81 53.22 0.64
N ILE H 113 31.76 52.44 1.18
CA ILE H 113 32.63 51.54 0.44
C ILE H 113 31.85 50.63 -0.47
N ARG H 114 30.79 49.98 0.07
CA ARG H 114 29.83 49.11 -0.58
C ARG H 114 29.26 49.76 -1.81
N GLU H 115 28.88 51.04 -1.65
CA GLU H 115 28.26 51.93 -2.59
C GLU H 115 29.35 52.67 -3.33
N GLY H 116 30.29 51.90 -3.91
CA GLY H 116 31.59 52.33 -4.36
C GLY H 116 31.64 53.19 -5.60
N GLU H 117 30.49 53.43 -6.28
CA GLU H 117 30.46 54.34 -7.43
C GLU H 117 29.86 55.64 -6.94
N GLY H 118 29.33 55.64 -5.68
CA GLY H 118 28.78 56.76 -4.97
C GLY H 118 29.76 57.88 -4.84
N VAL H 119 29.28 59.07 -4.45
CA VAL H 119 30.06 60.28 -4.50
C VAL H 119 31.15 60.21 -3.44
N ALA H 120 30.79 59.75 -2.23
CA ALA H 120 31.66 59.47 -1.11
C ALA H 120 32.83 58.64 -1.50
N ALA H 121 32.55 57.40 -1.95
CA ALA H 121 33.50 56.45 -2.44
C ALA H 121 34.57 57.04 -3.33
N ARG H 122 34.14 57.92 -4.28
CA ARG H 122 35.02 58.54 -5.23
C ARG H 122 35.88 59.57 -4.58
N VAL H 123 35.36 60.33 -3.59
CA VAL H 123 36.10 61.26 -2.76
C VAL H 123 37.32 60.59 -2.17
N LEU H 124 37.20 59.32 -1.74
CA LEU H 124 38.24 58.65 -0.98
C LEU H 124 39.21 58.09 -1.96
N ASN H 125 38.70 57.51 -3.06
CA ASN H 125 39.46 57.08 -4.21
C ASN H 125 40.12 58.20 -5.00
N ASN H 126 39.82 59.49 -4.66
CA ASN H 126 40.42 60.65 -5.27
C ASN H 126 41.50 61.08 -4.33
N LEU H 127 41.25 60.93 -3.02
CA LEU H 127 42.19 61.18 -1.95
C LEU H 127 43.06 59.98 -1.65
N GLY H 128 43.42 59.20 -2.68
CA GLY H 128 44.36 58.12 -2.59
C GLY H 128 43.65 56.89 -2.15
N VAL H 129 43.80 56.59 -0.83
CA VAL H 129 43.29 55.48 -0.04
C VAL H 129 42.35 54.56 -0.77
N SER H 130 42.79 53.29 -0.97
CA SER H 130 42.00 52.27 -1.62
C SER H 130 40.75 52.03 -0.83
N LEU H 131 39.66 51.74 -1.56
CA LEU H 131 38.34 51.70 -0.99
C LEU H 131 38.18 50.60 0.01
N ASN H 132 38.89 49.47 -0.17
CA ASN H 132 38.75 48.31 0.68
C ASN H 132 39.55 48.49 1.94
N LYS H 133 40.70 49.22 1.87
CA LYS H 133 41.49 49.65 3.00
C LYS H 133 40.70 50.53 3.94
N ALA H 134 39.69 51.26 3.44
CA ALA H 134 38.89 52.13 4.26
C ALA H 134 37.84 51.38 5.02
N ARG H 135 37.08 50.47 4.35
CA ARG H 135 36.05 49.68 4.99
C ARG H 135 36.60 48.70 5.98
N GLN H 136 37.83 48.23 5.71
CA GLN H 136 38.63 47.37 6.55
C GLN H 136 38.80 48.05 7.84
N GLN H 137 39.44 49.22 7.78
CA GLN H 137 39.71 50.11 8.87
C GLN H 137 38.56 50.27 9.82
N VAL H 138 37.33 50.43 9.27
CA VAL H 138 36.14 50.50 10.06
C VAL H 138 35.88 49.24 10.83
N LEU H 139 35.97 48.06 10.16
CA LEU H 139 35.81 46.73 10.73
C LEU H 139 36.71 46.48 11.90
N GLN H 140 38.04 46.75 11.74
CA GLN H 140 39.07 46.62 12.76
C GLN H 140 38.96 47.65 13.88
N LEU H 141 37.83 48.37 13.99
CA LEU H 141 37.58 49.33 15.03
C LEU H 141 36.14 49.16 15.44
N LEU H 142 35.39 48.33 14.68
CA LEU H 142 34.03 47.87 14.85
C LEU H 142 34.12 46.51 15.48
N GLY H 143 35.33 46.09 15.95
CA GLY H 143 35.60 44.87 16.66
C GLY H 143 34.55 44.51 17.68
N SER H 144 34.07 43.24 17.62
CA SER H 144 32.96 42.71 18.37
C SER H 144 31.69 43.34 17.90
N ASN H 145 30.53 42.70 18.13
CA ASN H 145 29.28 43.28 17.74
C ASN H 145 28.28 42.86 18.77
N GLU H 146 28.78 42.44 19.97
CA GLU H 146 28.04 41.93 21.11
C GLU H 146 27.07 42.93 21.68
N THR H 147 25.88 42.45 22.12
CA THR H 147 24.87 43.25 22.77
C THR H 147 23.94 42.28 23.44
N GLY H 148 23.19 42.74 24.48
CA GLY H 148 22.24 41.95 25.24
C GLY H 148 22.91 40.91 26.09
N SER H 149 22.10 40.12 26.84
CA SER H 149 22.59 39.13 27.76
C SER H 149 23.19 37.97 27.00
N SER H 150 24.21 37.33 27.61
CA SER H 150 24.89 36.22 27.01
C SER H 150 25.53 35.44 28.12
N ALA H 151 25.99 34.20 27.82
CA ALA H 151 26.59 33.35 28.82
C ALA H 151 27.48 32.35 28.13
N ALA H 152 28.50 31.86 28.85
CA ALA H 152 29.44 30.85 28.40
C ALA H 152 30.11 30.32 29.63
N GLY H 153 30.84 29.16 29.52
CA GLY H 153 31.52 28.60 30.66
C GLY H 153 31.84 27.14 30.44
N THR H 154 32.78 26.61 31.26
CA THR H 154 33.24 25.23 31.24
C THR H 154 32.94 24.60 32.57
N ASN H 155 32.12 25.30 33.42
CA ASN H 155 31.69 24.84 34.73
C ASN H 155 30.90 23.57 34.59
N SER H 156 31.12 22.64 35.54
CA SER H 156 30.33 21.45 35.74
C SER H 156 30.58 20.52 34.59
N ASN H 157 31.74 19.82 34.58
CA ASN H 157 32.26 19.16 33.42
C ASN H 157 31.37 18.07 32.87
N ALA H 158 30.91 17.08 33.70
CA ALA H 158 30.05 16.00 33.25
C ALA H 158 28.77 16.42 32.54
N ASN H 159 28.19 17.58 32.96
CA ASN H 159 27.04 18.22 32.34
C ASN H 159 27.19 18.55 30.89
N THR H 160 28.46 18.71 30.41
CA THR H 160 28.83 19.06 29.05
C THR H 160 28.18 18.11 28.06
N PRO H 161 28.56 16.85 27.85
CA PRO H 161 27.93 15.95 26.89
C PRO H 161 26.42 15.88 26.94
N THR H 162 25.76 15.76 28.14
CA THR H 162 24.32 15.68 28.26
C THR H 162 23.66 16.95 27.78
N LEU H 163 23.58 18.01 28.62
CA LEU H 163 22.97 19.32 28.39
C LEU H 163 23.29 20.03 27.07
N ASP H 164 24.35 19.61 26.34
CA ASP H 164 24.79 20.13 25.06
C ASP H 164 23.76 19.87 23.98
N SER H 165 23.53 18.57 23.71
CA SER H 165 23.01 17.92 22.53
C SER H 165 22.18 18.76 21.54
N LEU H 166 20.86 19.09 21.64
CA LEU H 166 19.73 18.87 22.52
C LEU H 166 19.95 19.51 23.87
N ALA H 167 19.41 20.72 24.15
CA ALA H 167 18.64 21.61 23.31
C ALA H 167 18.63 22.91 24.08
N ARG H 168 17.48 23.65 24.06
CA ARG H 168 17.20 24.78 24.93
C ARG H 168 17.15 24.28 26.35
N ASP H 169 17.59 25.12 27.32
CA ASP H 169 17.64 24.73 28.70
C ASP H 169 16.81 25.79 29.33
N LEU H 170 15.54 25.46 29.67
CA LEU H 170 14.55 26.41 30.17
C LEU H 170 15.00 27.18 31.38
N THR H 171 15.69 26.51 32.35
CA THR H 171 16.32 27.14 33.49
C THR H 171 17.33 28.19 33.10
N ALA H 172 18.16 27.93 32.07
CA ALA H 172 19.16 28.85 31.55
C ALA H 172 18.53 30.09 31.01
N ILE H 173 17.60 29.93 30.02
CA ILE H 173 16.86 30.98 29.37
C ILE H 173 15.96 31.76 30.33
N ALA H 174 15.74 31.26 31.57
CA ALA H 174 14.93 31.93 32.57
C ALA H 174 15.81 32.59 33.59
N LYS H 175 17.14 32.41 33.46
CA LYS H 175 18.16 33.07 34.25
C LYS H 175 18.84 34.07 33.36
N GLU H 176 18.42 34.12 32.07
CA GLU H 176 18.88 35.07 31.08
C GLU H 176 17.72 35.99 30.81
N ASP H 177 16.49 35.49 31.12
CA ASP H 177 15.22 36.15 31.00
C ASP H 177 14.93 36.59 29.59
N SER H 178 15.16 35.67 28.64
CA SER H 178 14.72 35.81 27.29
C SER H 178 13.48 34.94 27.18
N LEU H 179 13.15 34.27 28.31
CA LEU H 179 12.06 33.39 28.49
C LEU H 179 10.91 34.26 28.87
N ASP H 180 9.71 33.88 28.40
CA ASP H 180 8.49 34.57 28.71
C ASP H 180 7.68 33.50 29.39
N PRO H 181 6.93 33.77 30.47
CA PRO H 181 6.30 32.77 31.32
C PRO H 181 5.58 31.59 30.68
N VAL H 182 4.70 31.68 29.65
CA VAL H 182 4.06 32.85 29.10
C VAL H 182 2.82 33.10 29.92
N ILE H 183 2.09 32.02 30.27
CA ILE H 183 0.85 32.10 31.00
C ILE H 183 0.60 30.72 31.57
N GLY H 184 -0.11 30.63 32.71
CA GLY H 184 -0.43 29.37 33.37
C GLY H 184 -1.88 29.43 33.76
N ARG H 185 -2.56 28.31 34.15
CA ARG H 185 -2.15 26.93 34.25
C ARG H 185 -1.08 26.69 35.28
N SER H 186 -1.40 27.05 36.56
CA SER H 186 -0.57 26.92 37.74
C SER H 186 -0.68 25.61 38.50
N LYS H 187 -1.90 25.07 38.73
CA LYS H 187 -2.13 23.80 39.43
C LYS H 187 -1.64 22.64 38.63
N GLU H 188 -1.45 22.85 37.31
CA GLU H 188 -0.88 21.87 36.42
C GLU H 188 0.55 21.69 36.81
N ILE H 189 1.25 22.81 37.09
CA ILE H 189 2.62 22.80 37.55
C ILE H 189 2.72 22.11 38.88
N GLN H 190 1.76 22.34 39.83
CA GLN H 190 1.80 21.69 41.12
C GLN H 190 1.71 20.20 41.01
N ARG H 191 0.70 19.67 40.25
CA ARG H 191 0.59 18.25 40.00
C ARG H 191 1.72 17.63 39.23
N VAL H 192 2.54 18.44 38.50
CA VAL H 192 3.69 17.99 37.75
C VAL H 192 4.84 17.81 38.69
N ILE H 193 4.93 18.71 39.71
CA ILE H 193 5.99 18.72 40.71
C ILE H 193 5.66 17.58 41.63
N GLU H 194 4.37 17.14 41.70
CA GLU H 194 4.04 15.92 42.38
C GLU H 194 4.75 14.78 41.71
N VAL H 195 4.48 14.57 40.40
CA VAL H 195 5.17 13.57 39.63
C VAL H 195 6.67 13.69 39.46
N LEU H 196 7.30 14.79 39.96
CA LEU H 196 8.68 15.11 39.74
C LEU H 196 9.44 14.88 41.01
N SER H 197 8.71 14.86 42.12
CA SER H 197 9.20 14.60 43.44
C SER H 197 8.85 13.16 43.67
N ARG H 198 9.53 12.28 42.89
CA ARG H 198 9.21 10.89 42.84
C ARG H 198 10.44 10.13 42.47
N ARG H 199 10.56 8.86 42.93
CA ARG H 199 11.57 7.96 42.41
C ARG H 199 10.99 6.61 42.13
N THR H 200 9.67 6.42 42.33
CA THR H 200 9.04 5.18 41.91
C THR H 200 8.19 5.50 40.73
N LYS H 201 7.83 6.78 40.59
CA LYS H 201 7.00 7.22 39.52
C LYS H 201 7.54 8.53 39.07
N ASN H 202 8.88 8.58 38.87
CA ASN H 202 9.70 9.71 38.48
C ASN H 202 9.16 10.69 37.47
N ASN H 203 8.21 10.29 36.59
CA ASN H 203 7.99 11.01 35.38
C ASN H 203 6.62 11.63 35.36
N PRO H 204 6.56 12.95 35.18
CA PRO H 204 5.28 13.61 35.01
C PRO H 204 4.78 13.40 33.63
N VAL H 205 3.46 13.51 33.45
CA VAL H 205 2.83 13.20 32.21
C VAL H 205 1.66 14.12 32.21
N LEU H 206 1.65 15.06 31.25
CA LEU H 206 0.63 16.07 31.10
C LEU H 206 -0.30 15.53 30.07
N ILE H 207 -1.62 15.47 30.37
CA ILE H 207 -2.58 14.95 29.43
C ILE H 207 -3.53 16.10 29.25
N GLY H 208 -3.78 16.47 27.97
CA GLY H 208 -4.62 17.59 27.66
C GLY H 208 -4.43 18.00 26.23
N GLU H 209 -5.22 19.03 25.83
CA GLU H 209 -5.22 19.66 24.52
C GLU H 209 -3.87 20.28 24.17
N PRO H 210 -3.32 20.19 22.95
CA PRO H 210 -1.88 20.35 22.74
C PRO H 210 -1.27 21.73 22.87
N GLY H 211 -1.68 22.81 22.14
CA GLY H 211 -3.00 23.15 21.69
C GLY H 211 -3.66 24.09 22.66
N VAL H 212 -2.95 24.43 23.77
CA VAL H 212 -3.39 25.45 24.70
C VAL H 212 -2.22 26.35 24.94
N GLY H 213 -1.10 26.10 24.23
CA GLY H 213 0.14 26.78 24.51
C GLY H 213 0.71 26.13 25.73
N LYS H 214 0.56 24.77 25.79
CA LYS H 214 0.96 23.88 26.86
C LYS H 214 2.35 24.13 27.34
N THR H 215 3.31 24.33 26.40
CA THR H 215 4.73 24.61 26.62
C THR H 215 5.05 25.70 27.63
N ALA H 216 4.07 26.56 27.96
CA ALA H 216 4.18 27.64 28.92
C ALA H 216 4.26 27.06 30.31
N ILE H 217 3.48 25.99 30.57
CA ILE H 217 3.42 25.22 31.79
C ILE H 217 4.77 24.61 32.08
N ALA H 218 5.48 24.14 31.03
CA ALA H 218 6.81 23.56 31.16
C ALA H 218 7.82 24.51 31.75
N GLU H 219 7.83 25.78 31.28
CA GLU H 219 8.62 26.87 31.81
C GLU H 219 8.29 27.18 33.27
N GLY H 220 7.03 26.83 33.63
CA GLY H 220 6.44 26.79 34.94
C GLY H 220 7.26 26.06 35.94
N LEU H 221 7.67 24.80 35.62
CA LEU H 221 8.43 23.92 36.48
C LEU H 221 9.68 24.55 36.97
N ALA H 222 10.56 25.02 36.07
CA ALA H 222 11.79 25.77 36.35
C ALA H 222 11.61 26.71 37.52
N GLN H 223 10.60 27.60 37.38
CA GLN H 223 10.19 28.63 38.31
C GLN H 223 9.73 28.11 39.66
N GLN H 224 8.92 27.03 39.69
CA GLN H 224 8.31 26.45 40.86
C GLN H 224 9.25 25.54 41.63
N ILE H 225 10.24 24.92 40.94
CA ILE H 225 11.28 24.10 41.51
C ILE H 225 12.20 25.00 42.30
N ILE H 226 12.38 26.27 41.84
CA ILE H 226 13.07 27.31 42.55
C ILE H 226 12.28 27.68 43.79
N ASN H 227 11.16 28.43 43.68
CA ASN H 227 10.39 28.94 44.80
C ASN H 227 9.20 28.01 45.00
N ASN H 228 9.18 27.12 46.04
CA ASN H 228 10.26 26.78 46.93
C ASN H 228 10.11 25.32 47.23
N GLU H 229 9.21 24.63 46.49
CA GLU H 229 8.94 23.21 46.62
C GLU H 229 9.84 22.48 45.67
N VAL H 230 10.30 21.28 46.11
CA VAL H 230 11.07 20.29 45.38
C VAL H 230 11.82 19.55 46.48
N PRO H 231 12.14 18.26 46.38
CA PRO H 231 12.76 17.50 47.47
C PRO H 231 14.06 18.00 47.98
N GLU H 232 14.44 17.49 49.17
CA GLU H 232 15.66 17.76 49.85
C GLU H 232 16.86 17.36 49.04
N ILE H 233 16.86 16.16 48.38
CA ILE H 233 18.00 15.80 47.56
C ILE H 233 17.73 16.04 46.11
N LEU H 234 16.54 16.62 45.78
CA LEU H 234 16.24 17.03 44.42
C LEU H 234 16.28 18.53 44.45
N ARG H 235 16.91 19.13 45.49
CA ARG H 235 17.15 20.54 45.59
C ARG H 235 18.04 20.96 44.43
N ASP H 236 18.98 20.06 44.07
CA ASP H 236 19.72 20.13 42.85
C ASP H 236 18.85 19.44 41.84
N LYS H 237 18.30 20.26 40.91
CA LYS H 237 17.46 19.79 39.83
C LYS H 237 17.79 20.68 38.67
N ARG H 238 17.84 20.08 37.47
CA ARG H 238 18.04 20.78 36.22
C ARG H 238 16.92 20.38 35.33
N VAL H 239 16.43 21.32 34.49
CA VAL H 239 15.37 21.10 33.53
C VAL H 239 16.04 21.26 32.19
N MET H 240 16.03 20.15 31.40
CA MET H 240 16.67 20.01 30.11
C MET H 240 15.59 19.63 29.13
N THR H 241 15.58 20.26 27.94
CA THR H 241 14.58 20.03 26.93
C THR H 241 15.14 19.07 25.91
N LEU H 242 14.31 18.10 25.49
CA LEU H 242 14.64 17.16 24.44
C LEU H 242 13.64 17.52 23.38
N ASP H 243 14.14 18.05 22.24
CA ASP H 243 13.33 18.61 21.20
C ASP H 243 13.61 17.80 19.97
N MET H 244 12.53 17.36 19.27
CA MET H 244 12.55 16.51 18.10
C MET H 244 13.19 17.17 16.90
N GLY H 245 12.98 18.50 16.73
CA GLY H 245 13.40 19.26 15.57
C GLY H 245 14.89 19.27 15.32
N THR H 246 15.72 19.40 16.39
CA THR H 246 17.16 19.40 16.29
C THR H 246 17.67 18.02 15.91
N VAL H 247 17.01 16.93 16.40
CA VAL H 247 17.35 15.54 16.12
C VAL H 247 17.21 15.25 14.66
N VAL H 248 16.08 15.72 14.05
CA VAL H 248 15.73 15.50 12.66
C VAL H 248 16.66 16.30 11.77
N ALA H 249 17.11 17.50 12.21
CA ALA H 249 18.04 18.32 11.46
C ALA H 249 19.39 17.63 11.45
N GLY H 250 20.03 17.58 10.27
CA GLY H 250 21.36 17.00 10.11
C GLY H 250 21.33 15.51 9.96
N THR H 251 20.12 14.90 9.87
CA THR H 251 19.94 13.47 9.74
C THR H 251 18.91 13.28 8.66
N LYS H 252 18.73 12.03 8.21
CA LYS H 252 17.74 11.69 7.22
C LYS H 252 17.35 10.25 7.38
N TYR H 253 17.71 9.63 8.54
CA TYR H 253 17.40 8.24 8.80
C TYR H 253 16.96 8.13 10.24
N ARG H 254 16.15 7.08 10.50
CA ARG H 254 15.63 6.67 11.78
C ARG H 254 16.75 6.16 12.66
N GLY H 255 17.73 5.46 12.05
CA GLY H 255 18.86 4.88 12.72
C GLY H 255 19.72 5.94 13.36
N GLU H 256 19.96 7.05 12.63
CA GLU H 256 20.73 8.19 13.10
C GLU H 256 20.05 8.87 14.26
N PHE H 257 18.70 9.00 14.19
CA PHE H 257 17.88 9.58 15.23
C PHE H 257 18.02 8.79 16.51
N GLU H 258 17.98 7.44 16.39
CA GLU H 258 18.11 6.52 17.49
C GLU H 258 19.47 6.57 18.15
N ASP H 259 20.54 6.67 17.34
CA ASP H 259 21.92 6.71 17.80
C ASP H 259 22.17 7.94 18.63
N ARG H 260 21.65 9.08 18.14
CA ARG H 260 21.80 10.37 18.76
C ARG H 260 21.07 10.40 20.08
N LEU H 261 19.85 9.82 20.10
CA LEU H 261 19.04 9.69 21.27
C LEU H 261 19.66 8.78 22.29
N LYS H 262 20.34 7.69 21.85
CA LYS H 262 21.06 6.75 22.69
C LYS H 262 22.15 7.45 23.43
N LYS H 263 22.88 8.36 22.72
CA LYS H 263 23.96 9.12 23.28
C LYS H 263 23.45 10.01 24.38
N VAL H 264 22.27 10.63 24.15
CA VAL H 264 21.61 11.47 25.11
C VAL H 264 21.22 10.70 26.35
N MET H 265 20.62 9.48 26.22
CA MET H 265 20.18 8.70 27.35
C MET H 265 21.30 8.27 28.24
N ASP H 266 22.47 7.87 27.67
CA ASP H 266 23.60 7.52 28.51
C ASP H 266 24.13 8.70 29.30
N GLU H 267 24.28 9.89 28.65
CA GLU H 267 24.83 11.06 29.31
C GLU H 267 23.93 11.65 30.37
N ILE H 268 22.63 11.30 30.29
CA ILE H 268 21.60 11.58 31.26
C ILE H 268 21.90 10.95 32.63
N ARG H 269 23.05 10.23 32.76
CA ARG H 269 23.69 9.65 33.93
C ARG H 269 23.86 10.60 35.09
N GLN H 270 23.69 11.92 34.86
CA GLN H 270 23.49 12.91 35.91
C GLN H 270 22.17 12.72 36.69
N ALA H 271 21.44 11.63 36.34
CA ALA H 271 20.22 11.01 36.81
C ALA H 271 19.83 11.15 38.24
N GLY H 272 18.49 11.09 38.46
CA GLY H 272 17.87 11.12 39.75
C GLY H 272 17.84 12.52 40.27
N ASN H 273 18.25 13.49 39.42
CA ASN H 273 18.35 14.87 39.75
C ASN H 273 18.14 15.65 38.48
N ILE H 274 17.71 15.00 37.37
CA ILE H 274 17.54 15.68 36.11
C ILE H 274 16.10 15.49 35.68
N ILE H 275 15.49 16.52 35.04
CA ILE H 275 14.17 16.47 34.43
C ILE H 275 14.33 16.70 32.96
N LEU H 276 13.84 15.76 32.13
CA LEU H 276 13.92 15.78 30.69
C LEU H 276 12.56 16.13 30.15
N PHE H 277 12.42 17.04 29.16
CA PHE H 277 11.11 17.34 28.60
C PHE H 277 10.98 16.62 27.28
N ILE H 278 9.98 15.73 27.20
CA ILE H 278 9.65 14.93 26.05
C ILE H 278 8.29 15.32 25.54
N ASP H 279 8.20 16.01 24.37
CA ASP H 279 6.92 16.32 23.78
C ASP H 279 6.44 15.08 23.05
N ALA H 280 5.11 14.88 22.94
CA ALA H 280 4.45 13.76 22.28
C ALA H 280 4.99 12.40 22.68
N LEU H 281 4.90 12.04 23.99
CA LEU H 281 5.56 10.89 24.55
C LEU H 281 5.16 9.57 23.91
N HIS H 282 3.87 9.42 23.47
CA HIS H 282 3.42 8.22 22.78
C HIS H 282 4.22 7.97 21.54
N THR H 283 4.56 9.01 20.75
CA THR H 283 5.24 8.79 19.49
C THR H 283 6.56 8.08 19.69
N LEU H 284 7.27 8.45 20.78
CA LEU H 284 8.50 7.84 21.21
C LEU H 284 8.34 6.46 21.77
N ILE H 285 7.23 6.17 22.47
CA ILE H 285 6.96 4.87 23.03
C ILE H 285 6.61 3.88 21.96
N GLY H 286 5.88 4.34 20.92
CA GLY H 286 5.63 3.59 19.72
C GLY H 286 4.56 2.57 19.90
N ALA H 287 3.86 2.60 21.05
CA ALA H 287 2.88 1.61 21.42
C ALA H 287 1.62 1.93 20.70
N GLY H 288 1.08 0.96 19.94
CA GLY H 288 -0.17 1.14 19.25
C GLY H 288 0.01 1.97 18.02
N GLY H 289 -1.10 2.15 17.28
CA GLY H 289 -1.15 2.88 16.04
C GLY H 289 -0.94 1.90 14.93
N ALA H 290 -1.19 2.35 13.69
CA ALA H 290 -1.05 1.54 12.50
C ALA H 290 0.25 1.87 11.82
N GLU H 291 1.15 2.59 12.54
CA GLU H 291 2.43 3.01 12.01
C GLU H 291 3.47 2.76 13.05
N GLY H 292 3.09 2.72 14.35
CA GLY H 292 3.97 2.39 15.44
C GLY H 292 4.88 3.52 15.84
N ALA H 293 4.69 4.71 15.19
CA ALA H 293 5.39 5.95 15.39
C ALA H 293 6.90 5.81 15.35
N ILE H 294 7.65 6.80 15.90
CA ILE H 294 9.09 6.79 15.89
C ILE H 294 9.50 6.15 17.19
N ASP H 295 9.80 4.83 17.19
CA ASP H 295 9.90 4.05 18.40
C ASP H 295 11.27 4.23 18.99
N ALA H 296 11.38 5.23 19.89
CA ALA H 296 12.51 5.55 20.71
C ALA H 296 12.62 4.57 21.82
N SER H 297 11.49 3.87 22.10
CA SER H 297 11.15 3.08 23.25
C SER H 297 12.21 2.15 23.69
N ASN H 298 13.03 1.60 22.76
CA ASN H 298 14.03 0.63 23.10
C ASN H 298 15.01 1.18 24.13
N ILE H 299 15.57 2.38 23.91
CA ILE H 299 16.30 3.11 24.91
C ILE H 299 15.44 3.78 25.95
N LEU H 300 14.33 4.41 25.48
CA LEU H 300 13.52 5.32 26.26
C LEU H 300 12.73 4.71 27.37
N LYS H 301 12.12 3.52 27.18
CA LYS H 301 11.32 2.82 28.15
C LYS H 301 12.10 2.48 29.41
N PRO H 302 13.29 1.86 29.38
CA PRO H 302 14.06 1.60 30.59
C PRO H 302 14.53 2.88 31.20
N SER H 303 14.74 3.95 30.38
CA SER H 303 15.14 5.25 30.83
C SER H 303 14.04 5.84 31.71
N LEU H 304 12.75 5.65 31.30
CA LEU H 304 11.58 6.12 32.03
C LEU H 304 11.53 5.42 33.38
N ALA H 305 11.83 4.09 33.39
CA ALA H 305 11.82 3.27 34.58
C ALA H 305 12.85 3.66 35.61
N ARG H 306 14.07 3.98 35.12
CA ARG H 306 15.23 4.30 35.92
C ARG H 306 15.12 5.60 36.62
N GLY H 307 14.40 6.58 36.03
CA GLY H 307 14.33 7.89 36.59
C GLY H 307 15.52 8.68 36.13
N GLU H 308 16.25 8.15 35.11
CA GLU H 308 17.32 8.86 34.45
C GLU H 308 16.60 9.78 33.50
N LEU H 309 15.63 9.21 32.76
CA LEU H 309 14.66 9.94 32.00
C LEU H 309 13.47 10.07 32.89
N GLN H 310 13.71 10.83 33.98
CA GLN H 310 12.77 11.37 34.92
C GLN H 310 12.32 12.52 34.11
N CYS H 311 11.11 12.38 33.53
CA CYS H 311 10.80 13.16 32.36
C CYS H 311 9.39 13.57 32.34
N ILE H 312 9.08 14.50 31.42
CA ILE H 312 7.82 15.13 31.31
C ILE H 312 7.29 14.68 30.00
N GLY H 313 6.08 14.10 30.04
CA GLY H 313 5.48 13.46 28.93
C GLY H 313 4.38 14.40 28.59
N ALA H 314 4.18 14.67 27.29
CA ALA H 314 3.09 15.51 26.87
C ALA H 314 2.32 14.60 25.99
N THR H 315 1.15 14.18 26.52
CA THR H 315 0.25 13.24 25.92
C THR H 315 -1.07 13.94 25.79
N THR H 316 -2.04 13.21 25.21
CA THR H 316 -3.28 13.72 24.72
C THR H 316 -4.22 12.57 24.98
N LEU H 317 -5.51 12.77 24.62
CA LEU H 317 -6.59 11.80 24.69
C LEU H 317 -6.24 10.37 24.33
N ASP H 318 -5.53 10.14 23.19
CA ASP H 318 -5.28 8.80 22.70
C ASP H 318 -3.90 8.41 23.12
N GLU H 319 -2.91 9.31 22.94
CA GLU H 319 -1.53 9.12 23.33
C GLU H 319 -1.28 8.54 24.71
N TYR H 320 -2.07 8.92 25.74
CA TYR H 320 -1.90 8.40 27.09
C TYR H 320 -2.24 6.93 27.17
N ARG H 321 -3.37 6.49 26.58
CA ARG H 321 -3.74 5.12 26.32
C ARG H 321 -2.63 4.31 25.70
N LYS H 322 -1.96 4.95 24.72
CA LYS H 322 -0.88 4.42 23.93
C LYS H 322 0.44 4.71 24.58
N TYR H 323 0.55 4.46 25.90
CA TYR H 323 1.77 4.69 26.63
C TYR H 323 1.67 3.87 27.89
N ILE H 324 0.50 3.87 28.56
CA ILE H 324 0.23 3.02 29.68
C ILE H 324 0.02 1.59 29.24
N GLU H 325 -0.34 1.38 27.95
CA GLU H 325 -0.39 0.09 27.32
C GLU H 325 0.95 -0.55 27.14
N LYS H 326 2.02 0.25 26.90
CA LYS H 326 3.37 -0.25 26.79
C LYS H 326 3.82 -0.96 28.03
N ASP H 327 3.80 -0.26 29.19
CA ASP H 327 4.10 -0.81 30.51
C ASP H 327 5.51 -1.39 30.61
N ALA H 328 6.04 -1.74 31.81
CA ALA H 328 5.54 -1.47 33.13
C ALA H 328 6.59 -0.54 33.66
N ALA H 329 6.77 0.59 32.94
CA ALA H 329 7.58 1.71 33.32
C ALA H 329 7.29 2.83 32.38
N LEU H 330 6.38 2.55 31.43
CA LEU H 330 5.73 3.54 30.62
C LEU H 330 4.38 3.71 31.23
N GLU H 331 4.15 3.04 32.39
CA GLU H 331 2.95 3.05 33.15
C GLU H 331 3.37 3.02 34.58
N ARG H 332 4.61 2.53 34.86
CA ARG H 332 5.13 2.46 36.20
C ARG H 332 6.07 3.61 36.49
N ARG H 333 6.04 4.67 35.65
CA ARG H 333 6.84 5.83 35.87
C ARG H 333 5.91 6.99 35.69
N PHE H 334 4.94 6.80 34.78
CA PHE H 334 3.84 7.68 34.42
C PHE H 334 2.99 8.14 35.57
N GLN H 335 2.27 9.27 35.36
CA GLN H 335 1.19 9.66 36.23
C GLN H 335 0.58 10.87 35.57
N PRO H 336 -0.75 11.01 35.46
CA PRO H 336 -1.29 11.98 34.53
C PRO H 336 -1.64 13.15 35.37
N ILE H 337 -1.87 14.33 34.76
CA ILE H 337 -2.25 15.49 35.50
C ILE H 337 -3.14 16.24 34.55
N GLN H 338 -4.14 16.92 35.14
CA GLN H 338 -5.26 17.52 34.47
C GLN H 338 -4.89 18.92 34.00
N VAL H 339 -4.90 19.17 32.65
CA VAL H 339 -4.50 20.42 32.02
C VAL H 339 -5.68 21.25 31.50
N ASP H 340 -5.51 22.60 31.50
CA ASP H 340 -6.49 23.64 31.18
C ASP H 340 -6.43 24.02 29.71
N GLN H 341 -7.63 24.35 29.14
CA GLN H 341 -7.82 25.06 27.90
C GLN H 341 -8.66 26.26 28.30
N PRO H 342 -8.38 27.49 27.87
CA PRO H 342 -8.98 28.70 28.42
C PRO H 342 -10.49 28.77 28.42
N SER H 343 -11.10 29.05 29.60
CA SER H 343 -12.47 29.51 29.74
C SER H 343 -12.38 31.00 29.78
N VAL H 344 -13.55 31.71 29.79
CA VAL H 344 -13.62 33.15 29.68
C VAL H 344 -12.66 33.99 30.48
N ASP H 345 -12.40 33.70 31.79
CA ASP H 345 -11.49 34.55 32.56
C ASP H 345 -10.06 34.49 32.07
N GLU H 346 -9.59 33.26 31.76
CA GLU H 346 -8.31 32.99 31.17
C GLU H 346 -8.10 33.68 29.84
N SER H 347 -9.16 33.68 28.99
CA SER H 347 -9.20 34.32 27.69
C SER H 347 -8.76 35.75 27.77
N ILE H 348 -9.47 36.59 28.56
CA ILE H 348 -9.20 37.99 28.85
C ILE H 348 -7.74 38.25 29.12
N GLN H 349 -7.11 37.39 29.97
CA GLN H 349 -5.73 37.56 30.38
C GLN H 349 -4.73 37.38 29.27
N ILE H 350 -4.99 36.43 28.33
CA ILE H 350 -4.15 36.16 27.19
C ILE H 350 -4.10 37.34 26.24
N LEU H 351 -5.28 37.88 25.89
CA LEU H 351 -5.55 39.03 25.06
C LEU H 351 -4.74 40.23 25.44
N GLN H 352 -4.90 40.69 26.70
CA GLN H 352 -4.12 41.75 27.32
C GLN H 352 -2.63 41.52 27.19
N GLY H 353 -2.15 40.28 27.41
CA GLY H 353 -0.75 39.90 27.31
C GLY H 353 -0.12 40.20 25.97
N LEU H 354 -0.90 40.12 24.86
CA LEU H 354 -0.42 40.42 23.54
C LEU H 354 -0.99 41.70 23.01
N ARG H 355 -1.67 42.51 23.84
CA ARG H 355 -2.09 43.86 23.57
C ARG H 355 -0.96 44.76 23.25
N ASP H 356 0.02 44.83 24.16
CA ASP H 356 1.22 45.63 24.09
C ASP H 356 2.03 45.52 22.79
N ARG H 357 1.82 44.45 21.98
CA ARG H 357 2.55 44.18 20.77
C ARG H 357 1.75 44.57 19.56
N TYR H 358 0.44 44.87 19.71
CA TYR H 358 -0.31 45.54 18.67
C TYR H 358 0.19 46.96 18.47
N GLU H 359 1.02 47.48 19.40
CA GLU H 359 1.65 48.77 19.26
C GLU H 359 2.88 48.71 18.38
N ALA H 360 3.37 47.49 18.05
CA ALA H 360 4.46 47.30 17.12
C ALA H 360 4.00 47.69 15.74
N HIS H 361 2.72 47.35 15.40
CA HIS H 361 2.14 47.71 14.13
C HIS H 361 1.43 49.01 14.30
N HIS H 362 0.97 49.28 15.53
CA HIS H 362 0.45 50.53 16.01
C HIS H 362 -0.97 50.56 15.55
N ARG H 363 -1.95 50.43 16.45
CA ARG H 363 -3.33 50.40 16.04
C ARG H 363 -4.14 50.28 17.26
N VAL H 364 -3.71 49.35 18.11
CA VAL H 364 -4.23 49.05 19.40
C VAL H 364 -2.92 48.88 20.12
N SER H 365 -2.76 48.81 21.47
CA SER H 365 -3.58 48.66 22.65
C SER H 365 -4.86 49.42 22.76
N ILE H 366 -5.68 49.05 23.79
CA ILE H 366 -6.93 49.59 24.26
C ILE H 366 -8.03 49.29 23.28
N THR H 367 -9.34 49.20 23.66
CA THR H 367 -9.87 49.34 25.00
C THR H 367 -9.95 48.01 25.65
N ASP H 368 -9.86 48.03 27.00
CA ASP H 368 -10.07 46.91 27.90
C ASP H 368 -11.34 46.22 27.55
N ASP H 369 -12.44 47.01 27.56
CA ASP H 369 -13.81 46.66 27.25
C ASP H 369 -13.95 45.88 25.98
N ALA H 370 -13.04 46.17 25.02
CA ALA H 370 -13.02 45.57 23.73
C ALA H 370 -12.47 44.20 23.83
N ILE H 371 -11.33 44.01 24.55
CA ILE H 371 -10.78 42.72 24.90
C ILE H 371 -11.82 41.82 25.54
N GLU H 372 -12.41 42.27 26.67
CA GLU H 372 -13.53 41.70 27.39
C GLU H 372 -14.66 41.27 26.48
N ALA H 373 -14.95 42.13 25.47
CA ALA H 373 -15.96 41.91 24.48
C ALA H 373 -15.60 40.74 23.63
N ALA H 374 -14.39 40.73 23.05
CA ALA H 374 -13.78 39.63 22.35
C ALA H 374 -14.09 38.33 23.03
N VAL H 375 -13.69 38.19 24.32
CA VAL H 375 -14.03 37.08 25.18
C VAL H 375 -15.51 36.82 25.26
N LYS H 376 -16.32 37.63 26.01
CA LYS H 376 -17.73 37.35 26.27
C LYS H 376 -18.55 36.96 25.04
N LEU H 377 -18.36 37.71 23.92
CA LEU H 377 -19.02 37.54 22.64
C LEU H 377 -18.60 36.24 22.02
N SER H 378 -17.32 35.83 22.23
CA SER H 378 -16.71 34.62 21.73
C SER H 378 -17.25 33.41 22.38
N ASP H 379 -17.44 33.48 23.71
CA ASP H 379 -17.90 32.39 24.53
C ASP H 379 -19.26 31.93 24.09
N ARG H 380 -20.13 32.91 23.77
CA ARG H 380 -21.52 32.71 23.50
C ARG H 380 -21.88 32.62 22.03
N TYR H 381 -21.30 33.47 21.15
CA TYR H 381 -21.76 33.53 19.77
C TYR H 381 -20.73 33.92 18.71
N ILE H 382 -19.46 33.56 18.96
CA ILE H 382 -18.45 33.58 17.92
C ILE H 382 -17.28 32.89 18.57
N SER H 383 -17.32 31.57 18.93
CA SER H 383 -18.12 30.43 18.56
C SER H 383 -17.82 30.15 17.14
N ASP H 384 -16.51 30.08 16.82
CA ASP H 384 -16.07 29.97 15.45
C ASP H 384 -14.71 29.33 15.47
N ARG H 385 -14.01 29.33 16.65
CA ARG H 385 -12.73 28.70 16.81
C ARG H 385 -12.74 28.16 18.24
N PHE H 386 -11.68 28.44 19.04
CA PHE H 386 -11.61 28.13 20.47
C PHE H 386 -11.61 29.44 21.23
N LEU H 387 -11.98 29.41 22.53
CA LEU H 387 -12.19 30.54 23.42
C LEU H 387 -11.22 31.73 23.34
N PRO H 388 -9.93 31.57 23.09
CA PRO H 388 -9.04 32.70 22.95
C PRO H 388 -8.73 32.98 21.50
N ASP H 389 -8.71 32.00 20.56
CA ASP H 389 -8.43 32.22 19.14
C ASP H 389 -9.49 33.14 18.61
N LYS H 390 -10.77 32.81 18.87
CA LYS H 390 -11.96 33.56 18.52
C LYS H 390 -11.79 35.01 18.82
N ALA H 391 -11.61 35.29 20.13
CA ALA H 391 -11.30 36.53 20.77
C ALA H 391 -10.33 37.38 20.00
N ILE H 392 -9.01 37.11 20.02
CA ILE H 392 -8.01 37.82 19.23
C ILE H 392 -8.36 38.18 17.80
N ASP H 393 -9.20 37.38 17.10
CA ASP H 393 -9.56 37.71 15.73
C ASP H 393 -10.47 38.88 15.74
N LEU H 394 -11.41 38.91 16.71
CA LEU H 394 -12.32 40.02 16.93
C LEU H 394 -11.63 41.28 17.29
N ILE H 395 -10.75 41.23 18.31
CA ILE H 395 -9.90 42.33 18.65
C ILE H 395 -9.12 42.84 17.51
N ASP H 396 -8.35 41.96 16.88
CA ASP H 396 -7.45 42.35 15.85
C ASP H 396 -8.09 42.81 14.60
N GLU H 397 -9.17 42.17 14.11
CA GLU H 397 -10.02 42.66 13.06
C GLU H 397 -10.40 44.07 13.25
N ALA H 398 -10.89 44.40 14.46
CA ALA H 398 -11.24 45.76 14.76
C ALA H 398 -10.03 46.64 14.94
N GLY H 399 -8.94 45.97 15.36
CA GLY H 399 -7.57 46.34 15.64
C GLY H 399 -6.78 46.51 14.41
N SER H 400 -7.47 46.93 13.35
CA SER H 400 -6.90 47.16 12.09
C SER H 400 -7.89 47.98 11.38
N LYS H 401 -9.19 47.56 11.43
CA LYS H 401 -10.34 48.16 10.82
C LYS H 401 -10.35 49.65 10.79
N VAL H 402 -10.00 50.26 11.94
CA VAL H 402 -10.06 51.70 12.09
C VAL H 402 -8.88 52.36 11.43
N ARG H 403 -7.68 51.77 11.49
CA ARG H 403 -6.52 52.20 10.73
C ARG H 403 -6.69 52.25 9.24
N LEU H 404 -7.78 51.65 8.73
CA LEU H 404 -8.09 51.57 7.33
C LEU H 404 -8.96 52.76 7.07
N ARG H 405 -10.01 52.96 7.93
CA ARG H 405 -10.85 54.15 7.92
C ARG H 405 -10.12 55.48 7.99
N SER H 406 -8.85 55.47 8.44
CA SER H 406 -7.97 56.61 8.53
C SER H 406 -7.62 57.24 7.22
N PHE H 407 -7.25 56.44 6.20
CA PHE H 407 -6.67 56.98 5.00
C PHE H 407 -7.67 56.93 3.89
N THR H 408 -8.85 56.28 4.12
CA THR H 408 -9.93 56.26 3.16
C THR H 408 -10.97 57.23 3.67
N THR H 409 -10.77 57.74 4.91
CA THR H 409 -11.55 58.82 5.45
C THR H 409 -10.68 59.58 6.43
N PRO H 410 -9.77 60.42 5.97
CA PRO H 410 -9.68 61.80 6.42
C PRO H 410 -10.72 62.60 5.66
N PRO H 411 -10.59 63.87 5.32
CA PRO H 411 -11.56 64.50 4.42
C PRO H 411 -11.37 64.09 2.96
N ASN H 412 -10.85 62.86 2.70
CA ASN H 412 -10.69 62.18 1.43
C ASN H 412 -9.67 62.85 0.56
N LEU H 413 -8.50 63.15 1.15
CA LEU H 413 -7.28 63.59 0.52
C LEU H 413 -6.62 62.56 -0.37
N LYS H 414 -7.37 61.50 -0.75
CA LYS H 414 -7.10 60.62 -1.85
C LYS H 414 -7.06 61.35 -3.16
N GLU H 415 -7.75 62.52 -3.19
CA GLU H 415 -8.05 63.40 -4.27
C GLU H 415 -6.80 64.08 -4.74
N LEU H 416 -5.87 64.44 -3.81
CA LEU H 416 -4.57 65.00 -4.09
C LEU H 416 -3.84 64.19 -5.10
N GLU H 417 -3.56 62.91 -4.75
CA GLU H 417 -2.98 61.90 -5.60
C GLU H 417 -3.61 61.85 -6.97
N GLN H 418 -4.97 61.87 -7.01
CA GLN H 418 -5.77 61.93 -8.22
C GLN H 418 -5.38 63.06 -9.11
N LYS H 419 -5.20 64.28 -8.55
CA LYS H 419 -4.75 65.48 -9.25
C LYS H 419 -3.40 65.22 -9.84
N LEU H 420 -2.40 64.88 -8.98
CA LEU H 420 -1.02 64.61 -9.33
C LEU H 420 -0.87 63.71 -10.54
N ASP H 421 -1.83 62.77 -10.73
CA ASP H 421 -1.86 61.84 -11.85
C ASP H 421 -1.93 62.62 -13.11
N GLU H 422 -3.07 63.30 -13.38
CA GLU H 422 -3.30 64.21 -14.48
C GLU H 422 -2.16 65.09 -14.86
N VAL H 423 -1.36 65.56 -13.88
CA VAL H 423 -0.19 66.37 -14.09
C VAL H 423 0.82 65.57 -14.87
N ARG H 424 1.44 64.54 -14.26
CA ARG H 424 2.36 63.57 -14.85
C ARG H 424 2.03 63.27 -16.30
N LYS H 425 0.80 62.78 -16.60
CA LYS H 425 0.18 62.60 -17.90
C LYS H 425 0.44 63.73 -18.86
N GLU H 426 -0.18 64.91 -18.58
CA GLU H 426 -0.06 66.18 -19.28
C GLU H 426 1.37 66.43 -19.61
N LYS H 427 2.24 66.47 -18.57
CA LYS H 427 3.67 66.51 -18.66
C LYS H 427 4.19 65.52 -19.62
N ASP H 428 4.00 64.20 -19.42
CA ASP H 428 4.54 63.11 -20.19
C ASP H 428 4.23 63.32 -21.63
N ALA H 429 2.96 63.21 -22.05
CA ALA H 429 2.55 63.42 -23.42
C ALA H 429 3.05 64.73 -24.00
N ALA H 430 3.04 65.83 -23.21
CA ALA H 430 3.64 67.09 -23.60
C ALA H 430 5.10 67.00 -23.84
N VAL H 431 5.85 66.35 -22.94
CA VAL H 431 7.27 66.12 -23.03
C VAL H 431 7.64 65.24 -24.18
N GLN H 432 6.72 64.32 -24.55
CA GLN H 432 6.93 63.44 -25.65
C GLN H 432 6.70 64.12 -26.97
N SER H 433 5.89 65.19 -26.99
CA SER H 433 5.59 65.87 -28.22
C SER H 433 6.43 67.11 -28.40
N GLN H 434 6.53 67.89 -27.31
CA GLN H 434 7.22 69.13 -27.09
C GLN H 434 6.66 70.19 -28.01
N GLU H 435 5.86 71.22 -27.56
CA GLU H 435 5.34 71.52 -26.24
C GLU H 435 6.46 71.66 -25.28
N PHE H 436 7.59 72.29 -25.67
CA PHE H 436 8.73 72.37 -24.80
C PHE H 436 8.42 73.15 -23.55
N GLU H 437 8.31 74.50 -23.64
CA GLU H 437 7.83 75.30 -22.53
C GLU H 437 6.39 75.03 -22.13
N LYS H 438 5.57 74.42 -23.03
CA LYS H 438 4.26 73.89 -22.75
C LYS H 438 4.31 72.59 -21.98
N ALA H 439 5.52 72.09 -21.69
CA ALA H 439 5.83 70.89 -20.97
C ALA H 439 6.41 71.42 -19.73
N ALA H 440 7.38 72.38 -19.78
CA ALA H 440 7.99 73.07 -18.67
C ALA H 440 7.18 73.14 -17.44
N SER H 441 6.02 73.83 -17.56
CA SER H 441 5.09 74.07 -16.50
C SER H 441 4.36 72.85 -16.03
N LEU H 442 4.10 71.88 -16.92
CA LEU H 442 3.49 70.63 -16.61
C LEU H 442 4.40 69.79 -15.78
N ARG H 443 5.69 69.73 -16.16
CA ARG H 443 6.71 69.09 -15.40
C ARG H 443 6.87 69.69 -14.07
N ASP H 444 7.19 70.99 -13.99
CA ASP H 444 7.33 71.70 -12.75
C ASP H 444 6.16 71.54 -11.82
N THR H 445 4.91 71.70 -12.35
CA THR H 445 3.69 71.40 -11.61
C THR H 445 3.64 70.00 -11.09
N GLU H 446 4.15 68.99 -11.83
CA GLU H 446 4.16 67.63 -11.34
C GLU H 446 4.90 67.44 -10.04
N GLN H 447 6.26 67.56 -9.99
CA GLN H 447 7.01 67.37 -8.75
C GLN H 447 6.65 68.28 -7.61
N ARG H 448 6.23 69.54 -7.89
CA ARG H 448 5.58 70.42 -6.93
C ARG H 448 4.44 69.81 -6.16
N LEU H 449 3.43 69.33 -6.94
CA LEU H 449 2.19 68.63 -6.59
C LEU H 449 2.58 67.48 -5.75
N ARG H 450 3.51 66.64 -6.25
CA ARG H 450 4.01 65.43 -5.67
C ARG H 450 4.35 65.66 -4.20
N GLU H 451 5.26 66.61 -3.87
CA GLU H 451 5.54 66.96 -2.48
C GLU H 451 4.33 67.36 -1.64
N GLN H 452 3.34 68.11 -2.18
CA GLN H 452 2.07 68.50 -1.57
C GLN H 452 1.21 67.32 -1.19
N VAL H 453 1.10 66.33 -2.10
CA VAL H 453 0.41 65.08 -1.94
C VAL H 453 0.98 64.44 -0.70
N GLU H 454 2.28 64.08 -0.77
CA GLU H 454 3.04 63.42 0.27
C GLU H 454 2.97 64.12 1.61
N ASP H 455 2.88 65.48 1.63
CA ASP H 455 2.75 66.28 2.83
C ASP H 455 1.45 66.07 3.53
N THR H 456 0.38 65.84 2.75
CA THR H 456 -0.96 65.69 3.25
C THR H 456 -1.30 64.23 3.44
N LYS H 457 -0.41 63.31 3.01
CA LYS H 457 -0.56 61.90 3.29
C LYS H 457 0.03 61.64 4.63
N LYS H 458 0.95 62.52 5.07
CA LYS H 458 1.48 62.47 6.39
C LYS H 458 0.84 63.56 7.21
N SER H 459 -0.12 64.33 6.63
CA SER H 459 -1.09 65.03 7.44
C SER H 459 -2.07 64.03 8.00
N TRP H 460 -2.19 62.83 7.36
CA TRP H 460 -2.91 61.73 7.94
C TRP H 460 -1.98 60.81 8.63
N LYS H 461 -0.96 61.41 9.30
CA LYS H 461 -0.32 60.89 10.47
C LYS H 461 -1.05 61.47 11.63
N GLU H 462 -1.95 62.46 11.38
CA GLU H 462 -2.84 62.95 12.40
C GLU H 462 -3.92 61.95 12.51
N LYS H 463 -4.37 61.34 11.38
CA LYS H 463 -5.31 60.26 11.40
C LYS H 463 -4.74 58.99 11.95
N GLN H 464 -3.41 58.95 12.20
CA GLN H 464 -2.75 57.84 12.84
C GLN H 464 -2.70 58.10 14.31
N GLY H 465 -2.22 59.27 14.73
CA GLY H 465 -2.12 59.69 16.11
C GLY H 465 -3.46 59.79 16.80
N GLN H 466 -4.54 59.89 15.99
CA GLN H 466 -5.92 59.88 16.35
C GLN H 466 -6.36 58.47 16.67
N GLU H 467 -6.04 57.50 15.78
CA GLU H 467 -6.65 56.19 15.77
C GLU H 467 -5.77 55.11 16.37
N ASN H 468 -4.46 54.99 16.02
CA ASN H 468 -3.47 53.98 16.44
C ASN H 468 -3.29 53.63 17.93
N SER H 469 -4.28 53.86 18.82
CA SER H 469 -4.64 52.92 19.84
C SER H 469 -6.14 53.06 19.98
N GLU H 470 -6.85 51.91 19.94
CA GLU H 470 -8.28 51.76 20.13
C GLU H 470 -8.53 50.43 19.53
N VAL H 471 -9.58 49.72 20.02
CA VAL H 471 -9.94 48.44 19.48
C VAL H 471 -11.34 48.16 19.88
N THR H 472 -12.01 49.22 20.41
CA THR H 472 -13.27 49.33 21.12
C THR H 472 -14.26 48.24 20.94
N VAL H 473 -15.02 47.96 22.02
CA VAL H 473 -16.28 47.25 22.03
C VAL H 473 -17.02 47.21 20.72
N ASP H 474 -17.60 48.34 20.25
CA ASP H 474 -18.31 48.44 18.99
C ASP H 474 -17.59 47.88 17.80
N ASP H 475 -16.27 48.14 17.76
CA ASP H 475 -15.28 47.69 16.84
C ASP H 475 -15.21 46.20 16.80
N ILE H 476 -15.18 45.55 17.98
CA ILE H 476 -15.08 44.12 18.14
C ILE H 476 -16.35 43.55 17.60
N ALA H 477 -17.46 44.14 17.99
CA ALA H 477 -18.77 43.70 17.66
C ALA H 477 -19.13 43.70 16.20
N MET H 478 -18.74 44.77 15.46
CA MET H 478 -18.98 44.93 14.04
C MET H 478 -18.22 43.89 13.28
N VAL H 479 -16.94 43.70 13.66
CA VAL H 479 -16.06 42.72 13.09
C VAL H 479 -16.57 41.34 13.37
N VAL H 480 -17.16 41.10 14.59
CA VAL H 480 -17.72 39.84 15.02
C VAL H 480 -18.87 39.54 14.14
N SER H 481 -19.68 40.56 13.76
CA SER H 481 -20.75 40.30 12.82
C SER H 481 -20.23 39.85 11.46
N SER H 482 -19.04 40.34 11.04
CA SER H 482 -18.45 40.01 9.75
C SER H 482 -18.16 38.56 9.47
N TRP H 483 -17.54 37.82 10.43
CA TRP H 483 -17.32 36.39 10.28
C TRP H 483 -18.53 35.53 10.42
N THR H 484 -19.12 35.56 11.65
CA THR H 484 -20.12 34.62 12.07
C THR H 484 -21.51 35.20 11.84
N ALA H 492 -18.38 44.68 22.07
CA ALA H 492 -19.62 44.44 22.80
C ALA H 492 -20.69 45.04 21.99
N GLN H 493 -20.74 46.40 21.93
CA GLN H 493 -21.76 47.24 21.37
C GLN H 493 -22.62 46.66 20.31
N THR H 494 -22.20 46.60 19.02
CA THR H 494 -23.10 46.15 17.98
C THR H 494 -23.18 44.65 17.84
N GLU H 495 -23.08 43.92 18.97
CA GLU H 495 -23.56 42.58 19.17
C GLU H 495 -24.53 42.61 20.32
N THR H 496 -24.36 43.56 21.26
CA THR H 496 -25.26 43.65 22.38
C THR H 496 -26.40 44.56 22.06
N ASP H 497 -26.29 45.37 20.98
CA ASP H 497 -27.39 46.17 20.54
C ASP H 497 -28.29 45.24 19.76
N LYS H 498 -27.69 44.24 19.09
CA LYS H 498 -28.39 43.13 18.52
C LYS H 498 -29.15 42.30 19.52
N LEU H 499 -28.61 42.14 20.76
CA LEU H 499 -29.23 41.32 21.77
C LEU H 499 -30.35 42.07 22.40
N LEU H 500 -30.10 43.28 22.94
CA LEU H 500 -31.14 44.11 23.54
C LEU H 500 -32.29 44.39 22.59
N ASN H 501 -31.99 44.61 21.30
CA ASN H 501 -32.93 44.99 20.28
C ASN H 501 -33.31 43.80 19.44
N MET H 502 -33.06 42.56 19.93
CA MET H 502 -33.33 41.32 19.24
C MET H 502 -34.70 41.27 18.63
N GLU H 503 -35.75 41.69 19.37
CA GLU H 503 -37.14 41.63 18.98
C GLU H 503 -37.37 42.35 17.68
N ASN H 504 -36.88 43.60 17.57
CA ASN H 504 -36.88 44.41 16.37
C ASN H 504 -36.26 43.76 15.17
N ILE H 505 -35.18 42.97 15.40
CA ILE H 505 -34.33 42.37 14.40
C ILE H 505 -34.98 41.10 13.93
N LEU H 506 -35.49 40.27 14.87
CA LEU H 506 -36.17 39.06 14.51
C LEU H 506 -37.49 39.29 13.81
N HIS H 507 -38.20 40.42 14.07
CA HIS H 507 -39.47 40.72 13.45
C HIS H 507 -39.37 41.08 12.00
N SER H 508 -38.20 41.61 11.60
CA SER H 508 -37.97 42.27 10.33
C SER H 508 -37.81 41.33 9.16
N ARG H 509 -37.90 40.00 9.43
CA ARG H 509 -37.76 38.96 8.44
C ARG H 509 -38.83 37.93 8.75
N VAL H 510 -39.54 38.14 9.89
CA VAL H 510 -40.59 37.29 10.39
C VAL H 510 -41.65 38.26 10.76
N ILE H 511 -42.16 38.96 9.73
CA ILE H 511 -43.00 40.11 9.90
C ILE H 511 -44.38 39.56 9.90
N GLY H 512 -45.19 39.99 10.89
CA GLY H 512 -46.33 39.23 11.33
C GLY H 512 -45.79 38.19 12.25
N GLN H 513 -46.68 37.40 12.90
CA GLN H 513 -46.32 36.36 13.86
C GLN H 513 -45.58 37.03 14.99
N ASP H 514 -46.04 38.26 15.33
CA ASP H 514 -45.37 39.19 16.20
C ASP H 514 -45.22 38.69 17.60
N GLU H 515 -46.25 37.96 18.08
CA GLU H 515 -46.26 37.19 19.29
C GLU H 515 -45.06 36.28 19.41
N ALA H 516 -44.83 35.47 18.36
CA ALA H 516 -43.83 34.45 18.28
C ALA H 516 -42.46 35.01 18.36
N VAL H 517 -42.20 36.01 17.49
CA VAL H 517 -40.97 36.72 17.34
C VAL H 517 -40.41 37.29 18.61
N VAL H 518 -41.26 38.04 19.35
CA VAL H 518 -40.91 38.72 20.57
C VAL H 518 -40.58 37.74 21.66
N ALA H 519 -41.26 36.57 21.64
CA ALA H 519 -41.04 35.50 22.58
C ALA H 519 -39.67 34.89 22.43
N VAL H 520 -39.26 34.55 21.18
CA VAL H 520 -37.95 33.99 20.92
C VAL H 520 -36.86 34.96 21.24
N ALA H 521 -37.02 36.17 20.67
CA ALA H 521 -36.21 37.34 20.89
C ALA H 521 -35.81 37.54 22.31
N LYS H 522 -36.81 37.53 23.21
CA LYS H 522 -36.67 37.83 24.62
C LYS H 522 -35.92 36.73 25.31
N ALA H 523 -36.09 35.46 24.89
CA ALA H 523 -35.45 34.32 25.53
C ALA H 523 -33.98 34.24 25.21
N VAL H 524 -33.64 34.50 23.93
CA VAL H 524 -32.28 34.57 23.46
C VAL H 524 -31.57 35.76 24.08
N ARG H 525 -32.25 36.94 24.10
CA ARG H 525 -31.78 38.19 24.67
C ARG H 525 -31.48 38.05 26.15
N ARG H 526 -32.21 37.16 26.87
CA ARG H 526 -31.94 36.80 28.24
C ARG H 526 -30.60 36.12 28.33
N ALA H 527 -30.43 34.96 27.66
CA ALA H 527 -29.18 34.22 27.68
C ALA H 527 -27.94 34.95 27.22
N ARG H 528 -28.08 35.71 26.11
CA ARG H 528 -26.99 36.24 25.32
C ARG H 528 -26.14 37.31 25.98
N ALA H 529 -26.44 37.71 27.23
CA ALA H 529 -25.62 38.66 27.96
C ALA H 529 -25.27 38.00 29.27
N GLY H 530 -25.75 36.76 29.47
CA GLY H 530 -25.41 35.87 30.54
C GLY H 530 -26.36 36.11 31.67
N LEU H 531 -27.64 35.72 31.49
CA LEU H 531 -28.68 36.01 32.46
C LEU H 531 -29.45 34.73 32.64
N LYS H 532 -29.63 34.00 31.52
CA LYS H 532 -30.34 32.74 31.41
C LYS H 532 -29.25 31.80 30.97
N ASP H 533 -29.30 30.54 31.45
CA ASP H 533 -28.37 29.46 31.15
C ASP H 533 -27.75 29.45 29.77
N PRO H 534 -26.42 29.50 29.67
CA PRO H 534 -25.77 29.52 28.38
C PRO H 534 -25.16 28.16 28.24
N LYS H 535 -25.36 27.24 29.25
CA LYS H 535 -24.85 25.87 29.25
C LYS H 535 -25.67 25.15 28.25
N ARG H 536 -26.98 25.44 28.29
CA ARG H 536 -27.98 25.11 27.30
C ARG H 536 -27.62 25.86 26.05
N PRO H 537 -28.36 25.70 24.98
CA PRO H 537 -28.31 26.60 23.84
C PRO H 537 -28.64 28.00 24.32
N ILE H 538 -28.27 29.05 23.55
CA ILE H 538 -28.56 30.43 23.87
C ILE H 538 -30.07 30.60 24.00
N GLY H 539 -30.83 29.74 23.30
CA GLY H 539 -32.23 29.68 23.48
C GLY H 539 -32.54 28.32 22.98
N SER H 540 -33.35 27.56 23.74
CA SER H 540 -33.93 26.36 23.21
C SER H 540 -35.34 26.74 22.99
N PHE H 541 -35.94 26.17 21.94
CA PHE H 541 -37.26 26.52 21.52
C PHE H 541 -37.84 25.40 20.80
N ILE H 542 -39.18 25.39 20.72
CA ILE H 542 -39.82 24.66 19.68
C ILE H 542 -40.54 25.76 19.00
N PHE H 543 -40.55 25.76 17.66
CA PHE H 543 -41.22 26.73 16.86
C PHE H 543 -42.25 25.92 16.19
N LEU H 544 -43.51 26.15 16.55
CA LEU H 544 -44.60 25.44 15.93
C LEU H 544 -45.23 26.45 15.07
N GLY H 545 -45.96 26.01 14.05
CA GLY H 545 -46.50 26.95 13.13
C GLY H 545 -46.66 26.21 11.86
N PRO H 546 -47.39 26.76 10.90
CA PRO H 546 -47.57 26.14 9.62
C PRO H 546 -46.36 26.47 8.80
N THR H 547 -46.06 25.66 7.77
CA THR H 547 -44.87 25.81 6.97
C THR H 547 -45.14 26.89 5.95
N GLY H 548 -44.38 28.01 6.07
CA GLY H 548 -44.38 29.09 5.11
C GLY H 548 -44.93 30.32 5.79
N VAL H 549 -44.90 30.34 7.14
CA VAL H 549 -45.56 31.37 7.92
C VAL H 549 -44.56 32.19 8.69
N GLY H 550 -43.64 31.58 9.48
CA GLY H 550 -42.73 32.41 10.25
C GLY H 550 -41.68 31.64 10.97
N LYS H 551 -41.81 30.29 11.07
CA LYS H 551 -40.96 29.43 11.87
C LYS H 551 -39.51 29.54 11.45
N THR H 552 -39.21 28.98 10.25
CA THR H 552 -37.95 28.96 9.53
C THR H 552 -37.31 30.32 9.44
N GLU H 553 -38.13 31.32 9.08
CA GLU H 553 -37.78 32.70 8.90
C GLU H 553 -37.15 33.30 10.14
N LEU H 554 -37.55 32.77 11.32
CA LEU H 554 -37.08 33.20 12.61
C LEU H 554 -35.77 32.57 12.94
N ALA H 555 -35.63 31.23 12.76
CA ALA H 555 -34.37 30.51 12.75
C ALA H 555 -33.23 31.20 12.02
N ARG H 556 -33.54 31.75 10.82
CA ARG H 556 -32.65 32.58 10.04
C ARG H 556 -32.35 33.88 10.73
N ALA H 557 -33.41 34.66 11.09
CA ALA H 557 -33.29 35.96 11.74
C ALA H 557 -32.52 35.96 13.05
N LEU H 558 -32.43 34.79 13.72
CA LEU H 558 -31.72 34.55 14.95
C LEU H 558 -30.29 34.38 14.62
N ALA H 559 -29.96 33.49 13.68
CA ALA H 559 -28.63 33.36 13.12
C ALA H 559 -27.98 34.71 12.83
N GLU H 560 -28.67 35.57 12.06
CA GLU H 560 -28.29 36.93 11.76
C GLU H 560 -28.04 37.79 12.97
N SER H 561 -28.96 37.79 13.95
CA SER H 561 -28.92 38.74 15.03
C SER H 561 -27.93 38.31 16.04
N ILE H 562 -27.88 37.00 16.37
CA ILE H 562 -27.03 36.52 17.42
C ILE H 562 -25.61 36.35 16.99
N PHE H 563 -25.35 35.95 15.74
CA PHE H 563 -23.98 35.58 15.42
C PHE H 563 -23.50 36.51 14.37
N GLY H 564 -24.42 37.14 13.60
CA GLY H 564 -24.08 38.19 12.68
C GLY H 564 -24.52 37.89 11.30
N ASP H 565 -24.46 36.60 10.89
CA ASP H 565 -24.83 36.20 9.57
C ASP H 565 -25.88 35.15 9.71
N GLU H 566 -26.86 35.15 8.76
CA GLU H 566 -28.04 34.33 8.79
C GLU H 566 -27.78 32.91 8.37
N GLU H 567 -26.58 32.64 7.80
CA GLU H 567 -26.30 31.42 7.08
C GLU H 567 -25.68 30.42 8.02
N SER H 568 -25.49 30.81 9.31
CA SER H 568 -25.04 29.94 10.35
C SER H 568 -26.22 29.19 10.92
N MET H 569 -26.72 28.18 10.17
CA MET H 569 -27.87 27.44 10.57
C MET H 569 -27.71 26.05 10.03
N ILE H 570 -27.53 25.06 10.95
CA ILE H 570 -27.66 23.64 10.72
C ILE H 570 -29.12 23.27 10.66
N ARG H 571 -29.46 22.02 10.30
CA ARG H 571 -30.82 21.62 10.08
C ARG H 571 -30.80 20.14 9.84
N ILE H 572 -31.36 19.41 10.84
CA ILE H 572 -31.21 17.99 11.03
C ILE H 572 -32.64 17.51 11.03
N ASP H 573 -32.99 16.36 10.40
CA ASP H 573 -34.37 15.90 10.42
C ASP H 573 -34.50 14.76 11.41
N MET H 574 -35.36 14.95 12.44
CA MET H 574 -35.70 13.95 13.42
C MET H 574 -36.54 12.84 12.91
N SER H 575 -37.33 13.11 11.84
CA SER H 575 -38.15 12.16 11.13
C SER H 575 -37.35 11.13 10.40
N GLU H 576 -36.05 11.38 10.15
CA GLU H 576 -35.16 10.42 9.55
C GLU H 576 -34.76 9.42 10.60
N TYR H 577 -34.80 9.84 11.89
CA TYR H 577 -34.54 8.99 13.03
C TYR H 577 -35.85 8.56 13.63
N MET H 578 -36.90 8.57 12.78
CA MET H 578 -38.17 7.93 13.01
C MET H 578 -38.17 6.77 12.04
N GLU H 579 -37.08 6.62 11.26
CA GLU H 579 -36.91 5.78 10.10
C GLU H 579 -37.96 5.96 9.02
N LYS H 580 -38.42 7.20 8.75
CA LYS H 580 -39.45 7.43 7.75
C LYS H 580 -38.90 8.30 6.66
N HIS H 581 -37.56 8.39 6.58
CA HIS H 581 -36.88 9.02 5.49
C HIS H 581 -35.67 8.16 5.34
N SER H 582 -35.85 6.82 5.47
CA SER H 582 -34.74 5.94 5.71
C SER H 582 -35.06 4.54 5.27
N THR H 583 -36.34 4.25 4.98
CA THR H 583 -36.72 3.05 4.25
C THR H 583 -38.10 3.29 3.66
N SER H 584 -38.53 4.57 3.61
CA SER H 584 -39.90 4.95 3.31
C SER H 584 -40.11 5.06 1.82
N ARG H 585 -40.26 6.29 1.29
CA ARG H 585 -40.64 6.52 -0.08
C ARG H 585 -39.76 7.62 -0.60
N LEU H 586 -38.46 7.31 -0.55
CA LEU H 586 -37.36 8.06 -1.08
C LEU H 586 -36.20 7.10 -1.07
N VAL H 587 -36.41 5.93 -0.42
CA VAL H 587 -35.35 5.08 0.04
C VAL H 587 -36.02 3.79 0.46
N GLY H 588 -35.27 2.67 0.45
CA GLY H 588 -35.73 1.38 0.89
C GLY H 588 -34.69 0.77 1.79
N SER H 589 -33.59 1.54 2.02
CA SER H 589 -32.37 1.20 2.72
C SER H 589 -32.53 0.40 3.99
N PRO H 590 -31.80 -0.70 4.10
CA PRO H 590 -31.64 -1.37 5.36
C PRO H 590 -30.63 -0.70 6.26
N PRO H 591 -29.35 -0.43 6.03
CA PRO H 591 -28.43 0.00 7.08
C PRO H 591 -28.50 1.47 7.37
N GLY H 592 -27.96 1.89 8.55
CA GLY H 592 -27.67 3.27 8.82
C GLY H 592 -28.25 3.89 10.05
N TYR H 593 -29.45 4.46 9.85
CA TYR H 593 -29.75 5.87 10.03
C TYR H 593 -29.47 6.61 11.30
N VAL H 594 -29.70 6.07 12.52
CA VAL H 594 -29.33 6.80 13.74
C VAL H 594 -27.83 6.82 13.90
N GLY H 595 -27.18 5.75 13.37
CA GLY H 595 -25.77 5.55 13.28
C GLY H 595 -25.17 6.60 12.41
N TYR H 596 -25.92 7.02 11.34
CA TYR H 596 -25.50 8.13 10.53
C TYR H 596 -25.57 9.41 11.32
N ASP H 597 -26.69 9.64 12.07
CA ASP H 597 -26.89 10.88 12.79
C ASP H 597 -25.96 11.15 13.94
N GLU H 598 -25.84 10.18 14.88
CA GLU H 598 -25.00 10.36 16.04
C GLU H 598 -23.57 10.28 15.61
N GLY H 599 -23.26 9.15 14.92
CA GLY H 599 -21.97 8.77 14.42
C GLY H 599 -21.38 9.72 13.42
N GLY H 600 -22.23 10.56 12.78
CA GLY H 600 -21.79 11.47 11.76
C GLY H 600 -22.49 12.79 11.85
N GLN H 601 -23.72 12.88 11.26
CA GLN H 601 -24.34 14.10 10.82
C GLN H 601 -24.52 15.19 11.85
N LEU H 602 -25.26 14.91 12.94
CA LEU H 602 -25.67 15.87 13.94
C LEU H 602 -24.48 16.48 14.64
N THR H 603 -23.56 15.59 15.07
CA THR H 603 -22.38 15.94 15.79
C THR H 603 -21.37 16.67 14.95
N GLU H 604 -21.10 16.21 13.70
CA GLU H 604 -20.16 16.83 12.80
C GLU H 604 -20.50 18.23 12.39
N LYS H 605 -21.80 18.44 12.06
CA LYS H 605 -22.29 19.68 11.52
C LYS H 605 -22.26 20.83 12.48
N VAL H 606 -22.87 20.61 13.66
CA VAL H 606 -22.82 21.51 14.77
C VAL H 606 -21.47 21.68 15.44
N ARG H 607 -20.56 20.67 15.35
CA ARG H 607 -19.20 20.80 15.86
C ARG H 607 -18.39 21.73 15.00
N ARG H 608 -18.71 21.81 13.69
CA ARG H 608 -18.08 22.67 12.73
C ARG H 608 -18.49 24.09 13.00
N LYS H 609 -19.80 24.38 13.03
CA LYS H 609 -20.30 25.67 13.43
C LYS H 609 -20.88 25.59 14.81
N PRO H 610 -20.26 26.12 15.87
CA PRO H 610 -20.86 26.10 17.20
C PRO H 610 -21.87 27.21 17.26
N TYR H 611 -21.78 28.16 16.30
CA TYR H 611 -22.59 29.33 16.18
C TYR H 611 -23.78 29.06 15.33
N SER H 612 -24.10 27.78 15.08
CA SER H 612 -25.20 27.40 14.24
C SER H 612 -26.49 27.42 14.99
N VAL H 613 -27.56 27.96 14.37
CA VAL H 613 -28.91 27.72 14.79
C VAL H 613 -29.21 26.31 14.38
N VAL H 614 -29.25 25.35 15.34
CA VAL H 614 -29.58 23.99 15.02
C VAL H 614 -31.06 23.86 14.98
N LEU H 615 -31.57 23.49 13.79
CA LEU H 615 -32.97 23.48 13.56
C LEU H 615 -33.33 22.02 13.38
N LEU H 616 -33.96 21.40 14.40
CA LEU H 616 -34.31 20.00 14.35
C LEU H 616 -35.72 19.81 13.88
N ASP H 617 -35.87 19.47 12.59
CA ASP H 617 -37.14 19.42 11.92
C ASP H 617 -37.97 18.23 12.40
N ALA H 618 -39.30 18.48 12.46
CA ALA H 618 -40.39 17.60 12.78
C ALA H 618 -40.15 16.60 13.88
N ILE H 619 -40.22 17.12 15.12
CA ILE H 619 -40.10 16.36 16.33
C ILE H 619 -41.47 15.82 16.68
N GLU H 620 -42.54 16.28 15.98
CA GLU H 620 -43.89 15.78 16.10
C GLU H 620 -43.95 14.33 15.75
N LYS H 621 -43.40 13.97 14.57
CA LYS H 621 -43.51 12.66 14.00
C LYS H 621 -42.62 11.71 14.73
N ALA H 622 -41.38 12.18 14.95
CA ALA H 622 -40.23 11.48 15.48
C ALA H 622 -40.46 10.52 16.61
N HIS H 623 -39.59 9.48 16.62
CA HIS H 623 -39.50 8.45 17.61
C HIS H 623 -39.16 9.03 18.94
N PRO H 624 -39.78 8.65 20.05
CA PRO H 624 -39.42 9.17 21.36
C PRO H 624 -37.98 9.05 21.79
N ASP H 625 -37.17 8.15 21.16
CA ASP H 625 -35.77 7.95 21.47
C ASP H 625 -34.92 9.13 21.05
N VAL H 626 -35.23 9.77 19.90
CA VAL H 626 -34.55 10.96 19.42
C VAL H 626 -34.54 12.10 20.41
N PHE H 627 -35.61 12.19 21.26
CA PHE H 627 -35.87 13.28 22.16
C PHE H 627 -34.96 13.21 23.33
N ASN H 628 -34.55 11.99 23.75
CA ASN H 628 -33.57 11.77 24.79
C ASN H 628 -32.25 12.43 24.44
N ILE H 629 -31.91 12.49 23.13
CA ILE H 629 -30.69 13.07 22.60
C ILE H 629 -30.93 14.55 22.60
N LEU H 630 -32.09 14.99 22.09
CA LEU H 630 -32.45 16.38 22.05
C LEU H 630 -32.50 17.05 23.41
N LEU H 631 -32.99 16.35 24.46
CA LEU H 631 -33.04 16.83 25.82
C LEU H 631 -31.66 17.14 26.34
N GLN H 632 -30.65 16.41 25.83
CA GLN H 632 -29.29 16.51 26.29
C GLN H 632 -28.66 17.68 25.61
N VAL H 633 -29.06 17.92 24.34
CA VAL H 633 -28.64 19.07 23.58
C VAL H 633 -29.13 20.32 24.27
N LEU H 634 -30.42 20.32 24.69
CA LEU H 634 -31.08 21.42 25.36
C LEU H 634 -30.57 21.70 26.73
N GLU H 635 -30.20 20.66 27.49
CA GLU H 635 -29.69 20.82 28.81
C GLU H 635 -28.24 21.17 28.88
N ASP H 636 -27.43 20.26 28.30
CA ASP H 636 -26.00 20.25 28.45
C ASP H 636 -25.35 21.23 27.55
N GLY H 637 -25.90 21.35 26.33
CA GLY H 637 -25.27 22.13 25.30
C GLY H 637 -24.20 21.32 24.68
N ARG H 638 -24.23 19.99 24.89
CA ARG H 638 -23.26 19.14 24.28
C ARG H 638 -23.93 17.85 24.03
N LEU H 639 -23.34 17.10 23.09
CA LEU H 639 -23.66 15.73 22.86
C LEU H 639 -22.31 15.13 22.69
N THR H 640 -22.15 13.86 23.11
CA THR H 640 -20.94 13.14 22.88
C THR H 640 -21.39 11.98 22.05
N ASP H 641 -20.90 11.91 20.80
CA ASP H 641 -21.20 10.86 19.87
C ASP H 641 -20.01 10.84 18.98
N SER H 642 -20.07 10.02 17.90
CA SER H 642 -19.05 9.88 16.88
C SER H 642 -17.80 9.31 17.50
N LYS H 643 -18.00 8.44 18.51
CA LYS H 643 -17.01 7.74 19.28
C LYS H 643 -16.07 8.68 20.00
N GLY H 644 -16.62 9.71 20.67
CA GLY H 644 -15.90 10.51 21.64
C GLY H 644 -15.66 11.93 21.20
N ARG H 645 -16.42 12.42 20.18
CA ARG H 645 -16.32 13.80 19.72
C ARG H 645 -17.33 14.58 20.50
N THR H 646 -17.04 15.87 20.79
CA THR H 646 -17.93 16.72 21.54
C THR H 646 -18.37 17.81 20.61
N VAL H 647 -19.70 17.95 20.48
CA VAL H 647 -20.41 18.85 19.61
C VAL H 647 -21.02 19.95 20.44
N ASP H 648 -20.71 21.22 20.09
CA ASP H 648 -21.03 22.37 20.89
C ASP H 648 -22.37 22.89 20.42
N PHE H 649 -23.36 22.70 21.32
CA PHE H 649 -24.71 23.15 21.22
C PHE H 649 -24.98 24.18 22.27
N ARG H 650 -23.96 24.66 23.01
CA ARG H 650 -24.19 25.59 24.09
C ARG H 650 -24.29 26.99 23.54
N ASN H 651 -23.75 27.18 22.32
CA ASN H 651 -23.71 28.44 21.62
C ASN H 651 -24.54 28.34 20.39
N THR H 652 -25.24 27.20 20.19
CA THR H 652 -26.31 27.12 19.23
C THR H 652 -27.56 27.72 19.77
N ILE H 653 -28.55 27.92 18.87
CA ILE H 653 -29.90 28.26 19.22
C ILE H 653 -30.74 27.15 18.71
N LEU H 654 -31.23 26.29 19.62
CA LEU H 654 -32.01 25.15 19.26
C LEU H 654 -33.42 25.57 19.02
N ILE H 655 -33.91 25.18 17.83
CA ILE H 655 -35.20 25.52 17.35
C ILE H 655 -35.67 24.26 16.78
N MET H 656 -36.74 23.66 17.32
CA MET H 656 -37.16 22.38 16.83
C MET H 656 -38.50 22.67 16.27
N THR H 657 -38.77 22.25 15.03
CA THR H 657 -40.01 22.62 14.41
C THR H 657 -40.89 21.42 14.42
N SER H 658 -42.18 21.64 14.15
CA SER H 658 -43.18 20.63 14.23
C SER H 658 -44.42 21.31 13.76
N ASN H 659 -45.25 20.54 13.03
CA ASN H 659 -46.49 21.01 12.47
C ASN H 659 -47.60 20.46 13.31
N VAL H 660 -47.31 20.10 14.58
CA VAL H 660 -48.32 19.60 15.47
C VAL H 660 -49.04 20.78 16.07
N GLY H 661 -48.36 21.94 16.12
CA GLY H 661 -49.00 23.18 16.42
C GLY H 661 -49.70 23.66 15.21
N ALA H 662 -49.02 23.65 14.03
CA ALA H 662 -49.48 24.09 12.72
C ALA H 662 -50.95 24.13 12.45
N SER H 663 -51.67 23.03 12.75
CA SER H 663 -53.11 22.88 12.54
C SER H 663 -53.93 23.97 13.21
N GLU H 664 -53.51 24.30 14.45
CA GLU H 664 -54.06 25.32 15.29
C GLU H 664 -53.45 26.62 14.90
N LEU H 665 -52.20 26.58 14.41
CA LEU H 665 -51.46 27.77 14.12
C LEU H 665 -51.75 28.22 12.74
N LYS H 666 -52.76 27.59 12.09
CA LYS H 666 -53.33 27.97 10.84
C LYS H 666 -54.49 28.84 11.15
N ARG H 667 -54.84 29.04 12.45
CA ARG H 667 -55.75 30.08 12.85
C ARG H 667 -55.02 31.35 12.59
N ASN H 668 -55.78 32.36 12.17
CA ASN H 668 -55.17 33.49 11.57
C ASN H 668 -55.33 34.74 12.36
N LYS H 669 -56.22 35.60 11.90
CA LYS H 669 -56.36 36.94 12.36
C LYS H 669 -57.63 37.39 11.69
N TYR H 670 -58.60 36.46 11.68
CA TYR H 670 -59.93 36.48 11.10
C TYR H 670 -60.62 37.79 10.96
N VAL H 671 -61.20 37.99 9.77
CA VAL H 671 -62.10 39.06 9.47
C VAL H 671 -63.15 38.40 8.60
N GLY H 672 -62.76 37.28 7.94
CA GLY H 672 -63.61 36.54 7.02
C GLY H 672 -64.70 35.81 7.74
N PHE H 673 -64.49 35.52 9.04
CA PHE H 673 -65.42 34.78 9.87
C PHE H 673 -66.02 35.84 10.75
N ASN H 674 -65.19 36.42 11.63
CA ASN H 674 -65.60 37.41 12.58
C ASN H 674 -64.37 38.19 12.86
N VAL H 675 -64.56 39.48 13.18
CA VAL H 675 -63.51 40.40 13.54
C VAL H 675 -63.24 40.39 15.02
N GLN H 676 -63.85 39.42 15.76
CA GLN H 676 -63.74 39.33 17.19
C GLN H 676 -63.00 38.05 17.47
N ASP H 677 -62.73 37.32 16.37
CA ASP H 677 -62.11 36.05 16.26
C ASP H 677 -60.63 36.13 16.04
N GLU H 678 -60.10 37.30 15.65
CA GLU H 678 -58.76 37.44 15.16
C GLU H 678 -57.70 37.47 16.21
N THR H 679 -57.85 38.36 17.22
CA THR H 679 -57.01 38.40 18.39
C THR H 679 -57.36 37.26 19.32
N GLN H 680 -58.20 36.33 18.82
CA GLN H 680 -58.69 35.18 19.50
C GLN H 680 -58.28 34.02 18.67
N ASN H 681 -57.75 34.23 17.46
CA ASN H 681 -57.02 33.22 16.76
C ASN H 681 -55.66 33.25 17.31
N HIS H 682 -55.17 34.47 17.62
CA HIS H 682 -53.95 34.67 18.34
C HIS H 682 -54.02 34.02 19.66
N LYS H 683 -54.85 34.53 20.59
CA LYS H 683 -55.13 33.87 21.86
C LYS H 683 -55.39 32.37 21.80
N ASP H 684 -55.93 31.84 20.67
CA ASP H 684 -56.21 30.42 20.51
C ASP H 684 -54.95 29.69 20.22
N MET H 685 -54.04 30.32 19.48
CA MET H 685 -52.85 29.69 19.02
C MET H 685 -51.84 29.65 20.10
N LYS H 686 -51.71 30.74 20.90
CA LYS H 686 -50.83 30.70 22.04
C LYS H 686 -51.28 29.86 23.23
N ASP H 687 -52.26 28.92 23.12
CA ASP H 687 -52.61 28.06 24.23
C ASP H 687 -52.74 26.61 23.82
N LYS H 688 -53.54 26.42 22.74
CA LYS H 688 -53.94 25.18 22.11
C LYS H 688 -52.83 24.37 21.50
N VAL H 689 -51.68 25.01 21.16
CA VAL H 689 -50.60 24.35 20.50
C VAL H 689 -49.81 23.51 21.48
N MET H 690 -49.31 24.14 22.57
CA MET H 690 -48.47 23.56 23.58
C MET H 690 -48.97 22.30 24.28
N GLY H 691 -50.16 21.75 23.96
CA GLY H 691 -50.64 20.51 24.53
C GLY H 691 -50.74 19.41 23.51
N GLU H 692 -50.72 19.75 22.20
CA GLU H 692 -50.61 18.84 21.10
C GLU H 692 -49.14 18.58 20.84
N LEU H 693 -48.32 19.54 21.33
CA LEU H 693 -46.88 19.56 21.39
C LEU H 693 -46.48 18.46 22.35
N LYS H 694 -46.98 18.55 23.60
CA LYS H 694 -46.87 17.54 24.64
C LYS H 694 -47.37 16.17 24.24
N ARG H 695 -48.35 16.10 23.31
CA ARG H 695 -49.00 14.87 22.89
C ARG H 695 -48.18 14.17 21.85
N ALA H 696 -47.27 14.90 21.17
CA ALA H 696 -46.51 14.38 20.07
C ALA H 696 -45.11 14.04 20.50
N PHE H 697 -44.65 14.59 21.65
CA PHE H 697 -43.32 14.30 22.14
C PHE H 697 -43.25 14.64 23.60
N ARG H 698 -42.39 13.88 24.33
CA ARG H 698 -42.10 13.91 25.76
C ARG H 698 -42.16 15.25 26.48
N PRO H 699 -42.72 15.36 27.68
CA PRO H 699 -42.71 16.59 28.46
C PRO H 699 -41.34 16.83 29.04
N GLU H 700 -40.60 15.77 29.42
CA GLU H 700 -39.25 15.79 29.92
C GLU H 700 -38.30 16.46 28.99
N PHE H 701 -38.51 16.29 27.67
CA PHE H 701 -37.76 16.87 26.58
C PHE H 701 -38.05 18.35 26.64
N ILE H 702 -39.35 18.71 26.56
CA ILE H 702 -39.92 20.02 26.60
C ILE H 702 -39.55 20.80 27.86
N ASN H 703 -39.12 20.11 28.94
CA ASN H 703 -38.87 20.71 30.23
C ASN H 703 -37.51 21.36 30.23
N ARG H 704 -36.63 20.98 29.29
CA ARG H 704 -35.30 21.55 29.17
C ARG H 704 -35.34 22.60 28.09
N ILE H 705 -36.51 22.81 27.46
CA ILE H 705 -36.71 23.80 26.43
C ILE H 705 -37.16 25.05 27.10
N ASP H 706 -36.40 26.15 26.87
CA ASP H 706 -36.58 27.42 27.54
C ASP H 706 -37.94 28.00 27.30
N GLU H 707 -38.43 27.98 26.05
CA GLU H 707 -39.70 28.60 25.75
C GLU H 707 -40.23 27.91 24.54
N ILE H 708 -41.57 27.80 24.42
CA ILE H 708 -42.21 27.19 23.29
C ILE H 708 -42.88 28.25 22.48
N ILE H 709 -42.28 28.55 21.32
CA ILE H 709 -42.68 29.60 20.43
C ILE H 709 -43.68 29.05 19.47
N VAL H 710 -44.81 29.73 19.32
CA VAL H 710 -45.84 29.40 18.39
C VAL H 710 -45.87 30.49 17.40
N PHE H 711 -45.88 30.16 16.10
CA PHE H 711 -45.84 31.12 15.04
C PHE H 711 -47.23 31.12 14.55
N HIS H 712 -47.91 32.21 14.89
CA HIS H 712 -49.29 32.44 14.61
C HIS H 712 -49.42 32.93 13.22
N SER H 713 -50.22 32.20 12.41
CA SER H 713 -50.47 32.61 11.07
C SER H 713 -51.55 33.66 11.01
N LEU H 714 -51.89 34.10 9.78
CA LEU H 714 -52.24 35.48 9.57
C LEU H 714 -53.40 35.59 8.64
N GLU H 715 -54.29 36.60 8.87
CA GLU H 715 -55.42 36.87 8.01
C GLU H 715 -55.33 38.32 7.65
N LYS H 716 -56.47 39.02 7.41
CA LYS H 716 -56.50 40.44 7.13
C LYS H 716 -55.87 41.23 8.25
N LYS H 717 -55.30 42.40 7.91
CA LYS H 717 -54.04 42.51 7.21
C LYS H 717 -52.83 42.31 8.09
N HIS H 718 -52.70 41.08 8.64
CA HIS H 718 -51.64 40.51 9.42
C HIS H 718 -50.68 39.95 8.38
N LEU H 719 -51.31 39.43 7.31
CA LEU H 719 -50.82 38.95 6.04
C LEU H 719 -49.94 39.95 5.38
N THR H 720 -50.38 41.20 5.11
CA THR H 720 -49.58 42.13 4.32
C THR H 720 -48.19 42.42 4.87
N GLU H 721 -47.79 41.95 6.09
CA GLU H 721 -46.43 42.11 6.53
C GLU H 721 -45.55 40.94 6.13
N ILE H 722 -46.13 39.73 6.05
CA ILE H 722 -45.51 38.51 5.57
C ILE H 722 -45.45 38.54 4.06
N VAL H 723 -46.55 38.95 3.38
CA VAL H 723 -46.59 39.20 1.95
C VAL H 723 -45.51 40.16 1.52
N SER H 724 -45.18 41.15 2.40
CA SER H 724 -44.23 42.19 2.12
C SER H 724 -42.84 41.70 2.43
N LEU H 725 -42.68 40.48 2.98
CA LEU H 725 -41.41 39.87 3.22
C LEU H 725 -41.11 39.07 1.98
N MET H 726 -42.12 38.34 1.43
CA MET H 726 -41.97 37.59 0.21
C MET H 726 -41.73 38.50 -0.99
N SER H 727 -42.51 39.60 -1.09
CA SER H 727 -42.39 40.59 -2.14
C SER H 727 -41.06 41.32 -2.10
N ASP H 728 -40.46 41.46 -0.89
CA ASP H 728 -39.19 42.12 -0.67
C ASP H 728 -38.06 41.21 -1.09
N GLN H 729 -38.31 39.88 -1.12
CA GLN H 729 -37.34 38.90 -1.54
C GLN H 729 -37.32 38.94 -3.04
N LEU H 730 -38.49 39.18 -3.69
CA LEU H 730 -38.54 39.42 -5.12
C LEU H 730 -37.73 40.63 -5.52
N THR H 731 -38.06 41.85 -5.03
CA THR H 731 -37.45 43.08 -5.55
C THR H 731 -35.92 43.12 -5.49
N LYS H 732 -35.31 42.32 -4.56
CA LYS H 732 -33.89 42.15 -4.35
C LYS H 732 -33.21 41.07 -5.18
N ARG H 733 -33.92 39.97 -5.56
CA ARG H 733 -33.31 38.81 -6.22
C ARG H 733 -33.09 39.02 -7.70
N LEU H 734 -33.66 40.11 -8.26
CA LEU H 734 -33.58 40.45 -9.66
C LEU H 734 -32.54 41.50 -9.92
N LYS H 735 -32.16 42.28 -8.89
CA LYS H 735 -31.19 43.35 -8.96
C LYS H 735 -29.79 42.89 -9.35
N GLU H 736 -29.35 41.66 -8.98
CA GLU H 736 -28.05 41.13 -9.40
C GLU H 736 -27.97 40.97 -10.91
N GLN H 737 -29.10 40.62 -11.56
CA GLN H 737 -29.22 40.46 -12.98
C GLN H 737 -29.71 41.74 -13.59
N ASP H 738 -29.74 42.82 -12.77
CA ASP H 738 -29.96 44.19 -13.15
C ASP H 738 -31.39 44.49 -13.49
N LEU H 739 -32.29 44.52 -12.47
CA LEU H 739 -33.64 44.99 -12.64
C LEU H 739 -34.11 45.61 -11.35
N SER H 740 -34.77 46.79 -11.46
CA SER H 740 -35.31 47.60 -10.40
C SER H 740 -36.79 47.39 -10.27
N ILE H 741 -37.23 46.83 -9.14
CA ILE H 741 -38.63 46.54 -8.91
C ILE H 741 -38.99 47.25 -7.64
N GLU H 742 -40.25 47.70 -7.58
CA GLU H 742 -40.91 48.16 -6.41
C GLU H 742 -42.33 47.69 -6.56
N LEU H 743 -42.91 47.23 -5.44
CA LEU H 743 -44.32 46.97 -5.38
C LEU H 743 -44.85 48.12 -4.57
N THR H 744 -45.93 48.78 -5.05
CA THR H 744 -46.63 49.76 -4.25
C THR H 744 -47.51 49.00 -3.28
N ASP H 745 -47.93 49.67 -2.18
CA ASP H 745 -48.73 49.12 -1.10
C ASP H 745 -50.06 48.57 -1.55
N ALA H 746 -50.65 49.16 -2.61
CA ALA H 746 -51.90 48.76 -3.23
C ALA H 746 -51.86 47.34 -3.76
N ALA H 747 -50.67 46.88 -4.20
CA ALA H 747 -50.48 45.59 -4.80
C ALA H 747 -50.19 44.57 -3.73
N LYS H 748 -49.40 44.93 -2.67
CA LYS H 748 -49.17 44.09 -1.50
C LYS H 748 -50.45 43.75 -0.75
N ALA H 749 -51.49 44.60 -0.86
CA ALA H 749 -52.78 44.40 -0.27
C ALA H 749 -53.54 43.34 -1.02
N LYS H 750 -53.55 43.47 -2.37
CA LYS H 750 -54.24 42.58 -3.29
C LYS H 750 -53.74 41.15 -3.22
N VAL H 751 -52.44 40.95 -2.86
CA VAL H 751 -51.82 39.65 -2.70
C VAL H 751 -52.20 39.03 -1.37
N ALA H 752 -52.22 39.85 -0.29
CA ALA H 752 -52.59 39.44 1.05
C ALA H 752 -53.95 38.82 1.22
N GLU H 753 -54.97 39.16 0.41
CA GLU H 753 -56.26 38.50 0.41
C GLU H 753 -56.22 37.01 0.21
N GLU H 754 -55.09 36.47 -0.32
CA GLU H 754 -54.95 35.07 -0.67
C GLU H 754 -54.88 34.24 0.58
N GLY H 755 -54.17 34.76 1.63
CA GLY H 755 -54.00 34.08 2.89
C GLY H 755 -55.20 34.22 3.78
N VAL H 756 -56.24 34.97 3.31
CA VAL H 756 -57.51 35.16 3.99
C VAL H 756 -58.42 34.04 3.55
N ASP H 757 -57.91 32.80 3.73
CA ASP H 757 -58.63 31.70 4.30
C ASP H 757 -58.62 31.90 5.80
N LEU H 758 -59.42 31.10 6.53
CA LEU H 758 -59.35 31.04 7.97
C LEU H 758 -58.19 30.20 8.39
N GLU H 759 -57.88 29.14 7.61
CA GLU H 759 -57.08 28.04 8.07
C GLU H 759 -56.05 27.64 7.07
N TYR H 760 -55.15 28.58 6.70
CA TYR H 760 -54.09 28.24 5.78
C TYR H 760 -53.07 29.33 5.85
N GLY H 761 -53.34 30.40 6.64
CA GLY H 761 -52.34 31.35 7.03
C GLY H 761 -51.63 32.07 5.94
N ALA H 762 -50.32 32.24 6.16
CA ALA H 762 -49.40 32.87 5.25
C ALA H 762 -48.65 31.89 4.40
N ARG H 763 -49.04 30.60 4.46
CA ARG H 763 -48.55 29.59 3.54
C ARG H 763 -48.83 29.83 2.06
N PRO H 764 -50.07 30.08 1.55
CA PRO H 764 -50.37 30.22 0.12
C PRO H 764 -49.67 31.39 -0.55
N LEU H 765 -48.98 32.22 0.23
CA LEU H 765 -48.50 33.52 -0.12
C LEU H 765 -47.37 33.42 -1.07
N ARG H 766 -46.39 32.51 -0.87
CA ARG H 766 -45.28 32.33 -1.79
C ARG H 766 -45.78 32.18 -3.20
N ARG H 767 -46.67 31.21 -3.48
CA ARG H 767 -47.28 31.02 -4.79
C ARG H 767 -47.91 32.28 -5.34
N ALA H 768 -48.55 33.12 -4.51
CA ALA H 768 -49.23 34.29 -4.99
C ALA H 768 -48.32 35.48 -5.19
N ILE H 769 -47.18 35.58 -4.46
CA ILE H 769 -46.10 36.49 -4.75
C ILE H 769 -45.44 36.07 -6.03
N GLN H 770 -45.15 34.77 -6.21
CA GLN H 770 -44.63 34.22 -7.43
C GLN H 770 -45.46 34.54 -8.64
N LYS H 771 -46.76 34.20 -8.61
CA LYS H 771 -47.68 34.51 -9.68
C LYS H 771 -47.88 35.98 -9.98
N HIS H 772 -48.04 36.82 -8.93
CA HIS H 772 -48.48 38.19 -9.08
C HIS H 772 -47.35 39.15 -9.17
N VAL H 773 -46.15 38.74 -8.73
CA VAL H 773 -45.00 39.58 -8.83
C VAL H 773 -44.10 38.99 -9.86
N GLU H 774 -43.42 37.87 -9.57
CA GLU H 774 -42.45 37.30 -10.48
C GLU H 774 -42.92 37.00 -11.86
N ASP H 775 -43.85 36.04 -11.98
CA ASP H 775 -44.55 35.63 -13.17
C ASP H 775 -45.21 36.77 -13.89
N ARG H 776 -45.76 37.75 -13.15
CA ARG H 776 -46.53 38.83 -13.70
C ARG H 776 -45.63 39.86 -14.32
N LEU H 777 -44.48 40.17 -13.68
CA LEU H 777 -43.49 41.11 -14.18
C LEU H 777 -42.83 40.55 -15.37
N SER H 778 -42.52 39.25 -15.30
CA SER H 778 -41.83 38.61 -16.35
C SER H 778 -42.62 38.50 -17.60
N GLU H 779 -43.94 38.29 -17.42
CA GLU H 779 -44.96 38.23 -18.43
C GLU H 779 -45.35 39.61 -18.86
N GLU H 780 -44.65 40.64 -18.37
CA GLU H 780 -44.93 42.04 -18.51
C GLU H 780 -43.75 42.55 -19.26
N LEU H 781 -42.56 41.91 -19.11
CA LEU H 781 -41.49 42.10 -20.07
C LEU H 781 -41.94 41.43 -21.34
N LEU H 782 -42.67 40.29 -21.23
CA LEU H 782 -43.21 39.58 -22.37
C LEU H 782 -44.30 40.39 -23.04
N ARG H 783 -45.06 41.23 -22.27
CA ARG H 783 -46.08 42.10 -22.83
C ARG H 783 -45.49 43.46 -23.16
N GLY H 784 -44.20 43.70 -22.82
CA GLY H 784 -43.43 44.86 -23.20
C GLY H 784 -43.64 46.14 -22.45
N ASN H 785 -44.45 46.18 -21.36
CA ASN H 785 -44.54 47.36 -20.51
C ASN H 785 -43.27 47.53 -19.71
N ILE H 786 -42.77 46.47 -19.06
CA ILE H 786 -41.52 46.53 -18.34
C ILE H 786 -40.45 45.96 -19.21
N HIS H 787 -39.20 46.05 -18.72
CA HIS H 787 -38.07 45.41 -19.33
C HIS H 787 -37.25 44.96 -18.16
N LYS H 788 -35.91 44.92 -18.33
CA LYS H 788 -34.98 44.83 -17.24
C LYS H 788 -34.36 46.17 -17.11
N GLY H 789 -33.97 46.53 -15.87
CA GLY H 789 -33.19 47.70 -15.57
C GLY H 789 -33.99 48.96 -15.58
N GLN H 790 -35.32 48.86 -15.81
CA GLN H 790 -36.23 49.95 -15.57
C GLN H 790 -36.88 49.68 -14.26
N HIS H 791 -37.44 50.76 -13.65
CA HIS H 791 -38.09 50.66 -12.37
C HIS H 791 -39.49 50.29 -12.66
N ILE H 792 -39.95 49.26 -11.95
CA ILE H 792 -41.13 48.55 -12.27
C ILE H 792 -41.96 48.77 -11.08
N VAL H 793 -43.13 49.37 -11.26
CA VAL H 793 -43.98 49.56 -10.15
C VAL H 793 -45.03 48.57 -10.45
N LEU H 794 -45.37 47.76 -9.44
CA LEU H 794 -46.43 46.79 -9.54
C LEU H 794 -47.54 47.41 -8.79
N ASP H 795 -48.64 47.67 -9.49
CA ASP H 795 -49.71 48.47 -8.98
C ASP H 795 -51.00 47.78 -9.24
N VAL H 796 -52.05 48.33 -8.61
CA VAL H 796 -53.43 48.09 -8.89
C VAL H 796 -53.81 49.45 -9.43
N GLU H 797 -54.57 49.53 -10.55
CA GLU H 797 -54.90 50.83 -11.12
C GLU H 797 -56.36 50.93 -11.44
N ASP H 798 -57.11 49.81 -11.52
CA ASP H 798 -58.53 49.88 -11.78
C ASP H 798 -59.21 48.75 -11.05
N GLY H 799 -58.59 48.25 -9.96
CA GLY H 799 -59.07 47.11 -9.23
C GLY H 799 -58.52 45.83 -9.83
N GLU H 800 -57.60 45.98 -10.81
CA GLU H 800 -56.96 44.89 -11.50
C GLU H 800 -55.52 45.29 -11.56
N PHE H 801 -54.64 44.28 -11.71
CA PHE H 801 -53.21 44.48 -11.67
C PHE H 801 -52.77 45.15 -12.94
N VAL H 802 -51.72 45.97 -12.80
CA VAL H 802 -51.17 46.72 -13.87
C VAL H 802 -49.79 46.79 -13.35
N VAL H 803 -48.83 46.54 -14.24
CA VAL H 803 -47.47 46.70 -13.91
C VAL H 803 -47.16 47.84 -14.80
N LYS H 804 -46.63 48.92 -14.20
CA LYS H 804 -46.36 50.14 -14.89
C LYS H 804 -44.91 50.33 -14.69
N THR H 805 -44.34 51.23 -15.50
CA THR H 805 -42.94 51.49 -15.52
C THR H 805 -42.91 52.96 -15.34
N THR H 806 -41.85 53.46 -14.68
CA THR H 806 -41.79 54.80 -14.18
C THR H 806 -40.43 55.37 -14.47
N ALA H 807 -39.41 54.51 -14.69
CA ALA H 807 -38.08 54.96 -15.03
C ALA H 807 -37.91 54.99 -16.55
N PHE I 3 8.10 38.19 -40.28
CA PHE I 3 7.11 38.33 -39.19
C PHE I 3 6.28 39.57 -39.35
N GLY I 4 6.86 40.64 -39.96
CA GLY I 4 6.21 41.91 -40.12
C GLY I 4 6.36 42.71 -38.87
N ARG I 5 7.16 42.18 -37.93
CA ARG I 5 7.49 42.78 -36.68
C ARG I 5 8.96 42.58 -36.68
N PHE I 6 9.63 43.63 -37.20
CA PHE I 6 11.02 43.71 -37.49
C PHE I 6 11.31 45.15 -37.19
N THR I 7 12.53 45.46 -36.70
CA THR I 7 12.98 46.82 -36.52
C THR I 7 13.46 47.27 -37.86
N GLU I 8 13.62 48.59 -38.01
CA GLU I 8 14.17 49.32 -39.11
C GLU I 8 15.48 48.78 -39.59
N ARG I 9 16.51 48.76 -38.73
CA ARG I 9 17.90 48.44 -39.03
C ARG I 9 18.10 47.22 -39.94
N ALA I 10 17.37 46.12 -39.62
CA ALA I 10 17.24 44.88 -40.37
C ALA I 10 16.75 45.17 -41.74
N GLN I 11 15.47 45.57 -41.83
CA GLN I 11 14.74 45.92 -43.01
C GLN I 11 15.55 46.80 -43.95
N LYS I 12 16.31 47.80 -43.41
CA LYS I 12 17.19 48.66 -44.18
C LYS I 12 18.34 47.95 -44.84
N VAL I 13 19.13 47.12 -44.11
CA VAL I 13 20.22 46.36 -44.71
C VAL I 13 19.77 45.44 -45.82
N LEU I 14 18.54 44.90 -45.66
CA LEU I 14 17.91 44.01 -46.59
C LEU I 14 17.56 44.77 -47.85
N ALA I 15 16.87 45.91 -47.72
CA ALA I 15 16.47 46.79 -48.81
C ALA I 15 17.64 47.34 -49.60
N LEU I 16 18.79 47.55 -48.92
CA LEU I 16 20.03 48.00 -49.51
C LEU I 16 20.55 46.95 -50.46
N ALA I 17 20.24 45.67 -50.20
CA ALA I 17 20.47 44.59 -51.13
C ALA I 17 19.82 44.84 -52.47
N GLN I 18 18.52 45.22 -52.46
CA GLN I 18 17.76 45.61 -53.63
C GLN I 18 18.37 46.80 -54.36
N GLU I 19 18.86 47.85 -53.64
CA GLU I 19 19.63 48.94 -54.27
C GLU I 19 20.77 48.42 -55.12
N GLU I 20 21.46 47.43 -54.53
CA GLU I 20 22.61 46.80 -55.08
C GLU I 20 22.20 45.92 -56.22
N ALA I 21 20.95 45.38 -56.16
CA ALA I 21 20.29 44.60 -57.18
C ALA I 21 20.45 45.23 -58.46
N LEU I 22 20.04 46.51 -58.55
CA LEU I 22 19.98 47.12 -59.83
C LEU I 22 21.32 47.65 -60.17
N ARG I 23 22.04 48.25 -59.18
CA ARG I 23 23.36 48.81 -59.37
C ARG I 23 24.41 47.90 -59.96
N LEU I 24 24.26 46.57 -59.85
CA LEU I 24 25.10 45.64 -60.55
C LEU I 24 24.27 44.76 -61.41
N GLY I 25 22.94 44.80 -61.21
CA GLY I 25 22.03 44.09 -62.03
C GLY I 25 21.73 42.70 -61.56
N HIS I 26 22.19 42.28 -60.35
CA HIS I 26 21.95 40.92 -59.87
C HIS I 26 20.50 40.60 -59.84
N ASN I 27 20.14 39.67 -60.76
CA ASN I 27 18.83 39.31 -61.21
C ASN I 27 17.97 38.95 -60.06
N ASN I 28 18.56 38.14 -59.19
CA ASN I 28 18.03 37.87 -57.91
C ASN I 28 19.17 38.31 -57.08
N ILE I 29 18.80 39.07 -56.05
CA ILE I 29 19.66 39.81 -55.23
C ILE I 29 20.16 38.86 -54.25
N GLY I 30 21.46 38.55 -54.41
CA GLY I 30 22.12 37.58 -53.61
C GLY I 30 22.30 38.08 -52.24
N THR I 31 22.86 37.21 -51.39
CA THR I 31 23.23 37.51 -50.04
C THR I 31 24.32 38.58 -50.04
N GLU I 32 25.11 38.67 -51.14
CA GLU I 32 26.22 39.57 -51.36
C GLU I 32 25.80 41.00 -51.36
N HIS I 33 24.53 41.24 -51.71
CA HIS I 33 23.97 42.53 -51.83
C HIS I 33 23.44 42.93 -50.47
N ILE I 34 22.94 41.95 -49.67
CA ILE I 34 22.53 42.15 -48.29
C ILE I 34 23.71 42.57 -47.45
N LEU I 35 24.89 41.95 -47.71
CA LEU I 35 26.17 42.17 -47.08
C LEU I 35 26.67 43.56 -47.31
N LEU I 36 26.61 43.98 -48.59
CA LEU I 36 26.86 45.33 -49.04
C LEU I 36 25.94 46.29 -48.37
N GLY I 37 24.68 45.86 -48.21
CA GLY I 37 23.64 46.55 -47.52
C GLY I 37 24.03 46.88 -46.12
N LEU I 38 24.72 45.94 -45.42
CA LEU I 38 25.14 46.15 -44.07
C LEU I 38 26.21 47.20 -43.99
N VAL I 39 27.30 47.05 -44.76
CA VAL I 39 28.47 47.88 -44.64
C VAL I 39 28.34 49.28 -45.17
N ARG I 40 27.28 49.56 -45.96
CA ARG I 40 27.14 50.82 -46.66
C ARG I 40 26.23 51.72 -45.89
N GLU I 41 25.55 51.19 -44.85
CA GLU I 41 24.87 52.02 -43.90
C GLU I 41 25.79 52.33 -42.75
N GLY I 42 27.05 51.82 -42.80
CA GLY I 42 28.13 52.42 -42.07
C GLY I 42 28.26 51.92 -40.67
N GLU I 43 27.38 52.35 -39.74
CA GLU I 43 27.54 52.10 -38.33
C GLU I 43 26.34 51.49 -37.66
N GLY I 44 25.50 50.74 -38.41
CA GLY I 44 24.50 49.85 -37.84
C GLY I 44 25.30 48.71 -37.29
N ILE I 45 24.79 47.87 -36.38
CA ILE I 45 25.64 46.89 -35.73
C ILE I 45 26.30 45.91 -36.66
N ALA I 46 25.60 45.50 -37.74
CA ALA I 46 26.17 44.73 -38.80
C ALA I 46 27.26 45.46 -39.49
N ALA I 47 26.96 46.70 -39.92
CA ALA I 47 27.89 47.53 -40.62
C ALA I 47 29.16 47.78 -39.89
N LYS I 48 28.98 48.16 -38.60
CA LYS I 48 29.91 48.54 -37.57
C LYS I 48 30.83 47.42 -37.29
N ALA I 49 30.24 46.22 -37.10
CA ALA I 49 30.97 45.01 -36.90
C ALA I 49 31.99 44.79 -37.96
N LEU I 50 31.56 44.79 -39.24
CA LEU I 50 32.40 44.61 -40.39
C LEU I 50 33.55 45.58 -40.44
N GLN I 51 33.33 46.84 -40.04
CA GLN I 51 34.35 47.86 -39.97
C GLN I 51 35.43 47.56 -38.97
N ALA I 52 35.15 46.65 -37.99
CA ALA I 52 36.08 46.30 -36.96
C ALA I 52 37.00 45.30 -37.57
N LEU I 53 36.44 44.25 -38.21
CA LEU I 53 37.17 43.19 -38.87
C LEU I 53 38.03 43.70 -40.01
N GLY I 54 37.79 44.96 -40.44
CA GLY I 54 38.54 45.62 -41.49
C GLY I 54 37.80 45.56 -42.77
N LEU I 55 36.65 44.85 -42.79
CA LEU I 55 35.77 44.64 -43.91
C LEU I 55 34.98 45.88 -44.14
N GLY I 56 35.62 46.92 -44.74
CA GLY I 56 34.95 48.13 -45.11
C GLY I 56 34.16 47.87 -46.35
N SER I 57 33.39 48.89 -46.78
CA SER I 57 32.64 48.89 -48.02
C SER I 57 33.52 48.63 -49.21
N GLU I 58 34.76 49.16 -49.14
CA GLU I 58 35.80 49.04 -50.14
C GLU I 58 36.11 47.62 -50.48
N LYS I 59 36.48 46.78 -49.48
CA LYS I 59 36.81 45.39 -49.68
C LYS I 59 35.66 44.60 -50.23
N ILE I 60 34.43 44.87 -49.72
CA ILE I 60 33.25 44.09 -50.01
C ILE I 60 32.84 44.27 -51.44
N GLN I 61 32.53 45.51 -51.91
CA GLN I 61 32.09 45.79 -53.26
C GLN I 61 33.03 45.31 -54.34
N LYS I 62 34.37 45.23 -54.08
CA LYS I 62 35.31 44.75 -55.07
C LYS I 62 35.11 43.28 -55.38
N GLU I 63 34.93 42.47 -54.32
CA GLU I 63 34.56 41.08 -54.36
C GLU I 63 33.23 40.83 -54.99
N VAL I 64 32.20 41.60 -54.58
CA VAL I 64 30.83 41.52 -55.03
C VAL I 64 30.78 41.70 -56.53
N GLU I 65 31.40 42.80 -57.03
CA GLU I 65 31.51 43.08 -58.45
C GLU I 65 32.22 41.99 -59.22
N SER I 66 33.12 41.24 -58.55
CA SER I 66 33.80 40.09 -59.11
C SER I 66 33.01 38.81 -59.06
N LEU I 67 31.73 38.79 -58.61
CA LEU I 67 30.95 37.57 -58.54
C LEU I 67 29.88 37.65 -59.58
N ILE I 68 28.60 38.00 -59.21
CA ILE I 68 27.52 38.16 -60.16
C ILE I 68 27.79 39.41 -60.95
N GLY I 69 28.26 40.48 -60.25
CA GLY I 69 28.71 41.73 -60.80
C GLY I 69 27.76 42.33 -61.78
N ARG I 70 28.32 43.08 -62.77
CA ARG I 70 27.65 43.74 -63.87
C ARG I 70 26.77 42.78 -64.64
N GLY I 71 25.74 43.25 -65.36
CA GLY I 71 25.33 44.62 -65.56
C GLY I 71 23.93 44.49 -66.03
N GLN I 72 23.22 43.48 -65.49
CA GLN I 72 21.87 43.11 -65.82
C GLN I 72 20.89 43.97 -65.04
N GLU I 73 21.13 45.31 -65.08
CA GLU I 73 20.55 46.39 -64.29
C GLU I 73 19.11 46.33 -63.90
N MET I 74 18.24 45.64 -64.67
CA MET I 74 16.85 45.40 -64.38
C MET I 74 16.65 44.61 -63.11
N SER I 75 17.60 43.69 -62.83
CA SER I 75 17.69 42.81 -61.72
C SER I 75 16.47 41.96 -61.47
N GLN I 76 16.07 41.16 -62.50
CA GLN I 76 14.96 40.23 -62.63
C GLN I 76 13.97 40.14 -61.51
N THR I 77 12.77 40.69 -61.78
CA THR I 77 11.61 40.81 -60.92
C THR I 77 11.92 41.33 -59.55
N ILE I 78 13.05 42.09 -59.44
CA ILE I 78 13.75 42.61 -58.28
C ILE I 78 13.34 41.96 -57.00
N HIS I 79 13.72 40.68 -56.85
CA HIS I 79 13.50 40.05 -55.59
C HIS I 79 14.77 39.38 -55.32
N TYR I 80 14.85 38.71 -54.17
CA TYR I 80 16.04 38.09 -53.70
C TYR I 80 16.34 36.81 -54.37
N THR I 81 17.53 36.27 -54.04
CA THR I 81 17.89 34.89 -54.25
C THR I 81 17.25 34.12 -53.14
N PRO I 82 17.11 32.80 -53.19
CA PRO I 82 16.59 32.02 -52.07
C PRO I 82 17.50 32.13 -50.87
N ARG I 83 18.82 32.31 -51.11
CA ARG I 83 19.86 32.48 -50.12
C ARG I 83 19.57 33.70 -49.29
N ALA I 84 19.49 34.88 -49.95
CA ALA I 84 19.12 36.12 -49.35
C ALA I 84 17.79 36.09 -48.63
N LYS I 85 16.76 35.36 -49.15
CA LYS I 85 15.46 35.20 -48.49
C LYS I 85 15.54 34.45 -47.20
N LYS I 86 16.45 33.44 -47.16
CA LYS I 86 16.79 32.68 -45.98
C LYS I 86 17.39 33.59 -44.98
N VAL I 87 18.32 34.47 -45.42
CA VAL I 87 18.98 35.45 -44.60
C VAL I 87 18.01 36.38 -43.88
N ILE I 88 16.84 36.71 -44.50
CA ILE I 88 15.81 37.53 -43.88
C ILE I 88 15.12 36.74 -42.78
N GLU I 89 14.70 35.48 -43.08
CA GLU I 89 14.15 34.56 -42.11
C GLU I 89 15.07 34.34 -40.91
N LEU I 90 16.40 34.40 -41.17
CA LEU I 90 17.44 34.05 -40.25
C LEU I 90 17.65 35.13 -39.27
N SER I 91 17.78 36.38 -39.73
CA SER I 91 17.83 37.54 -38.89
C SER I 91 16.70 37.61 -37.89
N MET I 92 15.45 37.25 -38.31
CA MET I 92 14.31 37.09 -37.43
C MET I 92 14.57 36.15 -36.29
N ASP I 93 15.31 35.06 -36.56
CA ASP I 93 15.59 34.03 -35.59
C ASP I 93 16.74 34.47 -34.74
N GLU I 94 17.70 35.19 -35.34
CA GLU I 94 18.82 35.84 -34.69
C GLU I 94 18.38 37.01 -33.86
N ALA I 95 17.06 37.26 -33.76
CA ALA I 95 16.58 38.36 -33.00
C ALA I 95 15.71 37.81 -31.95
N ARG I 96 14.93 36.73 -32.25
CA ARG I 96 14.31 35.84 -31.29
C ARG I 96 15.28 35.31 -30.27
N LYS I 97 16.48 34.90 -30.76
CA LYS I 97 17.55 34.27 -30.01
C LYS I 97 18.09 35.26 -29.02
N LEU I 98 18.23 36.52 -29.47
CA LEU I 98 18.74 37.60 -28.68
C LEU I 98 17.59 38.39 -28.12
N GLY I 99 16.42 37.71 -27.94
CA GLY I 99 15.23 38.24 -27.33
C GLY I 99 14.29 38.77 -28.34
N HIS I 100 14.58 40.03 -28.79
CA HIS I 100 13.90 40.86 -29.76
C HIS I 100 12.86 40.24 -30.66
N SER I 101 11.67 40.89 -30.71
CA SER I 101 10.54 40.47 -31.53
C SER I 101 10.60 41.32 -32.78
N TYR I 102 11.60 42.23 -32.83
CA TYR I 102 11.80 43.20 -33.85
C TYR I 102 13.27 43.10 -34.14
N VAL I 103 13.61 42.82 -35.41
CA VAL I 103 14.93 42.47 -35.87
C VAL I 103 15.75 43.67 -36.22
N GLY I 104 17.05 43.66 -35.86
CA GLY I 104 17.95 44.76 -36.08
C GLY I 104 19.09 44.30 -36.95
N THR I 105 20.02 45.25 -37.24
CA THR I 105 21.18 45.16 -38.11
C THR I 105 22.03 44.00 -37.75
N GLU I 106 22.22 43.81 -36.42
CA GLU I 106 23.16 42.92 -35.82
C GLU I 106 22.86 41.55 -36.31
N HIS I 107 21.60 41.16 -36.10
CA HIS I 107 20.98 39.93 -36.43
C HIS I 107 21.14 39.56 -37.87
N ILE I 108 21.14 40.57 -38.78
CA ILE I 108 21.34 40.32 -40.18
C ILE I 108 22.73 39.88 -40.51
N LEU I 109 23.80 40.54 -39.97
CA LEU I 109 25.17 40.06 -40.09
C LEU I 109 25.36 38.75 -39.43
N LEU I 110 24.70 38.54 -38.27
CA LEU I 110 24.77 37.27 -37.59
C LEU I 110 24.19 36.22 -38.50
N GLY I 111 23.00 36.49 -39.07
CA GLY I 111 22.30 35.70 -40.06
C GLY I 111 23.00 35.41 -41.36
N LEU I 112 23.83 36.35 -41.90
CA LEU I 112 24.57 36.13 -43.12
C LEU I 112 25.52 34.98 -43.00
N ILE I 113 26.34 35.06 -41.93
CA ILE I 113 27.28 34.06 -41.48
C ILE I 113 26.66 32.71 -41.30
N ARG I 114 25.52 32.68 -40.60
CA ARG I 114 24.65 31.54 -40.37
C ARG I 114 24.31 30.86 -41.65
N GLU I 115 23.92 31.66 -42.66
CA GLU I 115 23.49 31.26 -43.97
C GLU I 115 24.72 31.22 -44.86
N GLY I 116 25.76 30.53 -44.35
CA GLY I 116 27.07 30.47 -44.95
C GLY I 116 27.07 29.46 -46.06
N GLU I 117 27.57 29.92 -47.24
CA GLU I 117 27.72 29.30 -48.54
C GLU I 117 27.05 30.25 -49.48
N GLY I 118 26.27 31.21 -48.91
CA GLY I 118 25.59 32.29 -49.58
C GLY I 118 26.57 33.19 -50.26
N VAL I 119 26.05 34.18 -51.00
CA VAL I 119 26.86 35.02 -51.83
C VAL I 119 27.68 35.93 -50.93
N ALA I 120 27.06 36.48 -49.85
CA ALA I 120 27.70 37.19 -48.75
C ALA I 120 28.86 36.43 -48.21
N ALA I 121 28.59 35.24 -47.64
CA ALA I 121 29.58 34.35 -47.08
C ALA I 121 30.85 34.19 -47.87
N ARG I 122 30.73 34.00 -49.22
CA ARG I 122 31.90 33.84 -50.07
C ARG I 122 32.60 35.15 -50.26
N VAL I 123 31.87 36.29 -50.34
CA VAL I 123 32.44 37.62 -50.37
C VAL I 123 33.41 37.85 -49.26
N LEU I 124 33.10 37.38 -48.03
CA LEU I 124 33.86 37.69 -46.85
C LEU I 124 35.00 36.73 -46.72
N ASN I 125 34.75 35.42 -46.99
CA ASN I 125 35.77 34.40 -47.10
C ASN I 125 36.73 34.57 -48.26
N ASN I 126 36.49 35.54 -49.17
CA ASN I 126 37.38 35.83 -50.27
C ASN I 126 38.19 37.01 -49.82
N LEU I 127 37.58 37.93 -49.04
CA LEU I 127 38.23 39.05 -48.40
C LEU I 127 38.83 38.69 -47.07
N GLY I 128 39.34 37.45 -46.94
CA GLY I 128 40.11 37.01 -45.80
C GLY I 128 39.20 36.55 -44.71
N VAL I 129 38.88 37.49 -43.79
CA VAL I 129 38.09 37.41 -42.58
C VAL I 129 37.14 36.25 -42.55
N SER I 130 37.33 35.35 -41.56
CA SER I 130 36.54 34.16 -41.35
C SER I 130 35.13 34.54 -41.01
N LEU I 131 34.18 33.64 -41.32
CA LEU I 131 32.77 33.91 -41.18
C LEU I 131 32.39 34.11 -39.75
N ASN I 132 33.06 33.41 -38.81
CA ASN I 132 32.70 33.46 -37.41
C ASN I 132 33.30 34.70 -36.81
N LYS I 133 34.46 35.18 -37.31
CA LYS I 133 35.01 36.45 -36.92
C LYS I 133 34.08 37.63 -37.20
N ALA I 134 33.21 37.52 -38.24
CA ALA I 134 32.25 38.55 -38.55
C ALA I 134 31.04 38.48 -37.68
N ARG I 135 30.44 37.27 -37.49
CA ARG I 135 29.28 37.05 -36.66
C ARG I 135 29.55 37.30 -35.21
N GLN I 136 30.80 37.06 -34.79
CA GLN I 136 31.29 37.35 -33.47
C GLN I 136 31.13 38.79 -33.24
N GLN I 137 31.85 39.57 -34.06
CA GLN I 137 31.88 41.00 -34.05
C GLN I 137 30.56 41.69 -33.90
N VAL I 138 29.50 41.25 -34.64
CA VAL I 138 28.17 41.78 -34.45
C VAL I 138 27.62 41.49 -33.09
N LEU I 139 27.73 40.21 -32.67
CA LEU I 139 27.25 39.68 -31.41
C LEU I 139 27.78 40.46 -30.24
N GLN I 140 29.12 40.67 -30.15
CA GLN I 140 29.84 41.44 -29.15
C GLN I 140 29.59 42.93 -29.22
N LEU I 141 28.56 43.37 -29.96
CA LEU I 141 28.10 44.72 -30.02
C LEU I 141 26.65 44.51 -29.72
N LEU I 142 26.41 43.88 -28.55
CA LEU I 142 25.11 43.52 -28.03
C LEU I 142 24.50 44.67 -27.31
N GLY I 143 23.27 44.46 -26.85
CA GLY I 143 22.51 45.37 -26.05
C GLY I 143 21.09 45.02 -26.33
N SER I 144 20.19 45.37 -25.39
CA SER I 144 18.78 45.03 -25.46
C SER I 144 18.03 46.16 -24.81
N ASN I 145 16.69 46.20 -25.04
CA ASN I 145 15.80 47.21 -24.50
C ASN I 145 15.27 46.84 -23.14
N GLU I 146 14.76 47.85 -22.42
CA GLU I 146 14.21 47.72 -21.09
C GLU I 146 12.79 48.18 -21.23
N THR I 147 11.89 47.54 -20.45
CA THR I 147 10.49 47.86 -20.47
C THR I 147 9.93 47.32 -19.19
N GLY I 148 10.76 46.57 -18.43
CA GLY I 148 10.40 46.07 -17.14
C GLY I 148 11.66 45.71 -16.46
N SER I 149 12.74 46.48 -16.73
CA SER I 149 14.06 46.15 -16.27
C SER I 149 14.75 47.44 -15.96
N SER I 150 15.85 47.34 -15.20
CA SER I 150 16.67 48.45 -14.79
C SER I 150 18.06 47.89 -14.68
N ALA I 151 19.07 48.69 -15.08
CA ALA I 151 20.45 48.30 -15.00
C ALA I 151 21.21 49.54 -14.60
N ALA I 152 21.80 49.54 -13.38
CA ALA I 152 22.56 50.66 -12.90
C ALA I 152 23.33 50.29 -11.67
N GLY I 153 23.22 49.03 -11.19
CA GLY I 153 23.94 48.55 -10.03
C GLY I 153 23.01 48.31 -8.87
N THR I 154 23.53 47.58 -7.85
CA THR I 154 22.80 47.10 -6.69
C THR I 154 23.80 47.06 -5.55
N ASN I 155 23.35 47.30 -4.28
CA ASN I 155 24.21 47.23 -3.11
C ASN I 155 23.62 46.24 -2.15
N SER I 156 24.41 45.90 -1.11
CA SER I 156 23.99 45.13 0.04
C SER I 156 23.13 45.92 1.00
N ASN I 157 21.83 46.11 0.67
CA ASN I 157 20.91 46.91 1.46
C ASN I 157 20.11 45.93 2.24
N ALA I 158 19.35 46.36 3.28
CA ALA I 158 18.69 45.47 4.22
C ALA I 158 17.82 44.39 3.60
N ASN I 159 17.22 44.70 2.42
CA ASN I 159 16.46 43.83 1.54
C ASN I 159 17.15 42.56 1.09
N THR I 160 18.50 42.55 1.08
CA THR I 160 19.37 41.50 0.58
C THR I 160 19.05 40.15 1.16
N PRO I 161 19.33 39.76 2.42
CA PRO I 161 19.06 38.43 2.94
C PRO I 161 17.68 37.89 2.65
N THR I 162 16.60 38.68 2.91
CA THR I 162 15.22 38.30 2.68
C THR I 162 14.91 38.03 1.22
N LEU I 163 14.64 39.09 0.40
CA LEU I 163 14.27 39.13 -1.01
C LEU I 163 15.03 38.24 -1.99
N ASP I 164 16.19 37.67 -1.59
CA ASP I 164 17.07 36.85 -2.40
C ASP I 164 16.36 35.59 -2.83
N SER I 165 15.99 34.74 -1.84
CA SER I 165 15.62 33.34 -1.91
C SER I 165 15.11 32.79 -3.25
N LEU I 166 13.84 32.90 -3.78
CA LEU I 166 12.53 33.40 -3.42
C LEU I 166 12.50 34.91 -3.32
N ALA I 167 11.82 35.67 -4.22
CA ALA I 167 11.09 35.24 -5.40
C ALA I 167 11.07 36.39 -6.38
N ARG I 168 9.97 36.53 -7.17
CA ARG I 168 9.74 37.61 -8.11
C ARG I 168 9.56 38.96 -7.47
N ASP I 169 8.96 39.00 -6.24
CA ASP I 169 8.58 40.18 -5.49
C ASP I 169 7.45 40.87 -6.20
N LEU I 170 6.20 40.66 -5.70
CA LEU I 170 4.98 41.14 -6.31
C LEU I 170 4.95 42.63 -6.60
N THR I 171 5.46 43.44 -5.62
CA THR I 171 5.69 44.85 -5.74
C THR I 171 6.59 45.24 -6.87
N ALA I 172 7.68 44.46 -7.11
CA ALA I 172 8.64 44.70 -8.17
C ALA I 172 7.99 44.64 -9.50
N ILE I 173 7.32 43.50 -9.81
CA ILE I 173 6.59 43.25 -11.03
C ILE I 173 5.44 44.23 -11.26
N ALA I 174 5.02 44.97 -10.20
CA ALA I 174 3.95 45.95 -10.25
C ALA I 174 4.48 47.35 -10.30
N LYS I 175 5.81 47.52 -10.23
CA LYS I 175 6.50 48.79 -10.30
C LYS I 175 7.23 48.83 -11.60
N GLU I 176 6.69 48.09 -12.61
CA GLU I 176 7.25 48.04 -13.92
C GLU I 176 6.15 47.63 -14.87
N ASP I 177 4.97 47.30 -14.30
CA ASP I 177 3.74 46.91 -14.96
C ASP I 177 3.95 45.80 -15.96
N SER I 178 4.63 44.75 -15.48
CA SER I 178 4.71 43.49 -16.16
C SER I 178 3.66 42.64 -15.49
N LEU I 179 2.96 43.25 -14.51
CA LEU I 179 1.88 42.73 -13.75
C LEU I 179 0.71 43.41 -14.38
N ASP I 180 -0.50 42.85 -14.17
CA ASP I 180 -1.73 43.41 -14.67
C ASP I 180 -2.61 43.42 -13.45
N PRO I 181 -3.70 44.19 -13.39
CA PRO I 181 -4.50 44.37 -12.19
C PRO I 181 -4.91 43.12 -11.42
N VAL I 182 -5.45 42.01 -12.00
CA VAL I 182 -6.00 41.81 -13.32
C VAL I 182 -7.42 42.32 -13.31
N ILE I 183 -8.11 42.10 -12.17
CA ILE I 183 -9.50 42.42 -11.88
C ILE I 183 -9.84 41.54 -10.70
N GLY I 184 -10.47 42.16 -9.67
CA GLY I 184 -10.86 41.49 -8.45
C GLY I 184 -12.35 41.50 -8.36
N ARG I 185 -12.97 41.17 -7.19
CA ARG I 185 -12.41 40.75 -5.93
C ARG I 185 -11.59 41.85 -5.28
N SER I 186 -12.22 43.04 -5.20
CA SER I 186 -11.72 44.26 -4.65
C SER I 186 -11.97 44.44 -3.17
N LYS I 187 -13.20 44.09 -2.72
CA LYS I 187 -13.67 44.19 -1.34
C LYS I 187 -12.98 43.25 -0.40
N GLU I 188 -12.33 42.20 -0.95
CA GLU I 188 -11.51 41.27 -0.22
C GLU I 188 -10.27 41.96 0.26
N ILE I 189 -9.68 42.81 -0.61
CA ILE I 189 -8.43 43.50 -0.43
C ILE I 189 -8.47 44.40 0.78
N GLN I 190 -9.62 45.09 1.03
CA GLN I 190 -9.79 45.88 2.24
C GLN I 190 -9.69 44.98 3.44
N ARG I 191 -10.44 43.85 3.44
CA ARG I 191 -10.35 42.87 4.49
C ARG I 191 -9.00 42.19 4.65
N VAL I 192 -8.08 42.20 3.64
CA VAL I 192 -6.75 41.61 3.75
C VAL I 192 -5.84 42.55 4.47
N ILE I 193 -5.96 43.87 4.20
CA ILE I 193 -5.10 44.89 4.77
C ILE I 193 -5.53 45.11 6.19
N GLU I 194 -6.81 44.76 6.47
CA GLU I 194 -7.36 44.67 7.79
C GLU I 194 -6.59 43.61 8.51
N VAL I 195 -6.54 42.34 8.04
CA VAL I 195 -5.70 41.36 8.70
C VAL I 195 -4.21 41.63 8.77
N LEU I 196 -3.71 42.73 8.15
CA LEU I 196 -2.31 43.00 8.02
C LEU I 196 -1.92 44.22 8.81
N SER I 197 -2.93 44.97 9.30
CA SER I 197 -2.79 46.17 10.07
C SER I 197 -2.93 45.77 11.52
N ARG I 198 -2.27 44.66 11.83
CA ARG I 198 -2.47 43.87 13.01
C ARG I 198 -1.11 43.44 13.45
N ARG I 199 -1.02 42.66 14.56
CA ARG I 199 0.23 42.02 14.91
C ARG I 199 -0.06 40.72 15.56
N THR I 200 -1.22 40.59 16.24
CA THR I 200 -1.58 39.41 16.97
C THR I 200 -2.44 38.49 16.18
N LYS I 201 -2.79 38.95 14.97
CA LYS I 201 -3.52 38.21 14.01
C LYS I 201 -3.08 38.86 12.77
N ASN I 202 -1.76 39.08 12.63
CA ASN I 202 -1.16 39.82 11.56
C ASN I 202 -1.28 39.15 10.22
N ASN I 203 -1.91 37.97 10.16
CA ASN I 203 -1.82 37.15 9.00
C ASN I 203 -3.20 37.06 8.43
N PRO I 204 -3.37 37.45 7.17
CA PRO I 204 -4.62 37.25 6.49
C PRO I 204 -4.69 35.83 6.05
N VAL I 205 -5.91 35.30 5.87
CA VAL I 205 -6.08 33.94 5.46
C VAL I 205 -7.35 34.08 4.72
N LEU I 206 -7.26 33.84 3.40
CA LEU I 206 -8.34 33.98 2.46
C LEU I 206 -8.89 32.60 2.36
N ILE I 207 -10.21 32.43 2.59
CA ILE I 207 -10.82 31.13 2.57
C ILE I 207 -11.88 31.25 1.50
N GLY I 208 -11.86 30.33 0.52
CA GLY I 208 -12.80 30.39 -0.57
C GLY I 208 -12.55 29.27 -1.52
N GLU I 209 -12.50 29.59 -2.83
CA GLU I 209 -12.24 28.64 -3.90
C GLU I 209 -11.01 29.09 -4.65
N PRO I 210 -10.09 28.22 -5.08
CA PRO I 210 -8.70 28.62 -5.30
C PRO I 210 -8.31 29.05 -6.71
N GLY I 211 -8.88 28.59 -7.88
CA GLY I 211 -10.24 28.24 -8.18
C GLY I 211 -11.03 29.48 -8.44
N VAL I 212 -10.34 30.62 -8.59
CA VAL I 212 -10.93 31.88 -8.93
C VAL I 212 -9.82 32.74 -9.48
N GLY I 213 -8.56 32.23 -9.43
CA GLY I 213 -7.41 33.03 -9.76
C GLY I 213 -7.18 33.90 -8.56
N LYS I 214 -7.02 33.24 -7.37
CA LYS I 214 -6.83 33.83 -6.05
C LYS I 214 -5.79 34.91 -6.09
N THR I 215 -4.65 34.61 -6.78
CA THR I 215 -3.51 35.48 -7.01
C THR I 215 -3.82 36.87 -7.50
N ALA I 216 -5.04 37.13 -8.03
CA ALA I 216 -5.48 38.42 -8.50
C ALA I 216 -5.69 39.34 -7.33
N ILE I 217 -6.27 38.79 -6.24
CA ILE I 217 -6.51 39.43 -4.96
C ILE I 217 -5.19 39.83 -4.35
N ALA I 218 -4.17 38.96 -4.52
CA ALA I 218 -2.80 39.17 -4.06
C ALA I 218 -2.15 40.39 -4.66
N GLU I 219 -2.32 40.60 -6.00
CA GLU I 219 -1.85 41.79 -6.68
C GLU I 219 -2.47 43.05 -6.13
N GLY I 220 -3.67 42.88 -5.54
CA GLY I 220 -4.44 43.85 -4.81
C GLY I 220 -3.72 44.58 -3.72
N LEU I 221 -3.10 43.85 -2.76
CA LEU I 221 -2.41 44.42 -1.62
C LEU I 221 -1.34 45.41 -2.00
N ALA I 222 -0.36 44.97 -2.83
CA ALA I 222 0.70 45.75 -3.47
C ALA I 222 0.26 47.14 -3.87
N GLN I 223 -0.79 47.13 -4.73
CA GLN I 223 -1.47 48.21 -5.38
C GLN I 223 -2.11 49.18 -4.39
N GLN I 224 -2.76 48.65 -3.31
CA GLN I 224 -3.50 49.37 -2.31
C GLN I 224 -2.57 50.00 -1.30
N ILE I 225 -1.38 49.39 -1.08
CA ILE I 225 -0.34 49.95 -0.24
C ILE I 225 0.22 51.19 -0.90
N ILE I 226 0.28 51.22 -2.26
CA ILE I 226 0.61 52.40 -3.04
C ILE I 226 -0.51 53.44 -2.90
N ASN I 227 -1.66 53.29 -3.62
CA ASN I 227 -2.73 54.26 -3.63
C ASN I 227 -3.89 53.66 -2.88
N ASN I 228 -4.30 54.20 -1.71
CA ASN I 228 -3.65 55.24 -0.93
C ASN I 228 -4.03 55.01 0.50
N GLU I 229 -4.76 53.90 0.76
CA GLU I 229 -5.19 53.49 2.06
C GLU I 229 -4.09 52.57 2.52
N VAL I 230 -3.14 53.12 3.30
CA VAL I 230 -2.08 52.33 3.83
C VAL I 230 -1.84 52.74 5.27
N PRO I 231 -2.09 51.87 6.24
CA PRO I 231 -1.92 52.09 7.68
C PRO I 231 -0.55 52.59 8.11
N GLU I 232 -0.46 53.26 9.30
CA GLU I 232 0.73 53.84 9.90
C GLU I 232 2.05 53.22 9.56
N ILE I 233 2.38 52.00 10.07
CA ILE I 233 3.65 51.38 9.77
C ILE I 233 3.55 50.33 8.72
N LEU I 234 2.43 50.31 7.96
CA LEU I 234 2.29 49.43 6.82
C LEU I 234 2.80 50.21 5.64
N ARG I 235 3.15 51.50 5.89
CA ARG I 235 3.88 52.37 5.00
C ARG I 235 5.33 51.99 5.02
N ASP I 236 5.77 51.23 6.05
CA ASP I 236 7.11 50.70 6.13
C ASP I 236 7.12 49.28 5.63
N LYS I 237 5.93 48.64 5.51
CA LYS I 237 5.82 47.29 5.00
C LYS I 237 5.94 47.20 3.49
N ARG I 238 6.57 46.09 3.05
CA ARG I 238 6.87 45.69 1.69
C ARG I 238 6.30 44.31 1.50
N VAL I 239 5.83 44.00 0.27
CA VAL I 239 5.14 42.74 -0.02
C VAL I 239 6.01 41.91 -0.93
N MET I 240 6.37 40.72 -0.38
CA MET I 240 7.29 39.73 -0.89
C MET I 240 6.50 38.45 -1.02
N THR I 241 6.68 37.75 -2.16
CA THR I 241 5.98 36.53 -2.46
C THR I 241 6.89 35.37 -2.13
N LEU I 242 6.34 34.33 -1.48
CA LEU I 242 7.02 33.10 -1.19
C LEU I 242 6.34 32.13 -2.11
N ASP I 243 7.14 31.52 -3.01
CA ASP I 243 6.66 30.69 -4.09
C ASP I 243 7.17 29.30 -3.84
N MET I 244 6.23 28.33 -3.87
CA MET I 244 6.40 26.92 -3.63
C MET I 244 7.26 26.29 -4.70
N GLY I 245 7.10 26.79 -5.95
CA GLY I 245 7.76 26.34 -7.15
C GLY I 245 9.26 26.49 -7.06
N THR I 246 9.75 27.62 -6.50
CA THR I 246 11.16 27.87 -6.37
C THR I 246 11.79 26.93 -5.36
N VAL I 247 11.05 26.62 -4.25
CA VAL I 247 11.51 25.72 -3.20
C VAL I 247 11.72 24.32 -3.72
N VAL I 248 10.75 23.77 -4.51
CA VAL I 248 10.82 22.42 -5.02
C VAL I 248 11.87 22.28 -6.09
N ALA I 249 12.12 23.34 -6.91
CA ALA I 249 13.08 23.31 -7.98
C ALA I 249 14.47 23.25 -7.40
N GLY I 250 15.30 22.28 -7.87
CA GLY I 250 16.67 22.12 -7.43
C GLY I 250 16.73 21.38 -6.12
N THR I 251 15.61 20.75 -5.71
CA THR I 251 15.46 20.10 -4.43
C THR I 251 14.69 18.83 -4.71
N LYS I 252 14.87 17.81 -3.86
CA LYS I 252 14.16 16.55 -3.97
C LYS I 252 14.11 15.93 -2.60
N TYR I 253 14.45 16.72 -1.55
CA TYR I 253 14.49 16.26 -0.18
C TYR I 253 13.61 17.17 0.62
N ARG I 254 12.86 16.58 1.59
CA ARG I 254 12.01 17.26 2.54
C ARG I 254 12.86 18.05 3.49
N GLY I 255 14.03 17.49 3.87
CA GLY I 255 14.96 18.13 4.78
C GLY I 255 15.52 19.39 4.19
N GLU I 256 15.90 19.32 2.89
CA GLU I 256 16.43 20.43 2.13
C GLU I 256 15.40 21.52 1.95
N PHE I 257 14.12 21.12 1.71
CA PHE I 257 13.00 22.03 1.53
C PHE I 257 12.80 22.83 2.79
N GLU I 258 12.87 22.13 3.96
CA GLU I 258 12.73 22.70 5.27
C GLU I 258 13.84 23.65 5.58
N ASP I 259 15.09 23.31 5.19
CA ASP I 259 16.29 24.08 5.42
C ASP I 259 16.22 25.41 4.71
N ARG I 260 15.76 25.38 3.44
CA ARG I 260 15.65 26.56 2.62
C ARG I 260 14.62 27.49 3.19
N LEU I 261 13.48 26.90 3.65
CA LEU I 261 12.41 27.63 4.28
C LEU I 261 12.83 28.22 5.60
N LYS I 262 13.68 27.51 6.37
CA LYS I 262 14.26 27.91 7.62
C LYS I 262 15.09 29.15 7.44
N LYS I 263 15.86 29.19 6.31
CA LYS I 263 16.70 30.31 5.95
C LYS I 263 15.84 31.51 5.73
N VAL I 264 14.67 31.32 5.05
CA VAL I 264 13.71 32.38 4.83
C VAL I 264 13.19 32.91 6.12
N MET I 265 12.79 32.05 7.09
CA MET I 265 12.21 32.46 8.35
C MET I 265 13.11 33.29 9.19
N ASP I 266 14.44 32.98 9.25
CA ASP I 266 15.40 33.80 9.94
C ASP I 266 15.52 35.17 9.30
N GLU I 267 15.54 35.21 7.95
CA GLU I 267 15.74 36.43 7.17
C GLU I 267 14.57 37.40 7.30
N ILE I 268 13.39 36.91 7.75
CA ILE I 268 12.21 37.70 8.09
C ILE I 268 12.49 38.70 9.20
N ARG I 269 13.73 38.73 9.77
CA ARG I 269 14.27 39.67 10.74
C ARG I 269 14.16 41.13 10.34
N GLN I 270 13.84 41.40 9.06
CA GLN I 270 13.37 42.68 8.56
C GLN I 270 12.00 43.07 9.11
N ALA I 271 11.43 42.26 10.04
CA ALA I 271 10.19 42.33 10.78
C ALA I 271 9.58 43.68 11.00
N GLY I 272 8.25 43.76 10.78
CA GLY I 272 7.46 44.94 10.96
C GLY I 272 7.61 45.83 9.76
N ASN I 273 8.36 45.32 8.74
CA ASN I 273 8.59 46.00 7.50
C ASN I 273 8.39 45.00 6.40
N ILE I 274 8.04 43.72 6.70
CA ILE I 274 7.88 42.72 5.67
C ILE I 274 6.49 42.08 5.75
N ILE I 275 5.87 41.77 4.58
CA ILE I 275 4.67 40.99 4.31
C ILE I 275 5.02 39.79 3.46
N LEU I 276 4.70 38.54 3.88
CA LEU I 276 4.98 37.35 3.10
C LEU I 276 3.71 36.85 2.44
N PHE I 277 3.72 36.49 1.14
CA PHE I 277 2.53 35.90 0.54
C PHE I 277 2.81 34.41 0.46
N ILE I 278 1.98 33.61 1.14
CA ILE I 278 2.09 32.16 1.16
C ILE I 278 0.89 31.55 0.50
N ASP I 279 1.08 30.95 -0.71
CA ASP I 279 0.00 30.26 -1.39
C ASP I 279 -0.07 28.90 -0.74
N ALA I 280 -1.28 28.28 -0.72
CA ALA I 280 -1.60 27.01 -0.08
C ALA I 280 -1.05 26.93 1.32
N LEU I 281 -1.39 27.94 2.17
CA LEU I 281 -0.77 28.16 3.46
C LEU I 281 -0.94 26.98 4.40
N HIS I 282 -2.09 26.25 4.33
CA HIS I 282 -2.35 25.06 5.13
C HIS I 282 -1.31 24.00 4.93
N THR I 283 -0.80 23.76 3.70
CA THR I 283 0.07 22.63 3.43
C THR I 283 1.31 22.65 4.30
N LEU I 284 1.80 23.88 4.54
CA LEU I 284 2.90 24.20 5.39
C LEU I 284 2.60 24.02 6.85
N ILE I 285 1.33 24.26 7.29
CA ILE I 285 0.87 24.03 8.65
C ILE I 285 0.80 22.54 8.86
N GLY I 286 0.38 21.77 7.83
CA GLY I 286 0.55 20.35 7.75
C GLY I 286 -0.39 19.60 8.63
N ALA I 287 -1.41 20.31 9.18
CA ALA I 287 -2.27 19.79 10.20
C ALA I 287 -3.41 19.04 9.58
N GLY I 288 -4.17 18.32 10.44
CA GLY I 288 -5.39 17.65 10.10
C GLY I 288 -5.32 16.65 9.01
N GLY I 289 -6.53 16.15 8.63
CA GLY I 289 -6.74 15.16 7.61
C GLY I 289 -5.99 13.90 7.89
N ALA I 290 -5.54 13.22 6.82
CA ALA I 290 -4.72 12.05 6.90
C ALA I 290 -3.41 12.42 6.26
N GLU I 291 -3.19 13.74 6.04
CA GLU I 291 -2.01 14.24 5.37
C GLU I 291 -1.25 15.14 6.30
N GLY I 292 0.09 14.99 6.24
CA GLY I 292 1.03 15.84 6.93
C GLY I 292 1.34 16.97 5.99
N ALA I 293 0.91 16.81 4.70
CA ALA I 293 1.00 17.71 3.59
C ALA I 293 2.44 17.93 3.21
N ILE I 294 3.12 18.87 3.89
CA ILE I 294 4.51 19.15 3.72
C ILE I 294 4.78 20.13 4.82
N ASP I 295 5.02 19.58 6.03
CA ASP I 295 4.89 20.27 7.29
C ASP I 295 6.09 21.14 7.57
N ALA I 296 5.95 22.43 7.20
CA ALA I 296 6.84 23.51 7.48
C ALA I 296 6.69 23.97 8.89
N SER I 297 5.55 23.59 9.50
CA SER I 297 4.88 24.18 10.64
C SER I 297 5.77 24.51 11.79
N ASN I 298 6.83 23.71 12.01
CA ASN I 298 7.74 23.91 13.11
C ASN I 298 8.38 25.29 13.07
N ILE I 299 8.92 25.70 11.89
CA ILE I 299 9.37 27.04 11.65
C ILE I 299 8.25 28.04 11.40
N LEU I 300 7.22 27.65 10.59
CA LEU I 300 6.19 28.56 10.13
C LEU I 300 5.26 29.05 11.18
N LYS I 301 4.82 28.22 12.15
CA LYS I 301 3.86 28.60 13.17
C LYS I 301 4.35 29.75 14.00
N PRO I 302 5.57 29.79 14.56
CA PRO I 302 6.03 30.94 15.33
C PRO I 302 6.19 32.13 14.44
N SER I 303 6.51 31.92 13.13
CA SER I 303 6.66 32.98 12.17
C SER I 303 5.34 33.68 12.00
N LEU I 304 4.22 32.91 11.91
CA LEU I 304 2.89 33.46 11.81
C LEU I 304 2.49 34.20 13.07
N ALA I 305 2.78 33.63 14.26
CA ALA I 305 2.39 34.18 15.55
C ALA I 305 2.99 35.50 15.89
N ARG I 306 4.29 35.67 15.55
CA ARG I 306 5.04 36.87 15.86
C ARG I 306 4.58 38.04 15.04
N GLY I 307 4.07 37.79 13.82
CA GLY I 307 3.62 38.83 12.92
C GLY I 307 4.80 39.42 12.21
N GLU I 308 6.01 38.84 12.42
CA GLU I 308 7.21 39.17 11.67
C GLU I 308 6.99 38.64 10.29
N LEU I 309 6.51 37.37 10.22
CA LEU I 309 5.97 36.79 9.05
C LEU I 309 4.52 36.95 9.31
N GLN I 310 4.00 38.02 8.70
CA GLN I 310 2.64 38.37 8.70
C GLN I 310 2.39 37.99 7.30
N CYS I 311 1.45 37.06 7.06
CA CYS I 311 1.42 36.50 5.76
C CYS I 311 0.04 36.28 5.35
N ILE I 312 -0.11 36.06 4.05
CA ILE I 312 -1.38 36.03 3.42
C ILE I 312 -1.52 34.64 2.95
N GLY I 313 -2.62 34.01 3.38
CA GLY I 313 -2.80 32.61 3.24
C GLY I 313 -3.86 32.52 2.20
N ALA I 314 -3.64 31.59 1.26
CA ALA I 314 -4.59 31.30 0.22
C ALA I 314 -4.88 29.87 0.48
N THR I 315 -6.11 29.64 0.99
CA THR I 315 -6.55 28.35 1.47
C THR I 315 -8.02 28.31 1.19
N THR I 316 -8.64 27.17 1.55
CA THR I 316 -9.93 26.77 1.07
C THR I 316 -10.71 26.39 2.30
N LEU I 317 -11.97 25.97 2.06
CA LEU I 317 -12.96 25.47 2.98
C LEU I 317 -12.46 24.59 4.11
N ASP I 318 -11.59 23.61 3.82
CA ASP I 318 -11.23 22.56 4.74
C ASP I 318 -9.94 23.00 5.37
N GLU I 319 -9.00 23.47 4.54
CA GLU I 319 -7.70 23.96 4.91
C GLU I 319 -7.58 24.87 6.14
N TYR I 320 -8.55 25.80 6.43
CA TYR I 320 -8.51 26.69 7.61
C TYR I 320 -8.64 25.92 8.91
N ARG I 321 -9.56 24.92 8.97
CA ARG I 321 -9.73 23.94 10.04
C ARG I 321 -8.40 23.42 10.52
N LYS I 322 -7.48 23.20 9.56
CA LYS I 322 -6.16 22.66 9.71
C LYS I 322 -5.18 23.78 9.99
N TYR I 323 -5.54 24.66 10.96
CA TYR I 323 -4.76 25.76 11.47
C TYR I 323 -5.36 26.05 12.81
N ILE I 324 -6.71 26.05 12.93
CA ILE I 324 -7.35 26.30 14.20
C ILE I 324 -7.17 25.13 15.14
N GLU I 325 -6.91 23.93 14.61
CA GLU I 325 -6.48 22.79 15.38
C GLU I 325 -5.11 22.92 15.98
N LYS I 326 -4.18 23.61 15.28
CA LYS I 326 -2.88 23.90 15.83
C LYS I 326 -2.92 25.26 16.45
N ASP I 327 -3.03 25.29 17.79
CA ASP I 327 -3.05 26.48 18.56
C ASP I 327 -1.80 26.54 19.39
N ALA I 328 -1.37 27.74 19.84
CA ALA I 328 -1.90 29.05 19.51
C ALA I 328 -0.76 29.72 18.81
N ALA I 329 -0.69 29.56 17.48
CA ALA I 329 0.26 30.29 16.67
C ALA I 329 -0.16 30.19 15.23
N LEU I 330 -1.19 29.38 14.95
CA LEU I 330 -1.91 29.35 13.71
C LEU I 330 -3.35 29.58 14.12
N GLU I 331 -3.54 30.04 15.36
CA GLU I 331 -4.80 30.27 16.00
C GLU I 331 -4.56 31.43 16.92
N ARG I 332 -3.46 32.17 16.66
CA ARG I 332 -3.08 33.36 17.33
C ARG I 332 -2.35 34.15 16.29
N ARG I 333 -2.73 33.91 15.02
CA ARG I 333 -2.08 34.49 13.89
C ARG I 333 -3.08 34.49 12.81
N PHE I 334 -3.46 33.28 12.32
CA PHE I 334 -4.47 33.08 11.30
C PHE I 334 -5.77 33.72 11.68
N GLN I 335 -6.62 34.05 10.69
CA GLN I 335 -7.87 34.68 10.94
C GLN I 335 -8.51 34.70 9.60
N PRO I 336 -9.81 34.42 9.41
CA PRO I 336 -10.26 34.09 8.09
C PRO I 336 -10.88 35.36 7.57
N ILE I 337 -11.08 35.46 6.26
CA ILE I 337 -11.71 36.61 5.67
C ILE I 337 -12.41 36.07 4.47
N GLN I 338 -13.55 36.74 4.20
CA GLN I 338 -14.63 36.40 3.32
C GLN I 338 -14.31 36.83 1.90
N VAL I 339 -14.23 35.81 0.99
CA VAL I 339 -13.78 35.90 -0.41
C VAL I 339 -14.92 35.82 -1.43
N ASP I 340 -14.66 36.22 -2.71
CA ASP I 340 -15.58 36.37 -3.83
C ASP I 340 -15.11 35.53 -5.02
N GLN I 341 -16.07 35.24 -5.95
CA GLN I 341 -15.84 34.64 -7.25
C GLN I 341 -16.73 35.40 -8.20
N PRO I 342 -16.35 35.69 -9.47
CA PRO I 342 -17.05 36.63 -10.34
C PRO I 342 -18.51 36.34 -10.53
N SER I 343 -19.38 37.34 -10.23
CA SER I 343 -20.78 37.34 -10.61
C SER I 343 -20.87 37.76 -12.05
N VAL I 344 -22.07 37.58 -12.67
CA VAL I 344 -22.33 37.84 -14.08
C VAL I 344 -21.77 39.16 -14.63
N ASP I 345 -21.92 40.30 -13.90
CA ASP I 345 -21.40 41.58 -14.32
C ASP I 345 -19.89 41.66 -14.35
N GLU I 346 -19.23 41.09 -13.30
CA GLU I 346 -17.80 40.99 -13.16
C GLU I 346 -17.17 40.27 -14.32
N SER I 347 -17.84 39.17 -14.77
CA SER I 347 -17.50 38.33 -15.91
C SER I 347 -17.24 39.16 -17.13
N ILE I 348 -18.26 39.93 -17.59
CA ILE I 348 -18.24 40.89 -18.69
C ILE I 348 -16.98 41.72 -18.70
N GLN I 349 -16.58 42.27 -17.54
CA GLN I 349 -15.42 43.12 -17.40
C GLN I 349 -14.07 42.45 -17.63
N ILE I 350 -13.92 41.16 -17.20
CA ILE I 350 -12.68 40.40 -17.38
C ILE I 350 -12.38 40.21 -18.85
N LEU I 351 -13.44 39.78 -19.56
CA LEU I 351 -13.60 39.55 -20.96
C LEU I 351 -13.11 40.68 -21.81
N GLN I 352 -13.63 41.93 -21.60
CA GLN I 352 -13.17 43.12 -22.28
C GLN I 352 -11.67 43.25 -22.18
N GLY I 353 -11.12 43.02 -20.97
CA GLY I 353 -9.70 43.07 -20.70
C GLY I 353 -8.85 42.15 -21.56
N LEU I 354 -9.40 40.98 -21.97
CA LEU I 354 -8.66 40.07 -22.82
C LEU I 354 -9.18 39.98 -24.23
N ARG I 355 -10.15 40.84 -24.62
CA ARG I 355 -10.60 41.03 -25.98
C ARG I 355 -9.52 41.49 -26.89
N ASP I 356 -8.94 42.63 -26.49
CA ASP I 356 -7.87 43.41 -27.08
C ASP I 356 -6.60 42.65 -27.44
N ARG I 357 -6.43 41.40 -26.95
CA ARG I 357 -5.18 40.69 -27.01
C ARG I 357 -5.20 39.73 -28.15
N TYR I 358 -6.38 39.49 -28.76
CA TYR I 358 -6.49 38.82 -30.02
C TYR I 358 -6.11 39.76 -31.11
N GLU I 359 -6.08 41.09 -30.86
CA GLU I 359 -5.46 42.02 -31.78
C GLU I 359 -3.98 41.81 -31.74
N ALA I 360 -3.54 41.07 -32.76
CA ALA I 360 -2.22 40.61 -33.01
C ALA I 360 -2.43 39.89 -34.30
N HIS I 361 -3.46 39.01 -34.37
CA HIS I 361 -3.88 38.31 -35.56
C HIS I 361 -5.22 38.88 -35.94
N HIS I 362 -5.97 39.37 -34.95
CA HIS I 362 -7.09 40.26 -35.06
C HIS I 362 -8.33 39.45 -35.24
N ARG I 363 -9.13 39.29 -34.17
CA ARG I 363 -10.32 38.49 -34.25
C ARG I 363 -11.33 38.95 -33.28
N VAL I 364 -10.85 39.60 -32.22
CA VAL I 364 -11.64 40.10 -31.13
C VAL I 364 -10.84 41.32 -30.81
N SER I 365 -11.38 42.45 -30.32
CA SER I 365 -12.68 42.86 -29.83
C SER I 365 -13.93 42.80 -30.69
N ILE I 366 -15.01 43.41 -30.12
CA ILE I 366 -16.32 43.81 -30.61
C ILE I 366 -17.32 42.73 -30.94
N THR I 367 -18.62 42.87 -30.56
CA THR I 367 -19.22 43.93 -29.77
C THR I 367 -19.07 43.69 -28.30
N ASP I 368 -19.30 44.78 -27.50
CA ASP I 368 -19.52 44.76 -26.07
C ASP I 368 -20.58 43.75 -25.76
N ASP I 369 -21.73 43.94 -26.43
CA ASP I 369 -22.96 43.20 -26.45
C ASP I 369 -22.73 41.72 -26.65
N ALA I 370 -21.63 41.39 -27.35
CA ALA I 370 -21.22 40.07 -27.69
C ALA I 370 -20.65 39.44 -26.47
N ILE I 371 -19.78 40.15 -25.71
CA ILE I 371 -19.29 39.73 -24.41
C ILE I 371 -20.43 39.35 -23.55
N GLU I 372 -21.37 40.31 -23.34
CA GLU I 372 -22.61 40.16 -22.65
C GLU I 372 -23.34 38.89 -23.00
N ALA I 373 -23.31 38.52 -24.30
CA ALA I 373 -23.88 37.31 -24.82
C ALA I 373 -23.17 36.09 -24.31
N ALA I 374 -21.84 36.02 -24.48
CA ALA I 374 -20.92 35.07 -23.93
C ALA I 374 -21.25 34.75 -22.51
N VAL I 375 -21.17 35.79 -21.63
CA VAL I 375 -21.57 35.73 -20.26
C VAL I 375 -23.01 35.32 -20.07
N LYS I 376 -23.96 36.29 -20.19
CA LYS I 376 -25.36 36.14 -19.85
C LYS I 376 -26.09 34.95 -20.38
N LEU I 377 -25.92 34.64 -21.69
CA LEU I 377 -26.66 33.56 -22.29
C LEU I 377 -26.19 32.25 -21.75
N SER I 378 -24.88 32.16 -21.53
CA SER I 378 -24.27 31.01 -20.95
C SER I 378 -24.50 30.85 -19.49
N ASP I 379 -24.41 31.95 -18.74
CA ASP I 379 -24.44 32.05 -17.31
C ASP I 379 -25.73 31.57 -16.75
N ARG I 380 -26.83 31.93 -17.42
CA ARG I 380 -28.18 31.66 -17.01
C ARG I 380 -28.62 30.41 -17.71
N TYR I 381 -28.28 30.25 -19.00
CA TYR I 381 -28.76 29.12 -19.77
C TYR I 381 -27.65 28.41 -20.49
N ILE I 382 -26.91 27.58 -19.72
CA ILE I 382 -25.86 26.64 -20.09
C ILE I 382 -24.66 27.27 -20.74
N SER I 383 -23.46 27.35 -20.09
CA SER I 383 -22.90 26.77 -18.88
C SER I 383 -22.12 25.54 -19.16
N ASP I 384 -21.80 24.82 -18.05
CA ASP I 384 -20.92 23.69 -17.92
C ASP I 384 -19.53 24.22 -17.67
N ARG I 385 -19.46 25.41 -17.01
CA ARG I 385 -18.26 26.09 -16.62
C ARG I 385 -18.67 27.06 -15.54
N PHE I 386 -17.75 27.96 -15.11
CA PHE I 386 -18.05 29.04 -14.19
C PHE I 386 -18.38 30.27 -15.00
N LEU I 387 -19.01 31.28 -14.36
CA LEU I 387 -19.56 32.47 -14.96
C LEU I 387 -18.67 33.26 -15.91
N PRO I 388 -17.34 33.31 -15.81
CA PRO I 388 -16.51 33.99 -16.80
C PRO I 388 -15.86 33.03 -17.75
N ASP I 389 -15.54 31.76 -17.35
CA ASP I 389 -14.91 30.77 -18.19
C ASP I 389 -15.81 30.45 -19.36
N LYS I 390 -17.11 30.22 -19.09
CA LYS I 390 -18.19 29.94 -20.02
C LYS I 390 -18.10 30.85 -21.20
N ALA I 391 -18.24 32.15 -20.85
CA ALA I 391 -18.06 33.32 -21.64
C ALA I 391 -16.92 33.21 -22.62
N ILE I 392 -15.64 33.35 -22.21
CA ILE I 392 -14.48 33.17 -23.08
C ILE I 392 -14.52 32.04 -24.08
N ASP I 393 -15.23 30.89 -23.86
CA ASP I 393 -15.22 29.86 -24.88
C ASP I 393 -16.00 30.34 -26.04
N LEU I 394 -17.14 30.98 -25.75
CA LEU I 394 -18.01 31.65 -26.65
C LEU I 394 -17.42 32.83 -27.36
N ILE I 395 -16.80 33.78 -26.64
CA ILE I 395 -16.03 34.85 -27.22
C ILE I 395 -15.04 34.35 -28.17
N ASP I 396 -14.19 33.43 -27.72
CA ASP I 396 -13.15 32.94 -28.55
C ASP I 396 -13.65 32.15 -29.71
N GLU I 397 -14.65 31.25 -29.54
CA GLU I 397 -15.36 30.56 -30.58
C GLU I 397 -15.78 31.43 -31.70
N ALA I 398 -16.46 32.54 -31.37
CA ALA I 398 -16.94 33.44 -32.37
C ALA I 398 -15.84 34.30 -32.93
N GLY I 399 -14.82 34.49 -32.07
CA GLY I 399 -13.56 35.16 -32.23
C GLY I 399 -12.60 34.32 -32.97
N SER I 400 -13.12 33.49 -33.87
CA SER I 400 -12.39 32.60 -34.67
C SER I 400 -13.30 32.16 -35.75
N LYS I 401 -14.55 31.77 -35.40
CA LYS I 401 -15.63 31.30 -36.24
C LYS I 401 -15.71 31.98 -37.57
N VAL I 402 -15.56 33.32 -37.54
CA VAL I 402 -15.73 34.14 -38.71
C VAL I 402 -14.53 34.02 -39.60
N ARG I 403 -13.30 33.89 -39.07
CA ARG I 403 -12.10 33.51 -39.82
C ARG I 403 -12.25 32.20 -40.59
N LEU I 404 -13.30 31.40 -40.31
CA LEU I 404 -13.47 30.11 -40.95
C LEU I 404 -14.31 30.45 -42.14
N ARG I 405 -15.43 31.18 -41.93
CA ARG I 405 -16.23 31.74 -43.01
C ARG I 405 -15.48 32.61 -44.02
N SER I 406 -14.29 33.12 -43.66
CA SER I 406 -13.42 33.95 -44.46
C SER I 406 -12.87 33.27 -45.68
N PHE I 407 -12.36 32.02 -45.54
CA PHE I 407 -11.62 31.39 -46.59
C PHE I 407 -12.46 30.28 -47.17
N THR I 408 -13.58 29.97 -46.47
CA THR I 408 -14.58 29.06 -46.95
C THR I 408 -15.42 29.85 -47.91
N THR I 409 -15.67 31.14 -47.56
CA THR I 409 -16.37 32.05 -48.43
C THR I 409 -15.71 33.41 -48.36
N PRO I 410 -14.70 33.67 -49.18
CA PRO I 410 -14.66 34.81 -50.07
C PRO I 410 -15.43 34.41 -51.32
N PRO I 411 -15.12 34.77 -52.56
CA PRO I 411 -15.80 34.16 -53.70
C PRO I 411 -15.40 32.69 -53.87
N ASN I 412 -14.40 32.24 -53.06
CA ASN I 412 -13.89 30.90 -52.92
C ASN I 412 -12.90 30.59 -53.99
N LEU I 413 -11.86 31.45 -54.06
CA LEU I 413 -10.66 31.30 -54.85
C LEU I 413 -9.78 30.16 -54.43
N LYS I 414 -10.31 29.19 -53.66
CA LYS I 414 -9.77 27.88 -53.41
C LYS I 414 -9.61 27.12 -54.70
N GLU I 415 -10.41 27.51 -55.72
CA GLU I 415 -10.52 26.92 -57.02
C GLU I 415 -9.24 27.16 -57.75
N LEU I 416 -8.62 28.34 -57.57
CA LEU I 416 -7.32 28.70 -58.07
C LEU I 416 -6.30 27.65 -57.72
N GLU I 417 -6.06 27.40 -56.41
CA GLU I 417 -5.20 26.33 -55.91
C GLU I 417 -5.46 25.00 -56.58
N GLN I 418 -6.76 24.61 -56.68
CA GLN I 418 -7.24 23.43 -57.38
C GLN I 418 -6.76 23.35 -58.80
N LYS I 419 -6.85 24.48 -59.54
CA LYS I 419 -6.45 24.66 -60.92
C LYS I 419 -4.99 24.37 -61.04
N LEU I 420 -4.15 25.12 -60.27
CA LEU I 420 -2.71 24.98 -60.18
C LEU I 420 -2.25 23.55 -60.00
N ASP I 421 -3.06 22.68 -59.34
CA ASP I 421 -2.74 21.27 -59.15
C ASP I 421 -2.56 20.64 -60.49
N GLU I 422 -3.65 20.51 -61.29
CA GLU I 422 -3.65 20.04 -62.66
C GLU I 422 -2.51 20.52 -63.52
N VAL I 423 -2.05 21.78 -63.36
CA VAL I 423 -0.95 22.36 -64.07
C VAL I 423 0.32 21.63 -63.73
N ARG I 424 0.83 21.79 -62.48
CA ARG I 424 1.98 21.14 -61.87
C ARG I 424 2.19 19.74 -62.39
N LYS I 425 1.19 18.86 -62.19
CA LYS I 425 0.98 17.54 -62.73
C LYS I 425 1.32 17.37 -64.17
N GLU I 426 0.47 17.98 -65.06
CA GLU I 426 0.61 18.07 -66.50
C GLU I 426 2.04 18.36 -66.85
N LYS I 427 2.59 19.49 -66.35
CA LYS I 427 3.96 19.92 -66.43
C LYS I 427 4.90 18.84 -66.07
N ASP I 428 4.84 18.36 -64.81
CA ASP I 428 5.71 17.42 -64.17
C ASP I 428 5.84 16.20 -65.02
N ALA I 429 4.74 15.43 -65.11
CA ALA I 429 4.60 14.27 -65.93
C ALA I 429 5.01 14.53 -67.36
N ALA I 430 4.67 15.71 -67.93
CA ALA I 430 5.08 16.11 -69.26
C ALA I 430 6.55 16.19 -69.42
N VAL I 431 7.32 16.78 -68.49
CA VAL I 431 8.76 16.79 -68.64
C VAL I 431 9.38 15.43 -68.55
N GLN I 432 8.69 14.55 -67.81
CA GLN I 432 9.10 13.21 -67.60
C GLN I 432 8.79 12.39 -68.82
N SER I 433 7.84 12.84 -69.67
CA SER I 433 7.43 12.15 -70.86
C SER I 433 8.13 12.68 -72.08
N GLN I 434 8.21 14.02 -72.19
CA GLN I 434 8.81 14.82 -73.23
C GLN I 434 8.09 14.57 -74.54
N GLU I 435 7.10 15.39 -75.01
CA GLU I 435 6.45 16.55 -74.43
C GLU I 435 7.44 17.61 -74.12
N PHE I 436 8.35 17.89 -75.07
CA PHE I 436 9.42 18.83 -74.89
C PHE I 436 8.88 20.22 -74.65
N GLU I 437 8.41 20.90 -75.72
CA GLU I 437 7.65 22.12 -75.64
C GLU I 437 6.31 22.00 -75.00
N LYS I 438 5.78 20.77 -74.93
CA LYS I 438 4.61 20.39 -74.18
C LYS I 438 4.90 20.30 -72.71
N ALA I 439 6.15 20.58 -72.28
CA ALA I 439 6.54 20.63 -70.90
C ALA I 439 6.77 22.09 -70.71
N ALA I 440 7.58 22.73 -71.59
CA ALA I 440 7.81 24.16 -71.69
C ALA I 440 6.75 25.09 -71.18
N SER I 441 5.61 25.04 -71.90
CA SER I 441 4.44 25.83 -71.69
C SER I 441 3.70 25.52 -70.44
N LEU I 442 3.76 24.24 -70.01
CA LEU I 442 3.15 23.76 -68.82
C LEU I 442 3.81 24.34 -67.63
N ARG I 443 5.16 24.40 -67.64
CA ARG I 443 5.96 25.10 -66.66
C ARG I 443 5.62 26.54 -66.65
N ASP I 444 5.72 27.24 -67.80
CA ASP I 444 5.41 28.65 -67.84
C ASP I 444 4.06 28.97 -67.24
N THR I 445 3.00 28.21 -67.65
CA THR I 445 1.69 28.28 -67.02
C THR I 445 1.68 27.97 -65.55
N GLU I 446 2.48 26.98 -65.10
CA GLU I 446 2.59 26.65 -63.71
C GLU I 446 3.08 27.75 -62.82
N GLN I 447 4.39 28.14 -62.86
CA GLN I 447 4.89 29.17 -61.96
C GLN I 447 4.26 30.54 -62.05
N ARG I 448 3.81 30.96 -63.26
CA ARG I 448 2.94 32.10 -63.44
C ARG I 448 1.72 32.08 -62.55
N LEU I 449 0.96 30.96 -62.69
CA LEU I 449 -0.24 30.57 -61.99
C LEU I 449 0.02 30.59 -60.52
N ARG I 450 1.07 29.89 -60.01
CA ARG I 450 1.39 29.71 -58.60
C ARG I 450 1.32 31.07 -57.94
N GLU I 451 2.15 32.02 -58.42
CA GLU I 451 2.16 33.40 -57.97
C GLU I 451 0.82 34.14 -57.99
N GLN I 452 -0.03 33.94 -59.03
CA GLN I 452 -1.40 34.44 -59.19
C GLN I 452 -2.35 33.96 -58.13
N VAL I 453 -2.31 32.64 -57.84
CA VAL I 453 -3.08 31.94 -56.84
C VAL I 453 -2.81 32.64 -55.54
N GLU I 454 -1.54 32.57 -55.09
CA GLU I 454 -1.04 33.13 -53.87
C GLU I 454 -1.34 34.62 -53.72
N ASP I 455 -1.37 35.40 -54.83
CA ASP I 455 -1.71 36.82 -54.81
C ASP I 455 -3.14 37.09 -54.44
N THR I 456 -4.06 36.20 -54.88
CA THR I 456 -5.47 36.38 -54.70
C THR I 456 -6.02 35.66 -53.48
N LYS I 457 -5.18 34.85 -52.81
CA LYS I 457 -5.52 34.25 -51.54
C LYS I 457 -5.20 35.21 -50.44
N LYS I 458 -4.28 36.16 -50.73
CA LYS I 458 -3.99 37.23 -49.82
C LYS I 458 -4.68 38.47 -50.33
N SER I 459 -5.47 38.34 -51.43
CA SER I 459 -6.52 39.29 -51.72
C SER I 459 -7.65 39.02 -50.76
N TRP I 460 -7.69 37.81 -50.13
CA TRP I 460 -8.58 37.55 -49.02
C TRP I 460 -7.87 37.78 -47.73
N LYS I 461 -7.01 38.81 -47.72
CA LYS I 461 -6.67 39.58 -46.56
C LYS I 461 -7.60 40.74 -46.54
N GLU I 462 -8.37 40.95 -47.63
CA GLU I 462 -9.46 41.88 -47.65
C GLU I 462 -10.59 41.18 -46.97
N LYS I 463 -10.72 39.85 -47.18
CA LYS I 463 -11.67 39.03 -46.48
C LYS I 463 -11.32 38.86 -45.04
N GLN I 464 -10.12 39.32 -44.64
CA GLN I 464 -9.68 39.39 -43.28
C GLN I 464 -10.05 40.74 -42.74
N GLY I 465 -9.72 41.84 -43.44
CA GLY I 465 -10.03 43.20 -43.03
C GLY I 465 -11.52 43.46 -42.95
N GLN I 466 -12.30 42.58 -43.60
CA GLN I 466 -13.73 42.47 -43.60
C GLN I 466 -14.18 41.81 -42.31
N GLU I 467 -13.55 40.69 -41.92
CA GLU I 467 -14.03 39.77 -40.93
C GLU I 467 -13.37 39.90 -39.58
N ASN I 468 -12.02 39.99 -39.45
CA ASN I 468 -11.11 40.03 -38.30
C ASN I 468 -11.45 40.92 -37.10
N SER I 469 -12.71 41.27 -36.79
CA SER I 469 -13.04 41.34 -35.39
C SER I 469 -14.49 41.04 -35.16
N GLU I 470 -15.12 40.22 -36.02
CA GLU I 470 -16.44 39.72 -35.73
C GLU I 470 -16.29 38.65 -34.68
N VAL I 471 -16.94 38.94 -33.56
CA VAL I 471 -17.02 38.13 -32.40
C VAL I 471 -18.15 38.82 -31.71
N THR I 472 -19.19 39.10 -32.52
CA THR I 472 -20.27 40.01 -32.26
C THR I 472 -21.32 39.23 -31.52
N VAL I 473 -22.38 39.93 -31.10
CA VAL I 473 -23.61 39.38 -30.58
C VAL I 473 -23.99 38.03 -31.10
N ASP I 474 -24.58 37.99 -32.32
CA ASP I 474 -24.99 36.82 -33.05
C ASP I 474 -23.97 35.75 -33.16
N ASP I 475 -22.70 36.15 -33.40
CA ASP I 475 -21.55 35.31 -33.51
C ASP I 475 -21.36 34.51 -32.28
N ILE I 476 -21.41 35.21 -31.14
CA ILE I 476 -21.24 34.65 -29.84
C ILE I 476 -22.40 33.78 -29.52
N ALA I 477 -23.62 34.25 -29.79
CA ALA I 477 -24.83 33.54 -29.48
C ALA I 477 -24.95 32.22 -30.18
N MET I 478 -24.54 32.18 -31.49
CA MET I 478 -24.55 31.00 -32.33
C MET I 478 -23.59 30.01 -31.81
N VAL I 479 -22.38 30.48 -31.42
CA VAL I 479 -21.35 29.68 -30.81
C VAL I 479 -21.80 29.18 -29.48
N VAL I 480 -22.59 29.95 -28.68
CA VAL I 480 -23.11 29.48 -27.41
C VAL I 480 -24.03 28.36 -27.71
N SER I 481 -24.84 28.47 -28.80
CA SER I 481 -25.62 27.31 -29.18
C SER I 481 -24.80 26.13 -29.68
N SER I 482 -23.67 26.37 -30.38
CA SER I 482 -22.72 25.38 -30.85
C SER I 482 -22.04 24.57 -29.80
N TRP I 483 -21.63 25.30 -28.74
CA TRP I 483 -20.82 24.83 -27.67
C TRP I 483 -21.52 23.91 -26.74
N THR I 484 -22.54 24.43 -26.05
CA THR I 484 -23.33 23.76 -25.05
C THR I 484 -24.51 24.72 -24.78
N ALA I 492 -25.72 38.33 -28.39
CA ALA I 492 -27.00 38.09 -27.70
C ALA I 492 -27.81 37.25 -28.62
N GLN I 493 -28.00 37.78 -29.85
CA GLN I 493 -28.91 37.38 -30.88
C GLN I 493 -29.39 35.98 -30.90
N THR I 494 -28.67 34.98 -31.45
CA THR I 494 -29.30 33.67 -31.59
C THR I 494 -29.25 32.78 -30.36
N GLU I 495 -29.35 33.38 -29.15
CA GLU I 495 -29.86 32.77 -27.97
C GLU I 495 -31.01 33.60 -27.44
N THR I 496 -31.05 34.93 -27.74
CA THR I 496 -32.16 35.75 -27.29
C THR I 496 -33.25 35.76 -28.34
N ASP I 497 -32.96 35.30 -29.56
CA ASP I 497 -33.93 35.09 -30.61
C ASP I 497 -34.62 33.80 -30.30
N LYS I 498 -33.88 32.85 -29.68
CA LYS I 498 -34.41 31.65 -29.09
C LYS I 498 -35.41 31.91 -28.02
N LEU I 499 -35.18 33.02 -27.26
CA LEU I 499 -35.96 33.40 -26.11
C LEU I 499 -37.21 34.03 -26.62
N LEU I 500 -37.08 35.10 -27.44
CA LEU I 500 -38.18 35.81 -28.04
C LEU I 500 -39.11 34.97 -28.88
N ASN I 501 -38.56 33.98 -29.63
CA ASN I 501 -39.30 33.13 -30.54
C ASN I 501 -39.52 31.78 -29.92
N MET I 502 -39.36 31.64 -28.59
CA MET I 502 -39.48 30.38 -27.88
C MET I 502 -40.68 29.52 -28.19
N GLU I 503 -41.93 30.04 -28.28
CA GLU I 503 -43.09 29.21 -28.56
C GLU I 503 -42.93 28.44 -29.85
N ASN I 504 -42.54 29.15 -30.94
CA ASN I 504 -42.28 28.59 -32.26
C ASN I 504 -41.28 27.45 -32.25
N ILE I 505 -40.27 27.55 -31.36
CA ILE I 505 -39.15 26.66 -31.29
C ILE I 505 -39.56 25.46 -30.48
N LEU I 506 -40.21 25.70 -29.33
CA LEU I 506 -40.68 24.64 -28.48
C LEU I 506 -41.79 23.79 -29.04
N HIS I 507 -42.65 24.34 -29.93
CA HIS I 507 -43.76 23.59 -30.51
C HIS I 507 -43.33 22.53 -31.50
N SER I 508 -42.16 22.73 -32.15
CA SER I 508 -41.78 21.98 -33.33
C SER I 508 -41.30 20.58 -33.05
N ARG I 509 -41.24 20.17 -31.76
CA ARG I 509 -40.84 18.85 -31.40
C ARG I 509 -41.96 18.27 -30.59
N VAL I 510 -42.72 19.15 -29.89
CA VAL I 510 -43.87 18.79 -29.10
C VAL I 510 -44.98 18.35 -29.98
N ILE I 511 -45.73 17.38 -29.44
CA ILE I 511 -46.72 16.57 -30.07
C ILE I 511 -48.01 17.34 -30.14
N GLY I 512 -48.02 18.43 -30.92
CA GLY I 512 -49.01 19.45 -30.81
C GLY I 512 -48.83 20.12 -29.51
N GLN I 513 -49.87 20.03 -28.66
CA GLN I 513 -49.92 20.51 -27.31
C GLN I 513 -49.68 21.97 -27.29
N ASP I 514 -50.57 22.72 -27.98
CA ASP I 514 -50.52 24.16 -28.06
C ASP I 514 -50.73 24.72 -26.69
N GLU I 515 -51.61 24.04 -25.93
CA GLU I 515 -51.87 24.17 -24.52
C GLU I 515 -50.60 24.14 -23.69
N ALA I 516 -49.81 23.05 -23.82
CA ALA I 516 -48.59 22.88 -23.11
C ALA I 516 -47.46 23.80 -23.48
N VAL I 517 -47.14 23.85 -24.79
CA VAL I 517 -46.07 24.60 -25.38
C VAL I 517 -46.03 26.05 -25.06
N VAL I 518 -47.17 26.75 -25.24
CA VAL I 518 -47.23 28.18 -25.07
C VAL I 518 -47.06 28.55 -23.62
N ALA I 519 -47.53 27.68 -22.71
CA ALA I 519 -47.41 27.86 -21.29
C ALA I 519 -45.97 27.75 -20.84
N VAL I 520 -45.25 26.69 -21.28
CA VAL I 520 -43.85 26.47 -20.99
C VAL I 520 -42.98 27.52 -21.58
N ALA I 521 -43.12 27.75 -22.91
CA ALA I 521 -42.49 28.78 -23.67
C ALA I 521 -42.47 30.11 -23.00
N LYS I 522 -43.65 30.59 -22.56
CA LYS I 522 -43.78 31.88 -21.96
C LYS I 522 -43.15 31.89 -20.59
N ALA I 523 -43.21 30.78 -19.82
CA ALA I 523 -42.69 30.73 -18.47
C ALA I 523 -41.18 30.70 -18.42
N VAL I 524 -40.56 29.94 -19.33
CA VAL I 524 -39.13 29.91 -19.49
C VAL I 524 -38.66 31.27 -20.01
N ARG I 525 -39.33 31.83 -21.05
CA ARG I 525 -39.02 33.12 -21.63
C ARG I 525 -39.15 34.27 -20.66
N ARG I 526 -40.07 34.12 -19.69
CA ARG I 526 -40.32 35.06 -18.62
C ARG I 526 -39.09 35.16 -17.74
N ALA I 527 -38.70 34.02 -17.11
CA ALA I 527 -37.53 33.91 -16.26
C ALA I 527 -36.23 34.25 -16.95
N ARG I 528 -36.04 33.74 -18.20
CA ARG I 528 -34.83 33.82 -18.99
C ARG I 528 -34.51 35.24 -19.44
N ALA I 529 -35.40 36.20 -19.10
CA ALA I 529 -35.29 37.59 -19.45
C ALA I 529 -35.24 38.37 -18.17
N GLY I 530 -35.05 37.66 -17.02
CA GLY I 530 -34.73 38.19 -15.72
C GLY I 530 -35.71 39.13 -15.06
N LEU I 531 -36.95 38.67 -14.79
CA LEU I 531 -37.96 39.49 -14.14
C LEU I 531 -38.80 38.57 -13.29
N LYS I 532 -38.54 37.24 -13.37
CA LYS I 532 -39.30 36.25 -12.64
C LYS I 532 -38.51 35.93 -11.41
N ASP I 533 -38.05 34.66 -11.29
CA ASP I 533 -37.20 34.18 -10.27
C ASP I 533 -36.04 33.57 -11.01
N PRO I 534 -34.84 34.12 -10.92
CA PRO I 534 -33.73 33.62 -11.70
C PRO I 534 -33.00 32.68 -10.78
N LYS I 535 -33.30 32.73 -9.46
CA LYS I 535 -32.64 31.94 -8.45
C LYS I 535 -33.35 30.62 -8.40
N ARG I 536 -34.64 30.61 -8.78
CA ARG I 536 -35.39 29.40 -8.99
C ARG I 536 -35.11 29.03 -10.41
N PRO I 537 -35.34 27.81 -10.85
CA PRO I 537 -35.29 27.39 -12.24
C PRO I 537 -35.96 28.35 -13.19
N ILE I 538 -35.52 28.37 -14.49
CA ILE I 538 -36.06 29.19 -15.56
C ILE I 538 -37.56 28.92 -15.71
N GLY I 539 -37.96 27.70 -15.36
CA GLY I 539 -39.32 27.36 -15.32
C GLY I 539 -39.25 26.20 -14.42
N SER I 540 -40.14 26.16 -13.41
CA SER I 540 -40.38 24.93 -12.72
C SER I 540 -41.71 24.59 -13.25
N PHE I 541 -41.97 23.29 -13.38
CA PHE I 541 -43.17 22.84 -14.00
C PHE I 541 -43.46 21.50 -13.50
N ILE I 542 -44.75 21.12 -13.60
CA ILE I 542 -45.07 19.72 -13.63
C ILE I 542 -45.70 19.65 -14.98
N PHE I 543 -45.36 18.58 -15.71
CA PHE I 543 -45.72 18.32 -17.06
C PHE I 543 -46.57 17.12 -16.95
N LEU I 544 -47.86 17.24 -17.24
CA LEU I 544 -48.76 16.15 -17.01
C LEU I 544 -49.20 15.52 -18.27
N GLY I 545 -49.64 14.26 -18.17
CA GLY I 545 -50.06 13.49 -19.30
C GLY I 545 -49.52 12.11 -19.19
N PRO I 546 -49.93 11.24 -20.10
CA PRO I 546 -49.46 9.86 -20.16
C PRO I 546 -48.24 9.84 -21.01
N THR I 547 -47.63 8.66 -21.25
CA THR I 547 -46.44 8.53 -22.07
C THR I 547 -46.74 8.86 -23.52
N GLY I 548 -45.84 9.66 -24.14
CA GLY I 548 -45.83 9.94 -25.56
C GLY I 548 -46.76 11.07 -25.91
N VAL I 549 -46.95 12.03 -24.98
CA VAL I 549 -47.98 13.04 -25.08
C VAL I 549 -47.48 14.41 -25.47
N GLY I 550 -46.17 14.69 -25.25
CA GLY I 550 -45.56 15.95 -25.61
C GLY I 550 -44.76 16.46 -24.47
N LYS I 551 -44.80 15.76 -23.30
CA LYS I 551 -44.14 16.14 -22.07
C LYS I 551 -42.65 16.22 -22.26
N THR I 552 -42.03 15.02 -22.42
CA THR I 552 -40.63 14.77 -22.72
C THR I 552 -40.13 15.60 -23.87
N GLU I 553 -40.90 15.62 -24.97
CA GLU I 553 -40.65 16.34 -26.18
C GLU I 553 -40.47 17.82 -25.98
N LEU I 554 -41.11 18.41 -24.93
CA LEU I 554 -41.05 19.81 -24.62
C LEU I 554 -39.82 20.12 -23.81
N ALA I 555 -39.54 19.35 -22.74
CA ALA I 555 -38.29 19.24 -22.04
C ALA I 555 -37.04 19.21 -22.91
N ARG I 556 -37.10 18.42 -24.01
CA ARG I 556 -36.11 18.30 -25.05
C ARG I 556 -36.01 19.58 -25.86
N ALA I 557 -37.15 20.05 -26.41
CA ALA I 557 -37.24 21.25 -27.22
C ALA I 557 -36.74 22.49 -26.52
N LEU I 558 -36.73 22.46 -25.16
CA LEU I 558 -36.23 23.49 -24.29
C LEU I 558 -34.76 23.39 -24.23
N ALA I 559 -34.19 22.21 -23.94
CA ALA I 559 -32.76 21.99 -24.05
C ALA I 559 -32.16 22.60 -25.31
N GLU I 560 -32.73 22.24 -26.48
CA GLU I 560 -32.41 22.83 -27.76
C GLU I 560 -32.53 24.34 -27.83
N SER I 561 -33.62 24.95 -27.35
CA SER I 561 -33.90 26.35 -27.56
C SER I 561 -33.14 27.20 -26.59
N ILE I 562 -33.13 26.76 -25.33
CA ILE I 562 -32.64 27.52 -24.22
C ILE I 562 -31.15 27.48 -24.17
N PHE I 563 -30.51 26.37 -24.58
CA PHE I 563 -29.09 26.19 -24.32
C PHE I 563 -28.45 26.14 -25.66
N GLY I 564 -29.26 25.85 -26.69
CA GLY I 564 -28.83 25.88 -28.05
C GLY I 564 -28.51 24.51 -28.55
N ASP I 565 -28.57 23.50 -27.67
CA ASP I 565 -28.38 22.13 -28.06
C ASP I 565 -28.95 21.29 -26.96
N GLU I 566 -29.24 20.02 -27.28
CA GLU I 566 -29.95 19.12 -26.41
C GLU I 566 -29.03 18.31 -25.54
N GLU I 567 -27.69 18.56 -25.59
CA GLU I 567 -26.72 17.68 -24.95
C GLU I 567 -26.52 18.16 -23.54
N SER I 568 -27.17 19.29 -23.21
CA SER I 568 -27.25 19.87 -21.91
C SER I 568 -28.66 19.67 -21.43
N MET I 569 -29.00 18.40 -21.09
CA MET I 569 -30.32 18.04 -20.60
C MET I 569 -30.10 16.89 -19.67
N ILE I 570 -30.37 17.11 -18.37
CA ILE I 570 -30.44 16.07 -17.36
C ILE I 570 -31.72 15.30 -17.46
N ARG I 571 -31.81 14.20 -16.70
CA ARG I 571 -32.93 13.32 -16.70
C ARG I 571 -32.60 12.36 -15.60
N ILE I 572 -33.40 12.52 -14.52
CA ILE I 572 -33.21 11.96 -13.23
C ILE I 572 -34.50 11.21 -13.03
N ASP I 573 -34.49 9.99 -12.44
CA ASP I 573 -35.70 9.23 -12.25
C ASP I 573 -36.13 9.33 -10.82
N MET I 574 -37.37 9.84 -10.58
CA MET I 574 -37.96 9.90 -9.27
C MET I 574 -38.31 8.53 -8.80
N SER I 575 -38.56 7.56 -9.71
CA SER I 575 -38.88 6.21 -9.34
C SER I 575 -37.73 5.49 -8.68
N GLU I 576 -36.49 5.97 -8.90
CA GLU I 576 -35.31 5.52 -8.21
C GLU I 576 -35.19 6.14 -6.85
N TYR I 577 -35.78 7.35 -6.67
CA TYR I 577 -35.71 8.09 -5.44
C TYR I 577 -37.07 8.55 -5.00
N MET I 578 -37.93 7.54 -4.80
CA MET I 578 -39.23 7.62 -4.20
C MET I 578 -39.49 6.24 -3.66
N GLU I 579 -38.42 5.41 -3.70
CA GLU I 579 -38.36 3.98 -3.71
C GLU I 579 -39.54 3.21 -3.23
N LYS I 580 -40.10 2.47 -4.20
CA LYS I 580 -41.27 1.66 -4.13
C LYS I 580 -41.37 1.04 -5.49
N HIS I 581 -40.43 1.41 -6.39
CA HIS I 581 -40.20 0.84 -7.69
C HIS I 581 -38.76 0.38 -7.67
N SER I 582 -38.04 0.58 -6.55
CA SER I 582 -36.60 0.44 -6.53
C SER I 582 -36.17 0.14 -5.13
N THR I 583 -37.12 -0.06 -4.20
CA THR I 583 -36.85 -0.70 -2.93
C THR I 583 -36.46 -2.15 -3.16
N SER I 584 -37.03 -2.78 -4.23
CA SER I 584 -36.93 -4.21 -4.38
C SER I 584 -37.23 -4.57 -5.80
N ARG I 585 -37.70 -3.63 -6.65
CA ARG I 585 -38.30 -4.01 -7.90
C ARG I 585 -37.59 -3.63 -9.17
N LEU I 586 -36.56 -2.77 -9.12
CA LEU I 586 -35.81 -2.41 -10.31
C LEU I 586 -34.80 -1.43 -9.79
N VAL I 587 -33.51 -1.88 -9.69
CA VAL I 587 -32.49 -1.29 -8.85
C VAL I 587 -32.92 -1.57 -7.44
N GLY I 588 -33.32 -2.85 -7.20
CA GLY I 588 -33.85 -3.37 -5.97
C GLY I 588 -32.82 -3.70 -4.95
N SER I 589 -31.71 -2.95 -4.98
CA SER I 589 -30.67 -2.96 -4.01
C SER I 589 -30.87 -1.56 -3.54
N PRO I 590 -31.47 -1.31 -2.39
CA PRO I 590 -31.68 0.03 -1.89
C PRO I 590 -30.73 0.39 -0.77
N PRO I 591 -29.57 -0.16 -0.36
CA PRO I 591 -28.91 0.32 0.85
C PRO I 591 -28.30 1.66 0.56
N GLY I 592 -28.52 2.61 1.48
CA GLY I 592 -27.98 3.94 1.47
C GLY I 592 -29.02 4.94 1.03
N TYR I 593 -30.13 4.49 0.41
CA TYR I 593 -30.75 5.12 -0.76
C TYR I 593 -31.12 6.58 -0.74
N VAL I 594 -31.61 7.21 0.36
CA VAL I 594 -31.91 8.64 0.34
C VAL I 594 -30.59 9.40 0.26
N GLY I 595 -29.54 8.78 0.83
CA GLY I 595 -28.14 9.07 0.76
C GLY I 595 -27.65 8.92 -0.64
N TYR I 596 -28.18 7.96 -1.42
CA TYR I 596 -27.85 7.84 -2.83
C TYR I 596 -28.39 9.03 -3.59
N ASP I 597 -29.66 9.48 -3.34
CA ASP I 597 -30.20 10.61 -4.06
C ASP I 597 -29.50 11.89 -3.74
N GLU I 598 -29.38 12.22 -2.44
CA GLU I 598 -28.75 13.44 -2.05
C GLU I 598 -27.26 13.41 -2.20
N GLY I 599 -26.64 12.43 -1.52
CA GLY I 599 -25.22 12.17 -1.45
C GLY I 599 -24.57 11.85 -2.76
N GLY I 600 -25.37 11.43 -3.76
CA GLY I 600 -24.86 11.00 -5.03
C GLY I 600 -25.62 11.62 -6.14
N GLN I 601 -26.60 10.85 -6.69
CA GLN I 601 -27.15 10.95 -8.01
C GLN I 601 -27.74 12.28 -8.42
N LEU I 602 -28.75 12.81 -7.69
CA LEU I 602 -29.49 14.01 -8.06
C LEU I 602 -28.56 15.19 -8.11
N THR I 603 -27.72 15.32 -7.06
CA THR I 603 -26.75 16.37 -6.89
C THR I 603 -25.63 16.27 -7.89
N GLU I 604 -25.07 15.06 -8.16
CA GLU I 604 -23.98 14.82 -9.08
C GLU I 604 -24.29 15.18 -10.50
N LYS I 605 -25.50 14.80 -10.96
CA LYS I 605 -25.99 14.97 -12.31
C LYS I 605 -26.17 16.41 -12.66
N VAL I 606 -26.90 17.13 -11.78
CA VAL I 606 -27.06 18.55 -11.82
C VAL I 606 -25.78 19.32 -11.55
N ARG I 607 -24.79 18.75 -10.84
CA ARG I 607 -23.52 19.41 -10.63
C ARG I 607 -22.71 19.44 -11.91
N ARG I 608 -22.91 18.43 -12.79
CA ARG I 608 -22.32 18.36 -14.10
C ARG I 608 -22.96 19.38 -15.02
N LYS I 609 -24.30 19.27 -15.16
CA LYS I 609 -25.13 20.12 -15.96
C LYS I 609 -25.93 21.00 -15.02
N PRO I 610 -25.54 22.25 -14.73
CA PRO I 610 -26.17 23.00 -13.67
C PRO I 610 -27.18 24.01 -14.14
N TYR I 611 -27.53 24.06 -15.42
CA TYR I 611 -28.49 25.04 -15.87
C TYR I 611 -29.30 24.38 -16.94
N SER I 612 -29.22 23.05 -16.99
CA SER I 612 -29.90 22.20 -17.94
C SER I 612 -31.29 21.93 -17.49
N VAL I 613 -32.12 21.36 -18.39
CA VAL I 613 -33.43 20.87 -18.06
C VAL I 613 -33.29 19.66 -17.20
N VAL I 614 -33.57 19.78 -15.88
CA VAL I 614 -33.63 18.63 -15.02
C VAL I 614 -34.98 18.06 -15.22
N LEU I 615 -35.04 16.82 -15.73
CA LEU I 615 -36.32 16.25 -16.02
C LEU I 615 -36.41 15.17 -15.00
N LEU I 616 -37.18 15.42 -13.93
CA LEU I 616 -37.38 14.51 -12.84
C LEU I 616 -38.61 13.72 -13.16
N ASP I 617 -38.41 12.50 -13.70
CA ASP I 617 -39.51 11.75 -14.23
C ASP I 617 -40.41 11.18 -13.17
N ALA I 618 -41.73 11.18 -13.47
CA ALA I 618 -42.84 10.55 -12.78
C ALA I 618 -42.93 10.79 -11.30
N ILE I 619 -43.73 11.81 -10.92
CA ILE I 619 -43.90 12.20 -9.54
C ILE I 619 -45.27 11.85 -9.03
N GLU I 620 -46.13 11.13 -9.81
CA GLU I 620 -47.43 10.67 -9.34
C GLU I 620 -47.27 9.78 -8.13
N LYS I 621 -46.30 8.86 -8.20
CA LYS I 621 -46.08 7.88 -7.17
C LYS I 621 -45.07 8.43 -6.21
N ALA I 622 -44.54 9.65 -6.47
CA ALA I 622 -43.58 10.28 -5.62
C ALA I 622 -44.34 10.80 -4.45
N HIS I 623 -43.84 10.44 -3.25
CA HIS I 623 -44.42 10.77 -2.00
C HIS I 623 -43.99 12.15 -1.63
N PRO I 624 -44.62 12.73 -0.61
CA PRO I 624 -44.17 13.95 0.00
C PRO I 624 -42.74 13.95 0.48
N ASP I 625 -42.07 12.77 0.67
CA ASP I 625 -40.68 12.80 1.10
C ASP I 625 -39.78 13.30 -0.01
N VAL I 626 -40.05 12.87 -1.25
CA VAL I 626 -39.46 13.32 -2.49
C VAL I 626 -39.59 14.80 -2.74
N PHE I 627 -40.74 15.36 -2.28
CA PHE I 627 -41.15 16.69 -2.57
C PHE I 627 -40.43 17.71 -1.79
N ASN I 628 -40.00 17.40 -0.53
CA ASN I 628 -39.19 18.29 0.27
C ASN I 628 -37.89 18.60 -0.46
N ILE I 629 -37.37 17.63 -1.25
CA ILE I 629 -36.12 17.74 -1.96
C ILE I 629 -36.39 18.55 -3.18
N LEU I 630 -37.46 18.20 -3.95
CA LEU I 630 -37.85 18.95 -5.11
C LEU I 630 -38.18 20.40 -4.83
N LEU I 631 -38.85 20.69 -3.70
CA LEU I 631 -39.20 22.01 -3.25
C LEU I 631 -38.00 22.88 -3.01
N GLN I 632 -36.84 22.27 -2.65
CA GLN I 632 -35.69 23.07 -2.29
C GLN I 632 -35.03 23.51 -3.57
N VAL I 633 -35.06 22.62 -4.58
CA VAL I 633 -34.64 22.93 -5.91
C VAL I 633 -35.51 24.00 -6.52
N LEU I 634 -36.84 23.85 -6.36
CA LEU I 634 -37.83 24.70 -6.94
C LEU I 634 -37.81 26.08 -6.39
N GLU I 635 -37.56 26.22 -5.09
CA GLU I 635 -37.43 27.50 -4.45
C GLU I 635 -36.09 28.11 -4.57
N ASP I 636 -35.07 27.39 -4.07
CA ASP I 636 -33.77 27.96 -3.87
C ASP I 636 -32.99 27.99 -5.13
N GLY I 637 -33.11 26.89 -5.91
CA GLY I 637 -32.30 26.66 -7.07
C GLY I 637 -31.07 25.97 -6.60
N ARG I 638 -31.13 25.33 -5.42
CA ARG I 638 -30.00 24.64 -4.91
C ARG I 638 -30.47 23.48 -4.11
N LEU I 639 -29.54 22.53 -3.94
CA LEU I 639 -29.64 21.52 -2.95
C LEU I 639 -28.24 21.58 -2.41
N THR I 640 -28.09 21.32 -1.11
CA THR I 640 -26.80 21.23 -0.50
C THR I 640 -26.83 19.84 0.01
N ASP I 641 -25.95 18.97 -0.52
CA ASP I 641 -25.89 17.59 -0.15
C ASP I 641 -24.48 17.19 -0.45
N SER I 642 -24.19 15.88 -0.32
CA SER I 642 -22.93 15.25 -0.64
C SER I 642 -21.84 15.78 0.26
N LYS I 643 -22.20 16.02 1.54
CA LYS I 643 -21.35 16.52 2.59
C LYS I 643 -20.78 17.87 2.26
N GLY I 644 -21.67 18.83 1.92
CA GLY I 644 -21.33 20.24 1.85
C GLY I 644 -20.99 20.70 0.46
N ARG I 645 -21.46 19.97 -0.59
CA ARG I 645 -21.31 20.40 -1.96
C ARG I 645 -22.55 21.18 -2.25
N THR I 646 -22.47 22.22 -3.11
CA THR I 646 -23.63 23.00 -3.47
C THR I 646 -23.80 22.75 -4.94
N VAL I 647 -25.01 22.27 -5.30
CA VAL I 647 -25.42 21.92 -6.62
C VAL I 647 -26.38 22.97 -7.10
N ASP I 648 -26.02 23.56 -8.27
CA ASP I 648 -26.62 24.71 -8.85
C ASP I 648 -27.70 24.23 -9.79
N PHE I 649 -28.96 24.55 -9.39
CA PHE I 649 -30.17 24.35 -10.13
C PHE I 649 -30.71 25.74 -10.38
N ARG I 650 -29.80 26.76 -10.37
CA ARG I 650 -30.11 28.17 -10.37
C ARG I 650 -31.03 28.55 -11.48
N ASN I 651 -30.69 28.16 -12.72
CA ASN I 651 -31.56 28.35 -13.83
C ASN I 651 -31.35 27.12 -14.65
N THR I 652 -31.59 25.97 -13.97
CA THR I 652 -32.06 24.76 -14.59
C THR I 652 -33.47 24.98 -15.04
N ILE I 653 -34.07 24.05 -15.80
CA ILE I 653 -35.49 24.12 -16.05
C ILE I 653 -36.03 22.86 -15.46
N LEU I 654 -36.65 22.96 -14.27
CA LEU I 654 -37.21 21.81 -13.65
C LEU I 654 -38.52 21.49 -14.26
N ILE I 655 -38.61 20.23 -14.68
CA ILE I 655 -39.73 19.71 -15.37
C ILE I 655 -39.90 18.42 -14.71
N MET I 656 -41.03 18.21 -14.06
CA MET I 656 -41.27 17.03 -13.31
C MET I 656 -42.37 16.48 -14.12
N THR I 657 -42.32 15.19 -14.52
CA THR I 657 -43.37 14.70 -15.38
C THR I 657 -44.21 13.86 -14.47
N SER I 658 -45.43 13.49 -14.91
CA SER I 658 -46.30 12.82 -14.01
C SER I 658 -47.42 12.24 -14.80
N ASN I 659 -48.01 11.17 -14.23
CA ASN I 659 -49.15 10.48 -14.78
C ASN I 659 -50.30 10.70 -13.83
N VAL I 660 -50.22 11.75 -12.99
CA VAL I 660 -51.28 12.06 -12.06
C VAL I 660 -52.32 12.86 -12.81
N GLY I 661 -51.91 13.49 -13.94
CA GLY I 661 -52.80 14.11 -14.85
C GLY I 661 -53.26 13.12 -15.84
N ALA I 662 -52.34 12.22 -16.28
CA ALA I 662 -52.50 11.19 -17.28
C ALA I 662 -53.88 10.70 -17.57
N SER I 663 -54.67 10.34 -16.53
CA SER I 663 -56.01 9.79 -16.62
C SER I 663 -56.98 10.64 -17.43
N GLU I 664 -56.91 11.97 -17.25
CA GLU I 664 -57.74 12.96 -17.91
C GLU I 664 -57.17 13.23 -19.24
N LEU I 665 -55.84 13.06 -19.32
CA LEU I 665 -55.03 13.40 -20.44
C LEU I 665 -54.78 12.15 -21.21
N LYS I 666 -55.61 11.11 -20.99
CA LYS I 666 -55.58 9.87 -21.72
C LYS I 666 -56.83 9.92 -22.53
N ARG I 667 -57.76 10.81 -22.08
CA ARG I 667 -58.80 11.35 -22.90
C ARG I 667 -58.03 12.33 -23.71
N ASN I 668 -58.36 12.44 -24.98
CA ASN I 668 -57.48 13.17 -25.85
C ASN I 668 -57.80 14.61 -25.97
N LYS I 669 -59.01 14.87 -26.46
CA LYS I 669 -59.51 16.11 -27.00
C LYS I 669 -60.34 15.41 -28.03
N TYR I 670 -61.12 14.41 -27.56
CA TYR I 670 -61.65 13.37 -28.39
C TYR I 670 -62.96 13.55 -29.08
N VAL I 671 -63.08 12.75 -30.18
CA VAL I 671 -64.29 12.53 -30.93
C VAL I 671 -64.87 11.33 -30.26
N GLY I 672 -66.17 11.39 -29.93
CA GLY I 672 -66.76 10.31 -29.20
C GLY I 672 -68.23 10.56 -29.05
N PHE I 673 -68.66 11.83 -29.19
CA PHE I 673 -70.04 12.21 -29.03
C PHE I 673 -70.31 13.00 -30.27
N ASN I 674 -69.30 13.82 -30.66
CA ASN I 674 -69.36 14.77 -31.73
C ASN I 674 -67.91 15.03 -32.04
N VAL I 675 -67.65 15.95 -32.99
CA VAL I 675 -66.32 16.44 -33.23
C VAL I 675 -66.10 17.72 -32.45
N GLN I 676 -67.18 18.23 -31.78
CA GLN I 676 -67.17 19.45 -30.99
C GLN I 676 -67.08 19.01 -29.55
N ASP I 677 -66.76 17.73 -29.39
CA ASP I 677 -66.52 17.00 -28.18
C ASP I 677 -65.03 17.10 -27.99
N GLU I 678 -64.26 17.45 -29.03
CA GLU I 678 -62.84 17.36 -28.94
C GLU I 678 -62.26 18.50 -28.19
N THR I 679 -62.59 19.74 -28.61
CA THR I 679 -62.21 20.94 -27.91
C THR I 679 -63.01 21.12 -26.63
N GLN I 680 -63.78 20.10 -26.21
CA GLN I 680 -64.56 20.18 -25.02
C GLN I 680 -64.14 19.09 -24.11
N ASN I 681 -63.36 18.12 -24.60
CA ASN I 681 -62.59 17.24 -23.77
C ASN I 681 -61.32 17.88 -23.43
N HIS I 682 -60.75 18.64 -24.39
CA HIS I 682 -59.50 19.34 -24.25
C HIS I 682 -59.54 20.23 -23.06
N LYS I 683 -60.34 21.31 -23.09
CA LYS I 683 -60.60 22.16 -21.95
C LYS I 683 -60.87 21.44 -20.63
N ASP I 684 -61.43 20.20 -20.67
CA ASP I 684 -61.79 19.48 -19.47
C ASP I 684 -60.57 18.90 -18.81
N MET I 685 -59.62 18.42 -19.60
CA MET I 685 -58.42 17.81 -19.08
C MET I 685 -57.43 18.86 -18.71
N LYS I 686 -57.34 19.99 -19.47
CA LYS I 686 -56.49 21.09 -19.06
C LYS I 686 -56.97 21.84 -17.82
N ASP I 687 -57.87 21.27 -16.98
CA ASP I 687 -58.36 21.90 -15.76
C ASP I 687 -58.30 20.92 -14.61
N LYS I 688 -58.81 19.70 -14.87
CA LYS I 688 -58.98 18.55 -14.00
C LYS I 688 -57.70 17.92 -13.49
N VAL I 689 -56.58 18.17 -14.20
CA VAL I 689 -55.32 17.53 -13.97
C VAL I 689 -54.62 18.11 -12.77
N MET I 690 -54.40 19.45 -12.75
CA MET I 690 -53.78 20.17 -11.67
C MET I 690 -54.39 20.03 -10.27
N GLY I 691 -55.50 19.25 -10.09
CA GLY I 691 -56.14 19.02 -8.81
C GLY I 691 -56.04 17.60 -8.33
N GLU I 692 -55.71 16.64 -9.22
CA GLU I 692 -55.38 15.27 -8.85
C GLU I 692 -53.92 15.27 -8.51
N LEU I 693 -53.22 16.29 -9.04
CA LEU I 693 -51.84 16.63 -8.84
C LEU I 693 -51.70 17.03 -7.40
N LYS I 694 -52.47 18.04 -6.97
CA LYS I 694 -52.65 18.47 -5.61
C LYS I 694 -53.07 17.39 -4.63
N ARG I 695 -53.79 16.33 -5.12
CA ARG I 695 -54.33 15.28 -4.27
C ARG I 695 -53.25 14.27 -3.97
N ALA I 696 -52.18 14.22 -4.80
CA ALA I 696 -51.12 13.27 -4.61
C ALA I 696 -49.88 13.94 -4.06
N PHE I 697 -49.75 15.28 -4.21
CA PHE I 697 -48.54 16.01 -3.84
C PHE I 697 -48.87 17.11 -2.88
N ARG I 698 -47.82 17.64 -2.19
CA ARG I 698 -47.91 18.77 -1.30
C ARG I 698 -48.21 20.06 -2.03
N PRO I 699 -48.98 21.01 -1.49
CA PRO I 699 -49.23 22.29 -2.13
C PRO I 699 -48.01 23.16 -2.03
N GLU I 700 -47.21 23.06 -0.93
CA GLU I 700 -45.95 23.74 -0.68
C GLU I 700 -44.94 23.53 -1.77
N PHE I 701 -44.93 22.31 -2.35
CA PHE I 701 -44.09 21.89 -3.44
C PHE I 701 -44.56 22.65 -4.65
N ILE I 702 -45.86 22.50 -5.00
CA ILE I 702 -46.59 23.09 -6.09
C ILE I 702 -46.57 24.62 -6.06
N ASN I 703 -46.30 25.24 -4.90
CA ASN I 703 -46.40 26.67 -4.69
C ASN I 703 -45.16 27.35 -5.21
N ARG I 704 -44.06 26.59 -5.38
CA ARG I 704 -42.80 27.09 -5.84
C ARG I 704 -42.60 26.55 -7.23
N ILE I 705 -43.72 26.27 -7.95
CA ILE I 705 -43.71 25.78 -9.30
C ILE I 705 -44.38 26.84 -10.08
N ASP I 706 -43.75 27.28 -11.20
CA ASP I 706 -44.20 28.41 -11.99
C ASP I 706 -45.51 28.16 -12.63
N GLU I 707 -45.69 26.96 -13.21
CA GLU I 707 -46.88 26.73 -13.95
C GLU I 707 -46.98 25.25 -14.01
N ILE I 708 -48.23 24.75 -14.05
CA ILE I 708 -48.50 23.35 -14.11
C ILE I 708 -49.02 23.14 -15.49
N ILE I 709 -48.15 22.54 -16.34
CA ILE I 709 -48.35 22.37 -17.74
C ILE I 709 -49.06 21.07 -17.91
N VAL I 710 -50.16 21.12 -18.66
CA VAL I 710 -51.00 19.99 -18.88
C VAL I 710 -50.88 19.64 -20.33
N PHE I 711 -50.66 18.35 -20.61
CA PHE I 711 -50.42 17.88 -21.95
C PHE I 711 -51.43 16.80 -22.10
N HIS I 712 -52.39 17.03 -23.00
CA HIS I 712 -53.46 16.15 -23.35
C HIS I 712 -52.99 15.12 -24.29
N SER I 713 -53.58 13.90 -24.23
CA SER I 713 -53.32 12.92 -25.25
C SER I 713 -53.97 13.35 -26.52
N LEU I 714 -53.60 12.64 -27.57
CA LEU I 714 -53.43 13.30 -28.80
C LEU I 714 -54.65 13.17 -29.60
N GLU I 715 -55.11 14.32 -30.08
CA GLU I 715 -56.19 14.41 -30.99
C GLU I 715 -55.81 15.51 -31.89
N LYS I 716 -55.69 15.11 -33.18
CA LYS I 716 -55.31 15.84 -34.37
C LYS I 716 -55.62 17.31 -34.36
N LYS I 717 -54.64 18.11 -34.88
CA LYS I 717 -53.72 18.88 -34.06
C LYS I 717 -52.55 18.12 -33.48
N HIS I 718 -52.80 17.27 -32.46
CA HIS I 718 -51.75 16.60 -31.73
C HIS I 718 -51.32 15.29 -32.37
N LEU I 719 -52.28 14.50 -32.92
CA LEU I 719 -52.05 13.23 -33.60
C LEU I 719 -51.10 13.27 -34.75
N THR I 720 -51.39 14.06 -35.80
CA THR I 720 -50.52 14.14 -36.95
C THR I 720 -49.14 14.70 -36.62
N GLU I 721 -48.93 15.22 -35.38
CA GLU I 721 -47.64 15.62 -34.89
C GLU I 721 -46.94 14.52 -34.15
N ILE I 722 -47.63 13.51 -33.53
CA ILE I 722 -46.95 12.37 -32.97
C ILE I 722 -46.54 11.49 -34.07
N VAL I 723 -47.42 11.19 -35.05
CA VAL I 723 -47.02 10.39 -36.17
C VAL I 723 -45.82 10.94 -36.89
N SER I 724 -45.72 12.28 -37.00
CA SER I 724 -44.61 12.88 -37.67
C SER I 724 -43.42 13.05 -36.77
N LEU I 725 -43.52 12.81 -35.44
CA LEU I 725 -42.35 12.89 -34.58
C LEU I 725 -41.75 11.53 -34.45
N MET I 726 -42.62 10.53 -34.20
CA MET I 726 -42.30 9.15 -34.05
C MET I 726 -41.80 8.54 -35.32
N SER I 727 -42.46 8.79 -36.48
CA SER I 727 -41.99 8.33 -37.77
C SER I 727 -40.69 8.97 -38.16
N ASP I 728 -40.44 10.23 -37.72
CA ASP I 728 -39.22 10.94 -38.07
C ASP I 728 -38.05 10.46 -37.26
N GLN I 729 -38.30 9.86 -36.07
CA GLN I 729 -37.28 9.28 -35.23
C GLN I 729 -36.93 7.93 -35.77
N LEU I 730 -37.96 7.23 -36.30
CA LEU I 730 -37.89 5.92 -36.90
C LEU I 730 -36.96 5.92 -38.08
N THR I 731 -37.32 6.71 -39.12
CA THR I 731 -36.64 6.90 -40.38
C THR I 731 -35.21 7.42 -40.30
N LYS I 732 -34.88 8.09 -39.17
CA LYS I 732 -33.62 8.76 -38.89
C LYS I 732 -32.58 7.81 -38.35
N ARG I 733 -33.04 6.75 -37.64
CA ARG I 733 -32.19 5.74 -37.03
C ARG I 733 -31.72 4.76 -38.09
N LEU I 734 -32.31 4.84 -39.31
CA LEU I 734 -32.03 3.96 -40.42
C LEU I 734 -31.07 4.57 -41.40
N LYS I 735 -30.93 5.91 -41.44
CA LYS I 735 -29.99 6.62 -42.32
C LYS I 735 -28.54 6.30 -42.05
N GLU I 736 -28.15 6.01 -40.79
CA GLU I 736 -26.77 5.73 -40.44
C GLU I 736 -26.20 4.51 -41.12
N GLN I 737 -27.03 3.46 -41.32
CA GLN I 737 -26.62 2.25 -42.04
C GLN I 737 -27.06 2.36 -43.47
N ASP I 738 -27.76 3.47 -43.78
CA ASP I 738 -28.20 3.92 -45.08
C ASP I 738 -29.46 3.22 -45.48
N LEU I 739 -30.60 3.89 -45.21
CA LEU I 739 -31.89 3.57 -45.75
C LEU I 739 -32.53 4.92 -45.78
N SER I 740 -33.00 5.34 -46.97
CA SER I 740 -33.62 6.62 -47.19
C SER I 740 -35.09 6.41 -47.22
N ILE I 741 -35.82 6.96 -46.23
CA ILE I 741 -37.25 6.80 -46.14
C ILE I 741 -37.80 8.19 -46.08
N GLU I 742 -39.01 8.36 -46.64
CA GLU I 742 -39.85 9.49 -46.40
C GLU I 742 -41.20 8.87 -46.39
N LEU I 743 -42.06 9.36 -45.49
CA LEU I 743 -43.44 8.98 -45.46
C LEU I 743 -44.11 10.16 -46.06
N THR I 744 -45.01 9.94 -47.05
CA THR I 744 -45.85 10.98 -47.60
C THR I 744 -46.91 11.32 -46.57
N ASP I 745 -47.49 12.54 -46.66
CA ASP I 745 -48.49 13.08 -45.75
C ASP I 745 -49.72 12.20 -45.65
N ALA I 746 -50.10 11.53 -46.76
CA ALA I 746 -51.19 10.57 -46.87
C ALA I 746 -51.03 9.39 -45.96
N ALA I 747 -49.76 8.99 -45.69
CA ALA I 747 -49.42 7.83 -44.93
C ALA I 747 -49.34 8.18 -43.46
N LYS I 748 -48.79 9.36 -43.11
CA LYS I 748 -48.83 9.94 -41.77
C LYS I 748 -50.24 10.19 -41.25
N ALA I 749 -51.20 10.37 -42.18
CA ALA I 749 -52.61 10.60 -41.89
C ALA I 749 -53.24 9.32 -41.45
N LYS I 750 -52.98 8.21 -42.17
CA LYS I 750 -53.55 6.91 -41.91
C LYS I 750 -53.23 6.36 -40.54
N VAL I 751 -52.06 6.74 -39.95
CA VAL I 751 -51.64 6.38 -38.62
C VAL I 751 -52.31 7.26 -37.59
N ALA I 752 -52.43 8.57 -37.88
CA ALA I 752 -52.99 9.58 -37.02
C ALA I 752 -54.40 9.34 -36.52
N GLU I 753 -55.26 8.63 -37.28
CA GLU I 753 -56.62 8.23 -36.89
C GLU I 753 -56.70 7.48 -35.56
N GLU I 754 -55.56 6.93 -35.09
CA GLU I 754 -55.47 6.04 -33.96
C GLU I 754 -55.93 6.65 -32.66
N GLY I 755 -55.57 7.92 -32.36
CA GLY I 755 -55.93 8.52 -31.11
C GLY I 755 -57.16 9.37 -31.18
N VAL I 756 -57.89 9.35 -32.33
CA VAL I 756 -59.13 10.07 -32.52
C VAL I 756 -60.21 9.58 -31.62
N ASP I 757 -60.23 8.24 -31.40
CA ASP I 757 -60.30 7.55 -30.12
C ASP I 757 -60.61 8.42 -28.91
N LEU I 758 -61.66 8.02 -28.19
CA LEU I 758 -62.10 8.63 -26.98
C LEU I 758 -61.07 8.68 -25.89
N GLU I 759 -60.51 7.52 -25.49
CA GLU I 759 -59.90 7.42 -24.18
C GLU I 759 -58.47 7.00 -24.26
N TYR I 760 -57.84 7.04 -25.45
CA TYR I 760 -56.47 6.57 -25.57
C TYR I 760 -55.97 7.29 -26.78
N GLY I 761 -54.68 7.65 -26.84
CA GLY I 761 -54.20 8.19 -28.07
C GLY I 761 -52.95 8.98 -27.94
N ALA I 762 -52.07 8.66 -26.96
CA ALA I 762 -50.74 9.22 -26.91
C ALA I 762 -49.79 8.08 -26.87
N ARG I 763 -50.26 6.93 -26.37
CA ARG I 763 -49.56 5.70 -26.38
C ARG I 763 -49.68 4.86 -27.63
N PRO I 764 -50.85 4.46 -28.17
CA PRO I 764 -50.98 3.45 -29.22
C PRO I 764 -50.29 3.75 -30.52
N LEU I 765 -49.76 4.97 -30.67
CA LEU I 765 -49.17 5.52 -31.85
C LEU I 765 -47.83 4.91 -32.06
N ARG I 766 -46.99 4.73 -31.01
CA ARG I 766 -45.70 4.06 -31.11
C ARG I 766 -45.81 2.75 -31.83
N ARG I 767 -46.67 1.80 -31.34
CA ARG I 767 -46.92 0.52 -31.98
C ARG I 767 -47.29 0.66 -33.43
N ALA I 768 -48.07 1.70 -33.79
CA ALA I 768 -48.57 1.83 -35.14
C ALA I 768 -47.56 2.45 -36.07
N ILE I 769 -46.60 3.28 -35.59
CA ILE I 769 -45.39 3.68 -36.29
C ILE I 769 -44.48 2.50 -36.49
N GLN I 770 -44.27 1.67 -35.45
CA GLN I 770 -43.51 0.44 -35.52
C GLN I 770 -44.05 -0.43 -36.63
N LYS I 771 -45.36 -0.71 -36.65
CA LYS I 771 -46.02 -1.46 -37.69
C LYS I 771 -45.93 -0.85 -39.07
N HIS I 772 -46.10 0.49 -39.19
CA HIS I 772 -46.30 1.15 -40.47
C HIS I 772 -45.01 1.65 -41.06
N VAL I 773 -43.96 1.80 -40.24
CA VAL I 773 -42.67 2.20 -40.70
C VAL I 773 -41.72 1.07 -40.55
N GLU I 774 -41.32 0.71 -39.29
CA GLU I 774 -40.28 -0.29 -39.05
C GLU I 774 -40.55 -1.60 -39.73
N ASP I 775 -41.61 -2.25 -39.24
CA ASP I 775 -42.20 -3.46 -39.67
C ASP I 775 -42.56 -3.46 -41.12
N ARG I 776 -43.04 -2.32 -41.66
CA ARG I 776 -43.51 -2.24 -43.02
C ARG I 776 -42.35 -2.15 -43.98
N LEU I 777 -41.30 -1.37 -43.63
CA LEU I 777 -40.12 -1.20 -44.45
C LEU I 777 -39.41 -2.50 -44.48
N SER I 778 -39.36 -3.16 -43.32
CA SER I 778 -38.68 -4.39 -43.21
C SER I 778 -39.38 -5.49 -43.98
N GLU I 779 -40.73 -5.46 -43.99
CA GLU I 779 -41.63 -6.34 -44.70
C GLU I 779 -41.70 -6.00 -46.15
N GLU I 780 -40.89 -5.03 -46.60
CA GLU I 780 -40.90 -4.56 -47.94
C GLU I 780 -39.53 -4.83 -48.43
N LEU I 781 -38.48 -4.82 -47.57
CA LEU I 781 -37.17 -5.25 -48.01
C LEU I 781 -37.12 -6.73 -48.23
N LEU I 782 -37.78 -7.57 -47.39
CA LEU I 782 -37.78 -9.01 -47.62
C LEU I 782 -38.61 -9.34 -48.84
N ARG I 783 -39.64 -8.51 -49.11
CA ARG I 783 -40.53 -8.61 -50.25
C ARG I 783 -39.81 -8.27 -51.53
N GLY I 784 -38.86 -7.30 -51.47
CA GLY I 784 -38.03 -6.89 -52.58
C GLY I 784 -38.54 -5.60 -53.19
N ASN I 785 -39.59 -5.01 -52.57
CA ASN I 785 -40.12 -3.70 -52.87
C ASN I 785 -39.14 -2.60 -52.58
N ILE I 786 -38.36 -2.71 -51.48
CA ILE I 786 -37.39 -1.70 -51.12
C ILE I 786 -36.09 -2.37 -50.88
N HIS I 787 -35.02 -1.56 -50.74
CA HIS I 787 -33.73 -2.08 -50.40
C HIS I 787 -33.03 -0.98 -49.68
N LYS I 788 -31.88 -1.34 -49.04
CA LYS I 788 -30.88 -0.48 -48.46
C LYS I 788 -30.55 0.74 -49.30
N GLY I 789 -30.83 1.94 -48.76
CA GLY I 789 -30.41 3.21 -49.32
C GLY I 789 -31.20 3.69 -50.50
N GLN I 790 -32.21 2.93 -50.96
CA GLN I 790 -33.22 3.41 -51.87
C GLN I 790 -34.06 4.43 -51.18
N HIS I 791 -34.63 5.43 -51.93
CA HIS I 791 -35.51 6.36 -51.29
C HIS I 791 -36.82 5.67 -51.38
N ILE I 792 -37.46 5.56 -50.22
CA ILE I 792 -38.49 4.64 -49.97
C ILE I 792 -39.59 5.49 -49.53
N VAL I 793 -40.70 5.48 -50.25
CA VAL I 793 -41.76 6.36 -49.95
C VAL I 793 -42.74 5.40 -49.39
N LEU I 794 -43.29 5.77 -48.23
CA LEU I 794 -44.28 4.98 -47.56
C LEU I 794 -45.51 5.71 -47.91
N ASP I 795 -46.40 5.03 -48.63
CA ASP I 795 -47.53 5.66 -49.26
C ASP I 795 -48.76 4.89 -48.98
N VAL I 796 -49.88 5.51 -49.33
CA VAL I 796 -51.14 4.85 -49.55
C VAL I 796 -51.28 5.08 -51.04
N GLU I 797 -51.67 4.06 -51.86
CA GLU I 797 -51.75 4.28 -53.30
C GLU I 797 -52.91 3.53 -53.91
N ASP I 798 -53.76 2.86 -53.10
CA ASP I 798 -54.95 2.21 -53.65
C ASP I 798 -55.98 2.18 -52.56
N GLY I 799 -55.75 2.94 -51.46
CA GLY I 799 -56.59 2.92 -50.28
C GLY I 799 -56.03 1.93 -49.31
N GLU I 800 -54.90 1.27 -49.69
CA GLU I 800 -54.18 0.32 -48.90
C GLU I 800 -52.76 0.69 -49.10
N PHE I 801 -51.89 0.23 -48.18
CA PHE I 801 -50.53 0.67 -48.15
C PHE I 801 -49.73 0.11 -49.28
N VAL I 802 -48.76 0.92 -49.71
CA VAL I 802 -47.93 0.63 -50.83
C VAL I 802 -46.72 1.36 -50.42
N VAL I 803 -45.58 0.70 -50.58
CA VAL I 803 -44.31 1.29 -50.35
C VAL I 803 -43.82 1.33 -51.73
N LYS I 804 -43.40 2.52 -52.14
CA LYS I 804 -43.00 2.77 -53.48
C LYS I 804 -41.60 3.18 -53.25
N THR I 805 -40.81 3.16 -54.31
CA THR I 805 -39.43 3.56 -54.24
C THR I 805 -39.31 4.53 -55.35
N THR I 806 -38.40 5.51 -55.18
CA THR I 806 -38.33 6.67 -56.02
C THR I 806 -36.88 6.99 -56.30
N ALA I 807 -35.96 6.06 -55.93
CA ALA I 807 -34.56 6.20 -56.22
C ALA I 807 -34.28 5.34 -57.47
N PHE J 3 14.74 -12.57 -54.15
CA PHE J 3 13.99 -11.62 -53.29
C PHE J 3 13.14 -10.66 -54.08
N GLY J 4 13.58 -10.28 -55.31
CA GLY J 4 12.78 -9.48 -56.21
C GLY J 4 12.77 -8.02 -55.87
N ARG J 5 13.67 -7.60 -54.97
CA ARG J 5 13.79 -6.22 -54.58
C ARG J 5 15.24 -5.95 -54.65
N PHE J 6 15.71 -5.68 -55.89
CA PHE J 6 17.08 -5.45 -56.22
C PHE J 6 17.09 -4.21 -57.06
N THR J 7 18.31 -3.66 -57.25
CA THR J 7 18.62 -2.65 -58.23
C THR J 7 19.31 -3.46 -59.31
N GLU J 8 19.42 -2.89 -60.52
CA GLU J 8 20.12 -3.40 -61.68
C GLU J 8 21.51 -3.85 -61.39
N ARG J 9 22.37 -2.94 -60.88
CA ARG J 9 23.80 -3.09 -60.67
C ARG J 9 24.23 -4.41 -60.07
N ALA J 10 23.50 -4.83 -59.01
CA ALA J 10 23.61 -6.10 -58.34
C ALA J 10 23.39 -7.20 -59.30
N GLN J 11 22.14 -7.36 -59.76
CA GLN J 11 21.68 -8.35 -60.71
C GLN J 11 22.61 -8.50 -61.90
N LYS J 12 23.14 -7.38 -62.45
CA LYS J 12 24.06 -7.40 -63.57
C LYS J 12 25.41 -8.01 -63.28
N VAL J 13 26.10 -7.62 -62.16
CA VAL J 13 27.36 -8.22 -61.75
C VAL J 13 27.23 -9.71 -61.53
N LEU J 14 26.04 -10.12 -61.04
CA LEU J 14 25.69 -11.48 -60.75
C LEU J 14 25.56 -12.24 -62.03
N ALA J 15 24.80 -11.74 -63.02
CA ALA J 15 24.61 -12.38 -64.32
C ALA J 15 25.89 -12.56 -65.12
N LEU J 16 26.85 -11.62 -64.92
CA LEU J 16 28.18 -11.65 -65.51
C LEU J 16 28.91 -12.84 -64.95
N ALA J 17 28.58 -13.26 -63.71
CA ALA J 17 29.06 -14.50 -63.17
C ALA J 17 28.77 -15.70 -64.04
N GLN J 18 27.52 -15.90 -64.50
CA GLN J 18 27.19 -16.97 -65.42
C GLN J 18 28.00 -16.86 -66.67
N GLU J 19 28.16 -15.63 -67.23
CA GLU J 19 29.04 -15.44 -68.37
C GLU J 19 30.42 -16.02 -68.17
N GLU J 20 31.06 -15.81 -67.00
CA GLU J 20 32.36 -16.36 -66.77
C GLU J 20 32.32 -17.82 -66.53
N ALA J 21 31.23 -18.32 -65.90
CA ALA J 21 30.94 -19.72 -65.77
C ALA J 21 31.09 -20.46 -67.04
N LEU J 22 30.39 -20.07 -68.12
CA LEU J 22 30.49 -20.89 -69.29
C LEU J 22 31.71 -20.54 -70.10
N ARG J 23 32.03 -19.23 -70.25
CA ARG J 23 33.21 -18.72 -70.93
C ARG J 23 34.55 -19.24 -70.44
N LEU J 24 34.59 -19.75 -69.21
CA LEU J 24 35.80 -20.29 -68.68
C LEU J 24 35.54 -21.71 -68.40
N GLY J 25 34.28 -22.13 -68.42
CA GLY J 25 33.90 -23.49 -68.29
C GLY J 25 33.94 -23.86 -66.84
N HIS J 26 32.82 -23.62 -66.16
CA HIS J 26 32.61 -23.94 -64.80
C HIS J 26 31.18 -24.28 -64.79
N ASN J 27 30.94 -25.49 -64.29
CA ASN J 27 29.70 -26.20 -64.22
C ASN J 27 28.75 -25.48 -63.29
N ASN J 28 29.33 -24.88 -62.27
CA ASN J 28 28.65 -24.13 -61.27
C ASN J 28 29.29 -22.82 -61.37
N ILE J 29 28.46 -21.76 -61.35
CA ILE J 29 28.91 -20.42 -61.51
C ILE J 29 29.33 -20.07 -60.14
N GLY J 30 30.64 -19.94 -59.93
CA GLY J 30 31.12 -19.67 -58.62
C GLY J 30 31.03 -18.23 -58.33
N THR J 31 31.37 -17.90 -57.07
CA THR J 31 31.54 -16.59 -56.55
C THR J 31 32.68 -15.92 -57.25
N GLU J 32 33.66 -16.70 -57.77
CA GLU J 32 34.83 -16.22 -58.50
C GLU J 32 34.43 -15.53 -59.75
N HIS J 33 33.26 -15.91 -60.27
CA HIS J 33 32.69 -15.36 -61.44
C HIS J 33 31.88 -14.15 -61.10
N ILE J 34 31.24 -14.12 -59.90
CA ILE J 34 30.55 -12.94 -59.41
C ILE J 34 31.54 -11.80 -59.25
N LEU J 35 32.77 -12.09 -58.76
CA LEU J 35 33.88 -11.19 -58.55
C LEU J 35 34.34 -10.58 -59.84
N LEU J 36 34.54 -11.47 -60.85
CA LEU J 36 34.80 -11.12 -62.22
C LEU J 36 33.70 -10.25 -62.75
N GLY J 37 32.47 -10.60 -62.36
CA GLY J 37 31.26 -9.92 -62.65
C GLY J 37 31.29 -8.50 -62.23
N LEU J 38 31.87 -8.22 -61.05
CA LEU J 38 31.92 -6.89 -60.54
C LEU J 38 32.85 -6.06 -61.36
N VAL J 39 34.10 -6.50 -61.55
CA VAL J 39 35.15 -5.76 -62.21
C VAL J 39 35.06 -5.65 -63.73
N ARG J 40 34.22 -6.50 -64.37
CA ARG J 40 34.07 -6.61 -65.81
C ARG J 40 32.85 -5.83 -66.19
N GLU J 41 32.10 -5.42 -65.15
CA GLU J 41 31.00 -4.50 -65.22
C GLU J 41 31.57 -3.11 -65.02
N GLY J 42 32.91 -3.02 -64.85
CA GLY J 42 33.66 -1.84 -65.17
C GLY J 42 33.72 -0.87 -64.06
N GLU J 43 32.66 -0.04 -63.90
CA GLU J 43 32.68 1.05 -62.95
C GLU J 43 31.41 1.11 -62.17
N GLY J 44 30.83 -0.07 -61.84
CA GLY J 44 29.78 -0.16 -60.83
C GLY J 44 30.51 0.01 -59.52
N ILE J 45 29.82 0.21 -58.39
CA ILE J 45 30.50 0.53 -57.16
C ILE J 45 31.45 -0.55 -56.69
N ALA J 46 31.05 -1.81 -56.90
CA ALA J 46 31.88 -2.97 -56.73
C ALA J 46 33.03 -2.96 -57.64
N ALA J 47 32.76 -2.78 -58.94
CA ALA J 47 33.76 -2.79 -59.96
C ALA J 47 34.85 -1.81 -59.74
N LYS J 48 34.41 -0.57 -59.45
CA LYS J 48 35.13 0.64 -59.19
C LYS J 48 35.99 0.50 -58.01
N ALA J 49 35.42 -0.06 -56.92
CA ALA J 49 36.12 -0.33 -55.70
C ALA J 49 37.36 -1.10 -55.95
N LEU J 50 37.21 -2.27 -56.62
CA LEU J 50 38.28 -3.13 -56.98
C LEU J 50 39.34 -2.43 -57.78
N GLN J 51 38.97 -1.52 -58.70
CA GLN J 51 39.91 -0.71 -59.46
C GLN J 51 40.72 0.24 -58.63
N ALA J 52 40.27 0.54 -57.39
CA ALA J 52 40.93 1.48 -56.52
C ALA J 52 42.05 0.73 -55.88
N LEU J 53 41.73 -0.46 -55.29
CA LEU J 53 42.68 -1.34 -54.66
C LEU J 53 43.74 -1.85 -55.61
N GLY J 54 43.52 -1.69 -56.93
CA GLY J 54 44.43 -2.04 -57.98
C GLY J 54 43.99 -3.27 -58.70
N LEU J 55 42.91 -3.92 -58.21
CA LEU J 55 42.37 -5.16 -58.73
C LEU J 55 41.60 -4.86 -59.99
N GLY J 56 42.31 -4.81 -61.14
CA GLY J 56 41.68 -4.67 -62.41
C GLY J 56 41.12 -6.00 -62.79
N SER J 57 40.37 -6.03 -63.93
CA SER J 57 39.87 -7.23 -64.56
C SER J 57 40.99 -8.20 -64.86
N GLU J 58 42.17 -7.62 -65.24
CA GLU J 58 43.39 -8.30 -65.57
C GLU J 58 43.86 -9.19 -64.44
N LYS J 59 44.05 -8.62 -63.24
CA LYS J 59 44.51 -9.33 -62.08
C LYS J 59 43.57 -10.42 -61.66
N ILE J 60 42.24 -10.16 -61.72
CA ILE J 60 41.22 -11.05 -61.24
C ILE J 60 41.14 -12.27 -62.12
N GLN J 61 40.85 -12.14 -63.44
CA GLN J 61 40.73 -13.25 -64.35
C GLN J 61 41.95 -14.14 -64.44
N LYS J 62 43.17 -13.60 -64.22
CA LYS J 62 44.36 -14.42 -64.23
C LYS J 62 44.36 -15.38 -63.08
N GLU J 63 43.98 -14.88 -61.90
CA GLU J 63 43.78 -15.66 -60.71
C GLU J 63 42.68 -16.68 -60.83
N VAL J 64 41.49 -16.27 -61.33
CA VAL J 64 40.32 -17.11 -61.50
C VAL J 64 40.61 -18.29 -62.38
N GLU J 65 41.14 -18.05 -63.61
CA GLU J 65 41.51 -19.08 -64.55
C GLU J 65 42.56 -20.04 -64.01
N SER J 66 43.40 -19.55 -63.08
CA SER J 66 44.41 -20.29 -62.33
C SER J 66 43.88 -21.04 -61.13
N LEU J 67 42.56 -21.09 -60.92
CA LEU J 67 42.01 -21.72 -59.74
C LEU J 67 40.92 -22.66 -60.10
N ILE J 68 40.21 -22.40 -61.21
CA ILE J 68 39.20 -23.32 -61.67
C ILE J 68 39.33 -23.29 -63.14
N GLY J 69 39.05 -22.13 -63.79
CA GLY J 69 39.22 -21.93 -65.20
C GLY J 69 38.46 -22.95 -65.99
N ARG J 70 39.14 -23.55 -67.01
CA ARG J 70 38.65 -24.55 -67.93
C ARG J 70 37.94 -25.70 -67.23
N GLY J 71 36.96 -26.38 -67.87
CA GLY J 71 36.49 -26.18 -69.22
C GLY J 71 35.15 -26.81 -69.30
N GLN J 72 34.38 -26.73 -68.17
CA GLN J 72 33.03 -27.18 -68.01
C GLN J 72 32.09 -26.17 -68.67
N GLU J 73 32.16 -26.09 -70.02
CA GLU J 73 31.48 -25.13 -70.86
C GLU J 73 30.00 -25.32 -70.85
N MET J 74 29.51 -26.49 -70.38
CA MET J 74 28.09 -26.72 -70.23
C MET J 74 27.51 -25.81 -69.18
N SER J 75 28.30 -25.53 -68.12
CA SER J 75 27.99 -24.69 -67.00
C SER J 75 26.85 -25.28 -66.20
N GLN J 76 26.80 -26.64 -66.12
CA GLN J 76 25.89 -27.57 -65.46
C GLN J 76 24.67 -27.00 -64.80
N THR J 77 23.52 -27.31 -65.42
CA THR J 77 22.17 -26.88 -65.13
C THR J 77 22.02 -25.38 -65.19
N ILE J 78 23.03 -24.68 -65.80
CA ILE J 78 23.21 -23.24 -65.84
C ILE J 78 22.90 -22.65 -64.50
N HIS J 79 23.59 -23.13 -63.46
CA HIS J 79 23.33 -22.53 -62.19
C HIS J 79 24.62 -22.25 -61.58
N TYR J 80 24.50 -21.68 -60.37
CA TYR J 80 25.51 -21.28 -59.47
C TYR J 80 26.08 -22.38 -58.69
N THR J 81 27.12 -22.03 -57.92
CA THR J 81 27.57 -22.73 -56.76
C THR J 81 26.62 -22.37 -55.66
N PRO J 82 26.45 -23.14 -54.59
CA PRO J 82 25.60 -22.78 -53.45
C PRO J 82 26.16 -21.54 -52.77
N ARG J 83 27.49 -21.40 -52.86
CA ARG J 83 28.32 -20.35 -52.34
C ARG J 83 27.88 -19.03 -52.92
N ALA J 84 27.94 -18.93 -54.26
CA ALA J 84 27.50 -17.82 -55.04
C ALA J 84 26.06 -17.43 -54.80
N LYS J 85 25.14 -18.41 -54.58
CA LYS J 85 23.75 -18.16 -54.26
C LYS J 85 23.58 -17.47 -52.92
N LYS J 86 24.46 -17.85 -51.96
CA LYS J 86 24.61 -17.21 -50.67
C LYS J 86 25.10 -15.80 -50.81
N VAL J 87 26.10 -15.52 -51.67
CA VAL J 87 26.65 -14.20 -51.92
C VAL J 87 25.55 -13.23 -52.36
N ILE J 88 24.55 -13.73 -53.12
CA ILE J 88 23.39 -12.98 -53.59
C ILE J 88 22.48 -12.67 -52.45
N GLU J 89 22.15 -13.68 -51.60
CA GLU J 89 21.42 -13.48 -50.36
C GLU J 89 22.06 -12.44 -49.46
N LEU J 90 23.42 -12.32 -49.52
CA LEU J 90 24.19 -11.50 -48.65
C LEU J 90 24.07 -10.09 -49.04
N SER J 91 24.23 -9.78 -50.35
CA SER J 91 24.00 -8.48 -50.91
C SER J 91 22.67 -7.87 -50.53
N MET J 92 21.58 -8.68 -50.49
CA MET J 92 20.27 -8.26 -50.02
C MET J 92 20.30 -7.70 -48.64
N ASP J 93 21.10 -8.33 -47.78
CA ASP J 93 21.20 -7.99 -46.39
C ASP J 93 22.13 -6.84 -46.23
N GLU J 94 23.19 -6.80 -47.07
CA GLU J 94 24.12 -5.71 -47.20
C GLU J 94 23.45 -4.52 -47.82
N ALA J 95 22.13 -4.56 -48.10
CA ALA J 95 21.47 -3.43 -48.67
C ALA J 95 20.38 -3.01 -47.77
N ARG J 96 19.68 -3.93 -47.10
CA ARG J 96 18.84 -3.69 -45.95
C ARG J 96 19.59 -2.93 -44.88
N LYS J 97 20.84 -3.36 -44.64
CA LYS J 97 21.77 -2.85 -43.67
C LYS J 97 22.25 -1.52 -44.10
N LEU J 98 22.51 -1.38 -45.41
CA LEU J 98 22.98 -0.15 -45.99
C LEU J 98 21.85 0.43 -46.78
N GLY J 99 20.76 0.82 -46.06
CA GLY J 99 19.62 1.48 -46.67
C GLY J 99 18.59 0.57 -47.26
N HIS J 100 18.19 0.92 -48.51
CA HIS J 100 17.16 0.32 -49.35
C HIS J 100 17.09 -1.18 -49.45
N SER J 101 15.87 -1.68 -49.75
CA SER J 101 15.56 -3.07 -49.96
C SER J 101 16.26 -3.54 -51.20
N TYR J 102 16.24 -2.66 -52.22
CA TYR J 102 16.86 -2.76 -53.51
C TYR J 102 18.35 -2.79 -53.32
N VAL J 103 19.09 -3.46 -54.22
CA VAL J 103 20.45 -3.86 -53.97
C VAL J 103 21.33 -3.43 -55.11
N GLY J 104 22.40 -2.66 -54.82
CA GLY J 104 23.29 -2.11 -55.83
C GLY J 104 24.56 -2.92 -55.85
N THR J 105 25.51 -2.50 -56.73
CA THR J 105 26.75 -3.18 -57.07
C THR J 105 27.60 -3.53 -55.89
N GLU J 106 27.68 -2.53 -54.99
CA GLU J 106 28.55 -2.44 -53.84
C GLU J 106 28.27 -3.60 -52.99
N HIS J 107 26.99 -3.78 -52.62
CA HIS J 107 26.47 -4.82 -51.78
C HIS J 107 26.89 -6.18 -52.23
N ILE J 108 27.04 -6.41 -53.56
CA ILE J 108 27.53 -7.66 -54.06
C ILE J 108 28.97 -7.87 -53.74
N LEU J 109 29.86 -6.88 -53.93
CA LEU J 109 31.24 -6.96 -53.44
C LEU J 109 31.37 -7.03 -51.95
N LEU J 110 30.52 -6.26 -51.22
CA LEU J 110 30.52 -6.22 -49.79
C LEU J 110 30.13 -7.57 -49.26
N GLY J 111 29.01 -8.13 -49.79
CA GLY J 111 28.50 -9.45 -49.58
C GLY J 111 29.38 -10.60 -49.96
N LEU J 112 30.16 -10.45 -51.04
CA LEU J 112 31.12 -11.40 -51.53
C LEU J 112 32.19 -11.69 -50.53
N ILE J 113 32.83 -10.60 -50.08
CA ILE J 113 33.81 -10.53 -49.03
C ILE J 113 33.36 -11.17 -47.75
N ARG J 114 32.14 -10.80 -47.32
CA ARG J 114 31.37 -11.29 -46.21
C ARG J 114 31.28 -12.80 -46.28
N GLU J 115 30.99 -13.31 -47.50
CA GLU J 115 30.78 -14.69 -47.82
C GLU J 115 32.11 -15.28 -48.24
N GLY J 116 33.14 -15.06 -47.39
CA GLY J 116 34.53 -15.36 -47.63
C GLY J 116 34.84 -16.83 -47.59
N GLU J 117 36.15 -17.17 -47.74
CA GLU J 117 36.77 -18.48 -47.79
C GLU J 117 36.73 -18.98 -49.21
N GLY J 118 35.59 -18.71 -49.89
CA GLY J 118 35.28 -19.05 -51.24
C GLY J 118 36.26 -18.54 -52.24
N VAL J 119 36.03 -18.90 -53.52
CA VAL J 119 37.01 -18.76 -54.56
C VAL J 119 37.23 -17.31 -54.87
N ALA J 120 36.16 -16.49 -54.97
CA ALA J 120 36.27 -15.05 -55.06
C ALA J 120 37.14 -14.44 -54.01
N ALA J 121 36.73 -14.58 -52.74
CA ALA J 121 37.44 -14.10 -51.59
C ALA J 121 38.94 -14.31 -51.61
N ARG J 122 39.37 -15.54 -51.99
CA ARG J 122 40.76 -15.92 -52.09
C ARG J 122 41.42 -15.34 -53.30
N VAL J 123 40.70 -15.18 -54.46
CA VAL J 123 41.12 -14.48 -55.66
C VAL J 123 41.62 -13.11 -55.31
N LEU J 124 40.97 -12.43 -54.34
CA LEU J 124 41.22 -11.05 -54.05
C LEU J 124 42.38 -11.00 -53.09
N ASN J 125 42.38 -11.91 -52.09
CA ASN J 125 43.47 -12.13 -51.17
C ASN J 125 44.75 -12.70 -51.78
N ASN J 126 44.73 -13.07 -53.08
CA ASN J 126 45.89 -13.60 -53.76
C ASN J 126 46.49 -12.45 -54.52
N LEU J 127 45.62 -11.55 -55.02
CA LEU J 127 46.00 -10.37 -55.74
C LEU J 127 46.29 -9.19 -54.86
N GLY J 128 46.88 -9.46 -53.66
CA GLY J 128 47.50 -8.48 -52.81
C GLY J 128 46.59 -7.46 -52.21
N VAL J 129 45.29 -7.79 -52.07
CA VAL J 129 44.34 -6.87 -51.53
C VAL J 129 43.64 -7.66 -50.49
N SER J 130 43.71 -7.18 -49.23
CA SER J 130 43.05 -7.80 -48.12
C SER J 130 41.57 -7.65 -48.28
N LEU J 131 40.80 -8.57 -47.70
CA LEU J 131 39.38 -8.66 -47.90
C LEU J 131 38.67 -7.45 -47.38
N ASN J 132 39.21 -6.85 -46.30
CA ASN J 132 38.60 -5.73 -45.64
C ASN J 132 38.93 -4.46 -46.37
N LYS J 133 40.13 -4.37 -47.00
CA LYS J 133 40.51 -3.26 -47.86
C LYS J 133 39.59 -3.09 -49.04
N ALA J 134 39.00 -4.21 -49.52
CA ALA J 134 38.06 -4.20 -50.62
C ALA J 134 36.68 -3.80 -50.19
N ARG J 135 36.17 -4.41 -49.08
CA ARG J 135 34.83 -4.19 -48.56
C ARG J 135 34.67 -2.80 -48.07
N GLN J 136 35.78 -2.23 -47.56
CA GLN J 136 35.88 -0.84 -47.24
C GLN J 136 35.62 -0.06 -48.46
N GLN J 137 36.49 -0.22 -49.46
CA GLN J 137 36.46 0.45 -50.72
C GLN J 137 35.12 0.60 -51.38
N VAL J 138 34.30 -0.48 -51.42
CA VAL J 138 32.95 -0.39 -51.93
C VAL J 138 32.09 0.52 -51.11
N LEU J 139 32.11 0.32 -49.76
CA LEU J 139 31.39 1.12 -48.82
C LEU J 139 31.70 2.60 -48.95
N GLN J 140 33.00 2.99 -48.90
CA GLN J 140 33.51 4.34 -49.01
C GLN J 140 33.39 4.98 -50.38
N LEU J 141 32.61 4.42 -51.31
CA LEU J 141 32.40 5.07 -52.58
C LEU J 141 31.04 5.68 -52.58
N LEU J 142 30.27 5.52 -51.47
CA LEU J 142 28.98 6.14 -51.41
C LEU J 142 28.59 6.35 -49.98
N GLY J 143 29.38 5.81 -49.03
CA GLY J 143 29.21 6.03 -47.61
C GLY J 143 27.97 5.34 -47.14
N SER J 144 27.73 4.10 -47.66
CA SER J 144 26.52 3.31 -47.52
C SER J 144 25.63 3.73 -48.64
N ASN J 145 24.51 3.01 -48.88
CA ASN J 145 23.59 3.39 -49.94
C ASN J 145 22.47 4.18 -49.37
N GLU J 146 22.01 5.20 -50.13
CA GLU J 146 21.05 6.19 -49.69
C GLU J 146 20.16 6.48 -50.87
N THR J 147 18.88 6.83 -50.58
CA THR J 147 17.91 7.21 -51.58
C THR J 147 16.77 7.88 -50.82
N GLY J 148 15.95 8.72 -51.51
CA GLY J 148 14.79 9.42 -50.97
C GLY J 148 15.10 10.47 -49.92
N SER J 149 14.02 11.10 -49.39
CA SER J 149 13.96 12.21 -48.46
C SER J 149 14.75 13.45 -48.86
N SER J 150 14.64 14.52 -48.03
CA SER J 150 15.28 15.79 -48.27
C SER J 150 16.54 15.88 -47.46
N ALA J 151 17.45 16.80 -47.88
CA ALA J 151 18.73 17.07 -47.29
C ALA J 151 19.43 18.00 -48.25
N ALA J 152 19.85 19.19 -47.75
CA ALA J 152 20.55 20.16 -48.56
C ALA J 152 21.21 21.20 -47.69
N GLY J 153 21.05 21.10 -46.34
CA GLY J 153 21.64 22.01 -45.37
C GLY J 153 20.55 22.65 -44.55
N THR J 154 20.91 23.15 -43.34
CA THR J 154 19.99 23.74 -42.38
C THR J 154 20.78 24.80 -41.62
N ASN J 155 20.14 25.97 -41.29
CA ASN J 155 20.76 27.05 -40.55
C ASN J 155 19.88 27.36 -39.35
N SER J 156 19.67 28.67 -39.05
CA SER J 156 18.67 29.22 -38.15
C SER J 156 19.13 29.19 -36.72
N ASN J 157 18.54 30.07 -35.89
CA ASN J 157 18.99 30.36 -34.56
C ASN J 157 17.93 29.89 -33.63
N ALA J 158 16.92 30.74 -33.28
CA ALA J 158 15.90 30.39 -32.30
C ALA J 158 15.16 29.10 -32.54
N ASN J 159 14.95 28.71 -33.84
CA ASN J 159 14.38 27.44 -34.25
C ASN J 159 15.12 26.21 -33.74
N THR J 160 16.44 26.36 -33.46
CA THR J 160 17.35 25.40 -32.87
C THR J 160 16.79 24.90 -31.56
N PRO J 161 16.75 25.65 -30.43
CA PRO J 161 16.26 25.19 -29.14
C PRO J 161 14.95 24.42 -29.16
N THR J 162 13.90 24.88 -29.90
CA THR J 162 12.60 24.24 -30.01
C THR J 162 12.78 22.87 -30.62
N LEU J 163 12.91 22.80 -31.97
CA LEU J 163 13.07 21.67 -32.85
C LEU J 163 14.03 20.54 -32.46
N ASP J 164 14.89 20.73 -31.43
CA ASP J 164 15.88 19.76 -30.98
C ASP J 164 15.20 18.51 -30.49
N SER J 165 14.36 18.62 -29.41
CA SER J 165 13.89 17.58 -28.51
C SER J 165 13.92 16.14 -29.02
N LEU J 166 13.00 15.58 -29.85
CA LEU J 166 11.78 16.02 -30.49
C LEU J 166 11.57 14.83 -31.41
N ALA J 167 10.42 14.10 -31.52
CA ALA J 167 9.10 14.10 -30.93
C ALA J 167 8.11 14.41 -32.02
N ARG J 168 8.55 14.28 -33.31
CA ARG J 168 7.76 14.30 -34.53
C ARG J 168 7.31 15.70 -34.88
N ASP J 169 7.20 15.94 -36.20
CA ASP J 169 6.82 17.19 -36.78
C ASP J 169 6.03 16.75 -37.97
N LEU J 170 4.69 16.59 -37.78
CA LEU J 170 3.74 16.15 -38.77
C LEU J 170 3.80 16.96 -40.04
N THR J 171 3.96 18.30 -39.90
CA THR J 171 4.15 19.23 -40.99
C THR J 171 5.33 18.90 -41.88
N ALA J 172 6.48 18.44 -41.31
CA ALA J 172 7.66 18.08 -42.07
C ALA J 172 7.37 16.94 -43.01
N ILE J 173 6.92 15.79 -42.44
CA ILE J 173 6.47 14.62 -43.17
C ILE J 173 5.27 14.85 -44.07
N ALA J 174 4.56 15.98 -43.96
CA ALA J 174 3.38 16.26 -44.75
C ALA J 174 3.76 17.21 -45.85
N LYS J 175 5.02 17.65 -45.87
CA LYS J 175 5.61 18.48 -46.90
C LYS J 175 6.68 17.63 -47.58
N GLU J 176 6.81 16.34 -47.16
CA GLU J 176 7.72 15.39 -47.73
C GLU J 176 6.90 14.22 -48.20
N ASP J 177 5.62 14.18 -47.74
CA ASP J 177 4.60 13.22 -48.05
C ASP J 177 4.99 11.80 -47.69
N SER J 178 5.68 11.67 -46.53
CA SER J 178 5.90 10.39 -45.90
C SER J 178 4.60 10.08 -45.21
N LEU J 179 4.01 11.14 -44.62
CA LEU J 179 2.75 11.19 -43.95
C LEU J 179 1.67 10.88 -44.95
N ASP J 180 0.62 10.16 -44.50
CA ASP J 180 -0.50 9.76 -45.30
C ASP J 180 -1.67 10.55 -44.78
N PRO J 181 -2.81 10.68 -45.46
CA PRO J 181 -3.88 11.61 -45.11
C PRO J 181 -4.24 11.81 -43.65
N VAL J 182 -4.72 10.83 -42.82
CA VAL J 182 -5.25 9.53 -43.10
C VAL J 182 -6.69 9.77 -42.74
N ILE J 183 -7.61 9.49 -43.70
CA ILE J 183 -9.04 9.80 -43.76
C ILE J 183 -9.69 10.21 -42.46
N GLY J 184 -10.15 11.49 -42.43
CA GLY J 184 -10.80 12.10 -41.29
C GLY J 184 -12.27 11.76 -41.26
N ARG J 185 -13.08 12.30 -40.29
CA ARG J 185 -12.76 13.17 -39.18
C ARG J 185 -12.33 14.54 -39.65
N SER J 186 -13.17 15.15 -40.51
CA SER J 186 -13.00 16.46 -41.10
C SER J 186 -13.54 17.62 -40.30
N LYS J 187 -14.77 17.48 -39.76
CA LYS J 187 -15.50 18.49 -39.02
C LYS J 187 -14.88 18.87 -37.69
N GLU J 188 -14.01 17.99 -37.15
CA GLU J 188 -13.24 18.27 -35.95
C GLU J 188 -12.23 19.31 -36.25
N ILE J 189 -11.59 19.19 -37.44
CA ILE J 189 -10.55 20.05 -37.92
C ILE J 189 -11.06 21.45 -38.10
N GLN J 190 -12.31 21.61 -38.61
CA GLN J 190 -12.91 22.91 -38.77
C GLN J 190 -13.08 23.61 -37.45
N ARG J 191 -13.70 22.91 -36.47
CA ARG J 191 -13.84 23.38 -35.12
C ARG J 191 -12.52 23.59 -34.38
N VAL J 192 -11.41 22.98 -34.85
CA VAL J 192 -10.08 23.10 -34.25
C VAL J 192 -9.49 24.41 -34.66
N ILE J 193 -9.76 24.86 -35.91
CA ILE J 193 -9.24 26.08 -36.48
C ILE J 193 -10.04 27.22 -35.91
N GLU J 194 -11.28 26.91 -35.45
CA GLU J 194 -12.06 27.80 -34.61
C GLU J 194 -11.25 27.96 -33.35
N VAL J 195 -10.93 26.88 -32.61
CA VAL J 195 -10.04 27.01 -31.50
C VAL J 195 -8.62 27.52 -31.75
N LEU J 196 -8.20 27.82 -33.01
CA LEU J 196 -6.84 28.16 -33.34
C LEU J 196 -6.69 29.58 -33.82
N SER J 197 -7.82 30.28 -34.05
CA SER J 197 -7.81 31.63 -34.55
C SER J 197 -8.31 32.52 -33.48
N ARG J 198 -7.72 32.46 -32.29
CA ARG J 198 -8.24 33.15 -31.15
C ARG J 198 -7.05 33.68 -30.44
N ARG J 199 -7.12 33.94 -29.11
CA ARG J 199 -5.90 34.21 -28.41
C ARG J 199 -6.06 34.08 -26.93
N THR J 200 -7.29 33.77 -26.41
CA THR J 200 -7.51 33.76 -24.97
C THR J 200 -8.37 32.60 -24.55
N LYS J 201 -8.48 31.60 -25.43
CA LYS J 201 -9.14 30.35 -25.22
C LYS J 201 -8.80 29.62 -26.49
N ASN J 202 -7.58 29.92 -26.97
CA ASN J 202 -7.03 29.58 -28.25
C ASN J 202 -6.48 28.19 -28.29
N ASN J 203 -6.93 27.31 -27.39
CA ASN J 203 -6.30 26.04 -27.26
C ASN J 203 -7.38 25.09 -27.65
N PRO J 204 -7.20 24.22 -28.66
CA PRO J 204 -8.25 23.27 -28.99
C PRO J 204 -8.16 22.17 -28.01
N VAL J 205 -9.27 21.44 -27.77
CA VAL J 205 -9.28 20.40 -26.79
C VAL J 205 -10.29 19.48 -27.35
N LEU J 206 -9.85 18.25 -27.68
CA LEU J 206 -10.63 17.27 -28.38
C LEU J 206 -11.20 16.43 -27.28
N ILE J 207 -12.54 16.27 -27.24
CA ILE J 207 -13.21 15.58 -26.16
C ILE J 207 -13.98 14.44 -26.75
N GLY J 208 -13.80 13.22 -26.20
CA GLY J 208 -14.51 12.04 -26.63
C GLY J 208 -13.59 10.95 -27.10
N GLU J 209 -14.22 9.83 -27.51
CA GLU J 209 -13.69 8.61 -28.10
C GLU J 209 -12.43 8.80 -28.92
N PRO J 210 -11.30 8.10 -28.70
CA PRO J 210 -10.02 8.61 -29.17
C PRO J 210 -9.82 8.65 -30.68
N GLY J 211 -9.91 7.56 -31.47
CA GLY J 211 -10.72 6.38 -31.27
C GLY J 211 -10.40 5.41 -32.37
N VAL J 212 -9.79 5.92 -33.46
CA VAL J 212 -9.18 5.14 -34.52
C VAL J 212 -7.72 5.54 -34.48
N GLY J 213 -7.36 6.28 -33.40
CA GLY J 213 -6.12 6.93 -33.20
C GLY J 213 -6.51 8.35 -33.43
N LYS J 214 -6.39 9.19 -32.36
CA LYS J 214 -6.68 10.60 -32.31
C LYS J 214 -6.06 11.34 -33.46
N THR J 215 -4.78 10.97 -33.71
CA THR J 215 -3.83 11.44 -34.69
C THR J 215 -4.35 11.58 -36.10
N ALA J 216 -5.50 10.97 -36.45
CA ALA J 216 -6.08 11.07 -37.76
C ALA J 216 -6.59 12.49 -37.94
N ILE J 217 -7.20 13.05 -36.86
CA ILE J 217 -7.62 14.44 -36.75
C ILE J 217 -6.43 15.37 -36.83
N ALA J 218 -5.30 14.98 -36.17
CA ALA J 218 -4.09 15.75 -36.07
C ALA J 218 -3.43 16.10 -37.37
N GLU J 219 -3.31 15.11 -38.30
CA GLU J 219 -2.80 15.31 -39.63
C GLU J 219 -3.61 16.31 -40.42
N GLY J 220 -4.91 16.40 -40.04
CA GLY J 220 -5.89 17.34 -40.48
C GLY J 220 -5.51 18.77 -40.41
N LEU J 221 -5.07 19.25 -39.21
CA LEU J 221 -4.70 20.62 -38.98
C LEU J 221 -3.65 21.11 -39.92
N ALA J 222 -2.46 20.43 -39.96
CA ALA J 222 -1.34 20.65 -40.86
C ALA J 222 -1.75 21.09 -42.24
N GLN J 223 -2.59 20.22 -42.85
CA GLN J 223 -3.17 20.28 -44.17
C GLN J 223 -4.04 21.50 -44.38
N GLN J 224 -4.88 21.85 -43.38
CA GLN J 224 -5.85 22.93 -43.42
C GLN J 224 -5.17 24.27 -43.16
N ILE J 225 -4.05 24.27 -42.42
CA ILE J 225 -3.25 25.44 -42.15
C ILE J 225 -2.57 25.90 -43.41
N ILE J 226 -2.22 24.96 -44.32
CA ILE J 226 -1.73 25.27 -45.65
C ILE J 226 -2.85 25.92 -46.47
N ASN J 227 -3.83 25.15 -46.99
CA ASN J 227 -4.87 25.66 -47.88
C ASN J 227 -6.14 25.77 -47.07
N ASN J 228 -6.64 26.98 -46.72
CA ASN J 228 -6.07 28.31 -46.78
C ASN J 228 -6.79 29.05 -45.68
N GLU J 229 -7.47 28.29 -44.79
CA GLU J 229 -8.26 28.78 -43.70
C GLU J 229 -7.31 28.90 -42.56
N VAL J 230 -6.75 30.13 -42.41
CA VAL J 230 -5.78 30.41 -41.39
C VAL J 230 -5.97 31.85 -40.96
N PRO J 231 -5.41 32.27 -39.81
CA PRO J 231 -5.60 33.61 -39.29
C PRO J 231 -4.71 34.64 -39.95
N GLU J 232 -4.17 35.62 -39.18
CA GLU J 232 -3.30 36.64 -39.72
C GLU J 232 -1.89 36.40 -39.24
N ILE J 233 -1.58 36.54 -37.93
CA ILE J 233 -0.24 36.24 -37.47
C ILE J 233 -0.22 34.89 -36.84
N LEU J 234 -1.41 34.26 -36.75
CA LEU J 234 -1.54 32.90 -36.32
C LEU J 234 -1.71 32.14 -37.61
N ARG J 235 -1.54 32.83 -38.79
CA ARG J 235 -1.38 32.21 -40.09
C ARG J 235 0.00 31.68 -40.18
N ASP J 236 1.00 32.50 -39.75
CA ASP J 236 2.37 32.03 -39.65
C ASP J 236 2.37 31.20 -38.41
N LYS J 237 2.49 29.88 -38.65
CA LYS J 237 2.41 28.89 -37.63
C LYS J 237 3.51 27.93 -37.85
N ARG J 238 3.90 27.32 -36.71
CA ARG J 238 4.70 26.16 -36.68
C ARG J 238 3.84 25.28 -35.82
N VAL J 239 3.79 23.98 -36.18
CA VAL J 239 3.05 22.96 -35.48
C VAL J 239 4.10 22.04 -34.97
N MET J 240 4.19 21.89 -33.63
CA MET J 240 5.19 21.03 -33.03
C MET J 240 4.41 20.06 -32.19
N THR J 241 4.79 18.77 -32.28
CA THR J 241 4.14 17.70 -31.57
C THR J 241 5.00 17.40 -30.39
N LEU J 242 4.36 17.23 -29.21
CA LEU J 242 5.03 16.86 -28.00
C LEU J 242 4.57 15.45 -27.78
N ASP J 243 5.55 14.53 -27.74
CA ASP J 243 5.32 13.11 -27.68
C ASP J 243 5.92 12.68 -26.38
N MET J 244 5.10 11.97 -25.57
CA MET J 244 5.39 11.52 -24.24
C MET J 244 6.50 10.49 -24.25
N GLY J 245 6.54 9.64 -25.30
CA GLY J 245 7.48 8.57 -25.48
C GLY J 245 8.91 9.05 -25.56
N THR J 246 9.14 10.17 -26.29
CA THR J 246 10.47 10.74 -26.42
C THR J 246 10.95 11.33 -25.11
N VAL J 247 10.03 11.97 -24.34
CA VAL J 247 10.28 12.58 -23.06
C VAL J 247 10.71 11.57 -22.01
N VAL J 248 10.01 10.41 -21.91
CA VAL J 248 10.27 9.40 -20.91
C VAL J 248 11.57 8.67 -21.17
N ALA J 249 11.94 8.48 -22.46
CA ALA J 249 13.11 7.72 -22.85
C ALA J 249 14.38 8.42 -22.39
N GLY J 250 15.17 7.70 -21.57
CA GLY J 250 16.47 8.12 -21.09
C GLY J 250 16.45 9.05 -19.91
N THR J 251 15.24 9.42 -19.38
CA THR J 251 15.16 10.33 -18.25
C THR J 251 15.17 9.55 -16.96
N LYS J 252 14.25 8.56 -16.86
CA LYS J 252 14.11 7.61 -15.78
C LYS J 252 13.71 8.25 -14.48
N TYR J 253 13.12 9.48 -14.52
CA TYR J 253 12.72 10.17 -13.33
C TYR J 253 11.71 11.21 -13.73
N ARG J 254 10.76 11.53 -12.81
CA ARG J 254 9.75 12.56 -12.97
C ARG J 254 10.31 13.95 -12.99
N GLY J 255 11.36 14.23 -12.17
CA GLY J 255 11.95 15.54 -12.02
C GLY J 255 12.52 16.03 -13.31
N GLU J 256 13.21 15.10 -14.02
CA GLU J 256 13.80 15.32 -15.30
C GLU J 256 12.75 15.60 -16.36
N PHE J 257 11.59 14.89 -16.29
CA PHE J 257 10.45 15.05 -17.19
C PHE J 257 9.91 16.46 -17.08
N GLU J 258 9.79 17.00 -15.84
CA GLU J 258 9.34 18.34 -15.57
C GLU J 258 10.28 19.37 -16.15
N ASP J 259 11.60 19.10 -16.04
CA ASP J 259 12.67 19.94 -16.54
C ASP J 259 12.56 20.04 -18.02
N ARG J 260 12.28 18.91 -18.71
CA ARG J 260 12.18 18.88 -20.15
C ARG J 260 11.01 19.69 -20.64
N LEU J 261 9.82 19.62 -19.98
CA LEU J 261 8.70 20.47 -20.38
C LEU J 261 9.00 21.93 -20.15
N LYS J 262 9.72 22.25 -19.05
CA LYS J 262 10.12 23.60 -18.74
C LYS J 262 10.99 24.16 -19.84
N LYS J 263 11.94 23.35 -20.34
CA LYS J 263 12.86 23.73 -21.40
C LYS J 263 12.14 24.01 -22.67
N VAL J 264 11.13 23.17 -23.03
CA VAL J 264 10.35 23.27 -24.25
C VAL J 264 9.61 24.55 -24.27
N MET J 265 9.00 24.88 -23.11
CA MET J 265 8.25 26.07 -22.87
C MET J 265 9.10 27.29 -22.99
N ASP J 266 10.38 27.22 -22.54
CA ASP J 266 11.27 28.36 -22.65
C ASP J 266 11.52 28.71 -24.10
N GLU J 267 11.80 27.68 -24.94
CA GLU J 267 12.08 27.88 -26.34
C GLU J 267 10.86 28.28 -27.13
N ILE J 268 9.68 27.98 -26.55
CA ILE J 268 8.36 28.29 -27.01
C ILE J 268 8.09 29.77 -27.13
N ARG J 269 9.09 30.64 -26.78
CA ARG J 269 9.17 32.07 -26.93
C ARG J 269 8.92 32.56 -28.35
N GLN J 270 8.92 31.64 -29.33
CA GLN J 270 8.38 31.81 -30.67
C GLN J 270 6.85 31.98 -30.70
N ALA J 271 6.23 32.03 -29.49
CA ALA J 271 4.86 32.21 -29.11
C ALA J 271 4.04 33.20 -29.87
N GLY J 272 2.70 33.00 -29.80
CA GLY J 272 1.71 33.84 -30.42
C GLY J 272 1.63 33.53 -31.88
N ASN J 273 2.36 32.47 -32.29
CA ASN J 273 2.48 32.02 -33.63
C ASN J 273 2.76 30.55 -33.57
N ILE J 274 2.64 29.87 -32.41
CA ILE J 274 3.04 28.48 -32.31
C ILE J 274 1.86 27.65 -31.84
N ILE J 275 1.71 26.40 -32.37
CA ILE J 275 0.75 25.40 -31.95
C ILE J 275 1.45 24.18 -31.41
N LEU J 276 1.14 23.79 -30.16
CA LEU J 276 1.73 22.65 -29.49
C LEU J 276 0.71 21.54 -29.49
N PHE J 277 1.09 20.28 -29.82
CA PHE J 277 0.14 19.19 -29.71
C PHE J 277 0.52 18.45 -28.46
N ILE J 278 -0.42 18.41 -27.49
CA ILE J 278 -0.24 17.75 -26.23
C ILE J 278 -1.23 16.61 -26.16
N ASP J 279 -0.75 15.35 -26.26
CA ASP J 279 -1.61 14.18 -26.16
C ASP J 279 -1.83 13.93 -24.68
N ALA J 280 -3.00 13.33 -24.33
CA ALA J 280 -3.40 12.97 -22.99
C ALA J 280 -3.26 14.12 -22.03
N LEU J 281 -3.92 15.26 -22.34
CA LEU J 281 -3.71 16.55 -21.72
C LEU J 281 -3.95 16.54 -20.22
N HIS J 282 -4.91 15.72 -19.71
CA HIS J 282 -5.21 15.61 -18.29
C HIS J 282 -4.02 15.20 -17.48
N THR J 283 -3.22 14.23 -17.99
CA THR J 283 -2.15 13.61 -17.24
C THR J 283 -1.14 14.61 -16.73
N LEU J 284 -0.88 15.64 -17.59
CA LEU J 284 0.01 16.72 -17.35
C LEU J 284 -0.52 17.67 -16.31
N ILE J 285 -1.86 17.85 -16.22
CA ILE J 285 -2.47 18.64 -15.18
C ILE J 285 -2.38 17.91 -13.87
N GLY J 286 -2.48 16.56 -13.91
CA GLY J 286 -2.07 15.72 -12.81
C GLY J 286 -2.95 15.83 -11.62
N ALA J 287 -4.26 16.01 -11.85
CA ALA J 287 -5.17 16.22 -10.76
C ALA J 287 -6.51 15.86 -11.28
N GLY J 288 -7.41 15.47 -10.35
CA GLY J 288 -8.78 15.12 -10.60
C GLY J 288 -8.88 13.65 -10.45
N GLY J 289 -9.81 13.20 -9.58
CA GLY J 289 -10.03 11.80 -9.31
C GLY J 289 -9.29 11.48 -8.05
N ALA J 290 -9.09 10.16 -7.77
CA ALA J 290 -8.33 9.69 -6.65
C ALA J 290 -6.91 9.44 -7.10
N GLU J 291 -6.64 9.74 -8.39
CA GLU J 291 -5.36 9.63 -9.01
C GLU J 291 -5.03 11.00 -9.47
N GLY J 292 -3.71 11.31 -9.56
CA GLY J 292 -3.24 12.59 -9.99
C GLY J 292 -2.86 12.40 -11.42
N ALA J 293 -1.58 12.02 -11.60
CA ALA J 293 -0.87 11.74 -12.82
C ALA J 293 0.27 12.70 -12.78
N ILE J 294 1.29 12.49 -13.67
CA ILE J 294 2.53 13.26 -13.67
C ILE J 294 2.29 14.73 -13.83
N ASP J 295 2.50 15.50 -12.74
CA ASP J 295 1.97 16.82 -12.57
C ASP J 295 2.96 17.78 -13.16
N ALA J 296 2.78 18.01 -14.46
CA ALA J 296 3.44 18.97 -15.30
C ALA J 296 2.87 20.33 -15.06
N SER J 297 1.67 20.39 -14.45
CA SER J 297 0.73 21.48 -14.33
C SER J 297 1.31 22.77 -13.92
N ASN J 298 2.34 22.76 -13.06
CA ASN J 298 2.90 23.96 -12.50
C ASN J 298 3.40 24.89 -13.59
N ILE J 299 4.20 24.34 -14.53
CA ILE J 299 4.58 24.99 -15.74
C ILE J 299 3.50 25.02 -16.81
N LEU J 300 2.78 23.88 -17.02
CA LEU J 300 1.85 23.70 -18.13
C LEU J 300 0.59 24.51 -18.11
N LYS J 301 -0.05 24.68 -16.94
CA LYS J 301 -1.29 25.40 -16.77
C LYS J 301 -1.16 26.86 -17.18
N PRO J 302 -0.16 27.65 -16.75
CA PRO J 302 0.00 29.03 -17.19
C PRO J 302 0.36 29.08 -18.65
N SER J 303 1.03 28.02 -19.16
CA SER J 303 1.48 27.87 -20.52
C SER J 303 0.30 27.83 -21.45
N LEU J 304 -0.74 27.09 -21.02
CA LEU J 304 -2.00 26.93 -21.70
C LEU J 304 -2.72 28.25 -21.75
N ALA J 305 -2.75 29.01 -20.63
CA ALA J 305 -3.40 30.32 -20.60
C ALA J 305 -2.76 31.36 -21.48
N ARG J 306 -1.41 31.37 -21.53
CA ARG J 306 -0.62 32.34 -22.24
C ARG J 306 -0.74 32.23 -23.74
N GLY J 307 -0.97 31.01 -24.25
CA GLY J 307 -1.00 30.80 -25.67
C GLY J 307 0.40 30.57 -26.16
N GLU J 308 1.36 30.35 -25.22
CA GLU J 308 2.71 29.95 -25.54
C GLU J 308 2.65 28.46 -25.79
N LEU J 309 1.87 27.75 -24.95
CA LEU J 309 1.41 26.40 -25.19
C LEU J 309 -0.02 26.65 -25.54
N GLN J 310 -0.21 27.31 -26.71
CA GLN J 310 -1.47 27.42 -27.40
C GLN J 310 -1.48 26.05 -27.97
N CYS J 311 -2.40 25.20 -27.47
CA CYS J 311 -2.15 23.81 -27.64
C CYS J 311 -3.40 23.08 -27.88
N ILE J 312 -3.21 21.83 -28.31
CA ILE J 312 -4.24 20.95 -28.72
C ILE J 312 -4.20 19.85 -27.74
N GLY J 313 -5.36 19.62 -27.11
CA GLY J 313 -5.49 18.75 -26.00
C GLY J 313 -6.22 17.59 -26.55
N ALA J 314 -5.79 16.37 -26.18
CA ALA J 314 -6.48 15.18 -26.60
C ALA J 314 -6.88 14.58 -25.30
N THR J 315 -8.19 14.66 -25.04
CA THR J 315 -8.82 14.25 -23.82
C THR J 315 -10.02 13.45 -24.22
N THR J 316 -10.66 12.89 -23.19
CA THR J 316 -11.60 11.82 -23.29
C THR J 316 -12.63 12.25 -22.28
N LEU J 317 -13.75 11.49 -22.15
CA LEU J 317 -14.83 11.66 -21.20
C LEU J 317 -14.42 12.10 -19.81
N ASP J 318 -13.39 11.45 -19.19
CA ASP J 318 -13.08 11.69 -17.80
C ASP J 318 -11.97 12.68 -17.79
N GLU J 319 -10.91 12.49 -18.62
CA GLU J 319 -9.80 13.41 -18.75
C GLU J 319 -10.16 14.89 -18.84
N TYR J 320 -11.25 15.26 -19.57
CA TYR J 320 -11.69 16.64 -19.68
C TYR J 320 -12.20 17.21 -18.38
N ARG J 321 -13.05 16.44 -17.65
CA ARG J 321 -13.50 16.71 -16.28
C ARG J 321 -12.35 17.10 -15.38
N LYS J 322 -11.22 16.37 -15.56
CA LYS J 322 -10.00 16.51 -14.83
C LYS J 322 -9.10 17.52 -15.52
N TYR J 323 -9.64 18.69 -15.92
CA TYR J 323 -8.83 19.71 -16.56
C TYR J 323 -9.52 21.03 -16.47
N ILE J 324 -10.85 21.02 -16.76
CA ILE J 324 -11.77 22.11 -16.65
C ILE J 324 -12.08 22.42 -15.20
N GLU J 325 -11.83 21.42 -14.31
CA GLU J 325 -11.92 21.53 -12.88
C GLU J 325 -10.88 22.44 -12.29
N LYS J 326 -9.69 22.51 -12.92
CA LYS J 326 -8.58 23.32 -12.49
C LYS J 326 -8.90 24.78 -12.57
N ASP J 327 -8.78 25.42 -13.75
CA ASP J 327 -9.20 26.78 -14.00
C ASP J 327 -8.41 27.83 -13.20
N ALA J 328 -8.36 29.11 -13.63
CA ALA J 328 -8.82 29.68 -14.87
C ALA J 328 -7.56 29.88 -15.65
N ALA J 329 -6.98 28.76 -16.14
CA ALA J 329 -5.87 28.79 -17.04
C ALA J 329 -5.76 27.44 -17.68
N LEU J 330 -6.61 26.49 -17.24
CA LEU J 330 -6.80 25.21 -17.85
C LEU J 330 -8.27 25.12 -18.16
N GLU J 331 -8.96 26.27 -18.12
CA GLU J 331 -10.37 26.38 -18.40
C GLU J 331 -10.61 27.80 -18.81
N ARG J 332 -9.52 28.59 -18.94
CA ARG J 332 -9.48 29.92 -19.49
C ARG J 332 -8.53 29.83 -20.64
N ARG J 333 -8.25 28.58 -21.07
CA ARG J 333 -7.34 28.23 -22.10
C ARG J 333 -8.09 27.23 -22.91
N PHE J 334 -8.42 26.07 -22.28
CA PHE J 334 -9.18 24.98 -22.86
C PHE J 334 -10.49 25.43 -23.46
N GLN J 335 -11.03 24.66 -24.41
CA GLN J 335 -12.32 24.93 -25.00
C GLN J 335 -12.57 23.72 -25.88
N PRO J 336 -13.75 23.13 -25.94
CA PRO J 336 -13.86 21.76 -26.38
C PRO J 336 -14.28 21.78 -27.81
N ILE J 337 -14.14 20.62 -28.50
CA ILE J 337 -14.58 20.48 -29.85
C ILE J 337 -15.01 19.06 -29.91
N GLN J 338 -16.06 18.84 -30.71
CA GLN J 338 -16.81 17.62 -30.76
C GLN J 338 -16.14 16.67 -31.73
N VAL J 339 -15.68 15.51 -31.19
CA VAL J 339 -14.89 14.48 -31.86
C VAL J 339 -15.73 13.43 -32.57
N ASP J 340 -15.15 12.83 -33.65
CA ASP J 340 -15.73 11.81 -34.52
C ASP J 340 -14.82 10.62 -34.41
N GLN J 341 -15.40 9.41 -34.47
CA GLN J 341 -14.72 8.16 -34.68
C GLN J 341 -15.53 7.51 -35.76
N PRO J 342 -14.97 7.05 -36.89
CA PRO J 342 -15.64 6.66 -38.13
C PRO J 342 -17.08 6.20 -38.09
N SER J 343 -17.97 6.90 -38.84
CA SER J 343 -19.27 6.42 -39.23
C SER J 343 -19.08 5.37 -40.29
N VAL J 344 -20.05 4.46 -40.46
CA VAL J 344 -19.98 3.31 -41.34
C VAL J 344 -19.42 3.55 -42.74
N ASP J 345 -19.81 4.65 -43.44
CA ASP J 345 -19.29 4.93 -44.76
C ASP J 345 -17.81 5.25 -44.76
N GLU J 346 -17.37 6.07 -43.76
CA GLU J 346 -16.00 6.44 -43.49
C GLU J 346 -15.12 5.25 -43.26
N SER J 347 -15.65 4.26 -42.48
CA SER J 347 -15.01 3.01 -42.16
C SER J 347 -14.49 2.31 -43.37
N ILE J 348 -15.41 1.94 -44.30
CA ILE J 348 -15.20 1.33 -45.60
C ILE J 348 -14.05 1.93 -46.35
N GLN J 349 -13.98 3.28 -46.38
CA GLN J 349 -12.99 3.99 -47.16
C GLN J 349 -11.58 3.81 -46.65
N ILE J 350 -11.40 3.73 -45.30
CA ILE J 350 -10.10 3.52 -44.67
C ILE J 350 -9.53 2.16 -45.01
N LEU J 351 -10.37 1.12 -44.87
CA LEU J 351 -10.13 -0.27 -45.16
C LEU J 351 -9.56 -0.50 -46.53
N GLN J 352 -10.30 -0.01 -47.56
CA GLN J 352 -9.98 0.01 -48.96
C GLN J 352 -8.61 0.61 -49.21
N GLY J 353 -8.31 1.74 -48.53
CA GLY J 353 -7.04 2.43 -48.58
C GLY J 353 -5.86 1.56 -48.21
N LEU J 354 -6.08 0.59 -47.30
CA LEU J 354 -5.07 -0.31 -46.82
C LEU J 354 -5.23 -1.72 -47.34
N ARG J 355 -6.12 -1.94 -48.33
CA ARG J 355 -6.27 -3.17 -49.09
C ARG J 355 -5.02 -3.53 -49.81
N ASP J 356 -4.56 -2.56 -50.62
CA ASP J 356 -3.46 -2.57 -51.56
C ASP J 356 -2.13 -3.08 -51.04
N ARG J 357 -1.95 -3.20 -49.71
CA ARG J 357 -0.70 -3.60 -49.11
C ARG J 357 -0.78 -5.05 -48.71
N TYR J 358 -1.99 -5.67 -48.75
CA TYR J 358 -2.16 -7.11 -48.68
C TYR J 358 -1.95 -7.64 -50.08
N GLU J 359 -1.55 -6.80 -51.06
CA GLU J 359 -1.10 -7.20 -52.39
C GLU J 359 0.24 -7.78 -52.21
N ALA J 360 1.01 -7.25 -51.22
CA ALA J 360 2.30 -7.75 -50.85
C ALA J 360 2.13 -9.16 -50.35
N HIS J 361 1.06 -9.39 -49.56
CA HIS J 361 0.71 -10.69 -49.04
C HIS J 361 -0.25 -11.38 -49.95
N HIS J 362 -0.51 -10.78 -51.13
CA HIS J 362 -1.18 -11.35 -52.25
C HIS J 362 -2.47 -11.94 -51.87
N ARG J 363 -3.47 -11.10 -51.56
CA ARG J 363 -4.76 -11.62 -51.22
C ARG J 363 -5.81 -10.59 -51.38
N VAL J 364 -5.44 -9.30 -51.27
CA VAL J 364 -6.39 -8.22 -51.42
C VAL J 364 -5.50 -7.20 -52.07
N SER J 365 -5.91 -6.19 -52.86
CA SER J 365 -7.16 -5.62 -53.28
C SER J 365 -8.30 -6.51 -53.71
N ILE J 366 -9.48 -5.87 -53.84
CA ILE J 366 -10.75 -6.35 -54.32
C ILE J 366 -11.43 -7.22 -53.31
N THR J 367 -12.79 -7.25 -53.21
CA THR J 367 -13.72 -6.40 -53.89
C THR J 367 -14.09 -5.33 -52.93
N ASP J 368 -14.51 -4.16 -53.47
CA ASP J 368 -15.10 -3.04 -52.79
C ASP J 368 -16.21 -3.53 -51.94
N ASP J 369 -17.16 -4.22 -52.59
CA ASP J 369 -18.33 -4.88 -52.07
C ASP J 369 -18.04 -5.76 -50.88
N ALA J 370 -16.82 -6.33 -50.81
CA ALA J 370 -16.39 -7.18 -49.74
C ALA J 370 -16.06 -6.32 -48.58
N ILE J 371 -15.29 -5.24 -48.77
CA ILE J 371 -15.01 -4.25 -47.75
C ILE J 371 -16.25 -3.73 -47.08
N GLU J 372 -17.17 -3.15 -47.89
CA GLU J 372 -18.49 -2.69 -47.55
C GLU J 372 -19.28 -3.65 -46.72
N ALA J 373 -19.16 -4.95 -47.09
CA ALA J 373 -19.76 -6.08 -46.44
C ALA J 373 -19.19 -6.30 -45.08
N ALA J 374 -17.86 -6.39 -44.94
CA ALA J 374 -17.13 -6.41 -43.70
C ALA J 374 -17.69 -5.44 -42.71
N VAL J 375 -17.67 -4.14 -43.07
CA VAL J 375 -18.23 -3.03 -42.33
C VAL J 375 -19.68 -3.28 -42.03
N LYS J 376 -20.60 -3.08 -43.01
CA LYS J 376 -22.04 -3.15 -42.81
C LYS J 376 -22.59 -4.34 -42.06
N LEU J 377 -22.11 -5.56 -42.39
CA LEU J 377 -22.56 -6.79 -41.77
C LEU J 377 -22.17 -6.84 -40.31
N SER J 378 -20.97 -6.33 -39.99
CA SER J 378 -20.41 -6.25 -38.67
C SER J 378 -21.08 -5.23 -37.80
N ASP J 379 -21.42 -4.08 -38.43
CA ASP J 379 -22.01 -2.88 -37.89
C ASP J 379 -23.35 -3.20 -37.30
N ARG J 380 -24.08 -4.09 -37.97
CA ARG J 380 -25.43 -4.48 -37.67
C ARG J 380 -25.38 -5.73 -36.84
N TYR J 381 -24.49 -6.71 -37.15
CA TYR J 381 -24.44 -7.95 -36.40
C TYR J 381 -23.00 -8.23 -36.06
N ILE J 382 -22.71 -8.27 -34.72
CA ILE J 382 -21.44 -8.44 -34.03
C ILE J 382 -20.20 -7.96 -34.77
N SER J 383 -19.65 -6.76 -34.46
CA SER J 383 -19.83 -5.89 -33.32
C SER J 383 -19.23 -6.48 -32.08
N ASP J 384 -17.91 -6.29 -31.97
CA ASP J 384 -17.08 -6.65 -30.85
C ASP J 384 -16.04 -5.57 -30.81
N ARG J 385 -16.06 -4.65 -31.81
CA ARG J 385 -15.17 -3.54 -31.92
C ARG J 385 -16.00 -2.44 -32.54
N PHE J 386 -15.42 -1.23 -32.68
CA PHE J 386 -16.01 -0.08 -33.35
C PHE J 386 -16.18 -0.33 -34.83
N LEU J 387 -16.98 0.52 -35.51
CA LEU J 387 -17.43 0.43 -36.89
C LEU J 387 -16.39 0.04 -37.93
N PRO J 388 -15.10 0.39 -37.86
CA PRO J 388 -14.15 -0.09 -38.84
C PRO J 388 -13.28 -1.22 -38.35
N ASP J 389 -12.91 -1.33 -37.05
CA ASP J 389 -11.99 -2.38 -36.63
C ASP J 389 -12.52 -3.77 -36.85
N LYS J 390 -13.76 -4.06 -36.40
CA LYS J 390 -14.47 -5.30 -36.60
C LYS J 390 -14.37 -5.80 -38.01
N ALA J 391 -14.85 -4.95 -38.94
CA ALA J 391 -14.78 -4.99 -40.38
C ALA J 391 -13.47 -5.53 -40.89
N ILE J 392 -12.36 -4.75 -40.89
CA ILE J 392 -11.03 -5.21 -41.28
C ILE J 392 -10.60 -6.58 -40.80
N ASP J 393 -11.09 -7.10 -39.64
CA ASP J 393 -10.63 -8.41 -39.19
C ASP J 393 -11.18 -9.43 -40.11
N LEU J 394 -12.46 -9.24 -40.47
CA LEU J 394 -13.16 -9.99 -41.46
C LEU J 394 -12.55 -9.87 -42.83
N ILE J 395 -12.29 -8.64 -43.32
CA ILE J 395 -11.64 -8.41 -44.60
C ILE J 395 -10.39 -9.17 -44.72
N ASP J 396 -9.53 -8.97 -43.72
CA ASP J 396 -8.25 -9.54 -43.68
C ASP J 396 -8.33 -11.02 -43.56
N GLU J 397 -9.24 -11.57 -42.74
CA GLU J 397 -9.61 -12.98 -42.72
C GLU J 397 -9.85 -13.54 -44.07
N ALA J 398 -10.67 -12.87 -44.88
CA ALA J 398 -11.00 -13.35 -46.19
C ALA J 398 -9.87 -13.14 -47.13
N GLY J 399 -9.06 -12.11 -46.80
CA GLY J 399 -7.87 -11.63 -47.42
C GLY J 399 -6.73 -12.45 -47.05
N SER J 400 -7.01 -13.73 -46.81
CA SER J 400 -6.07 -14.69 -46.42
C SER J 400 -6.70 -16.02 -46.59
N LYS J 401 -7.97 -16.21 -46.15
CA LYS J 401 -8.79 -17.39 -46.29
C LYS J 401 -8.62 -18.13 -47.59
N VAL J 402 -8.57 -17.35 -48.69
CA VAL J 402 -8.51 -17.92 -50.01
C VAL J 402 -7.12 -18.43 -50.30
N ARG J 403 -6.03 -17.78 -49.81
CA ARG J 403 -4.65 -18.30 -49.80
C ARG J 403 -4.56 -19.64 -49.12
N LEU J 404 -5.60 -20.09 -48.38
CA LEU J 404 -5.55 -21.34 -47.67
C LEU J 404 -6.08 -22.31 -48.66
N ARG J 405 -7.24 -21.99 -49.30
CA ARG J 405 -7.75 -22.74 -50.43
C ARG J 405 -6.79 -22.94 -51.61
N SER J 406 -5.72 -22.11 -51.72
CA SER J 406 -4.68 -22.19 -52.73
C SER J 406 -3.86 -23.44 -52.66
N PHE J 407 -3.40 -23.82 -51.46
CA PHE J 407 -2.40 -24.87 -51.31
C PHE J 407 -2.93 -25.95 -50.42
N THR J 408 -4.22 -25.85 -50.05
CA THR J 408 -4.92 -26.92 -49.39
C THR J 408 -5.34 -27.80 -50.53
N THR J 409 -5.83 -27.16 -51.60
CA THR J 409 -6.14 -27.78 -52.86
C THR J 409 -5.54 -26.86 -53.89
N PRO J 410 -4.32 -27.12 -54.38
CA PRO J 410 -3.99 -27.14 -55.80
C PRO J 410 -4.40 -28.52 -56.32
N PRO J 411 -3.73 -29.30 -57.18
CA PRO J 411 -4.17 -30.66 -57.47
C PRO J 411 -3.97 -31.60 -56.29
N ASN J 412 -3.39 -31.08 -55.18
CA ASN J 412 -3.08 -31.75 -53.94
C ASN J 412 -1.76 -32.39 -54.13
N LEU J 413 -0.80 -31.54 -54.54
CA LEU J 413 0.61 -31.81 -54.70
C LEU J 413 1.32 -32.12 -53.41
N LYS J 414 0.58 -32.44 -52.33
CA LYS J 414 1.05 -33.04 -51.13
C LYS J 414 1.60 -34.41 -51.40
N GLU J 415 1.12 -35.03 -52.50
CA GLU J 415 1.42 -36.36 -52.96
C GLU J 415 2.84 -36.38 -53.45
N LEU J 416 3.27 -35.30 -54.14
CA LEU J 416 4.63 -35.06 -54.57
C LEU J 416 5.60 -35.22 -53.45
N GLU J 417 5.43 -34.34 -52.43
CA GLU J 417 6.16 -34.32 -51.19
C GLU J 417 6.30 -35.71 -50.57
N GLN J 418 5.16 -36.43 -50.51
CA GLN J 418 5.01 -37.80 -50.08
C GLN J 418 5.91 -38.77 -50.79
N LYS J 419 5.99 -38.65 -52.15
CA LYS J 419 6.87 -39.45 -52.98
C LYS J 419 8.29 -39.20 -52.57
N LEU J 420 8.73 -37.92 -52.66
CA LEU J 420 10.06 -37.46 -52.34
C LEU J 420 10.63 -37.98 -51.04
N ASP J 421 9.74 -38.22 -50.03
CA ASP J 421 10.09 -38.75 -48.73
C ASP J 421 10.71 -40.10 -48.87
N GLU J 422 9.90 -41.09 -49.31
CA GLU J 422 10.26 -42.46 -49.61
C GLU J 422 11.58 -42.61 -50.31
N VAL J 423 11.90 -41.67 -51.23
CA VAL J 423 13.12 -41.64 -51.99
C VAL J 423 14.30 -41.44 -51.09
N ARG J 424 14.46 -40.18 -50.57
CA ARG J 424 15.50 -39.69 -49.68
C ARG J 424 15.99 -40.74 -48.74
N LYS J 425 15.05 -41.26 -47.90
CA LYS J 425 15.11 -42.42 -47.07
C LYS J 425 15.73 -43.65 -47.65
N GLU J 426 15.01 -44.28 -48.61
CA GLU J 426 15.38 -45.46 -49.37
C GLU J 426 16.81 -45.40 -49.78
N LYS J 427 17.14 -44.32 -50.53
CA LYS J 427 18.46 -43.85 -50.87
C LYS J 427 19.36 -43.79 -49.70
N ASP J 428 19.05 -42.97 -48.67
CA ASP J 428 19.86 -42.65 -47.51
C ASP J 428 20.30 -43.94 -46.90
N ALA J 429 19.36 -44.70 -46.33
CA ALA J 429 19.55 -46.01 -45.78
C ALA J 429 20.27 -46.93 -46.74
N ALA J 430 19.96 -46.88 -48.06
CA ALA J 430 20.69 -47.58 -49.09
C ALA J 430 22.13 -47.20 -49.17
N VAL J 431 22.53 -45.91 -49.14
CA VAL J 431 23.92 -45.50 -49.15
C VAL J 431 24.63 -45.96 -47.90
N GLN J 432 23.85 -46.06 -46.82
CA GLN J 432 24.30 -46.48 -45.54
C GLN J 432 24.47 -47.98 -45.46
N SER J 433 23.75 -48.75 -46.32
CA SER J 433 23.83 -50.19 -46.31
C SER J 433 24.76 -50.68 -47.38
N GLN J 434 24.60 -50.08 -48.58
CA GLN J 434 25.31 -50.22 -49.82
C GLN J 434 25.27 -51.61 -50.40
N GLU J 435 24.58 -51.87 -51.55
CA GLU J 435 23.75 -51.01 -52.36
C GLU J 435 24.46 -49.82 -52.92
N PHE J 436 25.65 -49.95 -53.54
CA PHE J 436 26.30 -48.79 -54.11
C PHE J 436 25.48 -48.19 -55.22
N GLU J 437 25.46 -48.85 -56.39
CA GLU J 437 24.61 -48.47 -57.50
C GLU J 437 23.13 -48.63 -57.23
N LYS J 438 22.76 -49.46 -56.24
CA LYS J 438 21.43 -49.57 -55.68
C LYS J 438 21.07 -48.44 -54.77
N ALA J 439 22.00 -47.47 -54.54
CA ALA J 439 21.79 -46.30 -53.75
C ALA J 439 21.79 -45.24 -54.77
N ALA J 440 22.81 -45.21 -55.65
CA ALA J 440 22.92 -44.40 -56.83
C ALA J 440 21.68 -43.92 -57.48
N SER J 441 20.86 -44.87 -57.97
CA SER J 441 19.65 -44.60 -58.70
C SER J 441 18.58 -43.97 -57.84
N LEU J 442 18.60 -44.32 -56.55
CA LEU J 442 17.77 -43.79 -55.51
C LEU J 442 18.15 -42.36 -55.28
N ARG J 443 19.46 -42.10 -55.26
CA ARG J 443 20.04 -40.79 -55.15
C ARG J 443 19.62 -39.91 -56.27
N ASP J 444 19.85 -40.34 -57.52
CA ASP J 444 19.39 -39.68 -58.71
C ASP J 444 17.92 -39.38 -58.64
N THR J 445 17.09 -40.37 -58.24
CA THR J 445 15.67 -40.15 -57.98
C THR J 445 15.42 -39.10 -56.95
N GLU J 446 16.23 -38.96 -55.88
CA GLU J 446 16.01 -37.91 -54.92
C GLU J 446 16.05 -36.52 -55.53
N GLN J 447 17.21 -35.96 -55.96
CA GLN J 447 17.24 -34.63 -56.53
C GLN J 447 16.45 -34.37 -57.78
N ARG J 448 16.29 -35.36 -58.69
CA ARG J 448 15.36 -35.31 -59.80
C ARG J 448 13.94 -34.97 -59.47
N LEU J 449 13.35 -35.82 -58.59
CA LEU J 449 12.03 -35.81 -57.97
C LEU J 449 11.84 -34.50 -57.30
N ARG J 450 12.79 -34.15 -56.41
CA ARG J 450 12.83 -33.00 -55.53
C ARG J 450 12.53 -31.78 -56.35
N GLU J 451 13.35 -31.51 -57.40
CA GLU J 451 13.18 -30.46 -58.37
C GLU J 451 11.82 -30.42 -59.06
N GLN J 452 11.21 -31.58 -59.42
CA GLN J 452 9.85 -31.74 -59.94
C GLN J 452 8.81 -31.24 -58.98
N VAL J 453 8.95 -31.60 -57.67
CA VAL J 453 8.12 -31.17 -56.57
C VAL J 453 8.14 -29.67 -56.59
N GLU J 454 9.34 -29.08 -56.35
CA GLU J 454 9.58 -27.65 -56.32
C GLU J 454 9.07 -26.92 -57.55
N ASP J 455 9.14 -27.53 -58.76
CA ASP J 455 8.68 -26.97 -60.01
C ASP J 455 7.21 -26.77 -60.07
N THR J 456 6.45 -27.72 -59.49
CA THR J 456 5.02 -27.70 -59.49
C THR J 456 4.49 -27.08 -58.22
N LYS J 457 5.38 -26.79 -57.26
CA LYS J 457 5.02 -26.07 -56.06
C LYS J 457 5.10 -24.62 -56.39
N LYS J 458 5.90 -24.25 -57.41
CA LYS J 458 5.83 -22.90 -57.85
C LYS J 458 5.07 -22.83 -59.13
N SER J 459 4.57 -23.97 -59.68
CA SER J 459 3.50 -23.87 -60.64
C SER J 459 2.17 -23.60 -60.03
N TRP J 460 1.90 -23.92 -58.73
CA TRP J 460 0.67 -23.46 -58.11
C TRP J 460 0.96 -22.24 -57.29
N LYS J 461 1.88 -21.40 -57.80
CA LYS J 461 1.98 -19.99 -57.60
C LYS J 461 1.22 -19.34 -58.71
N GLU J 462 0.81 -20.16 -59.72
CA GLU J 462 -0.09 -19.78 -60.78
C GLU J 462 -1.43 -19.83 -60.12
N LYS J 463 -1.65 -20.75 -59.14
CA LYS J 463 -2.84 -20.78 -58.34
C LYS J 463 -2.93 -19.60 -57.41
N GLN J 464 -1.84 -18.84 -57.30
CA GLN J 464 -1.81 -17.60 -56.60
C GLN J 464 -2.11 -16.49 -57.55
N GLY J 465 -1.44 -16.41 -58.71
CA GLY J 465 -1.74 -15.41 -59.72
C GLY J 465 -3.14 -15.53 -60.29
N GLN J 466 -3.79 -16.71 -60.12
CA GLN J 466 -5.16 -16.96 -60.45
C GLN J 466 -6.09 -16.43 -59.37
N GLU J 467 -5.85 -16.79 -58.09
CA GLU J 467 -6.83 -16.57 -57.04
C GLU J 467 -6.51 -15.42 -56.13
N ASN J 468 -5.27 -15.40 -55.61
CA ASN J 468 -4.65 -14.50 -54.66
C ASN J 468 -4.72 -12.99 -54.80
N SER J 469 -5.75 -12.40 -55.44
CA SER J 469 -6.39 -11.26 -54.84
C SER J 469 -7.86 -11.47 -55.09
N GLU J 470 -8.66 -11.50 -54.00
CA GLU J 470 -10.09 -11.73 -54.04
C GLU J 470 -10.50 -11.80 -52.60
N VAL J 471 -10.94 -10.66 -52.02
CA VAL J 471 -11.42 -10.61 -50.66
C VAL J 471 -12.91 -10.68 -50.62
N THR J 472 -13.51 -10.94 -51.81
CA THR J 472 -14.91 -10.85 -52.24
C THR J 472 -15.96 -10.92 -51.19
N VAL J 473 -17.11 -10.29 -51.46
CA VAL J 473 -18.39 -10.52 -50.81
C VAL J 473 -18.52 -11.82 -50.05
N ASP J 474 -18.77 -12.96 -50.72
CA ASP J 474 -18.86 -14.28 -50.12
C ASP J 474 -17.74 -14.71 -49.20
N ASP J 475 -16.48 -14.40 -49.61
CA ASP J 475 -15.25 -14.62 -48.90
C ASP J 475 -15.28 -13.92 -47.60
N ILE J 476 -15.66 -12.63 -47.66
CA ILE J 476 -15.71 -11.72 -46.57
C ILE J 476 -16.76 -12.18 -45.65
N ALA J 477 -17.92 -12.52 -46.19
CA ALA J 477 -19.05 -12.92 -45.45
C ALA J 477 -18.89 -14.19 -44.66
N MET J 478 -18.21 -15.22 -45.21
CA MET J 478 -17.98 -16.48 -44.54
C MET J 478 -17.09 -16.28 -43.36
N VAL J 479 -16.01 -15.50 -43.55
CA VAL J 479 -15.09 -15.09 -42.52
C VAL J 479 -15.78 -14.22 -41.53
N VAL J 480 -16.73 -13.35 -41.99
CA VAL J 480 -17.44 -12.43 -41.13
C VAL J 480 -18.24 -13.34 -40.25
N SER J 481 -18.84 -14.44 -40.76
CA SER J 481 -19.49 -15.37 -39.86
C SER J 481 -18.57 -16.10 -38.90
N SER J 482 -17.30 -16.39 -39.29
CA SER J 482 -16.32 -17.04 -38.44
C SER J 482 -15.97 -16.28 -37.19
N TRP J 483 -15.76 -14.96 -37.38
CA TRP J 483 -15.48 -13.97 -36.38
C TRP J 483 -16.67 -13.59 -35.53
N THR J 484 -17.70 -13.04 -36.23
CA THR J 484 -18.90 -12.41 -35.74
C THR J 484 -19.70 -13.44 -34.94
N ALA J 492 -22.55 -8.37 -47.30
CA ALA J 492 -22.73 -9.17 -48.53
C ALA J 492 -22.71 -10.64 -48.27
N GLN J 493 -22.62 -11.36 -49.42
CA GLN J 493 -23.08 -12.69 -49.68
C GLN J 493 -23.30 -13.68 -48.60
N THR J 494 -22.34 -14.45 -48.05
CA THR J 494 -22.74 -15.47 -47.08
C THR J 494 -22.89 -15.00 -45.65
N GLU J 495 -23.35 -13.75 -45.45
CA GLU J 495 -23.99 -13.26 -44.26
C GLU J 495 -25.34 -12.74 -44.64
N THR J 496 -25.51 -12.29 -45.91
CA THR J 496 -26.80 -11.82 -46.37
C THR J 496 -27.56 -12.98 -46.94
N ASP J 497 -26.89 -14.12 -47.19
CA ASP J 497 -27.54 -15.35 -47.59
C ASP J 497 -28.09 -15.96 -46.35
N LYS J 498 -27.42 -15.73 -45.18
CA LYS J 498 -27.96 -16.04 -43.89
C LYS J 498 -29.25 -15.28 -43.61
N LEU J 499 -29.34 -14.03 -44.12
CA LEU J 499 -30.42 -13.12 -43.87
C LEU J 499 -31.57 -13.49 -44.75
N LEU J 500 -31.34 -13.52 -46.07
CA LEU J 500 -32.29 -13.88 -47.10
C LEU J 500 -32.89 -15.23 -46.93
N ASN J 501 -32.08 -16.22 -46.48
CA ASN J 501 -32.48 -17.61 -46.32
C ASN J 501 -32.74 -17.89 -44.87
N MET J 502 -32.91 -16.86 -44.02
CA MET J 502 -33.09 -17.01 -42.59
C MET J 502 -34.08 -18.04 -42.13
N GLU J 503 -35.30 -18.11 -42.70
CA GLU J 503 -36.30 -19.09 -42.29
C GLU J 503 -35.82 -20.50 -42.40
N ASN J 504 -35.24 -20.85 -43.57
CA ASN J 504 -34.63 -22.13 -43.88
C ASN J 504 -33.59 -22.53 -42.86
N ILE J 505 -32.85 -21.52 -42.36
CA ILE J 505 -31.72 -21.68 -41.50
C ILE J 505 -32.21 -21.83 -40.09
N LEU J 506 -33.13 -20.95 -39.63
CA LEU J 506 -33.65 -21.04 -38.28
C LEU J 506 -34.51 -22.23 -38.00
N HIS J 507 -35.25 -22.78 -39.00
CA HIS J 507 -36.12 -23.91 -38.78
C HIS J 507 -35.39 -25.20 -38.56
N SER J 508 -34.15 -25.33 -39.09
CA SER J 508 -33.44 -26.59 -39.09
C SER J 508 -32.84 -26.93 -37.75
N ARG J 509 -33.00 -26.02 -36.76
CA ARG J 509 -32.51 -26.20 -35.42
C ARG J 509 -33.65 -25.86 -34.50
N VAL J 510 -34.86 -25.62 -35.07
CA VAL J 510 -36.05 -25.30 -34.33
C VAL J 510 -37.10 -26.00 -35.10
N ILE J 511 -37.00 -27.34 -35.12
CA ILE J 511 -37.79 -28.15 -35.99
C ILE J 511 -39.04 -28.39 -35.22
N GLY J 512 -40.19 -28.09 -35.85
CA GLY J 512 -41.44 -27.92 -35.18
C GLY J 512 -41.54 -26.47 -34.87
N GLN J 513 -42.78 -25.95 -34.93
CA GLN J 513 -43.14 -24.60 -34.63
C GLN J 513 -42.66 -23.78 -35.76
N ASP J 514 -42.99 -24.27 -36.97
CA ASP J 514 -42.70 -23.60 -38.22
C ASP J 514 -43.46 -22.33 -38.26
N GLU J 515 -44.68 -22.31 -37.68
CA GLU J 515 -45.45 -21.13 -37.42
C GLU J 515 -44.68 -20.04 -36.69
N ALA J 516 -44.08 -20.38 -35.52
CA ALA J 516 -43.33 -19.48 -34.68
C ALA J 516 -42.08 -18.98 -35.31
N VAL J 517 -41.27 -19.95 -35.79
CA VAL J 517 -40.01 -19.76 -36.46
C VAL J 517 -40.06 -18.84 -37.62
N VAL J 518 -41.04 -19.01 -38.53
CA VAL J 518 -41.20 -18.26 -39.75
C VAL J 518 -41.55 -16.83 -39.45
N ALA J 519 -42.30 -16.58 -38.35
CA ALA J 519 -42.63 -15.23 -37.95
C ALA J 519 -41.41 -14.48 -37.52
N VAL J 520 -40.59 -15.10 -36.63
CA VAL J 520 -39.34 -14.53 -36.17
C VAL J 520 -38.30 -14.39 -37.23
N ALA J 521 -37.99 -15.50 -37.93
CA ALA J 521 -37.12 -15.64 -39.07
C ALA J 521 -37.26 -14.56 -40.06
N LYS J 522 -38.51 -14.36 -40.51
CA LYS J 522 -38.80 -13.38 -41.49
C LYS J 522 -38.67 -12.03 -40.90
N ALA J 523 -38.99 -11.83 -39.60
CA ALA J 523 -39.02 -10.52 -38.98
C ALA J 523 -37.63 -9.97 -38.79
N VAL J 524 -36.68 -10.82 -38.38
CA VAL J 524 -35.28 -10.52 -38.32
C VAL J 524 -34.72 -10.34 -39.72
N ARG J 525 -35.01 -11.25 -40.69
CA ARG J 525 -34.55 -11.19 -42.08
C ARG J 525 -35.00 -9.95 -42.78
N ARG J 526 -36.19 -9.46 -42.41
CA ARG J 526 -36.82 -8.26 -42.85
C ARG J 526 -35.97 -7.10 -42.41
N ALA J 527 -35.83 -7.00 -41.08
CA ALA J 527 -35.11 -6.01 -40.32
C ALA J 527 -33.65 -5.81 -40.59
N ARG J 528 -32.90 -6.94 -40.71
CA ARG J 528 -31.45 -7.05 -40.59
C ARG J 528 -30.64 -6.39 -41.68
N ALA J 529 -31.28 -5.79 -42.69
CA ALA J 529 -30.56 -5.08 -43.72
C ALA J 529 -30.67 -3.60 -43.38
N GLY J 530 -31.40 -3.29 -42.29
CA GLY J 530 -31.52 -1.99 -41.68
C GLY J 530 -32.80 -1.41 -42.16
N LEU J 531 -33.95 -1.80 -41.55
CA LEU J 531 -35.26 -1.39 -42.02
C LEU J 531 -36.20 -1.16 -40.89
N LYS J 532 -35.97 -1.79 -39.70
CA LYS J 532 -36.85 -1.63 -38.57
C LYS J 532 -36.32 -0.46 -37.81
N ASP J 533 -35.45 -0.74 -36.83
CA ASP J 533 -34.61 0.24 -36.22
C ASP J 533 -33.44 -0.59 -35.76
N PRO J 534 -32.21 -0.07 -35.81
CA PRO J 534 -31.05 -0.85 -35.47
C PRO J 534 -30.51 -0.19 -34.23
N LYS J 535 -31.35 0.60 -33.54
CA LYS J 535 -31.04 1.32 -32.33
C LYS J 535 -32.29 1.05 -31.54
N ARG J 536 -32.50 -0.26 -31.45
CA ARG J 536 -33.60 -1.02 -30.96
C ARG J 536 -33.12 -2.33 -31.51
N PRO J 537 -33.25 -3.47 -30.85
CA PRO J 537 -32.96 -4.80 -31.38
C PRO J 537 -33.38 -5.02 -32.82
N ILE J 538 -32.67 -5.92 -33.56
CA ILE J 538 -32.98 -6.30 -34.93
C ILE J 538 -34.41 -6.79 -35.00
N GLY J 539 -34.84 -7.47 -33.93
CA GLY J 539 -36.17 -7.95 -33.84
C GLY J 539 -36.31 -8.07 -32.37
N SER J 540 -37.43 -7.56 -31.86
CA SER J 540 -37.82 -7.79 -30.50
C SER J 540 -38.94 -8.73 -30.66
N PHE J 541 -39.07 -9.62 -29.65
CA PHE J 541 -39.98 -10.70 -29.72
C PHE J 541 -40.35 -11.07 -28.34
N ILE J 542 -41.51 -11.74 -28.27
CA ILE J 542 -41.83 -12.50 -27.11
C ILE J 542 -41.92 -13.84 -27.71
N PHE J 543 -41.37 -14.87 -27.05
CA PHE J 543 -41.51 -16.22 -27.48
C PHE J 543 -42.27 -16.87 -26.39
N LEU J 544 -43.52 -17.27 -26.65
CA LEU J 544 -44.29 -17.97 -25.65
C LEU J 544 -44.27 -19.37 -26.12
N GLY J 545 -44.49 -20.34 -25.22
CA GLY J 545 -44.30 -21.70 -25.63
C GLY J 545 -44.44 -22.55 -24.42
N PRO J 546 -44.85 -23.81 -24.52
CA PRO J 546 -44.95 -24.73 -23.41
C PRO J 546 -43.59 -25.13 -22.90
N THR J 547 -42.50 -24.70 -23.58
CA THR J 547 -41.11 -24.96 -23.28
C THR J 547 -40.76 -26.30 -23.85
N GLY J 548 -39.55 -26.38 -24.48
CA GLY J 548 -39.05 -27.59 -25.11
C GLY J 548 -39.80 -27.71 -26.39
N VAL J 549 -39.91 -26.57 -27.10
CA VAL J 549 -40.88 -26.39 -28.15
C VAL J 549 -40.30 -25.56 -29.25
N GLY J 550 -39.14 -24.93 -29.01
CA GLY J 550 -38.45 -24.22 -30.04
C GLY J 550 -38.07 -22.86 -29.58
N LYS J 551 -38.48 -22.46 -28.35
CA LYS J 551 -38.28 -21.11 -27.86
C LYS J 551 -36.80 -20.75 -27.79
N THR J 552 -36.10 -21.37 -26.80
CA THR J 552 -34.67 -21.32 -26.57
C THR J 552 -33.89 -21.60 -27.80
N GLU J 553 -34.28 -22.71 -28.47
CA GLU J 553 -33.70 -23.24 -29.66
C GLU J 553 -33.66 -22.26 -30.80
N LEU J 554 -34.63 -21.31 -30.83
CA LEU J 554 -34.73 -20.29 -31.85
C LEU J 554 -33.83 -19.16 -31.55
N ALA J 555 -33.82 -18.64 -30.30
CA ALA J 555 -32.78 -17.79 -29.75
C ALA J 555 -31.36 -18.17 -30.14
N ARG J 556 -31.05 -19.48 -30.08
CA ARG J 556 -29.79 -20.04 -30.51
C ARG J 556 -29.62 -19.91 -32.00
N ALA J 557 -30.60 -20.46 -32.77
CA ALA J 557 -30.60 -20.46 -34.22
C ALA J 557 -30.51 -19.10 -34.86
N LEU J 558 -30.92 -18.04 -34.11
CA LEU J 558 -30.91 -16.66 -34.53
C LEU J 558 -29.53 -16.17 -34.38
N ALA J 559 -28.91 -16.33 -33.20
CA ALA J 559 -27.50 -16.12 -33.02
C ALA J 559 -26.66 -16.67 -34.16
N GLU J 560 -26.84 -17.97 -34.48
CA GLU J 560 -26.19 -18.66 -35.58
C GLU J 560 -26.35 -17.98 -36.92
N SER J 561 -27.57 -17.58 -37.30
CA SER J 561 -27.85 -17.09 -38.62
C SER J 561 -27.45 -15.65 -38.71
N ILE J 562 -27.73 -14.86 -37.67
CA ILE J 562 -27.51 -13.45 -37.68
C ILE J 562 -26.08 -13.11 -37.46
N PHE J 563 -25.33 -13.88 -36.66
CA PHE J 563 -24.02 -13.46 -36.25
C PHE J 563 -23.06 -14.46 -36.82
N GLY J 564 -23.52 -15.67 -37.18
CA GLY J 564 -22.65 -16.63 -37.81
C GLY J 564 -22.05 -17.53 -36.76
N ASP J 565 -22.45 -17.34 -35.49
CA ASP J 565 -22.03 -18.15 -34.38
C ASP J 565 -23.20 -18.19 -33.46
N GLU J 566 -23.49 -19.38 -32.87
CA GLU J 566 -24.68 -19.57 -32.07
C GLU J 566 -24.44 -19.28 -30.62
N GLU J 567 -23.17 -18.95 -30.26
CA GLU J 567 -22.71 -18.90 -28.90
C GLU J 567 -22.68 -17.46 -28.45
N SER J 568 -23.21 -16.55 -29.29
CA SER J 568 -23.40 -15.17 -28.96
C SER J 568 -24.85 -14.98 -28.60
N MET J 569 -25.20 -15.51 -27.41
CA MET J 569 -26.54 -15.54 -26.92
C MET J 569 -26.38 -15.41 -25.45
N ILE J 570 -26.89 -14.29 -24.89
CA ILE J 570 -27.05 -14.07 -23.47
C ILE J 570 -28.24 -14.88 -23.06
N ARG J 571 -28.49 -15.01 -21.74
CA ARG J 571 -29.60 -15.79 -21.27
C ARG J 571 -29.62 -15.57 -19.79
N ILE J 572 -30.66 -14.81 -19.40
CA ILE J 572 -30.78 -14.17 -18.12
C ILE J 572 -32.09 -14.71 -17.65
N ASP J 573 -32.27 -15.08 -16.34
CA ASP J 573 -33.61 -15.42 -15.92
C ASP J 573 -34.09 -14.22 -15.16
N MET J 574 -35.17 -13.60 -15.68
CA MET J 574 -35.89 -12.53 -15.02
C MET J 574 -36.68 -13.01 -13.86
N SER J 575 -37.06 -14.31 -13.88
CA SER J 575 -37.77 -15.03 -12.85
C SER J 575 -36.97 -15.17 -11.57
N GLU J 576 -35.62 -15.00 -11.64
CA GLU J 576 -34.77 -15.01 -10.47
C GLU J 576 -34.92 -13.70 -9.76
N TYR J 577 -35.27 -12.64 -10.51
CA TYR J 577 -35.65 -11.36 -9.96
C TYR J 577 -37.11 -11.48 -9.67
N MET J 578 -37.46 -11.59 -8.38
CA MET J 578 -38.83 -11.62 -7.93
C MET J 578 -39.45 -10.28 -8.24
N GLU J 579 -38.64 -9.22 -8.02
CA GLU J 579 -39.00 -7.83 -8.02
C GLU J 579 -40.11 -7.54 -7.05
N LYS J 580 -40.04 -8.19 -5.87
CA LYS J 580 -41.07 -8.18 -4.87
C LYS J 580 -40.35 -8.61 -3.62
N HIS J 581 -40.07 -7.65 -2.70
CA HIS J 581 -39.45 -7.87 -1.41
C HIS J 581 -38.08 -8.51 -1.54
N SER J 582 -37.27 -8.03 -2.49
CA SER J 582 -36.04 -8.69 -2.88
C SER J 582 -34.92 -8.21 -2.01
N THR J 583 -35.07 -7.02 -1.37
CA THR J 583 -34.23 -6.61 -0.28
C THR J 583 -34.69 -7.19 1.03
N SER J 584 -35.97 -7.60 1.13
CA SER J 584 -36.59 -7.87 2.40
C SER J 584 -36.61 -9.34 2.61
N ARG J 585 -37.66 -10.02 2.09
CA ARG J 585 -37.91 -11.42 2.32
C ARG J 585 -36.85 -12.32 1.77
N LEU J 586 -36.41 -12.06 0.52
CA LEU J 586 -35.53 -12.96 -0.19
C LEU J 586 -34.10 -12.97 0.28
N VAL J 587 -33.62 -11.93 1.01
CA VAL J 587 -32.21 -11.80 1.26
C VAL J 587 -32.03 -11.47 2.71
N GLY J 588 -30.81 -11.71 3.22
CA GLY J 588 -30.41 -11.38 4.55
C GLY J 588 -29.60 -10.14 4.47
N SER J 589 -28.76 -10.06 3.42
CA SER J 589 -27.83 -8.99 3.16
C SER J 589 -28.58 -7.74 2.73
N PRO J 590 -28.07 -6.53 2.92
CA PRO J 590 -28.67 -5.29 2.43
C PRO J 590 -29.12 -5.23 0.97
N PRO J 591 -28.43 -5.70 -0.08
CA PRO J 591 -28.86 -5.45 -1.45
C PRO J 591 -29.77 -6.59 -1.85
N GLY J 592 -30.64 -6.39 -2.88
CA GLY J 592 -31.50 -7.44 -3.37
C GLY J 592 -31.59 -7.48 -4.87
N TYR J 593 -32.14 -8.62 -5.32
CA TYR J 593 -31.76 -9.36 -6.52
C TYR J 593 -31.73 -8.62 -7.84
N VAL J 594 -32.75 -7.77 -8.10
CA VAL J 594 -32.90 -7.01 -9.32
C VAL J 594 -31.89 -5.89 -9.40
N GLY J 595 -31.47 -5.40 -8.22
CA GLY J 595 -30.40 -4.46 -8.02
C GLY J 595 -29.09 -5.02 -8.49
N TYR J 596 -28.90 -6.35 -8.31
CA TYR J 596 -27.75 -7.08 -8.81
C TYR J 596 -27.81 -7.09 -10.32
N ASP J 597 -29.03 -7.32 -10.87
CA ASP J 597 -29.27 -7.41 -12.29
C ASP J 597 -28.99 -6.13 -13.02
N GLU J 598 -29.54 -4.99 -12.54
CA GLU J 598 -29.28 -3.72 -13.20
C GLU J 598 -27.87 -3.28 -12.98
N GLY J 599 -27.49 -3.24 -11.68
CA GLY J 599 -26.23 -2.77 -11.16
C GLY J 599 -25.04 -3.52 -11.67
N GLY J 600 -25.25 -4.76 -12.18
CA GLY J 600 -24.18 -5.57 -12.67
C GLY J 600 -24.62 -6.40 -13.84
N GLN J 601 -25.44 -7.46 -13.59
CA GLN J 601 -25.55 -8.59 -14.50
C GLN J 601 -25.95 -8.31 -15.94
N LEU J 602 -27.15 -7.70 -16.14
CA LEU J 602 -27.80 -7.48 -17.42
C LEU J 602 -26.95 -6.60 -18.30
N THR J 603 -26.47 -5.50 -17.70
CA THR J 603 -25.67 -4.50 -18.36
C THR J 603 -24.30 -5.01 -18.73
N GLU J 604 -23.60 -5.75 -17.84
CA GLU J 604 -22.29 -6.31 -18.14
C GLU J 604 -22.29 -7.31 -19.26
N LYS J 605 -23.29 -8.22 -19.27
CA LYS J 605 -23.33 -9.33 -20.20
C LYS J 605 -23.54 -8.92 -21.63
N VAL J 606 -24.60 -8.13 -21.87
CA VAL J 606 -24.86 -7.53 -23.16
C VAL J 606 -23.84 -6.51 -23.58
N ARG J 607 -23.12 -5.82 -22.66
CA ARG J 607 -22.05 -4.92 -23.03
C ARG J 607 -20.81 -5.64 -23.51
N ARG J 608 -20.59 -6.87 -23.02
CA ARG J 608 -19.45 -7.70 -23.35
C ARG J 608 -19.58 -8.20 -24.75
N LYS J 609 -20.69 -8.86 -25.10
CA LYS J 609 -21.01 -9.18 -26.47
C LYS J 609 -22.09 -8.19 -26.82
N PRO J 610 -21.83 -7.05 -27.52
CA PRO J 610 -22.80 -6.00 -27.78
C PRO J 610 -24.08 -6.52 -28.35
N TYR J 611 -23.98 -7.11 -29.54
CA TYR J 611 -25.10 -7.74 -30.16
C TYR J 611 -24.93 -9.16 -29.82
N SER J 612 -26.07 -9.82 -29.65
CA SER J 612 -26.14 -11.13 -29.08
C SER J 612 -27.61 -11.26 -28.86
N VAL J 613 -28.16 -12.47 -29.02
CA VAL J 613 -29.54 -12.69 -28.69
C VAL J 613 -29.67 -12.65 -27.19
N VAL J 614 -30.25 -11.55 -26.63
CA VAL J 614 -30.52 -11.49 -25.23
C VAL J 614 -31.81 -12.18 -25.04
N LEU J 615 -31.77 -13.29 -24.28
CA LEU J 615 -32.93 -14.11 -24.11
C LEU J 615 -33.22 -13.92 -22.66
N LEU J 616 -34.23 -13.08 -22.36
CA LEU J 616 -34.64 -12.80 -21.01
C LEU J 616 -35.79 -13.68 -20.66
N ASP J 617 -35.51 -14.79 -19.94
CA ASP J 617 -36.49 -15.81 -19.64
C ASP J 617 -37.51 -15.37 -18.63
N ALA J 618 -38.77 -15.85 -18.82
CA ALA J 618 -39.94 -15.78 -17.96
C ALA J 618 -40.05 -14.48 -17.22
N ILE J 619 -40.38 -13.41 -17.99
CA ILE J 619 -40.43 -12.05 -17.53
C ILE J 619 -41.78 -11.76 -16.94
N GLU J 620 -42.75 -12.71 -17.07
CA GLU J 620 -44.06 -12.63 -16.46
C GLU J 620 -43.98 -12.65 -14.97
N LYS J 621 -43.08 -13.51 -14.41
CA LYS J 621 -42.93 -13.78 -13.00
C LYS J 621 -42.51 -12.52 -12.31
N ALA J 622 -41.51 -11.81 -12.90
CA ALA J 622 -41.02 -10.55 -12.42
C ALA J 622 -42.11 -9.53 -12.58
N HIS J 623 -42.21 -8.61 -11.60
CA HIS J 623 -43.18 -7.54 -11.52
C HIS J 623 -43.27 -6.72 -12.79
N PRO J 624 -44.31 -5.92 -12.96
CA PRO J 624 -44.45 -4.98 -14.05
C PRO J 624 -43.31 -4.02 -14.29
N ASP J 625 -42.40 -3.84 -13.30
CA ASP J 625 -41.24 -2.97 -13.41
C ASP J 625 -40.26 -3.51 -14.42
N VAL J 626 -40.12 -4.85 -14.51
CA VAL J 626 -39.28 -5.54 -15.45
C VAL J 626 -39.56 -5.19 -16.89
N PHE J 627 -40.83 -4.85 -17.20
CA PHE J 627 -41.27 -4.61 -18.55
C PHE J 627 -40.77 -3.26 -18.96
N ASN J 628 -40.70 -2.28 -18.02
CA ASN J 628 -40.09 -0.98 -18.23
C ASN J 628 -38.63 -1.00 -18.60
N ILE J 629 -37.83 -1.97 -18.08
CA ILE J 629 -36.41 -2.04 -18.32
C ILE J 629 -36.25 -2.64 -19.68
N LEU J 630 -36.99 -3.73 -19.97
CA LEU J 630 -37.05 -4.34 -21.27
C LEU J 630 -37.54 -3.36 -22.33
N LEU J 631 -38.51 -2.49 -22.01
CA LEU J 631 -39.02 -1.43 -22.86
C LEU J 631 -37.96 -0.45 -23.27
N GLN J 632 -36.92 -0.26 -22.43
CA GLN J 632 -35.90 0.74 -22.65
C GLN J 632 -34.93 0.16 -23.62
N VAL J 633 -34.69 -1.17 -23.53
CA VAL J 633 -33.91 -1.91 -24.49
C VAL J 633 -34.57 -1.83 -25.84
N LEU J 634 -35.90 -2.06 -25.86
CA LEU J 634 -36.69 -2.11 -27.05
C LEU J 634 -36.76 -0.82 -27.77
N GLU J 635 -36.83 0.34 -27.07
CA GLU J 635 -36.77 1.63 -27.72
C GLU J 635 -35.42 2.09 -28.06
N ASP J 636 -34.57 2.17 -27.03
CA ASP J 636 -33.34 2.89 -27.13
C ASP J 636 -32.33 2.08 -27.84
N GLY J 637 -32.30 0.75 -27.58
CA GLY J 637 -31.27 -0.11 -28.09
C GLY J 637 -30.12 -0.02 -27.14
N ARG J 638 -30.38 0.55 -25.95
CA ARG J 638 -29.41 0.74 -24.93
C ARG J 638 -30.12 0.66 -23.62
N LEU J 639 -29.34 0.44 -22.55
CA LEU J 639 -29.83 0.59 -21.20
C LEU J 639 -28.72 1.35 -20.58
N THR J 640 -29.06 2.20 -19.61
CA THR J 640 -28.09 2.91 -18.85
C THR J 640 -28.36 2.46 -17.46
N ASP J 641 -27.37 1.76 -16.86
CA ASP J 641 -27.43 1.27 -15.52
C ASP J 641 -25.98 1.16 -15.14
N SER J 642 -25.70 0.59 -13.93
CA SER J 642 -24.38 0.28 -13.42
C SER J 642 -23.56 1.54 -13.28
N LYS J 643 -24.22 2.62 -12.77
CA LYS J 643 -23.64 3.93 -12.56
C LYS J 643 -23.10 4.56 -13.81
N GLY J 644 -23.96 4.62 -14.86
CA GLY J 644 -23.70 5.42 -16.03
C GLY J 644 -22.96 4.69 -17.10
N ARG J 645 -23.06 3.34 -17.15
CA ARG J 645 -22.49 2.58 -18.24
C ARG J 645 -23.58 2.46 -19.25
N THR J 646 -23.21 2.44 -20.56
CA THR J 646 -24.18 2.29 -21.61
C THR J 646 -23.83 0.97 -22.22
N VAL J 647 -24.85 0.10 -22.26
CA VAL J 647 -24.81 -1.24 -22.74
C VAL J 647 -25.57 -1.25 -24.02
N ASP J 648 -24.93 -1.73 -25.11
CA ASP J 648 -25.45 -1.64 -26.44
C ASP J 648 -26.22 -2.90 -26.72
N PHE J 649 -27.54 -2.74 -26.83
CA PHE J 649 -28.51 -3.73 -27.20
C PHE J 649 -29.02 -3.35 -28.56
N ARG J 650 -28.22 -2.58 -29.32
CA ARG J 650 -28.65 -1.92 -30.54
C ARG J 650 -29.11 -2.89 -31.58
N ASN J 651 -28.44 -4.05 -31.71
CA ASN J 651 -28.86 -5.04 -32.66
C ASN J 651 -28.59 -6.36 -32.05
N THR J 652 -28.83 -6.45 -30.72
CA THR J 652 -29.28 -7.66 -30.08
C THR J 652 -30.54 -8.18 -30.74
N ILE J 653 -30.94 -9.42 -30.45
CA ILE J 653 -32.25 -9.88 -30.84
C ILE J 653 -32.88 -10.20 -29.53
N LEU J 654 -33.78 -9.29 -29.07
CA LEU J 654 -34.41 -9.48 -27.81
C LEU J 654 -35.54 -10.43 -27.94
N ILE J 655 -35.50 -11.45 -27.07
CA ILE J 655 -36.47 -12.50 -27.09
C ILE J 655 -36.75 -12.67 -25.66
N MET J 656 -38.00 -12.40 -25.25
CA MET J 656 -38.34 -12.45 -23.86
C MET J 656 -39.34 -13.54 -23.81
N THR J 657 -39.19 -14.51 -22.90
CA THR J 657 -40.05 -15.67 -22.94
C THR J 657 -41.06 -15.59 -21.85
N SER J 658 -42.08 -16.46 -21.96
CA SER J 658 -43.15 -16.51 -21.04
C SER J 658 -43.79 -17.85 -21.33
N ASN J 659 -44.57 -18.36 -20.37
CA ASN J 659 -45.22 -19.63 -20.50
C ASN J 659 -46.37 -19.49 -19.55
N VAL J 660 -47.12 -18.38 -19.73
CA VAL J 660 -48.21 -18.03 -18.86
C VAL J 660 -49.47 -18.14 -19.68
N GLY J 661 -49.30 -18.35 -21.01
CA GLY J 661 -50.37 -18.73 -21.90
C GLY J 661 -50.63 -20.20 -21.81
N ALA J 662 -49.82 -20.88 -20.95
CA ALA J 662 -49.64 -22.28 -20.68
C ALA J 662 -50.75 -23.21 -21.05
N SER J 663 -52.01 -22.91 -20.64
CA SER J 663 -53.14 -23.77 -20.91
C SER J 663 -53.37 -24.09 -22.37
N GLU J 664 -53.26 -23.07 -23.24
CA GLU J 664 -53.42 -23.23 -24.66
C GLU J 664 -52.14 -23.65 -25.28
N LEU J 665 -51.01 -23.21 -24.68
CA LEU J 665 -49.66 -23.47 -25.13
C LEU J 665 -49.35 -24.90 -25.14
N LYS J 666 -49.96 -25.63 -24.19
CA LYS J 666 -49.76 -27.01 -23.94
C LYS J 666 -50.90 -27.81 -24.45
N ARG J 667 -51.93 -27.17 -25.09
CA ARG J 667 -52.99 -27.88 -25.76
C ARG J 667 -52.43 -28.36 -27.04
N ASN J 668 -51.85 -29.59 -26.99
CA ASN J 668 -51.16 -30.26 -28.05
C ASN J 668 -52.06 -30.39 -29.20
N LYS J 669 -51.54 -29.91 -30.33
CA LYS J 669 -52.26 -29.65 -31.53
C LYS J 669 -52.41 -30.91 -32.33
N TYR J 670 -52.25 -32.09 -31.70
CA TYR J 670 -52.35 -33.38 -32.30
C TYR J 670 -53.78 -33.68 -32.67
N VAL J 671 -53.93 -34.59 -33.65
CA VAL J 671 -55.18 -35.06 -34.16
C VAL J 671 -55.46 -36.35 -33.45
N GLY J 672 -56.48 -36.36 -32.56
CA GLY J 672 -56.75 -37.54 -31.78
C GLY J 672 -57.70 -37.19 -30.70
N PHE J 673 -57.59 -35.97 -30.14
CA PHE J 673 -58.43 -35.49 -29.05
C PHE J 673 -59.78 -35.22 -29.66
N ASN J 674 -59.70 -34.58 -30.83
CA ASN J 674 -60.76 -34.22 -31.71
C ASN J 674 -60.03 -34.25 -33.01
N VAL J 675 -60.75 -34.37 -34.14
CA VAL J 675 -60.18 -34.25 -35.45
C VAL J 675 -60.34 -32.82 -35.92
N GLN J 676 -60.42 -31.91 -34.93
CA GLN J 676 -60.69 -30.50 -35.06
C GLN J 676 -59.97 -29.88 -33.90
N ASP J 677 -59.00 -30.61 -33.30
CA ASP J 677 -58.25 -30.13 -32.17
C ASP J 677 -56.99 -29.49 -32.65
N GLU J 678 -56.57 -29.80 -33.87
CA GLU J 678 -55.35 -29.31 -34.40
C GLU J 678 -55.54 -27.93 -34.94
N THR J 679 -56.54 -27.77 -35.83
CA THR J 679 -56.88 -26.49 -36.40
C THR J 679 -57.58 -25.59 -35.42
N GLN J 680 -57.69 -25.95 -34.13
CA GLN J 680 -58.25 -25.06 -33.16
C GLN J 680 -57.26 -24.90 -32.08
N ASN J 681 -56.18 -25.69 -32.04
CA ASN J 681 -55.05 -25.41 -31.22
C ASN J 681 -54.10 -24.48 -31.86
N HIS J 682 -53.94 -24.58 -33.19
CA HIS J 682 -53.04 -23.71 -33.91
C HIS J 682 -53.37 -22.27 -33.75
N LYS J 683 -54.46 -21.82 -34.40
CA LYS J 683 -55.04 -20.50 -34.26
C LYS J 683 -55.19 -20.00 -32.85
N ASP J 684 -55.40 -20.94 -31.89
CA ASP J 684 -55.59 -20.63 -30.50
C ASP J 684 -54.31 -20.35 -29.85
N MET J 685 -53.20 -21.01 -30.23
CA MET J 685 -52.00 -20.72 -29.52
C MET J 685 -51.44 -19.48 -30.05
N LYS J 686 -51.50 -19.24 -31.38
CA LYS J 686 -51.07 -17.94 -31.81
C LYS J 686 -51.97 -16.77 -31.47
N ASP J 687 -52.95 -16.87 -30.51
CA ASP J 687 -53.67 -15.68 -30.08
C ASP J 687 -53.85 -15.57 -28.58
N LYS J 688 -54.38 -16.66 -27.99
CA LYS J 688 -54.70 -16.86 -26.59
C LYS J 688 -53.55 -16.88 -25.64
N VAL J 689 -52.36 -17.22 -26.15
CA VAL J 689 -51.22 -17.42 -25.33
C VAL J 689 -50.63 -16.07 -24.98
N MET J 690 -50.28 -15.34 -26.05
CA MET J 690 -49.88 -13.96 -26.07
C MET J 690 -50.85 -12.96 -25.46
N GLY J 691 -52.02 -13.39 -24.92
CA GLY J 691 -53.01 -12.54 -24.32
C GLY J 691 -53.12 -12.76 -22.84
N GLU J 692 -52.58 -13.90 -22.33
CA GLU J 692 -52.38 -14.18 -20.93
C GLU J 692 -51.05 -13.57 -20.56
N LEU J 693 -50.21 -13.35 -21.59
CA LEU J 693 -48.97 -12.61 -21.50
C LEU J 693 -49.33 -11.16 -21.22
N LYS J 694 -50.12 -10.54 -22.12
CA LYS J 694 -50.70 -9.22 -22.08
C LYS J 694 -51.46 -8.88 -20.82
N ARG J 695 -52.00 -9.90 -20.13
CA ARG J 695 -52.91 -9.75 -19.03
C ARG J 695 -52.16 -9.42 -17.76
N ALA J 696 -50.83 -9.69 -17.70
CA ALA J 696 -50.05 -9.32 -16.55
C ALA J 696 -48.76 -8.71 -17.05
N PHE J 697 -48.77 -8.20 -18.29
CA PHE J 697 -47.70 -7.44 -18.89
C PHE J 697 -48.26 -6.07 -19.11
N ARG J 698 -47.36 -5.09 -19.34
CA ARG J 698 -47.73 -3.74 -19.73
C ARG J 698 -47.82 -3.70 -21.24
N PRO J 699 -48.77 -3.00 -21.85
CA PRO J 699 -48.92 -2.91 -23.29
C PRO J 699 -47.85 -2.04 -23.88
N GLU J 700 -47.40 -0.99 -23.15
CA GLU J 700 -46.38 -0.03 -23.54
C GLU J 700 -45.10 -0.69 -23.95
N PHE J 701 -44.75 -1.79 -23.26
CA PHE J 701 -43.62 -2.66 -23.48
C PHE J 701 -43.84 -3.36 -24.79
N ILE J 702 -44.98 -4.08 -24.90
CA ILE J 702 -45.46 -4.88 -26.02
C ILE J 702 -45.59 -4.07 -27.31
N ASN J 703 -45.67 -2.73 -27.21
CA ASN J 703 -45.90 -1.80 -28.29
C ASN J 703 -44.58 -1.58 -28.98
N ARG J 704 -43.48 -1.92 -28.29
CA ARG J 704 -42.14 -1.74 -28.73
C ARG J 704 -41.55 -3.07 -29.06
N ILE J 705 -42.38 -4.15 -29.13
CA ILE J 705 -41.95 -5.48 -29.48
C ILE J 705 -42.46 -5.68 -30.86
N ASP J 706 -41.56 -6.04 -31.80
CA ASP J 706 -41.89 -6.14 -33.20
C ASP J 706 -42.90 -7.21 -33.51
N GLU J 707 -42.79 -8.40 -32.88
CA GLU J 707 -43.67 -9.48 -33.23
C GLU J 707 -43.82 -10.29 -31.99
N ILE J 708 -45.05 -10.78 -31.70
CA ILE J 708 -45.31 -11.57 -30.52
C ILE J 708 -45.54 -12.97 -31.00
N ILE J 709 -44.52 -13.81 -30.76
CA ILE J 709 -44.39 -15.15 -31.22
C ILE J 709 -44.98 -16.09 -30.23
N VAL J 710 -45.85 -16.99 -30.68
CA VAL J 710 -46.29 -18.08 -29.87
C VAL J 710 -45.73 -19.28 -30.54
N PHE J 711 -45.11 -20.14 -29.73
CA PHE J 711 -44.55 -21.41 -30.11
C PHE J 711 -45.61 -22.28 -29.56
N HIS J 712 -46.12 -23.14 -30.43
CA HIS J 712 -47.25 -23.94 -30.14
C HIS J 712 -46.82 -25.27 -29.66
N SER J 713 -47.74 -25.99 -29.00
CA SER J 713 -47.62 -27.38 -28.73
C SER J 713 -48.13 -28.04 -29.97
N LEU J 714 -47.98 -29.36 -29.98
CA LEU J 714 -47.52 -29.99 -31.17
C LEU J 714 -48.54 -30.78 -31.89
N GLU J 715 -48.56 -30.63 -33.23
CA GLU J 715 -49.46 -31.31 -34.12
C GLU J 715 -48.85 -32.61 -34.49
N LYS J 716 -48.14 -32.66 -35.65
CA LYS J 716 -47.33 -33.72 -36.16
C LYS J 716 -47.27 -33.53 -37.66
N LYS J 717 -46.08 -33.18 -38.20
CA LYS J 717 -45.66 -31.81 -38.38
C LYS J 717 -44.83 -31.27 -37.24
N HIS J 718 -45.42 -30.78 -36.13
CA HIS J 718 -44.65 -30.20 -35.05
C HIS J 718 -44.18 -31.22 -34.06
N LEU J 719 -45.04 -32.23 -33.74
CA LEU J 719 -44.73 -33.27 -32.76
C LEU J 719 -43.47 -34.04 -33.01
N THR J 720 -43.45 -34.79 -34.14
CA THR J 720 -42.32 -35.57 -34.56
C THR J 720 -41.10 -34.76 -34.93
N GLU J 721 -41.20 -33.42 -35.04
CA GLU J 721 -40.04 -32.59 -35.30
C GLU J 721 -39.41 -32.08 -34.05
N ILE J 722 -40.19 -31.93 -32.96
CA ILE J 722 -39.71 -31.56 -31.65
C ILE J 722 -39.05 -32.76 -31.07
N VAL J 723 -39.70 -33.94 -31.18
CA VAL J 723 -39.06 -35.19 -30.84
C VAL J 723 -37.74 -35.39 -31.57
N SER J 724 -37.65 -34.93 -32.84
CA SER J 724 -36.44 -35.07 -33.63
C SER J 724 -35.47 -33.97 -33.37
N LEU J 725 -35.83 -32.94 -32.57
CA LEU J 725 -34.94 -31.86 -32.25
C LEU J 725 -34.22 -32.25 -31.00
N MET J 726 -34.99 -32.79 -30.02
CA MET J 726 -34.47 -33.33 -28.79
C MET J 726 -33.63 -34.54 -29.03
N SER J 727 -34.10 -35.49 -29.89
CA SER J 727 -33.37 -36.70 -30.20
C SER J 727 -32.09 -36.43 -30.93
N ASP J 728 -32.03 -35.34 -31.74
CA ASP J 728 -30.85 -34.98 -32.47
C ASP J 728 -29.85 -34.31 -31.57
N GLN J 729 -30.30 -33.73 -30.44
CA GLN J 729 -29.39 -33.11 -29.51
C GLN J 729 -28.77 -34.20 -28.67
N LEU J 730 -29.56 -35.24 -28.30
CA LEU J 730 -29.06 -36.39 -27.61
C LEU J 730 -28.03 -37.21 -28.35
N THR J 731 -28.40 -37.80 -29.52
CA THR J 731 -27.58 -38.73 -30.27
C THR J 731 -26.21 -38.20 -30.70
N LYS J 732 -26.05 -36.85 -30.79
CA LYS J 732 -24.88 -36.12 -31.22
C LYS J 732 -23.88 -35.84 -30.11
N ARG J 733 -24.35 -35.70 -28.85
CA ARG J 733 -23.54 -35.34 -27.69
C ARG J 733 -22.78 -36.54 -27.15
N LEU J 734 -23.07 -37.74 -27.70
CA LEU J 734 -22.48 -39.00 -27.31
C LEU J 734 -21.35 -39.38 -28.25
N LYS J 735 -21.33 -38.80 -29.48
CA LYS J 735 -20.35 -39.04 -30.53
C LYS J 735 -18.94 -38.66 -30.15
N GLU J 736 -18.73 -37.63 -29.28
CA GLU J 736 -17.42 -37.18 -28.84
C GLU J 736 -16.65 -38.24 -28.09
N GLN J 737 -17.37 -39.08 -27.31
CA GLN J 737 -16.81 -40.17 -26.54
C GLN J 737 -17.01 -41.45 -27.31
N ASP J 738 -17.47 -41.31 -28.58
CA ASP J 738 -17.56 -42.34 -29.59
C ASP J 738 -18.66 -43.33 -29.30
N LEU J 739 -19.92 -42.86 -29.31
CA LEU J 739 -21.09 -43.70 -29.21
C LEU J 739 -22.04 -43.10 -30.22
N SER J 740 -22.35 -43.88 -31.29
CA SER J 740 -23.17 -43.45 -32.41
C SER J 740 -24.58 -43.96 -32.34
N ILE J 741 -25.59 -43.08 -32.16
CA ILE J 741 -26.97 -43.51 -32.10
C ILE J 741 -27.66 -42.77 -33.21
N GLU J 742 -28.67 -43.44 -33.75
CA GLU J 742 -29.61 -42.94 -34.69
C GLU J 742 -30.89 -43.58 -34.23
N LEU J 743 -31.98 -42.80 -34.29
CA LEU J 743 -33.30 -43.31 -34.04
C LEU J 743 -33.95 -43.35 -35.38
N THR J 744 -34.59 -44.51 -35.71
CA THR J 744 -35.44 -44.66 -36.87
C THR J 744 -36.63 -43.73 -36.71
N ASP J 745 -37.17 -43.16 -37.82
CA ASP J 745 -38.31 -42.28 -37.83
C ASP J 745 -39.55 -42.90 -37.23
N ALA J 746 -39.70 -44.23 -37.38
CA ALA J 746 -40.76 -45.05 -36.83
C ALA J 746 -40.77 -45.03 -35.31
N ALA J 747 -39.59 -44.86 -34.68
CA ALA J 747 -39.41 -44.88 -33.25
C ALA J 747 -39.62 -43.49 -32.72
N LYS J 748 -39.16 -42.45 -33.45
CA LYS J 748 -39.45 -41.04 -33.19
C LYS J 748 -40.93 -40.72 -33.24
N ALA J 749 -41.73 -41.53 -33.98
CA ALA J 749 -43.16 -41.40 -34.09
C ALA J 749 -43.78 -41.87 -32.80
N LYS J 750 -43.31 -43.03 -32.28
CA LYS J 750 -43.77 -43.64 -31.06
C LYS J 750 -43.54 -42.75 -29.84
N VAL J 751 -42.49 -41.87 -29.88
CA VAL J 751 -42.16 -40.94 -28.81
C VAL J 751 -43.10 -39.75 -28.87
N ALA J 752 -43.39 -39.24 -30.08
CA ALA J 752 -44.30 -38.13 -30.32
C ALA J 752 -45.69 -38.30 -29.77
N GLU J 753 -46.21 -39.54 -29.69
CA GLU J 753 -47.45 -39.89 -29.04
C GLU J 753 -47.55 -39.46 -27.61
N GLU J 754 -46.41 -39.15 -26.94
CA GLU J 754 -46.35 -38.87 -25.53
C GLU J 754 -46.42 -37.37 -25.33
N GLY J 755 -46.34 -36.59 -26.44
CA GLY J 755 -46.51 -35.16 -26.42
C GLY J 755 -47.97 -34.86 -26.50
N VAL J 756 -48.78 -35.88 -26.88
CA VAL J 756 -50.22 -35.86 -26.90
C VAL J 756 -50.71 -36.02 -25.48
N ASP J 757 -50.77 -34.88 -24.75
CA ASP J 757 -51.90 -34.55 -23.93
C ASP J 757 -52.14 -33.11 -24.25
N LEU J 758 -53.34 -32.57 -23.94
CA LEU J 758 -53.58 -31.15 -24.03
C LEU J 758 -53.07 -30.43 -22.80
N GLU J 759 -52.18 -31.11 -22.00
CA GLU J 759 -51.90 -30.72 -20.64
C GLU J 759 -50.44 -30.41 -20.45
N TYR J 760 -49.55 -30.71 -21.44
CA TYR J 760 -48.13 -30.50 -21.21
C TYR J 760 -47.45 -30.29 -22.54
N GLY J 761 -48.13 -30.62 -23.66
CA GLY J 761 -47.75 -30.18 -24.97
C GLY J 761 -46.44 -30.69 -25.49
N ALA J 762 -45.45 -29.77 -25.61
CA ALA J 762 -44.14 -30.09 -26.12
C ALA J 762 -43.14 -30.35 -25.03
N ARG J 763 -43.48 -30.00 -23.78
CA ARG J 763 -42.66 -30.29 -22.62
C ARG J 763 -42.36 -31.76 -22.30
N PRO J 764 -43.27 -32.75 -22.22
CA PRO J 764 -42.96 -34.12 -21.76
C PRO J 764 -41.95 -34.86 -22.59
N LEU J 765 -41.54 -34.30 -23.73
CA LEU J 765 -40.76 -34.93 -24.74
C LEU J 765 -39.35 -35.11 -24.31
N ARG J 766 -38.70 -34.08 -23.69
CA ARG J 766 -37.33 -34.14 -23.23
C ARG J 766 -37.01 -35.37 -22.41
N ARG J 767 -37.74 -35.63 -21.29
CA ARG J 767 -37.60 -36.84 -20.50
C ARG J 767 -37.71 -38.08 -21.31
N ALA J 768 -38.62 -38.13 -22.31
CA ALA J 768 -38.88 -39.33 -23.07
C ALA J 768 -37.89 -39.57 -24.17
N ILE J 769 -37.24 -38.52 -24.74
CA ILE J 769 -36.08 -38.66 -25.58
C ILE J 769 -34.92 -39.16 -24.78
N GLN J 770 -34.66 -38.61 -23.58
CA GLN J 770 -33.69 -39.14 -22.67
C GLN J 770 -33.88 -40.59 -22.35
N LYS J 771 -35.10 -40.97 -21.94
CA LYS J 771 -35.49 -42.31 -21.58
C LYS J 771 -35.29 -43.27 -22.73
N HIS J 772 -35.67 -42.84 -23.97
CA HIS J 772 -35.74 -43.69 -25.13
C HIS J 772 -34.50 -43.66 -25.94
N VAL J 773 -33.62 -42.65 -25.77
CA VAL J 773 -32.38 -42.64 -26.48
C VAL J 773 -31.29 -42.89 -25.48
N GLU J 774 -30.90 -41.90 -24.62
CA GLU J 774 -29.79 -42.13 -23.71
C GLU J 774 -29.93 -43.33 -22.83
N ASP J 775 -30.92 -43.34 -21.90
CA ASP J 775 -31.23 -44.45 -21.02
C ASP J 775 -31.50 -45.78 -21.65
N ARG J 776 -32.24 -45.80 -22.79
CA ARG J 776 -32.71 -47.02 -23.40
C ARG J 776 -31.64 -47.67 -24.21
N LEU J 777 -30.86 -46.86 -24.97
CA LEU J 777 -29.75 -47.39 -25.69
C LEU J 777 -28.72 -47.77 -24.70
N SER J 778 -28.48 -47.00 -23.63
CA SER J 778 -27.45 -47.31 -22.71
C SER J 778 -27.64 -48.56 -21.92
N GLU J 779 -28.89 -48.92 -21.54
CA GLU J 779 -29.14 -50.16 -20.84
C GLU J 779 -29.12 -51.35 -21.78
N GLU J 780 -28.82 -51.11 -23.07
CA GLU J 780 -28.92 -52.02 -24.18
C GLU J 780 -27.52 -52.16 -24.70
N LEU J 781 -26.74 -51.08 -24.52
CA LEU J 781 -25.34 -50.98 -24.73
C LEU J 781 -24.70 -51.80 -23.63
N LEU J 782 -25.28 -51.76 -22.40
CA LEU J 782 -24.92 -52.61 -21.29
C LEU J 782 -25.33 -54.03 -21.55
N ARG J 783 -26.43 -54.28 -22.31
CA ARG J 783 -26.88 -55.62 -22.63
C ARG J 783 -26.04 -56.24 -23.72
N GLY J 784 -25.30 -55.43 -24.50
CA GLY J 784 -24.37 -55.93 -25.50
C GLY J 784 -25.03 -56.23 -26.82
N ASN J 785 -26.27 -55.73 -27.03
CA ASN J 785 -26.94 -55.76 -28.31
C ASN J 785 -26.32 -54.72 -29.21
N ILE J 786 -25.69 -53.71 -28.60
CA ILE J 786 -25.01 -52.64 -29.28
C ILE J 786 -23.87 -52.29 -28.38
N HIS J 787 -22.93 -51.45 -28.87
CA HIS J 787 -21.93 -50.85 -28.03
C HIS J 787 -21.43 -49.61 -28.69
N LYS J 788 -20.52 -48.88 -28.00
CA LYS J 788 -19.72 -47.78 -28.50
C LYS J 788 -19.17 -47.96 -29.87
N GLY J 789 -19.28 -46.87 -30.67
CA GLY J 789 -18.70 -46.73 -31.97
C GLY J 789 -19.56 -47.36 -33.03
N GLN J 790 -20.33 -48.42 -32.69
CA GLN J 790 -21.39 -48.92 -33.52
C GLN J 790 -22.44 -47.89 -33.70
N HIS J 791 -23.06 -47.90 -34.90
CA HIS J 791 -24.19 -47.07 -35.15
C HIS J 791 -25.32 -47.91 -34.68
N ILE J 792 -26.13 -47.30 -33.83
CA ILE J 792 -26.97 -47.95 -32.90
C ILE J 792 -28.26 -47.46 -33.32
N VAL J 793 -29.16 -48.37 -33.75
CA VAL J 793 -30.39 -47.90 -34.20
C VAL J 793 -31.30 -48.33 -33.12
N LEU J 794 -32.13 -47.37 -32.67
CA LEU J 794 -33.20 -47.65 -31.77
C LEU J 794 -34.37 -47.60 -32.66
N ASP J 795 -35.05 -48.73 -32.79
CA ASP J 795 -36.08 -48.92 -33.76
C ASP J 795 -37.20 -49.55 -33.00
N VAL J 796 -38.36 -49.61 -33.65
CA VAL J 796 -39.49 -50.39 -33.21
C VAL J 796 -39.59 -51.46 -34.25
N GLU J 797 -39.80 -52.73 -33.84
CA GLU J 797 -39.86 -53.80 -34.82
C GLU J 797 -40.92 -54.78 -34.41
N ASP J 798 -41.67 -54.51 -33.32
CA ASP J 798 -42.79 -55.32 -32.92
C ASP J 798 -43.75 -54.40 -32.20
N GLY J 799 -43.59 -53.06 -32.38
CA GLY J 799 -44.37 -52.06 -31.70
C GLY J 799 -43.77 -51.72 -30.36
N GLU J 800 -42.59 -52.31 -30.07
CA GLU J 800 -41.83 -52.09 -28.86
C GLU J 800 -40.43 -51.99 -29.35
N PHE J 801 -39.52 -51.39 -28.55
CA PHE J 801 -38.20 -51.11 -29.02
C PHE J 801 -37.39 -52.36 -29.13
N VAL J 802 -36.49 -52.30 -30.12
CA VAL J 802 -35.64 -53.35 -30.55
C VAL J 802 -34.55 -52.50 -31.03
N VAL J 803 -33.33 -52.89 -30.71
CA VAL J 803 -32.18 -52.16 -31.07
C VAL J 803 -31.53 -53.03 -32.06
N LYS J 804 -31.27 -52.44 -33.23
CA LYS J 804 -30.65 -53.11 -34.32
C LYS J 804 -29.44 -52.27 -34.52
N THR J 805 -28.49 -52.81 -35.27
CA THR J 805 -27.20 -52.22 -35.42
C THR J 805 -27.10 -52.17 -36.92
N THR J 806 -26.40 -51.17 -37.47
CA THR J 806 -26.38 -50.92 -38.89
C THR J 806 -24.96 -50.61 -39.27
N ALA J 807 -24.02 -50.82 -38.32
CA ALA J 807 -22.60 -50.66 -38.54
C ALA J 807 -22.03 -52.08 -38.60
N PHE K 3 28.16 -46.46 -16.50
CA PHE K 3 26.91 -46.03 -17.18
C PHE K 3 26.37 -47.15 -18.03
N GLY K 4 27.27 -47.83 -18.80
CA GLY K 4 26.90 -48.90 -19.69
C GLY K 4 26.38 -48.36 -20.98
N ARG K 5 26.59 -47.03 -21.16
CA ARG K 5 26.18 -46.30 -22.31
C ARG K 5 27.34 -45.37 -22.54
N PHE K 6 28.53 -46.00 -22.72
CA PHE K 6 29.80 -45.39 -22.98
C PHE K 6 30.04 -45.68 -24.44
N THR K 7 31.04 -45.00 -25.05
CA THR K 7 31.54 -45.31 -26.36
C THR K 7 32.48 -46.47 -26.14
N GLU K 8 32.83 -47.13 -27.25
CA GLU K 8 33.84 -48.15 -27.43
C GLU K 8 35.15 -47.74 -26.82
N ARG K 9 35.70 -46.60 -27.29
CA ARG K 9 37.00 -46.06 -26.99
C ARG K 9 37.43 -46.11 -25.51
N ALA K 10 36.53 -45.69 -24.59
CA ALA K 10 36.66 -45.78 -23.14
C ALA K 10 36.89 -47.20 -22.75
N GLN K 11 35.81 -47.99 -22.92
CA GLN K 11 35.69 -49.40 -22.67
C GLN K 11 36.91 -50.16 -23.17
N LYS K 12 37.47 -49.80 -24.35
CA LYS K 12 38.67 -50.39 -24.93
C LYS K 12 39.92 -50.15 -24.12
N VAL K 13 40.24 -48.89 -23.67
CA VAL K 13 41.40 -48.66 -22.80
C VAL K 13 41.29 -49.48 -21.53
N LEU K 14 40.03 -49.64 -21.05
CA LEU K 14 39.72 -50.34 -19.83
C LEU K 14 39.98 -51.81 -19.99
N ALA K 15 39.48 -52.46 -21.05
CA ALA K 15 39.73 -53.87 -21.29
C ALA K 15 41.20 -54.20 -21.48
N LEU K 16 41.97 -53.22 -22.05
CA LEU K 16 43.40 -53.28 -22.19
C LEU K 16 44.06 -53.26 -20.85
N ALA K 17 43.41 -52.61 -19.86
CA ALA K 17 43.81 -52.71 -18.49
C ALA K 17 43.85 -54.13 -17.97
N GLN K 18 42.77 -54.92 -18.14
CA GLN K 18 42.74 -56.31 -17.73
C GLN K 18 43.80 -57.14 -18.40
N GLU K 19 44.02 -56.97 -19.73
CA GLU K 19 45.12 -57.65 -20.39
C GLU K 19 46.44 -57.44 -19.71
N GLU K 20 46.75 -56.19 -19.27
CA GLU K 20 47.95 -55.93 -18.52
C GLU K 20 47.87 -56.46 -17.13
N ALA K 21 46.66 -56.54 -16.49
CA ALA K 21 46.46 -57.21 -15.22
C ALA K 21 47.09 -58.54 -15.19
N LEU K 22 46.76 -59.43 -16.14
CA LEU K 22 47.33 -60.73 -16.00
C LEU K 22 48.72 -60.80 -16.59
N ARG K 23 48.96 -60.15 -17.76
CA ARG K 23 50.25 -60.02 -18.42
C ARG K 23 51.39 -59.45 -17.63
N LEU K 24 51.09 -58.73 -16.53
CA LEU K 24 52.07 -58.12 -15.68
C LEU K 24 51.93 -58.70 -14.34
N GLY K 25 50.83 -59.45 -14.15
CA GLY K 25 50.56 -60.14 -12.94
C GLY K 25 50.04 -59.16 -11.96
N HIS K 26 48.71 -59.10 -11.84
CA HIS K 26 48.05 -58.24 -10.94
C HIS K 26 46.78 -58.93 -10.69
N ASN K 27 46.41 -58.96 -9.41
CA ASN K 27 45.27 -59.67 -8.91
C ASN K 27 44.02 -58.95 -9.34
N ASN K 28 44.10 -57.64 -9.19
CA ASN K 28 43.13 -56.64 -9.46
C ASN K 28 43.80 -55.77 -10.44
N ILE K 29 43.06 -55.34 -11.45
CA ILE K 29 43.58 -54.69 -12.58
C ILE K 29 43.76 -53.30 -12.12
N GLY K 30 45.05 -52.95 -11.96
CA GLY K 30 45.45 -51.70 -11.40
C GLY K 30 45.29 -50.62 -12.39
N THR K 31 45.45 -49.39 -11.86
CA THR K 31 45.35 -48.15 -12.58
C THR K 31 46.45 -48.04 -13.62
N GLU K 32 47.60 -48.71 -13.35
CA GLU K 32 48.79 -48.74 -14.18
C GLU K 32 48.49 -49.39 -15.50
N HIS K 33 47.46 -50.24 -15.51
CA HIS K 33 47.06 -50.95 -16.66
C HIS K 33 46.10 -50.17 -17.48
N ILE K 34 45.23 -49.34 -16.84
CA ILE K 34 44.33 -48.46 -17.53
C ILE K 34 45.13 -47.47 -18.35
N LEU K 35 46.25 -46.98 -17.77
CA LEU K 35 47.20 -46.10 -18.41
C LEU K 35 47.86 -46.73 -19.60
N LEU K 36 48.33 -47.98 -19.41
CA LEU K 36 48.87 -48.81 -20.47
C LEU K 36 47.87 -49.01 -21.55
N GLY K 37 46.59 -49.19 -21.19
CA GLY K 37 45.49 -49.34 -22.10
C GLY K 37 45.36 -48.21 -23.05
N LEU K 38 45.58 -46.96 -22.57
CA LEU K 38 45.47 -45.80 -23.39
C LEU K 38 46.58 -45.78 -24.40
N VAL K 39 47.84 -45.94 -23.97
CA VAL K 39 48.98 -45.88 -24.86
C VAL K 39 49.17 -47.10 -25.76
N ARG K 40 48.45 -48.21 -25.47
CA ARG K 40 48.62 -49.50 -26.13
C ARG K 40 47.58 -49.66 -27.17
N GLU K 41 46.59 -48.73 -27.20
CA GLU K 41 45.64 -48.72 -28.28
C GLU K 41 46.18 -47.82 -29.36
N GLY K 42 47.38 -47.23 -29.16
CA GLY K 42 48.18 -46.64 -30.20
C GLY K 42 47.68 -45.25 -30.40
N GLU K 43 46.57 -45.11 -31.14
CA GLU K 43 45.95 -43.85 -31.42
C GLU K 43 44.59 -43.91 -30.82
N GLY K 44 44.05 -42.71 -30.59
CA GLY K 44 42.87 -42.45 -29.84
C GLY K 44 43.35 -41.22 -29.17
N ILE K 45 42.46 -40.27 -28.82
CA ILE K 45 42.89 -38.99 -28.33
C ILE K 45 43.70 -39.07 -27.05
N ALA K 46 43.37 -40.01 -26.12
CA ALA K 46 44.22 -40.35 -25.01
C ALA K 46 45.51 -40.96 -25.39
N ALA K 47 45.46 -42.00 -26.24
CA ALA K 47 46.61 -42.77 -26.63
C ALA K 47 47.68 -41.92 -27.23
N LYS K 48 47.23 -41.07 -28.17
CA LYS K 48 47.95 -40.07 -28.88
C LYS K 48 48.49 -39.06 -27.91
N ALA K 49 47.63 -38.58 -26.99
CA ALA K 49 48.00 -37.59 -26.03
C ALA K 49 49.24 -37.93 -25.27
N LEU K 50 49.29 -39.10 -24.60
CA LEU K 50 50.45 -39.54 -23.86
C LEU K 50 51.69 -39.58 -24.69
N GLN K 51 51.53 -40.05 -25.94
CA GLN K 51 52.51 -40.11 -26.99
C GLN K 51 53.02 -38.78 -27.46
N ALA K 52 52.27 -37.69 -27.15
CA ALA K 52 52.61 -36.35 -27.56
C ALA K 52 53.64 -35.90 -26.58
N LEU K 53 53.34 -36.06 -25.27
CA LEU K 53 54.24 -35.76 -24.17
C LEU K 53 55.52 -36.56 -24.22
N GLY K 54 55.54 -37.64 -25.05
CA GLY K 54 56.69 -38.47 -25.30
C GLY K 54 56.55 -39.81 -24.68
N LEU K 55 55.36 -40.10 -24.10
CA LEU K 55 55.11 -41.34 -23.42
C LEU K 55 54.52 -42.29 -24.41
N GLY K 56 55.40 -43.08 -25.05
CA GLY K 56 54.99 -44.17 -25.88
C GLY K 56 54.79 -45.32 -24.96
N SER K 57 54.36 -46.49 -25.50
CA SER K 57 54.21 -47.73 -24.76
C SER K 57 55.48 -48.12 -24.05
N GLU K 58 56.65 -47.85 -24.71
CA GLU K 58 57.98 -48.08 -24.22
C GLU K 58 58.22 -47.41 -22.89
N LYS K 59 58.01 -46.08 -22.85
CA LYS K 59 58.25 -45.24 -21.70
C LYS K 59 57.42 -45.63 -20.52
N ILE K 60 56.14 -45.98 -20.77
CA ILE K 60 55.14 -46.27 -19.77
C ILE K 60 55.46 -47.58 -19.08
N GLN K 61 55.52 -48.69 -19.84
CA GLN K 61 55.69 -50.03 -19.32
C GLN K 61 56.92 -50.25 -18.46
N LYS K 62 58.02 -49.50 -18.67
CA LYS K 62 59.22 -49.68 -17.86
C LYS K 62 58.97 -49.30 -16.43
N GLU K 63 58.30 -48.15 -16.24
CA GLU K 63 57.78 -47.69 -14.98
C GLU K 63 56.72 -48.59 -14.41
N VAL K 64 55.74 -49.01 -15.24
CA VAL K 64 54.62 -49.82 -14.83
C VAL K 64 55.09 -51.12 -14.21
N GLU K 65 55.95 -51.90 -14.90
CA GLU K 65 56.51 -53.13 -14.37
C GLU K 65 57.32 -52.90 -13.10
N SER K 66 57.87 -51.67 -12.94
CA SER K 66 58.59 -51.20 -11.77
C SER K 66 57.66 -50.74 -10.66
N LEU K 67 56.32 -50.91 -10.82
CA LEU K 67 55.35 -50.56 -9.81
C LEU K 67 54.65 -51.82 -9.41
N ILE K 68 54.41 -52.76 -10.37
CA ILE K 68 53.96 -54.09 -10.04
C ILE K 68 54.52 -54.91 -11.16
N GLY K 69 55.50 -55.76 -10.81
CA GLY K 69 56.12 -56.70 -11.70
C GLY K 69 55.34 -57.96 -11.77
N ARG K 70 55.87 -58.93 -12.54
CA ARG K 70 55.31 -60.25 -12.69
C ARG K 70 55.86 -61.04 -11.53
N GLY K 71 55.12 -62.01 -10.93
CA GLY K 71 53.81 -62.48 -11.29
C GLY K 71 52.72 -61.75 -10.58
N GLN K 72 51.67 -62.55 -10.31
CA GLN K 72 50.36 -62.29 -9.75
C GLN K 72 49.46 -62.51 -10.96
N GLU K 73 49.91 -63.46 -11.82
CA GLU K 73 49.36 -63.92 -13.07
C GLU K 73 48.06 -64.64 -12.81
N MET K 74 47.78 -64.92 -11.53
CA MET K 74 46.58 -65.52 -11.03
C MET K 74 45.39 -64.67 -11.35
N SER K 75 45.56 -63.32 -11.23
CA SER K 75 44.54 -62.35 -11.47
C SER K 75 43.40 -62.59 -10.49
N GLN K 76 43.75 -62.68 -9.19
CA GLN K 76 42.90 -62.99 -8.06
C GLN K 76 41.76 -62.03 -7.92
N THR K 77 40.55 -62.54 -8.25
CA THR K 77 39.30 -61.84 -8.34
C THR K 77 39.44 -60.60 -9.15
N ILE K 78 39.76 -60.76 -10.47
CA ILE K 78 40.07 -59.63 -11.31
C ILE K 78 38.82 -58.86 -11.53
N HIS K 79 38.81 -57.75 -10.81
CA HIS K 79 37.96 -56.65 -10.96
C HIS K 79 39.03 -55.64 -10.87
N TYR K 80 38.71 -54.35 -10.91
CA TYR K 80 39.72 -53.35 -10.90
C TYR K 80 40.24 -53.18 -9.51
N THR K 81 41.30 -52.36 -9.36
CA THR K 81 41.70 -51.84 -8.08
C THR K 81 40.76 -50.72 -7.76
N PRO K 82 40.49 -50.27 -6.53
CA PRO K 82 39.49 -49.25 -6.28
C PRO K 82 39.82 -47.93 -6.92
N ARG K 83 41.14 -47.62 -7.05
CA ARG K 83 41.68 -46.49 -7.77
C ARG K 83 41.26 -46.58 -9.21
N ALA K 84 41.62 -47.70 -9.87
CA ALA K 84 41.22 -48.01 -11.22
C ALA K 84 39.72 -47.98 -11.46
N LYS K 85 38.87 -48.43 -10.49
CA LYS K 85 37.41 -48.36 -10.56
C LYS K 85 36.91 -46.94 -10.59
N LYS K 86 37.62 -46.07 -9.83
CA LYS K 86 37.41 -44.64 -9.77
C LYS K 86 37.68 -44.04 -11.10
N VAL K 87 38.79 -44.43 -11.78
CA VAL K 87 39.13 -43.98 -13.12
C VAL K 87 38.00 -44.24 -14.12
N ILE K 88 37.25 -45.35 -13.97
CA ILE K 88 36.13 -45.67 -14.86
C ILE K 88 34.97 -44.72 -14.60
N GLU K 89 34.59 -44.53 -13.31
CA GLU K 89 33.64 -43.52 -12.88
C GLU K 89 34.01 -42.12 -13.37
N LEU K 90 35.33 -41.88 -13.49
CA LEU K 90 35.90 -40.60 -13.75
C LEU K 90 35.72 -40.27 -15.17
N SER K 91 36.06 -41.19 -16.10
CA SER K 91 35.77 -41.01 -17.49
C SER K 91 34.34 -40.65 -17.80
N MET K 92 33.35 -41.29 -17.11
CA MET K 92 31.95 -40.93 -17.25
C MET K 92 31.63 -39.50 -16.99
N ASP K 93 32.24 -38.89 -15.95
CA ASP K 93 32.03 -37.52 -15.62
C ASP K 93 32.91 -36.62 -16.45
N GLU K 94 34.13 -37.09 -16.77
CA GLU K 94 35.09 -36.45 -17.65
C GLU K 94 34.61 -36.44 -19.06
N ALA K 95 33.40 -36.95 -19.31
CA ALA K 95 32.85 -36.94 -20.62
C ALA K 95 31.58 -36.20 -20.57
N ARG K 96 30.79 -36.31 -19.48
CA ARG K 96 29.68 -35.43 -19.16
C ARG K 96 29.98 -33.96 -19.23
N LYS K 97 31.13 -33.54 -18.66
CA LYS K 97 31.51 -32.15 -18.59
C LYS K 97 31.92 -31.66 -19.95
N LEU K 98 32.46 -32.59 -20.76
CA LEU K 98 32.98 -32.32 -22.06
C LEU K 98 31.99 -32.81 -23.08
N GLY K 99 30.68 -32.80 -22.71
CA GLY K 99 29.56 -33.15 -23.55
C GLY K 99 29.26 -34.60 -23.37
N HIS K 100 29.88 -35.44 -24.24
CA HIS K 100 29.92 -36.89 -24.29
C HIS K 100 29.14 -37.66 -23.24
N SER K 101 28.00 -38.27 -23.66
CA SER K 101 27.19 -39.10 -22.81
C SER K 101 27.75 -40.50 -22.98
N TYR K 102 28.49 -40.69 -24.09
CA TYR K 102 29.11 -41.91 -24.51
C TYR K 102 30.55 -41.54 -24.50
N VAL K 103 31.29 -42.22 -23.61
CA VAL K 103 32.62 -41.93 -23.13
C VAL K 103 33.70 -42.57 -23.96
N GLY K 104 34.82 -41.82 -24.24
CA GLY K 104 35.91 -42.26 -25.07
C GLY K 104 37.21 -42.31 -24.31
N THR K 105 38.33 -42.62 -25.03
CA THR K 105 39.67 -42.88 -24.54
C THR K 105 40.16 -41.76 -23.68
N GLU K 106 39.85 -40.56 -24.20
CA GLU K 106 40.29 -39.26 -23.82
C GLU K 106 39.94 -39.00 -22.40
N HIS K 107 38.65 -39.16 -22.09
CA HIS K 107 38.04 -39.00 -20.80
C HIS K 107 38.69 -39.85 -19.76
N ILE K 108 39.17 -41.07 -20.13
CA ILE K 108 39.89 -41.91 -19.23
C ILE K 108 41.25 -41.37 -18.88
N LEU K 109 42.05 -40.87 -19.85
CA LEU K 109 43.31 -40.20 -19.58
C LEU K 109 43.12 -38.96 -18.77
N LEU K 110 42.05 -38.20 -19.05
CA LEU K 110 41.68 -37.03 -18.30
C LEU K 110 41.37 -37.45 -16.87
N GLY K 111 40.55 -38.51 -16.73
CA GLY K 111 40.17 -39.19 -15.52
C GLY K 111 41.29 -39.73 -14.68
N LEU K 112 42.38 -40.22 -15.31
CA LEU K 112 43.60 -40.67 -14.67
C LEU K 112 44.22 -39.57 -13.91
N ILE K 113 44.41 -38.42 -14.58
CA ILE K 113 44.98 -37.21 -14.04
C ILE K 113 44.27 -36.80 -12.78
N ARG K 114 42.92 -36.77 -12.85
CA ARG K 114 42.00 -36.53 -11.77
C ARG K 114 42.28 -37.44 -10.60
N GLU K 115 42.45 -38.75 -10.90
CA GLU K 115 42.63 -39.87 -10.00
C GLU K 115 44.12 -40.05 -9.80
N GLY K 116 44.73 -38.91 -9.41
CA GLY K 116 46.13 -38.58 -9.45
C GLY K 116 47.03 -39.20 -8.42
N GLU K 117 46.54 -40.06 -7.50
CA GLU K 117 47.41 -40.73 -6.56
C GLU K 117 47.52 -42.17 -7.02
N GLY K 118 46.68 -42.56 -8.01
CA GLY K 118 46.62 -43.86 -8.64
C GLY K 118 47.94 -44.34 -9.18
N VAL K 119 48.00 -45.62 -9.60
CA VAL K 119 49.23 -46.25 -10.00
C VAL K 119 49.66 -45.64 -11.30
N ALA K 120 48.68 -45.44 -12.22
CA ALA K 120 48.79 -44.74 -13.49
C ALA K 120 49.45 -43.42 -13.29
N ALA K 121 48.80 -42.55 -12.50
CA ALA K 121 49.28 -41.25 -12.14
C ALA K 121 50.75 -41.20 -11.77
N ARG K 122 51.21 -42.19 -10.97
CA ARG K 122 52.58 -42.28 -10.54
C ARG K 122 53.48 -42.70 -11.66
N VAL K 123 53.04 -43.58 -12.58
CA VAL K 123 53.73 -43.96 -13.79
C VAL K 123 54.15 -42.75 -14.57
N LEU K 124 53.28 -41.72 -14.67
CA LEU K 124 53.52 -40.61 -15.55
C LEU K 124 54.35 -39.58 -14.87
N ASN K 125 54.05 -39.29 -13.58
CA ASN K 125 54.86 -38.46 -12.72
C ASN K 125 56.23 -39.01 -12.38
N ASN K 126 56.52 -40.27 -12.76
CA ASN K 126 57.82 -40.87 -12.56
C ASN K 126 58.54 -40.75 -13.87
N LEU K 127 57.82 -40.86 -15.01
CA LEU K 127 58.39 -40.67 -16.33
C LEU K 127 58.42 -39.24 -16.79
N GLY K 128 58.60 -38.27 -15.87
CA GLY K 128 58.99 -36.91 -16.20
C GLY K 128 57.93 -36.07 -16.83
N VAL K 129 56.70 -36.60 -17.01
CA VAL K 129 55.64 -35.89 -17.67
C VAL K 129 54.74 -35.50 -16.57
N SER K 130 54.50 -34.17 -16.45
CA SER K 130 53.63 -33.59 -15.47
C SER K 130 52.24 -34.10 -15.73
N LEU K 131 51.49 -34.40 -14.66
CA LEU K 131 50.21 -35.08 -14.76
C LEU K 131 49.19 -34.22 -15.46
N ASN K 132 49.32 -32.90 -15.29
CA ASN K 132 48.43 -31.90 -15.83
C ASN K 132 48.79 -31.65 -17.26
N LYS K 133 50.09 -31.79 -17.63
CA LYS K 133 50.57 -31.77 -19.00
C LYS K 133 49.91 -32.84 -19.83
N ALA K 134 49.51 -33.97 -19.19
CA ALA K 134 48.82 -35.05 -19.84
C ALA K 134 47.35 -34.73 -20.00
N ARG K 135 46.65 -34.20 -18.95
CA ARG K 135 45.22 -33.88 -19.01
C ARG K 135 44.94 -32.79 -19.99
N GLN K 136 45.92 -31.88 -20.15
CA GLN K 136 45.94 -30.86 -21.13
C GLN K 136 45.89 -31.49 -22.46
N GLN K 137 46.93 -32.27 -22.76
CA GLN K 137 47.15 -32.99 -23.97
C GLN K 137 45.96 -33.73 -24.52
N VAL K 138 45.20 -34.45 -23.66
CA VAL K 138 43.96 -35.08 -24.07
C VAL K 138 42.93 -34.08 -24.49
N LEU K 139 42.73 -33.03 -23.67
CA LEU K 139 41.83 -31.93 -23.87
C LEU K 139 42.02 -31.24 -25.21
N GLN K 140 43.28 -30.84 -25.55
CA GLN K 140 43.67 -30.19 -26.80
C GLN K 140 43.60 -31.11 -28.01
N LEU K 141 42.95 -32.28 -27.90
CA LEU K 141 42.77 -33.21 -28.98
C LEU K 141 41.34 -33.67 -28.89
N LEU K 142 40.67 -33.32 -27.77
CA LEU K 142 39.27 -33.48 -27.51
C LEU K 142 38.70 -32.16 -27.92
N GLY K 143 38.54 -31.96 -29.25
CA GLY K 143 38.01 -30.75 -29.82
C GLY K 143 36.53 -30.65 -29.66
N SER K 144 35.79 -31.74 -29.99
CA SER K 144 34.35 -31.84 -29.93
C SER K 144 33.63 -30.83 -30.80
N ASN K 145 33.80 -30.93 -32.14
CA ASN K 145 33.14 -30.13 -33.19
C ASN K 145 31.63 -29.99 -33.06
N GLU K 146 31.07 -29.00 -33.80
CA GLU K 146 29.68 -28.62 -33.84
C GLU K 146 28.76 -29.71 -34.34
N THR K 147 27.54 -29.79 -33.75
CA THR K 147 26.52 -30.73 -34.12
C THR K 147 25.23 -30.08 -33.67
N GLY K 148 24.11 -30.43 -34.36
CA GLY K 148 22.81 -29.82 -34.13
C GLY K 148 22.75 -28.49 -34.84
N SER K 149 23.85 -28.18 -35.57
CA SER K 149 24.11 -26.94 -36.24
C SER K 149 25.19 -27.29 -37.22
N SER K 150 25.59 -26.30 -38.05
CA SER K 150 26.63 -26.48 -39.03
C SER K 150 27.43 -25.20 -39.03
N ALA K 151 28.69 -25.28 -39.51
CA ALA K 151 29.57 -24.12 -39.56
C ALA K 151 30.46 -24.29 -40.75
N ALA K 152 30.52 -23.26 -41.63
CA ALA K 152 31.39 -23.30 -42.78
C ALA K 152 31.47 -21.94 -43.43
N GLY K 153 30.76 -20.91 -42.94
CA GLY K 153 30.82 -19.60 -43.57
C GLY K 153 29.98 -18.59 -42.83
N THR K 154 29.90 -17.34 -43.39
CA THR K 154 29.18 -16.23 -42.82
C THR K 154 28.33 -15.63 -43.91
N ASN K 155 27.01 -15.57 -43.62
CA ASN K 155 26.01 -14.97 -44.46
C ASN K 155 25.39 -13.90 -43.61
N SER K 156 24.87 -12.86 -44.30
CA SER K 156 23.97 -11.85 -43.83
C SER K 156 24.66 -10.73 -43.10
N ASN K 157 23.99 -9.56 -43.17
CA ASN K 157 24.44 -8.30 -42.66
C ASN K 157 23.27 -7.84 -41.86
N ALA K 158 22.19 -7.31 -42.49
CA ALA K 158 21.05 -6.77 -41.77
C ALA K 158 20.38 -7.68 -40.76
N ASN K 159 20.35 -9.02 -41.03
CA ASN K 159 19.87 -10.03 -40.11
C ASN K 159 20.55 -10.05 -38.76
N THR K 160 21.83 -9.57 -38.71
CA THR K 160 22.67 -9.52 -37.55
C THR K 160 22.01 -8.80 -36.39
N PRO K 161 21.85 -7.47 -36.31
CA PRO K 161 21.21 -6.80 -35.20
C PRO K 161 19.86 -7.36 -34.77
N THR K 162 18.92 -7.63 -35.71
CA THR K 162 17.59 -8.11 -35.43
C THR K 162 17.60 -9.49 -34.80
N LEU K 163 17.70 -10.58 -35.61
CA LEU K 163 17.74 -11.99 -35.24
C LEU K 163 18.66 -12.42 -34.10
N ASP K 164 19.64 -11.57 -33.70
CA ASP K 164 20.59 -11.78 -32.62
C ASP K 164 19.86 -11.83 -31.30
N SER K 165 19.22 -10.70 -30.94
CA SER K 165 18.83 -10.22 -29.64
C SER K 165 18.65 -11.24 -28.51
N LEU K 166 17.57 -12.06 -28.30
CA LEU K 166 16.26 -12.31 -28.86
C LEU K 166 16.36 -12.86 -30.27
N ALA K 167 16.32 -14.20 -30.49
CA ALA K 167 16.24 -15.27 -29.50
C ALA K 167 16.77 -16.51 -30.16
N ARG K 168 16.12 -17.68 -29.92
CA ARG K 168 16.42 -18.96 -30.53
C ARG K 168 16.25 -18.97 -32.03
N ASP K 169 15.20 -18.28 -32.54
CA ASP K 169 14.75 -18.28 -33.91
C ASP K 169 14.21 -19.64 -34.25
N LEU K 170 12.90 -19.85 -34.00
CA LEU K 170 12.19 -21.10 -34.15
C LEU K 170 12.36 -21.75 -35.51
N THR K 171 12.34 -20.92 -36.59
CA THR K 171 12.57 -21.32 -37.94
C THR K 171 13.90 -22.01 -38.14
N ALA K 172 14.98 -21.51 -37.48
CA ALA K 172 16.33 -22.05 -37.49
C ALA K 172 16.36 -23.45 -36.94
N ILE K 173 15.87 -23.62 -35.69
CA ILE K 173 15.77 -24.88 -34.99
C ILE K 173 14.87 -25.89 -35.70
N ALA K 174 14.06 -25.41 -36.69
CA ALA K 174 13.18 -26.24 -37.48
C ALA K 174 13.74 -26.47 -38.87
N LYS K 175 14.89 -25.86 -39.23
CA LYS K 175 15.57 -26.11 -40.50
C LYS K 175 16.38 -27.36 -40.35
N GLU K 176 17.16 -27.46 -39.24
CA GLU K 176 17.93 -28.64 -38.91
C GLU K 176 17.33 -29.01 -37.60
N ASP K 177 16.66 -30.19 -37.58
CA ASP K 177 15.91 -30.66 -36.45
C ASP K 177 16.76 -30.82 -35.22
N SER K 178 16.25 -30.19 -34.16
CA SER K 178 16.73 -30.23 -32.81
C SER K 178 15.47 -29.81 -32.12
N LEU K 179 14.35 -30.40 -32.59
CA LEU K 179 13.03 -29.94 -32.28
C LEU K 179 12.15 -31.13 -32.41
N ASP K 180 10.86 -30.98 -32.08
CA ASP K 180 9.88 -32.03 -32.15
C ASP K 180 8.64 -31.38 -32.68
N PRO K 181 7.67 -32.09 -33.25
CA PRO K 181 6.52 -31.51 -33.93
C PRO K 181 5.74 -30.40 -33.23
N VAL K 182 5.28 -30.48 -31.96
CA VAL K 182 5.16 -31.64 -31.09
C VAL K 182 3.78 -32.17 -31.30
N ILE K 183 2.77 -31.25 -31.32
CA ILE K 183 1.36 -31.55 -31.40
C ILE K 183 0.69 -30.32 -31.96
N GLY K 184 -0.58 -30.48 -32.42
CA GLY K 184 -1.38 -29.40 -32.96
C GLY K 184 -2.81 -29.80 -32.73
N ARG K 185 -3.84 -28.95 -33.01
CA ARG K 185 -3.87 -27.61 -33.53
C ARG K 185 -3.34 -27.49 -34.94
N SER K 186 -4.06 -28.13 -35.90
CA SER K 186 -3.78 -28.06 -37.32
C SER K 186 -4.50 -26.94 -38.05
N LYS K 187 -5.81 -26.73 -37.78
CA LYS K 187 -6.62 -25.66 -38.35
C LYS K 187 -6.18 -24.32 -37.84
N GLU K 188 -5.47 -24.31 -36.70
CA GLU K 188 -4.91 -23.10 -36.15
C GLU K 188 -3.82 -22.63 -37.04
N ILE K 189 -2.98 -23.54 -37.58
CA ILE K 189 -1.91 -23.20 -38.50
C ILE K 189 -2.45 -22.60 -39.77
N GLN K 190 -3.57 -23.16 -40.30
CA GLN K 190 -4.24 -22.61 -41.45
C GLN K 190 -4.75 -21.23 -41.16
N ARG K 191 -5.47 -21.09 -40.02
CA ARG K 191 -5.95 -19.85 -39.50
C ARG K 191 -4.89 -18.84 -39.11
N VAL K 192 -3.60 -19.25 -38.93
CA VAL K 192 -2.51 -18.35 -38.59
C VAL K 192 -2.10 -17.68 -39.84
N ILE K 193 -2.11 -18.43 -40.97
CA ILE K 193 -1.78 -17.96 -42.29
C ILE K 193 -2.94 -17.18 -42.80
N GLU K 194 -4.16 -17.46 -42.24
CA GLU K 194 -5.29 -16.61 -42.43
C GLU K 194 -4.90 -15.28 -41.80
N VAL K 195 -4.55 -15.24 -40.52
CA VAL K 195 -3.98 -14.03 -39.99
C VAL K 195 -2.68 -13.49 -40.59
N LEU K 196 -2.03 -14.12 -41.60
CA LEU K 196 -0.71 -13.74 -42.03
C LEU K 196 -0.57 -13.58 -43.53
N SER K 197 -1.65 -13.72 -44.33
CA SER K 197 -1.58 -13.56 -45.77
C SER K 197 -2.37 -12.36 -46.16
N ARG K 198 -2.52 -11.47 -45.21
CA ARG K 198 -3.31 -10.29 -45.27
C ARG K 198 -2.34 -9.24 -44.90
N ARG K 199 -2.75 -7.95 -44.94
CA ARG K 199 -1.94 -6.92 -44.36
C ARG K 199 -2.76 -5.73 -44.06
N THR K 200 -3.16 -5.68 -42.77
CA THR K 200 -3.78 -4.59 -42.08
C THR K 200 -3.97 -5.23 -40.74
N LYS K 201 -4.52 -6.45 -40.76
CA LYS K 201 -4.75 -7.24 -39.59
C LYS K 201 -3.90 -8.44 -39.63
N ASN K 202 -2.72 -8.31 -40.25
CA ASN K 202 -1.70 -9.31 -40.50
C ASN K 202 -1.12 -9.96 -39.29
N ASN K 203 -1.71 -9.79 -38.10
CA ASN K 203 -1.06 -10.20 -36.90
C ASN K 203 -1.95 -11.28 -36.39
N PRO K 204 -1.44 -12.50 -36.16
CA PRO K 204 -2.27 -13.54 -35.60
C PRO K 204 -2.39 -13.29 -34.15
N VAL K 205 -3.46 -13.79 -33.54
CA VAL K 205 -3.72 -13.53 -32.16
C VAL K 205 -4.43 -14.79 -31.83
N LEU K 206 -3.80 -15.59 -30.97
CA LEU K 206 -4.26 -16.89 -30.60
C LEU K 206 -5.01 -16.69 -29.34
N ILE K 207 -6.27 -17.15 -29.26
CA ILE K 207 -7.09 -16.93 -28.09
C ILE K 207 -7.47 -18.31 -27.62
N GLY K 208 -7.23 -18.59 -26.32
CA GLY K 208 -7.49 -19.89 -25.76
C GLY K 208 -6.56 -20.09 -24.61
N GLU K 209 -6.83 -21.15 -23.82
CA GLU K 209 -6.03 -21.59 -22.69
C GLU K 209 -4.61 -21.97 -23.08
N PRO K 210 -3.57 -21.71 -22.27
CA PRO K 210 -2.22 -21.63 -22.80
C PRO K 210 -1.28 -22.79 -22.45
N GLY K 211 -1.54 -23.80 -21.58
CA GLY K 211 -2.77 -24.52 -21.26
C GLY K 211 -3.06 -25.53 -22.33
N VAL K 212 -2.13 -25.68 -23.28
CA VAL K 212 -2.13 -26.67 -24.30
C VAL K 212 -0.70 -26.77 -24.75
N GLY K 213 0.13 -25.79 -24.33
CA GLY K 213 1.50 -25.65 -24.74
C GLY K 213 1.40 -24.97 -26.06
N LYS K 214 1.11 -23.64 -26.04
CA LYS K 214 0.94 -22.80 -27.21
C LYS K 214 2.04 -22.96 -28.23
N THR K 215 3.31 -22.98 -27.78
CA THR K 215 4.52 -23.17 -28.57
C THR K 215 4.52 -24.37 -29.52
N ALA K 216 3.62 -25.36 -29.30
CA ALA K 216 3.49 -26.54 -30.12
C ALA K 216 2.88 -26.17 -31.44
N ILE K 217 1.86 -25.27 -31.36
CA ILE K 217 1.13 -24.67 -32.47
C ILE K 217 2.05 -23.85 -33.33
N ALA K 218 2.98 -23.13 -32.67
CA ALA K 218 3.95 -22.25 -33.26
C ALA K 218 4.85 -22.92 -34.26
N GLU K 219 5.37 -24.12 -33.90
CA GLU K 219 6.17 -24.94 -34.79
C GLU K 219 5.43 -25.30 -36.05
N GLY K 220 4.09 -25.37 -35.96
CA GLY K 220 3.13 -25.48 -37.03
C GLY K 220 3.30 -24.49 -38.13
N LEU K 221 3.28 -23.16 -37.79
CA LEU K 221 3.44 -22.08 -38.73
C LEU K 221 4.69 -22.20 -39.51
N ALA K 222 5.87 -22.28 -38.83
CA ALA K 222 7.20 -22.46 -39.40
C ALA K 222 7.22 -23.34 -40.63
N GLN K 223 6.71 -24.57 -40.43
CA GLN K 223 6.64 -25.63 -41.39
C GLN K 223 5.76 -25.28 -42.58
N GLN K 224 4.57 -24.70 -42.33
CA GLN K 224 3.58 -24.38 -43.34
C GLN K 224 3.82 -23.09 -44.10
N ILE K 225 4.47 -22.08 -43.47
CA ILE K 225 4.80 -20.81 -44.08
C ILE K 225 5.89 -20.99 -45.09
N ILE K 226 6.82 -21.96 -44.87
CA ILE K 226 7.83 -22.35 -45.84
C ILE K 226 7.12 -23.00 -47.01
N ASN K 227 6.69 -24.28 -46.88
CA ASN K 227 6.10 -25.03 -47.97
C ASN K 227 4.62 -25.13 -47.69
N ASN K 228 3.72 -24.60 -48.57
CA ASN K 228 3.98 -23.77 -49.72
C ASN K 228 2.84 -22.79 -49.78
N GLU K 229 2.07 -22.71 -48.67
CA GLU K 229 0.94 -21.86 -48.49
C GLU K 229 1.50 -20.60 -47.89
N VAL K 230 1.91 -19.66 -48.78
CA VAL K 230 2.52 -18.42 -48.37
C VAL K 230 2.37 -17.43 -49.52
N PRO K 231 2.35 -16.11 -49.30
CA PRO K 231 2.16 -15.12 -50.34
C PRO K 231 3.18 -15.11 -51.44
N GLU K 232 2.83 -14.47 -52.59
CA GLU K 232 3.69 -14.38 -53.74
C GLU K 232 4.94 -13.53 -53.59
N ILE K 233 4.88 -12.28 -53.02
CA ILE K 233 6.07 -11.49 -52.79
C ILE K 233 6.31 -11.35 -51.32
N LEU K 234 5.46 -12.02 -50.51
CA LEU K 234 5.58 -12.07 -49.07
C LEU K 234 5.79 -13.52 -48.82
N ARG K 235 6.76 -14.02 -49.61
CA ARG K 235 7.47 -15.23 -49.41
C ARG K 235 8.73 -14.67 -48.79
N ASP K 236 9.80 -15.48 -48.71
CA ASP K 236 11.08 -15.16 -48.10
C ASP K 236 10.87 -14.64 -46.70
N LYS K 237 9.91 -15.27 -46.00
CA LYS K 237 9.57 -14.97 -44.64
C LYS K 237 10.55 -15.60 -43.70
N ARG K 238 10.75 -14.92 -42.55
CA ARG K 238 11.55 -15.41 -41.46
C ARG K 238 10.64 -15.33 -40.28
N VAL K 239 10.76 -16.31 -39.37
CA VAL K 239 10.00 -16.37 -38.15
C VAL K 239 11.02 -16.16 -37.07
N MET K 240 10.85 -15.08 -36.27
CA MET K 240 11.78 -14.66 -35.27
C MET K 240 10.96 -14.63 -34.01
N THR K 241 11.53 -15.20 -32.92
CA THR K 241 10.88 -15.33 -31.65
C THR K 241 11.34 -14.23 -30.73
N LEU K 242 10.38 -13.63 -30.00
CA LEU K 242 10.63 -12.60 -29.02
C LEU K 242 10.13 -13.22 -27.76
N ASP K 243 11.08 -13.48 -26.81
CA ASP K 243 10.81 -14.20 -25.60
C ASP K 243 11.26 -13.34 -24.46
N MET K 244 10.44 -13.30 -23.38
CA MET K 244 10.60 -12.47 -22.21
C MET K 244 11.81 -12.85 -21.39
N GLY K 245 12.14 -14.16 -21.36
CA GLY K 245 13.19 -14.75 -20.56
C GLY K 245 14.55 -14.21 -20.89
N THR K 246 14.85 -14.01 -22.21
CA THR K 246 16.12 -13.48 -22.65
C THR K 246 16.25 -12.02 -22.25
N VAL K 247 15.14 -11.24 -22.33
CA VAL K 247 15.12 -9.83 -21.98
C VAL K 247 15.42 -9.56 -20.54
N VAL K 248 14.77 -10.33 -19.61
CA VAL K 248 14.88 -10.11 -18.18
C VAL K 248 16.22 -10.50 -17.61
N ALA K 249 16.88 -11.55 -18.16
CA ALA K 249 18.09 -12.12 -17.61
C ALA K 249 19.26 -11.15 -17.72
N GLY K 250 19.83 -10.76 -16.56
CA GLY K 250 20.99 -9.92 -16.44
C GLY K 250 20.69 -8.46 -16.62
N THR K 251 19.39 -8.12 -16.80
CA THR K 251 18.91 -6.80 -17.09
C THR K 251 18.33 -6.24 -15.82
N LYS K 252 17.34 -6.96 -15.26
CA LYS K 252 16.76 -6.73 -13.95
C LYS K 252 16.09 -5.37 -13.81
N TYR K 253 15.25 -4.97 -14.80
CA TYR K 253 14.60 -3.67 -14.77
C TYR K 253 13.68 -3.60 -15.97
N ARG K 254 12.44 -3.12 -15.74
CA ARG K 254 11.40 -2.89 -16.73
C ARG K 254 11.76 -1.77 -17.68
N GLY K 255 12.43 -0.70 -17.18
CA GLY K 255 12.82 0.43 -17.99
C GLY K 255 13.82 0.04 -19.04
N GLU K 256 14.83 -0.78 -18.62
CA GLU K 256 15.87 -1.31 -19.47
C GLU K 256 15.31 -2.27 -20.49
N PHE K 257 14.31 -3.08 -20.08
CA PHE K 257 13.60 -4.06 -20.89
C PHE K 257 12.94 -3.34 -22.02
N GLU K 258 12.32 -2.17 -21.74
CA GLU K 258 11.67 -1.33 -22.72
C GLU K 258 12.63 -0.81 -23.75
N ASP K 259 13.85 -0.38 -23.31
CA ASP K 259 14.90 0.15 -24.16
C ASP K 259 15.38 -0.87 -25.15
N ARG K 260 15.60 -2.10 -24.67
CA ARG K 260 16.06 -3.21 -25.48
C ARG K 260 15.02 -3.60 -26.49
N LEU K 261 13.74 -3.62 -26.08
CA LEU K 261 12.62 -3.93 -26.94
C LEU K 261 12.45 -2.91 -28.02
N LYS K 262 12.72 -1.61 -27.70
CA LYS K 262 12.69 -0.51 -28.64
C LYS K 262 13.71 -0.73 -29.72
N LYS K 263 14.92 -1.19 -29.30
CA LYS K 263 16.02 -1.47 -30.19
C LYS K 263 15.66 -2.57 -31.14
N VAL K 264 14.95 -3.62 -30.65
CA VAL K 264 14.48 -4.75 -31.42
C VAL K 264 13.51 -4.32 -32.48
N MET K 265 12.54 -3.42 -32.14
CA MET K 265 11.55 -2.93 -33.08
C MET K 265 12.24 -2.20 -34.19
N ASP K 266 13.31 -1.44 -33.87
CA ASP K 266 14.07 -0.76 -34.90
C ASP K 266 14.74 -1.70 -35.87
N GLU K 267 15.39 -2.79 -35.37
CA GLU K 267 16.15 -3.70 -36.21
C GLU K 267 15.30 -4.54 -37.11
N ILE K 268 14.00 -4.67 -36.74
CA ILE K 268 12.95 -5.34 -37.48
C ILE K 268 12.73 -4.68 -38.84
N ARG K 269 13.46 -3.57 -39.16
CA ARG K 269 13.54 -2.84 -40.41
C ARG K 269 13.82 -3.66 -41.65
N GLN K 270 14.29 -4.94 -41.50
CA GLN K 270 14.29 -5.88 -42.60
C GLN K 270 12.90 -6.30 -43.07
N ALA K 271 11.86 -5.70 -42.44
CA ALA K 271 10.43 -5.77 -42.57
C ALA K 271 9.83 -5.94 -43.93
N GLY K 272 8.52 -6.24 -43.90
CA GLY K 272 7.69 -6.43 -45.05
C GLY K 272 7.84 -7.85 -45.50
N ASN K 273 8.49 -8.70 -44.65
CA ASN K 273 8.70 -10.08 -44.91
C ASN K 273 9.01 -10.77 -43.60
N ILE K 274 8.71 -10.19 -42.41
CA ILE K 274 9.15 -10.81 -41.17
C ILE K 274 7.93 -11.10 -40.32
N ILE K 275 7.95 -12.25 -39.59
CA ILE K 275 6.94 -12.67 -38.65
C ILE K 275 7.55 -12.73 -37.27
N LEU K 276 6.98 -12.01 -36.30
CA LEU K 276 7.46 -11.88 -34.94
C LEU K 276 6.60 -12.66 -33.97
N PHE K 277 7.16 -13.43 -33.00
CA PHE K 277 6.33 -14.13 -32.03
C PHE K 277 6.38 -13.36 -30.73
N ILE K 278 5.20 -12.89 -30.25
CA ILE K 278 5.00 -12.19 -29.00
C ILE K 278 4.14 -13.02 -28.09
N ASP K 279 4.70 -13.59 -27.00
CA ASP K 279 3.92 -14.31 -26.01
C ASP K 279 3.28 -13.28 -25.09
N ALA K 280 2.10 -13.60 -24.51
CA ALA K 280 1.31 -12.77 -23.61
C ALA K 280 1.15 -11.34 -24.07
N LEU K 281 0.52 -11.11 -25.25
CA LEU K 281 0.50 -9.82 -25.91
C LEU K 281 -0.13 -8.71 -25.10
N HIS K 282 -1.19 -8.99 -24.28
CA HIS K 282 -1.80 -7.98 -23.41
C HIS K 282 -0.83 -7.38 -22.44
N THR K 283 0.06 -8.21 -21.83
CA THR K 283 0.93 -7.74 -20.76
C THR K 283 1.82 -6.62 -21.22
N LEU K 284 2.29 -6.72 -22.49
CA LEU K 284 3.05 -5.72 -23.16
C LEU K 284 2.26 -4.53 -23.59
N ILE K 285 0.97 -4.69 -23.93
CA ILE K 285 0.13 -3.62 -24.40
C ILE K 285 -0.23 -2.67 -23.28
N GLY K 286 -0.42 -3.20 -22.06
CA GLY K 286 -0.46 -2.35 -20.90
C GLY K 286 -1.82 -1.77 -20.63
N ALA K 287 -2.85 -2.24 -21.36
CA ALA K 287 -4.17 -1.68 -21.28
C ALA K 287 -5.08 -2.77 -20.88
N GLY K 288 -5.88 -2.52 -19.83
CA GLY K 288 -6.89 -3.42 -19.34
C GLY K 288 -6.42 -3.83 -18.00
N GLY K 289 -7.33 -3.83 -17.00
CA GLY K 289 -7.05 -4.19 -15.63
C GLY K 289 -6.34 -3.06 -14.94
N ALA K 290 -6.16 -3.19 -13.60
CA ALA K 290 -5.44 -2.24 -12.77
C ALA K 290 -4.00 -2.21 -13.18
N GLU K 291 -3.44 -3.41 -13.43
CA GLU K 291 -2.10 -3.60 -13.90
C GLU K 291 -2.11 -3.43 -15.39
N GLY K 292 -0.92 -3.13 -15.95
CA GLY K 292 -0.74 -3.07 -17.37
C GLY K 292 0.25 -4.16 -17.65
N ALA K 293 1.16 -4.39 -16.67
CA ALA K 293 2.17 -5.43 -16.65
C ALA K 293 3.30 -5.08 -17.58
N ILE K 294 3.46 -3.76 -17.83
CA ILE K 294 4.41 -3.05 -18.65
C ILE K 294 3.66 -2.51 -19.82
N ASP K 295 4.18 -1.43 -20.42
CA ASP K 295 3.51 -0.70 -21.44
C ASP K 295 4.62 -0.57 -22.42
N ALA K 296 4.82 -1.68 -23.15
CA ALA K 296 5.68 -1.87 -24.28
C ALA K 296 5.08 -1.21 -25.45
N SER K 297 3.76 -0.94 -25.36
CA SER K 297 2.84 -0.46 -26.36
C SER K 297 3.36 0.72 -27.14
N ASN K 298 4.17 1.60 -26.53
CA ASN K 298 4.61 2.81 -27.19
C ASN K 298 5.35 2.52 -28.48
N ILE K 299 6.33 1.59 -28.44
CA ILE K 299 6.98 1.03 -29.60
C ILE K 299 6.15 -0.01 -30.31
N LEU K 300 5.50 -0.89 -29.51
CA LEU K 300 4.90 -2.10 -29.99
C LEU K 300 3.68 -1.90 -30.85
N LYS K 301 2.80 -0.96 -30.45
CA LYS K 301 1.56 -0.63 -31.11
C LYS K 301 1.67 -0.15 -32.53
N PRO K 302 2.48 0.85 -32.93
CA PRO K 302 2.59 1.29 -34.31
C PRO K 302 3.23 0.20 -35.13
N SER K 303 4.11 -0.59 -34.49
CA SER K 303 4.79 -1.71 -35.07
C SER K 303 3.78 -2.77 -35.45
N LEU K 304 2.78 -3.04 -34.57
CA LEU K 304 1.75 -4.03 -34.80
C LEU K 304 0.89 -3.63 -35.98
N ALA K 305 0.51 -2.34 -36.06
CA ALA K 305 -0.32 -1.85 -37.13
C ALA K 305 0.31 -1.90 -38.50
N ARG K 306 1.62 -1.55 -38.61
CA ARG K 306 2.30 -1.52 -39.91
C ARG K 306 2.51 -2.91 -40.44
N GLY K 307 2.72 -3.87 -39.53
CA GLY K 307 3.02 -5.22 -39.92
C GLY K 307 4.51 -5.34 -40.06
N GLU K 308 5.28 -4.44 -39.38
CA GLU K 308 6.71 -4.57 -39.26
C GLU K 308 6.91 -5.56 -38.15
N LEU K 309 6.10 -5.38 -37.07
CA LEU K 309 5.90 -6.32 -36.01
C LEU K 309 4.61 -6.97 -36.38
N GLN K 310 4.64 -7.66 -37.55
CA GLN K 310 3.59 -8.52 -38.04
C GLN K 310 3.82 -9.69 -37.18
N CYS K 311 2.90 -9.90 -36.21
CA CYS K 311 3.28 -10.73 -35.11
C CYS K 311 2.16 -11.56 -34.66
N ILE K 312 2.51 -12.54 -33.82
CA ILE K 312 1.66 -13.56 -33.37
C ILE K 312 1.56 -13.32 -31.91
N GLY K 313 0.30 -13.18 -31.46
CA GLY K 313 -0.04 -12.75 -30.16
C GLY K 313 -0.54 -14.01 -29.57
N ALA K 314 -0.14 -14.29 -28.33
CA ALA K 314 -0.60 -15.45 -27.62
C ALA K 314 -1.26 -14.81 -26.45
N THR K 315 -2.59 -14.88 -26.47
CA THR K 315 -3.45 -14.27 -25.52
C THR K 315 -4.42 -15.33 -25.12
N THR K 316 -5.26 -14.99 -24.14
CA THR K 316 -6.04 -15.92 -23.39
C THR K 316 -7.39 -15.27 -23.40
N LEU K 317 -8.35 -15.95 -22.74
CA LEU K 317 -9.71 -15.56 -22.49
C LEU K 317 -9.92 -14.09 -22.18
N ASP K 318 -9.09 -13.50 -21.27
CA ASP K 318 -9.32 -12.16 -20.76
C ASP K 318 -8.44 -11.21 -21.53
N GLU K 319 -7.15 -11.57 -21.73
CA GLU K 319 -6.15 -10.84 -22.47
C GLU K 319 -6.57 -10.22 -23.79
N TYR K 320 -7.44 -10.89 -24.60
CA TYR K 320 -7.89 -10.37 -25.88
C TYR K 320 -8.69 -9.11 -25.72
N ARG K 321 -9.65 -9.07 -24.76
CA ARG K 321 -10.35 -7.88 -24.29
C ARG K 321 -9.42 -6.72 -24.02
N LYS K 322 -8.28 -7.05 -23.38
CA LYS K 322 -7.26 -6.16 -22.92
C LYS K 322 -6.21 -5.96 -23.98
N TYR K 323 -6.62 -5.74 -25.24
CA TYR K 323 -5.68 -5.51 -26.32
C TYR K 323 -6.43 -4.82 -27.44
N ILE K 324 -7.64 -5.34 -27.72
CA ILE K 324 -8.61 -4.79 -28.65
C ILE K 324 -9.24 -3.54 -28.10
N GLU K 325 -9.17 -3.36 -26.76
CA GLU K 325 -9.62 -2.16 -26.09
C GLU K 325 -8.82 -0.94 -26.44
N LYS K 326 -7.51 -1.07 -26.74
CA LYS K 326 -6.71 0.04 -27.19
C LYS K 326 -7.19 0.64 -28.49
N ASP K 327 -6.88 -0.01 -29.64
CA ASP K 327 -7.32 0.38 -30.96
C ASP K 327 -6.74 1.70 -31.43
N ALA K 328 -6.64 1.98 -32.76
CA ALA K 328 -6.87 1.10 -33.87
C ALA K 328 -5.49 0.87 -34.39
N ALA K 329 -4.73 0.02 -33.67
CA ALA K 329 -3.44 -0.43 -34.08
C ALA K 329 -3.09 -1.61 -33.22
N LEU K 330 -4.00 -1.95 -32.30
CA LEU K 330 -3.97 -3.13 -31.48
C LEU K 330 -5.34 -3.76 -31.67
N GLU K 331 -6.07 -3.27 -32.69
CA GLU K 331 -7.39 -3.68 -33.06
C GLU K 331 -7.53 -3.31 -34.51
N ARG K 332 -6.41 -2.86 -35.13
CA ARG K 332 -6.27 -2.65 -36.54
C ARG K 332 -4.98 -3.34 -36.83
N ARG K 333 -4.79 -4.49 -36.14
CA ARG K 333 -3.61 -5.29 -36.18
C ARG K 333 -4.11 -6.64 -35.78
N PHE K 334 -4.66 -6.73 -34.55
CA PHE K 334 -5.21 -7.93 -33.95
C PHE K 334 -6.25 -8.61 -34.80
N GLN K 335 -6.47 -9.92 -34.59
CA GLN K 335 -7.58 -10.63 -35.18
C GLN K 335 -7.50 -12.02 -34.58
N PRO K 336 -8.57 -12.68 -34.14
CA PRO K 336 -8.44 -13.77 -33.20
C PRO K 336 -8.51 -15.03 -33.98
N ILE K 337 -8.12 -16.17 -33.40
CA ILE K 337 -8.26 -17.43 -34.06
C ILE K 337 -8.52 -18.38 -32.96
N GLN K 338 -9.35 -19.38 -33.31
CA GLN K 338 -9.95 -20.31 -32.41
C GLN K 338 -8.96 -21.43 -32.23
N VAL K 339 -8.46 -21.63 -30.99
CA VAL K 339 -7.41 -22.59 -30.64
C VAL K 339 -7.96 -23.76 -29.86
N ASP K 340 -7.40 -24.99 -30.13
CA ASP K 340 -7.81 -26.27 -29.58
C ASP K 340 -6.98 -26.60 -28.34
N GLN K 341 -7.53 -27.49 -27.48
CA GLN K 341 -6.86 -28.10 -26.35
C GLN K 341 -7.43 -29.49 -26.28
N PRO K 342 -6.70 -30.53 -25.87
CA PRO K 342 -7.10 -31.92 -26.05
C PRO K 342 -8.45 -32.35 -25.53
N SER K 343 -9.26 -32.95 -26.43
CA SER K 343 -10.45 -33.71 -26.13
C SER K 343 -10.02 -35.13 -25.87
N VAL K 344 -10.94 -35.99 -25.41
CA VAL K 344 -10.72 -37.36 -25.00
C VAL K 344 -9.85 -38.20 -25.94
N ASP K 345 -10.09 -38.14 -27.28
CA ASP K 345 -9.32 -38.86 -28.28
C ASP K 345 -7.89 -38.40 -28.41
N GLU K 346 -7.72 -37.06 -28.40
CA GLU K 346 -6.46 -36.35 -28.45
C GLU K 346 -5.55 -36.73 -27.33
N SER K 347 -6.13 -36.89 -26.12
CA SER K 347 -5.51 -37.36 -24.90
C SER K 347 -4.74 -38.62 -25.14
N ILE K 348 -5.43 -39.71 -25.59
CA ILE K 348 -4.86 -40.99 -25.98
C ILE K 348 -3.59 -40.86 -26.80
N GLN K 349 -3.62 -39.97 -27.84
CA GLN K 349 -2.53 -39.79 -28.78
C GLN K 349 -1.28 -39.18 -28.17
N ILE K 350 -1.47 -38.23 -27.22
CA ILE K 350 -0.43 -37.54 -26.50
C ILE K 350 0.35 -38.51 -25.65
N LEU K 351 -0.40 -39.35 -24.90
CA LEU K 351 0.08 -40.40 -24.04
C LEU K 351 1.10 -41.26 -24.70
N GLN K 352 0.70 -41.90 -25.84
CA GLN K 352 1.57 -42.74 -26.64
C GLN K 352 2.85 -42.05 -27.05
N GLY K 353 2.70 -40.80 -27.57
CA GLY K 353 3.78 -40.03 -28.13
C GLY K 353 4.94 -39.73 -27.25
N LEU K 354 4.70 -39.52 -25.94
CA LEU K 354 5.79 -39.34 -25.03
C LEU K 354 5.89 -40.46 -24.08
N ARG K 355 5.15 -41.57 -24.21
CA ARG K 355 5.42 -42.74 -23.41
C ARG K 355 6.80 -43.27 -23.66
N ASP K 356 7.03 -43.63 -24.94
CA ASP K 356 8.14 -44.32 -25.56
C ASP K 356 9.55 -43.85 -25.28
N ARG K 357 9.72 -42.63 -24.76
CA ARG K 357 11.00 -41.98 -24.62
C ARG K 357 11.46 -42.14 -23.19
N TYR K 358 10.51 -42.58 -22.33
CA TYR K 358 10.75 -42.92 -20.96
C TYR K 358 11.00 -44.39 -20.84
N GLU K 359 11.43 -45.04 -21.96
CA GLU K 359 11.97 -46.38 -21.99
C GLU K 359 13.47 -46.29 -21.73
N ALA K 360 13.95 -45.04 -21.54
CA ALA K 360 15.23 -44.72 -20.95
C ALA K 360 15.11 -45.18 -19.52
N HIS K 361 13.91 -44.93 -18.93
CA HIS K 361 13.46 -45.33 -17.62
C HIS K 361 12.84 -46.70 -17.68
N HIS K 362 13.43 -47.60 -18.51
CA HIS K 362 13.32 -49.05 -18.50
C HIS K 362 11.98 -49.58 -18.13
N ARG K 363 10.97 -49.16 -18.92
CA ARG K 363 9.57 -49.40 -18.72
C ARG K 363 8.99 -48.14 -19.22
N VAL K 364 7.80 -48.19 -19.84
CA VAL K 364 7.03 -47.06 -20.28
C VAL K 364 7.65 -46.72 -21.60
N SER K 365 7.62 -47.55 -22.67
CA SER K 365 6.92 -48.75 -23.09
C SER K 365 5.68 -49.29 -22.41
N ILE K 366 4.66 -49.57 -23.25
CA ILE K 366 3.42 -50.27 -23.05
C ILE K 366 2.43 -49.48 -22.24
N THR K 367 1.10 -49.61 -22.47
CA THR K 367 0.43 -50.42 -23.46
C THR K 367 -0.57 -49.48 -24.04
N ASP K 368 -1.05 -49.76 -25.27
CA ASP K 368 -2.14 -49.05 -25.90
C ASP K 368 -3.32 -48.98 -24.99
N ASP K 369 -3.83 -50.17 -24.60
CA ASP K 369 -4.89 -50.41 -23.67
C ASP K 369 -4.73 -49.69 -22.34
N ALA K 370 -3.46 -49.49 -21.92
CA ALA K 370 -3.07 -48.94 -20.67
C ALA K 370 -3.26 -47.48 -20.68
N ILE K 371 -2.79 -46.84 -21.77
CA ILE K 371 -3.05 -45.47 -22.12
C ILE K 371 -4.50 -45.21 -22.08
N GLU K 372 -5.29 -45.97 -22.87
CA GLU K 372 -6.72 -45.98 -22.89
C GLU K 372 -7.34 -45.97 -21.52
N ALA K 373 -6.76 -46.73 -20.55
CA ALA K 373 -7.22 -46.69 -19.20
C ALA K 373 -6.96 -45.37 -18.54
N ALA K 374 -5.69 -44.88 -18.52
CA ALA K 374 -5.31 -43.56 -18.07
C ALA K 374 -6.25 -42.49 -18.52
N VAL K 375 -6.34 -42.29 -19.85
CA VAL K 375 -7.22 -41.43 -20.59
C VAL K 375 -8.68 -41.67 -20.33
N LYS K 376 -9.30 -42.73 -20.92
CA LYS K 376 -10.75 -42.95 -20.91
C LYS K 376 -11.36 -42.84 -19.54
N LEU K 377 -10.69 -43.48 -18.54
CA LEU K 377 -11.19 -43.51 -17.19
C LEU K 377 -11.15 -42.14 -16.60
N SER K 378 -10.11 -41.34 -16.94
CA SER K 378 -9.85 -40.00 -16.45
C SER K 378 -10.79 -38.95 -16.91
N ASP K 379 -11.18 -39.02 -18.19
CA ASP K 379 -11.93 -37.99 -18.87
C ASP K 379 -13.25 -37.73 -18.18
N ARG K 380 -13.90 -38.83 -17.76
CA ARG K 380 -15.18 -38.87 -17.13
C ARG K 380 -15.06 -38.93 -15.63
N TYR K 381 -14.11 -39.71 -15.08
CA TYR K 381 -13.99 -39.89 -13.65
C TYR K 381 -12.54 -39.75 -13.26
N ILE K 382 -12.23 -38.90 -12.25
CA ILE K 382 -10.89 -38.51 -11.83
C ILE K 382 -10.07 -38.02 -13.02
N SER K 383 -10.42 -36.84 -13.62
CA SER K 383 -11.21 -35.71 -13.19
C SER K 383 -10.62 -35.07 -11.98
N ASP K 384 -9.34 -34.68 -12.11
CA ASP K 384 -8.57 -34.07 -11.06
C ASP K 384 -7.60 -33.11 -11.68
N ARG K 385 -7.42 -33.16 -13.03
CA ARG K 385 -6.57 -32.25 -13.77
C ARG K 385 -7.28 -32.01 -15.10
N PHE K 386 -6.56 -32.03 -16.25
CA PHE K 386 -7.13 -31.95 -17.58
C PHE K 386 -7.10 -33.31 -18.24
N LEU K 387 -7.90 -33.50 -19.32
CA LEU K 387 -8.13 -34.76 -20.02
C LEU K 387 -6.89 -35.60 -20.33
N PRO K 388 -5.70 -35.06 -20.61
CA PRO K 388 -4.49 -35.87 -20.79
C PRO K 388 -3.61 -35.79 -19.56
N ASP K 389 -3.65 -34.68 -18.78
CA ASP K 389 -2.81 -34.47 -17.62
C ASP K 389 -3.10 -35.52 -16.56
N LYS K 390 -4.40 -35.75 -16.25
CA LYS K 390 -4.92 -36.78 -15.38
C LYS K 390 -4.27 -38.11 -15.67
N ALA K 391 -4.52 -38.53 -16.93
CA ALA K 391 -4.03 -39.68 -17.63
C ALA K 391 -2.60 -40.05 -17.36
N ILE K 392 -1.59 -39.36 -17.93
CA ILE K 392 -0.15 -39.61 -17.76
C ILE K 392 0.33 -39.97 -16.37
N ASP K 393 -0.35 -39.48 -15.29
CA ASP K 393 0.04 -39.78 -13.94
C ASP K 393 -0.30 -41.19 -13.64
N LEU K 394 -1.50 -41.57 -14.09
CA LEU K 394 -2.02 -42.88 -13.92
C LEU K 394 -1.22 -43.92 -14.60
N ILE K 395 -0.93 -43.67 -15.91
CA ILE K 395 -0.04 -44.45 -16.71
C ILE K 395 1.26 -44.62 -15.98
N ASP K 396 1.90 -43.52 -15.56
CA ASP K 396 3.15 -43.57 -14.87
C ASP K 396 3.25 -44.11 -13.49
N GLU K 397 2.32 -43.88 -12.54
CA GLU K 397 2.30 -44.56 -11.25
C GLU K 397 2.48 -46.01 -11.49
N ALA K 398 1.65 -46.51 -12.42
CA ALA K 398 1.60 -47.90 -12.75
C ALA K 398 2.83 -48.30 -13.53
N GLY K 399 3.43 -47.30 -14.20
CA GLY K 399 4.64 -47.29 -14.96
C GLY K 399 5.82 -47.21 -14.06
N SER K 400 5.68 -47.78 -12.85
CA SER K 400 6.68 -47.77 -11.83
C SER K 400 6.29 -48.81 -10.83
N LYS K 401 5.01 -48.74 -10.41
CA LYS K 401 4.27 -49.53 -9.46
C LYS K 401 4.61 -50.96 -9.50
N VAL K 402 4.65 -51.51 -10.73
CA VAL K 402 4.81 -52.92 -10.86
C VAL K 402 6.22 -53.31 -10.69
N ARG K 403 7.20 -52.54 -11.20
CA ARG K 403 8.60 -52.73 -10.88
C ARG K 403 8.94 -52.63 -9.41
N LEU K 404 8.02 -52.10 -8.57
CA LEU K 404 8.32 -51.93 -7.19
C LEU K 404 7.83 -53.15 -6.45
N ARG K 405 6.54 -53.55 -6.60
CA ARG K 405 6.05 -54.85 -6.16
C ARG K 405 6.76 -56.10 -6.69
N SER K 406 7.47 -55.96 -7.83
CA SER K 406 8.31 -56.93 -8.51
C SER K 406 9.48 -57.26 -7.69
N PHE K 407 10.10 -56.17 -7.19
CA PHE K 407 11.38 -56.15 -6.58
C PHE K 407 11.01 -55.72 -5.20
N THR K 408 10.11 -56.51 -4.54
CA THR K 408 9.55 -56.22 -3.24
C THR K 408 10.53 -56.69 -2.18
N THR K 409 11.53 -57.44 -2.63
CA THR K 409 12.65 -57.97 -1.91
C THR K 409 13.73 -57.99 -2.99
N PRO K 410 14.97 -58.45 -2.79
CA PRO K 410 15.66 -59.42 -3.65
C PRO K 410 14.81 -60.62 -4.07
N PRO K 411 15.26 -61.83 -4.38
CA PRO K 411 14.33 -62.91 -4.73
C PRO K 411 13.42 -63.38 -3.61
N ASN K 412 13.61 -62.81 -2.39
CA ASN K 412 12.99 -63.01 -1.10
C ASN K 412 14.16 -63.19 -0.16
N LEU K 413 15.37 -63.18 -0.78
CA LEU K 413 16.73 -63.10 -0.30
C LEU K 413 17.06 -61.81 0.39
N LYS K 414 16.03 -61.08 0.84
CA LYS K 414 16.11 -59.94 1.73
C LYS K 414 16.73 -60.33 3.05
N GLU K 415 16.62 -61.61 3.41
CA GLU K 415 17.10 -62.21 4.64
C GLU K 415 18.60 -62.22 4.62
N LEU K 416 19.22 -62.41 3.44
CA LEU K 416 20.64 -62.37 3.21
C LEU K 416 21.26 -61.16 3.82
N GLU K 417 20.87 -59.93 3.42
CA GLU K 417 21.34 -58.69 4.02
C GLU K 417 21.31 -58.71 5.53
N GLN K 418 20.18 -59.17 6.13
CA GLN K 418 20.00 -59.42 7.55
C GLN K 418 21.07 -60.30 8.14
N LYS K 419 21.42 -61.43 7.45
CA LYS K 419 22.47 -62.35 7.83
C LYS K 419 23.76 -61.60 7.88
N LEU K 420 24.20 -61.02 6.72
CA LEU K 420 25.41 -60.25 6.55
C LEU K 420 25.63 -59.23 7.63
N ASP K 421 24.53 -58.65 8.20
CA ASP K 421 24.59 -57.71 9.31
C ASP K 421 25.21 -58.40 10.47
N GLU K 422 24.49 -59.40 11.04
CA GLU K 422 24.91 -60.29 12.09
C GLU K 422 26.32 -60.78 12.00
N VAL K 423 26.83 -61.05 10.78
CA VAL K 423 28.18 -61.45 10.51
C VAL K 423 29.10 -60.35 10.88
N ARG K 424 29.09 -59.23 10.12
CA ARG K 424 29.83 -57.99 10.31
C ARG K 424 30.08 -57.68 11.76
N LYS K 425 29.01 -57.54 12.57
CA LYS K 425 28.93 -57.47 14.01
C LYS K 425 29.81 -58.44 14.70
N GLU K 426 29.49 -59.76 14.63
CA GLU K 426 30.28 -60.90 15.11
C GLU K 426 31.72 -60.68 14.81
N LYS K 427 32.06 -60.52 13.51
CA LYS K 427 33.33 -60.19 12.93
C LYS K 427 34.02 -59.07 13.62
N ASP K 428 33.39 -57.89 13.58
CA ASP K 428 33.80 -56.60 14.05
C ASP K 428 34.14 -56.74 15.48
N ALA K 429 33.13 -56.92 16.34
CA ALA K 429 33.26 -57.11 17.76
C ALA K 429 34.24 -58.18 18.13
N ALA K 430 34.24 -59.33 17.40
CA ALA K 430 35.22 -60.36 17.59
C ALA K 430 36.61 -59.91 17.33
N VAL K 431 36.87 -59.23 16.21
CA VAL K 431 38.17 -58.67 15.92
C VAL K 431 38.59 -57.56 16.85
N GLN K 432 37.63 -56.83 17.46
CA GLN K 432 37.98 -55.73 18.32
C GLN K 432 38.47 -56.28 19.64
N SER K 433 38.06 -57.52 19.99
CA SER K 433 38.48 -58.17 21.21
C SER K 433 39.61 -59.16 20.97
N GLN K 434 39.46 -59.97 19.91
CA GLN K 434 40.29 -61.03 19.37
C GLN K 434 40.44 -62.17 20.35
N GLU K 435 39.96 -63.42 20.06
CA GLU K 435 39.23 -63.93 18.93
C GLU K 435 39.97 -63.74 17.64
N PHE K 436 41.26 -64.17 17.59
CA PHE K 436 42.07 -63.98 16.40
C PHE K 436 41.49 -64.76 15.24
N GLU K 437 41.68 -66.09 15.21
CA GLU K 437 41.03 -67.00 14.30
C GLU K 437 39.53 -67.12 14.46
N LYS K 438 39.02 -66.71 15.65
CA LYS K 438 37.61 -66.54 15.93
C LYS K 438 37.07 -65.28 15.31
N ALA K 439 37.92 -64.50 14.60
CA ALA K 439 37.59 -63.32 13.86
C ALA K 439 37.77 -63.83 12.49
N ALA K 440 38.89 -64.49 12.15
CA ALA K 440 39.19 -65.12 10.89
C ALA K 440 38.06 -65.57 10.04
N SER K 441 37.32 -66.55 10.60
CA SER K 441 36.20 -67.20 10.00
C SER K 441 35.04 -66.29 9.85
N LEU K 442 34.92 -65.32 10.78
CA LEU K 442 33.94 -64.29 10.77
C LEU K 442 34.15 -63.34 9.62
N ARG K 443 35.41 -62.90 9.32
CA ARG K 443 35.68 -62.10 8.14
C ARG K 443 35.29 -62.82 6.93
N ASP K 444 35.86 -64.01 6.76
CA ASP K 444 35.59 -64.82 5.62
C ASP K 444 34.13 -65.02 5.38
N THR K 445 33.36 -65.41 6.44
CA THR K 445 31.92 -65.46 6.35
C THR K 445 31.27 -64.17 6.00
N GLU K 446 31.75 -63.02 6.52
CA GLU K 446 31.20 -61.74 6.18
C GLU K 446 31.30 -61.38 4.73
N GLN K 447 32.51 -61.06 4.21
CA GLN K 447 32.67 -60.71 2.81
C GLN K 447 32.27 -61.72 1.78
N ARG K 448 32.39 -63.04 2.05
CA ARG K 448 31.76 -64.08 1.25
C ARG K 448 30.30 -63.87 1.02
N LEU K 449 29.54 -63.75 2.14
CA LEU K 449 28.10 -63.51 2.28
C LEU K 449 27.77 -62.29 1.51
N ARG K 450 28.45 -61.17 1.81
CA ARG K 450 28.26 -59.83 1.32
C ARG K 450 28.14 -59.86 -0.19
N GLU K 451 29.20 -60.34 -0.88
CA GLU K 451 29.28 -60.56 -2.31
C GLU K 451 28.18 -61.44 -2.90
N GLN K 452 27.76 -62.52 -2.19
CA GLN K 452 26.67 -63.45 -2.45
C GLN K 452 25.34 -62.75 -2.48
N VAL K 453 25.11 -61.86 -1.49
CA VAL K 453 23.97 -61.00 -1.34
C VAL K 453 23.88 -60.23 -2.62
N GLU K 454 24.89 -59.39 -2.91
CA GLU K 454 24.99 -58.57 -4.09
C GLU K 454 24.77 -59.33 -5.40
N ASP K 455 25.20 -60.63 -5.48
CA ASP K 455 24.98 -61.49 -6.63
C ASP K 455 23.53 -61.82 -6.84
N THR K 456 22.80 -61.98 -5.72
CA THR K 456 21.42 -62.35 -5.66
C THR K 456 20.53 -61.14 -5.55
N LYS K 457 21.10 -59.93 -5.42
CA LYS K 457 20.35 -58.70 -5.38
C LYS K 457 20.09 -58.32 -6.80
N LYS K 458 20.94 -58.84 -7.71
CA LYS K 458 20.76 -58.68 -9.12
C LYS K 458 20.23 -59.96 -9.67
N SER K 459 19.93 -60.99 -8.82
CA SER K 459 19.13 -62.09 -9.28
C SER K 459 17.67 -61.70 -9.44
N TRP K 460 17.14 -60.63 -8.79
CA TRP K 460 15.88 -60.07 -9.22
C TRP K 460 16.10 -58.87 -10.11
N LYS K 461 17.15 -58.94 -10.96
CA LYS K 461 17.26 -58.32 -12.25
C LYS K 461 16.78 -59.30 -13.26
N GLU K 462 16.55 -60.58 -12.84
CA GLU K 462 15.91 -61.55 -13.68
C GLU K 462 14.46 -61.19 -13.61
N LYS K 463 14.02 -60.73 -12.42
CA LYS K 463 12.73 -60.15 -12.16
C LYS K 463 12.55 -58.80 -12.80
N GLN K 464 13.62 -58.23 -13.40
CA GLN K 464 13.58 -57.00 -14.14
C GLN K 464 13.28 -57.40 -15.54
N GLY K 465 14.07 -58.34 -16.11
CA GLY K 465 13.85 -58.88 -17.42
C GLY K 465 12.57 -59.65 -17.56
N GLN K 466 12.00 -60.11 -16.42
CA GLN K 466 10.70 -60.74 -16.35
C GLN K 466 9.64 -59.68 -16.37
N GLU K 467 9.76 -58.69 -15.46
CA GLU K 467 8.66 -57.82 -15.15
C GLU K 467 8.69 -56.42 -15.69
N ASN K 468 9.82 -55.68 -15.51
CA ASN K 468 10.08 -54.27 -15.78
C ASN K 468 9.66 -53.61 -17.08
N SER K 469 8.64 -54.08 -17.80
CA SER K 469 7.71 -53.10 -18.29
C SER K 469 6.34 -53.59 -18.01
N GLU K 470 5.61 -52.91 -17.12
CA GLU K 470 4.20 -53.12 -16.97
C GLU K 470 3.63 -51.78 -16.77
N VAL K 471 2.71 -51.45 -17.68
CA VAL K 471 1.98 -50.23 -17.67
C VAL K 471 0.85 -50.68 -18.52
N THR K 472 -0.13 -51.37 -17.91
CA THR K 472 -1.13 -52.15 -18.60
C THR K 472 -2.43 -51.56 -18.13
N VAL K 473 -3.55 -51.78 -18.84
CA VAL K 473 -4.92 -51.53 -18.41
C VAL K 473 -5.11 -51.47 -16.93
N ASP K 474 -5.18 -52.66 -16.29
CA ASP K 474 -5.35 -52.89 -14.88
C ASP K 474 -4.41 -52.12 -14.01
N ASP K 475 -3.14 -52.03 -14.43
CA ASP K 475 -2.11 -51.34 -13.73
C ASP K 475 -2.45 -49.90 -13.54
N ILE K 476 -2.84 -49.27 -14.67
CA ILE K 476 -3.17 -47.88 -14.83
C ILE K 476 -4.41 -47.61 -14.07
N ALA K 477 -5.38 -48.52 -14.24
CA ALA K 477 -6.70 -48.51 -13.73
C ALA K 477 -6.67 -48.51 -12.24
N MET K 478 -5.69 -49.24 -11.64
CA MET K 478 -5.45 -49.32 -10.22
C MET K 478 -5.07 -47.95 -9.81
N VAL K 479 -4.18 -47.28 -10.56
CA VAL K 479 -3.76 -45.93 -10.28
C VAL K 479 -4.91 -44.96 -10.35
N VAL K 480 -5.80 -45.14 -11.36
CA VAL K 480 -6.89 -44.22 -11.56
C VAL K 480 -7.81 -44.33 -10.39
N SER K 481 -8.09 -45.57 -9.90
CA SER K 481 -8.77 -45.66 -8.63
C SER K 481 -7.97 -45.20 -7.42
N SER K 482 -6.63 -45.41 -7.43
CA SER K 482 -5.74 -45.09 -6.33
C SER K 482 -5.67 -43.65 -5.93
N TRP K 483 -5.56 -42.74 -6.92
CA TRP K 483 -5.48 -41.35 -6.60
C TRP K 483 -6.73 -40.74 -6.16
N THR K 484 -7.69 -40.73 -7.11
CA THR K 484 -8.89 -39.94 -7.06
C THR K 484 -8.52 -38.48 -6.72
N ALA K 492 -9.65 -51.13 -19.65
CA ALA K 492 -9.21 -50.17 -18.60
C ALA K 492 -9.45 -50.73 -17.24
N GLN K 493 -9.08 -52.02 -17.13
CA GLN K 493 -9.45 -53.00 -16.15
C GLN K 493 -9.87 -52.62 -14.78
N THR K 494 -9.01 -52.35 -13.78
CA THR K 494 -9.55 -52.21 -12.42
C THR K 494 -10.12 -50.86 -12.06
N GLU K 495 -10.74 -50.17 -13.03
CA GLU K 495 -11.76 -49.17 -12.84
C GLU K 495 -12.97 -49.60 -13.59
N THR K 496 -12.80 -50.41 -14.66
CA THR K 496 -13.92 -50.88 -15.42
C THR K 496 -14.43 -52.15 -14.81
N ASP K 497 -13.66 -52.77 -13.89
CA ASP K 497 -14.13 -53.88 -13.11
C ASP K 497 -14.98 -53.32 -12.01
N LYS K 498 -14.66 -52.10 -11.52
CA LYS K 498 -15.51 -51.29 -10.67
C LYS K 498 -16.82 -50.92 -11.32
N LEU K 499 -16.80 -50.74 -12.66
CA LEU K 499 -17.91 -50.30 -13.46
C LEU K 499 -18.84 -51.45 -13.69
N LEU K 500 -18.30 -52.55 -14.26
CA LEU K 500 -18.99 -53.80 -14.50
C LEU K 500 -19.59 -54.41 -13.26
N ASN K 501 -18.88 -54.31 -12.11
CA ASN K 501 -19.27 -54.89 -10.86
C ASN K 501 -19.84 -53.84 -9.95
N MET K 502 -20.22 -52.66 -10.49
CA MET K 502 -20.77 -51.54 -9.77
C MET K 502 -21.87 -51.87 -8.79
N GLU K 503 -22.86 -52.72 -9.19
CA GLU K 503 -23.98 -53.12 -8.35
C GLU K 503 -23.49 -53.75 -7.08
N ASN K 504 -22.55 -54.72 -7.17
CA ASN K 504 -21.90 -55.37 -6.06
C ASN K 504 -21.26 -54.41 -5.08
N ILE K 505 -20.69 -53.29 -5.59
CA ILE K 505 -19.92 -52.34 -4.84
C ILE K 505 -20.89 -51.40 -4.18
N LEU K 506 -21.90 -50.94 -4.93
CA LEU K 506 -22.92 -50.06 -4.42
C LEU K 506 -23.82 -50.70 -3.39
N HIS K 507 -24.07 -52.03 -3.42
CA HIS K 507 -24.90 -52.67 -2.42
C HIS K 507 -24.27 -52.77 -1.06
N SER K 508 -22.92 -52.80 -0.99
CA SER K 508 -22.21 -53.18 0.22
C SER K 508 -22.19 -52.13 1.29
N ARG K 509 -22.78 -50.94 1.02
CA ARG K 509 -22.84 -49.88 1.99
C ARG K 509 -24.27 -49.45 2.05
N VAL K 510 -25.01 -49.62 0.94
CA VAL K 510 -26.41 -49.30 0.82
C VAL K 510 -27.20 -50.33 1.55
N ILE K 511 -28.14 -49.84 2.37
CA ILE K 511 -28.76 -50.59 3.41
C ILE K 511 -29.86 -51.44 2.87
N GLY K 512 -29.51 -52.69 2.48
CA GLY K 512 -30.33 -53.53 1.66
C GLY K 512 -30.58 -52.83 0.38
N GLN K 513 -31.86 -52.84 -0.04
CA GLN K 513 -32.38 -52.07 -1.13
C GLN K 513 -31.77 -52.49 -2.40
N ASP K 514 -32.14 -53.71 -2.82
CA ASP K 514 -31.70 -54.29 -4.04
C ASP K 514 -32.24 -53.46 -5.18
N GLU K 515 -33.47 -52.95 -5.00
CA GLU K 515 -34.12 -51.94 -5.77
C GLU K 515 -33.32 -50.68 -5.99
N ALA K 516 -32.82 -50.01 -4.92
CA ALA K 516 -32.11 -48.76 -5.02
C ALA K 516 -30.80 -48.89 -5.72
N VAL K 517 -29.98 -49.85 -5.22
CA VAL K 517 -28.66 -50.15 -5.70
C VAL K 517 -28.53 -50.44 -7.16
N VAL K 518 -29.37 -51.35 -7.68
CA VAL K 518 -29.30 -51.79 -9.06
C VAL K 518 -29.69 -50.70 -10.01
N ALA K 519 -30.63 -49.82 -9.58
CA ALA K 519 -31.09 -48.72 -10.37
C ALA K 519 -30.00 -47.70 -10.56
N VAL K 520 -29.32 -47.30 -9.45
CA VAL K 520 -28.20 -46.39 -9.51
C VAL K 520 -27.03 -46.97 -10.24
N ALA K 521 -26.59 -48.18 -9.83
CA ALA K 521 -25.54 -48.96 -10.44
C ALA K 521 -25.55 -49.01 -11.92
N LYS K 522 -26.69 -49.40 -12.52
CA LYS K 522 -26.79 -49.57 -13.94
C LYS K 522 -26.76 -48.25 -14.63
N ALA K 523 -27.32 -47.18 -14.03
CA ALA K 523 -27.40 -45.88 -14.65
C ALA K 523 -26.07 -45.19 -14.71
N VAL K 524 -25.30 -45.27 -13.62
CA VAL K 524 -23.95 -44.75 -13.57
C VAL K 524 -23.07 -45.55 -14.51
N ARG K 525 -23.15 -46.90 -14.47
CA ARG K 525 -22.42 -47.82 -15.31
C ARG K 525 -22.68 -47.64 -16.78
N ARG K 526 -23.91 -47.18 -17.13
CA ARG K 526 -24.33 -46.83 -18.46
C ARG K 526 -23.52 -45.65 -18.92
N ALA K 527 -23.60 -44.50 -18.23
CA ALA K 527 -22.79 -43.34 -18.56
C ALA K 527 -21.29 -43.56 -18.55
N ARG K 528 -20.78 -44.29 -17.53
CA ARG K 528 -19.37 -44.42 -17.18
C ARG K 528 -18.52 -45.19 -18.19
N ALA K 529 -19.11 -45.69 -19.29
CA ALA K 529 -18.36 -46.35 -20.33
C ALA K 529 -18.91 -45.78 -21.62
N GLY K 530 -19.49 -44.56 -21.53
CA GLY K 530 -19.86 -43.74 -22.64
C GLY K 530 -21.10 -44.22 -23.34
N LEU K 531 -22.13 -44.71 -22.60
CA LEU K 531 -23.27 -45.31 -23.23
C LEU K 531 -24.47 -44.43 -23.05
N LYS K 532 -24.61 -43.74 -21.89
CA LYS K 532 -25.78 -42.93 -21.59
C LYS K 532 -25.57 -41.52 -22.05
N ASP K 533 -25.11 -40.62 -21.14
CA ASP K 533 -24.92 -39.25 -21.49
C ASP K 533 -23.81 -38.67 -20.62
N PRO K 534 -22.77 -38.04 -21.20
CA PRO K 534 -21.64 -37.58 -20.42
C PRO K 534 -21.71 -36.08 -20.31
N LYS K 535 -22.56 -35.39 -21.13
CA LYS K 535 -22.70 -33.95 -21.16
C LYS K 535 -23.86 -33.62 -20.28
N ARG K 536 -23.92 -34.37 -19.18
CA ARG K 536 -24.89 -34.42 -18.16
C ARG K 536 -24.07 -35.10 -17.10
N PRO K 537 -24.51 -35.23 -15.87
CA PRO K 537 -23.85 -36.05 -14.88
C PRO K 537 -23.77 -37.49 -15.34
N ILE K 538 -22.86 -38.29 -14.75
CA ILE K 538 -22.70 -39.69 -14.99
C ILE K 538 -24.00 -40.40 -14.60
N GLY K 539 -24.73 -39.83 -13.64
CA GLY K 539 -26.02 -40.33 -13.30
C GLY K 539 -26.63 -39.16 -12.64
N SER K 540 -27.88 -38.83 -13.01
CA SER K 540 -28.65 -37.94 -12.19
C SER K 540 -29.65 -38.84 -11.58
N PHE K 541 -30.03 -38.50 -10.34
CA PHE K 541 -30.91 -39.30 -9.57
C PHE K 541 -31.55 -38.41 -8.59
N ILE K 542 -32.71 -38.83 -8.09
CA ILE K 542 -33.17 -38.30 -6.84
C ILE K 542 -33.24 -39.53 -6.02
N PHE K 543 -32.79 -39.42 -4.77
CA PHE K 543 -32.70 -40.49 -3.83
C PHE K 543 -33.67 -40.09 -2.79
N LEU K 544 -34.80 -40.78 -2.62
CA LEU K 544 -35.75 -40.35 -1.61
C LEU K 544 -35.68 -41.31 -0.47
N GLY K 545 -36.11 -40.85 0.71
CA GLY K 545 -36.04 -41.63 1.91
C GLY K 545 -35.71 -40.73 3.07
N PRO K 546 -35.65 -41.28 4.26
CA PRO K 546 -35.35 -40.56 5.48
C PRO K 546 -33.87 -40.67 5.71
N THR K 547 -33.42 -40.38 6.95
CA THR K 547 -32.04 -40.52 7.37
C THR K 547 -31.80 -41.99 7.67
N GLY K 548 -30.62 -42.50 7.29
CA GLY K 548 -30.15 -43.82 7.66
C GLY K 548 -30.84 -44.90 6.92
N VAL K 549 -31.16 -44.69 5.63
CA VAL K 549 -31.94 -45.62 4.86
C VAL K 549 -31.14 -46.18 3.73
N GLY K 550 -30.07 -45.48 3.28
CA GLY K 550 -29.19 -45.98 2.25
C GLY K 550 -28.93 -44.94 1.22
N LYS K 551 -29.55 -43.73 1.33
CA LYS K 551 -29.46 -42.64 0.37
C LYS K 551 -28.03 -42.21 0.21
N THR K 552 -27.50 -41.56 1.29
CA THR K 552 -26.15 -41.10 1.50
C THR K 552 -25.15 -42.19 1.22
N GLU K 553 -25.41 -43.39 1.76
CA GLU K 553 -24.57 -44.57 1.64
C GLU K 553 -24.30 -44.96 0.20
N LEU K 554 -25.25 -44.64 -0.73
CA LEU K 554 -25.13 -44.94 -2.13
C LEU K 554 -24.29 -43.89 -2.80
N ALA K 555 -24.55 -42.58 -2.57
CA ALA K 555 -23.66 -41.47 -2.86
C ALA K 555 -22.19 -41.67 -2.55
N ARG K 556 -21.89 -42.25 -1.36
CA ARG K 556 -20.57 -42.60 -0.90
C ARG K 556 -19.99 -43.72 -1.74
N ALA K 557 -20.74 -44.85 -1.81
CA ALA K 557 -20.34 -46.04 -2.54
C ALA K 557 -20.07 -45.81 -4.00
N LEU K 558 -20.64 -44.72 -4.57
CA LEU K 558 -20.46 -44.27 -5.93
C LEU K 558 -19.17 -43.55 -6.01
N ALA K 559 -18.93 -42.53 -5.16
CA ALA K 559 -17.65 -41.87 -5.05
C ALA K 559 -16.48 -42.84 -5.07
N GLU K 560 -16.51 -43.85 -4.17
CA GLU K 560 -15.58 -44.96 -4.14
C GLU K 560 -15.46 -45.74 -5.44
N SER K 561 -16.59 -46.14 -6.07
CA SER K 561 -16.54 -47.06 -7.17
C SER K 561 -16.19 -46.37 -8.45
N ILE K 562 -16.78 -45.18 -8.68
CA ILE K 562 -16.70 -44.49 -9.92
C ILE K 562 -15.41 -43.78 -10.08
N PHE K 563 -14.82 -43.22 -9.00
CA PHE K 563 -13.70 -42.33 -9.16
C PHE K 563 -12.54 -42.98 -8.49
N GLY K 564 -12.84 -43.91 -7.56
CA GLY K 564 -11.84 -44.75 -6.96
C GLY K 564 -11.82 -44.65 -5.49
N ASP K 565 -12.07 -43.43 -4.95
CA ASP K 565 -12.05 -43.19 -3.53
C ASP K 565 -13.19 -42.26 -3.27
N GLU K 566 -13.65 -42.22 -2.00
CA GLU K 566 -14.85 -41.54 -1.57
C GLU K 566 -14.75 -40.04 -1.53
N GLU K 567 -13.54 -39.43 -1.60
CA GLU K 567 -13.35 -38.04 -1.25
C GLU K 567 -13.87 -37.12 -2.34
N SER K 568 -14.10 -37.68 -3.54
CA SER K 568 -14.74 -37.04 -4.65
C SER K 568 -16.24 -37.09 -4.49
N MET K 569 -16.75 -36.42 -3.44
CA MET K 569 -18.16 -36.39 -3.15
C MET K 569 -18.38 -35.07 -2.49
N ILE K 570 -19.13 -34.18 -3.17
CA ILE K 570 -19.72 -33.00 -2.61
C ILE K 570 -20.94 -33.40 -1.82
N ARG K 571 -21.49 -32.46 -1.05
CA ARG K 571 -22.63 -32.72 -0.24
C ARG K 571 -22.94 -31.36 0.31
N ILE K 572 -24.05 -30.83 -0.22
CA ILE K 572 -24.44 -29.45 -0.24
C ILE K 572 -25.79 -29.48 0.40
N ASP K 573 -26.11 -28.48 1.25
CA ASP K 573 -27.41 -28.40 1.85
C ASP K 573 -28.15 -27.35 1.08
N MET K 574 -29.31 -27.72 0.47
CA MET K 574 -30.16 -26.80 -0.24
C MET K 574 -30.80 -25.85 0.72
N SER K 575 -30.94 -26.28 2.00
CA SER K 575 -31.51 -25.57 3.12
C SER K 575 -30.75 -24.34 3.50
N GLU K 576 -29.48 -24.24 3.07
CA GLU K 576 -28.63 -23.08 3.26
C GLU K 576 -28.97 -22.00 2.27
N TYR K 577 -29.52 -22.37 1.09
CA TYR K 577 -29.90 -21.40 0.08
C TYR K 577 -31.04 -21.93 -0.73
N MET K 578 -32.22 -22.09 -0.08
CA MET K 578 -33.43 -22.44 -0.76
C MET K 578 -34.07 -21.18 -1.25
N GLU K 579 -33.75 -20.02 -0.61
CA GLU K 579 -34.55 -18.81 -0.55
C GLU K 579 -36.00 -19.11 -0.23
N LYS K 580 -36.17 -20.01 0.77
CA LYS K 580 -37.45 -20.54 1.19
C LYS K 580 -37.21 -21.29 2.49
N HIS K 581 -35.95 -21.28 3.01
CA HIS K 581 -35.63 -21.87 4.29
C HIS K 581 -34.38 -21.24 4.83
N SER K 582 -34.02 -20.06 4.29
CA SER K 582 -32.76 -19.43 4.58
C SER K 582 -32.85 -18.01 4.11
N THR K 583 -33.94 -17.70 3.37
CA THR K 583 -34.46 -16.44 2.92
C THR K 583 -34.12 -15.21 3.76
N SER K 584 -34.21 -15.31 5.10
CA SER K 584 -34.07 -14.20 6.02
C SER K 584 -33.71 -14.81 7.35
N ARG K 585 -33.39 -16.14 7.36
CA ARG K 585 -33.09 -16.91 8.55
C ARG K 585 -31.61 -17.00 8.75
N LEU K 586 -30.84 -16.43 7.79
CA LEU K 586 -29.40 -16.31 7.75
C LEU K 586 -28.67 -17.60 7.88
N VAL K 587 -29.09 -18.63 7.10
CA VAL K 587 -28.56 -19.95 7.27
C VAL K 587 -27.31 -19.95 6.44
N GLY K 588 -26.17 -20.15 7.13
CA GLY K 588 -24.85 -20.10 6.55
C GLY K 588 -24.32 -18.73 6.87
N SER K 589 -24.76 -17.72 6.08
CA SER K 589 -24.31 -16.35 6.22
C SER K 589 -25.36 -15.51 5.55
N PRO K 590 -25.37 -14.18 5.72
CA PRO K 590 -26.29 -13.26 5.04
C PRO K 590 -26.41 -13.28 3.52
N PRO K 591 -25.54 -13.68 2.58
CA PRO K 591 -25.70 -13.45 1.15
C PRO K 591 -27.03 -13.89 0.62
N GLY K 592 -27.68 -12.96 -0.12
CA GLY K 592 -28.97 -13.15 -0.73
C GLY K 592 -29.08 -14.36 -1.58
N TYR K 593 -29.92 -15.29 -1.09
CA TYR K 593 -29.72 -16.72 -1.09
C TYR K 593 -29.46 -17.39 -2.40
N VAL K 594 -30.14 -17.02 -3.51
CA VAL K 594 -29.86 -17.66 -4.80
C VAL K 594 -28.50 -17.24 -5.32
N GLY K 595 -28.08 -16.00 -4.97
CA GLY K 595 -26.79 -15.40 -5.15
C GLY K 595 -25.74 -16.12 -4.35
N TYR K 596 -26.09 -16.61 -3.15
CA TYR K 596 -25.19 -17.34 -2.30
C TYR K 596 -24.84 -18.68 -2.93
N ASP K 597 -25.86 -19.41 -3.45
CA ASP K 597 -25.68 -20.66 -4.13
C ASP K 597 -24.94 -20.55 -5.43
N GLU K 598 -25.40 -19.65 -6.34
CA GLU K 598 -24.76 -19.51 -7.63
C GLU K 598 -23.45 -18.80 -7.59
N GLY K 599 -23.49 -17.57 -7.04
CA GLY K 599 -22.41 -16.62 -6.96
C GLY K 599 -21.22 -17.09 -6.18
N GLY K 600 -21.43 -18.10 -5.31
CA GLY K 600 -20.39 -18.63 -4.47
C GLY K 600 -20.45 -20.11 -4.46
N GLN K 601 -21.23 -20.66 -3.50
CA GLN K 601 -21.04 -21.99 -2.97
C GLN K 601 -21.08 -23.18 -3.92
N LEU K 602 -22.21 -23.41 -4.64
CA LEU K 602 -22.45 -24.57 -5.46
C LEU K 602 -21.46 -24.66 -6.58
N THR K 603 -21.26 -23.52 -7.26
CA THR K 603 -20.41 -23.40 -8.41
C THR K 603 -18.95 -23.54 -8.06
N GLU K 604 -18.49 -22.91 -6.95
CA GLU K 604 -17.12 -22.98 -6.49
C GLU K 604 -16.69 -24.37 -6.12
N LYS K 605 -17.58 -25.09 -5.40
CA LYS K 605 -17.31 -26.39 -4.86
C LYS K 605 -17.13 -27.47 -5.88
N VAL K 606 -18.12 -27.59 -6.79
CA VAL K 606 -18.10 -28.46 -7.95
C VAL K 606 -17.07 -28.08 -8.99
N ARG K 607 -16.64 -26.80 -9.06
CA ARG K 607 -15.56 -26.37 -9.91
C ARG K 607 -14.24 -26.86 -9.37
N ARG K 608 -14.16 -27.04 -8.03
CA ARG K 608 -12.99 -27.54 -7.35
C ARG K 608 -12.83 -29.02 -7.61
N LYS K 609 -13.86 -29.81 -7.28
CA LYS K 609 -13.89 -31.22 -7.54
C LYS K 609 -14.86 -31.45 -8.67
N PRO K 610 -14.47 -31.79 -9.89
CA PRO K 610 -15.41 -31.92 -11.00
C PRO K 610 -15.99 -33.29 -11.01
N TYR K 611 -15.24 -34.30 -10.51
CA TYR K 611 -15.68 -35.67 -10.38
C TYR K 611 -16.81 -35.80 -9.42
N SER K 612 -16.76 -34.99 -8.33
CA SER K 612 -17.68 -34.96 -7.22
C SER K 612 -19.04 -35.55 -7.42
N VAL K 613 -19.45 -36.51 -6.57
CA VAL K 613 -20.84 -36.88 -6.50
C VAL K 613 -21.46 -35.70 -5.81
N VAL K 614 -22.19 -34.86 -6.58
CA VAL K 614 -22.81 -33.70 -6.00
C VAL K 614 -24.06 -34.19 -5.41
N LEU K 615 -24.15 -34.05 -4.08
CA LEU K 615 -25.27 -34.57 -3.39
C LEU K 615 -25.93 -33.33 -2.92
N LEU K 616 -27.03 -32.91 -3.59
CA LEU K 616 -27.75 -31.72 -3.19
C LEU K 616 -28.87 -32.15 -2.30
N ASP K 617 -28.66 -32.04 -0.97
CA ASP K 617 -29.63 -32.54 -0.03
C ASP K 617 -30.85 -31.66 0.00
N ALA K 618 -32.02 -32.33 0.16
CA ALA K 618 -33.33 -31.79 0.38
C ALA K 618 -33.76 -30.74 -0.60
N ILE K 619 -34.10 -31.22 -1.82
CA ILE K 619 -34.64 -30.45 -2.92
C ILE K 619 -36.14 -30.53 -2.81
N GLU K 620 -36.61 -31.09 -1.68
CA GLU K 620 -37.98 -31.35 -1.33
C GLU K 620 -38.86 -30.13 -1.31
N LYS K 621 -38.39 -29.01 -0.70
CA LYS K 621 -39.24 -27.86 -0.51
C LYS K 621 -38.42 -26.63 -0.65
N ALA K 622 -37.45 -26.67 -1.62
CA ALA K 622 -36.66 -25.52 -1.96
C ALA K 622 -37.51 -24.68 -2.86
N HIS K 623 -37.15 -23.39 -3.03
CA HIS K 623 -37.90 -22.50 -3.89
C HIS K 623 -37.86 -23.03 -5.29
N PRO K 624 -38.92 -22.98 -6.09
CA PRO K 624 -38.92 -23.52 -7.43
C PRO K 624 -37.83 -23.01 -8.36
N ASP K 625 -37.20 -21.85 -8.05
CA ASP K 625 -36.11 -21.27 -8.80
C ASP K 625 -34.85 -22.10 -8.67
N VAL K 626 -34.59 -22.65 -7.47
CA VAL K 626 -33.47 -23.54 -7.18
C VAL K 626 -33.44 -24.74 -8.09
N PHE K 627 -34.64 -25.22 -8.52
CA PHE K 627 -34.80 -26.41 -9.32
C PHE K 627 -34.42 -26.17 -10.74
N ASN K 628 -34.63 -24.94 -11.26
CA ASN K 628 -34.21 -24.49 -12.57
C ASN K 628 -32.72 -24.60 -12.73
N ILE K 629 -31.97 -24.40 -11.62
CA ILE K 629 -30.53 -24.39 -11.57
C ILE K 629 -30.12 -25.84 -11.58
N LEU K 630 -30.77 -26.65 -10.72
CA LEU K 630 -30.53 -28.07 -10.67
C LEU K 630 -30.80 -28.76 -11.99
N LEU K 631 -31.86 -28.35 -12.72
CA LEU K 631 -32.22 -28.84 -14.03
C LEU K 631 -31.14 -28.59 -15.05
N GLN K 632 -30.35 -27.52 -14.84
CA GLN K 632 -29.36 -27.09 -15.80
C GLN K 632 -28.14 -27.93 -15.59
N VAL K 633 -27.88 -28.27 -14.31
CA VAL K 633 -26.83 -29.17 -13.94
C VAL K 633 -27.06 -30.52 -14.54
N LEU K 634 -28.31 -31.02 -14.41
CA LEU K 634 -28.69 -32.34 -14.86
C LEU K 634 -28.69 -32.53 -16.34
N GLU K 635 -29.14 -31.50 -17.09
CA GLU K 635 -29.13 -31.51 -18.53
C GLU K 635 -27.85 -31.13 -19.18
N ASP K 636 -27.32 -29.94 -18.85
CA ASP K 636 -26.24 -29.33 -19.58
C ASP K 636 -24.96 -29.99 -19.18
N GLY K 637 -24.81 -30.32 -17.88
CA GLY K 637 -23.59 -30.86 -17.36
C GLY K 637 -22.72 -29.71 -17.00
N ARG K 638 -23.30 -28.49 -16.97
CA ARG K 638 -22.61 -27.29 -16.62
C ARG K 638 -23.57 -26.36 -15.96
N LEU K 639 -22.99 -25.38 -15.25
CA LEU K 639 -23.68 -24.21 -14.78
C LEU K 639 -22.68 -23.17 -15.10
N THR K 640 -23.13 -21.95 -15.45
CA THR K 640 -22.24 -20.83 -15.62
C THR K 640 -22.74 -19.87 -14.61
N ASP K 641 -21.91 -19.57 -13.59
CA ASP K 641 -22.24 -18.63 -12.55
C ASP K 641 -20.92 -18.12 -12.05
N SER K 642 -20.97 -17.30 -10.97
CA SER K 642 -19.85 -16.75 -10.26
C SER K 642 -19.12 -15.80 -11.18
N LYS K 643 -19.90 -14.97 -11.92
CA LYS K 643 -19.44 -14.01 -12.89
C LYS K 643 -18.67 -14.66 -14.02
N GLY K 644 -19.27 -15.71 -14.63
CA GLY K 644 -18.82 -16.24 -15.90
C GLY K 644 -17.86 -17.38 -15.80
N ARG K 645 -17.79 -18.08 -14.64
CA ARG K 645 -16.96 -19.27 -14.50
C ARG K 645 -17.82 -20.44 -14.87
N THR K 646 -17.22 -21.50 -15.46
CA THR K 646 -17.99 -22.65 -15.87
C THR K 646 -17.52 -23.80 -15.02
N VAL K 647 -18.53 -24.41 -14.36
CA VAL K 647 -18.45 -25.45 -13.38
C VAL K 647 -18.92 -26.74 -13.98
N ASP K 648 -18.07 -27.79 -13.90
CA ASP K 648 -18.21 -29.03 -14.62
C ASP K 648 -19.00 -30.01 -13.77
N PHE K 649 -20.22 -30.29 -14.26
CA PHE K 649 -21.15 -31.25 -13.75
C PHE K 649 -21.25 -32.41 -14.71
N ARG K 650 -20.27 -32.57 -15.63
CA ARG K 650 -20.27 -33.66 -16.58
C ARG K 650 -19.94 -34.94 -15.85
N ASN K 651 -18.89 -34.80 -15.03
CA ASN K 651 -18.22 -35.85 -14.35
C ASN K 651 -18.77 -36.06 -12.97
N THR K 652 -19.58 -35.10 -12.46
CA THR K 652 -20.44 -35.30 -11.33
C THR K 652 -21.43 -36.40 -11.45
N ILE K 653 -21.87 -36.92 -10.28
CA ILE K 653 -23.00 -37.81 -10.18
C ILE K 653 -23.98 -37.10 -9.30
N LEU K 654 -25.05 -36.55 -9.91
CA LEU K 654 -26.04 -35.81 -9.18
C LEU K 654 -26.98 -36.73 -8.50
N ILE K 655 -27.12 -36.50 -7.19
CA ILE K 655 -27.93 -37.26 -6.32
C ILE K 655 -28.56 -36.19 -5.54
N MET K 656 -29.88 -36.03 -5.65
CA MET K 656 -30.56 -34.95 -4.98
C MET K 656 -31.45 -35.67 -4.06
N THR K 657 -31.50 -35.33 -2.75
CA THR K 657 -32.27 -36.15 -1.85
C THR K 657 -33.54 -35.43 -1.50
N SER K 658 -34.47 -36.18 -0.90
CA SER K 658 -35.77 -35.68 -0.54
C SER K 658 -36.16 -36.57 0.58
N ASN K 659 -37.10 -36.11 1.42
CA ASN K 659 -37.58 -36.89 2.53
C ASN K 659 -39.07 -36.79 2.49
N VAL K 660 -39.62 -36.82 1.27
CA VAL K 660 -41.03 -36.75 1.04
C VAL K 660 -41.41 -38.16 0.66
N GLY K 661 -40.42 -38.97 0.18
CA GLY K 661 -40.56 -40.39 0.01
C GLY K 661 -40.56 -41.01 1.36
N ALA K 662 -39.68 -40.48 2.25
CA ALA K 662 -39.44 -40.81 3.64
C ALA K 662 -40.52 -41.48 4.41
N SER K 663 -41.77 -40.95 4.37
CA SER K 663 -42.91 -41.46 5.08
C SER K 663 -43.21 -42.92 4.83
N GLU K 664 -43.07 -43.30 3.55
CA GLU K 664 -43.29 -44.61 3.01
C GLU K 664 -42.05 -45.42 3.20
N LEU K 665 -40.92 -44.70 3.20
CA LEU K 665 -39.59 -45.21 3.31
C LEU K 665 -39.20 -45.10 4.74
N LYS K 666 -40.18 -45.29 5.64
CA LYS K 666 -40.03 -45.37 7.06
C LYS K 666 -41.24 -46.15 7.42
N ARG K 667 -41.22 -47.45 7.10
CA ARG K 667 -42.32 -48.32 7.42
C ARG K 667 -41.77 -49.70 7.39
N ASN K 668 -40.46 -49.81 7.07
CA ASN K 668 -39.68 -51.00 6.87
C ASN K 668 -40.01 -51.43 5.47
N LYS K 669 -39.95 -52.74 5.29
CA LYS K 669 -40.43 -53.42 4.14
C LYS K 669 -41.42 -54.30 4.85
N TYR K 670 -42.19 -53.60 5.74
CA TYR K 670 -43.15 -53.89 6.77
C TYR K 670 -42.87 -55.03 7.69
N VAL K 671 -43.53 -54.93 8.86
CA VAL K 671 -43.62 -55.92 9.91
C VAL K 671 -44.96 -55.55 10.50
N GLY K 672 -45.87 -55.01 9.66
CA GLY K 672 -47.10 -54.37 10.08
C GLY K 672 -48.18 -55.34 10.37
N PHE K 673 -49.40 -55.03 9.87
CA PHE K 673 -50.63 -55.68 10.22
C PHE K 673 -50.72 -57.07 9.64
N ASN K 674 -49.86 -57.36 8.64
CA ASN K 674 -49.81 -58.64 7.99
C ASN K 674 -48.35 -58.89 7.74
N VAL K 675 -48.04 -60.14 7.36
CA VAL K 675 -46.72 -60.52 6.90
C VAL K 675 -46.74 -60.48 5.39
N GLN K 676 -47.88 -60.02 4.83
CA GLN K 676 -48.16 -59.90 3.42
C GLN K 676 -48.30 -58.42 3.19
N ASP K 677 -47.94 -57.63 4.23
CA ASP K 677 -47.93 -56.20 4.27
C ASP K 677 -46.53 -55.79 3.90
N GLU K 678 -45.60 -56.74 4.00
CA GLU K 678 -44.17 -56.60 3.85
C GLU K 678 -43.88 -56.59 2.39
N THR K 679 -44.42 -57.62 1.71
CA THR K 679 -44.42 -57.75 0.28
C THR K 679 -45.39 -56.76 -0.36
N GLN K 680 -45.94 -55.81 0.43
CA GLN K 680 -46.82 -54.79 -0.08
C GLN K 680 -46.20 -53.50 0.31
N ASN K 681 -45.17 -53.52 1.17
CA ASN K 681 -44.37 -52.39 1.47
C ASN K 681 -43.30 -52.23 0.46
N HIS K 682 -42.77 -53.35 -0.07
CA HIS K 682 -41.76 -53.27 -1.11
C HIS K 682 -42.29 -52.48 -2.29
N LYS K 683 -43.27 -53.04 -3.04
CA LYS K 683 -44.02 -52.33 -4.06
C LYS K 683 -44.53 -50.94 -3.72
N ASP K 684 -44.82 -50.67 -2.41
CA ASP K 684 -45.35 -49.40 -1.95
C ASP K 684 -44.26 -48.41 -1.91
N MET K 685 -43.03 -48.83 -1.60
CA MET K 685 -41.99 -47.89 -1.48
C MET K 685 -41.50 -47.56 -2.83
N LYS K 686 -41.37 -48.55 -3.73
CA LYS K 686 -41.06 -48.24 -5.09
C LYS K 686 -42.17 -47.62 -5.92
N ASP K 687 -43.26 -47.04 -5.33
CA ASP K 687 -44.27 -46.42 -6.18
C ASP K 687 -44.70 -45.07 -5.65
N LYS K 688 -45.04 -45.03 -4.34
CA LYS K 688 -45.49 -43.89 -3.57
C LYS K 688 -44.46 -42.82 -3.42
N VAL K 689 -43.19 -43.20 -3.53
CA VAL K 689 -42.12 -42.27 -3.31
C VAL K 689 -41.92 -41.37 -4.49
N MET K 690 -41.66 -41.94 -5.68
CA MET K 690 -41.50 -41.24 -6.93
C MET K 690 -42.67 -40.36 -7.39
N GLY K 691 -43.80 -40.29 -6.62
CA GLY K 691 -44.96 -39.46 -6.90
C GLY K 691 -45.15 -38.38 -5.87
N GLU K 692 -44.50 -38.54 -4.71
CA GLU K 692 -44.40 -37.59 -3.62
C GLU K 692 -43.27 -36.67 -3.95
N LEU K 693 -42.38 -37.17 -4.83
CA LEU K 693 -41.28 -36.52 -5.48
C LEU K 693 -41.84 -35.47 -6.40
N LYS K 694 -42.70 -35.88 -7.35
CA LYS K 694 -43.45 -35.02 -8.25
C LYS K 694 -44.29 -33.96 -7.55
N ARG K 695 -44.78 -34.27 -6.32
CA ARG K 695 -45.63 -33.39 -5.57
C ARG K 695 -44.81 -32.40 -4.79
N ALA K 696 -43.52 -32.73 -4.58
CA ALA K 696 -42.62 -31.94 -3.80
C ALA K 696 -41.96 -30.90 -4.65
N PHE K 697 -41.71 -31.22 -5.95
CA PHE K 697 -41.03 -30.30 -6.83
C PHE K 697 -41.29 -30.68 -8.26
N ARG K 698 -41.11 -29.68 -9.15
CA ARG K 698 -41.27 -29.65 -10.60
C ARG K 698 -41.01 -30.92 -11.39
N PRO K 699 -41.82 -31.29 -12.38
CA PRO K 699 -41.56 -32.41 -13.27
C PRO K 699 -40.47 -32.08 -14.27
N GLU K 700 -40.34 -30.81 -14.72
CA GLU K 700 -39.35 -30.30 -15.66
C GLU K 700 -37.93 -30.59 -15.23
N PHE K 701 -37.72 -30.52 -13.91
CA PHE K 701 -36.51 -30.74 -13.18
C PHE K 701 -36.21 -32.21 -13.30
N ILE K 702 -37.18 -33.04 -12.86
CA ILE K 702 -37.25 -34.49 -12.87
C ILE K 702 -37.13 -35.05 -14.28
N ASN K 703 -37.37 -34.22 -15.32
CA ASN K 703 -37.42 -34.59 -16.71
C ASN K 703 -36.00 -34.68 -17.19
N ARG K 704 -35.05 -34.06 -16.46
CA ARG K 704 -33.66 -34.11 -16.80
C ARG K 704 -32.97 -35.16 -15.97
N ILE K 705 -33.72 -35.90 -15.10
CA ILE K 705 -33.17 -36.86 -14.16
C ILE K 705 -33.44 -38.25 -14.66
N ASP K 706 -32.35 -39.06 -14.76
CA ASP K 706 -32.38 -40.37 -15.36
C ASP K 706 -33.27 -41.34 -14.66
N GLU K 707 -33.12 -41.48 -13.33
CA GLU K 707 -33.84 -42.49 -12.61
C GLU K 707 -34.09 -41.92 -11.28
N ILE K 708 -35.25 -42.29 -10.71
CA ILE K 708 -35.66 -41.85 -9.40
C ILE K 708 -35.56 -43.03 -8.51
N ILE K 709 -34.53 -42.96 -7.66
CA ILE K 709 -34.10 -43.98 -6.77
C ILE K 709 -34.85 -43.79 -5.50
N VAL K 710 -35.43 -44.89 -5.04
CA VAL K 710 -36.26 -44.96 -3.88
C VAL K 710 -35.41 -45.73 -2.96
N PHE K 711 -35.28 -45.26 -1.71
CA PHE K 711 -34.46 -45.94 -0.77
C PHE K 711 -35.44 -46.46 0.19
N HIS K 712 -35.78 -47.75 -0.02
CA HIS K 712 -36.69 -48.50 0.77
C HIS K 712 -36.27 -48.58 2.18
N SER K 713 -37.24 -48.36 3.08
CA SER K 713 -37.08 -48.61 4.48
C SER K 713 -36.98 -50.06 4.71
N LEU K 714 -36.45 -50.31 5.90
CA LEU K 714 -35.61 -51.39 6.13
C LEU K 714 -36.35 -52.44 6.88
N GLU K 715 -36.31 -53.67 6.35
CA GLU K 715 -36.79 -54.84 7.01
C GLU K 715 -35.67 -55.77 6.73
N LYS K 716 -35.05 -56.33 7.80
CA LYS K 716 -33.96 -57.30 7.80
C LYS K 716 -33.96 -58.30 6.67
N LYS K 717 -32.77 -58.62 6.11
CA LYS K 717 -32.17 -57.98 4.94
C LYS K 717 -31.58 -56.60 5.12
N HIS K 718 -32.42 -55.54 5.19
CA HIS K 718 -31.94 -54.18 5.20
C HIS K 718 -31.63 -53.73 6.61
N LEU K 719 -32.46 -54.08 7.63
CA LEU K 719 -32.21 -53.81 9.03
C LEU K 719 -30.90 -54.33 9.49
N THR K 720 -30.69 -55.66 9.41
CA THR K 720 -29.42 -56.25 9.80
C THR K 720 -28.24 -55.75 8.96
N GLU K 721 -28.47 -54.98 7.85
CA GLU K 721 -27.41 -54.37 7.10
C GLU K 721 -27.07 -52.96 7.56
N ILE K 722 -28.05 -52.21 8.15
CA ILE K 722 -27.78 -50.93 8.80
C ILE K 722 -27.16 -51.17 10.11
N VAL K 723 -27.70 -52.13 10.91
CA VAL K 723 -27.07 -52.52 12.15
C VAL K 723 -25.64 -52.94 11.94
N SER K 724 -25.34 -53.59 10.79
CA SER K 724 -24.01 -54.03 10.49
C SER K 724 -23.20 -52.94 9.84
N LEU K 725 -23.78 -51.77 9.50
CA LEU K 725 -22.99 -50.68 8.99
C LEU K 725 -22.60 -49.79 10.13
N MET K 726 -23.55 -49.45 11.02
CA MET K 726 -23.32 -48.64 12.19
C MET K 726 -22.43 -49.36 13.16
N SER K 727 -22.70 -50.66 13.43
CA SER K 727 -21.85 -51.44 14.30
C SER K 727 -20.47 -51.64 13.72
N ASP K 728 -20.30 -51.69 12.37
CA ASP K 728 -18.99 -51.85 11.75
C ASP K 728 -18.21 -50.56 11.76
N GLN K 729 -18.91 -49.42 11.86
CA GLN K 729 -18.33 -48.09 11.88
C GLN K 729 -17.85 -47.87 13.29
N LEU K 730 -18.59 -48.42 14.29
CA LEU K 730 -18.20 -48.48 15.66
C LEU K 730 -16.95 -49.29 15.82
N THR K 731 -16.95 -50.60 15.46
CA THR K 731 -15.84 -51.50 15.71
C THR K 731 -14.50 -51.07 15.13
N LYS K 732 -14.51 -50.25 14.05
CA LYS K 732 -13.33 -49.74 13.38
C LYS K 732 -12.78 -48.44 13.92
N ARG K 733 -13.66 -47.55 14.45
CA ARG K 733 -13.26 -46.24 14.94
C ARG K 733 -12.68 -46.31 16.33
N LEU K 734 -12.81 -47.49 16.98
CA LEU K 734 -12.30 -47.72 18.31
C LEU K 734 -10.98 -48.47 18.25
N LYS K 735 -10.67 -49.20 17.16
CA LYS K 735 -9.41 -49.91 17.04
C LYS K 735 -8.19 -49.01 16.99
N GLU K 736 -8.28 -47.80 16.39
CA GLU K 736 -7.16 -46.88 16.30
C GLU K 736 -6.67 -46.39 17.64
N GLN K 737 -7.60 -46.20 18.61
CA GLN K 737 -7.32 -45.85 19.98
C GLN K 737 -8.20 -46.76 20.75
N ASP K 738 -7.61 -47.83 21.33
CA ASP K 738 -8.21 -48.81 22.22
C ASP K 738 -8.75 -50.00 21.46
N LEU K 739 -9.54 -50.84 22.17
CA LEU K 739 -10.16 -52.10 21.77
C LEU K 739 -10.66 -52.39 20.38
N SER K 740 -10.74 -53.72 20.19
CA SER K 740 -11.17 -54.55 19.10
C SER K 740 -12.55 -55.02 19.41
N ILE K 741 -13.56 -54.69 18.59
CA ILE K 741 -14.93 -55.04 18.87
C ILE K 741 -15.33 -55.87 17.68
N GLU K 742 -16.21 -56.84 17.93
CA GLU K 742 -16.93 -57.59 16.96
C GLU K 742 -18.26 -57.78 17.61
N LEU K 743 -19.32 -57.69 16.80
CA LEU K 743 -20.64 -58.07 17.19
C LEU K 743 -20.88 -59.36 16.48
N THR K 744 -21.35 -60.40 17.21
CA THR K 744 -21.82 -61.64 16.62
C THR K 744 -23.08 -61.35 15.82
N ASP K 745 -23.41 -62.22 14.83
CA ASP K 745 -24.60 -62.11 14.02
C ASP K 745 -25.87 -62.14 14.84
N ALA K 746 -25.85 -62.91 15.96
CA ALA K 746 -26.90 -63.01 16.96
C ALA K 746 -27.22 -61.69 17.63
N ALA K 747 -26.20 -60.82 17.75
CA ALA K 747 -26.31 -59.56 18.45
C ALA K 747 -26.77 -58.50 17.49
N LYS K 748 -26.27 -58.52 16.22
CA LYS K 748 -26.77 -57.69 15.13
C LYS K 748 -28.23 -57.92 14.81
N ALA K 749 -28.76 -59.12 15.15
CA ALA K 749 -30.13 -59.49 14.95
C ALA K 749 -31.00 -58.80 15.96
N LYS K 750 -30.58 -58.82 17.26
CA LYS K 750 -31.36 -58.23 18.34
C LYS K 750 -31.58 -56.74 18.19
N VAL K 751 -30.63 -56.01 17.53
CA VAL K 751 -30.76 -54.59 17.30
C VAL K 751 -31.69 -54.34 16.13
N ALA K 752 -31.57 -55.16 15.05
CA ALA K 752 -32.39 -55.05 13.87
C ALA K 752 -33.88 -55.17 14.07
N GLU K 753 -34.36 -55.98 15.06
CA GLU K 753 -35.74 -56.03 15.49
C GLU K 753 -36.32 -54.72 15.97
N GLU K 754 -35.44 -53.77 16.34
CA GLU K 754 -35.79 -52.52 16.96
C GLU K 754 -35.62 -51.44 15.92
N GLY K 755 -35.01 -51.82 14.78
CA GLY K 755 -34.84 -50.96 13.64
C GLY K 755 -36.09 -51.00 12.83
N VAL K 756 -36.98 -51.97 13.16
CA VAL K 756 -38.34 -52.09 12.71
C VAL K 756 -39.01 -50.88 13.30
N ASP K 757 -39.65 -50.06 12.45
CA ASP K 757 -40.92 -49.53 12.85
C ASP K 757 -41.70 -49.31 11.61
N LEU K 758 -43.03 -49.45 11.78
CA LEU K 758 -44.08 -49.21 10.85
C LEU K 758 -44.17 -47.77 10.37
N GLU K 759 -43.34 -46.87 10.94
CA GLU K 759 -43.49 -45.43 10.82
C GLU K 759 -42.12 -44.80 11.01
N TYR K 760 -41.05 -45.61 11.20
CA TYR K 760 -39.73 -45.11 11.52
C TYR K 760 -38.86 -46.30 11.25
N GLY K 761 -38.96 -46.78 9.99
CA GLY K 761 -38.28 -47.95 9.52
C GLY K 761 -36.84 -47.82 9.14
N ALA K 762 -36.21 -46.63 9.27
CA ALA K 762 -34.81 -46.56 8.94
C ALA K 762 -34.00 -45.64 9.80
N ARG K 763 -34.63 -44.62 10.42
CA ARG K 763 -33.97 -43.76 11.38
C ARG K 763 -33.58 -44.30 12.76
N PRO K 764 -34.37 -45.07 13.55
CA PRO K 764 -34.08 -45.38 14.96
C PRO K 764 -32.81 -46.11 15.25
N LEU K 765 -32.09 -46.55 14.21
CA LEU K 765 -31.01 -47.48 14.28
C LEU K 765 -29.79 -46.89 14.89
N ARG K 766 -29.40 -45.64 14.52
CA ARG K 766 -28.26 -44.96 15.10
C ARG K 766 -28.26 -45.00 16.61
N ARG K 767 -29.34 -44.49 17.27
CA ARG K 767 -29.51 -44.58 18.71
C ARG K 767 -29.42 -45.99 19.25
N ALA K 768 -29.94 -47.01 18.53
CA ALA K 768 -30.01 -48.35 19.08
C ALA K 768 -28.73 -49.11 18.96
N ILE K 769 -27.88 -48.84 17.95
CA ILE K 769 -26.49 -49.25 17.90
C ILE K 769 -25.73 -48.54 18.97
N GLN K 770 -25.97 -47.23 19.13
CA GLN K 770 -25.34 -46.45 20.16
C GLN K 770 -25.51 -47.02 21.53
N LYS K 771 -26.76 -47.27 21.95
CA LYS K 771 -27.09 -47.92 23.18
C LYS K 771 -26.59 -49.34 23.33
N HIS K 772 -26.72 -50.17 22.26
CA HIS K 772 -26.53 -51.60 22.40
C HIS K 772 -25.14 -52.04 22.08
N VAL K 773 -24.34 -51.24 21.35
CA VAL K 773 -22.99 -51.61 21.03
C VAL K 773 -22.08 -50.73 21.79
N GLU K 774 -22.01 -49.44 21.38
CA GLU K 774 -21.09 -48.45 21.85
C GLU K 774 -21.12 -48.31 23.36
N ASP K 775 -22.29 -47.86 23.87
CA ASP K 775 -22.69 -47.78 25.26
C ASP K 775 -22.50 -49.06 25.98
N ARG K 776 -22.75 -50.22 25.32
CA ARG K 776 -22.75 -51.51 25.97
C ARG K 776 -21.35 -51.99 26.22
N LEU K 777 -20.39 -51.82 25.28
CA LEU K 777 -19.02 -52.22 25.50
C LEU K 777 -18.43 -51.32 26.52
N SER K 778 -18.75 -50.03 26.39
CA SER K 778 -18.19 -49.05 27.25
C SER K 778 -18.62 -49.12 28.67
N GLU K 779 -19.89 -49.51 28.96
CA GLU K 779 -20.43 -49.69 30.29
C GLU K 779 -19.98 -51.00 30.87
N GLU K 780 -19.12 -51.73 30.16
CA GLU K 780 -18.70 -53.07 30.42
C GLU K 780 -17.24 -52.88 30.63
N LEU K 781 -16.61 -51.85 30.01
CA LEU K 781 -15.29 -51.41 30.44
C LEU K 781 -15.41 -50.75 31.78
N LEU K 782 -16.50 -49.98 32.04
CA LEU K 782 -16.65 -49.25 33.28
C LEU K 782 -16.85 -50.20 34.43
N ARG K 783 -17.47 -51.37 34.17
CA ARG K 783 -17.63 -52.42 35.15
C ARG K 783 -16.34 -53.21 35.30
N GLY K 784 -15.69 -53.53 34.16
CA GLY K 784 -14.43 -54.26 34.09
C GLY K 784 -14.62 -55.62 33.48
N ASN K 785 -15.81 -55.86 32.87
CA ASN K 785 -16.16 -57.02 32.06
C ASN K 785 -15.35 -57.09 30.78
N ILE K 786 -15.15 -55.95 30.08
CA ILE K 786 -14.30 -55.88 28.92
C ILE K 786 -13.38 -54.74 29.17
N HIS K 787 -12.41 -54.49 28.27
CA HIS K 787 -11.45 -53.44 28.48
C HIS K 787 -10.99 -52.94 27.16
N LYS K 788 -10.14 -51.88 27.20
CA LYS K 788 -9.31 -51.40 26.12
C LYS K 788 -8.36 -52.49 25.66
N GLY K 789 -8.16 -52.61 24.34
CA GLY K 789 -7.14 -53.43 23.73
C GLY K 789 -7.40 -54.91 23.73
N GLN K 790 -8.57 -55.37 24.19
CA GLN K 790 -8.99 -56.74 24.03
C GLN K 790 -10.06 -56.80 22.99
N HIS K 791 -10.32 -58.05 22.52
CA HIS K 791 -11.34 -58.35 21.57
C HIS K 791 -12.58 -58.58 22.36
N ILE K 792 -13.66 -57.93 21.93
CA ILE K 792 -14.88 -57.75 22.62
C ILE K 792 -15.75 -58.40 21.66
N VAL K 793 -16.42 -59.46 22.11
CA VAL K 793 -17.38 -60.08 21.26
C VAL K 793 -18.56 -59.64 22.01
N LEU K 794 -19.55 -59.10 21.29
CA LEU K 794 -20.78 -58.69 21.90
C LEU K 794 -21.69 -59.76 21.50
N ASP K 795 -22.25 -60.45 22.50
CA ASP K 795 -22.94 -61.69 22.33
C ASP K 795 -24.22 -61.52 23.05
N VAL K 796 -25.09 -62.52 22.86
CA VAL K 796 -26.34 -62.65 23.52
C VAL K 796 -26.09 -63.85 24.41
N GLU K 797 -26.52 -63.73 25.68
CA GLU K 797 -26.26 -64.70 26.72
C GLU K 797 -27.40 -65.68 26.81
N ASP K 798 -28.63 -65.15 27.02
CA ASP K 798 -29.83 -65.93 27.17
C ASP K 798 -30.97 -65.09 26.68
N GLY K 799 -30.68 -64.02 25.91
CA GLY K 799 -31.65 -63.06 25.44
C GLY K 799 -31.34 -61.73 26.02
N GLU K 800 -30.07 -61.54 26.49
CA GLU K 800 -29.62 -60.29 27.05
C GLU K 800 -28.20 -60.18 26.63
N PHE K 801 -27.73 -58.96 26.34
CA PHE K 801 -26.40 -58.76 25.86
C PHE K 801 -25.43 -58.98 26.97
N VAL K 802 -24.25 -59.47 26.57
CA VAL K 802 -23.23 -59.90 27.45
C VAL K 802 -22.08 -59.62 26.56
N VAL K 803 -21.06 -59.01 27.13
CA VAL K 803 -19.92 -58.63 26.39
C VAL K 803 -18.93 -59.58 26.92
N LYS K 804 -18.34 -60.30 25.99
CA LYS K 804 -17.51 -61.43 26.24
C LYS K 804 -16.24 -61.02 25.64
N THR K 805 -15.20 -61.76 26.03
CA THR K 805 -13.85 -61.47 25.69
C THR K 805 -13.38 -62.77 25.14
N THR K 806 -12.45 -62.69 24.17
CA THR K 806 -11.98 -63.81 23.40
C THR K 806 -10.53 -63.54 23.08
N ALA K 807 -9.91 -62.53 23.75
CA ALA K 807 -8.52 -62.19 23.58
C ALA K 807 -7.68 -63.14 24.44
N PHE L 3 32.60 -29.67 31.99
CA PHE L 3 31.62 -30.61 31.39
C PHE L 3 31.45 -31.81 32.26
N GLY L 4 32.58 -32.37 32.77
CA GLY L 4 32.59 -33.55 33.60
C GLY L 4 32.68 -34.76 32.72
N ARG L 5 32.80 -34.53 31.40
CA ARG L 5 33.02 -35.55 30.42
C ARG L 5 34.17 -35.00 29.65
N PHE L 6 35.37 -35.59 29.92
CA PHE L 6 36.63 -35.15 29.40
C PHE L 6 37.24 -36.43 28.92
N THR L 7 38.29 -36.34 28.08
CA THR L 7 39.06 -37.47 27.62
C THR L 7 40.18 -37.58 28.60
N GLU L 8 40.78 -38.79 28.63
CA GLU L 8 41.91 -39.18 29.45
C GLU L 8 43.04 -38.21 29.43
N ARG L 9 43.64 -37.94 28.26
CA ARG L 9 44.85 -37.18 28.07
C ARG L 9 44.96 -35.91 28.88
N ALA L 10 43.85 -35.12 28.83
CA ALA L 10 43.57 -33.95 29.60
C ALA L 10 43.65 -34.27 31.05
N GLN L 11 42.65 -35.02 31.55
CA GLN L 11 42.51 -35.46 32.92
C GLN L 11 43.80 -35.98 33.53
N LYS L 12 44.61 -36.77 32.78
CA LYS L 12 45.88 -37.29 33.25
C LYS L 12 46.94 -36.25 33.48
N VAL L 13 47.17 -35.31 32.51
CA VAL L 13 48.12 -34.22 32.72
C VAL L 13 47.76 -33.37 33.91
N LEU L 14 46.45 -33.20 34.14
CA LEU L 14 45.89 -32.39 35.20
C LEU L 14 46.16 -33.05 36.53
N ALA L 15 45.83 -34.35 36.66
CA ALA L 15 46.04 -35.19 37.84
C ALA L 15 47.50 -35.32 38.25
N LEU L 16 48.40 -35.27 37.25
CA LEU L 16 49.83 -35.33 37.42
C LEU L 16 50.28 -34.10 38.16
N ALA L 17 49.56 -32.97 38.02
CA ALA L 17 49.74 -31.81 38.85
C ALA L 17 49.63 -32.12 40.31
N GLN L 18 48.58 -32.83 40.73
CA GLN L 18 48.37 -33.22 42.10
C GLN L 18 49.51 -34.03 42.62
N GLU L 19 50.03 -34.97 41.78
CA GLU L 19 51.27 -35.67 42.08
C GLU L 19 52.39 -34.75 42.43
N GLU L 20 52.61 -33.66 41.66
CA GLU L 20 53.69 -32.74 41.91
C GLU L 20 53.41 -31.90 43.11
N ALA L 21 52.11 -31.60 43.38
CA ALA L 21 51.62 -30.93 44.56
C ALA L 21 52.20 -31.51 45.77
N LEU L 22 52.06 -32.83 45.95
CA LEU L 22 52.52 -33.41 47.17
C LEU L 22 53.99 -33.72 47.06
N ARG L 23 54.48 -34.22 45.90
CA ARG L 23 55.88 -34.49 45.62
C ARG L 23 56.85 -33.34 45.80
N LEU L 24 56.33 -32.10 45.79
CA LEU L 24 57.11 -30.91 46.02
C LEU L 24 56.55 -30.23 47.21
N GLY L 25 55.40 -30.70 47.68
CA GLY L 25 54.81 -30.26 48.89
C GLY L 25 53.79 -29.22 48.68
N HIS L 26 53.86 -28.41 47.57
CA HIS L 26 52.92 -27.36 47.21
C HIS L 26 51.53 -27.76 47.54
N ASN L 27 51.00 -27.10 48.58
CA ASN L 27 49.90 -27.66 49.29
C ASN L 27 48.61 -27.35 48.60
N ASN L 28 48.73 -26.48 47.61
CA ASN L 28 47.71 -26.26 46.64
C ASN L 28 48.47 -26.59 45.41
N ILE L 29 47.81 -27.37 44.55
CA ILE L 29 48.39 -28.02 43.44
C ILE L 29 48.40 -26.97 42.40
N GLY L 30 49.61 -26.47 42.08
CA GLY L 30 49.68 -25.31 41.27
C GLY L 30 49.61 -25.55 39.82
N THR L 31 49.57 -24.43 39.07
CA THR L 31 49.64 -24.38 37.63
C THR L 31 50.99 -24.87 37.16
N GLU L 32 52.05 -24.69 38.00
CA GLU L 32 53.40 -25.17 37.75
C GLU L 32 53.44 -26.66 37.69
N HIS L 33 52.48 -27.28 38.40
CA HIS L 33 52.35 -28.68 38.53
C HIS L 33 51.53 -29.20 37.39
N ILE L 34 50.55 -28.42 36.86
CA ILE L 34 49.79 -28.77 35.66
C ILE L 34 50.73 -28.87 34.47
N LEU L 35 51.73 -27.96 34.38
CA LEU L 35 52.76 -27.92 33.36
C LEU L 35 53.66 -29.11 33.38
N LEU L 36 54.14 -29.46 34.60
CA LEU L 36 54.89 -30.65 34.90
C LEU L 36 54.10 -31.84 34.50
N GLY L 37 52.78 -31.74 34.76
CA GLY L 37 51.79 -32.69 34.41
C GLY L 37 51.79 -33.00 32.97
N LEU L 38 51.98 -31.98 32.10
CA LEU L 38 51.98 -32.22 30.69
C LEU L 38 53.19 -33.00 30.26
N VAL L 39 54.40 -32.52 30.62
CA VAL L 39 55.66 -33.07 30.17
C VAL L 39 56.11 -34.37 30.79
N ARG L 40 55.48 -34.76 31.92
CA ARG L 40 55.83 -35.91 32.71
C ARG L 40 54.88 -37.01 32.34
N GLU L 41 53.85 -36.63 31.57
CA GLU L 41 52.91 -37.48 30.89
C GLU L 41 53.49 -37.76 29.52
N GLY L 42 54.69 -37.21 29.22
CA GLY L 42 55.57 -37.79 28.25
C GLY L 42 55.31 -37.33 26.87
N GLU L 43 54.36 -37.98 26.15
CA GLU L 43 54.17 -37.74 24.74
C GLU L 43 52.74 -37.56 24.39
N GLY L 44 51.94 -36.93 25.30
CA GLY L 44 50.61 -36.45 24.95
C GLY L 44 50.88 -35.22 24.13
N ILE L 45 49.88 -34.64 23.42
CA ILE L 45 50.18 -33.51 22.55
C ILE L 45 50.74 -32.31 23.26
N ALA L 46 50.28 -32.05 24.50
CA ALA L 46 50.87 -31.06 25.36
C ALA L 46 52.27 -31.36 25.72
N ALA L 47 52.52 -32.59 26.21
CA ALA L 47 53.83 -33.03 26.62
C ALA L 47 54.86 -32.92 25.56
N LYS L 48 54.47 -33.46 24.38
CA LYS L 48 55.17 -33.56 23.14
C LYS L 48 55.52 -32.22 22.64
N ALA L 49 54.51 -31.32 22.66
CA ALA L 49 54.66 -29.97 22.22
C ALA L 49 55.78 -29.26 22.90
N LEU L 50 55.76 -29.21 24.26
CA LEU L 50 56.79 -28.54 25.03
C LEU L 50 58.16 -29.03 24.71
N GLN L 51 58.28 -30.36 24.54
CA GLN L 51 59.44 -31.12 24.15
C GLN L 51 59.95 -30.81 22.77
N ALA L 52 59.10 -30.19 21.91
CA ALA L 52 59.49 -29.89 20.55
C ALA L 52 60.30 -28.64 20.64
N LEU L 53 59.74 -27.62 21.32
CA LEU L 53 60.38 -26.35 21.60
C LEU L 53 61.64 -26.49 22.42
N GLY L 54 61.85 -27.69 23.04
CA GLY L 54 63.07 -28.02 23.74
C GLY L 54 62.84 -28.24 25.20
N LEU L 55 61.61 -27.94 25.70
CA LEU L 55 61.29 -28.04 27.10
C LEU L 55 60.94 -29.46 27.41
N GLY L 56 61.96 -30.23 27.81
CA GLY L 56 61.76 -31.56 28.32
C GLY L 56 61.37 -31.42 29.76
N SER L 57 61.13 -32.56 30.42
CA SER L 57 60.88 -32.66 31.85
C SER L 57 61.99 -32.02 32.65
N GLU L 58 63.25 -32.16 32.15
CA GLU L 58 64.46 -31.65 32.71
C GLU L 58 64.41 -30.16 32.96
N LYS L 59 64.15 -29.35 31.92
CA LYS L 59 64.07 -27.92 32.02
C LYS L 59 62.95 -27.48 32.93
N ILE L 60 61.78 -28.14 32.85
CA ILE L 60 60.57 -27.70 33.54
C ILE L 60 60.70 -27.88 35.01
N GLN L 61 60.90 -29.13 35.52
CA GLN L 61 61.03 -29.41 36.94
C GLN L 61 62.14 -28.64 37.62
N LYS L 62 63.21 -28.30 36.87
CA LYS L 62 64.34 -27.56 37.37
C LYS L 62 63.93 -26.16 37.75
N GLU L 63 63.15 -25.49 36.87
CA GLU L 63 62.53 -24.21 37.13
C GLU L 63 61.52 -24.25 38.24
N VAL L 64 60.59 -25.24 38.20
CA VAL L 64 59.48 -25.42 39.11
C VAL L 64 59.98 -25.54 40.53
N GLU L 65 60.94 -26.46 40.77
CA GLU L 65 61.56 -26.68 42.06
C GLU L 65 62.24 -25.43 42.59
N SER L 66 62.70 -24.52 41.69
CA SER L 66 63.25 -23.23 42.06
C SER L 66 62.23 -22.16 42.33
N LEU L 67 60.91 -22.47 42.32
CA LEU L 67 59.87 -21.49 42.59
C LEU L 67 59.32 -21.78 43.94
N ILE L 68 58.19 -22.52 44.03
CA ILE L 68 57.55 -22.91 45.27
C ILE L 68 58.36 -24.01 45.89
N GLY L 69 58.85 -24.96 45.05
CA GLY L 69 59.76 -26.02 45.44
C GLY L 69 59.30 -26.82 46.61
N ARG L 70 60.28 -27.30 47.42
CA ARG L 70 60.15 -28.10 48.62
C ARG L 70 59.04 -27.65 49.54
N GLY L 71 58.38 -28.57 50.28
CA GLY L 71 58.69 -29.97 50.40
C GLY L 71 57.95 -30.42 51.60
N GLN L 72 56.83 -29.72 51.88
CA GLN L 72 55.84 -29.97 52.88
C GLN L 72 54.86 -30.87 52.21
N GLU L 73 55.27 -32.14 52.02
CA GLU L 73 54.71 -33.19 51.21
C GLU L 73 53.23 -33.38 51.19
N MET L 74 52.50 -32.90 52.22
CA MET L 74 51.06 -32.84 52.25
C MET L 74 50.50 -31.91 51.20
N SER L 75 49.16 -31.75 51.20
CA SER L 75 48.53 -30.71 50.44
C SER L 75 47.28 -30.32 51.19
N GLN L 76 47.06 -28.98 51.29
CA GLN L 76 46.02 -28.29 52.03
C GLN L 76 44.71 -28.54 51.38
N THR L 77 43.88 -29.33 52.11
CA THR L 77 42.59 -29.91 51.73
C THR L 77 42.69 -30.64 50.41
N ILE L 78 43.95 -31.08 50.07
CA ILE L 78 44.49 -31.54 48.79
C ILE L 78 43.66 -31.04 47.66
N HIS L 79 43.76 -29.73 47.40
CA HIS L 79 43.06 -29.24 46.26
C HIS L 79 44.05 -28.39 45.58
N TYR L 80 43.59 -27.80 44.48
CA TYR L 80 44.37 -27.01 43.59
C TYR L 80 44.58 -25.63 44.10
N THR L 81 45.42 -24.90 43.36
CA THR L 81 45.45 -23.47 43.35
C THR L 81 44.26 -23.02 42.56
N PRO L 82 43.72 -21.82 42.69
CA PRO L 82 42.62 -21.34 41.88
C PRO L 82 43.04 -21.27 40.43
N ARG L 83 44.34 -21.00 40.20
CA ARG L 83 44.98 -20.91 38.91
C ARG L 83 44.83 -22.21 38.16
N ALA L 84 45.33 -23.31 38.75
CA ALA L 84 45.28 -24.64 38.20
C ALA L 84 43.88 -25.09 37.86
N LYS L 85 42.87 -24.70 38.70
CA LYS L 85 41.46 -24.97 38.44
C LYS L 85 40.96 -24.26 37.22
N LYS L 86 41.48 -23.03 37.00
CA LYS L 86 41.27 -22.23 35.82
C LYS L 86 41.82 -22.90 34.61
N VAL L 87 43.05 -23.48 34.66
CA VAL L 87 43.64 -24.20 33.54
C VAL L 87 42.74 -25.34 33.07
N ILE L 88 42.02 -26.01 34.02
CA ILE L 88 41.12 -27.09 33.71
C ILE L 88 39.89 -26.57 33.02
N GLU L 89 39.26 -25.51 33.58
CA GLU L 89 38.15 -24.83 32.93
C GLU L 89 38.47 -24.33 31.54
N LEU L 90 39.75 -23.93 31.31
CA LEU L 90 40.16 -23.25 30.12
C LEU L 90 40.31 -24.20 29.00
N SER L 91 41.06 -25.29 29.24
CA SER L 91 41.23 -26.40 28.35
C SER L 91 39.95 -26.97 27.83
N MET L 92 38.92 -27.08 28.70
CA MET L 92 37.60 -27.51 28.34
C MET L 92 37.02 -26.68 27.24
N ASP L 93 37.26 -25.36 27.30
CA ASP L 93 36.78 -24.40 26.36
C ASP L 93 37.67 -24.37 25.17
N GLU L 94 38.99 -24.56 25.38
CA GLU L 94 40.01 -24.71 24.38
C GLU L 94 39.85 -26.02 23.65
N ALA L 95 38.79 -26.78 23.97
CA ALA L 95 38.57 -28.05 23.35
C ALA L 95 37.25 -27.97 22.68
N ARG L 96 36.26 -27.27 23.26
CA ARG L 96 35.08 -26.75 22.58
C ARG L 96 35.41 -25.99 21.32
N LYS L 97 36.45 -25.10 21.38
CA LYS L 97 36.90 -24.25 20.28
C LYS L 97 37.38 -25.12 19.17
N LEU L 98 38.19 -26.13 19.54
CA LEU L 98 38.82 -27.02 18.61
C LEU L 98 37.98 -28.25 18.45
N GLY L 99 36.63 -28.06 18.46
CA GLY L 99 35.66 -29.09 18.24
C GLY L 99 35.38 -29.77 19.54
N HIS L 100 36.22 -30.79 19.83
CA HIS L 100 36.32 -31.64 21.00
C HIS L 100 35.27 -31.44 22.07
N SER L 101 34.32 -32.40 22.16
CA SER L 101 33.21 -32.39 23.08
C SER L 101 33.75 -32.46 24.48
N TYR L 102 34.80 -33.30 24.62
CA TYR L 102 35.50 -33.57 25.83
C TYR L 102 36.75 -32.75 25.78
N VAL L 103 37.90 -33.22 26.35
CA VAL L 103 39.10 -32.41 26.44
C VAL L 103 40.30 -33.30 26.31
N GLY L 104 41.33 -32.87 25.54
CA GLY L 104 42.53 -33.64 25.26
C GLY L 104 43.74 -32.88 25.72
N THR L 105 44.94 -33.52 25.63
CA THR L 105 46.20 -33.06 26.18
C THR L 105 46.56 -31.69 25.74
N GLU L 106 46.36 -31.45 24.42
CA GLU L 106 46.77 -30.26 23.73
C GLU L 106 46.17 -29.09 24.37
N HIS L 107 44.83 -29.14 24.53
CA HIS L 107 43.96 -28.16 25.08
C HIS L 107 44.43 -27.72 26.43
N ILE L 108 45.05 -28.62 27.24
CA ILE L 108 45.61 -28.26 28.51
C ILE L 108 46.82 -27.37 28.38
N LEU L 109 47.81 -27.68 27.49
CA LEU L 109 48.90 -26.77 27.19
C LEU L 109 48.45 -25.48 26.56
N LEU L 110 47.46 -25.57 25.66
CA LEU L 110 46.88 -24.45 24.97
C LEU L 110 46.24 -23.55 26.00
N GLY L 111 45.43 -24.15 26.89
CA GLY L 111 44.83 -23.55 28.06
C GLY L 111 45.78 -22.97 29.06
N LEU L 112 46.99 -23.55 29.25
CA LEU L 112 48.03 -22.99 30.09
C LEU L 112 48.49 -21.67 29.61
N ILE L 113 48.85 -21.59 28.30
CA ILE L 113 49.32 -20.39 27.63
C ILE L 113 48.35 -19.25 27.84
N ARG L 114 47.06 -19.55 27.58
CA ARG L 114 45.88 -18.77 27.81
C ARG L 114 45.77 -18.27 29.25
N GLU L 115 46.03 -19.18 30.22
CA GLU L 115 45.95 -19.01 31.67
C GLU L 115 47.34 -18.58 32.11
N GLY L 116 47.85 -17.53 31.43
CA GLY L 116 49.23 -17.12 31.37
C GLY L 116 49.81 -16.37 32.54
N GLU L 117 49.03 -16.06 33.61
CA GLU L 117 49.59 -15.44 34.80
C GLU L 117 49.87 -16.55 35.77
N GLY L 118 49.49 -17.80 35.39
CA GLY L 118 49.76 -19.00 36.12
C GLY L 118 51.24 -19.24 36.16
N VAL L 119 51.67 -20.10 37.10
CA VAL L 119 53.03 -20.34 37.45
C VAL L 119 53.70 -21.07 36.33
N ALA L 120 53.01 -22.05 35.68
CA ALA L 120 53.43 -22.77 34.49
C ALA L 120 53.96 -21.82 33.47
N ALA L 121 53.10 -20.91 32.97
CA ALA L 121 53.46 -19.89 32.02
C ALA L 121 54.78 -19.21 32.28
N ARG L 122 55.05 -18.86 33.56
CA ARG L 122 56.26 -18.20 33.98
C ARG L 122 57.43 -19.14 33.98
N VAL L 123 57.23 -20.44 34.35
CA VAL L 123 58.16 -21.54 34.25
C VAL L 123 58.72 -21.65 32.85
N LEU L 124 57.87 -21.45 31.82
CA LEU L 124 58.22 -21.75 30.45
C LEU L 124 58.91 -20.56 29.87
N ASN L 125 58.41 -19.35 30.19
CA ASN L 125 59.03 -18.08 29.90
C ASN L 125 60.32 -17.84 30.64
N ASN L 126 60.71 -18.75 31.57
CA ASN L 126 61.96 -18.67 32.27
C ASN L 126 62.90 -19.60 31.55
N LEU L 127 62.39 -20.73 31.05
CA LEU L 127 63.15 -21.71 30.31
C LEU L 127 63.29 -21.47 28.82
N GLY L 128 63.37 -20.19 28.39
CA GLY L 128 63.85 -19.85 27.08
C GLY L 128 62.91 -20.12 25.93
N VAL L 129 61.67 -20.55 26.22
CA VAL L 129 60.72 -20.88 25.19
C VAL L 129 59.60 -19.93 25.44
N SER L 130 59.23 -19.19 24.37
CA SER L 130 58.16 -18.22 24.41
C SER L 130 56.88 -18.96 24.65
N LEU L 131 55.92 -18.27 25.31
CA LEU L 131 54.68 -18.85 25.74
C LEU L 131 53.85 -19.24 24.55
N ASN L 132 54.01 -18.48 23.45
CA ASN L 132 53.29 -18.62 22.23
C ASN L 132 53.92 -19.72 21.41
N LYS L 133 55.25 -19.97 21.51
CA LYS L 133 55.91 -21.12 20.91
C LYS L 133 55.37 -22.43 21.43
N ALA L 134 54.86 -22.45 22.69
CA ALA L 134 54.33 -23.64 23.29
C ALA L 134 52.93 -23.88 22.81
N ARG L 135 52.06 -22.83 22.76
CA ARG L 135 50.69 -22.92 22.26
C ARG L 135 50.67 -23.24 20.80
N GLN L 136 51.70 -22.80 20.07
CA GLN L 136 51.88 -23.07 18.67
C GLN L 136 51.94 -24.52 18.46
N GLN L 137 52.99 -25.16 19.00
CA GLN L 137 53.24 -26.56 18.93
C GLN L 137 52.09 -27.50 19.20
N VAL L 138 51.32 -27.27 20.28
CA VAL L 138 50.15 -28.08 20.56
C VAL L 138 49.08 -27.95 19.52
N LEU L 139 48.75 -26.68 19.16
CA LEU L 139 47.73 -26.32 18.20
C LEU L 139 47.92 -27.00 16.87
N GLN L 140 49.14 -26.86 16.30
CA GLN L 140 49.59 -27.46 15.06
C GLN L 140 49.78 -28.97 15.11
N LEU L 141 49.27 -29.63 16.15
CA LEU L 141 49.26 -31.05 16.29
C LEU L 141 47.87 -31.27 16.76
N LEU L 142 46.90 -30.68 16.01
CA LEU L 142 45.49 -30.67 16.30
C LEU L 142 44.91 -32.04 16.50
N GLY L 143 44.75 -32.42 17.78
CA GLY L 143 44.12 -33.65 18.19
C GLY L 143 42.96 -33.26 19.05
N SER L 144 41.79 -33.84 18.71
CA SER L 144 40.52 -33.57 19.34
C SER L 144 39.66 -34.78 19.08
N ASN L 145 38.45 -34.87 19.70
CA ASN L 145 37.47 -35.93 19.44
C ASN L 145 37.06 -35.92 17.98
N GLU L 146 36.78 -37.14 17.43
CA GLU L 146 36.56 -37.33 16.02
C GLU L 146 35.56 -38.43 15.82
N THR L 147 34.93 -38.44 14.61
CA THR L 147 33.92 -39.35 14.13
C THR L 147 33.30 -38.64 12.96
N GLY L 148 32.55 -39.38 12.10
CA GLY L 148 31.88 -38.82 10.95
C GLY L 148 32.85 -38.66 9.83
N SER L 149 33.76 -39.66 9.70
CA SER L 149 34.85 -39.64 8.75
C SER L 149 34.33 -39.65 7.34
N SER L 150 34.94 -38.83 6.48
CA SER L 150 34.55 -38.68 5.11
C SER L 150 35.70 -38.06 4.36
N ALA L 151 36.91 -38.05 4.97
CA ALA L 151 38.09 -37.47 4.38
C ALA L 151 39.07 -38.59 4.13
N ALA L 152 39.55 -38.68 2.86
CA ALA L 152 40.54 -39.65 2.45
C ALA L 152 41.04 -39.24 1.08
N GLY L 153 40.53 -38.11 0.54
CA GLY L 153 40.85 -37.59 -0.77
C GLY L 153 39.76 -38.01 -1.73
N THR L 154 39.30 -37.08 -2.62
CA THR L 154 38.23 -37.31 -3.58
C THR L 154 38.53 -36.51 -4.84
N ASN L 155 38.04 -37.02 -6.01
CA ASN L 155 38.16 -36.34 -7.27
C ASN L 155 37.02 -36.75 -8.17
N SER L 156 36.50 -35.79 -8.98
CA SER L 156 35.64 -36.05 -10.12
C SER L 156 35.66 -34.79 -10.94
N ASN L 157 35.05 -34.86 -12.16
CA ASN L 157 35.09 -33.81 -13.15
C ASN L 157 33.69 -33.25 -13.17
N ALA L 158 32.76 -33.71 -14.07
CA ALA L 158 31.40 -33.17 -14.16
C ALA L 158 30.58 -33.11 -12.89
N ASN L 159 30.79 -34.07 -11.93
CA ASN L 159 30.11 -34.08 -10.64
C ASN L 159 30.29 -32.81 -9.83
N THR L 160 31.42 -32.10 -10.10
CA THR L 160 31.83 -30.81 -9.59
C THR L 160 30.72 -29.80 -9.80
N PRO L 161 30.39 -29.28 -11.01
CA PRO L 161 29.39 -28.24 -11.20
C PRO L 161 28.07 -28.39 -10.48
N THR L 162 27.41 -29.58 -10.47
CA THR L 162 26.11 -29.78 -9.84
C THR L 162 26.24 -29.55 -8.33
N LEU L 163 26.73 -30.55 -7.56
CA LEU L 163 26.95 -30.59 -6.12
C LEU L 163 27.62 -29.41 -5.44
N ASP L 164 28.29 -28.46 -6.16
CA ASP L 164 28.96 -27.33 -5.56
C ASP L 164 27.98 -26.39 -4.90
N SER L 165 27.11 -25.77 -5.73
CA SER L 165 26.27 -24.62 -5.47
C SER L 165 25.90 -24.33 -4.02
N LEU L 166 24.90 -24.94 -3.29
CA LEU L 166 23.83 -25.90 -3.53
C LEU L 166 24.34 -27.27 -3.93
N ALA L 167 24.25 -28.33 -3.08
CA ALA L 167 23.77 -28.39 -1.72
C ALA L 167 24.18 -29.73 -1.18
N ARG L 168 23.79 -30.03 0.09
CA ARG L 168 23.94 -31.30 0.78
C ARG L 168 23.37 -32.45 -0.01
N ASP L 169 23.91 -33.67 0.23
CA ASP L 169 23.56 -34.86 -0.49
C ASP L 169 23.08 -35.81 0.59
N LEU L 170 21.75 -36.04 0.65
CA LEU L 170 21.08 -36.82 1.67
C LEU L 170 21.63 -38.23 1.83
N THR L 171 21.92 -38.88 0.67
CA THR L 171 22.58 -40.15 0.56
C THR L 171 23.94 -40.19 1.20
N ALA L 172 24.74 -39.11 1.07
CA ALA L 172 26.07 -38.97 1.62
C ALA L 172 26.04 -39.06 3.12
N ILE L 173 25.25 -38.18 3.78
CA ILE L 173 25.06 -38.12 5.21
C ILE L 173 24.46 -39.40 5.79
N ALA L 174 23.90 -40.29 4.93
CA ALA L 174 23.33 -41.55 5.34
C ALA L 174 24.25 -42.69 5.02
N LYS L 175 25.41 -42.42 4.37
CA LYS L 175 26.42 -43.41 4.05
C LYS L 175 27.56 -43.28 5.04
N GLU L 176 27.57 -42.20 5.86
CA GLU L 176 28.52 -42.03 6.95
C GLU L 176 27.71 -42.08 8.22
N ASP L 177 26.36 -42.11 8.06
CA ASP L 177 25.33 -42.15 9.07
C ASP L 177 25.55 -41.18 10.21
N SER L 178 25.60 -39.90 9.82
CA SER L 178 25.52 -38.80 10.74
C SER L 178 24.06 -38.40 10.73
N LEU L 179 23.28 -39.11 9.89
CA LEU L 179 21.86 -38.99 9.71
C LEU L 179 21.29 -39.97 10.68
N ASP L 180 19.95 -39.90 10.87
CA ASP L 180 19.20 -40.75 11.74
C ASP L 180 18.02 -41.13 10.87
N PRO L 181 17.18 -42.12 11.16
CA PRO L 181 16.17 -42.63 10.25
C PRO L 181 15.34 -41.61 9.47
N VAL L 182 14.55 -40.68 10.05
CA VAL L 182 14.04 -40.62 11.40
C VAL L 182 12.67 -41.21 11.27
N ILE L 183 12.02 -41.58 12.41
CA ILE L 183 10.78 -42.33 12.42
C ILE L 183 9.69 -41.54 11.74
N GLY L 184 9.16 -42.12 10.63
CA GLY L 184 8.17 -41.51 9.78
C GLY L 184 6.80 -42.02 10.12
N ARG L 185 5.82 -42.03 9.17
CA ARG L 185 5.84 -41.58 7.78
C ARG L 185 6.66 -42.51 6.92
N SER L 186 6.49 -43.83 7.15
CA SER L 186 7.13 -44.90 6.43
C SER L 186 6.37 -45.38 5.22
N LYS L 187 5.04 -45.54 5.36
CA LYS L 187 4.12 -46.03 4.33
C LYS L 187 3.96 -45.10 3.17
N GLU L 188 4.34 -43.83 3.35
CA GLU L 188 4.34 -42.80 2.35
C GLU L 188 5.38 -43.09 1.29
N ILE L 189 6.57 -43.56 1.71
CA ILE L 189 7.76 -43.75 0.92
C ILE L 189 7.56 -44.72 -0.21
N GLN L 190 6.82 -45.84 -0.01
CA GLN L 190 6.55 -46.81 -1.07
C GLN L 190 5.79 -46.16 -2.20
N ARG L 191 4.70 -45.44 -1.85
CA ARG L 191 3.85 -44.73 -2.76
C ARG L 191 4.56 -43.63 -3.54
N VAL L 192 5.75 -43.16 -3.06
CA VAL L 192 6.55 -42.16 -3.73
C VAL L 192 7.34 -42.75 -4.85
N ILE L 193 7.83 -44.00 -4.67
CA ILE L 193 8.73 -44.66 -5.60
C ILE L 193 7.92 -45.12 -6.78
N GLU L 194 6.60 -45.35 -6.59
CA GLU L 194 5.68 -45.48 -7.68
C GLU L 194 5.65 -44.18 -8.44
N VAL L 195 5.32 -43.05 -7.80
CA VAL L 195 5.39 -41.76 -8.43
C VAL L 195 6.78 -41.30 -8.94
N LEU L 196 7.88 -42.06 -8.71
CA LEU L 196 9.22 -41.58 -8.99
C LEU L 196 9.91 -42.39 -10.03
N SER L 197 9.59 -43.70 -10.15
CA SER L 197 10.18 -44.57 -11.15
C SER L 197 9.40 -44.46 -12.41
N ARG L 198 9.05 -43.21 -12.71
CA ARG L 198 8.20 -42.77 -13.73
C ARG L 198 9.11 -41.94 -14.54
N ARG L 199 8.61 -41.47 -15.68
CA ARG L 199 9.22 -40.35 -16.30
C ARG L 199 8.21 -39.72 -17.22
N THR L 200 6.94 -40.23 -17.24
CA THR L 200 5.85 -39.61 -17.95
C THR L 200 5.19 -38.62 -17.04
N LYS L 201 5.44 -38.81 -15.74
CA LYS L 201 5.04 -37.89 -14.74
C LYS L 201 5.99 -38.18 -13.63
N ASN L 202 7.29 -38.12 -13.99
CA ASN L 202 8.52 -38.33 -13.22
C ASN L 202 8.53 -37.92 -11.78
N ASN L 203 7.64 -36.98 -11.36
CA ASN L 203 7.83 -36.24 -10.17
C ASN L 203 6.77 -36.55 -9.16
N PRO L 204 7.23 -36.94 -7.97
CA PRO L 204 6.36 -37.03 -6.82
C PRO L 204 6.19 -35.65 -6.32
N VAL L 205 5.08 -35.37 -5.63
CA VAL L 205 4.82 -34.06 -5.12
C VAL L 205 3.98 -34.39 -3.94
N LEU L 206 4.47 -34.09 -2.74
CA LEU L 206 3.87 -34.50 -1.51
C LEU L 206 3.01 -33.37 -1.06
N ILE L 207 1.70 -33.61 -0.82
CA ILE L 207 0.78 -32.57 -0.43
C ILE L 207 0.22 -33.04 0.88
N GLY L 208 0.27 -32.17 1.92
CA GLY L 208 -0.21 -32.52 3.23
C GLY L 208 0.45 -31.60 4.22
N GLU L 209 0.04 -31.75 5.52
CA GLU L 209 0.62 -31.05 6.65
C GLU L 209 2.09 -31.38 6.81
N PRO L 210 3.01 -30.49 7.21
CA PRO L 210 4.41 -30.69 6.84
C PRO L 210 5.13 -31.75 7.64
N GLY L 211 5.42 -31.64 8.97
CA GLY L 211 4.71 -30.91 9.99
C GLY L 211 5.28 -31.41 11.29
N VAL L 212 5.57 -32.73 11.32
CA VAL L 212 6.31 -33.40 12.35
C VAL L 212 7.70 -33.58 11.78
N GLY L 213 7.85 -33.24 10.48
CA GLY L 213 9.07 -33.32 9.75
C GLY L 213 8.76 -34.12 8.54
N LYS L 214 8.37 -33.40 7.45
CA LYS L 214 8.17 -33.90 6.11
C LYS L 214 9.35 -34.71 5.66
N THR L 215 10.55 -34.14 5.93
CA THR L 215 11.89 -34.63 5.70
C THR L 215 12.16 -36.05 6.14
N ALA L 216 11.30 -36.65 7.00
CA ALA L 216 11.45 -38.01 7.46
C ALA L 216 11.18 -38.93 6.31
N ILE L 217 10.14 -38.58 5.49
CA ILE L 217 9.80 -39.29 4.27
C ILE L 217 10.93 -39.19 3.28
N ALA L 218 11.57 -38.00 3.19
CA ALA L 218 12.69 -37.75 2.31
C ALA L 218 13.89 -38.60 2.58
N GLU L 219 14.27 -38.74 3.88
CA GLU L 219 15.34 -39.63 4.30
C GLU L 219 15.05 -41.07 3.96
N GLY L 220 13.74 -41.41 3.89
CA GLY L 220 13.19 -42.64 3.39
C GLY L 220 13.64 -43.04 2.03
N LEU L 221 13.45 -42.12 1.05
CA LEU L 221 13.80 -42.28 -0.34
C LEU L 221 15.22 -42.63 -0.54
N ALA L 222 16.16 -41.77 -0.05
CA ALA L 222 17.60 -41.92 -0.03
C ALA L 222 18.03 -43.35 0.20
N GLN L 223 17.56 -43.88 1.34
CA GLN L 223 17.81 -45.19 1.89
C GLN L 223 17.32 -46.32 1.00
N GLN L 224 16.10 -46.20 0.43
CA GLN L 224 15.48 -47.24 -0.39
C GLN L 224 16.00 -47.23 -1.80
N ILE L 225 16.42 -46.05 -2.30
CA ILE L 225 17.00 -45.80 -3.60
C ILE L 225 18.37 -46.43 -3.71
N ILE L 226 19.13 -46.53 -2.58
CA ILE L 226 20.39 -47.26 -2.53
C ILE L 226 20.11 -48.74 -2.72
N ASN L 227 19.60 -49.49 -1.71
CA ASN L 227 19.37 -50.92 -1.81
C ASN L 227 17.90 -51.14 -1.56
N ASN L 228 17.18 -52.02 -2.32
CA ASN L 228 17.52 -52.74 -3.54
C ASN L 228 16.17 -53.03 -4.15
N GLU L 229 15.08 -52.55 -3.50
CA GLU L 229 13.74 -52.76 -3.92
C GLU L 229 13.39 -51.70 -4.93
N VAL L 230 14.29 -50.71 -5.10
CA VAL L 230 14.28 -49.68 -6.11
C VAL L 230 14.31 -50.25 -7.52
N PRO L 231 13.49 -49.75 -8.45
CA PRO L 231 13.43 -50.21 -9.83
C PRO L 231 14.71 -50.07 -10.62
N GLU L 232 14.78 -50.73 -11.80
CA GLU L 232 15.84 -50.53 -12.76
C GLU L 232 15.38 -49.47 -13.73
N ILE L 233 14.14 -48.98 -13.53
CA ILE L 233 13.61 -47.80 -14.12
C ILE L 233 14.44 -46.65 -13.59
N LEU L 234 14.73 -46.74 -12.27
CA LEU L 234 15.53 -45.81 -11.53
C LEU L 234 16.91 -46.38 -11.47
N ARG L 235 17.53 -46.68 -12.64
CA ARG L 235 18.91 -47.10 -12.70
C ARG L 235 19.85 -45.99 -12.34
N ASP L 236 20.95 -46.34 -11.62
CA ASP L 236 22.02 -45.51 -11.11
C ASP L 236 21.60 -44.11 -10.73
N LYS L 237 20.71 -44.01 -9.72
CA LYS L 237 20.23 -42.76 -9.21
C LYS L 237 21.03 -42.28 -8.03
N ARG L 238 21.10 -40.93 -7.89
CA ARG L 238 21.66 -40.23 -6.76
C ARG L 238 20.57 -39.29 -6.34
N VAL L 239 20.43 -39.06 -5.02
CA VAL L 239 19.41 -38.21 -4.45
C VAL L 239 20.08 -37.01 -3.85
N MET L 240 19.75 -35.79 -4.36
CA MET L 240 20.39 -34.55 -3.92
C MET L 240 19.30 -33.64 -3.41
N THR L 241 19.53 -33.00 -2.23
CA THR L 241 18.55 -32.17 -1.53
C THR L 241 18.77 -30.69 -1.77
N LEU L 242 17.65 -29.96 -2.02
CA LEU L 242 17.60 -28.53 -2.18
C LEU L 242 17.63 -27.89 -0.83
N ASP L 243 18.52 -26.87 -0.68
CA ASP L 243 18.65 -26.09 0.51
C ASP L 243 18.47 -24.69 -0.01
N MET L 244 17.31 -24.06 0.31
CA MET L 244 16.91 -22.73 -0.14
C MET L 244 17.80 -21.66 0.45
N GLY L 245 18.23 -21.90 1.72
CA GLY L 245 18.98 -20.98 2.54
C GLY L 245 20.32 -20.60 1.98
N THR L 246 21.09 -21.57 1.39
CA THR L 246 22.38 -21.26 0.81
C THR L 246 22.23 -20.40 -0.43
N VAL L 247 21.16 -20.65 -1.25
CA VAL L 247 20.90 -19.94 -2.48
C VAL L 247 20.63 -18.48 -2.24
N VAL L 248 19.77 -18.15 -1.24
CA VAL L 248 19.42 -16.78 -0.92
C VAL L 248 20.57 -16.05 -0.27
N ALA L 249 21.39 -16.76 0.53
CA ALA L 249 22.50 -16.18 1.26
C ALA L 249 23.61 -15.84 0.30
N GLY L 250 24.25 -14.67 0.51
CA GLY L 250 25.41 -14.24 -0.23
C GLY L 250 25.12 -13.68 -1.59
N THR L 251 23.82 -13.54 -1.97
CA THR L 251 23.44 -13.05 -3.28
C THR L 251 22.61 -11.82 -3.12
N LYS L 252 21.68 -11.84 -2.12
CA LYS L 252 20.81 -10.78 -1.67
C LYS L 252 20.00 -10.09 -2.75
N TYR L 253 19.72 -10.81 -3.88
CA TYR L 253 18.97 -10.27 -4.99
C TYR L 253 18.29 -11.45 -5.64
N ARG L 254 17.08 -11.19 -6.19
CA ARG L 254 16.25 -12.14 -6.90
C ARG L 254 16.88 -12.57 -8.20
N GLY L 255 17.56 -11.63 -8.91
CA GLY L 255 18.19 -11.92 -10.18
C GLY L 255 19.31 -12.90 -10.04
N GLU L 256 20.16 -12.72 -9.01
CA GLU L 256 21.26 -13.58 -8.68
C GLU L 256 20.80 -14.94 -8.23
N PHE L 257 19.70 -14.98 -7.44
CA PHE L 257 19.07 -16.17 -6.94
C PHE L 257 18.58 -17.02 -8.10
N GLU L 258 17.99 -16.37 -9.12
CA GLU L 258 17.50 -16.99 -10.33
C GLU L 258 18.62 -17.60 -11.12
N ASP L 259 19.78 -16.89 -11.20
CA ASP L 259 20.95 -17.31 -11.91
C ASP L 259 21.49 -18.57 -11.33
N ARG L 260 21.54 -18.68 -9.98
CA ARG L 260 22.04 -19.87 -9.33
C ARG L 260 21.14 -21.05 -9.58
N LEU L 261 19.80 -20.87 -9.54
CA LEU L 261 18.85 -21.93 -9.79
C LEU L 261 18.93 -22.42 -11.21
N LYS L 262 19.15 -21.48 -12.16
CA LYS L 262 19.34 -21.75 -13.56
C LYS L 262 20.53 -22.62 -13.77
N LYS L 263 21.63 -22.31 -13.03
CA LYS L 263 22.90 -22.98 -13.11
C LYS L 263 22.78 -24.41 -12.71
N VAL L 264 21.99 -24.67 -11.64
CA VAL L 264 21.69 -25.99 -11.12
C VAL L 264 20.95 -26.80 -12.14
N MET L 265 19.93 -26.19 -12.81
CA MET L 265 19.14 -26.86 -13.81
C MET L 265 20.00 -27.29 -14.96
N ASP L 266 21.00 -26.45 -15.34
CA ASP L 266 21.92 -26.82 -16.39
C ASP L 266 22.75 -28.03 -16.04
N GLU L 267 23.30 -28.10 -14.79
CA GLU L 267 24.18 -29.18 -14.38
C GLU L 267 23.51 -30.51 -14.20
N ILE L 268 22.17 -30.47 -14.05
CA ILE L 268 21.26 -31.59 -14.01
C ILE L 268 21.28 -32.38 -15.32
N ARG L 269 22.09 -31.94 -16.33
CA ARG L 269 22.41 -32.57 -17.60
C ARG L 269 22.92 -33.98 -17.51
N GLN L 270 23.31 -34.43 -16.29
CA GLN L 270 23.54 -35.82 -15.92
C GLN L 270 22.29 -36.68 -15.92
N ALA L 271 21.14 -36.08 -16.34
CA ALA L 271 19.77 -36.52 -16.51
C ALA L 271 19.52 -37.98 -16.83
N GLY L 272 18.41 -38.48 -16.25
CA GLY L 272 17.93 -39.84 -16.42
C GLY L 272 18.70 -40.73 -15.50
N ASN L 273 19.56 -40.14 -14.67
CA ASN L 273 20.38 -40.84 -13.73
C ASN L 273 20.39 -40.02 -12.46
N ILE L 274 19.60 -38.92 -12.38
CA ILE L 274 19.62 -38.06 -11.21
C ILE L 274 18.22 -37.94 -10.64
N ILE L 275 18.10 -37.88 -9.27
CA ILE L 275 16.89 -37.58 -8.52
C ILE L 275 17.12 -36.31 -7.73
N LEU L 276 16.26 -35.30 -7.94
CA LEU L 276 16.35 -34.03 -7.26
C LEU L 276 15.28 -33.91 -6.22
N PHE L 277 15.59 -33.46 -4.99
CA PHE L 277 14.59 -33.22 -3.98
C PHE L 277 14.45 -31.72 -3.95
N ILE L 278 13.22 -31.21 -4.21
CA ILE L 278 12.91 -29.80 -4.19
C ILE L 278 11.96 -29.61 -3.05
N ASP L 279 12.43 -28.93 -1.96
CA ASP L 279 11.57 -28.62 -0.85
C ASP L 279 10.80 -27.39 -1.25
N ALA L 280 9.56 -27.24 -0.71
CA ALA L 280 8.62 -26.17 -0.93
C ALA L 280 8.44 -25.82 -2.41
N LEU L 281 8.10 -26.82 -3.24
CA LEU L 281 8.15 -26.75 -4.69
C LEU L 281 7.26 -25.68 -5.28
N HIS L 282 6.04 -25.41 -4.71
CA HIS L 282 5.19 -24.34 -5.19
C HIS L 282 5.84 -22.98 -5.12
N THR L 283 6.58 -22.67 -4.03
CA THR L 283 7.07 -21.32 -3.81
C THR L 283 7.93 -20.82 -4.93
N LEU L 284 8.74 -21.74 -5.52
CA LEU L 284 9.58 -21.50 -6.65
C LEU L 284 8.82 -21.32 -7.94
N ILE L 285 7.67 -22.02 -8.09
CA ILE L 285 6.82 -21.92 -9.25
C ILE L 285 6.08 -20.59 -9.24
N GLY L 286 5.65 -20.10 -8.05
CA GLY L 286 5.23 -18.74 -7.90
C GLY L 286 3.84 -18.51 -8.41
N ALA L 287 3.01 -19.57 -8.43
CA ALA L 287 1.70 -19.51 -9.02
C ALA L 287 0.71 -18.98 -8.04
N GLY L 288 -0.32 -18.26 -8.54
CA GLY L 288 -1.44 -17.80 -7.74
C GLY L 288 -1.09 -16.72 -6.79
N GLY L 289 -2.11 -16.24 -6.05
CA GLY L 289 -2.00 -15.18 -5.07
C GLY L 289 -2.03 -13.84 -5.76
N ALA L 290 -2.04 -12.74 -4.95
CA ALA L 290 -1.99 -11.36 -5.41
C ALA L 290 -0.65 -11.11 -6.07
N GLU L 291 0.40 -11.67 -5.47
CA GLU L 291 1.76 -11.66 -5.93
C GLU L 291 2.07 -13.12 -6.06
N GLY L 292 3.27 -13.47 -6.61
CA GLY L 292 3.67 -14.84 -6.82
C GLY L 292 4.08 -15.48 -5.53
N ALA L 293 5.30 -16.03 -5.48
CA ALA L 293 5.80 -16.60 -4.27
C ALA L 293 7.28 -16.78 -4.43
N ILE L 294 7.82 -16.38 -5.62
CA ILE L 294 9.18 -16.44 -6.12
C ILE L 294 8.98 -17.18 -7.40
N ASP L 295 9.59 -16.72 -8.51
CA ASP L 295 9.23 -17.21 -9.81
C ASP L 295 10.53 -17.61 -10.43
N ALA L 296 11.01 -18.75 -9.90
CA ALA L 296 12.09 -19.59 -10.33
C ALA L 296 11.64 -20.36 -11.53
N SER L 297 10.30 -20.40 -11.72
CA SER L 297 9.49 -21.20 -12.59
C SER L 297 9.99 -21.23 -14.00
N ASN L 298 10.62 -20.14 -14.49
CA ASN L 298 11.08 -20.06 -15.84
C ASN L 298 12.07 -21.17 -16.17
N ILE L 299 13.09 -21.39 -15.32
CA ILE L 299 13.96 -22.53 -15.41
C ILE L 299 13.32 -23.79 -14.90
N LEU L 300 12.58 -23.71 -13.77
CA LEU L 300 12.12 -24.88 -13.09
C LEU L 300 11.07 -25.70 -13.76
N LYS L 301 10.06 -25.06 -14.40
CA LYS L 301 8.96 -25.69 -15.09
C LYS L 301 9.38 -26.60 -16.22
N PRO L 302 10.22 -26.23 -17.20
CA PRO L 302 10.65 -27.12 -18.27
C PRO L 302 11.52 -28.22 -17.71
N SER L 303 12.25 -27.93 -16.60
CA SER L 303 13.10 -28.88 -15.94
C SER L 303 12.27 -29.99 -15.39
N LEU L 304 11.10 -29.66 -14.78
CA LEU L 304 10.17 -30.61 -14.22
C LEU L 304 9.62 -31.48 -15.33
N ALA L 305 9.27 -30.87 -16.48
CA ALA L 305 8.69 -31.56 -17.62
C ALA L 305 9.59 -32.60 -18.23
N ARG L 306 10.90 -32.27 -18.35
CA ARG L 306 11.89 -33.11 -18.98
C ARG L 306 12.20 -34.38 -18.24
N GLY L 307 12.08 -34.38 -16.90
CA GLY L 307 12.44 -35.54 -16.11
C GLY L 307 13.92 -35.52 -15.84
N GLU L 308 14.57 -34.38 -16.18
CA GLU L 308 15.94 -34.10 -15.81
C GLU L 308 15.87 -33.69 -14.37
N LEU L 309 14.87 -32.83 -14.05
CA LEU L 309 14.46 -32.49 -12.72
C LEU L 309 13.31 -33.39 -12.43
N GLN L 310 13.65 -34.71 -12.40
CA GLN L 310 12.80 -35.78 -11.96
C GLN L 310 12.94 -35.61 -10.50
N CYS L 311 11.87 -35.10 -9.85
CA CYS L 311 12.06 -34.56 -8.55
C CYS L 311 10.92 -34.84 -7.67
N ILE L 312 11.16 -34.63 -6.37
CA ILE L 312 10.21 -34.86 -5.33
C ILE L 312 9.96 -33.53 -4.76
N GLY L 313 8.67 -33.16 -4.73
CA GLY L 313 8.19 -31.86 -4.44
C GLY L 313 7.60 -32.02 -3.11
N ALA L 314 7.83 -31.06 -2.21
CA ALA L 314 7.26 -31.09 -0.90
C ALA L 314 6.47 -29.84 -0.89
N THR L 315 5.14 -29.99 -0.96
CA THR L 315 4.19 -28.91 -1.02
C THR L 315 3.26 -29.13 0.13
N THR L 316 2.26 -28.25 0.23
CA THR L 316 1.44 -28.06 1.40
C THR L 316 0.05 -28.06 0.83
N LEU L 317 -0.96 -28.10 1.71
CA LEU L 317 -2.39 -28.07 1.48
C LEU L 317 -2.87 -27.19 0.36
N ASP L 318 -2.38 -25.93 0.25
CA ASP L 318 -2.89 -24.95 -0.68
C ASP L 318 -1.97 -24.98 -1.85
N GLU L 319 -0.65 -25.02 -1.58
CA GLU L 319 0.43 -25.03 -2.54
C GLU L 319 0.28 -25.91 -3.78
N TYR L 320 -0.32 -27.14 -3.70
CA TYR L 320 -0.50 -27.99 -4.87
C TYR L 320 -1.46 -27.38 -5.88
N ARG L 321 -2.61 -26.80 -5.40
CA ARG L 321 -3.53 -25.99 -6.19
C ARG L 321 -2.80 -24.99 -7.05
N LYS L 322 -1.76 -24.36 -6.47
CA LYS L 322 -0.91 -23.36 -7.03
C LYS L 322 0.27 -24.00 -7.73
N TYR L 323 0.02 -25.02 -8.59
CA TYR L 323 1.09 -25.72 -9.24
C TYR L 323 0.47 -26.38 -10.44
N ILE L 324 -0.73 -26.99 -10.26
CA ILE L 324 -1.62 -27.40 -11.32
C ILE L 324 -2.27 -26.21 -11.96
N GLU L 325 -2.24 -25.06 -11.25
CA GLU L 325 -2.66 -23.74 -11.68
C GLU L 325 -1.80 -23.26 -12.82
N LYS L 326 -0.51 -23.65 -12.84
CA LYS L 326 0.33 -23.45 -13.99
C LYS L 326 0.01 -24.49 -15.03
N ASP L 327 0.72 -25.66 -15.03
CA ASP L 327 0.46 -26.75 -15.95
C ASP L 327 0.83 -26.41 -17.38
N ALA L 328 0.97 -27.38 -18.32
CA ALA L 328 0.97 -28.82 -18.16
C ALA L 328 2.40 -29.21 -18.35
N ALA L 329 3.22 -28.83 -17.34
CA ALA L 329 4.59 -29.24 -17.21
C ALA L 329 4.99 -28.96 -15.79
N LEU L 330 4.08 -28.28 -15.07
CA LEU L 330 4.12 -28.05 -13.66
C LEU L 330 2.99 -28.84 -13.09
N GLU L 331 2.38 -29.72 -13.93
CA GLU L 331 1.26 -30.52 -13.55
C GLU L 331 1.34 -31.79 -14.30
N ARG L 332 2.02 -31.80 -15.48
CA ARG L 332 2.20 -32.95 -16.34
C ARG L 332 3.49 -33.63 -16.03
N ARG L 333 4.09 -33.23 -14.90
CA ARG L 333 5.34 -33.70 -14.42
C ARG L 333 5.00 -33.96 -13.00
N PHE L 334 4.57 -32.87 -12.30
CA PHE L 334 4.06 -32.86 -10.96
C PHE L 334 2.94 -33.84 -10.78
N GLN L 335 2.68 -34.29 -9.54
CA GLN L 335 1.62 -35.25 -9.35
C GLN L 335 1.49 -35.43 -7.87
N PRO L 336 0.31 -35.52 -7.24
CA PRO L 336 0.22 -35.27 -5.82
C PRO L 336 0.24 -36.63 -5.21
N ILE L 337 0.49 -36.72 -3.89
CA ILE L 337 0.59 -37.97 -3.20
C ILE L 337 0.09 -37.66 -1.83
N GLN L 338 -0.57 -38.66 -1.22
CA GLN L 338 -1.24 -38.63 0.05
C GLN L 338 -0.18 -38.90 1.11
N VAL L 339 0.04 -37.87 1.98
CA VAL L 339 1.08 -37.80 2.99
C VAL L 339 0.60 -38.23 4.37
N ASP L 340 1.53 -38.79 5.19
CA ASP L 340 1.28 -39.27 6.54
C ASP L 340 1.77 -38.21 7.50
N GLN L 341 1.06 -38.09 8.65
CA GLN L 341 1.52 -37.40 9.83
C GLN L 341 1.24 -38.41 10.92
N PRO L 342 2.15 -38.75 11.83
CA PRO L 342 2.06 -39.94 12.67
C PRO L 342 0.77 -40.15 13.43
N SER L 343 0.14 -41.34 13.22
CA SER L 343 -0.95 -41.90 13.99
C SER L 343 -0.54 -42.19 15.40
N VAL L 344 -1.53 -42.29 16.31
CA VAL L 344 -1.36 -42.50 17.75
C VAL L 344 -0.33 -43.55 18.15
N ASP L 345 -0.29 -44.73 17.48
CA ASP L 345 0.67 -45.78 17.78
C ASP L 345 2.09 -45.38 17.46
N GLU L 346 2.27 -44.71 16.30
CA GLU L 346 3.50 -44.13 15.83
C GLU L 346 4.06 -43.14 16.80
N SER L 347 3.18 -42.32 17.43
CA SER L 347 3.49 -41.35 18.47
C SER L 347 4.31 -41.96 19.57
N ILE L 348 3.76 -42.99 20.26
CA ILE L 348 4.39 -43.80 21.30
C ILE L 348 5.82 -44.17 20.97
N GLN L 349 6.04 -44.65 19.70
CA GLN L 349 7.32 -45.12 19.22
C GLN L 349 8.38 -44.04 19.10
N ILE L 350 7.95 -42.81 18.72
CA ILE L 350 8.78 -41.62 18.60
C ILE L 350 9.34 -41.23 19.94
N LEU L 351 8.45 -41.20 20.96
CA LEU L 351 8.70 -40.84 22.34
C LEU L 351 9.92 -41.52 22.90
N GLN L 352 9.83 -42.86 22.89
CA GLN L 352 10.84 -43.83 23.22
C GLN L 352 12.12 -43.65 22.45
N GLY L 353 12.02 -43.39 21.13
CA GLY L 353 13.13 -43.18 20.22
C GLY L 353 14.07 -42.08 20.64
N LEU L 354 13.51 -41.03 21.30
CA LEU L 354 14.26 -39.90 21.78
C LEU L 354 14.34 -39.93 23.27
N ARG L 355 13.95 -41.04 23.93
CA ARG L 355 14.13 -41.25 25.35
C ARG L 355 15.57 -41.16 25.73
N ASP L 356 16.40 -41.97 25.08
CA ASP L 356 17.83 -42.10 25.27
C ASP L 356 18.65 -40.81 25.25
N ARG L 357 18.12 -39.68 24.71
CA ARG L 357 18.83 -38.43 24.62
C ARG L 357 18.35 -37.51 25.71
N TYR L 358 17.22 -37.88 26.35
CA TYR L 358 16.71 -37.28 27.56
C TYR L 358 17.50 -37.75 28.75
N GLU L 359 18.39 -38.77 28.57
CA GLU L 359 19.38 -39.19 29.52
C GLU L 359 20.40 -38.10 29.72
N ALA L 360 20.61 -37.23 28.71
CA ALA L 360 21.50 -36.08 28.78
C ALA L 360 21.08 -35.12 29.86
N HIS L 361 19.75 -35.05 30.16
CA HIS L 361 19.25 -34.22 31.22
C HIS L 361 18.90 -35.07 32.38
N HIS L 362 18.76 -36.40 32.19
CA HIS L 362 18.71 -37.39 33.24
C HIS L 362 17.45 -37.21 34.02
N ARG L 363 16.27 -37.51 33.43
CA ARG L 363 15.05 -37.25 34.14
C ARG L 363 13.94 -37.97 33.46
N VAL L 364 14.32 -38.84 32.55
CA VAL L 364 13.52 -39.71 31.74
C VAL L 364 14.61 -40.02 30.79
N SER L 365 14.95 -41.26 30.36
CA SER L 365 14.43 -42.61 30.38
C SER L 365 13.36 -43.08 31.34
N ILE L 366 12.44 -43.94 30.82
CA ILE L 366 11.38 -44.70 31.48
C ILE L 366 10.30 -43.79 31.99
N THR L 367 9.02 -44.21 32.14
CA THR L 367 8.45 -45.50 31.85
C THR L 367 7.72 -45.41 30.55
N ASP L 368 7.59 -46.58 29.87
CA ASP L 368 6.74 -46.84 28.74
C ASP L 368 5.35 -46.39 29.04
N ASP L 369 4.78 -46.92 30.13
CA ASP L 369 3.44 -46.69 30.64
C ASP L 369 3.06 -45.23 30.73
N ALA L 370 4.08 -44.39 30.99
CA ALA L 370 3.98 -42.97 31.10
C ALA L 370 3.88 -42.40 29.74
N ILE L 371 4.75 -42.84 28.84
CA ILE L 371 4.85 -42.51 27.44
C ILE L 371 3.53 -42.63 26.73
N GLU L 372 2.88 -43.83 26.76
CA GLU L 372 1.55 -44.13 26.31
C GLU L 372 0.54 -43.09 26.73
N ALA L 373 0.68 -42.60 27.99
CA ALA L 373 -0.12 -41.60 28.63
C ALA L 373 0.02 -40.28 27.93
N ALA L 374 1.28 -39.83 27.74
CA ALA L 374 1.71 -38.68 26.98
C ALA L 374 0.92 -38.59 25.72
N VAL L 375 1.02 -39.65 24.86
CA VAL L 375 0.21 -39.78 23.68
C VAL L 375 -1.27 -39.76 23.94
N LYS L 376 -1.82 -40.93 24.36
CA LYS L 376 -3.23 -41.23 24.47
C LYS L 376 -4.13 -40.27 25.17
N LEU L 377 -3.70 -39.79 26.37
CA LEU L 377 -4.51 -38.90 27.18
C LEU L 377 -4.66 -37.57 26.50
N SER L 378 -3.57 -37.15 25.83
CA SER L 378 -3.48 -35.94 25.10
C SER L 378 -4.27 -35.97 23.83
N ASP L 379 -4.26 -37.13 23.14
CA ASP L 379 -4.86 -37.38 21.83
C ASP L 379 -6.34 -37.14 21.89
N ARG L 380 -6.96 -37.58 22.99
CA ARG L 380 -8.38 -37.59 23.19
C ARG L 380 -8.75 -36.34 23.95
N TYR L 381 -7.96 -35.95 24.97
CA TYR L 381 -8.27 -34.80 25.78
C TYR L 381 -7.18 -33.81 25.51
N ILE L 382 -7.52 -32.66 24.86
CA ILE L 382 -6.72 -31.51 24.45
C ILE L 382 -5.21 -31.77 24.30
N SER L 383 -4.65 -31.95 23.07
CA SER L 383 -5.12 -31.62 21.74
C SER L 383 -5.07 -30.14 21.55
N ASP L 384 -3.83 -29.66 21.37
CA ASP L 384 -3.44 -28.29 21.19
C ASP L 384 -2.13 -28.34 20.46
N ARG L 385 -1.75 -29.57 20.05
CA ARG L 385 -0.56 -29.93 19.33
C ARG L 385 -1.03 -31.10 18.49
N PHE L 386 -0.15 -31.59 17.57
CA PHE L 386 -0.40 -32.78 16.77
C PHE L 386 -0.20 -34.01 17.63
N LEU L 387 -0.71 -35.17 17.16
CA LEU L 387 -0.77 -36.45 17.86
C LEU L 387 0.55 -36.94 18.45
N PRO L 388 1.75 -36.68 17.92
CA PRO L 388 3.01 -37.06 18.56
C PRO L 388 3.64 -35.90 19.25
N ASP L 389 3.44 -34.64 18.79
CA ASP L 389 4.03 -33.47 19.40
C ASP L 389 3.52 -33.31 20.82
N LYS L 390 2.19 -33.40 21.01
CA LYS L 390 1.49 -33.37 22.28
C LYS L 390 2.17 -34.25 23.30
N ALA L 391 2.25 -35.53 22.96
CA ALA L 391 2.97 -36.58 23.59
C ALA L 391 4.33 -36.23 24.13
N ILE L 392 5.41 -36.14 23.28
CA ILE L 392 6.77 -35.78 23.68
C ILE L 392 6.93 -34.64 24.68
N ASP L 393 6.00 -33.68 24.62
CA ASP L 393 6.02 -32.53 25.45
C ASP L 393 5.65 -32.92 26.85
N LEU L 394 4.65 -33.79 26.97
CA LEU L 394 4.23 -34.39 28.20
C LEU L 394 5.30 -35.21 28.82
N ILE L 395 5.99 -36.07 28.04
CA ILE L 395 7.12 -36.80 28.56
C ILE L 395 8.08 -35.93 29.25
N ASP L 396 8.59 -34.90 28.55
CA ASP L 396 9.55 -34.05 29.15
C ASP L 396 9.04 -33.22 30.26
N GLU L 397 7.81 -32.69 30.14
CA GLU L 397 7.11 -32.01 31.21
C GLU L 397 7.18 -32.71 32.55
N ALA L 398 6.87 -34.01 32.54
CA ALA L 398 6.96 -34.87 33.69
C ALA L 398 8.38 -35.26 34.01
N GLY L 399 9.19 -35.22 32.93
CA GLY L 399 10.58 -35.51 32.74
C GLY L 399 11.42 -34.40 33.23
N SER L 400 10.93 -33.73 34.28
CA SER L 400 11.57 -32.64 34.90
C SER L 400 10.86 -32.50 36.19
N LYS L 401 9.51 -32.53 36.15
CA LYS L 401 8.61 -32.40 37.27
C LYS L 401 9.07 -33.08 38.52
N VAL L 402 9.55 -34.34 38.41
CA VAL L 402 9.97 -35.09 39.58
C VAL L 402 11.33 -34.64 40.03
N ARG L 403 12.27 -34.31 39.12
CA ARG L 403 13.53 -33.64 39.45
C ARG L 403 13.41 -32.34 40.15
N LEU L 404 12.20 -31.75 40.19
CA LEU L 404 12.00 -30.50 40.82
C LEU L 404 11.60 -30.86 42.22
N ARG L 405 10.63 -31.79 42.41
CA ARG L 405 10.31 -32.39 43.70
C ARG L 405 11.49 -33.01 44.46
N SER L 406 12.58 -33.36 43.74
CA SER L 406 13.83 -33.92 44.21
C SER L 406 14.58 -33.00 45.09
N PHE L 407 14.70 -31.73 44.66
CA PHE L 407 15.61 -30.80 45.27
C PHE L 407 14.81 -29.76 46.01
N THR L 408 13.47 -29.85 45.91
CA THR L 408 12.53 -29.06 46.67
C THR L 408 12.42 -29.78 47.98
N THR L 409 12.33 -31.12 47.91
CA THR L 409 12.34 -31.97 49.06
C THR L 409 13.26 -33.12 48.70
N PRO L 410 14.54 -33.05 49.00
CA PRO L 410 15.26 -34.12 49.68
C PRO L 410 14.93 -34.06 51.15
N PRO L 411 15.72 -34.62 52.06
CA PRO L 411 15.51 -34.41 53.49
C PRO L 411 15.67 -32.97 53.94
N ASN L 412 16.03 -32.06 53.00
CA ASN L 412 16.05 -30.62 53.11
C ASN L 412 17.25 -30.09 53.81
N LEU L 413 18.46 -30.59 53.41
CA LEU L 413 19.75 -29.98 53.66
C LEU L 413 19.93 -28.67 52.91
N LYS L 414 18.80 -28.09 52.46
CA LYS L 414 18.58 -26.73 52.05
C LYS L 414 18.81 -25.82 53.23
N GLU L 415 18.63 -26.39 54.44
CA GLU L 415 18.79 -25.78 55.73
C GLU L 415 20.25 -25.55 55.97
N LEU L 416 21.10 -26.49 55.52
CA LEU L 416 22.53 -26.45 55.59
C LEU L 416 23.07 -25.16 55.02
N GLU L 417 22.81 -24.94 53.71
CA GLU L 417 23.09 -23.71 52.99
C GLU L 417 22.66 -22.46 53.74
N GLN L 418 21.42 -22.49 54.30
CA GLN L 418 20.84 -21.48 55.16
C GLN L 418 21.74 -21.15 56.32
N LYS L 419 22.32 -22.17 57.02
CA LYS L 419 23.27 -22.02 58.11
C LYS L 419 24.47 -21.28 57.62
N LEU L 420 25.17 -21.84 56.59
CA LEU L 420 26.38 -21.30 55.98
C LEU L 420 26.33 -19.82 55.68
N ASP L 421 25.12 -19.33 55.35
CA ASP L 421 24.83 -17.95 55.05
C ASP L 421 25.16 -17.12 56.26
N GLU L 422 24.40 -17.32 57.36
CA GLU L 422 24.55 -16.73 58.67
C GLU L 422 25.96 -16.57 59.13
N VAL L 423 26.81 -17.58 58.81
CA VAL L 423 28.20 -17.61 59.12
C VAL L 423 28.91 -16.49 58.43
N ARG L 424 29.08 -16.56 57.07
CA ARG L 424 29.69 -15.55 56.22
C ARG L 424 29.48 -14.14 56.71
N LYS L 425 28.20 -13.71 56.86
CA LYS L 425 27.75 -12.49 57.47
C LYS L 425 28.49 -12.13 58.72
N GLU L 426 28.25 -12.92 59.82
CA GLU L 426 28.91 -12.86 61.11
C GLU L 426 30.39 -12.65 60.96
N LYS L 427 31.06 -13.58 60.24
CA LYS L 427 32.45 -13.60 59.85
C LYS L 427 32.87 -12.31 59.28
N ASP L 428 32.28 -11.93 58.14
CA ASP L 428 32.57 -10.83 57.29
C ASP L 428 32.57 -9.60 58.11
N ALA L 429 31.38 -9.22 58.60
CA ALA L 429 31.14 -8.12 59.48
C ALA L 429 32.07 -8.14 60.67
N ALA L 430 32.36 -9.33 61.26
CA ALA L 430 33.34 -9.53 62.30
C ALA L 430 34.72 -9.15 61.89
N VAL L 431 35.22 -9.51 60.68
CA VAL L 431 36.54 -9.13 60.22
C VAL L 431 36.63 -7.64 60.07
N GLN L 432 35.47 -7.03 59.75
CA GLN L 432 35.26 -5.63 59.58
C GLN L 432 35.11 -4.88 60.87
N SER L 433 34.73 -5.59 61.97
CA SER L 433 34.44 -4.98 63.25
C SER L 433 35.66 -5.09 64.10
N GLN L 434 36.31 -6.26 64.06
CA GLN L 434 37.55 -6.56 64.70
C GLN L 434 37.46 -6.56 66.21
N GLU L 435 36.88 -7.57 66.95
CA GLU L 435 36.16 -8.78 66.60
C GLU L 435 36.96 -9.67 65.68
N PHE L 436 38.30 -9.44 65.65
CA PHE L 436 39.24 -10.09 64.80
C PHE L 436 39.36 -11.55 65.03
N GLU L 437 39.95 -11.99 66.17
CA GLU L 437 39.99 -13.39 66.51
C GLU L 437 38.60 -13.98 66.73
N LYS L 438 37.59 -13.11 67.00
CA LYS L 438 36.18 -13.39 66.99
C LYS L 438 35.59 -13.51 65.60
N ALA L 439 36.43 -13.34 64.56
CA ALA L 439 36.16 -13.37 63.15
C ALA L 439 36.85 -14.61 62.70
N ALA L 440 38.13 -14.83 63.09
CA ALA L 440 38.92 -16.03 62.88
C ALA L 440 38.16 -17.30 62.71
N SER L 441 37.47 -17.64 63.82
CA SER L 441 36.66 -18.80 64.04
C SER L 441 35.42 -18.79 63.22
N LEU L 442 34.92 -17.60 62.89
CA LEU L 442 33.83 -17.36 62.01
C LEU L 442 34.19 -17.73 60.60
N ARG L 443 35.41 -17.42 60.07
CA ARG L 443 35.85 -17.98 58.79
C ARG L 443 35.84 -19.44 58.89
N ASP L 444 36.59 -20.00 59.87
CA ASP L 444 36.71 -21.42 60.00
C ASP L 444 35.39 -22.13 59.98
N THR L 445 34.40 -21.66 60.76
CA THR L 445 33.03 -22.13 60.70
C THR L 445 32.40 -21.99 59.34
N GLU L 446 32.68 -20.89 58.62
CA GLU L 446 32.27 -20.67 57.26
C GLU L 446 32.77 -21.72 56.30
N GLN L 447 34.11 -21.77 55.99
CA GLN L 447 34.65 -22.73 55.04
C GLN L 447 34.44 -24.19 55.35
N ARG L 448 34.38 -24.56 56.65
CA ARG L 448 33.87 -25.84 57.12
C ARG L 448 32.52 -26.18 56.55
N LEU L 449 31.54 -25.26 56.79
CA LEU L 449 30.17 -25.25 56.33
C LEU L 449 30.15 -25.38 54.85
N ARG L 450 30.87 -24.51 54.09
CA ARG L 450 30.90 -24.45 52.64
C ARG L 450 31.12 -25.83 52.09
N GLU L 451 32.24 -26.48 52.44
CA GLU L 451 32.54 -27.84 52.06
C GLU L 451 31.47 -28.88 52.39
N GLN L 452 30.82 -28.80 53.58
CA GLN L 452 29.70 -29.59 54.06
C GLN L 452 28.45 -29.47 53.23
N VAL L 453 28.12 -28.21 52.87
CA VAL L 453 27.07 -27.74 52.01
C VAL L 453 27.26 -28.45 50.72
N GLU L 454 28.38 -28.17 50.03
CA GLU L 454 28.74 -28.79 48.77
C GLU L 454 28.70 -30.31 48.82
N ASP L 455 29.08 -30.92 49.99
CA ASP L 455 29.03 -32.35 50.25
C ASP L 455 27.65 -32.90 50.31
N THR L 456 26.67 -32.14 50.84
CA THR L 456 25.33 -32.63 51.06
C THR L 456 24.41 -32.29 49.93
N LYS L 457 24.89 -31.45 48.98
CA LYS L 457 24.18 -31.20 47.76
C LYS L 457 24.58 -32.25 46.79
N LYS L 458 25.77 -32.87 46.98
CA LYS L 458 26.14 -34.00 46.17
C LYS L 458 25.96 -35.25 46.97
N SER L 459 25.44 -35.13 48.23
CA SER L 459 24.76 -36.24 48.87
C SER L 459 23.41 -36.36 48.23
N TRP L 460 22.92 -35.29 47.57
CA TRP L 460 21.75 -35.37 46.73
C TRP L 460 22.16 -35.60 45.31
N LYS L 461 23.20 -36.42 45.11
CA LYS L 461 23.40 -37.24 43.94
C LYS L 461 22.79 -38.57 44.24
N GLU L 462 22.43 -38.82 45.51
CA GLU L 462 21.66 -39.97 45.93
C GLU L 462 20.25 -39.62 45.58
N LYS L 463 19.85 -38.33 45.72
CA LYS L 463 18.59 -37.85 45.24
C LYS L 463 18.48 -37.83 43.74
N GLN L 464 19.61 -38.08 43.05
CA GLN L 464 19.66 -38.26 41.63
C GLN L 464 19.52 -39.69 41.29
N GLY L 465 20.31 -40.60 41.91
CA GLY L 465 20.25 -42.01 41.63
C GLY L 465 18.91 -42.60 41.97
N GLN L 466 18.13 -41.87 42.81
CA GLN L 466 16.75 -42.11 43.11
C GLN L 466 15.82 -41.62 42.02
N GLU L 467 15.97 -40.36 41.55
CA GLU L 467 14.99 -39.72 40.71
C GLU L 467 15.36 -39.63 39.24
N ASN L 468 16.59 -39.16 38.90
CA ASN L 468 17.18 -38.86 37.60
C ASN L 468 17.08 -39.85 36.44
N SER L 469 16.07 -40.73 36.38
CA SER L 469 15.35 -40.95 35.15
C SER L 469 14.17 -41.84 35.45
N GLU L 470 12.97 -41.22 35.41
CA GLU L 470 11.71 -41.92 35.30
C GLU L 470 10.81 -40.89 34.74
N VAL L 471 9.55 -41.23 34.43
CA VAL L 471 8.70 -40.24 33.86
C VAL L 471 7.30 -40.66 34.10
N THR L 472 7.11 -41.70 34.94
CA THR L 472 5.95 -42.50 35.32
C THR L 472 4.58 -42.09 34.84
N VAL L 473 3.70 -43.10 34.65
CA VAL L 473 2.27 -42.98 34.48
C VAL L 473 1.67 -41.66 34.94
N ASP L 474 1.44 -41.54 36.26
CA ASP L 474 0.99 -40.38 36.99
C ASP L 474 1.72 -39.10 36.72
N ASP L 475 3.07 -39.17 36.61
CA ASP L 475 3.95 -38.06 36.36
C ASP L 475 3.61 -37.40 35.06
N ILE L 476 3.48 -38.23 33.99
CA ILE L 476 3.11 -37.76 32.68
C ILE L 476 1.70 -37.29 32.73
N ALA L 477 0.82 -38.07 33.35
CA ALA L 477 -0.57 -37.77 33.38
C ALA L 477 -0.94 -36.46 34.06
N MET L 478 -0.27 -36.11 35.17
CA MET L 478 -0.44 -34.88 35.93
C MET L 478 -0.01 -33.72 35.11
N VAL L 479 1.14 -33.86 34.41
CA VAL L 479 1.65 -32.87 33.51
C VAL L 479 0.71 -32.71 32.35
N VAL L 480 0.08 -33.84 31.88
CA VAL L 480 -0.87 -33.79 30.79
C VAL L 480 -2.01 -33.00 31.30
N SER L 481 -2.45 -33.16 32.56
CA SER L 481 -3.47 -32.28 33.08
C SER L 481 -3.04 -30.82 33.17
N SER L 482 -1.74 -30.52 33.43
CA SER L 482 -1.31 -29.15 33.64
C SER L 482 -1.52 -28.17 32.52
N TRP L 483 -1.16 -28.48 31.24
CA TRP L 483 -1.64 -27.72 30.10
C TRP L 483 -3.05 -28.00 29.70
N THR L 484 -3.30 -29.28 29.30
CA THR L 484 -4.49 -29.82 28.64
C THR L 484 -5.76 -29.24 29.23
N ALA L 492 -0.35 -43.31 32.46
CA ALA L 492 -1.80 -43.03 32.26
C ALA L 492 -2.35 -42.31 33.44
N GLN L 493 -1.95 -42.78 34.63
CA GLN L 493 -2.53 -42.55 35.93
C GLN L 493 -3.34 -41.34 36.20
N THR L 494 -2.80 -40.14 36.51
CA THR L 494 -3.68 -39.06 36.92
C THR L 494 -4.31 -38.24 35.80
N GLU L 495 -4.65 -38.89 34.67
CA GLU L 495 -5.67 -38.49 33.74
C GLU L 495 -6.67 -39.61 33.62
N THR L 496 -6.23 -40.87 33.85
CA THR L 496 -7.14 -42.00 33.82
C THR L 496 -7.73 -42.22 35.17
N ASP L 497 -7.18 -41.61 36.24
CA ASP L 497 -7.76 -41.65 37.56
C ASP L 497 -8.86 -40.65 37.54
N LYS L 498 -8.68 -39.57 36.74
CA LYS L 498 -9.70 -38.64 36.39
C LYS L 498 -10.87 -39.28 35.67
N LEU L 499 -10.56 -40.31 34.85
CA LEU L 499 -11.51 -41.02 34.04
C LEU L 499 -12.25 -42.03 34.86
N LEU L 500 -11.55 -42.98 35.51
CA LEU L 500 -12.12 -43.98 36.39
C LEU L 500 -12.91 -43.40 37.54
N ASN L 501 -12.45 -42.27 38.10
CA ASN L 501 -13.05 -41.66 39.26
C ASN L 501 -13.88 -40.49 38.83
N MET L 502 -14.22 -40.38 37.53
CA MET L 502 -15.00 -39.32 36.96
C MET L 502 -16.25 -38.97 37.71
N GLU L 503 -17.06 -39.96 38.16
CA GLU L 503 -18.27 -39.71 38.94
C GLU L 503 -17.99 -38.95 40.18
N ASN L 504 -16.99 -39.41 40.97
CA ASN L 504 -16.47 -38.79 42.17
C ASN L 504 -16.04 -37.36 41.98
N ILE L 505 -15.47 -37.07 40.79
CA ILE L 505 -14.85 -35.82 40.44
C ILE L 505 -15.92 -34.88 40.01
N LEU L 506 -16.87 -35.35 39.17
CA LEU L 506 -17.99 -34.54 38.78
C LEU L 506 -18.93 -34.24 39.93
N HIS L 507 -19.10 -35.13 40.94
CA HIS L 507 -19.93 -34.86 42.10
C HIS L 507 -19.37 -33.85 43.06
N SER L 508 -18.02 -33.72 43.11
CA SER L 508 -17.34 -32.96 44.15
C SER L 508 -17.42 -31.48 43.94
N ARG L 509 -18.06 -31.05 42.82
CA ARG L 509 -18.22 -29.67 42.49
C ARG L 509 -19.68 -29.51 42.16
N VAL L 510 -20.36 -30.64 41.81
CA VAL L 510 -21.72 -30.58 41.34
C VAL L 510 -22.64 -31.31 42.26
N ILE L 511 -23.74 -30.58 42.45
CA ILE L 511 -24.90 -30.58 43.29
C ILE L 511 -25.52 -31.94 43.53
N GLY L 512 -26.71 -31.99 44.17
CA GLY L 512 -27.32 -33.19 44.72
C GLY L 512 -28.00 -33.98 43.67
N GLN L 513 -27.83 -33.56 42.39
CA GLN L 513 -28.27 -34.21 41.21
C GLN L 513 -27.29 -35.30 40.91
N ASP L 514 -27.20 -36.29 41.82
CA ASP L 514 -26.34 -37.44 41.75
C ASP L 514 -26.74 -38.29 40.59
N GLU L 515 -28.06 -38.35 40.28
CA GLU L 515 -28.64 -38.92 39.08
C GLU L 515 -27.95 -38.38 37.85
N ALA L 516 -27.91 -37.03 37.74
CA ALA L 516 -27.30 -36.36 36.63
C ALA L 516 -25.82 -36.56 36.53
N VAL L 517 -25.07 -36.32 37.63
CA VAL L 517 -23.63 -36.46 37.69
C VAL L 517 -23.12 -37.79 37.23
N VAL L 518 -23.70 -38.88 37.76
CA VAL L 518 -23.31 -40.24 37.47
C VAL L 518 -23.64 -40.60 36.05
N ALA L 519 -24.74 -40.07 35.49
CA ALA L 519 -25.15 -40.36 34.14
C ALA L 519 -24.17 -39.79 33.15
N VAL L 520 -23.82 -38.50 33.31
CA VAL L 520 -22.85 -37.81 32.51
C VAL L 520 -21.47 -38.35 32.67
N ALA L 521 -20.98 -38.47 33.94
CA ALA L 521 -19.71 -39.07 34.31
C ALA L 521 -19.40 -40.33 33.58
N LYS L 522 -20.36 -41.28 33.66
CA LYS L 522 -20.23 -42.58 33.09
C LYS L 522 -20.32 -42.51 31.59
N ALA L 523 -21.13 -41.59 31.00
CA ALA L 523 -21.31 -41.50 29.56
C ALA L 523 -20.10 -40.96 28.86
N VAL L 524 -19.47 -39.92 29.45
CA VAL L 524 -18.23 -39.40 28.98
C VAL L 524 -17.14 -40.42 29.17
N ARG L 525 -17.02 -41.03 30.37
CA ARG L 525 -16.02 -42.02 30.72
C ARG L 525 -16.08 -43.24 29.84
N ARG L 526 -17.30 -43.56 29.37
CA ARG L 526 -17.57 -44.62 28.44
C ARG L 526 -16.91 -44.33 27.13
N ALA L 527 -17.27 -43.22 26.46
CA ALA L 527 -16.64 -42.80 25.23
C ALA L 527 -15.14 -42.54 25.30
N ARG L 528 -14.70 -41.82 26.37
CA ARG L 528 -13.38 -41.27 26.62
C ARG L 528 -12.33 -42.34 26.93
N ALA L 529 -12.75 -43.62 26.98
CA ALA L 529 -11.89 -44.74 27.23
C ALA L 529 -11.89 -45.58 25.99
N GLY L 530 -12.60 -45.10 24.94
CA GLY L 530 -12.53 -45.60 23.61
C GLY L 530 -13.30 -46.85 23.38
N LEU L 531 -14.53 -46.97 23.94
CA LEU L 531 -15.31 -48.17 23.75
C LEU L 531 -16.70 -47.78 23.29
N LYS L 532 -16.97 -46.46 23.21
CA LYS L 532 -18.21 -45.90 22.74
C LYS L 532 -17.77 -44.79 21.85
N ASP L 533 -18.46 -44.66 20.68
CA ASP L 533 -18.33 -43.64 19.66
C ASP L 533 -17.80 -42.31 20.14
N PRO L 534 -16.61 -41.91 19.70
CA PRO L 534 -16.01 -40.70 20.19
C PRO L 534 -15.64 -39.92 18.96
N LYS L 535 -16.24 -40.22 17.78
CA LYS L 535 -16.00 -39.50 16.54
C LYS L 535 -16.76 -38.22 16.63
N ARG L 536 -17.89 -38.33 17.36
CA ARG L 536 -18.80 -37.31 17.76
C ARG L 536 -18.45 -37.15 19.21
N PRO L 537 -18.82 -36.09 19.91
CA PRO L 537 -18.51 -35.84 21.30
C PRO L 537 -18.44 -37.04 22.21
N ILE L 538 -17.48 -37.07 23.16
CA ILE L 538 -17.34 -38.14 24.13
C ILE L 538 -18.54 -38.20 25.06
N GLY L 539 -19.36 -37.14 25.01
CA GLY L 539 -20.64 -37.17 25.61
C GLY L 539 -21.32 -36.10 24.87
N SER L 540 -22.52 -36.40 24.35
CA SER L 540 -23.49 -35.46 23.93
C SER L 540 -24.49 -35.63 25.02
N PHE L 541 -25.22 -34.55 25.36
CA PHE L 541 -26.09 -34.64 26.49
C PHE L 541 -27.18 -33.69 26.32
N ILE L 542 -28.26 -33.94 27.06
CA ILE L 542 -29.21 -32.92 27.30
C ILE L 542 -29.11 -32.85 28.78
N PHE L 543 -29.09 -31.62 29.31
CA PHE L 543 -29.04 -31.35 30.71
C PHE L 543 -30.31 -30.66 31.01
N LEU L 544 -31.21 -31.31 31.77
CA LEU L 544 -32.49 -30.73 32.09
C LEU L 544 -32.42 -30.27 33.49
N GLY L 545 -33.29 -29.31 33.87
CA GLY L 545 -33.32 -28.75 35.20
C GLY L 545 -33.53 -27.29 35.03
N PRO L 546 -33.94 -26.52 36.03
CA PRO L 546 -34.04 -25.08 35.92
C PRO L 546 -32.64 -24.58 35.98
N THR L 547 -32.34 -23.33 35.58
CA THR L 547 -30.98 -22.84 35.57
C THR L 547 -30.40 -22.78 36.97
N GLY L 548 -29.05 -22.96 37.06
CA GLY L 548 -28.26 -22.83 38.27
C GLY L 548 -28.33 -24.04 39.16
N VAL L 549 -28.92 -25.14 38.69
CA VAL L 549 -29.20 -26.31 39.47
C VAL L 549 -28.06 -27.25 39.57
N GLY L 550 -27.38 -27.57 38.45
CA GLY L 550 -26.28 -28.49 38.49
C GLY L 550 -25.73 -28.55 37.12
N LYS L 551 -26.51 -28.05 36.14
CA LYS L 551 -26.30 -28.15 34.71
C LYS L 551 -24.98 -27.56 34.30
N THR L 552 -24.86 -26.21 34.36
CA THR L 552 -23.67 -25.42 34.12
C THR L 552 -22.47 -25.93 34.88
N GLU L 553 -22.69 -26.18 36.19
CA GLU L 553 -21.72 -26.66 37.14
C GLU L 553 -21.08 -27.96 36.72
N LEU L 554 -21.83 -28.79 35.95
CA LEU L 554 -21.40 -30.07 35.47
C LEU L 554 -20.57 -29.93 34.24
N ALA L 555 -20.99 -29.12 33.25
CA ALA L 555 -20.19 -28.61 32.16
C ALA L 555 -18.78 -28.17 32.54
N ARG L 556 -18.67 -27.44 33.66
CA ARG L 556 -17.40 -27.02 34.24
C ARG L 556 -16.61 -28.19 34.75
N ALA L 557 -17.22 -29.01 35.65
CA ALA L 557 -16.63 -30.18 36.27
C ALA L 557 -16.14 -31.23 35.28
N LEU L 558 -16.69 -31.22 34.05
CA LEU L 558 -16.37 -32.13 32.99
C LEU L 558 -15.11 -31.71 32.35
N ALA L 559 -15.02 -30.44 31.90
CA ALA L 559 -13.79 -29.81 31.49
C ALA L 559 -12.63 -30.12 32.41
N GLU L 560 -12.81 -29.87 33.73
CA GLU L 560 -11.87 -30.15 34.79
C GLU L 560 -11.40 -31.59 34.81
N SER L 561 -12.33 -32.56 34.70
CA SER L 561 -12.02 -33.95 34.89
C SER L 561 -11.39 -34.50 33.65
N ILE L 562 -11.90 -34.13 32.47
CA ILE L 562 -11.49 -34.71 31.23
C ILE L 562 -10.19 -34.17 30.77
N PHE L 563 -9.91 -32.88 31.00
CA PHE L 563 -8.81 -32.25 30.35
C PHE L 563 -7.85 -31.87 31.41
N GLY L 564 -8.31 -31.73 32.66
CA GLY L 564 -7.43 -31.40 33.75
C GLY L 564 -7.46 -29.92 33.96
N ASP L 565 -8.34 -29.19 33.22
CA ASP L 565 -8.51 -27.77 33.38
C ASP L 565 -9.95 -27.45 33.15
N GLU L 566 -10.51 -26.56 33.99
CA GLU L 566 -11.90 -26.21 34.03
C GLU L 566 -12.30 -25.28 32.90
N GLU L 567 -11.32 -24.53 32.33
CA GLU L 567 -11.59 -23.38 31.50
C GLU L 567 -11.57 -23.76 30.04
N SER L 568 -11.64 -25.07 29.74
CA SER L 568 -11.81 -25.57 28.40
C SER L 568 -13.26 -25.88 28.25
N MET L 569 -14.10 -24.82 28.22
CA MET L 569 -15.52 -24.95 28.16
C MET L 569 -15.95 -23.74 27.39
N ILE L 570 -16.49 -23.99 26.17
CA ILE L 570 -17.20 -23.07 25.32
C ILE L 570 -18.58 -22.89 25.89
N ARG L 571 -19.38 -21.91 25.38
CA ARG L 571 -20.67 -21.64 25.95
C ARG L 571 -21.34 -20.60 25.09
N ILE L 572 -22.37 -21.08 24.35
CA ILE L 572 -23.02 -20.38 23.28
C ILE L 572 -24.47 -20.39 23.68
N ASP L 573 -25.25 -19.28 23.50
CA ASP L 573 -26.69 -19.37 23.68
C ASP L 573 -27.27 -19.36 22.30
N MET L 574 -28.00 -20.44 21.92
CA MET L 574 -28.64 -20.49 20.63
C MET L 574 -29.82 -19.57 20.49
N SER L 575 -30.48 -19.26 21.62
CA SER L 575 -31.60 -18.35 21.74
C SER L 575 -31.24 -16.91 21.46
N GLU L 576 -29.93 -16.57 21.53
CA GLU L 576 -29.47 -15.22 21.31
C GLU L 576 -29.43 -14.90 19.85
N TYR L 577 -29.28 -15.92 18.98
CA TYR L 577 -29.37 -15.75 17.55
C TYR L 577 -30.80 -15.48 17.19
N MET L 578 -31.05 -14.28 16.65
CA MET L 578 -32.33 -13.80 16.23
C MET L 578 -32.13 -13.25 14.85
N GLU L 579 -32.77 -12.09 14.54
CA GLU L 579 -33.06 -11.48 13.25
C GLU L 579 -33.28 -12.45 12.11
N LYS L 580 -33.88 -13.61 12.44
CA LYS L 580 -34.00 -14.74 11.57
C LYS L 580 -35.37 -14.79 10.96
N HIS L 581 -36.12 -13.68 11.01
CA HIS L 581 -37.40 -13.57 10.36
C HIS L 581 -37.67 -12.10 10.20
N SER L 582 -36.61 -11.28 10.12
CA SER L 582 -36.72 -9.86 10.27
C SER L 582 -36.49 -9.17 8.96
N THR L 583 -36.87 -9.86 7.85
CA THR L 583 -37.14 -9.39 6.50
C THR L 583 -37.11 -7.88 6.32
N SER L 584 -38.26 -7.21 6.53
CA SER L 584 -38.41 -5.79 6.34
C SER L 584 -38.70 -5.26 7.72
N ARG L 585 -38.87 -6.19 8.69
CA ARG L 585 -39.23 -5.94 10.05
C ARG L 585 -38.10 -5.25 10.76
N LEU L 586 -36.84 -5.66 10.46
CA LEU L 586 -35.66 -5.05 11.00
C LEU L 586 -35.61 -3.63 10.50
N VAL L 587 -35.87 -3.46 9.18
CA VAL L 587 -35.76 -2.19 8.53
C VAL L 587 -36.02 -2.40 7.06
N GLY L 588 -35.32 -3.37 6.45
CA GLY L 588 -35.48 -3.64 5.05
C GLY L 588 -34.68 -4.85 4.73
N SER L 589 -33.76 -5.28 5.62
CA SER L 589 -32.99 -6.49 5.44
C SER L 589 -32.59 -6.87 6.83
N PRO L 590 -32.41 -8.14 7.15
CA PRO L 590 -31.89 -8.52 8.45
C PRO L 590 -30.48 -9.06 8.37
N PRO L 591 -29.39 -8.32 8.36
CA PRO L 591 -28.10 -8.94 8.14
C PRO L 591 -27.53 -9.32 9.47
N GLY L 592 -27.42 -10.65 9.75
CA GLY L 592 -26.68 -11.05 10.91
C GLY L 592 -26.99 -12.43 11.36
N TYR L 593 -27.65 -12.51 12.54
CA TYR L 593 -27.24 -13.32 13.67
C TYR L 593 -26.96 -14.78 13.49
N VAL L 594 -27.78 -15.56 12.73
CA VAL L 594 -27.53 -16.98 12.55
C VAL L 594 -26.33 -17.17 11.65
N GLY L 595 -26.15 -16.20 10.74
CA GLY L 595 -25.06 -16.04 9.83
C GLY L 595 -23.78 -15.80 10.54
N TYR L 596 -23.84 -15.05 11.68
CA TYR L 596 -22.71 -14.86 12.54
C TYR L 596 -22.34 -16.15 13.21
N ASP L 597 -23.34 -16.90 13.71
CA ASP L 597 -23.13 -18.13 14.43
C ASP L 597 -22.49 -19.20 13.60
N GLU L 598 -23.04 -19.49 12.40
CA GLU L 598 -22.45 -20.49 11.55
C GLU L 598 -21.18 -20.00 10.93
N GLY L 599 -21.29 -18.84 10.25
CA GLY L 599 -20.29 -18.19 9.44
C GLY L 599 -19.04 -17.82 10.17
N GLY L 600 -19.09 -17.74 11.51
CA GLY L 600 -17.96 -17.37 12.30
C GLY L 600 -17.96 -18.10 13.60
N GLN L 601 -18.83 -17.69 14.55
CA GLN L 601 -18.67 -17.94 15.97
C GLN L 601 -18.54 -19.38 16.40
N LEU L 602 -19.53 -20.25 16.11
CA LEU L 602 -19.61 -21.63 16.57
C LEU L 602 -18.46 -22.45 16.07
N THR L 603 -18.18 -22.33 14.75
CA THR L 603 -17.14 -23.07 14.08
C THR L 603 -15.77 -22.64 14.49
N GLU L 604 -15.50 -21.31 14.60
CA GLU L 604 -14.21 -20.80 15.02
C GLU L 604 -13.83 -21.21 16.41
N LYS L 605 -14.82 -21.12 17.34
CA LYS L 605 -14.60 -21.29 18.76
C LYS L 605 -14.23 -22.69 19.17
N VAL L 606 -15.04 -23.69 18.75
CA VAL L 606 -14.72 -25.09 18.91
C VAL L 606 -13.54 -25.57 18.11
N ARG L 607 -13.20 -24.90 16.99
CA ARG L 607 -11.99 -25.18 16.25
C ARG L 607 -10.76 -24.67 17.00
N ARG L 608 -10.94 -23.59 17.80
CA ARG L 608 -9.89 -22.93 18.54
C ARG L 608 -9.44 -23.79 19.69
N LYS L 609 -10.37 -24.18 20.59
CA LYS L 609 -10.12 -25.18 21.59
C LYS L 609 -10.74 -26.41 21.01
N PRO L 610 -10.01 -27.35 20.37
CA PRO L 610 -10.58 -28.47 19.63
C PRO L 610 -11.55 -29.26 20.43
N TYR L 611 -11.12 -29.65 21.64
CA TYR L 611 -11.94 -30.38 22.57
C TYR L 611 -12.05 -29.44 23.70
N SER L 612 -13.26 -29.43 24.27
CA SER L 612 -13.71 -28.43 25.18
C SER L 612 -15.15 -28.75 25.31
N VAL L 613 -15.73 -28.53 26.50
CA VAL L 613 -17.14 -28.70 26.70
C VAL L 613 -17.88 -27.61 25.97
N VAL L 614 -18.52 -27.95 24.83
CA VAL L 614 -19.36 -27.02 24.14
C VAL L 614 -20.68 -27.09 24.83
N LEU L 615 -21.10 -25.96 25.43
CA LEU L 615 -22.27 -25.93 26.24
C LEU L 615 -23.18 -25.05 25.44
N LEU L 616 -24.13 -25.70 24.76
CA LEU L 616 -25.09 -25.07 23.89
C LEU L 616 -26.34 -24.81 24.69
N ASP L 617 -26.51 -23.57 25.19
CA ASP L 617 -27.63 -23.20 26.02
C ASP L 617 -28.90 -23.11 25.22
N ALA L 618 -30.00 -23.52 25.91
CA ALA L 618 -31.41 -23.52 25.58
C ALA L 618 -31.76 -23.52 24.12
N ILE L 619 -32.11 -24.73 23.63
CA ILE L 619 -32.38 -25.00 22.25
C ILE L 619 -33.72 -25.67 22.23
N GLU L 620 -34.62 -25.15 23.11
CA GLU L 620 -35.97 -25.60 23.30
C GLU L 620 -36.87 -25.12 22.19
N LYS L 621 -36.39 -24.08 21.50
CA LYS L 621 -37.05 -23.38 20.43
C LYS L 621 -36.17 -22.19 20.34
N ALA L 622 -35.20 -22.26 19.41
CA ALA L 622 -34.14 -21.30 19.35
C ALA L 622 -33.59 -21.49 17.99
N HIS L 623 -34.52 -21.45 16.98
CA HIS L 623 -34.28 -21.59 15.57
C HIS L 623 -34.34 -23.08 15.34
N PRO L 624 -35.41 -23.71 14.88
CA PRO L 624 -35.44 -25.16 14.66
C PRO L 624 -34.36 -25.70 13.77
N ASP L 625 -33.73 -24.82 12.94
CA ASP L 625 -32.65 -25.13 12.04
C ASP L 625 -31.40 -25.44 12.79
N VAL L 626 -31.14 -24.72 13.90
CA VAL L 626 -30.04 -24.93 14.81
C VAL L 626 -29.98 -26.35 15.32
N PHE L 627 -31.14 -27.05 15.46
CA PHE L 627 -31.10 -28.35 16.08
C PHE L 627 -30.52 -29.35 15.09
N ASN L 628 -30.83 -29.19 13.78
CA ASN L 628 -30.26 -29.88 12.64
C ASN L 628 -28.78 -29.71 12.47
N ILE L 629 -28.26 -28.52 12.84
CA ILE L 629 -26.90 -28.06 12.63
C ILE L 629 -26.08 -28.71 13.70
N LEU L 630 -26.58 -28.62 14.93
CA LEU L 630 -26.09 -29.30 16.09
C LEU L 630 -26.14 -30.79 15.91
N LEU L 631 -27.19 -31.34 15.24
CA LEU L 631 -27.33 -32.77 14.99
C LEU L 631 -26.18 -33.31 14.19
N GLN L 632 -25.52 -32.46 13.39
CA GLN L 632 -24.47 -32.89 12.51
C GLN L 632 -23.23 -33.01 13.37
N VAL L 633 -23.10 -32.13 14.38
CA VAL L 633 -22.13 -32.25 15.45
C VAL L 633 -22.34 -33.52 16.25
N LEU L 634 -23.61 -33.82 16.62
CA LEU L 634 -23.96 -34.94 17.45
C LEU L 634 -23.68 -36.25 16.75
N GLU L 635 -23.90 -36.30 15.42
CA GLU L 635 -23.61 -37.45 14.63
C GLU L 635 -22.17 -37.59 14.24
N ASP L 636 -21.63 -36.60 13.49
CA ASP L 636 -20.32 -36.65 12.90
C ASP L 636 -19.23 -36.28 13.86
N GLY L 637 -19.54 -35.26 14.66
CA GLY L 637 -18.56 -34.59 15.49
C GLY L 637 -18.06 -33.42 14.72
N ARG L 638 -18.76 -32.98 13.66
CA ARG L 638 -18.26 -31.92 12.85
C ARG L 638 -19.41 -31.11 12.34
N LEU L 639 -19.03 -29.87 11.97
CA LEU L 639 -19.84 -28.95 11.24
C LEU L 639 -18.86 -28.41 10.25
N THR L 640 -19.37 -28.07 9.06
CA THR L 640 -18.59 -27.42 8.05
C THR L 640 -19.32 -26.12 7.83
N ASP L 641 -18.64 -24.99 8.15
CA ASP L 641 -19.15 -23.66 7.97
C ASP L 641 -17.91 -22.82 7.85
N SER L 642 -18.11 -21.48 7.81
CA SER L 642 -17.07 -20.47 7.79
C SER L 642 -16.27 -20.58 6.51
N LYS L 643 -16.99 -20.86 5.40
CA LYS L 643 -16.49 -21.01 4.05
C LYS L 643 -15.47 -22.11 3.90
N GLY L 644 -15.75 -23.29 4.51
CA GLY L 644 -15.01 -24.49 4.20
C GLY L 644 -14.11 -24.93 5.32
N ARG L 645 -14.32 -24.43 6.57
CA ARG L 645 -13.54 -24.88 7.69
C ARG L 645 -14.26 -26.03 8.30
N THR L 646 -13.51 -27.00 8.86
CA THR L 646 -14.08 -28.17 9.48
C THR L 646 -13.70 -28.01 10.92
N VAL L 647 -14.71 -28.04 11.80
CA VAL L 647 -14.56 -27.87 13.21
C VAL L 647 -14.77 -29.20 13.86
N ASP L 648 -13.74 -29.65 14.62
CA ASP L 648 -13.69 -30.95 15.24
C ASP L 648 -14.22 -30.85 16.63
N PHE L 649 -15.39 -31.47 16.83
CA PHE L 649 -16.10 -31.60 18.06
C PHE L 649 -15.93 -33.03 18.51
N ARG L 650 -14.78 -33.66 18.14
CA ARG L 650 -14.56 -35.08 18.30
C ARG L 650 -14.65 -35.55 19.73
N ASN L 651 -13.92 -34.90 20.66
CA ASN L 651 -13.94 -35.26 22.05
C ASN L 651 -14.23 -34.04 22.86
N THR L 652 -14.92 -33.04 22.24
CA THR L 652 -15.74 -32.11 22.96
C THR L 652 -16.76 -32.82 23.81
N ILE L 653 -17.35 -32.10 24.77
CA ILE L 653 -18.47 -32.62 25.49
C ILE L 653 -19.58 -31.69 25.19
N LEU L 654 -20.47 -32.15 24.30
CA LEU L 654 -21.62 -31.41 23.92
C LEU L 654 -22.63 -31.60 24.99
N ILE L 655 -23.13 -30.45 25.46
CA ILE L 655 -24.05 -30.39 26.53
C ILE L 655 -24.98 -29.39 26.01
N MET L 656 -26.23 -29.81 25.81
CA MET L 656 -27.26 -29.02 25.22
C MET L 656 -28.13 -28.92 26.40
N THR L 657 -28.57 -27.70 26.72
CA THR L 657 -29.15 -27.46 28.01
C THR L 657 -30.61 -27.34 27.73
N SER L 658 -31.41 -27.42 28.82
CA SER L 658 -32.83 -27.44 28.75
C SER L 658 -33.28 -27.02 30.09
N ASN L 659 -34.45 -26.38 30.11
CA ASN L 659 -35.08 -25.98 31.33
C ASN L 659 -36.55 -26.06 31.05
N VAL L 660 -36.92 -27.02 30.18
CA VAL L 660 -38.27 -27.21 29.74
C VAL L 660 -38.78 -28.38 30.52
N GLY L 661 -37.85 -29.28 30.95
CA GLY L 661 -38.15 -30.35 31.87
C GLY L 661 -38.11 -29.85 33.27
N ALA L 662 -37.29 -28.79 33.49
CA ALA L 662 -37.01 -28.05 34.69
C ALA L 662 -38.01 -28.07 35.78
N SER L 663 -39.29 -27.80 35.43
CA SER L 663 -40.39 -27.64 36.34
C SER L 663 -40.57 -28.79 37.28
N GLU L 664 -40.42 -30.03 36.74
CA GLU L 664 -40.56 -31.21 37.51
C GLU L 664 -39.29 -31.51 38.20
N LEU L 665 -38.13 -31.15 37.59
CA LEU L 665 -36.84 -31.40 38.16
C LEU L 665 -36.64 -30.63 39.38
N LYS L 666 -37.09 -29.38 39.37
CA LYS L 666 -37.02 -28.46 40.44
C LYS L 666 -37.68 -28.94 41.68
N ARG L 667 -38.88 -29.56 41.56
CA ARG L 667 -39.69 -30.01 42.65
C ARG L 667 -39.00 -30.62 43.85
N ASN L 668 -39.60 -30.31 45.02
CA ASN L 668 -39.17 -30.62 46.35
C ASN L 668 -38.78 -32.03 46.65
N LYS L 669 -38.41 -32.18 47.92
CA LYS L 669 -38.04 -33.38 48.58
C LYS L 669 -37.78 -32.96 50.00
N TYR L 670 -37.94 -31.65 50.29
CA TYR L 670 -37.76 -31.06 51.58
C TYR L 670 -38.97 -31.30 52.42
N VAL L 671 -38.70 -31.49 53.73
CA VAL L 671 -39.67 -31.63 54.77
C VAL L 671 -40.01 -30.26 55.28
N GLY L 672 -41.01 -30.22 56.19
CA GLY L 672 -41.56 -29.00 56.72
C GLY L 672 -42.84 -28.68 56.02
N PHE L 673 -43.19 -29.42 54.93
CA PHE L 673 -44.34 -29.06 54.14
C PHE L 673 -44.77 -30.20 53.24
N ASN L 674 -43.95 -31.28 53.12
CA ASN L 674 -44.26 -32.40 52.27
C ASN L 674 -43.55 -33.56 52.88
N VAL L 675 -44.17 -34.76 52.73
CA VAL L 675 -43.61 -36.00 53.21
C VAL L 675 -43.96 -37.10 52.25
N GLN L 676 -44.51 -36.77 51.06
CA GLN L 676 -45.12 -37.77 50.21
C GLN L 676 -45.15 -37.27 48.81
N ASP L 677 -44.77 -35.98 48.64
CA ASP L 677 -44.64 -35.32 47.37
C ASP L 677 -43.22 -35.48 46.96
N GLU L 678 -42.36 -35.82 47.92
CA GLU L 678 -40.93 -35.88 47.84
C GLU L 678 -40.56 -37.16 47.16
N THR L 679 -41.14 -38.25 47.72
CA THR L 679 -41.06 -39.59 47.21
C THR L 679 -41.91 -39.74 45.96
N GLN L 680 -42.44 -38.63 45.44
CA GLN L 680 -43.17 -38.61 44.21
C GLN L 680 -42.52 -37.61 43.33
N ASN L 681 -41.59 -36.79 43.85
CA ASN L 681 -40.78 -35.95 43.04
C ASN L 681 -39.60 -36.60 42.50
N HIS L 682 -38.92 -37.51 43.23
CA HIS L 682 -37.81 -38.22 42.61
C HIS L 682 -38.21 -38.99 41.37
N LYS L 683 -38.98 -40.08 41.56
CA LYS L 683 -39.58 -40.89 40.52
C LYS L 683 -40.24 -40.15 39.37
N ASP L 684 -40.78 -38.92 39.61
CA ASP L 684 -41.46 -38.11 38.64
C ASP L 684 -40.47 -37.46 37.75
N MET L 685 -39.31 -37.12 38.30
CA MET L 685 -38.34 -36.38 37.57
C MET L 685 -37.59 -37.26 36.66
N LYS L 686 -37.27 -38.49 37.12
CA LYS L 686 -36.61 -39.37 36.19
C LYS L 686 -37.47 -39.93 35.06
N ASP L 687 -38.68 -39.36 34.74
CA ASP L 687 -39.39 -39.79 33.55
C ASP L 687 -39.96 -38.65 32.73
N LYS L 688 -40.70 -37.77 33.46
CA LYS L 688 -41.45 -36.61 33.00
C LYS L 688 -40.67 -35.47 32.44
N VAL L 689 -39.39 -35.35 32.80
CA VAL L 689 -38.58 -34.22 32.49
C VAL L 689 -38.13 -34.34 31.05
N MET L 690 -37.47 -35.48 30.73
CA MET L 690 -37.05 -35.90 29.42
C MET L 690 -38.15 -35.99 28.36
N GLY L 691 -39.44 -35.68 28.66
CA GLY L 691 -40.57 -35.77 27.74
C GLY L 691 -41.13 -34.41 27.41
N GLU L 692 -40.76 -33.38 28.22
CA GLU L 692 -41.01 -31.98 27.98
C GLU L 692 -39.88 -31.51 27.11
N LEU L 693 -38.78 -32.29 27.16
CA LEU L 693 -37.62 -32.18 26.32
C LEU L 693 -37.94 -32.49 24.88
N LYS L 694 -38.50 -33.69 24.58
CA LYS L 694 -38.78 -34.18 23.24
C LYS L 694 -39.59 -33.25 22.37
N ARG L 695 -40.47 -32.41 22.98
CA ARG L 695 -41.32 -31.48 22.28
C ARG L 695 -40.55 -30.22 21.98
N ALA L 696 -39.45 -30.01 22.71
CA ALA L 696 -38.61 -28.85 22.65
C ALA L 696 -37.42 -29.11 21.75
N PHE L 697 -37.30 -30.36 21.24
CA PHE L 697 -36.24 -30.73 20.33
C PHE L 697 -36.90 -31.62 19.33
N ARG L 698 -36.15 -32.60 18.78
CA ARG L 698 -36.60 -33.56 17.81
C ARG L 698 -36.06 -34.90 18.28
N PRO L 699 -36.64 -36.04 17.93
CA PRO L 699 -36.12 -37.35 18.34
C PRO L 699 -34.89 -37.69 17.55
N GLU L 700 -34.81 -37.24 16.27
CA GLU L 700 -33.69 -37.33 15.37
C GLU L 700 -32.45 -36.72 15.96
N PHE L 701 -32.63 -35.61 16.71
CA PHE L 701 -31.58 -34.89 17.39
C PHE L 701 -31.07 -35.78 18.49
N ILE L 702 -31.99 -36.15 19.38
CA ILE L 702 -31.89 -36.94 20.57
C ILE L 702 -31.32 -38.32 20.32
N ASN L 703 -31.36 -38.84 19.07
CA ASN L 703 -30.94 -40.17 18.76
C ASN L 703 -29.44 -40.21 18.64
N ARG L 704 -28.81 -39.05 18.40
CA ARG L 704 -27.39 -38.95 18.21
C ARG L 704 -26.78 -38.40 19.48
N ILE L 705 -27.58 -38.31 20.58
CA ILE L 705 -27.13 -37.86 21.88
C ILE L 705 -26.75 -39.08 22.66
N ASP L 706 -25.66 -39.00 23.47
CA ASP L 706 -25.13 -40.09 24.25
C ASP L 706 -26.11 -40.48 25.33
N GLU L 707 -26.68 -39.48 26.06
CA GLU L 707 -27.58 -39.77 27.14
C GLU L 707 -28.36 -38.51 27.44
N ILE L 708 -29.58 -38.65 28.00
CA ILE L 708 -30.45 -37.56 28.36
C ILE L 708 -30.49 -37.49 29.86
N ILE L 709 -29.79 -36.47 30.38
CA ILE L 709 -29.51 -36.24 31.76
C ILE L 709 -30.57 -35.40 32.40
N VAL L 710 -31.10 -35.89 33.54
CA VAL L 710 -32.01 -35.17 34.38
C VAL L 710 -31.35 -34.88 35.67
N PHE L 711 -31.45 -33.61 36.07
CA PHE L 711 -30.80 -33.08 37.21
C PHE L 711 -31.91 -32.92 38.17
N HIS L 712 -32.18 -33.97 38.99
CA HIS L 712 -33.18 -33.94 40.04
C HIS L 712 -32.68 -32.97 41.01
N SER L 713 -33.51 -31.95 41.19
CA SER L 713 -33.06 -30.77 41.80
C SER L 713 -34.06 -30.22 42.70
N LEU L 714 -33.58 -29.16 43.37
CA LEU L 714 -34.00 -28.55 44.58
C LEU L 714 -34.90 -29.45 45.37
N GLU L 715 -34.23 -30.49 45.88
CA GLU L 715 -34.77 -31.62 46.53
C GLU L 715 -34.90 -31.29 47.98
N LYS L 716 -33.93 -31.72 48.83
CA LYS L 716 -33.86 -31.38 50.23
C LYS L 716 -32.49 -30.82 50.57
N LYS L 717 -31.50 -30.91 49.65
CA LYS L 717 -30.54 -31.99 49.54
C LYS L 717 -29.70 -31.53 48.41
N HIS L 718 -30.40 -31.10 47.35
CA HIS L 718 -29.83 -30.56 46.16
C HIS L 718 -29.64 -29.11 46.39
N LEU L 719 -30.61 -28.48 47.09
CA LEU L 719 -30.56 -27.12 47.57
C LEU L 719 -29.35 -26.84 48.36
N THR L 720 -29.16 -27.56 49.48
CA THR L 720 -28.04 -27.33 50.38
C THR L 720 -26.70 -27.59 49.72
N GLU L 721 -26.67 -28.17 48.49
CA GLU L 721 -25.47 -28.27 47.68
C GLU L 721 -25.31 -27.10 46.73
N ILE L 722 -26.42 -26.44 46.29
CA ILE L 722 -26.40 -25.25 45.44
C ILE L 722 -25.95 -24.13 46.32
N VAL L 723 -26.56 -24.03 47.52
CA VAL L 723 -26.16 -23.14 48.57
C VAL L 723 -24.72 -23.33 48.93
N SER L 724 -24.19 -24.57 48.87
CA SER L 724 -22.81 -24.79 49.22
C SER L 724 -21.91 -24.51 48.05
N LEU L 725 -22.44 -24.23 46.84
CA LEU L 725 -21.56 -23.86 45.76
C LEU L 725 -21.46 -22.36 45.72
N MET L 726 -22.61 -21.66 45.81
CA MET L 726 -22.71 -20.23 45.82
C MET L 726 -22.12 -19.58 47.05
N SER L 727 -22.44 -20.11 48.25
CA SER L 727 -21.88 -19.63 49.50
C SER L 727 -20.41 -19.87 49.61
N ASP L 728 -19.88 -20.95 48.97
CA ASP L 728 -18.47 -21.29 48.99
C ASP L 728 -17.71 -20.39 48.05
N GLN L 729 -18.41 -19.83 47.04
CA GLN L 729 -17.90 -18.92 46.06
C GLN L 729 -17.80 -17.58 46.72
N LEU L 730 -18.75 -17.25 47.64
CA LEU L 730 -18.67 -16.10 48.50
C LEU L 730 -17.43 -16.20 49.36
N THR L 731 -17.32 -17.24 50.22
CA THR L 731 -16.23 -17.33 51.18
C THR L 731 -14.83 -17.28 50.57
N LYS L 732 -14.71 -17.68 49.27
CA LYS L 732 -13.50 -17.72 48.47
C LYS L 732 -13.15 -16.45 47.70
N ARG L 733 -14.17 -15.65 47.27
CA ARG L 733 -13.98 -14.49 46.42
C ARG L 733 -13.52 -13.27 47.17
N LEU L 734 -13.57 -13.34 48.51
CA LEU L 734 -13.24 -12.27 49.41
C LEU L 734 -11.85 -12.42 49.96
N LYS L 735 -11.27 -13.65 49.95
CA LYS L 735 -9.93 -13.93 50.44
C LYS L 735 -8.84 -13.21 49.67
N GLU L 736 -9.04 -12.95 48.36
CA GLU L 736 -8.12 -12.17 47.54
C GLU L 736 -8.01 -10.75 48.05
N GLN L 737 -9.14 -10.20 48.57
CA GLN L 737 -9.23 -8.88 49.15
C GLN L 737 -9.08 -8.98 50.64
N ASP L 738 -8.78 -10.21 51.14
CA ASP L 738 -8.44 -10.52 52.50
C ASP L 738 -9.62 -10.47 53.44
N LEU L 739 -10.50 -11.52 53.38
CA LEU L 739 -11.50 -11.77 54.39
C LEU L 739 -11.68 -13.26 54.41
N SER L 740 -11.69 -13.83 55.63
CA SER L 740 -11.86 -15.23 55.91
C SER L 740 -13.29 -15.47 56.35
N ILE L 741 -14.06 -16.22 55.54
CA ILE L 741 -15.43 -16.50 55.85
C ILE L 741 -15.51 -17.99 55.85
N GLU L 742 -16.40 -18.52 56.70
CA GLU L 742 -16.84 -19.88 56.69
C GLU L 742 -18.28 -19.78 57.07
N LEU L 743 -19.11 -20.58 56.39
CA LEU L 743 -20.46 -20.80 56.81
C LEU L 743 -20.44 -22.18 57.39
N THR L 744 -21.01 -22.35 58.59
CA THR L 744 -21.24 -23.67 59.15
C THR L 744 -22.39 -24.30 58.38
N ASP L 745 -22.50 -25.64 58.42
CA ASP L 745 -23.55 -26.40 57.75
C ASP L 745 -24.94 -26.00 58.15
N ALA L 746 -25.10 -25.57 59.43
CA ALA L 746 -26.33 -25.05 60.01
C ALA L 746 -26.85 -23.82 59.32
N ALA L 747 -25.93 -22.97 58.79
CA ALA L 747 -26.28 -21.70 58.19
C ALA L 747 -26.57 -21.88 56.72
N LYS L 748 -25.78 -22.75 56.01
CA LYS L 748 -26.08 -23.18 54.66
C LYS L 748 -27.40 -23.91 54.52
N ALA L 749 -27.88 -24.54 55.62
CA ALA L 749 -29.12 -25.27 55.68
C ALA L 749 -30.29 -24.34 55.70
N LYS L 750 -30.22 -23.29 56.54
CA LYS L 750 -31.29 -22.33 56.71
C LYS L 750 -31.62 -21.56 55.44
N VAL L 751 -30.60 -21.37 54.56
CA VAL L 751 -30.76 -20.71 53.28
C VAL L 751 -31.37 -21.66 52.27
N ALA L 752 -30.92 -22.94 52.28
CA ALA L 752 -31.41 -23.99 51.42
C ALA L 752 -32.90 -24.27 51.48
N GLU L 753 -33.56 -24.09 52.65
CA GLU L 753 -34.99 -24.19 52.84
C GLU L 753 -35.83 -23.30 51.94
N GLU L 754 -35.20 -22.24 51.37
CA GLU L 754 -35.89 -21.12 50.76
C GLU L 754 -35.86 -21.19 49.26
N GLY L 755 -35.26 -22.25 48.68
CA GLY L 755 -35.16 -22.39 47.24
C GLY L 755 -36.07 -23.48 46.80
N VAL L 756 -36.60 -24.28 47.76
CA VAL L 756 -37.43 -25.40 47.47
C VAL L 756 -38.87 -25.00 47.47
N ASP L 757 -39.61 -25.53 46.48
CA ASP L 757 -40.88 -26.15 46.72
C ASP L 757 -41.00 -26.96 45.47
N LEU L 758 -42.24 -27.08 44.94
CA LEU L 758 -42.53 -27.59 43.64
C LEU L 758 -42.09 -26.57 42.60
N GLU L 759 -42.10 -25.27 42.97
CA GLU L 759 -42.05 -24.14 42.06
C GLU L 759 -40.97 -23.19 42.52
N TYR L 760 -40.40 -22.43 41.55
CA TYR L 760 -39.24 -21.53 41.60
C TYR L 760 -38.09 -22.25 40.94
N GLY L 761 -36.83 -21.92 41.30
CA GLY L 761 -35.68 -22.61 40.76
C GLY L 761 -34.61 -22.55 41.78
N ALA L 762 -33.36 -22.50 41.28
CA ALA L 762 -32.18 -22.27 42.07
C ALA L 762 -31.84 -20.82 41.96
N ARG L 763 -32.71 -20.05 41.28
CA ARG L 763 -32.61 -18.63 41.11
C ARG L 763 -32.69 -17.91 42.43
N PRO L 764 -33.70 -18.07 43.31
CA PRO L 764 -33.75 -17.39 44.60
C PRO L 764 -32.62 -17.71 45.54
N LEU L 765 -31.75 -18.71 45.24
CA LEU L 765 -30.71 -19.14 46.14
C LEU L 765 -29.62 -18.13 46.15
N ARG L 766 -29.19 -17.62 44.96
CA ARG L 766 -28.25 -16.52 44.84
C ARG L 766 -28.64 -15.35 45.69
N ARG L 767 -29.86 -14.80 45.48
CA ARG L 767 -30.42 -13.68 46.21
C ARG L 767 -30.40 -13.89 47.71
N ALA L 768 -30.67 -15.12 48.20
CA ALA L 768 -30.76 -15.38 49.62
C ALA L 768 -29.42 -15.63 50.27
N ILE L 769 -28.42 -16.15 49.52
CA ILE L 769 -27.02 -16.23 49.88
C ILE L 769 -26.43 -14.87 49.95
N GLN L 770 -26.76 -14.04 48.96
CA GLN L 770 -26.42 -12.65 48.92
C GLN L 770 -26.87 -11.94 50.15
N LYS L 771 -28.17 -12.04 50.48
CA LYS L 771 -28.74 -11.47 51.68
C LYS L 771 -28.18 -11.99 52.99
N HIS L 772 -27.95 -13.31 53.11
CA HIS L 772 -27.65 -13.92 54.39
C HIS L 772 -26.17 -14.03 54.62
N VAL L 773 -25.36 -13.97 53.55
CA VAL L 773 -23.94 -14.01 53.68
C VAL L 773 -23.37 -12.68 53.29
N GLU L 774 -23.37 -12.37 51.98
CA GLU L 774 -22.67 -11.23 51.47
C GLU L 774 -23.01 -9.91 52.10
N ASP L 775 -24.27 -9.48 51.88
CA ASP L 775 -24.96 -8.34 52.43
C ASP L 775 -24.94 -8.30 53.91
N ARG L 776 -25.10 -9.47 54.57
CA ARG L 776 -25.27 -9.56 55.99
C ARG L 776 -23.97 -9.40 56.70
N LEU L 777 -22.89 -10.03 56.18
CA LEU L 777 -21.54 -9.97 56.71
C LEU L 777 -21.02 -8.61 56.50
N SER L 778 -21.32 -8.03 55.34
CA SER L 778 -20.89 -6.71 55.06
C SER L 778 -21.56 -5.68 55.92
N GLU L 779 -22.85 -5.91 56.29
CA GLU L 779 -23.64 -5.16 57.23
C GLU L 779 -23.29 -5.51 58.65
N GLU L 780 -22.26 -6.35 58.85
CA GLU L 780 -21.86 -6.97 60.07
C GLU L 780 -20.51 -6.41 60.29
N LEU L 781 -19.80 -6.03 59.20
CA LEU L 781 -18.66 -5.13 59.27
C LEU L 781 -19.20 -3.77 59.63
N LEU L 782 -20.40 -3.40 59.10
CA LEU L 782 -21.04 -2.14 59.40
C LEU L 782 -21.51 -2.13 60.85
N ARG L 783 -21.88 -3.30 61.44
CA ARG L 783 -22.28 -3.39 62.82
C ARG L 783 -21.12 -3.73 63.75
N GLY L 784 -19.94 -4.07 63.20
CA GLY L 784 -18.71 -4.31 63.93
C GLY L 784 -18.52 -5.67 64.60
N ASN L 785 -19.42 -6.67 64.44
CA ASN L 785 -19.17 -8.03 64.92
C ASN L 785 -18.06 -8.68 64.13
N ILE L 786 -18.11 -8.56 62.78
CA ILE L 786 -17.06 -9.06 61.93
C ILE L 786 -16.38 -7.87 61.39
N HIS L 787 -15.21 -8.09 60.76
CA HIS L 787 -14.43 -7.05 60.17
C HIS L 787 -13.96 -7.61 58.86
N LYS L 788 -13.03 -6.89 58.22
CA LYS L 788 -12.30 -7.35 57.07
C LYS L 788 -11.11 -8.09 57.58
N GLY L 789 -10.88 -9.33 57.09
CA GLY L 789 -9.71 -10.12 57.40
C GLY L 789 -9.74 -10.91 58.68
N GLN L 790 -10.87 -10.95 59.41
CA GLN L 790 -11.06 -11.93 60.47
C GLN L 790 -11.88 -13.06 59.95
N HIS L 791 -11.90 -14.19 60.70
CA HIS L 791 -12.62 -15.36 60.33
C HIS L 791 -14.00 -15.20 60.85
N ILE L 792 -14.97 -15.45 59.97
CA ILE L 792 -16.33 -15.10 60.14
C ILE L 792 -16.98 -16.41 60.09
N VAL L 793 -17.65 -16.80 61.17
CA VAL L 793 -18.34 -18.03 61.16
C VAL L 793 -19.74 -17.54 61.12
N LEU L 794 -20.53 -18.11 60.21
CA LEU L 794 -21.91 -17.77 60.08
C LEU L 794 -22.58 -18.92 60.72
N ASP L 795 -23.34 -18.63 61.81
CA ASP L 795 -23.87 -19.67 62.64
C ASP L 795 -25.30 -19.33 62.83
N VAL L 796 -26.06 -20.29 63.39
CA VAL L 796 -27.41 -20.05 63.82
C VAL L 796 -27.29 -20.14 65.32
N GLU L 797 -27.93 -19.18 66.03
CA GLU L 797 -27.85 -19.06 67.46
C GLU L 797 -28.86 -19.96 68.14
N ASP L 798 -30.13 -19.91 67.66
CA ASP L 798 -31.20 -20.69 68.23
C ASP L 798 -32.35 -20.73 67.26
N GLY L 799 -32.14 -20.15 66.05
CA GLY L 799 -33.15 -20.01 65.04
C GLY L 799 -33.10 -18.59 64.55
N GLU L 800 -32.21 -17.77 65.15
CA GLU L 800 -31.99 -16.40 64.76
C GLU L 800 -30.56 -16.38 64.34
N PHE L 801 -30.26 -15.72 63.20
CA PHE L 801 -28.96 -15.74 62.63
C PHE L 801 -28.00 -14.91 63.44
N VAL L 802 -26.73 -15.34 63.45
CA VAL L 802 -25.73 -14.79 64.30
C VAL L 802 -24.48 -14.99 63.53
N VAL L 803 -23.66 -13.94 63.54
CA VAL L 803 -22.41 -13.91 62.89
C VAL L 803 -21.51 -13.91 64.05
N LYS L 804 -20.58 -14.86 64.06
CA LYS L 804 -19.66 -15.07 65.13
C LYS L 804 -18.35 -14.89 64.45
N THR L 805 -17.33 -14.69 65.29
CA THR L 805 -15.98 -14.43 64.88
C THR L 805 -15.23 -15.44 65.69
N THR L 806 -14.09 -15.92 65.13
CA THR L 806 -13.35 -17.01 65.71
C THR L 806 -11.88 -16.76 65.46
N ALA L 807 -11.52 -15.52 65.03
CA ALA L 807 -10.15 -15.12 64.83
C ALA L 807 -10.01 -13.74 65.49
#